data_1MPH
#
_entry.id   1MPH
#
_cell.length_a   1.000
_cell.length_b   1.000
_cell.length_c   1.000
_cell.angle_alpha   90.00
_cell.angle_beta   90.00
_cell.angle_gamma   90.00
#
_symmetry.space_group_name_H-M   'P 1'
#
_entity_poly.entity_id   1
_entity_poly.type   'polypeptide(L)'
_entity_poly.pdbx_seq_one_letter_code
;MEGFLNRKHEWEAHNKKASSRSWHNVYCVINNQEMGFYKDAKSAASGIPYHSEVPVSLKEAICEVALDYKKKKHVFKLRL
SDGNEYLFQAKDDEEMNTWIQAISSA
;
_entity_poly.pdbx_strand_id   A
#
# COMPACT_ATOMS: atom_id res chain seq x y z
N MET A 1 -13.00 0.52 -4.70
CA MET A 1 -11.62 1.07 -4.78
C MET A 1 -10.61 -0.05 -4.53
N GLU A 2 -10.36 -0.86 -5.55
CA GLU A 2 -9.42 -1.98 -5.47
C GLU A 2 -8.56 -2.01 -6.74
N GLY A 3 -7.38 -2.63 -6.65
CA GLY A 3 -6.49 -2.73 -7.80
C GLY A 3 -5.10 -3.19 -7.38
N PHE A 4 -4.23 -3.42 -8.37
CA PHE A 4 -2.85 -3.86 -8.14
C PHE A 4 -1.96 -2.67 -7.80
N LEU A 5 -0.98 -2.93 -6.95
CA LEU A 5 -0.03 -1.89 -6.51
C LEU A 5 1.30 -2.54 -6.12
N ASN A 6 2.40 -1.83 -6.37
CA ASN A 6 3.74 -2.29 -5.98
C ASN A 6 3.95 -1.85 -4.54
N ARG A 7 4.27 -2.78 -3.66
CA ARG A 7 4.44 -2.48 -2.22
C ARG A 7 5.84 -2.82 -1.72
N LYS A 8 6.47 -1.82 -1.09
CA LYS A 8 7.80 -1.96 -0.48
C LYS A 8 7.69 -1.60 0.99
N HIS A 9 8.10 -2.52 1.86
CA HIS A 9 8.03 -2.29 3.31
C HIS A 9 9.27 -1.59 3.83
N GLU A 10 9.09 -0.33 4.26
CA GLU A 10 10.18 0.49 4.81
C GLU A 10 10.46 0.05 6.25
N TRP A 11 9.39 -0.24 6.97
CA TRP A 11 9.46 -0.71 8.35
C TRP A 11 8.29 -1.67 8.57
N GLU A 12 8.62 -2.93 8.84
CA GLU A 12 7.63 -3.98 9.06
C GLU A 12 8.29 -5.20 9.71
N ALA A 13 8.68 -5.06 10.99
CA ALA A 13 9.32 -6.13 11.77
C ALA A 13 10.18 -5.57 12.91
N HIS A 14 9.66 -4.53 13.58
CA HIS A 14 10.31 -3.87 14.74
C HIS A 14 11.67 -3.20 14.40
N ASN A 15 12.64 -4.00 13.93
CA ASN A 15 14.01 -3.54 13.61
C ASN A 15 14.02 -2.27 12.73
N LYS A 16 15.06 -1.44 12.97
CA LYS A 16 15.34 -0.14 12.29
C LYS A 16 14.49 0.13 11.05
N LYS A 17 14.70 -0.66 9.99
CA LYS A 17 13.95 -0.48 8.74
C LYS A 17 13.59 -1.84 8.13
N ALA A 18 12.98 -2.69 8.94
CA ALA A 18 12.55 -4.04 8.51
C ALA A 18 13.76 -4.96 8.24
N SER A 19 13.47 -6.24 8.02
CA SER A 19 14.51 -7.24 7.74
C SER A 19 14.65 -7.46 6.23
N SER A 20 13.62 -7.06 5.47
CA SER A 20 13.60 -7.19 4.02
C SER A 20 13.26 -5.84 3.38
N ARG A 21 13.52 -5.73 2.08
CA ARG A 21 13.25 -4.51 1.32
C ARG A 21 12.82 -4.90 -0.09
N SER A 22 11.87 -5.83 -0.15
CA SER A 22 11.36 -6.36 -1.43
C SER A 22 10.25 -5.50 -2.00
N TRP A 23 10.17 -5.48 -3.33
CA TRP A 23 9.11 -4.75 -4.05
C TRP A 23 8.10 -5.79 -4.51
N HIS A 24 7.08 -6.00 -3.67
CA HIS A 24 6.05 -7.01 -3.89
C HIS A 24 4.83 -6.44 -4.63
N ASN A 25 4.43 -7.11 -5.70
CA ASN A 25 3.25 -6.73 -6.48
C ASN A 25 2.02 -7.38 -5.85
N VAL A 26 1.28 -6.61 -5.05
CA VAL A 26 0.10 -7.12 -4.33
C VAL A 26 -1.17 -6.39 -4.76
N TYR A 27 -2.32 -7.00 -4.46
CA TYR A 27 -3.63 -6.45 -4.78
C TYR A 27 -4.19 -5.75 -3.53
N CYS A 28 -4.38 -4.44 -3.61
CA CYS A 28 -4.88 -3.65 -2.48
C CYS A 28 -6.38 -3.38 -2.60
N VAL A 29 -7.11 -3.69 -1.53
CA VAL A 29 -8.56 -3.48 -1.45
C VAL A 29 -8.85 -2.51 -0.31
N ILE A 30 -9.40 -1.34 -0.62
CA ILE A 30 -9.71 -0.33 0.40
C ILE A 30 -11.02 -0.66 1.13
N ASN A 31 -11.04 -0.38 2.43
CA ASN A 31 -12.19 -0.62 3.30
C ASN A 31 -12.31 0.56 4.29
N ASN A 32 -13.41 0.61 5.05
CA ASN A 32 -13.64 1.68 6.04
C ASN A 32 -12.51 1.71 7.09
N GLN A 33 -11.54 2.61 6.89
CA GLN A 33 -10.37 2.77 7.78
C GLN A 33 -9.56 1.46 7.86
N GLU A 34 -9.55 0.71 6.75
CA GLU A 34 -8.84 -0.56 6.65
C GLU A 34 -8.44 -0.81 5.20
N MET A 35 -7.48 -1.70 4.99
CA MET A 35 -7.02 -2.07 3.66
C MET A 35 -6.65 -3.55 3.65
N GLY A 36 -7.04 -4.24 2.60
CA GLY A 36 -6.78 -5.68 2.46
C GLY A 36 -5.71 -5.95 1.40
N PHE A 37 -4.75 -6.81 1.75
CA PHE A 37 -3.65 -7.19 0.85
C PHE A 37 -3.87 -8.62 0.36
N TYR A 38 -4.31 -8.76 -0.88
CA TYR A 38 -4.59 -10.09 -1.47
C TYR A 38 -3.74 -10.32 -2.73
N LYS A 39 -3.90 -11.50 -3.33
CA LYS A 39 -3.16 -11.88 -4.54
C LYS A 39 -3.72 -11.17 -5.79
N ASP A 40 -5.04 -11.09 -5.88
CA ASP A 40 -5.72 -10.45 -7.01
C ASP A 40 -7.19 -10.18 -6.66
N ALA A 41 -7.98 -9.77 -7.66
CA ALA A 41 -9.40 -9.47 -7.48
C ALA A 41 -10.18 -10.72 -7.04
N LYS A 42 -9.81 -11.89 -7.55
CA LYS A 42 -10.47 -13.16 -7.20
C LYS A 42 -10.08 -13.57 -5.78
N SER A 43 -8.79 -13.43 -5.44
CA SER A 43 -8.28 -13.75 -4.09
C SER A 43 -8.96 -12.87 -3.04
N ALA A 44 -9.16 -11.59 -3.38
CA ALA A 44 -9.82 -10.62 -2.49
C ALA A 44 -11.30 -10.93 -2.33
N ALA A 45 -11.93 -11.42 -3.40
CA ALA A 45 -13.35 -11.76 -3.40
C ALA A 45 -13.63 -12.99 -2.52
N SER A 46 -12.85 -14.05 -2.71
CA SER A 46 -13.01 -15.29 -1.95
C SER A 46 -12.53 -15.11 -0.49
N GLY A 47 -11.48 -14.34 -0.30
CA GLY A 47 -10.91 -14.08 1.03
C GLY A 47 -9.81 -15.09 1.34
N ILE A 48 -8.78 -15.10 0.49
CA ILE A 48 -7.64 -16.01 0.64
C ILE A 48 -6.47 -15.24 1.26
N PRO A 49 -5.90 -15.73 2.38
CA PRO A 49 -4.79 -15.06 3.06
C PRO A 49 -3.47 -15.14 2.25
N TYR A 50 -3.19 -14.09 1.50
CA TYR A 50 -1.99 -14.00 0.66
C TYR A 50 -0.74 -13.72 1.51
N HIS A 51 -0.94 -13.25 2.74
CA HIS A 51 0.16 -12.95 3.67
C HIS A 51 -0.32 -13.19 5.10
N SER A 52 0.52 -12.81 6.08
CA SER A 52 0.19 -12.98 7.50
C SER A 52 -0.94 -12.02 7.89
N GLU A 53 -0.63 -10.72 7.86
CA GLU A 53 -1.61 -9.67 8.18
C GLU A 53 -2.31 -9.26 6.89
N VAL A 54 -3.54 -9.74 6.71
CA VAL A 54 -4.32 -9.44 5.49
C VAL A 54 -5.11 -8.13 5.67
N PRO A 55 -5.92 -7.99 6.75
CA PRO A 55 -6.72 -6.78 7.00
C PRO A 55 -5.95 -5.78 7.88
N VAL A 56 -5.29 -4.83 7.24
CA VAL A 56 -4.51 -3.81 7.95
C VAL A 56 -5.37 -2.55 8.13
N SER A 57 -5.06 -1.78 9.18
CA SER A 57 -5.80 -0.56 9.51
C SER A 57 -5.31 0.64 8.69
N LEU A 58 -6.27 1.38 8.14
CA LEU A 58 -5.98 2.59 7.36
C LEU A 58 -6.54 3.81 8.10
N LYS A 59 -6.62 3.71 9.42
CA LYS A 59 -7.13 4.79 10.27
C LYS A 59 -6.06 5.86 10.46
N GLU A 60 -6.40 7.10 10.09
CA GLU A 60 -5.48 8.25 10.19
C GLU A 60 -4.16 7.98 9.45
N ALA A 61 -4.27 7.61 8.18
CA ALA A 61 -3.11 7.31 7.35
C ALA A 61 -2.48 8.59 6.79
N ILE A 62 -1.16 8.66 6.85
CA ILE A 62 -0.41 9.82 6.34
C ILE A 62 0.19 9.41 4.99
N CYS A 63 0.06 10.26 3.99
CA CYS A 63 0.55 9.95 2.65
C CYS A 63 1.40 11.09 2.08
N GLU A 64 2.53 10.71 1.48
CA GLU A 64 3.47 11.65 0.84
C GLU A 64 3.74 11.18 -0.58
N VAL A 65 4.11 12.09 -1.47
CA VAL A 65 4.39 11.74 -2.87
C VAL A 65 5.89 11.56 -3.13
N ALA A 66 6.22 10.55 -3.93
CA ALA A 66 7.60 10.23 -4.32
C ALA A 66 7.63 10.12 -5.86
N LEU A 67 7.66 11.28 -6.52
CA LEU A 67 7.65 11.36 -7.99
C LEU A 67 8.98 10.93 -8.64
N ASP A 68 10.00 10.71 -7.82
CA ASP A 68 11.31 10.27 -8.32
C ASP A 68 12.05 9.53 -7.22
N TYR A 69 11.72 8.24 -7.07
CA TYR A 69 12.34 7.38 -6.08
C TYR A 69 13.32 6.44 -6.78
N LYS A 70 14.45 7.00 -7.22
CA LYS A 70 15.51 6.28 -7.93
C LYS A 70 15.03 5.74 -9.29
N LYS A 71 14.70 4.45 -9.34
CA LYS A 71 14.22 3.82 -10.58
C LYS A 71 12.69 3.78 -10.65
N LYS A 72 12.02 4.18 -9.56
CA LYS A 72 10.56 4.21 -9.49
C LYS A 72 10.08 5.66 -9.68
N LYS A 73 9.12 5.85 -10.57
CA LYS A 73 8.59 7.19 -10.90
C LYS A 73 7.39 7.59 -10.03
N HIS A 74 6.23 7.02 -10.33
CA HIS A 74 4.99 7.36 -9.61
C HIS A 74 4.82 6.53 -8.35
N VAL A 75 5.51 6.95 -7.28
CA VAL A 75 5.45 6.26 -5.99
C VAL A 75 4.92 7.22 -4.91
N PHE A 76 4.39 6.66 -3.84
CA PHE A 76 3.89 7.46 -2.73
C PHE A 76 4.18 6.73 -1.42
N LYS A 77 4.63 7.49 -0.43
CA LYS A 77 4.99 6.97 0.89
C LYS A 77 3.75 7.02 1.79
N LEU A 78 3.23 5.84 2.13
CA LEU A 78 2.03 5.71 2.95
C LEU A 78 2.39 5.13 4.32
N ARG A 79 2.08 5.87 5.39
CA ARG A 79 2.32 5.42 6.75
C ARG A 79 0.98 5.33 7.47
N LEU A 80 0.69 4.13 7.97
CA LEU A 80 -0.54 3.87 8.70
C LEU A 80 -0.38 4.25 10.17
N SER A 81 -1.49 4.56 10.85
CA SER A 81 -1.44 4.90 12.29
C SER A 81 -1.37 3.61 13.11
N ASP A 82 -0.62 2.65 12.57
CA ASP A 82 -0.41 1.33 13.18
C ASP A 82 1.10 1.02 13.17
N GLY A 83 1.92 2.07 13.07
CA GLY A 83 3.38 1.95 13.04
C GLY A 83 3.91 1.59 11.65
N ASN A 84 3.21 0.63 11.00
CA ASN A 84 3.58 0.11 9.67
C ASN A 84 3.84 1.22 8.62
N GLU A 85 4.98 1.09 7.93
CA GLU A 85 5.40 2.05 6.90
C GLU A 85 5.63 1.32 5.56
N TYR A 86 5.01 1.80 4.48
CA TYR A 86 5.17 1.18 3.14
C TYR A 86 5.29 2.23 2.01
N LEU A 87 5.89 1.80 0.90
CA LEU A 87 6.03 2.64 -0.31
C LEU A 87 5.15 2.00 -1.38
N PHE A 88 4.23 2.77 -1.95
CA PHE A 88 3.32 2.24 -2.98
C PHE A 88 3.62 2.86 -4.35
N GLN A 89 3.89 2.01 -5.34
CA GLN A 89 4.19 2.46 -6.70
C GLN A 89 2.99 2.22 -7.62
N ALA A 90 2.53 3.29 -8.26
CA ALA A 90 1.41 3.25 -9.19
C ALA A 90 1.94 3.20 -10.64
N LYS A 91 1.06 2.93 -11.59
CA LYS A 91 1.45 2.86 -13.01
C LYS A 91 1.46 4.24 -13.67
N ASP A 92 0.61 5.15 -13.18
CA ASP A 92 0.51 6.50 -13.74
C ASP A 92 0.11 7.51 -12.66
N ASP A 93 0.22 8.79 -12.99
CA ASP A 93 -0.13 9.91 -12.10
C ASP A 93 -1.62 9.88 -11.76
N GLU A 94 -2.46 9.61 -12.76
CA GLU A 94 -3.92 9.52 -12.58
C GLU A 94 -4.28 8.45 -11.55
N GLU A 95 -3.57 7.32 -11.59
CA GLU A 95 -3.78 6.21 -10.65
C GLU A 95 -3.29 6.61 -9.26
N MET A 96 -2.08 7.17 -9.20
CA MET A 96 -1.46 7.62 -7.95
C MET A 96 -2.37 8.64 -7.24
N ASN A 97 -2.83 9.63 -7.99
CA ASN A 97 -3.71 10.68 -7.46
C ASN A 97 -5.01 10.06 -6.92
N THR A 98 -5.59 9.12 -7.68
CA THR A 98 -6.83 8.43 -7.28
C THR A 98 -6.61 7.63 -5.99
N TRP A 99 -5.46 6.95 -5.89
CA TRP A 99 -5.12 6.14 -4.71
C TRP A 99 -4.98 7.04 -3.46
N ILE A 100 -4.18 8.11 -3.59
CA ILE A 100 -3.96 9.05 -2.48
C ILE A 100 -5.29 9.74 -2.09
N GLN A 101 -6.09 10.13 -3.07
CA GLN A 101 -7.39 10.79 -2.81
C GLN A 101 -8.32 9.85 -2.04
N ALA A 102 -8.37 8.57 -2.44
CA ALA A 102 -9.21 7.56 -1.78
C ALA A 102 -8.73 7.34 -0.34
N ILE A 103 -7.41 7.19 -0.16
CA ILE A 103 -6.81 7.00 1.15
C ILE A 103 -7.04 8.23 2.05
N SER A 104 -6.98 9.42 1.45
CA SER A 104 -7.20 10.68 2.19
C SER A 104 -8.65 10.81 2.67
N SER A 105 -9.57 10.05 2.06
CA SER A 105 -10.99 10.09 2.43
C SER A 105 -11.28 9.18 3.64
N ALA A 106 -10.25 8.49 4.15
CA ALA A 106 -10.41 7.61 5.31
C ALA A 106 -10.13 8.38 6.61
N MET A 1 -12.24 1.06 -4.26
CA MET A 1 -10.84 1.22 -4.73
C MET A 1 -10.13 -0.13 -4.65
N GLU A 2 -10.11 -0.85 -5.77
CA GLU A 2 -9.48 -2.17 -5.88
C GLU A 2 -8.61 -2.23 -7.13
N GLY A 3 -7.38 -2.72 -6.96
CA GLY A 3 -6.45 -2.83 -8.09
C GLY A 3 -5.08 -3.32 -7.61
N PHE A 4 -4.17 -3.51 -8.56
CA PHE A 4 -2.82 -3.97 -8.27
C PHE A 4 -1.92 -2.79 -7.88
N LEU A 5 -1.01 -3.04 -6.96
CA LEU A 5 -0.07 -2.03 -6.47
C LEU A 5 1.25 -2.70 -6.10
N ASN A 6 2.36 -2.01 -6.32
CA ASN A 6 3.68 -2.53 -5.94
C ASN A 6 3.92 -2.13 -4.50
N ARG A 7 4.28 -3.08 -3.64
CA ARG A 7 4.48 -2.78 -2.22
C ARG A 7 5.93 -3.04 -1.79
N LYS A 8 6.45 -2.12 -0.98
CA LYS A 8 7.81 -2.19 -0.43
C LYS A 8 7.77 -1.53 0.94
N HIS A 9 8.11 -2.27 1.99
CA HIS A 9 8.08 -1.72 3.34
C HIS A 9 9.40 -1.03 3.72
N GLU A 10 9.27 0.09 4.42
CA GLU A 10 10.41 0.87 4.88
C GLU A 10 10.71 0.56 6.35
N TRP A 11 9.64 0.42 7.15
CA TRP A 11 9.76 0.11 8.57
C TRP A 11 8.45 -0.50 9.07
N GLU A 12 8.57 -1.53 9.91
CA GLU A 12 7.44 -2.23 10.50
C GLU A 12 7.92 -3.47 11.27
N ALA A 13 9.13 -3.94 10.96
CA ALA A 13 9.73 -5.14 11.59
C ALA A 13 10.17 -4.87 13.04
N HIS A 14 9.46 -4.00 13.75
CA HIS A 14 9.72 -3.67 15.17
C HIS A 14 11.04 -2.90 15.37
N ASN A 15 12.17 -3.51 14.99
CA ASN A 15 13.51 -2.91 15.15
C ASN A 15 13.77 -1.79 14.13
N LYS A 16 15.01 -1.71 13.64
CA LYS A 16 15.43 -0.67 12.68
C LYS A 16 15.12 -1.09 11.23
N LYS A 17 14.32 -0.27 10.54
CA LYS A 17 13.93 -0.49 9.14
C LYS A 17 13.26 -1.86 8.92
N ALA A 18 13.06 -2.18 7.64
CA ALA A 18 12.44 -3.42 7.20
C ALA A 18 12.80 -3.64 5.73
N SER A 19 13.29 -4.83 5.39
CA SER A 19 13.68 -5.13 4.01
C SER A 19 13.54 -6.63 3.70
N SER A 20 12.65 -7.33 4.42
CA SER A 20 12.41 -8.76 4.20
C SER A 20 11.51 -8.97 2.98
N ARG A 21 10.55 -8.07 2.78
CA ARG A 21 9.63 -8.12 1.65
C ARG A 21 9.72 -6.83 0.85
N SER A 22 10.65 -6.78 -0.10
CA SER A 22 10.87 -5.60 -0.95
C SER A 22 9.77 -5.46 -2.02
N TRP A 23 10.07 -4.67 -3.05
CA TRP A 23 9.14 -4.39 -4.16
C TRP A 23 8.50 -5.65 -4.73
N HIS A 24 7.21 -5.86 -4.40
CA HIS A 24 6.46 -7.02 -4.89
C HIS A 24 5.07 -6.56 -5.38
N ASN A 25 4.63 -7.12 -6.50
CA ASN A 25 3.34 -6.79 -7.09
C ASN A 25 2.23 -7.46 -6.27
N VAL A 26 1.40 -6.65 -5.60
CA VAL A 26 0.34 -7.17 -4.74
C VAL A 26 -1.01 -6.49 -5.10
N TYR A 27 -2.10 -7.03 -4.55
CA TYR A 27 -3.45 -6.49 -4.80
C TYR A 27 -4.00 -5.88 -3.51
N CYS A 28 -4.51 -4.65 -3.60
CA CYS A 28 -5.05 -3.94 -2.44
C CYS A 28 -6.53 -3.58 -2.66
N VAL A 29 -7.34 -3.75 -1.62
CA VAL A 29 -8.77 -3.45 -1.66
C VAL A 29 -9.16 -2.63 -0.43
N ILE A 30 -9.67 -1.42 -0.65
CA ILE A 30 -10.10 -0.53 0.45
C ILE A 30 -11.62 -0.61 0.62
N ASN A 31 -12.07 -0.77 1.86
CA ASN A 31 -13.51 -0.86 2.17
C ASN A 31 -13.85 0.05 3.34
N ASN A 32 -13.67 1.35 3.14
CA ASN A 32 -13.99 2.40 4.12
C ASN A 32 -13.14 2.29 5.41
N GLN A 33 -12.09 3.12 5.48
CA GLN A 33 -11.18 3.21 6.63
C GLN A 33 -10.32 1.95 6.84
N GLU A 34 -10.64 0.84 6.16
CA GLU A 34 -9.86 -0.40 6.29
C GLU A 34 -9.51 -0.95 4.90
N MET A 35 -8.29 -1.46 4.75
CA MET A 35 -7.82 -2.04 3.50
C MET A 35 -7.38 -3.48 3.70
N GLY A 36 -7.60 -4.31 2.68
CA GLY A 36 -7.23 -5.73 2.72
C GLY A 36 -6.17 -6.02 1.66
N PHE A 37 -5.11 -6.72 2.07
CA PHE A 37 -4.01 -7.10 1.17
C PHE A 37 -4.23 -8.52 0.65
N TYR A 38 -4.43 -8.65 -0.67
CA TYR A 38 -4.66 -9.95 -1.31
C TYR A 38 -3.66 -10.19 -2.44
N LYS A 39 -3.76 -11.37 -3.07
CA LYS A 39 -2.88 -11.75 -4.18
C LYS A 39 -3.37 -11.11 -5.49
N ASP A 40 -4.68 -11.22 -5.76
CA ASP A 40 -5.27 -10.65 -6.98
C ASP A 40 -6.75 -10.29 -6.73
N ALA A 41 -7.46 -9.98 -7.82
CA ALA A 41 -8.89 -9.64 -7.75
C ALA A 41 -9.73 -10.83 -7.28
N LYS A 42 -9.37 -12.05 -7.72
CA LYS A 42 -10.09 -13.27 -7.32
C LYS A 42 -9.91 -13.51 -5.82
N SER A 43 -8.68 -13.35 -5.34
CA SER A 43 -8.35 -13.52 -3.92
C SER A 43 -9.10 -12.50 -3.06
N ALA A 44 -9.24 -11.27 -3.58
CA ALA A 44 -9.95 -10.20 -2.89
C ALA A 44 -11.45 -10.46 -2.88
N ALA A 45 -12.00 -10.80 -4.05
CA ALA A 45 -13.43 -11.08 -4.22
C ALA A 45 -13.86 -12.28 -3.36
N SER A 46 -13.02 -13.31 -3.32
CA SER A 46 -13.30 -14.52 -2.54
C SER A 46 -12.98 -14.31 -1.05
N GLY A 47 -11.88 -13.60 -0.77
CA GLY A 47 -11.45 -13.32 0.60
C GLY A 47 -10.44 -14.36 1.08
N ILE A 48 -9.50 -14.71 0.19
CA ILE A 48 -8.44 -15.69 0.48
C ILE A 48 -7.28 -14.99 1.18
N PRO A 49 -6.88 -15.47 2.37
CA PRO A 49 -5.77 -14.86 3.14
C PRO A 49 -4.40 -15.10 2.52
N TYR A 50 -3.81 -14.04 1.98
CA TYR A 50 -2.48 -14.09 1.36
C TYR A 50 -1.39 -13.63 2.34
N HIS A 51 -1.81 -13.31 3.57
CA HIS A 51 -0.90 -12.84 4.62
C HIS A 51 -1.55 -13.09 5.98
N SER A 52 -0.83 -12.76 7.06
CA SER A 52 -1.34 -12.94 8.42
C SER A 52 -2.19 -11.71 8.80
N GLU A 53 -1.60 -10.53 8.68
CA GLU A 53 -2.29 -9.27 8.95
C GLU A 53 -2.86 -8.73 7.62
N VAL A 54 -3.99 -9.31 7.21
CA VAL A 54 -4.64 -8.95 5.94
C VAL A 54 -5.38 -7.59 6.05
N PRO A 55 -6.24 -7.40 7.07
CA PRO A 55 -7.00 -6.15 7.24
C PRO A 55 -6.21 -5.09 8.00
N VAL A 56 -5.80 -4.04 7.30
CA VAL A 56 -5.03 -2.93 7.88
C VAL A 56 -5.91 -1.69 7.96
N SER A 57 -5.81 -0.96 9.08
CA SER A 57 -6.60 0.23 9.33
C SER A 57 -5.94 1.49 8.74
N LEU A 58 -6.76 2.34 8.13
CA LEU A 58 -6.33 3.61 7.54
C LEU A 58 -7.11 4.74 8.22
N LYS A 59 -7.07 4.77 9.55
CA LYS A 59 -7.75 5.79 10.35
C LYS A 59 -6.88 7.05 10.40
N GLU A 60 -7.12 7.96 9.45
CA GLU A 60 -6.36 9.22 9.33
C GLU A 60 -4.89 8.91 9.06
N ALA A 61 -4.65 8.13 8.00
CA ALA A 61 -3.30 7.73 7.59
C ALA A 61 -2.65 8.84 6.78
N ILE A 62 -1.35 9.07 7.02
CA ILE A 62 -0.59 10.10 6.32
C ILE A 62 -0.03 9.51 5.03
N CYS A 63 -0.19 10.25 3.93
CA CYS A 63 0.29 9.82 2.63
C CYS A 63 1.00 10.98 1.93
N GLU A 64 2.09 10.67 1.21
CA GLU A 64 2.88 11.68 0.51
C GLU A 64 3.27 11.17 -0.88
N VAL A 65 3.45 12.09 -1.81
CA VAL A 65 3.85 11.74 -3.18
C VAL A 65 5.37 11.53 -3.25
N ALA A 66 5.78 10.47 -3.93
CA ALA A 66 7.19 10.14 -4.09
C ALA A 66 7.62 10.36 -5.53
N LEU A 67 8.24 11.52 -5.74
CA LEU A 67 8.78 11.96 -7.04
C LEU A 67 10.30 12.12 -6.88
N ASP A 68 10.84 11.44 -5.87
CA ASP A 68 12.27 11.44 -5.51
C ASP A 68 12.76 9.99 -5.39
N TYR A 69 11.89 9.13 -4.87
CA TYR A 69 12.19 7.70 -4.67
C TYR A 69 12.12 6.94 -6.01
N LYS A 70 13.28 6.76 -6.66
CA LYS A 70 13.38 6.05 -7.94
C LYS A 70 12.62 6.77 -9.06
N LYS A 71 12.74 6.24 -10.28
CA LYS A 71 12.08 6.82 -11.45
C LYS A 71 11.35 5.71 -12.22
N LYS A 72 10.16 5.37 -11.74
CA LYS A 72 9.32 4.33 -12.35
C LYS A 72 7.86 4.80 -12.34
N LYS A 73 7.57 5.76 -13.23
CA LYS A 73 6.24 6.36 -13.38
C LYS A 73 5.94 7.31 -12.22
N HIS A 74 5.40 6.76 -11.13
CA HIS A 74 5.05 7.56 -9.95
C HIS A 74 4.92 6.65 -8.72
N VAL A 75 5.59 7.04 -7.63
CA VAL A 75 5.55 6.30 -6.38
C VAL A 75 4.92 7.18 -5.31
N PHE A 76 4.40 6.58 -4.24
CA PHE A 76 3.81 7.34 -3.14
C PHE A 76 4.14 6.66 -1.81
N LYS A 77 4.39 7.47 -0.79
CA LYS A 77 4.77 6.98 0.53
C LYS A 77 3.55 6.95 1.45
N LEU A 78 3.33 5.80 2.08
CA LEU A 78 2.20 5.59 2.98
C LEU A 78 2.70 5.40 4.41
N ARG A 79 2.30 6.31 5.30
CA ARG A 79 2.66 6.28 6.71
C ARG A 79 1.38 6.09 7.52
N LEU A 80 1.11 4.84 7.87
CA LEU A 80 -0.10 4.47 8.61
C LEU A 80 -0.08 5.00 10.04
N SER A 81 -1.26 5.14 10.63
CA SER A 81 -1.43 5.65 12.00
C SER A 81 -1.05 4.61 13.06
N ASP A 82 -0.14 3.70 12.70
CA ASP A 82 0.34 2.65 13.62
C ASP A 82 1.85 2.47 13.47
N GLY A 83 2.54 3.52 13.00
CA GLY A 83 3.99 3.49 12.84
C GLY A 83 4.40 2.89 11.49
N ASN A 84 3.65 1.85 11.04
CA ASN A 84 3.92 1.14 9.77
C ASN A 84 4.21 2.10 8.61
N GLU A 85 5.35 1.90 7.94
CA GLU A 85 5.76 2.74 6.81
C GLU A 85 5.96 1.88 5.56
N TYR A 86 5.17 2.16 4.51
CA TYR A 86 5.25 1.41 3.25
C TYR A 86 5.30 2.36 2.04
N LEU A 87 5.99 1.92 0.99
CA LEU A 87 6.11 2.64 -0.27
C LEU A 87 5.26 1.90 -1.31
N PHE A 88 4.46 2.65 -2.08
CA PHE A 88 3.60 2.05 -3.09
C PHE A 88 3.82 2.67 -4.47
N GLN A 89 3.82 1.82 -5.50
CA GLN A 89 4.01 2.26 -6.89
C GLN A 89 2.71 2.04 -7.67
N ALA A 90 2.30 3.06 -8.41
CA ALA A 90 1.09 3.01 -9.24
C ALA A 90 1.48 2.95 -10.71
N LYS A 91 0.49 2.76 -11.59
CA LYS A 91 0.75 2.69 -13.03
C LYS A 91 1.10 4.07 -13.57
N ASP A 92 0.31 5.08 -13.19
CA ASP A 92 0.57 6.46 -13.65
C ASP A 92 0.18 7.49 -12.59
N ASP A 93 0.21 8.76 -12.99
CA ASP A 93 -0.11 9.91 -12.13
C ASP A 93 -1.56 9.89 -11.67
N GLU A 94 -2.49 9.66 -12.60
CA GLU A 94 -3.93 9.62 -12.30
C GLU A 94 -4.24 8.61 -11.19
N GLU A 95 -3.76 7.37 -11.36
CA GLU A 95 -3.97 6.31 -10.38
C GLU A 95 -3.28 6.65 -9.04
N MET A 96 -2.03 7.12 -9.12
CA MET A 96 -1.25 7.48 -7.92
C MET A 96 -2.03 8.44 -7.02
N ASN A 97 -2.48 9.55 -7.59
CA ASN A 97 -3.25 10.56 -6.85
C ASN A 97 -4.58 9.97 -6.31
N THR A 98 -5.22 9.10 -7.10
CA THR A 98 -6.48 8.45 -6.69
C THR A 98 -6.26 7.56 -5.45
N TRP A 99 -5.16 6.80 -5.44
CA TRP A 99 -4.82 5.93 -4.31
C TRP A 99 -4.51 6.77 -3.06
N ILE A 100 -3.67 7.79 -3.24
CA ILE A 100 -3.27 8.70 -2.15
C ILE A 100 -4.48 9.35 -1.48
N GLN A 101 -5.28 10.07 -2.28
CA GLN A 101 -6.47 10.76 -1.78
C GLN A 101 -7.49 9.79 -1.16
N ALA A 102 -7.60 8.58 -1.71
CA ALA A 102 -8.54 7.57 -1.20
C ALA A 102 -8.11 7.12 0.20
N ILE A 103 -6.85 6.70 0.34
CA ILE A 103 -6.31 6.24 1.63
C ILE A 103 -6.33 7.35 2.67
N SER A 104 -5.93 8.55 2.27
CA SER A 104 -5.88 9.71 3.18
C SER A 104 -7.30 10.12 3.65
N SER A 105 -8.33 9.58 3.01
CA SER A 105 -9.73 9.88 3.38
C SER A 105 -10.36 8.69 4.11
N ALA A 106 -10.58 7.60 3.37
CA ALA A 106 -11.19 6.38 3.92
C ALA A 106 -11.43 5.37 2.80
N MET A 1 -12.65 0.96 -3.70
CA MET A 1 -11.39 1.25 -4.46
C MET A 1 -10.46 0.05 -4.34
N GLU A 2 -10.26 -0.66 -5.45
CA GLU A 2 -9.41 -1.86 -5.49
C GLU A 2 -8.56 -1.83 -6.76
N GLY A 3 -7.39 -2.46 -6.70
CA GLY A 3 -6.49 -2.53 -7.84
C GLY A 3 -5.10 -3.06 -7.45
N PHE A 4 -4.27 -3.31 -8.46
CA PHE A 4 -2.91 -3.80 -8.24
C PHE A 4 -2.00 -2.65 -7.81
N LEU A 5 -1.02 -2.95 -6.98
CA LEU A 5 -0.09 -1.96 -6.47
C LEU A 5 1.24 -2.62 -6.08
N ASN A 6 2.33 -1.86 -6.22
CA ASN A 6 3.67 -2.33 -5.84
C ASN A 6 3.86 -1.96 -4.37
N ARG A 7 3.96 -2.97 -3.49
CA ARG A 7 4.09 -2.73 -2.04
C ARG A 7 5.52 -3.00 -1.55
N LYS A 8 6.08 -2.03 -0.84
CA LYS A 8 7.42 -2.13 -0.27
C LYS A 8 7.35 -1.72 1.19
N HIS A 9 7.59 -2.67 2.10
CA HIS A 9 7.55 -2.39 3.53
C HIS A 9 8.91 -1.82 3.99
N GLU A 10 8.91 -0.54 4.32
CA GLU A 10 10.12 0.16 4.75
C GLU A 10 10.37 -0.08 6.24
N TRP A 11 9.34 0.14 7.05
CA TRP A 11 9.44 -0.03 8.49
C TRP A 11 8.11 -0.53 9.06
N GLU A 12 8.16 -1.66 9.74
CA GLU A 12 6.98 -2.27 10.35
C GLU A 12 7.45 -3.27 11.41
N ALA A 13 8.35 -2.80 12.27
CA ALA A 13 8.94 -3.58 13.35
C ALA A 13 9.90 -2.67 14.11
N HIS A 14 9.67 -2.51 15.40
CA HIS A 14 10.49 -1.65 16.25
C HIS A 14 11.86 -2.27 16.52
N ASN A 15 12.77 -2.12 15.57
CA ASN A 15 14.13 -2.65 15.69
C ASN A 15 15.01 -2.13 14.54
N LYS A 16 14.64 -2.46 13.31
CA LYS A 16 15.40 -2.05 12.12
C LYS A 16 14.51 -2.10 10.87
N LYS A 17 15.09 -1.82 9.70
CA LYS A 17 14.36 -1.85 8.42
C LYS A 17 13.92 -3.29 8.09
N ALA A 18 12.95 -3.41 7.17
CA ALA A 18 12.43 -4.71 6.74
C ALA A 18 12.91 -5.02 5.32
N SER A 19 13.67 -6.11 5.17
CA SER A 19 14.21 -6.52 3.86
C SER A 19 13.69 -7.91 3.45
N SER A 20 12.43 -8.22 3.78
CA SER A 20 11.83 -9.51 3.44
C SER A 20 11.03 -9.37 2.14
N ARG A 21 11.73 -9.43 1.01
CA ARG A 21 11.12 -9.31 -0.33
C ARG A 21 10.57 -7.89 -0.57
N SER A 22 11.48 -6.93 -0.73
CA SER A 22 11.10 -5.53 -0.97
C SER A 22 10.54 -5.36 -2.39
N TRP A 23 9.46 -4.60 -2.51
CA TRP A 23 8.76 -4.33 -3.79
C TRP A 23 8.06 -5.60 -4.26
N HIS A 24 6.87 -5.81 -3.72
CA HIS A 24 6.02 -6.96 -4.01
C HIS A 24 4.73 -6.52 -4.70
N ASN A 25 4.50 -7.02 -5.91
CA ASN A 25 3.28 -6.70 -6.68
C ASN A 25 2.08 -7.42 -6.04
N VAL A 26 1.20 -6.64 -5.41
CA VAL A 26 0.03 -7.18 -4.72
C VAL A 26 -1.25 -6.40 -5.06
N TYR A 27 -2.39 -7.01 -4.75
CA TYR A 27 -3.71 -6.40 -4.99
C TYR A 27 -4.22 -5.81 -3.67
N CYS A 28 -4.49 -4.51 -3.66
CA CYS A 28 -4.97 -3.81 -2.45
C CYS A 28 -6.46 -3.49 -2.57
N VAL A 29 -7.17 -3.58 -1.44
CA VAL A 29 -8.61 -3.30 -1.37
C VAL A 29 -8.92 -2.47 -0.13
N ILE A 30 -9.50 -1.28 -0.32
CA ILE A 30 -9.86 -0.39 0.81
C ILE A 30 -11.22 -0.85 1.37
N ASN A 31 -11.28 -1.00 2.70
CA ASN A 31 -12.50 -1.46 3.38
C ASN A 31 -12.76 -0.63 4.64
N ASN A 32 -13.50 0.47 4.46
CA ASN A 32 -13.87 1.38 5.56
C ASN A 32 -12.61 2.00 6.23
N GLN A 33 -12.34 1.61 7.48
CA GLN A 33 -11.18 2.12 8.23
C GLN A 33 -10.04 1.08 8.24
N GLU A 34 -10.03 0.23 7.20
CA GLU A 34 -9.03 -0.83 7.03
C GLU A 34 -8.75 -1.04 5.54
N MET A 35 -7.74 -1.84 5.24
CA MET A 35 -7.37 -2.18 3.87
C MET A 35 -6.82 -3.60 3.86
N GLY A 36 -7.20 -4.38 2.85
CA GLY A 36 -6.77 -5.77 2.73
C GLY A 36 -5.88 -5.97 1.51
N PHE A 37 -4.89 -6.84 1.65
CA PHE A 37 -3.96 -7.17 0.57
C PHE A 37 -4.18 -8.60 0.11
N TYR A 38 -4.33 -8.80 -1.19
CA TYR A 38 -4.57 -10.12 -1.78
C TYR A 38 -3.77 -10.31 -3.07
N LYS A 39 -3.85 -11.51 -3.65
CA LYS A 39 -3.14 -11.85 -4.88
C LYS A 39 -3.71 -11.07 -6.08
N ASP A 40 -5.04 -11.11 -6.24
CA ASP A 40 -5.73 -10.41 -7.33
C ASP A 40 -7.20 -10.16 -6.96
N ALA A 41 -8.00 -9.67 -7.92
CA ALA A 41 -9.43 -9.38 -7.70
C ALA A 41 -10.19 -10.64 -7.24
N LYS A 42 -9.88 -11.79 -7.85
CA LYS A 42 -10.51 -13.06 -7.49
C LYS A 42 -10.14 -13.46 -6.06
N SER A 43 -8.85 -13.33 -5.74
CA SER A 43 -8.32 -13.65 -4.41
C SER A 43 -8.93 -12.72 -3.34
N ALA A 44 -9.17 -11.46 -3.71
CA ALA A 44 -9.76 -10.47 -2.82
C ALA A 44 -11.24 -10.80 -2.54
N ALA A 45 -11.97 -11.12 -3.61
CA ALA A 45 -13.39 -11.47 -3.52
C ALA A 45 -13.58 -12.76 -2.72
N SER A 46 -12.78 -13.79 -3.03
CA SER A 46 -12.85 -15.09 -2.35
C SER A 46 -12.39 -14.97 -0.89
N GLY A 47 -11.34 -14.16 -0.67
CA GLY A 47 -10.80 -13.94 0.67
C GLY A 47 -9.70 -14.94 1.01
N ILE A 48 -8.67 -14.99 0.18
CA ILE A 48 -7.53 -15.89 0.37
C ILE A 48 -6.35 -15.06 0.92
N PRO A 49 -5.78 -15.45 2.08
CA PRO A 49 -4.65 -14.71 2.69
C PRO A 49 -3.34 -14.80 1.89
N TYR A 50 -2.73 -13.63 1.65
CA TYR A 50 -1.48 -13.53 0.90
C TYR A 50 -0.26 -13.54 1.85
N HIS A 51 0.74 -12.72 1.55
CA HIS A 51 1.96 -12.64 2.38
C HIS A 51 2.23 -11.21 2.86
N SER A 52 3.00 -11.09 3.94
CA SER A 52 3.37 -9.80 4.54
C SER A 52 2.14 -9.06 5.07
N GLU A 53 1.38 -9.75 5.93
CA GLU A 53 0.15 -9.23 6.56
C GLU A 53 -0.96 -8.97 5.52
N VAL A 54 -2.08 -9.65 5.71
CA VAL A 54 -3.24 -9.53 4.81
C VAL A 54 -4.11 -8.33 5.24
N PRO A 55 -4.47 -8.20 6.54
CA PRO A 55 -5.31 -7.11 7.04
C PRO A 55 -4.47 -5.98 7.68
N VAL A 56 -4.79 -4.73 7.32
CA VAL A 56 -4.08 -3.56 7.86
C VAL A 56 -5.08 -2.43 8.08
N SER A 57 -4.99 -1.76 9.23
CA SER A 57 -5.88 -0.66 9.59
C SER A 57 -5.55 0.60 8.77
N LEU A 58 -6.59 1.37 8.45
CA LEU A 58 -6.46 2.61 7.69
C LEU A 58 -7.25 3.71 8.41
N LYS A 59 -6.71 4.16 9.54
CA LYS A 59 -7.32 5.20 10.37
C LYS A 59 -6.34 6.36 10.53
N GLU A 60 -6.64 7.49 9.89
CA GLU A 60 -5.79 8.69 9.92
C GLU A 60 -4.42 8.37 9.29
N ALA A 61 -4.45 7.94 8.04
CA ALA A 61 -3.24 7.57 7.30
C ALA A 61 -2.61 8.79 6.63
N ILE A 62 -1.33 8.99 6.89
CA ILE A 62 -0.57 10.10 6.30
C ILE A 62 0.01 9.61 4.98
N CYS A 63 -0.02 10.47 3.96
CA CYS A 63 0.49 10.10 2.64
C CYS A 63 1.30 11.23 2.02
N GLU A 64 2.48 10.88 1.50
CA GLU A 64 3.41 11.83 0.86
C GLU A 64 3.69 11.35 -0.56
N VAL A 65 3.91 12.30 -1.47
CA VAL A 65 4.17 11.98 -2.88
C VAL A 65 5.67 11.88 -3.16
N ALA A 66 6.05 10.88 -3.95
CA ALA A 66 7.45 10.63 -4.33
C ALA A 66 7.49 10.38 -5.84
N LEU A 67 7.54 11.46 -6.63
CA LEU A 67 7.58 11.37 -8.09
C LEU A 67 8.84 10.65 -8.55
N ASP A 68 9.99 11.09 -8.01
CA ASP A 68 11.28 10.48 -8.33
C ASP A 68 11.91 9.94 -7.05
N TYR A 69 11.39 8.81 -6.58
CA TYR A 69 11.90 8.14 -5.37
C TYR A 69 13.25 7.51 -5.67
N LYS A 70 13.37 7.03 -6.90
CA LYS A 70 14.57 6.42 -7.46
C LYS A 70 14.23 5.78 -8.81
N LYS A 71 13.68 6.61 -9.71
CA LYS A 71 13.27 6.18 -11.07
C LYS A 71 12.27 5.01 -11.00
N LYS A 72 11.07 5.29 -10.51
CA LYS A 72 10.01 4.28 -10.39
C LYS A 72 8.64 4.87 -10.73
N LYS A 73 8.58 5.54 -11.88
CA LYS A 73 7.36 6.17 -12.41
C LYS A 73 6.70 7.13 -11.41
N HIS A 74 5.75 6.60 -10.65
CA HIS A 74 5.00 7.37 -9.65
C HIS A 74 4.90 6.57 -8.34
N VAL A 75 5.49 7.10 -7.27
CA VAL A 75 5.48 6.44 -5.96
C VAL A 75 4.93 7.38 -4.88
N PHE A 76 4.41 6.80 -3.81
CA PHE A 76 3.89 7.58 -2.68
C PHE A 76 4.21 6.86 -1.37
N LYS A 77 4.58 7.64 -0.37
CA LYS A 77 4.95 7.12 0.95
C LYS A 77 3.73 7.13 1.86
N LEU A 78 3.24 5.93 2.19
CA LEU A 78 2.10 5.75 3.07
C LEU A 78 2.59 5.52 4.50
N ARG A 79 2.20 6.40 5.42
CA ARG A 79 2.61 6.30 6.82
C ARG A 79 1.37 6.23 7.70
N LEU A 80 1.22 5.15 8.46
CA LEU A 80 0.08 4.98 9.36
C LEU A 80 0.21 5.96 10.53
N SER A 81 -0.92 6.25 11.20
CA SER A 81 -0.97 7.19 12.33
C SER A 81 0.09 6.87 13.39
N ASP A 82 0.27 5.60 13.69
CA ASP A 82 1.25 5.16 14.70
C ASP A 82 1.46 3.65 14.57
N GLY A 83 2.17 3.20 13.52
CA GLY A 83 2.41 1.78 13.34
C GLY A 83 3.40 1.50 12.20
N ASN A 84 2.85 1.00 11.08
CA ASN A 84 3.64 0.60 9.89
C ASN A 84 3.84 1.75 8.89
N GLU A 85 4.82 1.56 8.00
CA GLU A 85 5.16 2.53 6.94
C GLU A 85 5.51 1.77 5.66
N TYR A 86 4.93 2.17 4.53
CA TYR A 86 5.17 1.50 3.25
C TYR A 86 5.32 2.49 2.08
N LEU A 87 5.95 2.01 1.00
CA LEU A 87 6.12 2.77 -0.24
C LEU A 87 5.28 2.06 -1.30
N PHE A 88 4.37 2.77 -1.93
CA PHE A 88 3.50 2.19 -2.96
C PHE A 88 3.81 2.80 -4.33
N GLN A 89 4.03 1.94 -5.33
CA GLN A 89 4.32 2.38 -6.70
C GLN A 89 3.14 2.12 -7.62
N ALA A 90 2.81 3.11 -8.45
CA ALA A 90 1.71 3.01 -9.41
C ALA A 90 2.25 2.97 -10.84
N LYS A 91 1.40 2.60 -11.80
CA LYS A 91 1.79 2.53 -13.21
C LYS A 91 1.40 3.82 -13.93
N ASP A 92 0.17 4.28 -13.67
CA ASP A 92 -0.37 5.50 -14.30
C ASP A 92 -0.49 6.64 -13.28
N ASP A 93 -0.40 7.87 -13.79
CA ASP A 93 -0.51 9.09 -12.96
C ASP A 93 -1.89 9.17 -12.30
N GLU A 94 -2.94 8.82 -13.07
CA GLU A 94 -4.32 8.83 -12.57
C GLU A 94 -4.51 7.79 -11.47
N GLU A 95 -3.81 6.66 -11.61
CA GLU A 95 -3.85 5.57 -10.62
C GLU A 95 -3.30 6.06 -9.28
N MET A 96 -2.12 6.69 -9.32
CA MET A 96 -1.48 7.23 -8.12
C MET A 96 -2.37 8.28 -7.44
N ASN A 97 -2.98 9.15 -8.23
CA ASN A 97 -3.87 10.21 -7.73
C ASN A 97 -5.09 9.61 -7.00
N THR A 98 -5.71 8.58 -7.61
CA THR A 98 -6.89 7.93 -7.02
C THR A 98 -6.55 7.27 -5.67
N TRP A 99 -5.38 6.61 -5.60
CA TRP A 99 -4.95 5.93 -4.37
C TRP A 99 -4.67 6.94 -3.25
N ILE A 100 -3.81 7.93 -3.54
CA ILE A 100 -3.45 8.97 -2.56
C ILE A 100 -4.68 9.71 -2.04
N GLN A 101 -5.60 10.06 -2.95
CA GLN A 101 -6.83 10.78 -2.58
C GLN A 101 -7.72 9.93 -1.66
N ALA A 102 -7.93 8.66 -2.03
CA ALA A 102 -8.76 7.74 -1.23
C ALA A 102 -8.13 7.50 0.14
N ILE A 103 -6.83 7.22 0.14
CA ILE A 103 -6.06 6.96 1.37
C ILE A 103 -6.08 8.17 2.32
N SER A 104 -6.06 9.38 1.76
CA SER A 104 -6.09 10.62 2.56
C SER A 104 -7.44 10.77 3.30
N SER A 105 -8.49 10.15 2.78
CA SER A 105 -9.83 10.21 3.40
C SER A 105 -10.02 9.08 4.42
N ALA A 106 -8.94 8.39 4.77
CA ALA A 106 -8.97 7.29 5.74
C ALA A 106 -8.21 7.67 7.01
N MET A 1 -10.55 2.21 -5.68
CA MET A 1 -10.77 1.48 -4.41
C MET A 1 -10.01 0.15 -4.43
N GLU A 2 -10.26 -0.65 -5.46
CA GLU A 2 -9.61 -1.96 -5.62
C GLU A 2 -8.72 -1.95 -6.87
N GLY A 3 -7.56 -2.61 -6.80
CA GLY A 3 -6.63 -2.67 -7.92
C GLY A 3 -5.27 -3.18 -7.47
N PHE A 4 -4.37 -3.38 -8.44
CA PHE A 4 -3.01 -3.85 -8.17
C PHE A 4 -2.12 -2.68 -7.76
N LEU A 5 -1.16 -2.97 -6.90
CA LEU A 5 -0.22 -1.96 -6.40
C LEU A 5 1.11 -2.62 -6.03
N ASN A 6 2.20 -1.91 -6.25
CA ASN A 6 3.55 -2.40 -5.89
C ASN A 6 3.81 -1.93 -4.46
N ARG A 7 4.09 -2.87 -3.55
CA ARG A 7 4.31 -2.54 -2.14
C ARG A 7 5.73 -2.90 -1.69
N LYS A 8 6.36 -1.98 -0.97
CA LYS A 8 7.71 -2.16 -0.45
C LYS A 8 7.81 -1.49 0.91
N HIS A 9 8.32 -2.22 1.91
CA HIS A 9 8.46 -1.70 3.27
C HIS A 9 9.84 -1.07 3.48
N GLU A 10 9.86 0.25 3.72
CA GLU A 10 11.10 1.00 3.98
C GLU A 10 11.57 0.73 5.41
N TRP A 11 10.60 0.50 6.28
CA TRP A 11 10.83 0.20 7.68
C TRP A 11 9.55 -0.45 8.22
N GLU A 12 9.70 -1.65 8.77
CA GLU A 12 8.58 -2.41 9.32
C GLU A 12 8.96 -3.02 10.66
N ALA A 13 9.06 -2.16 11.68
CA ALA A 13 9.39 -2.58 13.06
C ALA A 13 10.65 -3.48 13.10
N HIS A 14 11.75 -2.97 12.58
CA HIS A 14 13.02 -3.71 12.55
C HIS A 14 14.15 -2.79 12.12
N ASN A 15 15.05 -2.47 13.06
CA ASN A 15 16.21 -1.61 12.82
C ASN A 15 15.77 -0.19 12.38
N LYS A 16 16.68 0.54 11.73
CA LYS A 16 16.39 1.89 11.26
C LYS A 16 15.53 1.83 10.00
N LYS A 17 16.02 1.13 9.00
CA LYS A 17 15.31 0.96 7.72
C LYS A 17 15.68 -0.39 7.10
N ALA A 18 14.92 -0.77 6.09
CA ALA A 18 15.13 -2.02 5.36
C ALA A 18 15.32 -1.69 3.88
N SER A 19 16.52 -1.22 3.53
CA SER A 19 16.84 -0.85 2.14
C SER A 19 17.16 -2.10 1.32
N SER A 20 16.29 -3.10 1.41
CA SER A 20 16.44 -4.36 0.70
C SER A 20 15.54 -4.37 -0.55
N ARG A 21 15.80 -5.29 -1.46
CA ARG A 21 15.01 -5.40 -2.69
C ARG A 21 13.70 -6.15 -2.42
N SER A 22 12.77 -5.47 -1.76
CA SER A 22 11.46 -6.06 -1.43
C SER A 22 10.33 -5.27 -2.10
N TRP A 23 10.13 -5.52 -3.38
CA TRP A 23 9.09 -4.86 -4.18
C TRP A 23 8.13 -5.93 -4.71
N HIS A 24 7.06 -6.19 -3.96
CA HIS A 24 6.06 -7.21 -4.33
C HIS A 24 4.76 -6.56 -4.81
N ASN A 25 4.23 -7.07 -5.92
CA ASN A 25 2.98 -6.58 -6.50
C ASN A 25 1.81 -7.25 -5.77
N VAL A 26 1.01 -6.45 -5.08
CA VAL A 26 -0.13 -6.94 -4.31
C VAL A 26 -1.43 -6.27 -4.80
N TYR A 27 -2.55 -6.90 -4.50
CA TYR A 27 -3.87 -6.40 -4.87
C TYR A 27 -4.51 -5.72 -3.66
N CYS A 28 -4.47 -4.39 -3.62
CA CYS A 28 -5.01 -3.61 -2.51
C CYS A 28 -6.49 -3.30 -2.73
N VAL A 29 -7.28 -3.44 -1.66
CA VAL A 29 -8.72 -3.18 -1.70
C VAL A 29 -9.13 -2.41 -0.45
N ILE A 30 -9.47 -1.13 -0.61
CA ILE A 30 -9.88 -0.28 0.51
C ILE A 30 -11.35 -0.51 0.82
N ASN A 31 -11.63 -1.04 2.02
CA ASN A 31 -13.00 -1.32 2.47
C ASN A 31 -13.37 -0.38 3.62
N ASN A 32 -13.91 0.79 3.26
CA ASN A 32 -14.32 1.83 4.22
C ASN A 32 -13.10 2.43 4.94
N GLN A 33 -12.74 1.89 6.10
CA GLN A 33 -11.60 2.39 6.88
C GLN A 33 -10.57 1.29 7.15
N GLU A 34 -10.65 0.19 6.36
CA GLU A 34 -9.73 -0.92 6.49
C GLU A 34 -9.43 -1.48 5.09
N MET A 35 -8.16 -1.48 4.69
CA MET A 35 -7.76 -1.98 3.38
C MET A 35 -7.19 -3.39 3.51
N GLY A 36 -7.43 -4.21 2.49
CA GLY A 36 -6.95 -5.60 2.47
C GLY A 36 -5.96 -5.83 1.35
N PHE A 37 -4.82 -6.45 1.68
CA PHE A 37 -3.76 -6.76 0.71
C PHE A 37 -3.92 -8.21 0.24
N TYR A 38 -4.51 -8.39 -0.94
CA TYR A 38 -4.75 -9.72 -1.52
C TYR A 38 -3.76 -10.01 -2.66
N LYS A 39 -3.82 -11.22 -3.19
CA LYS A 39 -2.95 -11.65 -4.29
C LYS A 39 -3.41 -11.05 -5.63
N ASP A 40 -4.72 -11.11 -5.87
CA ASP A 40 -5.33 -10.59 -7.11
C ASP A 40 -6.83 -10.37 -6.90
N ALA A 41 -7.55 -10.10 -7.98
CA ALA A 41 -9.01 -9.89 -7.92
C ALA A 41 -9.72 -11.15 -7.43
N LYS A 42 -9.26 -12.33 -7.87
CA LYS A 42 -9.85 -13.61 -7.47
C LYS A 42 -9.59 -13.88 -5.98
N SER A 43 -8.34 -13.67 -5.54
CA SER A 43 -7.96 -13.86 -4.14
C SER A 43 -8.66 -12.84 -3.23
N ALA A 44 -8.96 -11.66 -3.79
CA ALA A 44 -9.64 -10.60 -3.04
C ALA A 44 -11.11 -10.96 -2.83
N ALA A 45 -11.73 -11.55 -3.86
CA ALA A 45 -13.13 -11.96 -3.81
C ALA A 45 -13.34 -13.13 -2.85
N SER A 46 -12.35 -14.03 -2.80
CA SER A 46 -12.40 -15.22 -1.92
C SER A 46 -11.92 -14.86 -0.50
N GLY A 47 -11.12 -13.80 -0.38
CA GLY A 47 -10.60 -13.35 0.92
C GLY A 47 -9.41 -14.21 1.38
N ILE A 48 -8.42 -14.37 0.50
CA ILE A 48 -7.23 -15.17 0.81
C ILE A 48 -6.13 -14.26 1.39
N PRO A 49 -5.54 -14.63 2.55
CA PRO A 49 -4.48 -13.82 3.20
C PRO A 49 -3.14 -13.82 2.41
N TYR A 50 -2.46 -12.68 2.42
CA TYR A 50 -1.19 -12.49 1.72
C TYR A 50 -0.15 -11.90 2.67
N HIS A 51 1.09 -12.39 2.56
CA HIS A 51 2.24 -11.93 3.38
C HIS A 51 1.99 -12.19 4.89
N SER A 52 1.93 -11.14 5.73
CA SER A 52 1.71 -11.29 7.18
C SER A 52 0.23 -11.11 7.50
N GLU A 53 -0.20 -9.87 7.72
CA GLU A 53 -1.58 -9.53 8.03
C GLU A 53 -2.22 -8.86 6.81
N VAL A 54 -3.24 -9.51 6.25
CA VAL A 54 -3.93 -8.98 5.06
C VAL A 54 -4.71 -7.68 5.34
N PRO A 55 -5.35 -7.50 6.53
CA PRO A 55 -6.12 -6.28 6.83
C PRO A 55 -5.29 -5.20 7.53
N VAL A 56 -5.34 -3.97 7.02
CA VAL A 56 -4.61 -2.84 7.58
C VAL A 56 -5.54 -1.63 7.68
N SER A 57 -5.39 -0.87 8.77
CA SER A 57 -6.21 0.31 9.03
C SER A 57 -5.94 1.45 8.03
N LEU A 58 -7.04 2.11 7.63
CA LEU A 58 -7.00 3.23 6.68
C LEU A 58 -7.14 4.57 7.43
N LYS A 59 -7.99 4.58 8.47
CA LYS A 59 -8.25 5.78 9.28
C LYS A 59 -6.94 6.42 9.81
N GLU A 60 -6.82 7.73 9.59
CA GLU A 60 -5.65 8.53 10.02
C GLU A 60 -4.36 8.04 9.36
N ALA A 61 -4.43 7.77 8.06
CA ALA A 61 -3.28 7.31 7.28
C ALA A 61 -2.60 8.50 6.62
N ILE A 62 -1.33 8.73 6.95
CA ILE A 62 -0.56 9.83 6.39
C ILE A 62 0.18 9.33 5.14
N CYS A 63 0.13 10.11 4.05
CA CYS A 63 0.78 9.74 2.81
C CYS A 63 1.42 10.95 2.14
N GLU A 64 2.56 10.73 1.48
CA GLU A 64 3.31 11.77 0.76
C GLU A 64 3.65 11.27 -0.65
N VAL A 65 3.98 12.19 -1.54
CA VAL A 65 4.33 11.83 -2.93
C VAL A 65 5.85 11.56 -3.04
N ALA A 66 6.19 10.56 -3.84
CA ALA A 66 7.60 10.16 -4.08
C ALA A 66 7.83 10.02 -5.58
N LEU A 67 8.20 11.13 -6.22
CA LEU A 67 8.44 11.18 -7.66
C LEU A 67 9.91 10.88 -7.98
N ASP A 68 10.83 11.35 -7.12
CA ASP A 68 12.27 11.16 -7.33
C ASP A 68 12.84 10.04 -6.43
N TYR A 69 12.05 8.99 -6.20
CA TYR A 69 12.50 7.86 -5.37
C TYR A 69 13.36 6.90 -6.21
N LYS A 70 14.54 7.37 -6.61
CA LYS A 70 15.48 6.58 -7.43
C LYS A 70 14.96 6.41 -8.87
N LYS A 71 13.75 5.88 -9.00
CA LYS A 71 13.10 5.67 -10.29
C LYS A 71 12.15 6.82 -10.58
N LYS A 72 12.29 7.44 -11.75
CA LYS A 72 11.43 8.57 -12.15
C LYS A 72 10.08 8.06 -12.67
N LYS A 73 9.34 7.38 -11.79
CA LYS A 73 8.03 6.83 -12.11
C LYS A 73 6.94 7.56 -11.32
N HIS A 74 6.13 6.82 -10.57
CA HIS A 74 5.05 7.40 -9.77
C HIS A 74 4.87 6.58 -8.49
N VAL A 75 5.58 6.97 -7.44
CA VAL A 75 5.53 6.28 -6.14
C VAL A 75 5.02 7.25 -5.07
N PHE A 76 4.49 6.71 -3.97
CA PHE A 76 3.99 7.52 -2.86
C PHE A 76 4.22 6.78 -1.54
N LYS A 77 4.44 7.55 -0.48
CA LYS A 77 4.69 7.00 0.85
C LYS A 77 3.38 6.83 1.61
N LEU A 78 3.34 5.81 2.45
CA LEU A 78 2.17 5.51 3.29
C LEU A 78 2.66 5.23 4.70
N ARG A 79 2.44 6.19 5.60
CA ARG A 79 2.87 6.09 7.00
C ARG A 79 1.67 5.86 7.92
N LEU A 80 1.77 4.83 8.76
CA LEU A 80 0.72 4.50 9.73
C LEU A 80 0.99 5.22 11.06
N SER A 81 -0.08 5.61 11.75
CA SER A 81 0.01 6.33 13.03
C SER A 81 0.71 5.49 14.12
N ASP A 82 0.65 4.16 13.98
CA ASP A 82 1.28 3.25 14.95
C ASP A 82 2.81 3.29 14.81
N GLY A 83 3.32 2.80 13.68
CA GLY A 83 4.75 2.78 13.42
C GLY A 83 5.05 1.85 12.26
N ASN A 84 4.85 2.36 11.03
CA ASN A 84 5.11 1.58 9.81
C ASN A 84 5.25 2.55 8.64
N GLU A 85 6.15 2.22 7.72
CA GLU A 85 6.42 3.06 6.55
C GLU A 85 6.48 2.19 5.29
N TYR A 86 5.42 2.26 4.47
CA TYR A 86 5.34 1.47 3.23
C TYR A 86 5.37 2.38 2.00
N LEU A 87 6.00 1.91 0.92
CA LEU A 87 6.07 2.65 -0.35
C LEU A 87 5.12 1.98 -1.33
N PHE A 88 4.29 2.78 -2.00
CA PHE A 88 3.33 2.28 -2.97
C PHE A 88 3.58 2.90 -4.33
N GLN A 89 3.71 2.06 -5.35
CA GLN A 89 3.97 2.51 -6.73
C GLN A 89 2.79 2.13 -7.64
N ALA A 90 2.35 3.11 -8.44
CA ALA A 90 1.23 2.93 -9.38
C ALA A 90 1.76 2.86 -10.82
N LYS A 91 0.92 2.38 -11.75
CA LYS A 91 1.30 2.27 -13.17
C LYS A 91 0.85 3.51 -13.95
N ASP A 92 0.07 4.38 -13.30
CA ASP A 92 -0.42 5.62 -13.93
C ASP A 92 -0.48 6.76 -12.90
N ASP A 93 -0.40 7.99 -13.38
CA ASP A 93 -0.46 9.19 -12.53
C ASP A 93 -1.89 9.41 -12.01
N GLU A 94 -2.89 9.03 -12.81
CA GLU A 94 -4.30 9.16 -12.41
C GLU A 94 -4.60 8.17 -11.29
N GLU A 95 -4.04 6.97 -11.44
CA GLU A 95 -4.17 5.89 -10.44
C GLU A 95 -3.52 6.32 -9.12
N MET A 96 -2.30 6.87 -9.25
CA MET A 96 -1.52 7.35 -8.09
C MET A 96 -2.32 8.39 -7.30
N ASN A 97 -2.89 9.37 -8.02
CA ASN A 97 -3.69 10.44 -7.41
C ASN A 97 -4.93 9.88 -6.70
N THR A 98 -5.61 8.93 -7.36
CA THR A 98 -6.82 8.31 -6.79
C THR A 98 -6.49 7.53 -5.50
N TRP A 99 -5.36 6.80 -5.51
CA TRP A 99 -4.92 6.04 -4.33
C TRP A 99 -4.64 6.96 -3.15
N ILE A 100 -3.81 7.99 -3.39
CA ILE A 100 -3.44 8.97 -2.37
C ILE A 100 -4.68 9.63 -1.74
N GLN A 101 -5.65 10.01 -2.58
CA GLN A 101 -6.88 10.65 -2.10
C GLN A 101 -7.72 9.68 -1.25
N ALA A 102 -7.86 8.45 -1.72
CA ALA A 102 -8.64 7.41 -1.00
C ALA A 102 -7.99 7.09 0.35
N ILE A 103 -6.67 6.97 0.36
CA ILE A 103 -5.94 6.66 1.60
C ILE A 103 -5.97 7.86 2.56
N SER A 104 -6.04 9.08 2.02
CA SER A 104 -6.09 10.30 2.84
C SER A 104 -7.40 10.35 3.65
N SER A 105 -8.53 10.13 2.98
CA SER A 105 -9.84 10.15 3.65
C SER A 105 -10.89 9.39 2.83
N ALA A 106 -10.71 8.06 2.72
CA ALA A 106 -11.64 7.19 1.97
C ALA A 106 -13.07 7.33 2.46
N MET A 1 -11.89 1.11 -3.43
CA MET A 1 -10.95 1.05 -4.58
C MET A 1 -10.18 -0.28 -4.55
N GLU A 2 -10.21 -0.99 -5.68
CA GLU A 2 -9.50 -2.27 -5.84
C GLU A 2 -8.54 -2.17 -7.02
N GLY A 3 -7.36 -2.75 -6.90
CA GLY A 3 -6.38 -2.73 -7.98
C GLY A 3 -5.02 -3.18 -7.48
N PHE A 4 -4.06 -3.33 -8.40
CA PHE A 4 -2.71 -3.74 -8.07
C PHE A 4 -1.85 -2.55 -7.70
N LEU A 5 -0.89 -2.79 -6.81
CA LEU A 5 0.04 -1.77 -6.34
C LEU A 5 1.37 -2.45 -6.00
N ASN A 6 2.47 -1.74 -6.25
CA ASN A 6 3.81 -2.25 -5.92
C ASN A 6 4.08 -1.86 -4.48
N ARG A 7 4.20 -2.84 -3.59
CA ARG A 7 4.42 -2.57 -2.17
C ARG A 7 5.84 -2.90 -1.74
N LYS A 8 6.45 -1.96 -1.01
CA LYS A 8 7.81 -2.10 -0.48
C LYS A 8 7.77 -1.76 1.00
N HIS A 9 8.47 -2.54 1.82
CA HIS A 9 8.51 -2.32 3.26
C HIS A 9 9.82 -1.66 3.68
N GLU A 10 9.72 -0.48 4.27
CA GLU A 10 10.88 0.26 4.76
C GLU A 10 10.99 0.06 6.27
N TRP A 11 9.84 0.08 6.94
CA TRP A 11 9.79 -0.08 8.39
C TRP A 11 8.38 -0.47 8.86
N GLU A 12 8.30 -1.55 9.62
CA GLU A 12 7.04 -2.05 10.18
C GLU A 12 7.08 -1.94 11.71
N ALA A 13 8.25 -2.23 12.27
CA ALA A 13 8.50 -2.17 13.71
C ALA A 13 10.01 -1.99 13.93
N HIS A 14 10.41 -1.63 15.16
CA HIS A 14 11.83 -1.42 15.49
C HIS A 14 12.56 -2.76 15.66
N ASN A 15 12.56 -3.55 14.59
CA ASN A 15 13.21 -4.87 14.57
C ASN A 15 14.53 -4.76 13.79
N LYS A 16 14.44 -4.30 12.55
CA LYS A 16 15.60 -4.11 11.67
C LYS A 16 15.17 -3.40 10.39
N LYS A 17 14.68 -4.18 9.41
CA LYS A 17 14.21 -3.69 8.12
C LYS A 17 13.66 -4.87 7.32
N ALA A 18 13.19 -4.59 6.10
CA ALA A 18 12.65 -5.63 5.20
C ALA A 18 13.47 -5.68 3.92
N SER A 19 13.89 -6.88 3.51
CA SER A 19 14.70 -7.07 2.30
C SER A 19 14.14 -8.20 1.41
N SER A 20 13.69 -9.29 2.04
CA SER A 20 13.15 -10.45 1.31
C SER A 20 11.84 -10.12 0.59
N ARG A 21 10.99 -9.30 1.23
CA ARG A 21 9.71 -8.89 0.64
C ARG A 21 9.73 -7.37 0.39
N SER A 22 10.34 -6.98 -0.73
CA SER A 22 10.45 -5.58 -1.12
C SER A 22 10.12 -5.42 -2.61
N TRP A 23 9.15 -4.55 -2.89
CA TRP A 23 8.68 -4.27 -4.25
C TRP A 23 8.01 -5.50 -4.85
N HIS A 24 6.85 -5.84 -4.28
CA HIS A 24 6.05 -6.99 -4.70
C HIS A 24 4.68 -6.48 -5.14
N ASN A 25 4.19 -6.98 -6.28
CA ASN A 25 2.88 -6.59 -6.80
C ASN A 25 1.79 -7.24 -5.93
N VAL A 26 0.98 -6.42 -5.27
CA VAL A 26 -0.08 -6.91 -4.39
C VAL A 26 -1.40 -6.22 -4.72
N TYR A 27 -2.49 -6.94 -4.47
CA TYR A 27 -3.84 -6.43 -4.73
C TYR A 27 -4.41 -5.81 -3.46
N CYS A 28 -4.58 -4.49 -3.47
CA CYS A 28 -5.09 -3.75 -2.31
C CYS A 28 -6.59 -3.47 -2.49
N VAL A 29 -7.35 -3.68 -1.41
CA VAL A 29 -8.80 -3.44 -1.40
C VAL A 29 -9.17 -2.57 -0.19
N ILE A 30 -9.75 -1.40 -0.45
CA ILE A 30 -10.14 -0.47 0.63
C ILE A 30 -11.57 -0.79 1.09
N ASN A 31 -11.70 -1.15 2.38
CA ASN A 31 -12.99 -1.49 2.97
C ASN A 31 -13.29 -0.55 4.14
N ASN A 32 -14.20 0.40 3.91
CA ASN A 32 -14.60 1.40 4.92
C ASN A 32 -13.43 2.34 5.26
N GLN A 33 -12.85 2.18 6.45
CA GLN A 33 -11.73 3.00 6.91
C GLN A 33 -10.46 2.14 7.08
N GLU A 34 -10.51 0.91 6.55
CA GLU A 34 -9.40 -0.03 6.60
C GLU A 34 -9.18 -0.63 5.21
N MET A 35 -8.20 -1.50 5.07
CA MET A 35 -7.90 -2.15 3.80
C MET A 35 -7.48 -3.60 4.02
N GLY A 36 -7.58 -4.39 2.96
CA GLY A 36 -7.21 -5.80 3.00
C GLY A 36 -6.26 -6.12 1.84
N PHE A 37 -5.15 -6.78 2.16
CA PHE A 37 -4.13 -7.15 1.18
C PHE A 37 -4.44 -8.53 0.59
N TYR A 38 -4.70 -8.57 -0.71
CA TYR A 38 -5.03 -9.80 -1.42
C TYR A 38 -3.99 -10.09 -2.51
N LYS A 39 -4.15 -11.21 -3.21
CA LYS A 39 -3.24 -11.61 -4.28
C LYS A 39 -3.66 -10.96 -5.61
N ASP A 40 -4.96 -11.04 -5.91
CA ASP A 40 -5.54 -10.47 -7.13
C ASP A 40 -7.06 -10.29 -6.96
N ALA A 41 -7.74 -9.97 -8.07
CA ALA A 41 -9.19 -9.78 -8.07
C ALA A 41 -9.94 -11.06 -7.69
N LYS A 42 -9.45 -12.21 -8.16
CA LYS A 42 -10.07 -13.51 -7.85
C LYS A 42 -9.86 -13.87 -6.38
N SER A 43 -8.64 -13.64 -5.88
CA SER A 43 -8.30 -13.93 -4.47
C SER A 43 -9.16 -13.06 -3.53
N ALA A 44 -9.42 -11.82 -3.95
CA ALA A 44 -10.23 -10.87 -3.18
C ALA A 44 -11.71 -11.30 -3.20
N ALA A 45 -12.21 -11.64 -4.40
CA ALA A 45 -13.60 -12.08 -4.58
C ALA A 45 -13.87 -13.42 -3.89
N SER A 46 -12.91 -14.35 -3.99
CA SER A 46 -13.03 -15.68 -3.38
C SER A 46 -12.91 -15.59 -1.84
N GLY A 47 -11.97 -14.75 -1.37
CA GLY A 47 -11.74 -14.55 0.06
C GLY A 47 -10.52 -15.34 0.53
N ILE A 48 -9.41 -15.20 -0.17
CA ILE A 48 -8.16 -15.88 0.16
C ILE A 48 -7.20 -14.87 0.82
N PRO A 49 -6.73 -15.14 2.04
CA PRO A 49 -5.82 -14.23 2.77
C PRO A 49 -4.39 -14.22 2.18
N TYR A 50 -3.80 -13.03 2.13
CA TYR A 50 -2.45 -12.83 1.59
C TYR A 50 -1.63 -11.96 2.55
N HIS A 51 -0.31 -12.18 2.58
CA HIS A 51 0.64 -11.45 3.43
C HIS A 51 0.49 -11.83 4.90
N SER A 52 1.42 -11.34 5.72
CA SER A 52 1.44 -11.60 7.16
C SER A 52 0.27 -10.91 7.85
N GLU A 53 0.10 -9.63 7.54
CA GLU A 53 -0.99 -8.81 8.09
C GLU A 53 -1.95 -8.46 6.96
N VAL A 54 -3.03 -9.25 6.82
CA VAL A 54 -4.01 -9.05 5.76
C VAL A 54 -4.87 -7.80 6.01
N PRO A 55 -5.43 -7.64 7.23
CA PRO A 55 -6.27 -6.48 7.59
C PRO A 55 -5.41 -5.34 8.16
N VAL A 56 -5.50 -4.16 7.55
CA VAL A 56 -4.73 -2.98 8.00
C VAL A 56 -5.64 -1.74 8.00
N SER A 57 -5.53 -0.94 9.06
CA SER A 57 -6.33 0.27 9.21
C SER A 57 -5.73 1.45 8.43
N LEU A 58 -6.59 2.17 7.71
CA LEU A 58 -6.19 3.35 6.93
C LEU A 58 -6.70 4.63 7.59
N LYS A 59 -7.45 4.48 8.69
CA LYS A 59 -8.03 5.61 9.41
C LYS A 59 -6.95 6.60 9.86
N GLU A 60 -6.93 7.77 9.23
CA GLU A 60 -5.93 8.82 9.51
C GLU A 60 -4.53 8.37 9.10
N ALA A 61 -4.36 8.09 7.81
CA ALA A 61 -3.08 7.65 7.26
C ALA A 61 -2.41 8.81 6.52
N ILE A 62 -1.10 8.99 6.75
CA ILE A 62 -0.33 10.05 6.10
C ILE A 62 0.25 9.51 4.81
N CYS A 63 0.01 10.21 3.71
CA CYS A 63 0.47 9.82 2.38
C CYS A 63 1.24 10.97 1.73
N GLU A 64 2.51 10.73 1.40
CA GLU A 64 3.38 11.74 0.78
C GLU A 64 3.72 11.32 -0.64
N VAL A 65 3.87 12.28 -1.55
CA VAL A 65 4.20 12.00 -2.95
C VAL A 65 5.71 11.87 -3.15
N ALA A 66 6.12 10.82 -3.86
CA ALA A 66 7.53 10.55 -4.15
C ALA A 66 7.69 10.29 -5.66
N LEU A 67 7.72 11.37 -6.43
CA LEU A 67 7.86 11.28 -7.90
C LEU A 67 9.34 11.31 -8.32
N ASP A 68 10.25 11.24 -7.34
CA ASP A 68 11.69 11.26 -7.61
C ASP A 68 12.43 10.36 -6.63
N TYR A 69 11.88 9.18 -6.36
CA TYR A 69 12.49 8.20 -5.45
C TYR A 69 13.44 7.30 -6.23
N LYS A 70 14.74 7.68 -6.27
CA LYS A 70 15.78 6.93 -7.01
C LYS A 70 15.65 7.15 -8.52
N LYS A 71 14.41 7.15 -9.02
CA LYS A 71 14.11 7.35 -10.43
C LYS A 71 12.75 8.05 -10.56
N LYS A 72 12.41 8.47 -11.77
CA LYS A 72 11.15 9.15 -12.02
C LYS A 72 10.00 8.14 -12.17
N LYS A 73 9.43 7.74 -11.04
CA LYS A 73 8.34 6.79 -10.99
C LYS A 73 7.31 7.32 -10.00
N HIS A 74 6.05 7.06 -10.30
CA HIS A 74 4.92 7.50 -9.47
C HIS A 74 4.85 6.70 -8.17
N VAL A 75 5.68 7.08 -7.19
CA VAL A 75 5.74 6.41 -5.89
C VAL A 75 5.16 7.34 -4.82
N PHE A 76 4.69 6.76 -3.72
CA PHE A 76 4.15 7.55 -2.61
C PHE A 76 4.50 6.88 -1.29
N LYS A 77 4.89 7.71 -0.33
CA LYS A 77 5.28 7.28 1.01
C LYS A 77 4.04 7.18 1.89
N LEU A 78 3.58 5.95 2.12
CA LEU A 78 2.38 5.71 2.92
C LEU A 78 2.78 5.37 4.36
N ARG A 79 2.51 6.32 5.27
CA ARG A 79 2.80 6.16 6.70
C ARG A 79 1.47 6.03 7.42
N LEU A 80 1.11 4.81 7.76
CA LEU A 80 -0.16 4.50 8.43
C LEU A 80 -0.18 5.01 9.87
N SER A 81 -1.39 5.09 10.44
CA SER A 81 -1.61 5.56 11.82
C SER A 81 -0.90 4.66 12.84
N ASP A 82 -0.76 3.37 12.51
CA ASP A 82 -0.07 2.40 13.38
C ASP A 82 1.40 2.78 13.54
N GLY A 83 2.00 3.27 12.46
CA GLY A 83 3.41 3.69 12.44
C GLY A 83 4.17 3.06 11.26
N ASN A 84 3.55 2.01 10.68
CA ASN A 84 4.13 1.27 9.54
C ASN A 84 4.37 2.20 8.34
N GLU A 85 5.56 2.07 7.74
CA GLU A 85 5.96 2.88 6.58
C GLU A 85 6.22 1.99 5.37
N TYR A 86 5.40 2.15 4.32
CA TYR A 86 5.53 1.38 3.08
C TYR A 86 5.61 2.33 1.88
N LEU A 87 6.38 1.94 0.85
CA LEU A 87 6.49 2.73 -0.37
C LEU A 87 5.62 2.05 -1.43
N PHE A 88 4.64 2.79 -1.94
CA PHE A 88 3.71 2.25 -2.93
C PHE A 88 3.95 2.89 -4.30
N GLN A 89 4.08 2.06 -5.34
CA GLN A 89 4.31 2.54 -6.71
C GLN A 89 3.09 2.29 -7.59
N ALA A 90 2.62 3.34 -8.26
CA ALA A 90 1.48 3.28 -9.19
C ALA A 90 1.99 3.27 -10.63
N LYS A 91 1.16 2.83 -11.57
CA LYS A 91 1.56 2.77 -12.98
C LYS A 91 1.24 4.08 -13.73
N ASP A 92 0.18 4.76 -13.31
CA ASP A 92 -0.25 6.03 -13.93
C ASP A 92 -0.48 7.10 -12.85
N ASP A 93 -0.33 8.38 -13.23
CA ASP A 93 -0.52 9.51 -12.30
C ASP A 93 -1.97 9.56 -11.81
N GLU A 94 -2.91 9.22 -12.69
CA GLU A 94 -4.33 9.19 -12.34
C GLU A 94 -4.57 8.11 -11.27
N GLU A 95 -3.88 6.98 -11.42
CA GLU A 95 -3.95 5.87 -10.48
C GLU A 95 -3.36 6.30 -9.13
N MET A 96 -2.16 6.90 -9.19
CA MET A 96 -1.46 7.40 -7.99
C MET A 96 -2.36 8.36 -7.21
N ASN A 97 -3.01 9.27 -7.93
CA ASN A 97 -3.94 10.25 -7.31
C ASN A 97 -5.11 9.51 -6.65
N THR A 98 -5.77 8.62 -7.41
CA THR A 98 -6.91 7.84 -6.91
C THR A 98 -6.54 7.09 -5.61
N TRP A 99 -5.37 6.48 -5.58
CA TRP A 99 -4.90 5.74 -4.39
C TRP A 99 -4.61 6.69 -3.22
N ILE A 100 -3.80 7.71 -3.46
CA ILE A 100 -3.43 8.71 -2.42
C ILE A 100 -4.67 9.40 -1.85
N GLN A 101 -5.62 9.78 -2.72
CA GLN A 101 -6.84 10.45 -2.30
C GLN A 101 -7.79 9.48 -1.55
N ALA A 102 -7.94 8.27 -2.07
CA ALA A 102 -8.81 7.24 -1.44
C ALA A 102 -8.29 6.89 -0.04
N ILE A 103 -6.98 6.79 0.09
CA ILE A 103 -6.33 6.46 1.37
C ILE A 103 -6.51 7.62 2.37
N SER A 104 -6.33 8.86 1.88
CA SER A 104 -6.47 10.06 2.72
C SER A 104 -7.93 10.28 3.16
N SER A 105 -8.88 9.72 2.39
CA SER A 105 -10.32 9.85 2.69
C SER A 105 -10.76 8.83 3.77
N ALA A 106 -9.84 7.99 4.25
CA ALA A 106 -10.16 6.99 5.27
C ALA A 106 -10.15 7.62 6.66
N MET A 1 -13.19 0.39 -4.62
CA MET A 1 -11.85 0.97 -4.85
C MET A 1 -10.80 -0.12 -4.62
N GLU A 2 -10.53 -0.91 -5.65
CA GLU A 2 -9.54 -2.00 -5.61
C GLU A 2 -8.65 -1.95 -6.85
N GLY A 3 -7.49 -2.62 -6.78
CA GLY A 3 -6.56 -2.66 -7.89
C GLY A 3 -5.20 -3.21 -7.47
N PHE A 4 -4.29 -3.28 -8.43
CA PHE A 4 -2.93 -3.75 -8.18
C PHE A 4 -2.03 -2.59 -7.79
N LEU A 5 -1.08 -2.87 -6.91
CA LEU A 5 -0.13 -1.87 -6.42
C LEU A 5 1.18 -2.56 -6.03
N ASN A 6 2.30 -1.91 -6.31
CA ASN A 6 3.62 -2.44 -5.92
C ASN A 6 3.86 -1.99 -4.50
N ARG A 7 4.23 -2.92 -3.61
CA ARG A 7 4.42 -2.61 -2.19
C ARG A 7 5.84 -2.92 -1.71
N LYS A 8 6.34 -2.04 -0.83
CA LYS A 8 7.67 -2.18 -0.22
C LYS A 8 7.65 -1.50 1.15
N HIS A 9 8.35 -2.07 2.13
CA HIS A 9 8.41 -1.48 3.49
C HIS A 9 9.78 -0.83 3.73
N GLU A 10 9.79 0.33 4.38
CA GLU A 10 11.03 1.06 4.66
C GLU A 10 11.21 1.33 6.16
N TRP A 11 10.12 1.63 6.85
CA TRP A 11 10.14 1.93 8.29
C TRP A 11 9.02 1.16 8.99
N GLU A 12 9.33 0.52 10.12
CA GLU A 12 8.32 -0.25 10.87
C GLU A 12 8.83 -0.61 12.28
N ALA A 13 9.64 0.25 12.87
CA ALA A 13 10.17 0.04 14.21
C ALA A 13 10.69 1.35 14.77
N HIS A 14 11.13 1.35 16.03
CA HIS A 14 11.66 2.55 16.68
C HIS A 14 13.00 2.94 16.04
N ASN A 15 12.91 3.76 14.99
CA ASN A 15 14.08 4.22 14.22
C ASN A 15 14.55 3.10 13.27
N LYS A 16 15.72 3.30 12.64
CA LYS A 16 16.30 2.34 11.69
C LYS A 16 15.44 2.20 10.42
N LYS A 17 15.91 1.43 9.46
CA LYS A 17 15.19 1.20 8.20
C LYS A 17 15.17 -0.29 7.88
N ALA A 18 14.02 -0.77 7.40
CA ALA A 18 13.83 -2.18 7.04
C ALA A 18 13.98 -2.40 5.54
N SER A 19 14.38 -3.60 5.15
CA SER A 19 14.57 -3.98 3.75
C SER A 19 14.38 -5.49 3.57
N SER A 20 13.38 -6.05 4.25
CA SER A 20 13.06 -7.48 4.18
C SER A 20 12.04 -7.73 3.06
N ARG A 21 10.93 -6.99 3.11
CA ARG A 21 9.87 -7.09 2.12
C ARG A 21 10.20 -6.21 0.91
N SER A 22 10.84 -6.82 -0.08
CA SER A 22 11.24 -6.11 -1.31
C SER A 22 10.03 -5.74 -2.17
N TRP A 23 10.27 -4.97 -3.23
CA TRP A 23 9.22 -4.52 -4.17
C TRP A 23 8.44 -5.70 -4.75
N HIS A 24 7.19 -5.87 -4.31
CA HIS A 24 6.30 -6.95 -4.78
C HIS A 24 4.94 -6.39 -5.22
N ASN A 25 4.43 -6.90 -6.35
CA ASN A 25 3.13 -6.48 -6.89
C ASN A 25 2.03 -7.21 -6.12
N VAL A 26 1.23 -6.44 -5.38
CA VAL A 26 0.15 -6.99 -4.57
C VAL A 26 -1.18 -6.33 -4.91
N TYR A 27 -2.28 -6.99 -4.56
CA TYR A 27 -3.63 -6.48 -4.81
C TYR A 27 -4.14 -5.81 -3.54
N CYS A 28 -4.53 -4.53 -3.66
CA CYS A 28 -5.02 -3.76 -2.52
C CYS A 28 -6.51 -3.45 -2.65
N VAL A 29 -7.20 -3.52 -1.51
CA VAL A 29 -8.64 -3.25 -1.41
C VAL A 29 -8.88 -2.27 -0.27
N ILE A 30 -9.47 -1.10 -0.57
CA ILE A 30 -9.74 -0.08 0.45
C ILE A 30 -11.14 -0.28 1.07
N ASN A 31 -11.22 -0.08 2.38
CA ASN A 31 -12.47 -0.20 3.14
C ASN A 31 -12.57 0.96 4.13
N ASN A 32 -13.67 1.03 4.86
CA ASN A 32 -13.90 2.11 5.85
C ASN A 32 -12.81 2.11 6.93
N GLN A 33 -11.86 3.05 6.81
CA GLN A 33 -10.74 3.21 7.75
C GLN A 33 -9.90 1.92 7.86
N GLU A 34 -9.93 1.09 6.79
CA GLU A 34 -9.18 -0.17 6.76
C GLU A 34 -8.87 -0.55 5.31
N MET A 35 -8.04 -1.60 5.15
CA MET A 35 -7.66 -2.09 3.83
C MET A 35 -7.21 -3.54 3.95
N GLY A 36 -7.29 -4.27 2.85
CA GLY A 36 -6.88 -5.68 2.82
C GLY A 36 -5.93 -5.95 1.65
N PHE A 37 -4.93 -6.79 1.90
CA PHE A 37 -3.92 -7.15 0.90
C PHE A 37 -4.19 -8.56 0.38
N TYR A 38 -4.27 -8.70 -0.94
CA TYR A 38 -4.54 -9.99 -1.58
C TYR A 38 -3.55 -10.23 -2.73
N LYS A 39 -3.62 -11.43 -3.32
CA LYS A 39 -2.75 -11.80 -4.43
C LYS A 39 -3.26 -11.19 -5.74
N ASP A 40 -4.58 -11.20 -5.93
CA ASP A 40 -5.22 -10.65 -7.14
C ASP A 40 -6.70 -10.35 -6.88
N ALA A 41 -7.45 -10.08 -7.96
CA ALA A 41 -8.89 -9.78 -7.87
C ALA A 41 -9.68 -11.02 -7.42
N LYS A 42 -9.27 -12.20 -7.87
CA LYS A 42 -9.94 -13.46 -7.49
C LYS A 42 -9.74 -13.72 -6.00
N SER A 43 -8.51 -13.49 -5.52
CA SER A 43 -8.17 -13.68 -4.11
C SER A 43 -8.96 -12.71 -3.22
N ALA A 44 -9.20 -11.50 -3.73
CA ALA A 44 -9.96 -10.47 -3.01
C ALA A 44 -11.46 -10.79 -3.04
N ALA A 45 -11.94 -11.26 -4.20
CA ALA A 45 -13.36 -11.62 -4.38
C ALA A 45 -13.74 -12.81 -3.50
N SER A 46 -12.95 -13.88 -3.58
CA SER A 46 -13.21 -15.10 -2.80
C SER A 46 -12.90 -14.88 -1.30
N GLY A 47 -11.95 -13.98 -1.01
CA GLY A 47 -11.56 -13.66 0.37
C GLY A 47 -10.53 -14.66 0.88
N ILE A 48 -9.43 -14.80 0.13
CA ILE A 48 -8.35 -15.73 0.49
C ILE A 48 -7.28 -14.97 1.31
N PRO A 49 -6.90 -15.49 2.49
CA PRO A 49 -5.89 -14.85 3.35
C PRO A 49 -4.47 -14.93 2.78
N TYR A 50 -4.00 -13.81 2.21
CA TYR A 50 -2.65 -13.73 1.63
C TYR A 50 -1.65 -13.30 2.70
N HIS A 51 -0.72 -14.19 3.03
CA HIS A 51 0.32 -13.95 4.06
C HIS A 51 -0.32 -13.82 5.46
N SER A 52 0.48 -13.43 6.44
CA SER A 52 0.00 -13.28 7.82
C SER A 52 -0.77 -11.97 7.99
N GLU A 53 -0.17 -10.86 7.54
CA GLU A 53 -0.78 -9.53 7.66
C GLU A 53 -1.68 -9.23 6.45
N VAL A 54 -2.86 -9.83 6.42
CA VAL A 54 -3.81 -9.61 5.32
C VAL A 54 -4.56 -8.29 5.52
N PRO A 55 -5.17 -8.07 6.72
CA PRO A 55 -5.92 -6.84 7.02
C PRO A 55 -5.04 -5.82 7.77
N VAL A 56 -5.26 -4.54 7.50
CA VAL A 56 -4.51 -3.48 8.17
C VAL A 56 -5.43 -2.29 8.44
N SER A 57 -5.15 -1.58 9.53
CA SER A 57 -5.94 -0.42 9.94
C SER A 57 -5.47 0.84 9.22
N LEU A 58 -6.35 1.39 8.39
CA LEU A 58 -6.06 2.61 7.63
C LEU A 58 -6.67 3.80 8.38
N LYS A 59 -6.32 3.91 9.66
CA LYS A 59 -6.80 4.97 10.54
C LYS A 59 -5.65 5.94 10.79
N GLU A 60 -5.88 7.23 10.51
CA GLU A 60 -4.86 8.28 10.69
C GLU A 60 -3.65 8.01 9.77
N ALA A 61 -3.92 7.51 8.57
CA ALA A 61 -2.88 7.19 7.59
C ALA A 61 -2.36 8.45 6.90
N ILE A 62 -1.07 8.72 7.06
CA ILE A 62 -0.41 9.88 6.45
C ILE A 62 0.20 9.45 5.11
N CYS A 63 -0.06 10.24 4.07
CA CYS A 63 0.45 9.93 2.72
C CYS A 63 1.48 10.99 2.27
N GLU A 64 2.33 10.61 1.32
CA GLU A 64 3.37 11.49 0.77
C GLU A 64 3.69 11.06 -0.67
N VAL A 65 4.18 11.97 -1.49
CA VAL A 65 4.52 11.66 -2.89
C VAL A 65 6.02 11.35 -3.05
N ALA A 66 6.32 10.44 -3.99
CA ALA A 66 7.69 10.02 -4.29
C ALA A 66 7.82 9.77 -5.80
N LEU A 67 8.07 10.84 -6.56
CA LEU A 67 8.18 10.74 -8.02
C LEU A 67 9.56 10.24 -8.47
N ASP A 68 10.59 10.43 -7.63
CA ASP A 68 11.96 10.01 -7.96
C ASP A 68 12.53 9.18 -6.80
N TYR A 69 12.14 7.92 -6.72
CA TYR A 69 12.61 7.02 -5.66
C TYR A 69 13.50 5.91 -6.25
N LYS A 70 14.76 6.26 -6.55
CA LYS A 70 15.75 5.33 -7.10
C LYS A 70 15.30 4.74 -8.45
N LYS A 71 14.98 5.62 -9.39
CA LYS A 71 14.54 5.26 -10.74
C LYS A 71 13.32 4.32 -10.73
N LYS A 72 12.15 4.91 -10.54
CA LYS A 72 10.88 4.17 -10.51
C LYS A 72 9.78 5.04 -11.13
N LYS A 73 8.54 4.56 -11.11
CA LYS A 73 7.41 5.29 -11.68
C LYS A 73 6.82 6.26 -10.64
N HIS A 74 5.50 6.36 -10.60
CA HIS A 74 4.81 7.23 -9.65
C HIS A 74 4.62 6.50 -8.32
N VAL A 75 5.52 6.75 -7.37
CA VAL A 75 5.48 6.12 -6.05
C VAL A 75 4.97 7.12 -5.01
N PHE A 76 4.42 6.60 -3.92
CA PHE A 76 3.90 7.44 -2.84
C PHE A 76 4.04 6.70 -1.51
N LYS A 77 4.33 7.44 -0.45
CA LYS A 77 4.51 6.88 0.90
C LYS A 77 3.17 6.78 1.60
N LEU A 78 3.09 5.86 2.55
CA LEU A 78 1.89 5.65 3.34
C LEU A 78 2.31 5.22 4.75
N ARG A 79 2.23 6.16 5.70
CA ARG A 79 2.61 5.89 7.09
C ARG A 79 1.34 5.68 7.91
N LEU A 80 1.23 4.52 8.55
CA LEU A 80 0.07 4.18 9.38
C LEU A 80 0.06 5.04 10.66
N SER A 81 -0.98 4.90 11.46
CA SER A 81 -1.16 5.64 12.70
C SER A 81 0.12 5.66 13.56
N ASP A 82 0.71 4.48 13.78
CA ASP A 82 1.94 4.34 14.57
C ASP A 82 2.36 2.86 14.59
N GLY A 83 2.93 2.36 13.50
CA GLY A 83 3.35 0.97 13.45
C GLY A 83 4.29 0.68 12.29
N ASN A 84 3.77 0.81 11.06
CA ASN A 84 4.55 0.54 9.85
C ASN A 84 4.32 1.63 8.81
N GLU A 85 5.27 1.73 7.89
CA GLU A 85 5.23 2.67 6.76
C GLU A 85 5.48 1.85 5.50
N TYR A 86 4.74 2.11 4.44
CA TYR A 86 4.88 1.35 3.19
C TYR A 86 4.95 2.28 1.97
N LEU A 87 5.76 1.87 1.00
CA LEU A 87 5.91 2.60 -0.26
C LEU A 87 5.03 1.92 -1.29
N PHE A 88 4.15 2.69 -1.92
CA PHE A 88 3.23 2.16 -2.92
C PHE A 88 3.46 2.83 -4.26
N GLN A 89 3.57 2.02 -5.32
CA GLN A 89 3.78 2.52 -6.68
C GLN A 89 2.57 2.18 -7.54
N ALA A 90 2.06 3.19 -8.25
CA ALA A 90 0.91 3.02 -9.15
C ALA A 90 1.40 2.85 -10.59
N LYS A 91 0.52 2.35 -11.45
CA LYS A 91 0.86 2.12 -12.86
C LYS A 91 0.75 3.43 -13.66
N ASP A 92 -0.31 4.20 -13.43
CA ASP A 92 -0.54 5.47 -14.14
C ASP A 92 -0.55 6.66 -13.17
N ASP A 93 -0.33 7.85 -13.72
CA ASP A 93 -0.32 9.12 -12.96
C ASP A 93 -1.69 9.38 -12.33
N GLU A 94 -2.75 9.20 -13.13
CA GLU A 94 -4.13 9.40 -12.66
C GLU A 94 -4.49 8.41 -11.56
N GLU A 95 -3.92 7.20 -11.66
CA GLU A 95 -4.14 6.15 -10.67
C GLU A 95 -3.47 6.53 -9.34
N MET A 96 -2.21 7.00 -9.43
CA MET A 96 -1.45 7.43 -8.25
C MET A 96 -2.21 8.50 -7.47
N ASN A 97 -2.75 9.48 -8.20
CA ASN A 97 -3.52 10.58 -7.61
C ASN A 97 -4.80 10.04 -6.95
N THR A 98 -5.47 9.10 -7.63
CA THR A 98 -6.70 8.47 -7.12
C THR A 98 -6.43 7.70 -5.81
N TRP A 99 -5.32 6.96 -5.77
CA TRP A 99 -4.93 6.17 -4.59
C TRP A 99 -4.66 7.09 -3.39
N ILE A 100 -3.81 8.10 -3.59
CA ILE A 100 -3.46 9.07 -2.53
C ILE A 100 -4.73 9.79 -2.03
N GLN A 101 -5.60 10.19 -2.97
CA GLN A 101 -6.85 10.88 -2.63
C GLN A 101 -7.79 9.95 -1.84
N ALA A 102 -7.90 8.70 -2.29
CA ALA A 102 -8.76 7.70 -1.64
C ALA A 102 -8.29 7.43 -0.21
N ILE A 103 -6.98 7.32 -0.03
CA ILE A 103 -6.36 7.06 1.28
C ILE A 103 -6.56 8.28 2.19
N SER A 104 -6.33 9.48 1.65
CA SER A 104 -6.48 10.73 2.41
C SER A 104 -7.95 10.98 2.81
N SER A 105 -8.88 10.39 2.06
CA SER A 105 -10.32 10.53 2.32
C SER A 105 -10.84 9.39 3.22
N ALA A 106 -9.94 8.67 3.89
CA ALA A 106 -10.33 7.57 4.77
C ALA A 106 -10.93 8.12 6.07
N MET A 1 -10.66 2.23 -5.27
CA MET A 1 -11.35 1.10 -4.59
C MET A 1 -10.43 -0.13 -4.58
N GLU A 2 -10.25 -0.77 -5.74
CA GLU A 2 -9.39 -1.95 -5.87
C GLU A 2 -8.40 -1.76 -7.03
N GLY A 3 -7.25 -2.42 -6.94
CA GLY A 3 -6.24 -2.34 -7.99
C GLY A 3 -4.93 -2.97 -7.56
N PHE A 4 -4.02 -3.14 -8.52
CA PHE A 4 -2.70 -3.71 -8.26
C PHE A 4 -1.73 -2.59 -7.92
N LEU A 5 -0.86 -2.84 -6.97
CA LEU A 5 0.12 -1.85 -6.52
C LEU A 5 1.43 -2.54 -6.16
N ASN A 6 2.53 -1.83 -6.39
CA ASN A 6 3.87 -2.32 -6.04
C ASN A 6 4.08 -1.94 -4.57
N ARG A 7 4.26 -2.92 -3.69
CA ARG A 7 4.41 -2.65 -2.26
C ARG A 7 5.82 -2.96 -1.76
N LYS A 8 6.43 -1.95 -1.13
CA LYS A 8 7.77 -2.07 -0.55
C LYS A 8 7.74 -1.46 0.84
N HIS A 9 8.02 -2.28 1.85
CA HIS A 9 8.04 -1.87 3.24
C HIS A 9 9.32 -1.11 3.57
N GLU A 10 9.18 0.05 4.20
CA GLU A 10 10.32 0.88 4.60
C GLU A 10 10.65 0.63 6.07
N TRP A 11 9.62 0.67 6.91
CA TRP A 11 9.77 0.47 8.35
C TRP A 11 8.51 -0.23 8.88
N GLU A 12 8.70 -1.38 9.50
CA GLU A 12 7.60 -2.19 10.07
C GLU A 12 7.89 -2.53 11.53
N ALA A 13 9.16 -2.74 11.84
CA ALA A 13 9.60 -3.07 13.20
C ALA A 13 9.73 -1.79 14.03
N HIS A 14 10.71 -1.74 14.94
CA HIS A 14 10.95 -0.57 15.78
C HIS A 14 12.31 0.04 15.44
N ASN A 15 13.36 -0.74 15.68
CA ASN A 15 14.74 -0.32 15.42
C ASN A 15 15.33 -1.18 14.30
N LYS A 16 14.77 -1.03 13.09
CA LYS A 16 15.22 -1.79 11.92
C LYS A 16 14.44 -1.32 10.69
N LYS A 17 15.11 -1.33 9.53
CA LYS A 17 14.49 -0.95 8.26
C LYS A 17 14.03 -2.23 7.56
N ALA A 18 12.76 -2.29 7.20
CA ALA A 18 12.17 -3.47 6.57
C ALA A 18 12.83 -3.78 5.21
N SER A 19 13.32 -5.01 5.08
CA SER A 19 13.99 -5.46 3.85
C SER A 19 13.92 -6.99 3.74
N SER A 20 12.73 -7.54 3.97
CA SER A 20 12.50 -9.00 3.90
C SER A 20 11.66 -9.35 2.65
N ARG A 21 11.72 -8.49 1.64
CA ARG A 21 10.98 -8.67 0.38
C ARG A 21 11.42 -7.60 -0.62
N SER A 22 11.13 -6.35 -0.27
CA SER A 22 11.51 -5.16 -1.07
C SER A 22 10.90 -5.18 -2.49
N TRP A 23 9.84 -4.36 -2.65
CA TRP A 23 9.13 -4.20 -3.95
C TRP A 23 8.53 -5.51 -4.46
N HIS A 24 7.24 -5.70 -4.20
CA HIS A 24 6.51 -6.89 -4.63
C HIS A 24 5.11 -6.46 -5.11
N ASN A 25 4.70 -6.98 -6.26
CA ASN A 25 3.38 -6.69 -6.85
C ASN A 25 2.28 -7.34 -6.00
N VAL A 26 1.42 -6.51 -5.41
CA VAL A 26 0.34 -6.99 -4.54
C VAL A 26 -0.98 -6.30 -4.90
N TYR A 27 -2.09 -6.92 -4.52
CA TYR A 27 -3.43 -6.38 -4.77
C TYR A 27 -3.99 -5.78 -3.48
N CYS A 28 -4.39 -4.53 -3.53
CA CYS A 28 -4.94 -3.84 -2.36
C CYS A 28 -6.42 -3.48 -2.60
N VAL A 29 -7.23 -3.62 -1.54
CA VAL A 29 -8.67 -3.34 -1.61
C VAL A 29 -9.09 -2.58 -0.35
N ILE A 30 -9.58 -1.35 -0.53
CA ILE A 30 -10.05 -0.52 0.58
C ILE A 30 -11.53 -0.85 0.84
N ASN A 31 -11.84 -1.30 2.05
CA ASN A 31 -13.20 -1.67 2.43
C ASN A 31 -13.55 -1.13 3.81
N ASN A 32 -14.10 0.08 3.82
CA ASN A 32 -14.53 0.77 5.05
C ASN A 32 -13.35 1.04 6.01
N GLN A 33 -12.57 2.09 5.71
CA GLN A 33 -11.40 2.50 6.53
C GLN A 33 -10.23 1.49 6.51
N GLU A 34 -10.55 0.19 6.37
CA GLU A 34 -9.53 -0.86 6.38
C GLU A 34 -9.20 -1.30 4.96
N MET A 35 -7.92 -1.56 4.71
CA MET A 35 -7.45 -2.02 3.40
C MET A 35 -6.96 -3.45 3.54
N GLY A 36 -7.36 -4.31 2.59
CA GLY A 36 -6.99 -5.72 2.60
C GLY A 36 -5.96 -6.03 1.53
N PHE A 37 -4.82 -6.60 1.96
CA PHE A 37 -3.74 -6.97 1.04
C PHE A 37 -3.93 -8.42 0.57
N TYR A 38 -4.36 -8.57 -0.68
CA TYR A 38 -4.61 -9.89 -1.28
C TYR A 38 -3.67 -10.14 -2.47
N LYS A 39 -3.92 -11.24 -3.19
CA LYS A 39 -3.12 -11.64 -4.35
C LYS A 39 -3.64 -10.98 -5.63
N ASP A 40 -4.98 -10.92 -5.76
CA ASP A 40 -5.65 -10.32 -6.92
C ASP A 40 -7.12 -10.06 -6.60
N ALA A 41 -7.89 -9.65 -7.61
CA ALA A 41 -9.33 -9.37 -7.44
C ALA A 41 -10.10 -10.62 -6.99
N LYS A 42 -9.74 -11.77 -7.56
CA LYS A 42 -10.38 -13.06 -7.20
C LYS A 42 -10.10 -13.40 -5.73
N SER A 43 -8.84 -13.23 -5.32
CA SER A 43 -8.42 -13.50 -3.94
C SER A 43 -9.09 -12.54 -2.95
N ALA A 44 -9.33 -11.30 -3.40
CA ALA A 44 -9.98 -10.27 -2.57
C ALA A 44 -11.46 -10.59 -2.37
N ALA A 45 -12.12 -11.01 -3.46
CA ALA A 45 -13.54 -11.36 -3.43
C ALA A 45 -13.77 -12.65 -2.61
N SER A 46 -12.86 -13.60 -2.74
CA SER A 46 -12.95 -14.89 -2.03
C SER A 46 -12.49 -14.75 -0.57
N GLY A 47 -11.47 -13.90 -0.33
CA GLY A 47 -10.93 -13.67 1.01
C GLY A 47 -9.74 -14.59 1.29
N ILE A 48 -8.75 -14.54 0.39
CA ILE A 48 -7.53 -15.35 0.50
C ILE A 48 -6.35 -14.44 0.86
N PRO A 49 -5.74 -14.63 2.06
CA PRO A 49 -4.60 -13.81 2.52
C PRO A 49 -3.32 -14.11 1.74
N TYR A 50 -2.63 -13.06 1.31
CA TYR A 50 -1.38 -13.19 0.52
C TYR A 50 -0.17 -12.60 1.28
N HIS A 51 -0.29 -12.41 2.59
CA HIS A 51 0.82 -11.86 3.39
C HIS A 51 0.55 -12.13 4.87
N SER A 52 1.51 -11.73 5.72
CA SER A 52 1.38 -11.89 7.18
C SER A 52 0.24 -10.98 7.66
N GLU A 53 0.28 -9.74 7.18
CA GLU A 53 -0.74 -8.75 7.47
C GLU A 53 -1.67 -8.66 6.25
N VAL A 54 -2.96 -8.44 6.49
CA VAL A 54 -3.92 -8.32 5.39
C VAL A 54 -4.91 -7.20 5.71
N PRO A 55 -5.86 -7.36 6.67
CA PRO A 55 -6.81 -6.28 7.03
C PRO A 55 -6.11 -5.18 7.84
N VAL A 56 -5.55 -4.18 7.15
CA VAL A 56 -4.84 -3.08 7.79
C VAL A 56 -5.74 -1.84 7.86
N SER A 57 -5.85 -1.27 9.06
CA SER A 57 -6.66 -0.09 9.31
C SER A 57 -5.92 1.20 8.92
N LEU A 58 -6.50 1.99 8.02
CA LEU A 58 -5.89 3.25 7.57
C LEU A 58 -6.29 4.38 8.52
N LYS A 59 -6.11 4.16 9.82
CA LYS A 59 -6.45 5.15 10.83
C LYS A 59 -5.35 6.20 10.91
N GLU A 60 -5.66 7.43 10.46
CA GLU A 60 -4.70 8.54 10.44
C GLU A 60 -3.49 8.18 9.56
N ALA A 61 -3.78 7.55 8.41
CA ALA A 61 -2.75 7.14 7.47
C ALA A 61 -2.23 8.33 6.68
N ILE A 62 -0.98 8.72 6.94
CA ILE A 62 -0.35 9.84 6.25
C ILE A 62 0.18 9.34 4.90
N CYS A 63 -0.11 10.09 3.84
CA CYS A 63 0.31 9.72 2.49
C CYS A 63 1.13 10.86 1.87
N GLU A 64 2.41 10.57 1.61
CA GLU A 64 3.32 11.55 1.01
C GLU A 64 3.61 11.15 -0.44
N VAL A 65 3.89 12.12 -1.29
CA VAL A 65 4.19 11.86 -2.70
C VAL A 65 5.69 11.63 -2.90
N ALA A 66 6.03 10.67 -3.76
CA ALA A 66 7.41 10.34 -4.11
C ALA A 66 7.52 10.23 -5.63
N LEU A 67 7.51 11.39 -6.29
CA LEU A 67 7.59 11.48 -7.75
C LEU A 67 8.98 11.12 -8.29
N ASP A 68 9.99 11.14 -7.42
CA ASP A 68 11.36 10.82 -7.81
C ASP A 68 11.99 9.88 -6.77
N TYR A 69 11.65 8.59 -6.85
CA TYR A 69 12.18 7.59 -5.93
C TYR A 69 13.12 6.62 -6.66
N LYS A 70 14.29 7.14 -7.03
CA LYS A 70 15.34 6.38 -7.73
C LYS A 70 14.84 5.75 -9.05
N LYS A 71 14.77 4.41 -9.08
CA LYS A 71 14.35 3.66 -10.27
C LYS A 71 12.83 3.64 -10.46
N LYS A 72 12.07 4.11 -9.46
CA LYS A 72 10.61 4.14 -9.55
C LYS A 72 10.14 5.50 -10.06
N LYS A 73 9.13 5.49 -10.92
CA LYS A 73 8.61 6.72 -11.54
C LYS A 73 7.59 7.43 -10.65
N HIS A 74 6.48 6.77 -10.35
CA HIS A 74 5.41 7.37 -9.53
C HIS A 74 5.13 6.50 -8.30
N VAL A 75 5.60 6.96 -7.15
CA VAL A 75 5.44 6.27 -5.87
C VAL A 75 4.86 7.23 -4.82
N PHE A 76 4.28 6.66 -3.77
CA PHE A 76 3.74 7.44 -2.66
C PHE A 76 4.04 6.70 -1.36
N LYS A 77 4.44 7.45 -0.34
CA LYS A 77 4.82 6.90 0.95
C LYS A 77 3.64 6.90 1.92
N LEU A 78 3.16 5.71 2.22
CA LEU A 78 2.06 5.51 3.15
C LEU A 78 2.63 5.24 4.55
N ARG A 79 2.36 6.15 5.48
CA ARG A 79 2.84 6.03 6.86
C ARG A 79 1.65 5.84 7.80
N LEU A 80 1.53 4.63 8.35
CA LEU A 80 0.47 4.29 9.28
C LEU A 80 0.96 4.44 10.71
N SER A 81 0.22 5.21 11.52
CA SER A 81 0.56 5.44 12.93
C SER A 81 0.61 4.13 13.72
N ASP A 82 -0.12 3.12 13.23
CA ASP A 82 -0.18 1.78 13.86
C ASP A 82 1.24 1.20 14.03
N GLY A 83 2.14 1.57 13.10
CA GLY A 83 3.54 1.11 13.13
C GLY A 83 3.90 0.40 11.82
N ASN A 84 3.66 1.08 10.68
CA ASN A 84 3.96 0.50 9.36
C ASN A 84 4.15 1.60 8.32
N GLU A 85 5.22 1.48 7.53
CA GLU A 85 5.54 2.44 6.47
C GLU A 85 5.70 1.68 5.15
N TYR A 86 4.84 1.96 4.18
CA TYR A 86 4.86 1.28 2.87
C TYR A 86 5.03 2.27 1.71
N LEU A 87 5.84 1.88 0.73
CA LEU A 87 6.05 2.68 -0.49
C LEU A 87 5.21 2.02 -1.59
N PHE A 88 4.23 2.73 -2.11
CA PHE A 88 3.34 2.18 -3.13
C PHE A 88 3.57 2.82 -4.50
N GLN A 89 3.83 1.97 -5.51
CA GLN A 89 4.06 2.45 -6.89
C GLN A 89 2.82 2.17 -7.74
N ALA A 90 2.38 3.20 -8.48
CA ALA A 90 1.22 3.10 -9.36
C ALA A 90 1.66 2.87 -10.81
N LYS A 91 0.74 2.37 -11.63
CA LYS A 91 1.01 2.09 -13.04
C LYS A 91 0.70 3.30 -13.92
N ASP A 92 -0.35 4.04 -13.55
CA ASP A 92 -0.77 5.24 -14.28
C ASP A 92 -0.61 6.49 -13.40
N ASP A 93 -0.37 7.62 -14.04
CA ASP A 93 -0.21 8.92 -13.36
C ASP A 93 -1.47 9.28 -12.57
N GLU A 94 -2.64 9.04 -13.16
CA GLU A 94 -3.92 9.34 -12.52
C GLU A 94 -4.18 8.36 -11.37
N GLU A 95 -3.91 7.07 -11.62
CA GLU A 95 -4.07 6.00 -10.64
C GLU A 95 -3.39 6.34 -9.31
N MET A 96 -2.18 6.92 -9.41
CA MET A 96 -1.40 7.34 -8.21
C MET A 96 -2.20 8.36 -7.39
N ASN A 97 -2.83 9.32 -8.08
CA ASN A 97 -3.62 10.36 -7.43
C ASN A 97 -4.89 9.76 -6.78
N THR A 98 -5.52 8.81 -7.47
CA THR A 98 -6.74 8.14 -6.97
C THR A 98 -6.47 7.41 -5.65
N TRP A 99 -5.35 6.68 -5.59
CA TRP A 99 -4.97 5.92 -4.38
C TRP A 99 -4.72 6.87 -3.20
N ILE A 100 -3.90 7.92 -3.42
CA ILE A 100 -3.58 8.89 -2.37
C ILE A 100 -4.87 9.56 -1.84
N GLN A 101 -5.79 9.87 -2.76
CA GLN A 101 -7.08 10.50 -2.40
C GLN A 101 -7.94 9.54 -1.55
N ALA A 102 -8.07 8.30 -2.02
CA ALA A 102 -8.88 7.28 -1.32
C ALA A 102 -8.32 6.97 0.08
N ILE A 103 -7.00 6.91 0.18
CA ILE A 103 -6.31 6.63 1.45
C ILE A 103 -6.50 7.80 2.43
N SER A 104 -6.36 9.03 1.93
CA SER A 104 -6.53 10.23 2.78
C SER A 104 -7.98 10.37 3.26
N SER A 105 -8.93 9.88 2.44
CA SER A 105 -10.36 9.94 2.78
C SER A 105 -10.81 8.70 3.58
N ALA A 106 -9.84 7.89 4.03
CA ALA A 106 -10.15 6.69 4.81
C ALA A 106 -10.52 7.06 6.25
N MET A 1 -10.63 2.15 -5.95
CA MET A 1 -10.30 1.77 -4.55
C MET A 1 -9.83 0.30 -4.46
N GLU A 2 -10.02 -0.46 -5.55
CA GLU A 2 -9.62 -1.87 -5.60
C GLU A 2 -8.80 -2.12 -6.87
N GLY A 3 -7.58 -2.63 -6.71
CA GLY A 3 -6.72 -2.91 -7.87
C GLY A 3 -5.32 -3.30 -7.44
N PHE A 4 -4.47 -3.59 -8.43
CA PHE A 4 -3.07 -3.98 -8.19
C PHE A 4 -2.23 -2.77 -7.77
N LEU A 5 -1.25 -3.02 -6.94
CA LEU A 5 -0.35 -1.98 -6.45
C LEU A 5 1.01 -2.59 -6.11
N ASN A 6 2.06 -1.82 -6.31
CA ASN A 6 3.42 -2.25 -5.98
C ASN A 6 3.64 -1.92 -4.51
N ARG A 7 4.15 -2.88 -3.73
CA ARG A 7 4.35 -2.68 -2.29
C ARG A 7 5.78 -3.01 -1.86
N LYS A 8 6.35 -2.09 -1.08
CA LYS A 8 7.70 -2.22 -0.53
C LYS A 8 7.67 -1.72 0.91
N HIS A 9 7.96 -2.61 1.86
CA HIS A 9 7.95 -2.26 3.29
C HIS A 9 9.28 -1.66 3.75
N GLU A 10 9.20 -0.54 4.47
CA GLU A 10 10.37 0.17 5.00
C GLU A 10 10.53 -0.14 6.50
N TRP A 11 9.41 -0.27 7.20
CA TRP A 11 9.39 -0.56 8.64
C TRP A 11 8.01 -1.12 9.02
N GLU A 12 8.00 -2.03 10.00
CA GLU A 12 6.75 -2.62 10.49
C GLU A 12 6.96 -3.42 11.77
N ALA A 13 8.17 -3.90 12.02
CA ALA A 13 8.45 -4.69 13.22
C ALA A 13 9.96 -4.81 13.47
N HIS A 14 10.37 -4.48 14.71
CA HIS A 14 11.77 -4.56 15.18
C HIS A 14 12.69 -3.54 14.49
N ASN A 15 13.66 -3.03 15.25
CA ASN A 15 14.65 -2.05 14.77
C ASN A 15 13.98 -0.76 14.27
N LYS A 16 14.66 -0.03 13.39
CA LYS A 16 14.14 1.23 12.82
C LYS A 16 13.59 0.96 11.42
N LYS A 17 14.11 -0.08 10.76
CA LYS A 17 13.67 -0.46 9.42
C LYS A 17 13.56 -1.99 9.34
N ALA A 18 12.73 -2.45 8.41
CA ALA A 18 12.50 -3.90 8.22
C ALA A 18 13.38 -4.45 7.10
N SER A 19 13.46 -5.78 7.03
CA SER A 19 14.23 -6.47 5.99
C SER A 19 13.41 -6.43 4.71
N SER A 20 13.69 -5.43 3.89
CA SER A 20 12.96 -5.20 2.64
C SER A 20 13.00 -6.40 1.69
N ARG A 21 11.83 -6.98 1.45
CA ARG A 21 11.66 -8.12 0.54
C ARG A 21 11.43 -7.61 -0.89
N SER A 22 12.00 -6.43 -1.17
CA SER A 22 11.92 -5.76 -2.46
C SER A 22 10.49 -5.35 -2.82
N TRP A 23 10.27 -5.00 -4.07
CA TRP A 23 8.97 -4.56 -4.58
C TRP A 23 8.11 -5.75 -4.95
N HIS A 24 7.01 -5.96 -4.21
CA HIS A 24 6.09 -7.06 -4.42
C HIS A 24 4.77 -6.53 -5.01
N ASN A 25 4.35 -7.13 -6.13
CA ASN A 25 3.11 -6.76 -6.82
C ASN A 25 1.93 -7.42 -6.08
N VAL A 26 1.22 -6.63 -5.29
CA VAL A 26 0.08 -7.12 -4.49
C VAL A 26 -1.22 -6.42 -4.91
N TYR A 27 -2.35 -7.00 -4.50
CA TYR A 27 -3.67 -6.46 -4.79
C TYR A 27 -4.24 -5.79 -3.54
N CYS A 28 -4.58 -4.50 -3.63
CA CYS A 28 -5.10 -3.75 -2.49
C CYS A 28 -6.59 -3.44 -2.66
N VAL A 29 -7.34 -3.56 -1.57
CA VAL A 29 -8.78 -3.29 -1.55
C VAL A 29 -9.13 -2.42 -0.34
N ILE A 30 -9.50 -1.17 -0.59
CA ILE A 30 -9.85 -0.22 0.48
C ILE A 30 -11.34 -0.32 0.82
N ASN A 31 -11.65 -0.42 2.11
CA ASN A 31 -13.03 -0.52 2.60
C ASN A 31 -13.18 0.35 3.85
N ASN A 32 -14.02 1.39 3.76
CA ASN A 32 -14.29 2.33 4.85
C ASN A 32 -12.99 3.00 5.32
N GLN A 33 -12.41 2.52 6.42
CA GLN A 33 -11.16 3.06 6.97
C GLN A 33 -10.12 1.94 7.16
N GLU A 34 -10.28 0.85 6.39
CA GLU A 34 -9.37 -0.30 6.44
C GLU A 34 -9.01 -0.75 5.02
N MET A 35 -7.83 -1.32 4.85
CA MET A 35 -7.38 -1.82 3.55
C MET A 35 -6.96 -3.28 3.69
N GLY A 36 -7.36 -4.09 2.71
CA GLY A 36 -7.05 -5.52 2.70
C GLY A 36 -6.03 -5.84 1.60
N PHE A 37 -5.05 -6.68 1.93
CA PHE A 37 -4.00 -7.08 0.98
C PHE A 37 -4.28 -8.50 0.48
N TYR A 38 -4.40 -8.63 -0.84
CA TYR A 38 -4.66 -9.92 -1.49
C TYR A 38 -3.66 -10.13 -2.64
N LYS A 39 -3.60 -11.36 -3.17
CA LYS A 39 -2.68 -11.68 -4.26
C LYS A 39 -3.19 -11.17 -5.62
N ASP A 40 -4.51 -11.18 -5.82
CA ASP A 40 -5.12 -10.71 -7.07
C ASP A 40 -6.62 -10.46 -6.88
N ALA A 41 -7.32 -10.20 -7.99
CA ALA A 41 -8.77 -9.94 -7.98
C ALA A 41 -9.55 -11.16 -7.48
N LYS A 42 -9.09 -12.36 -7.85
CA LYS A 42 -9.74 -13.60 -7.44
C LYS A 42 -9.57 -13.81 -5.92
N SER A 43 -8.36 -13.54 -5.43
CA SER A 43 -8.05 -13.65 -4.00
C SER A 43 -8.88 -12.63 -3.19
N ALA A 44 -9.07 -11.43 -3.77
CA ALA A 44 -9.83 -10.36 -3.14
C ALA A 44 -11.35 -10.65 -3.17
N ALA A 45 -11.84 -11.19 -4.29
CA ALA A 45 -13.26 -11.51 -4.47
C ALA A 45 -13.66 -12.69 -3.57
N SER A 46 -12.97 -13.82 -3.72
CA SER A 46 -13.26 -15.03 -2.93
C SER A 46 -12.96 -14.79 -1.44
N GLY A 47 -11.96 -13.95 -1.15
CA GLY A 47 -11.58 -13.62 0.22
C GLY A 47 -10.56 -14.61 0.76
N ILE A 48 -9.37 -14.63 0.17
CA ILE A 48 -8.29 -15.53 0.57
C ILE A 48 -7.30 -14.75 1.45
N PRO A 49 -6.95 -15.27 2.65
CA PRO A 49 -6.02 -14.60 3.57
C PRO A 49 -4.56 -14.66 3.07
N TYR A 50 -4.14 -13.60 2.40
CA TYR A 50 -2.77 -13.51 1.86
C TYR A 50 -1.84 -12.86 2.88
N HIS A 51 -0.79 -13.60 3.26
CA HIS A 51 0.22 -13.15 4.23
C HIS A 51 -0.34 -13.21 5.67
N SER A 52 0.52 -12.86 6.63
CA SER A 52 0.17 -12.88 8.06
C SER A 52 -0.84 -11.77 8.37
N GLU A 53 -0.55 -10.57 7.87
CA GLU A 53 -1.39 -9.39 8.08
C GLU A 53 -2.18 -9.07 6.81
N VAL A 54 -3.42 -9.54 6.73
CA VAL A 54 -4.28 -9.30 5.57
C VAL A 54 -5.02 -7.96 5.72
N PRO A 55 -5.69 -7.71 6.88
CA PRO A 55 -6.43 -6.47 7.12
C PRO A 55 -5.58 -5.44 7.89
N VAL A 56 -5.50 -4.22 7.35
CA VAL A 56 -4.74 -3.14 7.99
C VAL A 56 -5.63 -1.89 8.06
N SER A 57 -5.76 -1.32 9.24
CA SER A 57 -6.58 -0.14 9.47
C SER A 57 -5.82 1.15 9.10
N LEU A 58 -6.49 2.04 8.37
CA LEU A 58 -5.91 3.32 7.96
C LEU A 58 -6.16 4.37 9.05
N LYS A 59 -5.69 4.07 10.26
CA LYS A 59 -5.84 4.95 11.42
C LYS A 59 -4.83 6.10 11.30
N GLU A 60 -5.31 7.27 10.84
CA GLU A 60 -4.46 8.46 10.65
C GLU A 60 -3.36 8.15 9.63
N ALA A 61 -3.77 7.67 8.47
CA ALA A 61 -2.84 7.31 7.40
C ALA A 61 -2.31 8.55 6.67
N ILE A 62 -1.08 8.93 6.99
CA ILE A 62 -0.43 10.07 6.35
C ILE A 62 0.22 9.57 5.05
N CYS A 63 0.05 10.33 3.97
CA CYS A 63 0.60 9.94 2.67
C CYS A 63 1.39 11.09 2.04
N GLU A 64 2.56 10.76 1.50
CA GLU A 64 3.46 11.71 0.85
C GLU A 64 3.71 11.27 -0.59
N VAL A 65 3.82 12.22 -1.51
CA VAL A 65 4.06 11.92 -2.92
C VAL A 65 5.57 11.76 -3.18
N ALA A 66 5.92 10.77 -4.00
CA ALA A 66 7.32 10.50 -4.35
C ALA A 66 7.43 10.30 -5.86
N LEU A 67 7.41 11.42 -6.59
CA LEU A 67 7.50 11.41 -8.06
C LEU A 67 8.90 10.96 -8.50
N ASP A 68 9.93 11.36 -7.75
CA ASP A 68 11.32 11.01 -8.05
C ASP A 68 11.93 10.24 -6.88
N TYR A 69 11.46 9.01 -6.66
CA TYR A 69 11.98 8.14 -5.58
C TYR A 69 13.19 7.39 -6.13
N LYS A 70 14.36 8.05 -6.11
CA LYS A 70 15.62 7.50 -6.63
C LYS A 70 15.62 7.53 -8.17
N LYS A 71 14.43 7.35 -8.75
CA LYS A 71 14.23 7.36 -10.19
C LYS A 71 12.87 7.99 -10.50
N LYS A 72 12.75 8.67 -11.64
CA LYS A 72 11.49 9.32 -12.03
C LYS A 72 10.42 8.29 -12.41
N LYS A 73 9.35 8.22 -11.61
CA LYS A 73 8.24 7.29 -11.86
C LYS A 73 6.99 7.77 -11.13
N HIS A 74 6.28 6.87 -10.45
CA HIS A 74 5.03 7.22 -9.72
C HIS A 74 4.96 6.43 -8.41
N VAL A 75 5.64 6.93 -7.37
CA VAL A 75 5.65 6.29 -6.05
C VAL A 75 5.08 7.24 -5.00
N PHE A 76 4.62 6.69 -3.88
CA PHE A 76 4.07 7.50 -2.79
C PHE A 76 4.26 6.76 -1.46
N LYS A 77 4.51 7.52 -0.40
CA LYS A 77 4.72 6.98 0.94
C LYS A 77 3.39 6.82 1.67
N LEU A 78 3.32 5.80 2.51
CA LEU A 78 2.12 5.51 3.30
C LEU A 78 2.56 5.20 4.73
N ARG A 79 2.29 6.12 5.64
CA ARG A 79 2.65 5.98 7.06
C ARG A 79 1.38 5.91 7.89
N LEU A 80 1.25 4.85 8.69
CA LEU A 80 0.09 4.66 9.56
C LEU A 80 0.17 5.62 10.75
N SER A 81 -0.57 5.33 11.82
CA SER A 81 -0.55 6.16 13.02
C SER A 81 0.89 6.25 13.56
N ASP A 82 1.50 5.08 13.74
CA ASP A 82 2.89 4.92 14.21
C ASP A 82 3.15 3.45 14.53
N GLY A 83 3.09 2.59 13.52
CA GLY A 83 3.31 1.15 13.71
C GLY A 83 3.95 0.51 12.48
N ASN A 84 3.49 0.94 11.28
CA ASN A 84 4.01 0.39 10.02
C ASN A 84 4.15 1.51 9.01
N GLU A 85 5.12 1.35 8.09
CA GLU A 85 5.40 2.32 7.03
C GLU A 85 5.72 1.54 5.74
N TYR A 86 5.01 1.85 4.66
CA TYR A 86 5.21 1.17 3.37
C TYR A 86 5.25 2.17 2.21
N LEU A 87 5.91 1.75 1.13
CA LEU A 87 6.00 2.54 -0.11
C LEU A 87 5.10 1.88 -1.15
N PHE A 88 4.36 2.69 -1.90
CA PHE A 88 3.46 2.16 -2.93
C PHE A 88 3.76 2.80 -4.27
N GLN A 89 3.68 2.01 -5.34
CA GLN A 89 3.94 2.48 -6.70
C GLN A 89 2.73 2.19 -7.60
N ALA A 90 2.31 3.20 -8.36
CA ALA A 90 1.17 3.09 -9.29
C ALA A 90 1.68 2.98 -10.73
N LYS A 91 0.78 2.70 -11.66
CA LYS A 91 1.12 2.58 -13.07
C LYS A 91 0.96 3.92 -13.79
N ASP A 92 -0.17 4.58 -13.55
CA ASP A 92 -0.46 5.88 -14.17
C ASP A 92 -0.56 6.99 -13.12
N ASP A 93 -0.29 8.23 -13.54
CA ASP A 93 -0.34 9.41 -12.67
C ASP A 93 -1.75 9.62 -12.09
N GLU A 94 -2.77 9.44 -12.94
CA GLU A 94 -4.17 9.58 -12.51
C GLU A 94 -4.52 8.52 -11.46
N GLU A 95 -3.99 7.31 -11.65
CA GLU A 95 -4.19 6.21 -10.71
C GLU A 95 -3.53 6.54 -9.37
N MET A 96 -2.29 7.03 -9.43
CA MET A 96 -1.52 7.42 -8.25
C MET A 96 -2.27 8.48 -7.42
N ASN A 97 -2.77 9.52 -8.11
CA ASN A 97 -3.52 10.61 -7.47
C ASN A 97 -4.77 10.07 -6.77
N THR A 98 -5.50 9.18 -7.45
CA THR A 98 -6.72 8.58 -6.90
C THR A 98 -6.40 7.68 -5.69
N TRP A 99 -5.31 6.90 -5.78
CA TRP A 99 -4.88 6.01 -4.69
C TRP A 99 -4.57 6.82 -3.43
N ILE A 100 -3.76 7.87 -3.59
CA ILE A 100 -3.36 8.75 -2.48
C ILE A 100 -4.59 9.41 -1.83
N GLN A 101 -5.48 9.96 -2.67
CA GLN A 101 -6.70 10.62 -2.19
C GLN A 101 -7.65 9.65 -1.48
N ALA A 102 -7.78 8.43 -2.01
CA ALA A 102 -8.65 7.41 -1.42
C ALA A 102 -8.18 7.05 0.00
N ILE A 103 -6.86 6.92 0.15
CA ILE A 103 -6.24 6.59 1.44
C ILE A 103 -6.28 7.80 2.39
N SER A 104 -6.08 9.00 1.84
CA SER A 104 -6.10 10.25 2.63
C SER A 104 -7.50 10.55 3.20
N SER A 105 -8.54 10.05 2.53
CA SER A 105 -9.93 10.27 2.96
C SER A 105 -10.41 9.14 3.89
N ALA A 106 -9.51 8.26 4.32
CA ALA A 106 -9.85 7.15 5.22
C ALA A 106 -9.92 7.63 6.67
N MET A 1 -10.47 2.56 -5.18
CA MET A 1 -11.11 1.62 -4.22
C MET A 1 -10.33 0.30 -4.18
N GLU A 2 -10.13 -0.33 -5.34
CA GLU A 2 -9.42 -1.62 -5.42
C GLU A 2 -8.62 -1.71 -6.74
N GLY A 3 -7.50 -2.43 -6.68
CA GLY A 3 -6.62 -2.63 -7.84
C GLY A 3 -5.24 -3.12 -7.41
N PHE A 4 -4.38 -3.41 -8.40
CA PHE A 4 -3.02 -3.89 -8.14
C PHE A 4 -2.12 -2.73 -7.71
N LEU A 5 -1.11 -3.06 -6.90
CA LEU A 5 -0.17 -2.06 -6.39
C LEU A 5 1.17 -2.73 -6.06
N ASN A 6 2.26 -1.99 -6.25
CA ASN A 6 3.60 -2.48 -5.91
C ASN A 6 3.90 -2.00 -4.50
N ARG A 7 4.23 -2.91 -3.59
CA ARG A 7 4.48 -2.55 -2.18
C ARG A 7 5.92 -2.84 -1.76
N LYS A 8 6.54 -1.85 -1.12
CA LYS A 8 7.91 -1.96 -0.61
C LYS A 8 7.94 -1.46 0.83
N HIS A 9 8.59 -2.22 1.71
CA HIS A 9 8.68 -1.87 3.13
C HIS A 9 9.98 -1.10 3.40
N GLU A 10 9.84 0.12 3.88
CA GLU A 10 10.99 0.98 4.19
C GLU A 10 11.27 0.95 5.70
N TRP A 11 10.21 0.82 6.50
CA TRP A 11 10.34 0.80 7.96
C TRP A 11 9.06 0.20 8.58
N GLU A 12 9.22 -0.68 9.58
CA GLU A 12 8.06 -1.32 10.23
C GLU A 12 8.35 -1.72 11.68
N ALA A 13 9.38 -1.14 12.30
CA ALA A 13 9.73 -1.45 13.70
C ALA A 13 10.75 -0.44 14.22
N HIS A 14 10.78 -0.28 15.56
CA HIS A 14 11.70 0.64 16.27
C HIS A 14 13.12 0.67 15.69
N ASN A 15 13.61 -0.47 15.20
CA ASN A 15 14.95 -0.57 14.61
C ASN A 15 15.00 -1.74 13.64
N LYS A 16 14.20 -1.67 12.57
CA LYS A 16 14.15 -2.72 11.57
C LYS A 16 14.01 -2.15 10.16
N LYS A 17 14.83 -2.67 9.25
CA LYS A 17 14.79 -2.30 7.85
C LYS A 17 14.36 -3.52 7.05
N ALA A 18 13.16 -3.46 6.48
CA ALA A 18 12.61 -4.57 5.71
C ALA A 18 13.42 -4.81 4.44
N SER A 19 13.93 -6.02 4.29
CA SER A 19 14.75 -6.41 3.13
C SER A 19 13.99 -7.40 2.25
N SER A 20 13.25 -8.33 2.88
CA SER A 20 12.48 -9.35 2.15
C SER A 20 11.31 -8.72 1.39
N ARG A 21 10.51 -7.90 2.08
CA ARG A 21 9.36 -7.22 1.47
C ARG A 21 9.82 -5.98 0.68
N SER A 22 10.64 -6.21 -0.34
CA SER A 22 11.18 -5.15 -1.19
C SER A 22 10.55 -5.21 -2.57
N TRP A 23 9.56 -4.33 -2.81
CA TRP A 23 8.83 -4.23 -4.08
C TRP A 23 8.20 -5.56 -4.48
N HIS A 24 7.06 -5.86 -3.85
CA HIS A 24 6.31 -7.07 -4.10
C HIS A 24 4.95 -6.68 -4.70
N ASN A 25 4.60 -7.29 -5.83
CA ASN A 25 3.32 -7.01 -6.50
C ASN A 25 2.18 -7.63 -5.69
N VAL A 26 1.25 -6.80 -5.24
CA VAL A 26 0.13 -7.25 -4.43
C VAL A 26 -1.16 -6.52 -4.84
N TYR A 27 -2.30 -7.08 -4.45
CA TYR A 27 -3.61 -6.51 -4.76
C TYR A 27 -4.17 -5.85 -3.50
N CYS A 28 -4.49 -4.56 -3.57
CA CYS A 28 -5.01 -3.82 -2.43
C CYS A 28 -6.48 -3.43 -2.65
N VAL A 29 -7.28 -3.61 -1.60
CA VAL A 29 -8.72 -3.26 -1.64
C VAL A 29 -9.07 -2.46 -0.38
N ILE A 30 -9.50 -1.22 -0.60
CA ILE A 30 -9.86 -0.31 0.50
C ILE A 30 -11.35 -0.43 0.83
N ASN A 31 -11.65 -0.45 2.12
CA ASN A 31 -13.01 -0.54 2.63
C ASN A 31 -13.17 0.49 3.77
N ASN A 32 -13.29 1.76 3.37
CA ASN A 32 -13.43 2.89 4.31
C ASN A 32 -12.18 3.08 5.16
N GLN A 33 -12.27 2.69 6.44
CA GLN A 33 -11.17 2.84 7.41
C GLN A 33 -10.21 1.65 7.45
N GLU A 34 -10.51 0.59 6.68
CA GLU A 34 -9.67 -0.62 6.67
C GLU A 34 -9.42 -1.11 5.25
N MET A 35 -8.22 -1.61 5.00
CA MET A 35 -7.84 -2.15 3.70
C MET A 35 -7.40 -3.61 3.86
N GLY A 36 -7.40 -4.36 2.77
CA GLY A 36 -6.99 -5.76 2.79
C GLY A 36 -6.03 -6.06 1.64
N PHE A 37 -4.95 -6.77 1.95
CA PHE A 37 -3.94 -7.15 0.96
C PHE A 37 -4.24 -8.55 0.42
N TYR A 38 -4.51 -8.64 -0.88
CA TYR A 38 -4.83 -9.91 -1.55
C TYR A 38 -3.79 -10.26 -2.61
N LYS A 39 -3.91 -11.47 -3.17
CA LYS A 39 -2.99 -11.94 -4.21
C LYS A 39 -3.35 -11.33 -5.56
N ASP A 40 -4.64 -11.29 -5.86
CA ASP A 40 -5.16 -10.73 -7.13
C ASP A 40 -6.63 -10.36 -7.00
N ALA A 41 -7.28 -10.07 -8.13
CA ALA A 41 -8.70 -9.70 -8.18
C ALA A 41 -9.59 -10.87 -7.73
N LYS A 42 -9.22 -12.09 -8.12
CA LYS A 42 -9.97 -13.30 -7.76
C LYS A 42 -9.92 -13.50 -6.24
N SER A 43 -8.74 -13.31 -5.65
CA SER A 43 -8.54 -13.44 -4.21
C SER A 43 -9.35 -12.37 -3.45
N ALA A 44 -9.43 -11.17 -4.03
CA ALA A 44 -10.18 -10.05 -3.45
C ALA A 44 -11.69 -10.31 -3.52
N ALA A 45 -12.16 -10.78 -4.68
CA ALA A 45 -13.59 -11.08 -4.91
C ALA A 45 -14.05 -12.24 -4.02
N SER A 46 -13.26 -13.31 -3.99
CA SER A 46 -13.58 -14.49 -3.17
C SER A 46 -13.41 -14.17 -1.68
N GLY A 47 -12.40 -13.37 -1.35
CA GLY A 47 -12.12 -12.97 0.04
C GLY A 47 -11.17 -13.96 0.70
N ILE A 48 -10.04 -14.22 0.05
CA ILE A 48 -9.03 -15.14 0.55
C ILE A 48 -7.88 -14.35 1.20
N PRO A 49 -7.51 -14.66 2.45
CA PRO A 49 -6.42 -13.94 3.16
C PRO A 49 -5.03 -14.25 2.56
N TYR A 50 -4.24 -13.21 2.32
CA TYR A 50 -2.89 -13.35 1.75
C TYR A 50 -1.86 -13.77 2.79
N HIS A 51 -2.34 -14.25 3.94
CA HIS A 51 -1.48 -14.75 5.04
C HIS A 51 -0.61 -13.66 5.69
N SER A 52 -0.09 -14.01 6.88
CA SER A 52 0.80 -13.15 7.69
C SER A 52 0.09 -11.91 8.24
N GLU A 53 -0.35 -11.01 7.35
CA GLU A 53 -1.04 -9.79 7.73
C GLU A 53 -1.85 -9.28 6.55
N VAL A 54 -3.15 -9.56 6.56
CA VAL A 54 -4.05 -9.17 5.47
C VAL A 54 -4.82 -7.88 5.80
N PRO A 55 -5.42 -7.75 7.01
CA PRO A 55 -6.19 -6.55 7.39
C PRO A 55 -5.31 -5.46 8.03
N VAL A 56 -5.37 -4.26 7.44
CA VAL A 56 -4.61 -3.10 7.93
C VAL A 56 -5.50 -1.85 7.90
N SER A 57 -5.48 -1.07 8.97
CA SER A 57 -6.28 0.15 9.10
C SER A 57 -5.65 1.34 8.34
N LEU A 58 -6.51 2.13 7.69
CA LEU A 58 -6.08 3.32 6.94
C LEU A 58 -6.59 4.61 7.58
N LYS A 59 -7.31 4.48 8.69
CA LYS A 59 -7.86 5.64 9.41
C LYS A 59 -6.74 6.52 9.97
N GLU A 60 -6.77 7.81 9.62
CA GLU A 60 -5.76 8.80 10.06
C GLU A 60 -4.38 8.43 9.52
N ALA A 61 -4.32 8.04 8.25
CA ALA A 61 -3.06 7.65 7.60
C ALA A 61 -2.45 8.86 6.87
N ILE A 62 -1.18 9.12 7.14
CA ILE A 62 -0.46 10.23 6.50
C ILE A 62 0.18 9.68 5.22
N CYS A 63 0.16 10.47 4.15
CA CYS A 63 0.70 10.05 2.87
C CYS A 63 1.55 11.15 2.23
N GLU A 64 2.63 10.72 1.58
CA GLU A 64 3.57 11.60 0.88
C GLU A 64 3.71 11.15 -0.58
N VAL A 65 4.23 12.03 -1.43
CA VAL A 65 4.42 11.71 -2.85
C VAL A 65 5.91 11.53 -3.16
N ALA A 66 6.21 10.52 -3.98
CA ALA A 66 7.59 10.22 -4.39
C ALA A 66 7.62 10.04 -5.90
N LEU A 67 7.65 11.16 -6.62
CA LEU A 67 7.65 11.17 -8.09
C LEU A 67 9.01 10.69 -8.64
N ASP A 68 10.09 11.23 -8.08
CA ASP A 68 11.45 10.89 -8.51
C ASP A 68 12.12 9.95 -7.50
N TYR A 69 11.62 8.72 -7.42
CA TYR A 69 12.17 7.69 -6.52
C TYR A 69 12.97 6.67 -7.35
N LYS A 70 13.26 5.51 -6.74
CA LYS A 70 13.99 4.43 -7.43
C LYS A 70 13.05 3.66 -8.37
N LYS A 71 12.32 4.42 -9.18
CA LYS A 71 11.36 3.90 -10.15
C LYS A 71 10.79 5.11 -10.90
N LYS A 72 11.06 5.21 -12.20
CA LYS A 72 10.58 6.35 -13.00
C LYS A 72 9.12 6.15 -13.42
N LYS A 73 8.24 6.22 -12.43
CA LYS A 73 6.80 6.08 -12.62
C LYS A 73 6.09 7.07 -11.69
N HIS A 74 5.40 6.56 -10.68
CA HIS A 74 4.70 7.38 -9.69
C HIS A 74 4.58 6.58 -8.41
N VAL A 75 5.37 6.95 -7.40
CA VAL A 75 5.39 6.26 -6.12
C VAL A 75 4.90 7.21 -5.01
N PHE A 76 4.34 6.65 -3.95
CA PHE A 76 3.85 7.44 -2.81
C PHE A 76 4.17 6.72 -1.51
N LYS A 77 4.54 7.50 -0.50
CA LYS A 77 4.89 6.98 0.83
C LYS A 77 3.64 6.99 1.71
N LEU A 78 3.30 5.82 2.25
CA LEU A 78 2.14 5.68 3.12
C LEU A 78 2.60 5.41 4.56
N ARG A 79 2.36 6.39 5.43
CA ARG A 79 2.72 6.28 6.84
C ARG A 79 1.44 5.97 7.62
N LEU A 80 1.28 4.69 7.97
CA LEU A 80 0.11 4.22 8.70
C LEU A 80 0.10 4.74 10.14
N SER A 81 -1.09 4.86 10.72
CA SER A 81 -1.28 5.32 12.10
C SER A 81 -0.58 4.39 13.10
N ASP A 82 -0.34 3.14 12.67
CA ASP A 82 0.33 2.12 13.49
C ASP A 82 1.82 2.48 13.69
N GLY A 83 2.40 3.14 12.68
CA GLY A 83 3.81 3.56 12.72
C GLY A 83 4.56 3.14 11.46
N ASN A 84 4.19 1.94 10.93
CA ASN A 84 4.82 1.36 9.73
C ASN A 84 4.76 2.31 8.53
N GLU A 85 5.82 2.28 7.70
CA GLU A 85 5.94 3.12 6.52
C GLU A 85 6.26 2.26 5.29
N TYR A 86 5.35 2.26 4.32
CA TYR A 86 5.53 1.49 3.07
C TYR A 86 5.44 2.42 1.85
N LEU A 87 6.12 2.02 0.77
CA LEU A 87 6.11 2.77 -0.49
C LEU A 87 5.21 2.03 -1.48
N PHE A 88 4.30 2.75 -2.13
CA PHE A 88 3.38 2.15 -3.09
C PHE A 88 3.61 2.73 -4.49
N GLN A 89 3.76 1.84 -5.48
CA GLN A 89 3.98 2.26 -6.87
C GLN A 89 2.73 2.00 -7.71
N ALA A 90 2.31 3.04 -8.44
CA ALA A 90 1.13 2.99 -9.31
C ALA A 90 1.59 2.83 -10.78
N LYS A 91 0.64 2.58 -11.68
CA LYS A 91 0.96 2.40 -13.11
C LYS A 91 0.90 3.74 -13.87
N ASP A 92 0.30 4.77 -13.26
CA ASP A 92 0.18 6.11 -13.88
C ASP A 92 -0.04 7.17 -12.79
N ASP A 93 -0.01 8.43 -13.20
CA ASP A 93 -0.19 9.58 -12.29
C ASP A 93 -1.62 9.68 -11.76
N GLU A 94 -2.62 9.44 -12.62
CA GLU A 94 -4.03 9.51 -12.23
C GLU A 94 -4.37 8.42 -11.22
N GLU A 95 -3.82 7.23 -11.42
CA GLU A 95 -4.04 6.10 -10.49
C GLU A 95 -3.42 6.44 -9.12
N MET A 96 -2.19 6.97 -9.16
CA MET A 96 -1.46 7.39 -7.94
C MET A 96 -2.27 8.43 -7.16
N ASN A 97 -2.81 9.41 -7.90
CA ASN A 97 -3.64 10.47 -7.32
C ASN A 97 -4.89 9.86 -6.65
N THR A 98 -5.57 8.97 -7.39
CA THR A 98 -6.77 8.29 -6.90
C THR A 98 -6.45 7.45 -5.65
N TRP A 99 -5.28 6.79 -5.64
CA TRP A 99 -4.86 5.97 -4.50
C TRP A 99 -4.66 6.82 -3.25
N ILE A 100 -3.92 7.93 -3.41
CA ILE A 100 -3.66 8.86 -2.29
C ILE A 100 -4.97 9.45 -1.75
N GLN A 101 -5.88 9.84 -2.65
CA GLN A 101 -7.17 10.40 -2.28
C GLN A 101 -8.03 9.34 -1.56
N ALA A 102 -8.03 8.11 -2.08
CA ALA A 102 -8.79 7.00 -1.49
C ALA A 102 -8.31 6.72 -0.05
N ILE A 103 -6.99 6.79 0.13
CA ILE A 103 -6.37 6.58 1.44
C ILE A 103 -6.70 7.77 2.38
N SER A 104 -6.71 8.98 1.81
CA SER A 104 -7.03 10.21 2.56
C SER A 104 -8.52 10.24 2.96
N SER A 105 -9.36 9.54 2.19
CA SER A 105 -10.80 9.46 2.47
C SER A 105 -11.10 8.46 3.59
N ALA A 106 -10.07 7.80 4.11
CA ALA A 106 -10.22 6.83 5.20
C ALA A 106 -10.19 7.56 6.54
N MET A 1 -13.61 -0.26 -4.20
CA MET A 1 -12.47 0.36 -4.90
C MET A 1 -11.22 -0.48 -4.67
N GLU A 2 -10.82 -1.24 -5.69
CA GLU A 2 -9.65 -2.13 -5.60
C GLU A 2 -8.80 -2.03 -6.87
N GLY A 3 -7.59 -2.55 -6.81
CA GLY A 3 -6.67 -2.54 -7.95
C GLY A 3 -5.31 -3.08 -7.54
N PHE A 4 -4.41 -3.19 -8.52
CA PHE A 4 -3.05 -3.68 -8.28
C PHE A 4 -2.15 -2.52 -7.87
N LEU A 5 -1.25 -2.79 -6.93
CA LEU A 5 -0.31 -1.79 -6.43
C LEU A 5 1.02 -2.46 -6.11
N ASN A 6 2.11 -1.72 -6.32
CA ASN A 6 3.45 -2.21 -6.00
C ASN A 6 3.73 -1.82 -4.55
N ARG A 7 3.89 -2.82 -3.67
CA ARG A 7 4.11 -2.56 -2.24
C ARG A 7 5.49 -3.03 -1.80
N LYS A 8 6.13 -2.21 -0.97
CA LYS A 8 7.45 -2.50 -0.43
C LYS A 8 7.48 -2.05 1.02
N HIS A 9 7.60 -3.00 1.95
CA HIS A 9 7.64 -2.68 3.38
C HIS A 9 9.05 -2.20 3.75
N GLU A 10 9.12 -1.03 4.38
CA GLU A 10 10.38 -0.41 4.76
C GLU A 10 10.51 -0.36 6.28
N TRP A 11 9.41 -0.07 6.97
CA TRP A 11 9.40 0.04 8.42
C TRP A 11 8.15 -0.64 9.01
N GLU A 12 8.38 -1.53 9.98
CA GLU A 12 7.30 -2.25 10.66
C GLU A 12 7.90 -3.20 11.71
N ALA A 13 9.10 -3.72 11.42
CA ALA A 13 9.80 -4.63 12.34
C ALA A 13 10.48 -3.81 13.44
N HIS A 14 9.77 -3.71 14.57
CA HIS A 14 10.21 -2.95 15.77
C HIS A 14 10.83 -1.57 15.42
N ASN A 15 12.16 -1.48 15.40
CA ASN A 15 12.84 -0.22 15.09
C ASN A 15 14.12 -0.49 14.28
N LYS A 16 13.97 -0.62 12.96
CA LYS A 16 15.10 -0.85 12.06
C LYS A 16 14.64 -0.71 10.60
N LYS A 17 14.64 -1.81 9.84
CA LYS A 17 14.21 -1.82 8.45
C LYS A 17 13.78 -3.23 8.07
N ALA A 18 12.97 -3.35 7.03
CA ALA A 18 12.47 -4.66 6.55
C ALA A 18 12.92 -4.90 5.11
N SER A 19 13.08 -6.17 4.74
CA SER A 19 13.52 -6.55 3.40
C SER A 19 13.09 -7.99 3.06
N SER A 20 11.84 -8.34 3.41
CA SER A 20 11.29 -9.68 3.13
C SER A 20 10.40 -9.58 1.89
N ARG A 21 11.04 -9.64 0.73
CA ARG A 21 10.37 -9.53 -0.57
C ARG A 21 10.03 -8.06 -0.84
N SER A 22 11.07 -7.27 -1.06
CA SER A 22 10.93 -5.84 -1.33
C SER A 22 10.37 -5.60 -2.73
N TRP A 23 9.32 -4.77 -2.81
CA TRP A 23 8.66 -4.42 -4.08
C TRP A 23 7.96 -5.64 -4.70
N HIS A 24 6.69 -5.82 -4.35
CA HIS A 24 5.87 -6.92 -4.87
C HIS A 24 4.53 -6.38 -5.38
N ASN A 25 4.06 -6.92 -6.50
CA ASN A 25 2.80 -6.52 -7.11
C ASN A 25 1.64 -7.15 -6.32
N VAL A 26 1.16 -6.41 -5.31
CA VAL A 26 0.07 -6.86 -4.44
C VAL A 26 -1.24 -6.17 -4.81
N TYR A 27 -2.34 -6.82 -4.45
CA TYR A 27 -3.69 -6.30 -4.70
C TYR A 27 -4.19 -5.62 -3.43
N CYS A 28 -4.71 -4.40 -3.56
CA CYS A 28 -5.21 -3.64 -2.42
C CYS A 28 -6.71 -3.38 -2.56
N VAL A 29 -7.45 -3.62 -1.47
CA VAL A 29 -8.90 -3.41 -1.43
C VAL A 29 -9.21 -2.40 -0.33
N ILE A 30 -9.79 -1.26 -0.70
CA ILE A 30 -10.12 -0.20 0.26
C ILE A 30 -11.50 -0.44 0.88
N ASN A 31 -11.60 -0.22 2.19
CA ASN A 31 -12.85 -0.39 2.94
C ASN A 31 -12.98 0.75 3.97
N ASN A 32 -14.05 0.72 4.76
CA ASN A 32 -14.32 1.75 5.78
C ASN A 32 -13.18 1.83 6.81
N GLN A 33 -12.30 2.81 6.64
CA GLN A 33 -11.15 3.04 7.53
C GLN A 33 -10.25 1.79 7.65
N GLU A 34 -10.23 0.97 6.57
CA GLU A 34 -9.43 -0.25 6.53
C GLU A 34 -9.08 -0.62 5.10
N MET A 35 -8.02 -1.39 4.93
CA MET A 35 -7.58 -1.87 3.62
C MET A 35 -7.06 -3.29 3.76
N GLY A 36 -7.38 -4.13 2.78
CA GLY A 36 -6.97 -5.53 2.78
C GLY A 36 -5.98 -5.81 1.65
N PHE A 37 -4.91 -6.55 1.97
CA PHE A 37 -3.88 -6.92 1.00
C PHE A 37 -4.08 -8.35 0.52
N TYR A 38 -4.09 -8.54 -0.80
CA TYR A 38 -4.28 -9.86 -1.41
C TYR A 38 -3.33 -10.02 -2.61
N LYS A 39 -3.32 -11.21 -3.20
CA LYS A 39 -2.45 -11.49 -4.35
C LYS A 39 -3.00 -10.88 -5.64
N ASP A 40 -4.32 -10.96 -5.83
CA ASP A 40 -4.99 -10.42 -7.02
C ASP A 40 -6.48 -10.19 -6.74
N ALA A 41 -7.25 -9.99 -7.82
CA ALA A 41 -8.70 -9.75 -7.73
C ALA A 41 -9.43 -11.01 -7.24
N LYS A 42 -8.99 -12.19 -7.72
CA LYS A 42 -9.57 -13.47 -7.32
C LYS A 42 -9.30 -13.75 -5.84
N SER A 43 -8.05 -13.51 -5.42
CA SER A 43 -7.63 -13.70 -4.03
C SER A 43 -8.43 -12.76 -3.11
N ALA A 44 -8.67 -11.53 -3.59
CA ALA A 44 -9.42 -10.52 -2.84
C ALA A 44 -10.91 -10.87 -2.77
N ALA A 45 -11.46 -11.37 -3.89
CA ALA A 45 -12.87 -11.74 -3.96
C ALA A 45 -13.19 -12.92 -3.03
N SER A 46 -12.44 -14.01 -3.18
CA SER A 46 -12.61 -15.22 -2.37
C SER A 46 -12.23 -14.96 -0.89
N GLY A 47 -11.24 -14.08 -0.69
CA GLY A 47 -10.77 -13.72 0.66
C GLY A 47 -9.72 -14.72 1.15
N ILE A 48 -8.61 -14.82 0.42
CA ILE A 48 -7.51 -15.73 0.76
C ILE A 48 -6.40 -14.95 1.44
N PRO A 49 -6.04 -15.31 2.70
CA PRO A 49 -4.99 -14.62 3.46
C PRO A 49 -3.58 -14.91 2.90
N TYR A 50 -3.15 -14.09 1.94
CA TYR A 50 -1.83 -14.24 1.30
C TYR A 50 -0.73 -13.67 2.22
N HIS A 51 -0.96 -12.46 2.74
CA HIS A 51 0.00 -11.81 3.63
C HIS A 51 -0.24 -12.21 5.09
N SER A 52 0.67 -11.77 5.97
CA SER A 52 0.57 -12.04 7.40
C SER A 52 -0.62 -11.27 7.98
N GLU A 53 -0.45 -9.96 8.08
CA GLU A 53 -1.50 -9.06 8.56
C GLU A 53 -2.28 -8.55 7.35
N VAL A 54 -3.27 -9.35 6.94
CA VAL A 54 -4.11 -9.03 5.77
C VAL A 54 -4.89 -7.73 5.97
N PRO A 55 -5.57 -7.55 7.12
CA PRO A 55 -6.36 -6.34 7.41
C PRO A 55 -5.53 -5.25 8.11
N VAL A 56 -5.44 -4.08 7.50
CA VAL A 56 -4.71 -2.93 8.04
C VAL A 56 -5.65 -1.72 8.06
N SER A 57 -5.71 -1.04 9.20
CA SER A 57 -6.57 0.13 9.36
C SER A 57 -6.00 1.38 8.67
N LEU A 58 -6.91 2.25 8.22
CA LEU A 58 -6.56 3.51 7.56
C LEU A 58 -7.20 4.66 8.34
N LYS A 59 -6.84 4.77 9.62
CA LYS A 59 -7.36 5.81 10.51
C LYS A 59 -6.33 6.95 10.58
N GLU A 60 -6.60 8.03 9.83
CA GLU A 60 -5.70 9.20 9.78
C GLU A 60 -4.32 8.78 9.25
N ALA A 61 -4.33 8.14 8.07
CA ALA A 61 -3.10 7.67 7.43
C ALA A 61 -2.34 8.82 6.77
N ILE A 62 -1.04 8.88 7.03
CA ILE A 62 -0.17 9.91 6.46
C ILE A 62 0.34 9.42 5.11
N CYS A 63 0.20 10.24 4.07
CA CYS A 63 0.64 9.88 2.73
C CYS A 63 1.52 10.99 2.16
N GLU A 64 2.66 10.59 1.61
CA GLU A 64 3.63 11.51 1.00
C GLU A 64 3.90 11.07 -0.44
N VAL A 65 4.34 12.01 -1.28
CA VAL A 65 4.61 11.73 -2.69
C VAL A 65 6.12 11.59 -2.95
N ALA A 66 6.47 10.67 -3.83
CA ALA A 66 7.85 10.40 -4.24
C ALA A 66 7.81 9.94 -5.69
N LEU A 67 7.28 10.81 -6.57
CA LEU A 67 7.10 10.57 -8.01
C LEU A 67 8.19 9.70 -8.63
N ASP A 68 9.43 10.17 -8.52
CA ASP A 68 10.60 9.45 -9.06
C ASP A 68 11.49 8.98 -7.92
N TYR A 69 11.00 7.98 -7.16
CA TYR A 69 11.74 7.41 -6.04
C TYR A 69 12.87 6.50 -6.55
N LYS A 70 13.97 7.13 -6.98
CA LYS A 70 15.15 6.44 -7.51
C LYS A 70 14.81 5.72 -8.83
N LYS A 71 14.41 6.52 -9.83
CA LYS A 71 14.07 6.02 -11.19
C LYS A 71 12.89 5.05 -11.16
N LYS A 72 11.67 5.58 -11.10
CA LYS A 72 10.45 4.76 -11.10
C LYS A 72 9.31 5.52 -11.80
N LYS A 73 8.20 4.81 -12.03
CA LYS A 73 7.02 5.39 -12.72
C LYS A 73 6.35 6.49 -11.88
N HIS A 74 5.60 6.07 -10.87
CA HIS A 74 4.87 7.00 -9.99
C HIS A 74 4.77 6.38 -8.60
N VAL A 75 5.78 6.66 -7.76
CA VAL A 75 5.84 6.12 -6.39
C VAL A 75 5.35 7.14 -5.36
N PHE A 76 4.91 6.63 -4.21
CA PHE A 76 4.44 7.44 -3.09
C PHE A 76 4.60 6.61 -1.80
N LYS A 77 4.49 7.26 -0.65
CA LYS A 77 4.67 6.56 0.64
C LYS A 77 3.39 6.60 1.46
N LEU A 78 3.21 5.58 2.30
CA LEU A 78 2.04 5.44 3.16
C LEU A 78 2.50 5.06 4.58
N ARG A 79 2.16 5.90 5.55
CA ARG A 79 2.50 5.66 6.94
C ARG A 79 1.20 5.59 7.75
N LEU A 80 1.12 4.60 8.63
CA LEU A 80 -0.08 4.40 9.46
C LEU A 80 -0.20 5.48 10.55
N SER A 81 -1.21 5.34 11.40
CA SER A 81 -1.48 6.28 12.50
C SER A 81 -0.30 6.38 13.46
N ASP A 82 0.25 5.22 13.83
CA ASP A 82 1.39 5.16 14.75
C ASP A 82 1.99 3.74 14.71
N GLY A 83 2.68 3.40 13.62
CA GLY A 83 3.28 2.07 13.49
C GLY A 83 4.00 1.89 12.15
N ASN A 84 3.58 0.84 11.43
CA ASN A 84 4.17 0.45 10.14
C ASN A 84 4.15 1.57 9.09
N GLU A 85 5.06 1.46 8.13
CA GLU A 85 5.20 2.40 7.02
C GLU A 85 5.59 1.60 5.76
N TYR A 86 4.98 1.93 4.62
CA TYR A 86 5.25 1.22 3.36
C TYR A 86 5.35 2.19 2.18
N LEU A 87 5.98 1.70 1.11
CA LEU A 87 6.11 2.45 -0.14
C LEU A 87 5.14 1.85 -1.14
N PHE A 88 4.45 2.69 -1.89
CA PHE A 88 3.48 2.24 -2.89
C PHE A 88 3.76 2.92 -4.22
N GLN A 89 3.53 2.20 -5.32
CA GLN A 89 3.76 2.76 -6.66
C GLN A 89 2.61 2.37 -7.60
N ALA A 90 2.15 3.35 -8.38
CA ALA A 90 1.04 3.17 -9.33
C ALA A 90 1.56 3.11 -10.76
N LYS A 91 0.73 2.55 -11.64
CA LYS A 91 1.07 2.41 -13.06
C LYS A 91 0.79 3.71 -13.83
N ASP A 92 -0.29 4.39 -13.47
CA ASP A 92 -0.71 5.65 -14.10
C ASP A 92 -0.62 6.80 -13.09
N ASP A 93 -0.33 8.01 -13.58
CA ASP A 93 -0.23 9.20 -12.71
C ASP A 93 -1.60 9.51 -12.08
N GLU A 94 -2.67 9.26 -12.85
CA GLU A 94 -4.04 9.47 -12.39
C GLU A 94 -4.34 8.48 -11.26
N GLU A 95 -3.97 7.22 -11.47
CA GLU A 95 -4.14 6.14 -10.50
C GLU A 95 -3.45 6.50 -9.19
N MET A 96 -2.23 7.03 -9.30
CA MET A 96 -1.43 7.46 -8.13
C MET A 96 -2.20 8.50 -7.32
N ASN A 97 -2.83 9.44 -8.02
CA ASN A 97 -3.63 10.49 -7.39
C ASN A 97 -4.92 9.90 -6.79
N THR A 98 -5.52 8.93 -7.49
CA THR A 98 -6.75 8.26 -7.03
C THR A 98 -6.48 7.49 -5.72
N TRP A 99 -5.38 6.72 -5.70
CA TRP A 99 -4.98 5.92 -4.53
C TRP A 99 -4.76 6.80 -3.31
N ILE A 100 -3.98 7.86 -3.47
CA ILE A 100 -3.68 8.81 -2.37
C ILE A 100 -4.97 9.44 -1.84
N GLN A 101 -5.85 9.88 -2.74
CA GLN A 101 -7.13 10.50 -2.35
C GLN A 101 -8.03 9.49 -1.63
N ALA A 102 -8.05 8.25 -2.14
CA ALA A 102 -8.87 7.17 -1.56
C ALA A 102 -8.36 6.78 -0.17
N ILE A 103 -7.03 6.69 -0.02
CA ILE A 103 -6.41 6.34 1.27
C ILE A 103 -6.67 7.42 2.31
N SER A 104 -6.75 8.68 1.86
CA SER A 104 -7.02 9.82 2.75
C SER A 104 -8.48 9.78 3.23
N SER A 105 -9.40 9.38 2.35
CA SER A 105 -10.83 9.27 2.69
C SER A 105 -11.09 8.01 3.51
N ALA A 106 -10.66 6.86 2.97
CA ALA A 106 -10.83 5.55 3.63
C ALA A 106 -12.31 5.21 3.80
N MET A 1 -11.94 1.76 -4.80
CA MET A 1 -10.86 1.96 -5.82
C MET A 1 -9.84 0.83 -5.70
N GLU A 2 -10.32 -0.39 -5.93
CA GLU A 2 -9.52 -1.61 -5.83
C GLU A 2 -8.59 -1.75 -7.05
N GLY A 3 -7.39 -2.31 -6.85
CA GLY A 3 -6.44 -2.49 -7.95
C GLY A 3 -5.11 -3.03 -7.45
N PHE A 4 -4.16 -3.17 -8.38
CA PHE A 4 -2.82 -3.68 -8.08
C PHE A 4 -1.91 -2.54 -7.62
N LEU A 5 -0.98 -2.85 -6.73
CA LEU A 5 -0.04 -1.87 -6.20
C LEU A 5 1.29 -2.55 -5.87
N ASN A 6 2.39 -1.84 -6.07
CA ASN A 6 3.73 -2.35 -5.73
C ASN A 6 4.02 -1.93 -4.29
N ARG A 7 4.29 -2.88 -3.41
CA ARG A 7 4.53 -2.58 -1.98
C ARG A 7 5.99 -2.81 -1.58
N LYS A 8 6.58 -1.80 -0.96
CA LYS A 8 7.96 -1.84 -0.46
C LYS A 8 7.96 -1.45 1.02
N HIS A 9 8.45 -2.33 1.87
CA HIS A 9 8.49 -2.07 3.32
C HIS A 9 9.76 -1.27 3.66
N GLU A 10 9.57 0.01 3.92
CA GLU A 10 10.66 0.93 4.25
C GLU A 10 11.03 0.80 5.74
N TRP A 11 10.02 0.59 6.57
CA TRP A 11 10.21 0.49 8.02
C TRP A 11 8.99 -0.21 8.62
N GLU A 12 9.22 -1.29 9.36
CA GLU A 12 8.12 -2.07 9.97
C GLU A 12 8.60 -2.76 11.26
N ALA A 13 9.18 -1.99 12.16
CA ALA A 13 9.68 -2.51 13.43
C ALA A 13 10.02 -1.33 14.34
N HIS A 14 10.50 -1.62 15.55
CA HIS A 14 10.87 -0.56 16.50
C HIS A 14 12.14 0.16 16.03
N ASN A 15 12.92 -0.49 15.15
CA ASN A 15 14.14 0.05 14.59
C ASN A 15 14.61 -0.85 13.43
N LYS A 16 15.26 -0.23 12.44
CA LYS A 16 15.79 -0.90 11.23
C LYS A 16 14.72 -1.00 10.14
N LYS A 17 15.18 -1.10 8.89
CA LYS A 17 14.31 -1.17 7.71
C LYS A 17 13.95 -2.63 7.37
N ALA A 18 13.32 -2.80 6.21
CA ALA A 18 12.89 -4.11 5.72
C ALA A 18 13.70 -4.47 4.46
N SER A 19 14.17 -5.72 4.39
CA SER A 19 14.95 -6.22 3.26
C SER A 19 14.28 -7.42 2.59
N SER A 20 13.51 -8.19 3.36
CA SER A 20 12.82 -9.37 2.84
C SER A 20 11.55 -8.99 2.05
N ARG A 21 11.04 -7.78 2.28
CA ARG A 21 9.84 -7.26 1.61
C ARG A 21 10.17 -5.97 0.88
N SER A 22 10.87 -6.09 -0.25
CA SER A 22 11.28 -4.94 -1.06
C SER A 22 10.68 -5.05 -2.46
N TRP A 23 9.59 -4.30 -2.68
CA TRP A 23 8.87 -4.24 -3.96
C TRP A 23 8.25 -5.59 -4.34
N HIS A 24 7.06 -5.82 -3.81
CA HIS A 24 6.27 -7.02 -4.05
C HIS A 24 4.92 -6.61 -4.65
N ASN A 25 4.64 -7.07 -5.88
CA ASN A 25 3.37 -6.73 -6.56
C ASN A 25 2.21 -7.43 -5.84
N VAL A 26 1.34 -6.64 -5.22
CA VAL A 26 0.21 -7.16 -4.45
C VAL A 26 -1.08 -6.43 -4.82
N TYR A 27 -2.21 -6.98 -4.40
CA TYR A 27 -3.53 -6.39 -4.66
C TYR A 27 -4.03 -5.73 -3.38
N CYS A 28 -4.50 -4.48 -3.50
CA CYS A 28 -5.00 -3.73 -2.35
C CYS A 28 -6.49 -3.40 -2.51
N VAL A 29 -7.22 -3.55 -1.40
CA VAL A 29 -8.66 -3.28 -1.35
C VAL A 29 -8.97 -2.47 -0.09
N ILE A 30 -9.69 -1.36 -0.24
CA ILE A 30 -10.07 -0.51 0.90
C ILE A 30 -11.55 -0.71 1.21
N ASN A 31 -11.86 -0.96 2.50
CA ASN A 31 -13.24 -1.16 2.94
C ASN A 31 -13.61 -0.13 4.01
N ASN A 32 -13.14 1.11 3.80
CA ASN A 32 -13.42 2.24 4.71
C ASN A 32 -12.66 2.15 6.03
N GLN A 33 -11.59 2.95 6.17
CA GLN A 33 -10.76 3.00 7.39
C GLN A 33 -10.00 1.69 7.66
N GLU A 34 -10.24 0.66 6.84
CA GLU A 34 -9.60 -0.64 6.95
C GLU A 34 -9.41 -1.21 5.54
N MET A 35 -8.20 -1.65 5.24
CA MET A 35 -7.89 -2.21 3.92
C MET A 35 -7.43 -3.66 4.05
N GLY A 36 -7.58 -4.41 2.97
CA GLY A 36 -7.19 -5.81 2.92
C GLY A 36 -6.22 -6.06 1.76
N PHE A 37 -5.16 -6.81 2.03
CA PHE A 37 -4.16 -7.15 1.01
C PHE A 37 -4.44 -8.55 0.48
N TYR A 38 -4.48 -8.68 -0.85
CA TYR A 38 -4.76 -9.96 -1.52
C TYR A 38 -3.71 -10.22 -2.61
N LYS A 39 -3.86 -11.36 -3.31
CA LYS A 39 -2.95 -11.73 -4.40
C LYS A 39 -3.34 -11.02 -5.70
N ASP A 40 -4.64 -11.03 -6.01
CA ASP A 40 -5.18 -10.39 -7.22
C ASP A 40 -6.66 -10.01 -7.00
N ALA A 41 -7.34 -9.67 -8.11
CA ALA A 41 -8.76 -9.29 -8.06
C ALA A 41 -9.64 -10.50 -7.70
N LYS A 42 -9.29 -11.68 -8.21
CA LYS A 42 -10.04 -12.91 -7.93
C LYS A 42 -9.91 -13.28 -6.45
N SER A 43 -8.69 -13.18 -5.91
CA SER A 43 -8.42 -13.47 -4.50
C SER A 43 -9.19 -12.51 -3.59
N ALA A 44 -9.31 -11.25 -4.03
CA ALA A 44 -10.03 -10.21 -3.29
C ALA A 44 -11.55 -10.46 -3.36
N ALA A 45 -12.05 -10.79 -4.56
CA ALA A 45 -13.47 -11.06 -4.77
C ALA A 45 -13.91 -12.36 -4.08
N SER A 46 -13.04 -13.38 -4.15
CA SER A 46 -13.31 -14.69 -3.54
C SER A 46 -13.23 -14.62 -2.01
N GLY A 47 -12.33 -13.79 -1.49
CA GLY A 47 -12.13 -13.63 -0.05
C GLY A 47 -11.07 -14.60 0.47
N ILE A 48 -9.97 -14.71 -0.28
CA ILE A 48 -8.86 -15.59 0.08
C ILE A 48 -7.80 -14.79 0.86
N PRO A 49 -7.50 -15.18 2.11
CA PRO A 49 -6.51 -14.47 2.95
C PRO A 49 -5.07 -14.69 2.44
N TYR A 50 -4.29 -13.62 2.38
CA TYR A 50 -2.90 -13.68 1.90
C TYR A 50 -1.91 -14.05 3.02
N HIS A 51 -2.42 -14.67 4.09
CA HIS A 51 -1.60 -15.14 5.24
C HIS A 51 -0.94 -14.00 6.03
N SER A 52 0.16 -13.46 5.49
CA SER A 52 0.95 -12.40 6.13
C SER A 52 0.19 -11.07 6.25
N GLU A 53 -0.52 -10.92 7.36
CA GLU A 53 -1.30 -9.72 7.68
C GLU A 53 -2.23 -9.30 6.52
N VAL A 54 -3.40 -9.91 6.46
CA VAL A 54 -4.38 -9.60 5.41
C VAL A 54 -5.11 -8.29 5.73
N PRO A 55 -5.63 -8.11 6.97
CA PRO A 55 -6.35 -6.88 7.36
C PRO A 55 -5.42 -5.83 7.98
N VAL A 56 -5.47 -4.60 7.46
CA VAL A 56 -4.65 -3.49 7.96
C VAL A 56 -5.52 -2.24 8.07
N SER A 57 -5.38 -1.52 9.18
CA SER A 57 -6.14 -0.31 9.44
C SER A 57 -5.61 0.89 8.63
N LEU A 58 -6.52 1.82 8.34
CA LEU A 58 -6.22 3.05 7.60
C LEU A 58 -6.82 4.24 8.34
N LYS A 59 -6.49 4.34 9.63
CA LYS A 59 -6.99 5.41 10.50
C LYS A 59 -6.00 6.58 10.52
N GLU A 60 -6.33 7.64 9.79
CA GLU A 60 -5.50 8.85 9.69
C GLU A 60 -4.08 8.52 9.19
N ALA A 61 -4.00 7.89 8.02
CA ALA A 61 -2.71 7.52 7.43
C ALA A 61 -2.09 8.70 6.68
N ILE A 62 -0.80 8.94 6.92
CA ILE A 62 -0.08 10.04 6.27
C ILE A 62 0.45 9.54 4.92
N CYS A 63 0.18 10.31 3.87
CA CYS A 63 0.60 9.95 2.51
C CYS A 63 1.50 11.03 1.90
N GLU A 64 2.69 10.62 1.46
CA GLU A 64 3.67 11.51 0.83
C GLU A 64 3.86 11.10 -0.63
N VAL A 65 4.14 12.06 -1.49
CA VAL A 65 4.33 11.81 -2.93
C VAL A 65 5.83 11.67 -3.25
N ALA A 66 6.16 10.66 -4.04
CA ALA A 66 7.53 10.39 -4.48
C ALA A 66 7.52 10.24 -6.01
N LEU A 67 7.47 11.38 -6.71
CA LEU A 67 7.41 11.42 -8.18
C LEU A 67 8.76 11.10 -8.84
N ASP A 68 9.77 10.75 -8.04
CA ASP A 68 11.10 10.43 -8.58
C ASP A 68 11.92 9.62 -7.56
N TYR A 69 11.30 8.57 -7.00
CA TYR A 69 11.96 7.71 -5.99
C TYR A 69 13.11 6.89 -6.61
N LYS A 70 13.32 7.08 -7.90
CA LYS A 70 14.38 6.43 -8.68
C LYS A 70 14.87 7.45 -9.70
N LYS A 71 14.12 7.57 -10.79
CA LYS A 71 14.38 8.53 -11.86
C LYS A 71 13.04 9.09 -12.33
N LYS A 72 12.16 8.16 -12.64
CA LYS A 72 10.78 8.43 -13.06
C LYS A 72 9.84 7.49 -12.32
N LYS A 73 8.60 7.42 -12.77
CA LYS A 73 7.53 6.58 -12.17
C LYS A 73 6.90 7.29 -10.97
N HIS A 74 5.61 7.05 -10.80
CA HIS A 74 4.83 7.66 -9.73
C HIS A 74 4.73 6.71 -8.52
N VAL A 75 5.45 7.07 -7.46
CA VAL A 75 5.46 6.31 -6.21
C VAL A 75 4.96 7.22 -5.08
N PHE A 76 4.41 6.64 -4.02
CA PHE A 76 3.93 7.42 -2.87
C PHE A 76 4.19 6.64 -1.58
N LYS A 77 4.60 7.36 -0.54
CA LYS A 77 4.90 6.76 0.76
C LYS A 77 3.66 6.83 1.63
N LEU A 78 3.22 5.68 2.14
CA LEU A 78 2.05 5.58 2.98
C LEU A 78 2.44 5.13 4.39
N ARG A 79 2.32 6.04 5.35
CA ARG A 79 2.65 5.78 6.74
C ARG A 79 1.37 5.56 7.55
N LEU A 80 1.29 4.40 8.20
CA LEU A 80 0.13 4.05 9.02
C LEU A 80 0.25 4.67 10.42
N SER A 81 -0.87 4.81 11.12
CA SER A 81 -0.92 5.42 12.47
C SER A 81 -0.22 4.55 13.53
N ASP A 82 0.11 3.30 13.20
CA ASP A 82 0.80 2.39 14.13
C ASP A 82 2.33 2.62 14.08
N GLY A 83 2.81 3.11 12.93
CA GLY A 83 4.23 3.38 12.73
C GLY A 83 4.75 2.72 11.45
N ASN A 84 3.96 1.76 10.90
CA ASN A 84 4.35 1.04 9.67
C ASN A 84 4.47 2.01 8.48
N GLU A 85 5.62 1.95 7.80
CA GLU A 85 5.90 2.81 6.64
C GLU A 85 6.12 1.97 5.39
N TYR A 86 5.20 2.07 4.43
CA TYR A 86 5.28 1.32 3.17
C TYR A 86 5.24 2.27 1.96
N LEU A 87 5.98 1.92 0.91
CA LEU A 87 6.00 2.71 -0.33
C LEU A 87 5.10 2.00 -1.34
N PHE A 88 4.17 2.74 -1.94
CA PHE A 88 3.24 2.17 -2.92
C PHE A 88 3.49 2.78 -4.31
N GLN A 89 3.72 1.92 -5.29
CA GLN A 89 3.97 2.36 -6.68
C GLN A 89 2.75 2.11 -7.55
N ALA A 90 2.43 3.09 -8.40
CA ALA A 90 1.31 3.01 -9.34
C ALA A 90 1.86 2.99 -10.77
N LYS A 91 1.08 2.44 -11.70
CA LYS A 91 1.51 2.35 -13.11
C LYS A 91 0.95 3.52 -13.93
N ASP A 92 -0.22 4.03 -13.56
CA ASP A 92 -0.86 5.13 -14.28
C ASP A 92 -0.87 6.41 -13.45
N ASP A 93 -0.84 7.54 -14.17
CA ASP A 93 -0.83 8.88 -13.56
C ASP A 93 -2.08 9.12 -12.70
N GLU A 94 -3.24 8.73 -13.22
CA GLU A 94 -4.51 8.89 -12.50
C GLU A 94 -4.55 7.99 -11.27
N GLU A 95 -4.24 6.70 -11.47
CA GLU A 95 -4.22 5.69 -10.41
C GLU A 95 -3.50 6.19 -9.16
N MET A 96 -2.31 6.79 -9.34
CA MET A 96 -1.52 7.33 -8.21
C MET A 96 -2.32 8.39 -7.43
N ASN A 97 -3.00 9.27 -8.16
CA ASN A 97 -3.81 10.34 -7.54
C ASN A 97 -5.05 9.73 -6.87
N THR A 98 -5.70 8.79 -7.56
CA THR A 98 -6.89 8.11 -7.06
C THR A 98 -6.61 7.38 -5.73
N TRP A 99 -5.45 6.71 -5.66
CA TRP A 99 -5.06 5.97 -4.44
C TRP A 99 -4.78 6.93 -3.28
N ILE A 100 -3.93 7.92 -3.51
CA ILE A 100 -3.56 8.91 -2.48
C ILE A 100 -4.80 9.63 -1.92
N GLN A 101 -5.69 10.09 -2.80
CA GLN A 101 -6.90 10.79 -2.39
C GLN A 101 -7.88 9.84 -1.67
N ALA A 102 -7.94 8.59 -2.11
CA ALA A 102 -8.83 7.58 -1.49
C ALA A 102 -8.38 7.32 -0.05
N ILE A 103 -7.08 7.09 0.12
CA ILE A 103 -6.48 6.82 1.44
C ILE A 103 -6.62 8.03 2.38
N SER A 104 -6.54 9.24 1.81
CA SER A 104 -6.69 10.48 2.59
C SER A 104 -8.14 10.66 3.08
N SER A 105 -9.08 9.94 2.43
CA SER A 105 -10.50 9.99 2.80
C SER A 105 -10.81 8.90 3.84
N ALA A 106 -10.87 7.65 3.38
CA ALA A 106 -11.16 6.50 4.24
C ALA A 106 -11.14 5.22 3.41
N MET A 1 -12.21 1.23 -4.34
CA MET A 1 -10.85 1.36 -4.94
C MET A 1 -10.10 0.05 -4.79
N GLU A 2 -10.08 -0.74 -5.87
CA GLU A 2 -9.40 -2.04 -5.90
C GLU A 2 -8.50 -2.10 -7.14
N GLY A 3 -7.28 -2.58 -6.95
CA GLY A 3 -6.32 -2.68 -8.06
C GLY A 3 -4.95 -3.14 -7.57
N PHE A 4 -4.04 -3.34 -8.50
CA PHE A 4 -2.67 -3.78 -8.20
C PHE A 4 -1.78 -2.60 -7.83
N LEU A 5 -0.91 -2.83 -6.86
CA LEU A 5 0.04 -1.84 -6.37
C LEU A 5 1.32 -2.54 -5.94
N ASN A 6 2.47 -1.93 -6.18
CA ASN A 6 3.74 -2.51 -5.76
C ASN A 6 3.98 -2.07 -4.33
N ARG A 7 4.15 -3.02 -3.42
CA ARG A 7 4.35 -2.72 -2.00
C ARG A 7 5.78 -3.04 -1.56
N LYS A 8 6.36 -2.10 -0.83
CA LYS A 8 7.71 -2.24 -0.30
C LYS A 8 7.73 -1.65 1.11
N HIS A 9 7.93 -2.52 2.09
CA HIS A 9 7.96 -2.09 3.50
C HIS A 9 9.32 -1.49 3.86
N GLU A 10 9.27 -0.35 4.54
CA GLU A 10 10.48 0.38 4.98
C GLU A 10 10.74 0.05 6.46
N TRP A 11 9.69 0.19 7.25
CA TRP A 11 9.72 -0.09 8.68
C TRP A 11 8.43 -0.82 9.04
N GLU A 12 8.57 -2.08 9.40
CA GLU A 12 7.45 -2.95 9.75
C GLU A 12 7.82 -3.77 11.00
N ALA A 13 8.18 -3.08 12.07
CA ALA A 13 8.56 -3.71 13.33
C ALA A 13 8.58 -2.67 14.46
N HIS A 14 9.10 -3.05 15.62
CA HIS A 14 9.17 -2.14 16.78
C HIS A 14 10.20 -1.02 16.53
N ASN A 15 11.38 -1.39 16.04
CA ASN A 15 12.45 -0.43 15.74
C ASN A 15 13.53 -1.13 14.91
N LYS A 16 13.11 -1.72 13.79
CA LYS A 16 14.00 -2.42 12.88
C LYS A 16 13.58 -2.14 11.43
N LYS A 17 14.56 -1.86 10.56
CA LYS A 17 14.29 -1.57 9.15
C LYS A 17 13.98 -2.88 8.39
N ALA A 18 13.27 -2.75 7.28
CA ALA A 18 12.89 -3.90 6.46
C ALA A 18 13.93 -4.16 5.36
N SER A 19 13.82 -5.34 4.73
CA SER A 19 14.74 -5.74 3.65
C SER A 19 14.32 -7.07 2.98
N SER A 20 13.60 -7.93 3.72
CA SER A 20 13.17 -9.25 3.22
C SER A 20 12.20 -9.15 2.03
N ARG A 21 11.14 -8.33 2.15
CA ARG A 21 10.14 -8.19 1.10
C ARG A 21 10.21 -6.80 0.47
N SER A 22 11.24 -6.57 -0.35
CA SER A 22 11.44 -5.28 -1.02
C SER A 22 10.78 -5.29 -2.40
N TRP A 23 9.69 -4.53 -2.53
CA TRP A 23 8.94 -4.38 -3.78
C TRP A 23 8.29 -5.68 -4.27
N HIS A 24 7.01 -5.84 -3.95
CA HIS A 24 6.20 -7.00 -4.37
C HIS A 24 4.85 -6.51 -4.89
N ASN A 25 4.44 -7.02 -6.05
CA ASN A 25 3.16 -6.65 -6.67
C ASN A 25 2.01 -7.31 -5.91
N VAL A 26 1.24 -6.50 -5.18
CA VAL A 26 0.12 -6.99 -4.38
C VAL A 26 -1.18 -6.29 -4.81
N TYR A 27 -2.31 -6.93 -4.49
CA TYR A 27 -3.63 -6.38 -4.82
C TYR A 27 -4.23 -5.73 -3.58
N CYS A 28 -4.39 -4.40 -3.63
CA CYS A 28 -4.94 -3.64 -2.51
C CYS A 28 -6.44 -3.35 -2.71
N VAL A 29 -7.19 -3.43 -1.61
CA VAL A 29 -8.64 -3.19 -1.62
C VAL A 29 -9.01 -2.32 -0.42
N ILE A 30 -9.51 -1.11 -0.67
CA ILE A 30 -9.92 -0.19 0.40
C ILE A 30 -11.38 -0.47 0.78
N ASN A 31 -11.64 -0.61 2.08
CA ASN A 31 -12.98 -0.88 2.58
C ASN A 31 -13.18 -0.15 3.90
N ASN A 32 -13.87 0.99 3.84
CA ASN A 32 -14.15 1.82 5.02
C ASN A 32 -12.85 2.40 5.60
N GLN A 33 -12.56 2.09 6.87
CA GLN A 33 -11.34 2.60 7.54
C GLN A 33 -10.24 1.52 7.55
N GLU A 34 -10.36 0.53 6.63
CA GLU A 34 -9.39 -0.56 6.53
C GLU A 34 -9.09 -0.86 5.07
N MET A 35 -7.98 -1.57 4.85
CA MET A 35 -7.56 -1.97 3.50
C MET A 35 -7.07 -3.42 3.55
N GLY A 36 -7.44 -4.20 2.54
CA GLY A 36 -7.07 -5.62 2.46
C GLY A 36 -5.97 -5.84 1.42
N PHE A 37 -4.98 -6.65 1.80
CA PHE A 37 -3.85 -7.00 0.91
C PHE A 37 -4.05 -8.43 0.39
N TYR A 38 -4.46 -8.53 -0.87
CA TYR A 38 -4.71 -9.83 -1.51
C TYR A 38 -3.74 -10.08 -2.65
N LYS A 39 -3.84 -11.27 -3.27
CA LYS A 39 -2.98 -11.65 -4.38
C LYS A 39 -3.46 -11.05 -5.71
N ASP A 40 -4.78 -11.02 -5.90
CA ASP A 40 -5.41 -10.47 -7.10
C ASP A 40 -6.90 -10.23 -6.85
N ALA A 41 -7.62 -9.83 -7.91
CA ALA A 41 -9.06 -9.57 -7.83
C ALA A 41 -9.84 -10.82 -7.39
N LYS A 42 -9.39 -12.00 -7.85
CA LYS A 42 -10.03 -13.27 -7.48
C LYS A 42 -9.81 -13.57 -6.00
N SER A 43 -8.56 -13.42 -5.52
CA SER A 43 -8.23 -13.66 -4.11
C SER A 43 -8.97 -12.67 -3.20
N ALA A 44 -9.17 -11.44 -3.69
CA ALA A 44 -9.87 -10.40 -2.94
C ALA A 44 -11.37 -10.68 -2.87
N ALA A 45 -11.96 -11.04 -4.01
CA ALA A 45 -13.40 -11.34 -4.10
C ALA A 45 -13.74 -12.60 -3.29
N SER A 46 -12.99 -13.68 -3.52
CA SER A 46 -13.21 -14.95 -2.81
C SER A 46 -12.85 -14.83 -1.33
N GLY A 47 -11.81 -14.04 -1.03
CA GLY A 47 -11.35 -13.81 0.36
C GLY A 47 -10.29 -14.83 0.76
N ILE A 48 -9.18 -14.85 0.03
CA ILE A 48 -8.06 -15.75 0.29
C ILE A 48 -6.93 -14.97 0.96
N PRO A 49 -6.42 -15.43 2.12
CA PRO A 49 -5.35 -14.76 2.85
C PRO A 49 -3.97 -14.87 2.18
N TYR A 50 -3.56 -13.80 1.50
CA TYR A 50 -2.26 -13.74 0.81
C TYR A 50 -1.14 -13.48 1.82
N HIS A 51 -1.47 -12.78 2.90
CA HIS A 51 -0.52 -12.43 3.96
C HIS A 51 -1.06 -12.90 5.31
N SER A 52 -0.21 -12.87 6.34
CA SER A 52 -0.59 -13.26 7.70
C SER A 52 -1.59 -12.23 8.26
N GLU A 53 -1.35 -10.96 7.95
CA GLU A 53 -2.20 -9.84 8.35
C GLU A 53 -2.83 -9.28 7.07
N VAL A 54 -4.07 -9.67 6.80
CA VAL A 54 -4.77 -9.25 5.58
C VAL A 54 -5.45 -7.87 5.74
N PRO A 55 -6.23 -7.64 6.83
CA PRO A 55 -6.92 -6.37 7.05
C PRO A 55 -6.08 -5.36 7.84
N VAL A 56 -5.59 -4.33 7.16
CA VAL A 56 -4.79 -3.29 7.79
C VAL A 56 -5.65 -2.04 7.99
N SER A 57 -5.60 -1.47 9.19
CA SER A 57 -6.39 -0.31 9.56
C SER A 57 -5.75 1.01 9.08
N LEU A 58 -6.56 1.85 8.42
CA LEU A 58 -6.12 3.17 7.97
C LEU A 58 -6.33 4.16 9.11
N LYS A 59 -5.63 3.88 10.22
CA LYS A 59 -5.72 4.68 11.45
C LYS A 59 -4.79 5.89 11.36
N GLU A 60 -5.35 7.04 10.97
CA GLU A 60 -4.61 8.29 10.82
C GLU A 60 -3.41 8.08 9.90
N ALA A 61 -3.68 7.56 8.69
CA ALA A 61 -2.65 7.27 7.70
C ALA A 61 -2.13 8.54 7.02
N ILE A 62 -0.81 8.69 7.01
CA ILE A 62 -0.14 9.82 6.38
C ILE A 62 0.32 9.38 4.99
N CYS A 63 0.05 10.20 3.98
CA CYS A 63 0.44 9.88 2.61
C CYS A 63 1.19 11.05 1.99
N GLU A 64 2.35 10.76 1.38
CA GLU A 64 3.19 11.78 0.75
C GLU A 64 3.53 11.33 -0.67
N VAL A 65 3.79 12.29 -1.55
CA VAL A 65 4.13 12.00 -2.95
C VAL A 65 5.65 11.82 -3.11
N ALA A 66 6.04 10.81 -3.89
CA ALA A 66 7.44 10.50 -4.18
C ALA A 66 7.51 9.99 -5.62
N LEU A 67 7.03 10.83 -6.55
CA LEU A 67 6.97 10.49 -7.98
C LEU A 67 8.24 9.82 -8.49
N ASP A 68 9.35 10.54 -8.42
CA ASP A 68 10.65 10.04 -8.87
C ASP A 68 11.43 9.41 -7.71
N TYR A 69 10.88 8.31 -7.16
CA TYR A 69 11.55 7.59 -6.06
C TYR A 69 12.63 6.66 -6.63
N LYS A 70 12.51 6.36 -7.91
CA LYS A 70 13.47 5.51 -8.63
C LYS A 70 13.79 6.16 -9.97
N LYS A 71 12.96 5.89 -10.98
CA LYS A 71 13.13 6.46 -12.32
C LYS A 71 11.78 6.53 -13.02
N LYS A 72 11.25 5.36 -13.34
CA LYS A 72 9.94 5.23 -13.99
C LYS A 72 8.87 4.83 -12.97
N LYS A 73 7.63 5.17 -13.28
CA LYS A 73 6.46 4.88 -12.44
C LYS A 73 6.40 5.86 -11.25
N HIS A 74 5.21 6.38 -11.00
CA HIS A 74 4.98 7.35 -9.92
C HIS A 74 4.79 6.61 -8.59
N VAL A 75 5.72 6.84 -7.66
CA VAL A 75 5.68 6.20 -6.33
C VAL A 75 5.09 7.19 -5.30
N PHE A 76 4.56 6.64 -4.20
CA PHE A 76 4.00 7.46 -3.13
C PHE A 76 4.26 6.78 -1.79
N LYS A 77 4.49 7.59 -0.76
CA LYS A 77 4.77 7.10 0.59
C LYS A 77 3.47 6.98 1.38
N LEU A 78 3.29 5.84 2.04
CA LEU A 78 2.10 5.58 2.85
C LEU A 78 2.56 5.12 4.23
N ARG A 79 2.42 6.01 5.21
CA ARG A 79 2.84 5.77 6.58
C ARG A 79 1.62 5.62 7.49
N LEU A 80 1.48 4.45 8.09
CA LEU A 80 0.39 4.16 9.03
C LEU A 80 0.83 4.52 10.45
N SER A 81 0.05 5.37 11.12
CA SER A 81 0.39 5.81 12.48
C SER A 81 0.17 4.71 13.54
N ASP A 82 -0.27 3.52 13.12
CA ASP A 82 -0.47 2.39 14.04
C ASP A 82 0.87 1.68 14.29
N GLY A 83 1.83 1.88 13.37
CA GLY A 83 3.17 1.28 13.48
C GLY A 83 3.54 0.59 12.17
N ASN A 84 3.57 1.36 11.05
CA ASN A 84 3.92 0.79 9.74
C ASN A 84 4.32 1.89 8.75
N GLU A 85 5.22 1.54 7.83
CA GLU A 85 5.70 2.46 6.78
C GLU A 85 5.90 1.68 5.49
N TYR A 86 5.05 1.97 4.48
CA TYR A 86 5.11 1.29 3.17
C TYR A 86 5.33 2.30 2.03
N LEU A 87 5.94 1.81 0.95
CA LEU A 87 6.15 2.58 -0.28
C LEU A 87 5.29 1.91 -1.35
N PHE A 88 4.48 2.68 -2.06
CA PHE A 88 3.58 2.13 -3.08
C PHE A 88 3.88 2.71 -4.47
N GLN A 89 3.97 1.82 -5.47
CA GLN A 89 4.23 2.20 -6.86
C GLN A 89 2.96 2.03 -7.67
N ALA A 90 2.51 3.13 -8.29
CA ALA A 90 1.32 3.12 -9.14
C ALA A 90 1.72 2.91 -10.60
N LYS A 91 0.78 2.50 -11.43
CA LYS A 91 1.05 2.27 -12.85
C LYS A 91 0.79 3.54 -13.67
N ASP A 92 -0.15 4.36 -13.20
CA ASP A 92 -0.51 5.62 -13.87
C ASP A 92 -0.63 6.76 -12.86
N ASP A 93 -0.46 7.99 -13.34
CA ASP A 93 -0.57 9.22 -12.52
C ASP A 93 -1.97 9.34 -11.92
N GLU A 94 -2.99 9.05 -12.76
CA GLU A 94 -4.39 9.09 -12.33
C GLU A 94 -4.65 8.08 -11.22
N GLU A 95 -3.98 6.93 -11.32
CA GLU A 95 -4.10 5.86 -10.32
C GLU A 95 -3.51 6.33 -8.98
N MET A 96 -2.27 6.84 -9.05
CA MET A 96 -1.56 7.36 -7.88
C MET A 96 -2.38 8.45 -7.17
N ASN A 97 -2.93 9.36 -7.97
CA ASN A 97 -3.76 10.47 -7.46
C ASN A 97 -5.01 9.92 -6.73
N THR A 98 -5.67 8.94 -7.34
CA THR A 98 -6.88 8.32 -6.75
C THR A 98 -6.53 7.52 -5.49
N TRP A 99 -5.40 6.81 -5.51
CA TRP A 99 -4.96 6.01 -4.35
C TRP A 99 -4.72 6.91 -3.13
N ILE A 100 -3.89 7.93 -3.29
CA ILE A 100 -3.58 8.87 -2.21
C ILE A 100 -4.85 9.58 -1.74
N GLN A 101 -5.72 9.98 -2.67
CA GLN A 101 -6.97 10.66 -2.34
C GLN A 101 -7.92 9.72 -1.58
N ALA A 102 -8.06 8.48 -2.05
CA ALA A 102 -8.93 7.48 -1.41
C ALA A 102 -8.48 7.21 0.03
N ILE A 103 -7.16 7.10 0.22
CA ILE A 103 -6.57 6.87 1.55
C ILE A 103 -6.74 8.12 2.42
N SER A 104 -6.51 9.30 1.83
CA SER A 104 -6.65 10.57 2.54
C SER A 104 -8.10 10.81 3.00
N SER A 105 -9.05 10.47 2.12
CA SER A 105 -10.48 10.64 2.40
C SER A 105 -11.06 9.43 3.16
N ALA A 106 -10.18 8.58 3.71
CA ALA A 106 -10.61 7.41 4.48
C ALA A 106 -10.85 7.82 5.93
N MET A 1 -11.67 1.77 -6.67
CA MET A 1 -10.52 1.97 -5.74
C MET A 1 -9.60 0.75 -5.75
N GLU A 2 -10.20 -0.44 -5.62
CA GLU A 2 -9.48 -1.72 -5.58
C GLU A 2 -8.67 -1.95 -6.87
N GLY A 3 -7.51 -2.59 -6.72
CA GLY A 3 -6.64 -2.89 -7.86
C GLY A 3 -5.24 -3.29 -7.40
N PHE A 4 -4.33 -3.44 -8.35
CA PHE A 4 -2.95 -3.84 -8.09
C PHE A 4 -2.09 -2.62 -7.74
N LEU A 5 -1.05 -2.87 -6.93
CA LEU A 5 -0.12 -1.83 -6.50
C LEU A 5 1.23 -2.46 -6.17
N ASN A 6 2.32 -1.74 -6.43
CA ASN A 6 3.66 -2.21 -6.10
C ASN A 6 3.91 -1.85 -4.65
N ARG A 7 4.35 -2.81 -3.83
CA ARG A 7 4.57 -2.56 -2.40
C ARG A 7 6.01 -2.86 -2.00
N LYS A 8 6.54 -2.01 -1.13
CA LYS A 8 7.90 -2.13 -0.60
C LYS A 8 7.90 -1.58 0.82
N HIS A 9 8.02 -2.46 1.80
CA HIS A 9 8.01 -2.05 3.21
C HIS A 9 9.37 -1.49 3.64
N GLU A 10 9.35 -0.30 4.24
CA GLU A 10 10.57 0.36 4.71
C GLU A 10 10.71 0.16 6.22
N TRP A 11 9.59 0.23 6.93
CA TRP A 11 9.59 0.06 8.38
C TRP A 11 8.22 -0.41 8.86
N GLU A 12 8.23 -1.23 9.91
CA GLU A 12 7.02 -1.77 10.54
C GLU A 12 7.45 -2.43 11.85
N ALA A 13 8.56 -3.15 11.79
CA ALA A 13 9.14 -3.81 12.95
C ALA A 13 10.09 -2.82 13.63
N HIS A 14 9.93 -2.63 14.95
CA HIS A 14 10.76 -1.70 15.71
C HIS A 14 12.19 -2.25 15.83
N ASN A 15 13.07 -1.76 14.97
CA ASN A 15 14.47 -2.16 14.93
C ASN A 15 15.26 -1.05 14.22
N LYS A 16 15.37 -1.15 12.90
CA LYS A 16 16.06 -0.15 12.07
C LYS A 16 15.27 0.08 10.78
N LYS A 17 15.06 -0.99 10.03
CA LYS A 17 14.30 -0.94 8.76
C LYS A 17 13.98 -2.35 8.29
N ALA A 18 12.93 -2.47 7.47
CA ALA A 18 12.50 -3.76 6.93
C ALA A 18 13.09 -3.98 5.53
N SER A 19 13.89 -5.03 5.40
CA SER A 19 14.53 -5.37 4.13
C SER A 19 14.48 -6.89 3.89
N SER A 20 13.26 -7.42 3.87
CA SER A 20 13.02 -8.86 3.66
C SER A 20 12.27 -9.07 2.35
N ARG A 21 11.31 -8.18 2.05
CA ARG A 21 10.51 -8.25 0.83
C ARG A 21 10.74 -6.98 0.00
N SER A 22 11.34 -7.15 -1.18
CA SER A 22 11.63 -6.04 -2.09
C SER A 22 10.34 -5.66 -2.86
N TRP A 23 10.47 -4.74 -3.82
CA TRP A 23 9.33 -4.27 -4.64
C TRP A 23 8.53 -5.44 -5.23
N HIS A 24 7.38 -5.74 -4.63
CA HIS A 24 6.51 -6.84 -5.08
C HIS A 24 5.13 -6.31 -5.45
N ASN A 25 4.57 -6.83 -6.54
CA ASN A 25 3.24 -6.43 -7.00
C ASN A 25 2.18 -7.16 -6.17
N VAL A 26 1.34 -6.40 -5.48
CA VAL A 26 0.29 -6.96 -4.62
C VAL A 26 -1.05 -6.28 -4.89
N TYR A 27 -2.13 -6.93 -4.48
CA TYR A 27 -3.48 -6.39 -4.67
C TYR A 27 -3.96 -5.76 -3.36
N CYS A 28 -4.30 -4.48 -3.42
CA CYS A 28 -4.76 -3.74 -2.23
C CYS A 28 -6.25 -3.42 -2.33
N VAL A 29 -6.94 -3.51 -1.19
CA VAL A 29 -8.38 -3.25 -1.09
C VAL A 29 -8.63 -2.29 0.07
N ILE A 30 -9.48 -1.30 -0.15
CA ILE A 30 -9.82 -0.30 0.89
C ILE A 30 -11.30 -0.41 1.24
N ASN A 31 -11.62 -0.40 2.53
CA ASN A 31 -13.01 -0.50 2.99
C ASN A 31 -13.17 0.14 4.37
N ASN A 32 -13.92 1.26 4.41
CA ASN A 32 -14.23 2.00 5.65
C ASN A 32 -13.01 2.20 6.57
N GLN A 33 -12.05 3.00 6.10
CA GLN A 33 -10.82 3.31 6.85
C GLN A 33 -10.00 2.07 7.23
N GLU A 34 -10.22 0.94 6.51
CA GLU A 34 -9.48 -0.30 6.73
C GLU A 34 -9.06 -0.86 5.38
N MET A 35 -8.00 -1.66 5.34
CA MET A 35 -7.53 -2.23 4.07
C MET A 35 -7.03 -3.66 4.27
N GLY A 36 -6.77 -4.33 3.16
CA GLY A 36 -6.29 -5.71 3.18
C GLY A 36 -5.40 -5.97 1.97
N PHE A 37 -4.46 -6.91 2.14
CA PHE A 37 -3.53 -7.30 1.08
C PHE A 37 -3.89 -8.68 0.55
N TYR A 38 -4.22 -8.75 -0.74
CA TYR A 38 -4.60 -10.01 -1.39
C TYR A 38 -3.70 -10.28 -2.61
N LYS A 39 -3.97 -11.39 -3.30
CA LYS A 39 -3.21 -11.77 -4.49
C LYS A 39 -3.74 -11.00 -5.71
N ASP A 40 -5.07 -10.94 -5.84
CA ASP A 40 -5.72 -10.25 -6.96
C ASP A 40 -7.17 -9.92 -6.61
N ALA A 41 -7.95 -9.47 -7.60
CA ALA A 41 -9.36 -9.13 -7.44
C ALA A 41 -10.18 -10.36 -7.03
N LYS A 42 -9.86 -11.52 -7.61
CA LYS A 42 -10.56 -12.77 -7.30
C LYS A 42 -10.29 -13.19 -5.85
N SER A 43 -9.02 -13.10 -5.45
CA SER A 43 -8.59 -13.46 -4.08
C SER A 43 -9.26 -12.53 -3.05
N ALA A 44 -9.45 -11.26 -3.41
CA ALA A 44 -10.09 -10.27 -2.55
C ALA A 44 -11.59 -10.53 -2.42
N ALA A 45 -12.24 -10.80 -3.56
CA ALA A 45 -13.68 -11.06 -3.60
C ALA A 45 -14.04 -12.37 -2.88
N SER A 46 -13.32 -13.45 -3.18
CA SER A 46 -13.57 -14.76 -2.57
C SER A 46 -13.07 -14.82 -1.11
N GLY A 47 -12.16 -13.91 -0.75
CA GLY A 47 -11.61 -13.85 0.61
C GLY A 47 -10.57 -14.96 0.83
N ILE A 48 -9.52 -14.95 0.02
CA ILE A 48 -8.44 -15.93 0.10
C ILE A 48 -7.19 -15.25 0.67
N PRO A 49 -6.53 -15.88 1.67
CA PRO A 49 -5.31 -15.32 2.30
C PRO A 49 -4.13 -15.23 1.33
N TYR A 50 -3.36 -14.13 1.43
CA TYR A 50 -2.20 -13.90 0.56
C TYR A 50 -0.96 -14.63 1.10
N HIS A 51 -0.52 -14.26 2.31
CA HIS A 51 0.66 -14.86 2.93
C HIS A 51 0.39 -15.08 4.43
N SER A 52 0.53 -14.02 5.22
CA SER A 52 0.30 -14.08 6.66
C SER A 52 -0.60 -12.91 7.09
N GLU A 53 -0.08 -11.69 6.98
CA GLU A 53 -0.84 -10.48 7.33
C GLU A 53 -1.83 -10.17 6.21
N VAL A 54 -3.13 -10.31 6.50
CA VAL A 54 -4.18 -10.06 5.49
C VAL A 54 -4.83 -8.68 5.71
N PRO A 55 -5.36 -8.38 6.92
CA PRO A 55 -6.02 -7.10 7.21
C PRO A 55 -5.08 -6.09 7.88
N VAL A 56 -5.16 -4.83 7.46
CA VAL A 56 -4.36 -3.75 8.01
C VAL A 56 -5.23 -2.51 8.15
N SER A 57 -5.06 -1.78 9.25
CA SER A 57 -5.86 -0.60 9.54
C SER A 57 -5.37 0.63 8.75
N LEU A 58 -6.33 1.46 8.32
CA LEU A 58 -6.06 2.69 7.56
C LEU A 58 -6.80 3.85 8.26
N LYS A 59 -6.77 3.83 9.59
CA LYS A 59 -7.44 4.83 10.42
C LYS A 59 -6.61 6.12 10.45
N GLU A 60 -7.03 7.09 9.63
CA GLU A 60 -6.34 8.38 9.53
C GLU A 60 -4.89 8.17 9.06
N ALA A 61 -4.75 7.61 7.86
CA ALA A 61 -3.43 7.32 7.28
C ALA A 61 -2.87 8.55 6.55
N ILE A 62 -1.60 8.87 6.83
CA ILE A 62 -0.93 10.01 6.18
C ILE A 62 -0.19 9.49 4.94
N CYS A 63 -0.31 10.22 3.84
CA CYS A 63 0.32 9.82 2.57
C CYS A 63 1.20 10.94 2.04
N GLU A 64 2.37 10.57 1.52
CA GLU A 64 3.33 11.51 0.95
C GLU A 64 3.73 11.06 -0.46
N VAL A 65 3.79 11.99 -1.39
CA VAL A 65 4.16 11.68 -2.78
C VAL A 65 5.68 11.47 -2.88
N ALA A 66 6.10 10.49 -3.67
CA ALA A 66 7.51 10.17 -3.84
C ALA A 66 7.86 10.09 -5.34
N LEU A 67 8.29 11.23 -5.89
CA LEU A 67 8.68 11.34 -7.29
C LEU A 67 10.21 11.48 -7.42
N ASP A 68 10.91 11.61 -6.28
CA ASP A 68 12.38 11.75 -6.25
C ASP A 68 13.05 10.43 -5.84
N TYR A 69 12.26 9.37 -5.64
CA TYR A 69 12.78 8.05 -5.26
C TYR A 69 13.45 7.40 -6.48
N LYS A 70 14.56 6.70 -6.27
CA LYS A 70 15.29 6.04 -7.37
C LYS A 70 14.63 4.72 -7.78
N LYS A 71 14.58 4.48 -9.10
CA LYS A 71 13.99 3.26 -9.70
C LYS A 71 12.48 3.21 -9.44
N LYS A 72 11.69 3.88 -10.30
CA LYS A 72 10.25 3.91 -10.13
C LYS A 72 9.53 4.56 -11.32
N LYS A 73 8.21 4.63 -11.18
CA LYS A 73 7.32 5.25 -12.16
C LYS A 73 6.61 6.42 -11.48
N HIS A 74 5.88 6.09 -10.41
CA HIS A 74 5.12 7.03 -9.59
C HIS A 74 4.96 6.39 -8.21
N VAL A 75 5.71 6.86 -7.21
CA VAL A 75 5.66 6.27 -5.86
C VAL A 75 5.01 7.23 -4.84
N PHE A 76 4.50 6.65 -3.76
CA PHE A 76 3.88 7.40 -2.66
C PHE A 76 4.05 6.59 -1.38
N LYS A 77 4.42 7.27 -0.30
CA LYS A 77 4.64 6.62 0.99
C LYS A 77 3.38 6.67 1.84
N LEU A 78 2.97 5.52 2.35
CA LEU A 78 1.80 5.40 3.21
C LEU A 78 2.27 5.22 4.65
N ARG A 79 2.00 6.21 5.48
CA ARG A 79 2.40 6.20 6.88
C ARG A 79 1.17 5.90 7.75
N LEU A 80 1.10 4.66 8.21
CA LEU A 80 -0.01 4.20 9.05
C LEU A 80 0.22 4.67 10.49
N SER A 81 -0.85 5.13 11.13
CA SER A 81 -0.78 5.59 12.52
C SER A 81 -0.80 4.40 13.49
N ASP A 82 -0.11 3.33 13.10
CA ASP A 82 -0.01 2.10 13.89
C ASP A 82 1.44 1.59 13.86
N GLY A 83 2.39 2.51 13.70
CA GLY A 83 3.82 2.19 13.64
C GLY A 83 4.14 1.32 12.41
N ASN A 84 3.77 1.82 11.21
CA ASN A 84 4.00 1.09 9.95
C ASN A 84 4.25 2.12 8.84
N GLU A 85 5.18 1.80 7.94
CA GLU A 85 5.54 2.68 6.82
C GLU A 85 5.76 1.84 5.55
N TYR A 86 4.89 2.01 4.55
CA TYR A 86 4.98 1.26 3.29
C TYR A 86 5.11 2.20 2.08
N LEU A 87 5.96 1.81 1.11
CA LEU A 87 6.14 2.58 -0.12
C LEU A 87 5.27 1.93 -1.20
N PHE A 88 4.31 2.67 -1.74
CA PHE A 88 3.42 2.16 -2.78
C PHE A 88 3.72 2.85 -4.11
N GLN A 89 3.61 2.10 -5.20
CA GLN A 89 3.90 2.64 -6.52
C GLN A 89 2.82 2.21 -7.52
N ALA A 90 2.31 3.19 -8.27
CA ALA A 90 1.29 2.98 -9.28
C ALA A 90 1.91 2.92 -10.68
N LYS A 91 1.09 2.70 -11.70
CA LYS A 91 1.56 2.62 -13.08
C LYS A 91 1.46 3.98 -13.80
N ASP A 92 0.42 4.75 -13.49
CA ASP A 92 0.19 6.07 -14.12
C ASP A 92 -0.01 7.16 -13.07
N ASP A 93 0.19 8.42 -13.48
CA ASP A 93 0.01 9.60 -12.63
C ASP A 93 -1.44 9.71 -12.16
N GLU A 94 -2.38 9.45 -13.07
CA GLU A 94 -3.82 9.48 -12.77
C GLU A 94 -4.17 8.43 -11.71
N GLU A 95 -3.56 7.25 -11.84
CA GLU A 95 -3.78 6.16 -10.89
C GLU A 95 -3.21 6.54 -9.51
N MET A 96 -1.97 7.06 -9.50
CA MET A 96 -1.30 7.49 -8.27
C MET A 96 -2.15 8.53 -7.52
N ASN A 97 -2.69 9.49 -8.28
CA ASN A 97 -3.55 10.54 -7.72
C ASN A 97 -4.83 9.95 -7.12
N THR A 98 -5.41 8.96 -7.82
CA THR A 98 -6.63 8.30 -7.36
C THR A 98 -6.37 7.49 -6.08
N TRP A 99 -5.23 6.79 -6.02
CA TRP A 99 -4.86 5.98 -4.85
C TRP A 99 -4.67 6.86 -3.61
N ILE A 100 -3.86 7.92 -3.74
CA ILE A 100 -3.59 8.86 -2.63
C ILE A 100 -4.89 9.50 -2.12
N GLN A 101 -5.79 9.87 -3.03
CA GLN A 101 -7.07 10.49 -2.66
C GLN A 101 -8.02 9.46 -2.04
N ALA A 102 -8.09 8.26 -2.62
CA ALA A 102 -8.94 7.18 -2.12
C ALA A 102 -8.61 6.82 -0.67
N ILE A 103 -7.32 6.82 -0.33
CA ILE A 103 -6.84 6.52 1.03
C ILE A 103 -7.34 7.57 2.04
N SER A 104 -7.56 8.81 1.57
CA SER A 104 -8.03 9.90 2.44
C SER A 104 -9.57 10.08 2.36
N SER A 105 -10.20 9.46 1.36
CA SER A 105 -11.66 9.58 1.16
C SER A 105 -12.43 8.30 1.48
N ALA A 106 -11.73 7.18 1.68
CA ALA A 106 -12.38 5.89 1.98
C ALA A 106 -11.72 5.24 3.20
N MET A 1 -12.75 0.43 -5.12
CA MET A 1 -11.43 0.84 -4.54
C MET A 1 -10.49 -0.37 -4.51
N GLU A 2 -10.16 -0.89 -5.70
CA GLU A 2 -9.26 -2.05 -5.82
C GLU A 2 -8.27 -1.83 -6.96
N GLY A 3 -7.17 -2.58 -6.94
CA GLY A 3 -6.15 -2.50 -7.98
C GLY A 3 -4.82 -3.04 -7.48
N PHE A 4 -3.89 -3.27 -8.42
CA PHE A 4 -2.56 -3.77 -8.10
C PHE A 4 -1.62 -2.60 -7.83
N LEU A 5 -0.77 -2.76 -6.85
CA LEU A 5 0.21 -1.73 -6.47
C LEU A 5 1.52 -2.39 -6.04
N ASN A 6 2.62 -1.77 -6.40
CA ASN A 6 3.95 -2.25 -6.00
C ASN A 6 4.14 -1.81 -4.55
N ARG A 7 4.31 -2.76 -3.64
CA ARG A 7 4.43 -2.45 -2.21
C ARG A 7 5.81 -2.77 -1.66
N LYS A 8 6.54 -1.74 -1.25
CA LYS A 8 7.87 -1.87 -0.65
C LYS A 8 7.75 -1.61 0.84
N HIS A 9 8.48 -2.39 1.63
CA HIS A 9 8.47 -2.25 3.09
C HIS A 9 9.82 -1.76 3.60
N GLU A 10 9.84 -0.53 4.11
CA GLU A 10 11.06 0.08 4.65
C GLU A 10 11.13 -0.15 6.17
N TRP A 11 9.97 0.00 6.81
CA TRP A 11 9.83 -0.18 8.26
C TRP A 11 8.57 -1.00 8.54
N GLU A 12 8.72 -2.12 9.23
CA GLU A 12 7.59 -3.00 9.55
C GLU A 12 7.76 -3.67 10.91
N ALA A 13 8.54 -3.03 11.79
CA ALA A 13 8.79 -3.54 13.14
C ALA A 13 9.59 -2.51 13.92
N HIS A 14 9.32 -2.42 15.23
CA HIS A 14 10.01 -1.47 16.11
C HIS A 14 11.49 -1.83 16.24
N ASN A 15 12.36 -0.98 15.69
CA ASN A 15 13.82 -1.18 15.72
C ASN A 15 14.26 -2.28 14.74
N LYS A 16 13.53 -2.42 13.63
CA LYS A 16 13.84 -3.43 12.61
C LYS A 16 13.38 -2.93 11.23
N LYS A 17 14.14 -3.30 10.19
CA LYS A 17 13.82 -2.91 8.81
C LYS A 17 13.90 -4.12 7.87
N ALA A 18 13.65 -3.88 6.59
CA ALA A 18 13.68 -4.94 5.56
C ALA A 18 15.09 -5.09 4.98
N SER A 19 15.21 -5.87 3.89
CA SER A 19 16.50 -6.11 3.24
C SER A 19 16.93 -4.89 2.41
N SER A 20 16.33 -4.70 1.23
CA SER A 20 16.67 -3.57 0.36
C SER A 20 15.69 -3.46 -0.81
N ARG A 21 15.97 -4.21 -1.88
CA ARG A 21 15.14 -4.21 -3.10
C ARG A 21 13.92 -5.12 -2.94
N SER A 22 13.32 -5.13 -1.75
CA SER A 22 12.14 -5.94 -1.46
C SER A 22 10.87 -5.22 -1.95
N TRP A 23 10.46 -5.54 -3.19
CA TRP A 23 9.27 -4.94 -3.82
C TRP A 23 8.26 -6.05 -4.16
N HIS A 24 7.13 -6.05 -3.47
CA HIS A 24 6.07 -7.05 -3.66
C HIS A 24 4.87 -6.43 -4.39
N ASN A 25 4.45 -7.05 -5.50
CA ASN A 25 3.28 -6.59 -6.26
C ASN A 25 2.04 -7.21 -5.64
N VAL A 26 1.33 -6.44 -4.82
CA VAL A 26 0.16 -6.91 -4.09
C VAL A 26 -1.12 -6.22 -4.57
N TYR A 27 -2.25 -6.89 -4.31
CA TYR A 27 -3.59 -6.39 -4.68
C TYR A 27 -4.19 -5.71 -3.45
N CYS A 28 -4.27 -4.38 -3.49
CA CYS A 28 -4.82 -3.59 -2.38
C CYS A 28 -6.31 -3.33 -2.58
N VAL A 29 -7.07 -3.47 -1.49
CA VAL A 29 -8.52 -3.25 -1.51
C VAL A 29 -8.95 -2.45 -0.27
N ILE A 30 -9.40 -1.22 -0.46
CA ILE A 30 -9.85 -0.37 0.65
C ILE A 30 -11.31 -0.69 0.97
N ASN A 31 -11.61 -0.91 2.25
CA ASN A 31 -12.98 -1.23 2.68
C ASN A 31 -13.37 -0.37 3.89
N ASN A 32 -13.04 0.93 3.82
CA ASN A 32 -13.36 1.90 4.88
C ASN A 32 -12.62 1.61 6.20
N GLN A 33 -11.80 2.56 6.65
CA GLN A 33 -11.05 2.45 7.91
C GLN A 33 -9.88 1.43 7.82
N GLU A 34 -10.02 0.42 6.94
CA GLU A 34 -8.99 -0.62 6.77
C GLU A 34 -8.87 -1.02 5.31
N MET A 35 -7.72 -1.61 4.96
CA MET A 35 -7.44 -2.07 3.61
C MET A 35 -6.98 -3.53 3.64
N GLY A 36 -7.41 -4.32 2.67
CA GLY A 36 -7.05 -5.74 2.57
C GLY A 36 -5.98 -5.97 1.51
N PHE A 37 -4.98 -6.77 1.87
CA PHE A 37 -3.87 -7.12 0.95
C PHE A 37 -4.10 -8.54 0.43
N TYR A 38 -4.61 -8.66 -0.77
CA TYR A 38 -4.89 -9.96 -1.40
C TYR A 38 -3.90 -10.25 -2.53
N LYS A 39 -4.06 -11.42 -3.15
CA LYS A 39 -3.20 -11.87 -4.25
C LYS A 39 -3.66 -11.23 -5.57
N ASP A 40 -4.97 -11.11 -5.74
CA ASP A 40 -5.56 -10.52 -6.96
C ASP A 40 -7.06 -10.22 -6.73
N ALA A 41 -7.78 -9.92 -7.82
CA ALA A 41 -9.22 -9.63 -7.76
C ALA A 41 -10.02 -10.85 -7.31
N LYS A 42 -9.62 -12.05 -7.78
CA LYS A 42 -10.28 -13.30 -7.41
C LYS A 42 -10.11 -13.56 -5.90
N SER A 43 -8.88 -13.39 -5.42
CA SER A 43 -8.54 -13.57 -4.00
C SER A 43 -9.33 -12.59 -3.12
N ALA A 44 -9.53 -11.38 -3.60
CA ALA A 44 -10.27 -10.34 -2.87
C ALA A 44 -11.77 -10.60 -2.90
N ALA A 45 -12.30 -10.87 -4.09
CA ALA A 45 -13.73 -11.13 -4.29
C ALA A 45 -14.19 -12.38 -3.53
N SER A 46 -13.46 -13.48 -3.68
CA SER A 46 -13.81 -14.75 -3.01
C SER A 46 -13.52 -14.68 -1.51
N GLY A 47 -12.64 -13.76 -1.09
CA GLY A 47 -12.28 -13.62 0.32
C GLY A 47 -11.37 -14.74 0.78
N ILE A 48 -10.16 -14.78 0.21
CA ILE A 48 -9.17 -15.79 0.53
C ILE A 48 -8.00 -15.15 1.29
N PRO A 49 -7.65 -15.70 2.49
CA PRO A 49 -6.56 -15.17 3.32
C PRO A 49 -5.18 -15.44 2.70
N TYR A 50 -4.65 -14.44 2.00
CA TYR A 50 -3.34 -14.54 1.34
C TYR A 50 -2.20 -14.45 2.37
N HIS A 51 -2.39 -13.63 3.39
CA HIS A 51 -1.41 -13.43 4.46
C HIS A 51 -2.06 -13.72 5.82
N SER A 52 -1.29 -13.58 6.90
CA SER A 52 -1.80 -13.79 8.27
C SER A 52 -2.79 -12.68 8.64
N GLU A 53 -2.33 -11.44 8.53
CA GLU A 53 -3.14 -10.25 8.80
C GLU A 53 -3.43 -9.55 7.47
N VAL A 54 -4.50 -9.97 6.81
CA VAL A 54 -4.89 -9.41 5.50
C VAL A 54 -5.47 -8.00 5.63
N PRO A 55 -6.41 -7.76 6.59
CA PRO A 55 -7.03 -6.44 6.77
C PRO A 55 -6.22 -5.54 7.71
N VAL A 56 -5.49 -4.58 7.14
CA VAL A 56 -4.67 -3.65 7.91
C VAL A 56 -5.41 -2.32 8.07
N SER A 57 -5.30 -1.73 9.26
CA SER A 57 -5.95 -0.47 9.58
C SER A 57 -5.36 0.73 8.81
N LEU A 58 -6.25 1.51 8.22
CA LEU A 58 -5.91 2.72 7.46
C LEU A 58 -6.54 3.95 8.13
N LYS A 59 -6.71 3.87 9.45
CA LYS A 59 -7.32 4.93 10.26
C LYS A 59 -6.49 6.22 10.21
N GLU A 60 -6.84 7.10 9.26
CA GLU A 60 -6.16 8.40 9.06
C GLU A 60 -4.69 8.18 8.68
N ALA A 61 -4.48 7.51 7.56
CA ALA A 61 -3.12 7.22 7.07
C ALA A 61 -2.51 8.46 6.41
N ILE A 62 -1.28 8.78 6.81
CA ILE A 62 -0.54 9.92 6.26
C ILE A 62 0.17 9.46 4.98
N CYS A 63 0.18 10.29 3.95
CA CYS A 63 0.80 9.93 2.68
C CYS A 63 1.69 11.04 2.12
N GLU A 64 2.86 10.65 1.61
CA GLU A 64 3.83 11.59 1.03
C GLU A 64 4.11 11.15 -0.42
N VAL A 65 3.93 12.07 -1.36
CA VAL A 65 4.13 11.78 -2.80
C VAL A 65 5.62 11.73 -3.17
N ALA A 66 5.97 10.72 -3.98
CA ALA A 66 7.32 10.49 -4.48
C ALA A 66 7.24 10.30 -6.00
N LEU A 67 7.11 11.41 -6.74
CA LEU A 67 6.98 11.38 -8.21
C LEU A 67 8.16 10.68 -8.87
N ASP A 68 9.34 10.80 -8.28
CA ASP A 68 10.56 10.16 -8.80
C ASP A 68 11.36 9.62 -7.63
N TYR A 69 11.03 8.40 -7.21
CA TYR A 69 11.70 7.73 -6.09
C TYR A 69 12.97 7.02 -6.57
N LYS A 70 13.71 7.69 -7.47
CA LYS A 70 14.97 7.21 -8.04
C LYS A 70 14.79 6.00 -8.96
N LYS A 71 14.39 4.88 -8.39
CA LYS A 71 14.20 3.62 -9.15
C LYS A 71 12.97 3.66 -10.04
N LYS A 72 11.86 4.10 -9.49
CA LYS A 72 10.60 4.18 -10.24
C LYS A 72 9.90 5.52 -9.99
N LYS A 73 9.03 5.89 -10.93
CA LYS A 73 8.27 7.12 -10.86
C LYS A 73 6.83 6.81 -10.42
N HIS A 74 6.19 7.85 -9.93
CA HIS A 74 4.80 7.81 -9.44
C HIS A 74 4.65 6.83 -8.28
N VAL A 75 5.36 7.14 -7.20
CA VAL A 75 5.35 6.34 -5.97
C VAL A 75 4.85 7.23 -4.82
N PHE A 76 4.26 6.62 -3.80
CA PHE A 76 3.77 7.37 -2.64
C PHE A 76 4.06 6.62 -1.36
N LYS A 77 4.63 7.35 -0.39
CA LYS A 77 4.99 6.81 0.91
C LYS A 77 3.75 6.81 1.80
N LEU A 78 3.20 5.63 2.01
CA LEU A 78 2.00 5.45 2.83
C LEU A 78 2.37 5.06 4.26
N ARG A 79 2.14 6.00 5.18
CA ARG A 79 2.43 5.80 6.60
C ARG A 79 1.14 5.44 7.33
N LEU A 80 1.06 4.19 7.79
CA LEU A 80 -0.13 3.69 8.49
C LEU A 80 -0.10 4.07 9.97
N SER A 81 -1.28 4.37 10.52
CA SER A 81 -1.41 4.73 11.93
C SER A 81 -1.61 3.44 12.75
N ASP A 82 -0.76 2.45 12.49
CA ASP A 82 -0.81 1.15 13.15
C ASP A 82 0.61 0.75 13.59
N GLY A 83 1.51 0.67 12.63
CA GLY A 83 2.90 0.32 12.86
C GLY A 83 3.48 -0.30 11.59
N ASN A 84 3.57 0.52 10.54
CA ASN A 84 4.09 0.09 9.24
C ASN A 84 4.22 1.29 8.31
N GLU A 85 5.24 1.25 7.46
CA GLU A 85 5.50 2.30 6.46
C GLU A 85 5.83 1.62 5.14
N TYR A 86 4.97 1.82 4.15
CA TYR A 86 5.15 1.20 2.82
C TYR A 86 5.25 2.24 1.71
N LEU A 87 5.95 1.87 0.63
CA LEU A 87 6.08 2.71 -0.56
C LEU A 87 5.22 2.06 -1.65
N PHE A 88 4.19 2.77 -2.10
CA PHE A 88 3.28 2.24 -3.12
C PHE A 88 3.55 2.89 -4.47
N GLN A 89 3.84 2.05 -5.48
CA GLN A 89 4.13 2.50 -6.84
C GLN A 89 2.95 2.20 -7.76
N ALA A 90 2.45 3.23 -8.45
CA ALA A 90 1.33 3.09 -9.40
C ALA A 90 1.84 3.18 -10.84
N LYS A 91 1.04 2.69 -11.79
CA LYS A 91 1.42 2.70 -13.21
C LYS A 91 1.09 4.04 -13.89
N ASP A 92 0.00 4.68 -13.47
CA ASP A 92 -0.43 5.97 -14.06
C ASP A 92 -0.45 7.08 -13.00
N ASP A 93 -0.26 8.32 -13.45
CA ASP A 93 -0.26 9.50 -12.57
C ASP A 93 -1.66 9.76 -12.00
N GLU A 94 -2.69 9.50 -12.80
CA GLU A 94 -4.08 9.68 -12.37
C GLU A 94 -4.44 8.61 -11.34
N GLU A 95 -3.97 7.39 -11.59
CA GLU A 95 -4.21 6.25 -10.67
C GLU A 95 -3.53 6.52 -9.33
N MET A 96 -2.27 7.00 -9.40
CA MET A 96 -1.47 7.33 -8.21
C MET A 96 -2.23 8.35 -7.35
N ASN A 97 -2.76 9.39 -7.99
CA ASN A 97 -3.52 10.43 -7.29
C ASN A 97 -4.83 9.86 -6.72
N THR A 98 -5.55 9.08 -7.54
CA THR A 98 -6.82 8.45 -7.12
C THR A 98 -6.61 7.61 -5.84
N TRP A 99 -5.52 6.83 -5.82
CA TRP A 99 -5.17 5.99 -4.67
C TRP A 99 -4.93 6.85 -3.42
N ILE A 100 -4.08 7.86 -3.56
CA ILE A 100 -3.73 8.77 -2.45
C ILE A 100 -4.98 9.47 -1.91
N GLN A 101 -5.86 9.93 -2.80
CA GLN A 101 -7.10 10.62 -2.39
C GLN A 101 -8.03 9.65 -1.65
N ALA A 102 -8.17 8.41 -2.16
CA ALA A 102 -9.00 7.39 -1.53
C ALA A 102 -8.44 7.03 -0.14
N ILE A 103 -7.11 6.92 -0.08
CA ILE A 103 -6.39 6.61 1.16
C ILE A 103 -6.51 7.77 2.16
N SER A 104 -6.59 9.00 1.65
CA SER A 104 -6.73 10.20 2.50
C SER A 104 -8.10 10.19 3.19
N SER A 105 -9.14 9.75 2.48
CA SER A 105 -10.50 9.67 3.03
C SER A 105 -10.60 8.56 4.07
N ALA A 106 -10.12 7.36 3.70
CA ALA A 106 -10.13 6.17 4.57
C ALA A 106 -11.55 5.80 5.01
N MET A 1 -12.14 1.36 -5.39
CA MET A 1 -10.77 1.74 -4.94
C MET A 1 -9.90 0.49 -4.86
N GLU A 2 -10.14 -0.45 -5.76
CA GLU A 2 -9.42 -1.72 -5.81
C GLU A 2 -8.52 -1.78 -7.03
N GLY A 3 -7.39 -2.46 -6.90
CA GLY A 3 -6.43 -2.61 -8.00
C GLY A 3 -5.07 -3.08 -7.52
N PHE A 4 -4.18 -3.36 -8.47
CA PHE A 4 -2.82 -3.82 -8.17
C PHE A 4 -1.93 -2.64 -7.76
N LEU A 5 -0.94 -2.93 -6.94
CA LEU A 5 0.01 -1.93 -6.45
C LEU A 5 1.32 -2.59 -6.08
N ASN A 6 2.43 -1.88 -6.27
CA ASN A 6 3.75 -2.39 -5.88
C ASN A 6 3.96 -1.99 -4.43
N ARG A 7 4.36 -2.92 -3.57
CA ARG A 7 4.54 -2.63 -2.14
C ARG A 7 5.97 -2.91 -1.68
N LYS A 8 6.55 -1.94 -0.98
CA LYS A 8 7.91 -2.04 -0.43
C LYS A 8 7.93 -1.32 0.91
N HIS A 9 8.14 -2.06 1.99
CA HIS A 9 8.19 -1.48 3.33
C HIS A 9 9.51 -0.72 3.52
N GLU A 10 9.42 0.45 4.15
CA GLU A 10 10.59 1.31 4.39
C GLU A 10 11.04 1.19 5.84
N TRP A 11 10.09 1.32 6.76
CA TRP A 11 10.34 1.23 8.20
C TRP A 11 9.22 0.41 8.84
N GLU A 12 9.60 -0.55 9.69
CA GLU A 12 8.63 -1.41 10.36
C GLU A 12 9.29 -2.21 11.49
N ALA A 13 10.24 -1.59 12.19
CA ALA A 13 10.94 -2.27 13.29
C ALA A 13 11.60 -1.27 14.24
N HIS A 14 10.76 -0.58 15.03
CA HIS A 14 11.20 0.42 16.03
C HIS A 14 12.10 1.51 15.44
N ASN A 15 13.40 1.25 15.35
CA ASN A 15 14.39 2.19 14.81
C ASN A 15 15.30 1.47 13.82
N LYS A 16 14.70 0.88 12.78
CA LYS A 16 15.43 0.15 11.75
C LYS A 16 14.66 0.21 10.43
N LYS A 17 15.38 0.31 9.32
CA LYS A 17 14.77 0.34 7.98
C LYS A 17 14.55 -1.09 7.47
N ALA A 18 13.62 -1.24 6.53
CA ALA A 18 13.30 -2.54 5.95
C ALA A 18 13.72 -2.59 4.48
N SER A 19 14.62 -3.52 4.16
CA SER A 19 15.12 -3.70 2.79
C SER A 19 15.19 -5.19 2.44
N SER A 20 14.24 -5.98 2.96
CA SER A 20 14.16 -7.42 2.72
C SER A 20 13.20 -7.70 1.56
N ARG A 21 13.65 -8.48 0.57
CA ARG A 21 12.85 -8.82 -0.62
C ARG A 21 12.74 -7.61 -1.57
N SER A 22 12.16 -6.53 -1.04
CA SER A 22 12.00 -5.25 -1.74
C SER A 22 11.09 -5.34 -2.96
N TRP A 23 10.02 -4.53 -2.93
CA TRP A 23 9.03 -4.40 -4.02
C TRP A 23 8.35 -5.73 -4.38
N HIS A 24 7.10 -5.87 -3.92
CA HIS A 24 6.29 -7.04 -4.17
C HIS A 24 4.95 -6.60 -4.78
N ASN A 25 4.51 -7.27 -5.84
CA ASN A 25 3.24 -6.93 -6.50
C ASN A 25 2.08 -7.52 -5.68
N VAL A 26 1.22 -6.65 -5.16
CA VAL A 26 0.08 -7.07 -4.33
C VAL A 26 -1.20 -6.36 -4.78
N TYR A 27 -2.34 -6.95 -4.46
CA TYR A 27 -3.66 -6.40 -4.80
C TYR A 27 -4.24 -5.72 -3.56
N CYS A 28 -4.41 -4.41 -3.64
CA CYS A 28 -4.93 -3.62 -2.51
C CYS A 28 -6.44 -3.39 -2.64
N VAL A 29 -7.13 -3.49 -1.51
CA VAL A 29 -8.58 -3.31 -1.44
C VAL A 29 -8.91 -2.45 -0.22
N ILE A 30 -9.87 -1.52 -0.36
CA ILE A 30 -10.28 -0.65 0.73
C ILE A 30 -11.73 -0.93 1.10
N ASN A 31 -11.96 -1.36 2.35
CA ASN A 31 -13.31 -1.69 2.84
C ASN A 31 -13.73 -0.70 3.94
N ASN A 32 -13.37 0.58 3.77
CA ASN A 32 -13.71 1.66 4.72
C ASN A 32 -12.94 1.50 6.05
N GLN A 33 -11.98 2.39 6.28
CA GLN A 33 -11.14 2.42 7.50
C GLN A 33 -10.15 1.23 7.58
N GLU A 34 -10.48 0.13 6.88
CA GLU A 34 -9.64 -1.07 6.85
C GLU A 34 -9.30 -1.43 5.40
N MET A 35 -8.03 -1.68 5.13
CA MET A 35 -7.56 -2.07 3.79
C MET A 35 -7.09 -3.52 3.85
N GLY A 36 -7.30 -4.26 2.77
CA GLY A 36 -6.91 -5.67 2.68
C GLY A 36 -5.87 -5.91 1.60
N PHE A 37 -4.89 -6.76 1.91
CA PHE A 37 -3.81 -7.12 0.98
C PHE A 37 -4.04 -8.54 0.46
N TYR A 38 -4.48 -8.63 -0.79
CA TYR A 38 -4.76 -9.91 -1.44
C TYR A 38 -3.79 -10.16 -2.61
N LYS A 39 -3.96 -11.30 -3.29
CA LYS A 39 -3.10 -11.67 -4.41
C LYS A 39 -3.58 -11.03 -5.72
N ASP A 40 -4.89 -11.08 -5.95
CA ASP A 40 -5.51 -10.51 -7.17
C ASP A 40 -6.99 -10.20 -6.93
N ALA A 41 -7.70 -9.86 -8.01
CA ALA A 41 -9.12 -9.53 -7.96
C ALA A 41 -9.96 -10.73 -7.51
N LYS A 42 -9.60 -11.92 -7.98
CA LYS A 42 -10.31 -13.15 -7.62
C LYS A 42 -10.07 -13.50 -6.15
N SER A 43 -8.80 -13.36 -5.71
CA SER A 43 -8.42 -13.66 -4.32
C SER A 43 -9.11 -12.68 -3.35
N ALA A 44 -9.31 -11.43 -3.80
CA ALA A 44 -9.96 -10.40 -3.00
C ALA A 44 -11.46 -10.66 -2.86
N ALA A 45 -12.10 -10.99 -3.98
CA ALA A 45 -13.55 -11.27 -4.01
C ALA A 45 -13.88 -12.54 -3.22
N SER A 46 -13.01 -13.56 -3.35
CA SER A 46 -13.20 -14.83 -2.66
C SER A 46 -12.83 -14.70 -1.17
N GLY A 47 -11.73 -14.02 -0.88
CA GLY A 47 -11.27 -13.81 0.50
C GLY A 47 -10.21 -14.84 0.88
N ILE A 48 -9.09 -14.82 0.18
CA ILE A 48 -7.97 -15.74 0.42
C ILE A 48 -6.84 -14.99 1.15
N PRO A 49 -6.37 -15.52 2.30
CA PRO A 49 -5.30 -14.88 3.10
C PRO A 49 -3.91 -14.99 2.43
N TYR A 50 -3.63 -14.06 1.53
CA TYR A 50 -2.35 -14.02 0.79
C TYR A 50 -1.18 -13.63 1.71
N HIS A 51 -1.46 -12.75 2.67
CA HIS A 51 -0.45 -12.28 3.64
C HIS A 51 -0.88 -12.67 5.05
N SER A 52 -0.02 -12.38 6.03
CA SER A 52 -0.32 -12.69 7.44
C SER A 52 -1.30 -11.65 7.97
N GLU A 53 -0.87 -10.39 7.96
CA GLU A 53 -1.68 -9.25 8.40
C GLU A 53 -2.47 -8.74 7.19
N VAL A 54 -3.47 -9.52 6.76
CA VAL A 54 -4.30 -9.18 5.60
C VAL A 54 -5.05 -7.86 5.82
N PRO A 55 -5.78 -7.71 6.96
CA PRO A 55 -6.54 -6.50 7.25
C PRO A 55 -5.68 -5.47 8.01
N VAL A 56 -5.47 -4.31 7.39
CA VAL A 56 -4.68 -3.23 7.99
C VAL A 56 -5.58 -1.99 8.18
N SER A 57 -5.54 -1.42 9.37
CA SER A 57 -6.35 -0.26 9.72
C SER A 57 -5.77 1.02 9.12
N LEU A 58 -6.46 1.56 8.13
CA LEU A 58 -6.06 2.79 7.45
C LEU A 58 -6.65 4.01 8.19
N LYS A 59 -6.39 4.08 9.50
CA LYS A 59 -6.87 5.17 10.35
C LYS A 59 -5.85 6.29 10.37
N GLU A 60 -6.22 7.45 9.83
CA GLU A 60 -5.35 8.64 9.77
C GLU A 60 -4.00 8.31 9.11
N ALA A 61 -4.05 7.71 7.92
CA ALA A 61 -2.84 7.33 7.18
C ALA A 61 -2.38 8.50 6.30
N ILE A 62 -1.12 8.89 6.48
CA ILE A 62 -0.52 9.99 5.69
C ILE A 62 0.08 9.43 4.41
N CYS A 63 -0.14 10.13 3.30
CA CYS A 63 0.37 9.72 1.99
C CYS A 63 1.22 10.84 1.38
N GLU A 64 2.53 10.59 1.30
CA GLU A 64 3.48 11.57 0.74
C GLU A 64 3.83 11.17 -0.69
N VAL A 65 3.97 12.14 -1.58
CA VAL A 65 4.31 11.87 -2.98
C VAL A 65 5.82 11.67 -3.14
N ALA A 66 6.20 10.67 -3.95
CA ALA A 66 7.60 10.36 -4.22
C ALA A 66 7.77 10.03 -5.71
N LEU A 67 7.83 11.08 -6.53
CA LEU A 67 7.98 10.94 -7.98
C LEU A 67 9.44 10.63 -8.35
N ASP A 68 10.37 11.26 -7.65
CA ASP A 68 11.81 11.07 -7.89
C ASP A 68 12.40 10.01 -6.96
N TYR A 69 11.77 8.83 -6.91
CA TYR A 69 12.24 7.72 -6.08
C TYR A 69 12.93 6.69 -6.99
N LYS A 70 14.25 6.87 -7.19
CA LYS A 70 15.05 6.00 -8.05
C LYS A 70 14.69 6.26 -9.52
N LYS A 71 15.42 7.20 -10.14
CA LYS A 71 15.21 7.59 -11.53
C LYS A 71 14.01 8.57 -11.61
N LYS A 72 12.89 8.10 -12.15
CA LYS A 72 11.68 8.91 -12.27
C LYS A 72 10.49 7.96 -12.43
N LYS A 73 9.74 7.75 -11.34
CA LYS A 73 8.59 6.85 -11.33
C LYS A 73 7.38 7.58 -10.76
N HIS A 74 6.44 6.81 -10.25
CA HIS A 74 5.20 7.32 -9.63
C HIS A 74 4.98 6.54 -8.33
N VAL A 75 5.73 6.91 -7.29
CA VAL A 75 5.64 6.23 -5.99
C VAL A 75 5.12 7.20 -4.93
N PHE A 76 4.52 6.65 -3.88
CA PHE A 76 4.01 7.45 -2.77
C PHE A 76 4.28 6.71 -1.46
N LYS A 77 4.64 7.45 -0.43
CA LYS A 77 4.95 6.90 0.88
C LYS A 77 3.71 6.92 1.76
N LEU A 78 3.18 5.73 2.03
CA LEU A 78 2.00 5.56 2.86
C LEU A 78 2.42 5.21 4.29
N ARG A 79 2.20 6.15 5.20
CA ARG A 79 2.55 6.01 6.60
C ARG A 79 1.28 5.83 7.43
N LEU A 80 1.19 4.73 8.18
CA LEU A 80 0.01 4.47 9.03
C LEU A 80 0.00 5.47 10.20
N SER A 81 -1.08 5.48 10.99
CA SER A 81 -1.22 6.38 12.15
C SER A 81 -0.03 6.25 13.10
N ASP A 82 0.40 5.02 13.35
CA ASP A 82 1.52 4.72 14.23
C ASP A 82 1.81 3.22 14.15
N GLY A 83 2.46 2.77 13.07
CA GLY A 83 2.76 1.33 12.91
C GLY A 83 3.95 1.10 11.99
N ASN A 84 3.70 1.16 10.66
CA ASN A 84 4.74 0.91 9.65
C ASN A 84 4.64 1.96 8.54
N GLU A 85 5.71 2.06 7.74
CA GLU A 85 5.80 2.97 6.58
C GLU A 85 5.98 2.11 5.33
N TYR A 86 5.08 2.26 4.36
CA TYR A 86 5.15 1.47 3.11
C TYR A 86 5.22 2.37 1.88
N LEU A 87 6.05 1.98 0.91
CA LEU A 87 6.19 2.70 -0.36
C LEU A 87 5.30 1.98 -1.39
N PHE A 88 4.42 2.74 -2.04
CA PHE A 88 3.51 2.18 -3.02
C PHE A 88 3.77 2.78 -4.40
N GLN A 89 4.02 1.91 -5.38
CA GLN A 89 4.30 2.34 -6.76
C GLN A 89 3.05 2.15 -7.62
N ALA A 90 2.59 3.25 -8.22
CA ALA A 90 1.42 3.24 -9.09
C ALA A 90 1.86 3.18 -10.55
N LYS A 91 0.94 2.83 -11.45
CA LYS A 91 1.23 2.74 -12.88
C LYS A 91 0.97 4.06 -13.60
N ASP A 92 -0.11 4.75 -13.24
CA ASP A 92 -0.48 6.02 -13.87
C ASP A 92 -0.68 7.13 -12.82
N ASP A 93 -0.52 8.38 -13.26
CA ASP A 93 -0.69 9.57 -12.42
C ASP A 93 -2.12 9.64 -11.86
N GLU A 94 -3.10 9.24 -12.68
CA GLU A 94 -4.50 9.22 -12.25
C GLU A 94 -4.67 8.20 -11.13
N GLU A 95 -4.04 7.05 -11.30
CA GLU A 95 -4.05 5.97 -10.31
C GLU A 95 -3.42 6.43 -9.00
N MET A 96 -2.23 7.04 -9.10
CA MET A 96 -1.49 7.56 -7.94
C MET A 96 -2.34 8.58 -7.18
N ASN A 97 -2.95 9.52 -7.92
CA ASN A 97 -3.81 10.55 -7.34
C ASN A 97 -5.04 9.91 -6.67
N THR A 98 -5.65 8.93 -7.35
CA THR A 98 -6.82 8.21 -6.82
C THR A 98 -6.46 7.44 -5.54
N TRP A 99 -5.32 6.76 -5.53
CA TRP A 99 -4.87 5.98 -4.37
C TRP A 99 -4.65 6.92 -3.17
N ILE A 100 -3.92 8.01 -3.39
CA ILE A 100 -3.63 8.99 -2.33
C ILE A 100 -4.93 9.62 -1.80
N GLN A 101 -5.79 10.08 -2.71
CA GLN A 101 -7.08 10.69 -2.32
C GLN A 101 -7.97 9.69 -1.57
N ALA A 102 -8.01 8.45 -2.06
CA ALA A 102 -8.80 7.39 -1.43
C ALA A 102 -8.24 7.05 -0.05
N ILE A 103 -6.92 7.05 0.07
CA ILE A 103 -6.22 6.77 1.33
C ILE A 103 -6.47 7.89 2.34
N SER A 104 -6.51 9.14 1.85
CA SER A 104 -6.76 10.31 2.71
C SER A 104 -8.18 10.26 3.28
N SER A 105 -9.13 9.78 2.47
CA SER A 105 -10.52 9.66 2.88
C SER A 105 -10.74 8.41 3.75
N ALA A 106 -10.02 7.33 3.41
CA ALA A 106 -10.08 6.05 4.13
C ALA A 106 -11.45 5.39 3.99
N MET A 1 -12.13 1.97 -3.61
CA MET A 1 -11.01 1.84 -4.58
C MET A 1 -10.29 0.51 -4.34
N GLU A 2 -10.08 -0.24 -5.42
CA GLU A 2 -9.41 -1.55 -5.37
C GLU A 2 -8.68 -1.80 -6.69
N GLY A 3 -7.52 -2.45 -6.61
CA GLY A 3 -6.70 -2.75 -7.79
C GLY A 3 -5.31 -3.23 -7.38
N PHE A 4 -4.46 -3.42 -8.40
CA PHE A 4 -3.07 -3.86 -8.19
C PHE A 4 -2.19 -2.69 -7.80
N LEU A 5 -1.19 -2.96 -6.98
CA LEU A 5 -0.25 -1.94 -6.51
C LEU A 5 1.09 -2.60 -6.17
N ASN A 6 2.17 -1.88 -6.42
CA ASN A 6 3.52 -2.35 -6.06
C ASN A 6 3.76 -1.94 -4.61
N ARG A 7 4.10 -2.90 -3.76
CA ARG A 7 4.29 -2.62 -2.32
C ARG A 7 5.71 -2.98 -1.84
N LYS A 8 6.23 -2.12 -0.97
CA LYS A 8 7.55 -2.30 -0.35
C LYS A 8 7.50 -1.77 1.07
N HIS A 9 7.65 -2.66 2.07
CA HIS A 9 7.59 -2.26 3.48
C HIS A 9 8.86 -1.50 3.87
N GLU A 10 8.69 -0.27 4.33
CA GLU A 10 9.79 0.56 4.78
C GLU A 10 10.16 0.20 6.23
N TRP A 11 9.13 -0.15 6.98
CA TRP A 11 9.24 -0.54 8.37
C TRP A 11 7.98 -1.34 8.72
N GLU A 12 8.18 -2.56 9.19
CA GLU A 12 7.07 -3.45 9.55
C GLU A 12 7.53 -4.46 10.59
N ALA A 13 7.53 -4.01 11.85
CA ALA A 13 7.92 -4.82 13.03
C ALA A 13 8.38 -3.87 14.13
N HIS A 14 9.69 -3.77 14.32
CA HIS A 14 10.29 -2.90 15.33
C HIS A 14 11.81 -2.82 15.12
N ASN A 15 12.45 -1.95 15.90
CA ASN A 15 13.91 -1.70 15.84
C ASN A 15 14.23 -0.67 14.76
N LYS A 16 14.28 -1.10 13.50
CA LYS A 16 14.56 -0.21 12.38
C LYS A 16 14.44 -0.95 11.04
N LYS A 17 13.72 -0.31 10.10
CA LYS A 17 13.51 -0.84 8.75
C LYS A 17 12.84 -2.22 8.72
N ALA A 18 12.88 -2.82 7.53
CA ALA A 18 12.29 -4.14 7.28
C ALA A 18 12.94 -4.76 6.05
N SER A 19 12.89 -6.09 5.94
CA SER A 19 13.49 -6.82 4.81
C SER A 19 12.69 -8.09 4.52
N SER A 20 11.37 -7.96 4.45
CA SER A 20 10.47 -9.09 4.19
C SER A 20 10.35 -9.34 2.68
N ARG A 21 9.80 -8.35 1.97
CA ARG A 21 9.61 -8.45 0.50
C ARG A 21 9.76 -7.06 -0.12
N SER A 22 10.94 -6.79 -0.66
CA SER A 22 11.25 -5.50 -1.28
C SER A 22 10.64 -5.39 -2.69
N TRP A 23 9.62 -4.54 -2.81
CA TRP A 23 8.90 -4.27 -4.07
C TRP A 23 8.23 -5.52 -4.63
N HIS A 24 7.02 -5.80 -4.16
CA HIS A 24 6.22 -6.94 -4.62
C HIS A 24 4.87 -6.44 -5.14
N ASN A 25 4.41 -7.01 -6.25
CA ASN A 25 3.12 -6.63 -6.84
C ASN A 25 2.01 -7.33 -6.05
N VAL A 26 1.18 -6.54 -5.39
CA VAL A 26 0.10 -7.06 -4.55
C VAL A 26 -1.23 -6.37 -4.90
N TYR A 27 -2.32 -6.96 -4.45
CA TYR A 27 -3.66 -6.42 -4.66
C TYR A 27 -4.11 -5.69 -3.39
N CYS A 28 -4.55 -4.45 -3.54
CA CYS A 28 -5.00 -3.63 -2.40
C CYS A 28 -6.48 -3.27 -2.57
N VAL A 29 -7.25 -3.44 -1.50
CA VAL A 29 -8.69 -3.14 -1.50
C VAL A 29 -9.07 -2.35 -0.24
N ILE A 30 -9.57 -1.13 -0.44
CA ILE A 30 -10.03 -0.28 0.67
C ILE A 30 -11.47 -0.65 1.00
N ASN A 31 -11.74 -0.96 2.27
CA ASN A 31 -13.08 -1.37 2.69
C ASN A 31 -13.43 -0.76 4.05
N ASN A 32 -14.47 0.08 4.05
CA ASN A 32 -14.98 0.75 5.26
C ASN A 32 -13.95 1.73 5.85
N GLN A 33 -13.00 1.21 6.62
CA GLN A 33 -11.97 2.05 7.26
C GLN A 33 -10.58 1.42 7.18
N GLU A 34 -10.50 0.16 6.70
CA GLU A 34 -9.23 -0.57 6.60
C GLU A 34 -8.96 -0.98 5.15
N MET A 35 -7.73 -1.40 4.90
CA MET A 35 -7.32 -1.85 3.58
C MET A 35 -6.88 -3.31 3.68
N GLY A 36 -7.35 -4.13 2.76
CA GLY A 36 -7.05 -5.57 2.74
C GLY A 36 -6.06 -5.89 1.62
N PHE A 37 -4.98 -6.57 1.97
CA PHE A 37 -3.94 -6.98 1.02
C PHE A 37 -4.23 -8.41 0.54
N TYR A 38 -4.30 -8.58 -0.77
CA TYR A 38 -4.58 -9.89 -1.38
C TYR A 38 -3.60 -10.14 -2.54
N LYS A 39 -3.61 -11.37 -3.05
CA LYS A 39 -2.73 -11.75 -4.17
C LYS A 39 -3.20 -11.12 -5.48
N ASP A 40 -4.49 -11.29 -5.79
CA ASP A 40 -5.07 -10.73 -7.03
C ASP A 40 -6.58 -10.50 -6.84
N ALA A 41 -7.27 -10.28 -7.96
CA ALA A 41 -8.72 -10.05 -7.96
C ALA A 41 -9.49 -11.27 -7.43
N LYS A 42 -9.02 -12.49 -7.78
CA LYS A 42 -9.66 -13.73 -7.32
C LYS A 42 -9.49 -13.90 -5.81
N SER A 43 -8.26 -13.73 -5.32
CA SER A 43 -7.96 -13.86 -3.89
C SER A 43 -8.72 -12.78 -3.08
N ALA A 44 -8.85 -11.58 -3.65
CA ALA A 44 -9.57 -10.47 -3.01
C ALA A 44 -11.08 -10.73 -2.99
N ALA A 45 -11.60 -11.31 -4.09
CA ALA A 45 -13.04 -11.60 -4.22
C ALA A 45 -13.45 -12.77 -3.33
N SER A 46 -12.68 -13.87 -3.38
CA SER A 46 -12.95 -15.07 -2.59
C SER A 46 -12.80 -14.80 -1.09
N GLY A 47 -11.70 -14.15 -0.70
CA GLY A 47 -11.42 -13.84 0.70
C GLY A 47 -10.31 -14.74 1.21
N ILE A 48 -9.22 -14.78 0.45
CA ILE A 48 -8.05 -15.58 0.77
C ILE A 48 -6.89 -14.64 1.13
N PRO A 49 -6.37 -14.71 2.36
CA PRO A 49 -5.28 -13.81 2.81
C PRO A 49 -3.93 -14.10 2.15
N TYR A 50 -3.20 -13.03 1.84
CA TYR A 50 -1.89 -13.09 1.20
C TYR A 50 -0.80 -13.28 2.27
N HIS A 51 -0.77 -12.36 3.24
CA HIS A 51 0.18 -12.40 4.35
C HIS A 51 -0.56 -12.71 5.66
N SER A 52 0.10 -12.47 6.80
CA SER A 52 -0.49 -12.71 8.12
C SER A 52 -1.44 -11.56 8.48
N GLU A 53 -0.97 -10.33 8.30
CA GLU A 53 -1.76 -9.13 8.57
C GLU A 53 -2.27 -8.56 7.24
N VAL A 54 -3.46 -9.02 6.84
CA VAL A 54 -4.08 -8.58 5.58
C VAL A 54 -4.94 -7.32 5.78
N PRO A 55 -5.95 -7.35 6.68
CA PRO A 55 -6.81 -6.18 6.93
C PRO A 55 -6.13 -5.19 7.88
N VAL A 56 -5.46 -4.18 7.31
CA VAL A 56 -4.74 -3.17 8.09
C VAL A 56 -5.56 -1.88 8.16
N SER A 57 -5.58 -1.25 9.34
CA SER A 57 -6.32 -0.02 9.57
C SER A 57 -5.82 1.14 8.69
N LEU A 58 -6.76 1.83 8.04
CA LEU A 58 -6.46 2.96 7.16
C LEU A 58 -7.22 4.22 7.64
N LYS A 59 -7.46 4.31 8.95
CA LYS A 59 -8.17 5.45 9.53
C LYS A 59 -7.18 6.58 9.82
N GLU A 60 -7.21 7.60 8.97
CA GLU A 60 -6.32 8.77 9.06
C GLU A 60 -4.86 8.37 8.84
N ALA A 61 -4.57 7.91 7.63
CA ALA A 61 -3.23 7.50 7.23
C ALA A 61 -2.50 8.67 6.57
N ILE A 62 -1.25 8.89 6.94
CA ILE A 62 -0.44 9.97 6.36
C ILE A 62 0.20 9.48 5.07
N CYS A 63 0.12 10.28 4.02
CA CYS A 63 0.68 9.91 2.72
C CYS A 63 1.56 11.02 2.14
N GLU A 64 2.60 10.61 1.41
CA GLU A 64 3.54 11.54 0.76
C GLU A 64 3.84 11.04 -0.66
N VAL A 65 4.24 11.93 -1.55
CA VAL A 65 4.57 11.56 -2.94
C VAL A 65 6.08 11.36 -3.10
N ALA A 66 6.44 10.36 -3.90
CA ALA A 66 7.83 10.02 -4.19
C ALA A 66 8.02 9.90 -5.71
N LEU A 67 8.36 11.02 -6.33
CA LEU A 67 8.54 11.11 -7.79
C LEU A 67 9.88 10.50 -8.24
N ASP A 68 10.94 10.73 -7.46
CA ASP A 68 12.29 10.24 -7.79
C ASP A 68 12.81 9.27 -6.71
N TYR A 69 12.32 8.04 -6.74
CA TYR A 69 12.74 7.00 -5.79
C TYR A 69 13.28 5.77 -6.54
N LYS A 70 14.40 5.95 -7.25
CA LYS A 70 15.04 4.88 -8.05
C LYS A 70 14.22 4.58 -9.29
N LYS A 71 12.97 4.15 -9.09
CA LYS A 71 12.04 3.89 -10.18
C LYS A 71 11.31 5.19 -10.48
N LYS A 72 11.84 5.96 -11.42
CA LYS A 72 11.28 7.27 -11.80
C LYS A 72 9.95 7.12 -12.54
N LYS A 73 8.91 6.79 -11.78
CA LYS A 73 7.56 6.62 -12.31
C LYS A 73 6.59 7.46 -11.47
N HIS A 74 5.93 6.82 -10.51
CA HIS A 74 4.98 7.48 -9.61
C HIS A 74 4.80 6.63 -8.37
N VAL A 75 5.61 6.91 -7.34
CA VAL A 75 5.57 6.19 -6.06
C VAL A 75 5.07 7.12 -4.97
N PHE A 76 4.46 6.57 -3.92
CA PHE A 76 3.97 7.37 -2.80
C PHE A 76 4.18 6.60 -1.49
N LYS A 77 4.62 7.32 -0.46
CA LYS A 77 4.89 6.75 0.85
C LYS A 77 3.61 6.78 1.70
N LEU A 78 3.38 5.70 2.41
CA LEU A 78 2.19 5.56 3.27
C LEU A 78 2.61 5.21 4.70
N ARG A 79 2.16 6.04 5.65
CA ARG A 79 2.40 5.82 7.08
C ARG A 79 1.05 5.49 7.71
N LEU A 80 0.82 4.20 7.94
CA LEU A 80 -0.44 3.71 8.49
C LEU A 80 -0.53 3.96 9.99
N SER A 81 -1.74 4.29 10.45
CA SER A 81 -2.02 4.55 11.87
C SER A 81 -2.03 3.22 12.67
N ASP A 82 -1.76 2.11 11.98
CA ASP A 82 -1.71 0.77 12.59
C ASP A 82 -0.30 0.53 13.15
N GLY A 83 0.67 1.32 12.69
CA GLY A 83 2.06 1.22 13.12
C GLY A 83 2.91 0.49 12.07
N ASN A 84 2.72 0.87 10.79
CA ASN A 84 3.47 0.27 9.68
C ASN A 84 3.72 1.32 8.61
N GLU A 85 4.82 1.15 7.86
CA GLU A 85 5.19 2.07 6.78
C GLU A 85 5.39 1.29 5.48
N TYR A 86 4.84 1.80 4.37
CA TYR A 86 4.97 1.14 3.05
C TYR A 86 5.14 2.16 1.92
N LEU A 87 5.78 1.70 0.84
CA LEU A 87 5.97 2.50 -0.39
C LEU A 87 5.07 1.86 -1.45
N PHE A 88 4.21 2.66 -2.08
CA PHE A 88 3.29 2.15 -3.09
C PHE A 88 3.57 2.79 -4.45
N GLN A 89 3.64 1.96 -5.48
CA GLN A 89 3.89 2.42 -6.86
C GLN A 89 2.67 2.16 -7.73
N ALA A 90 2.23 3.20 -8.43
CA ALA A 90 1.08 3.12 -9.34
C ALA A 90 1.55 2.99 -10.78
N LYS A 91 0.61 2.81 -11.71
CA LYS A 91 0.94 2.68 -13.13
C LYS A 91 0.75 4.02 -13.83
N ASP A 92 -0.41 4.64 -13.60
CA ASP A 92 -0.76 5.93 -14.22
C ASP A 92 -0.71 7.08 -13.22
N ASP A 93 -0.47 8.29 -13.74
CA ASP A 93 -0.41 9.53 -12.95
C ASP A 93 -1.77 9.76 -12.24
N GLU A 94 -2.86 9.56 -12.98
CA GLU A 94 -4.22 9.70 -12.47
C GLU A 94 -4.48 8.68 -11.36
N GLU A 95 -4.01 7.45 -11.56
CA GLU A 95 -4.16 6.36 -10.59
C GLU A 95 -3.51 6.74 -9.26
N MET A 96 -2.26 7.22 -9.32
CA MET A 96 -1.50 7.62 -8.12
C MET A 96 -2.28 8.68 -7.33
N ASN A 97 -2.81 9.68 -8.05
CA ASN A 97 -3.60 10.77 -7.44
C ASN A 97 -4.88 10.20 -6.80
N THR A 98 -5.53 9.25 -7.50
CA THR A 98 -6.75 8.61 -7.01
C THR A 98 -6.46 7.80 -5.74
N TRP A 99 -5.34 7.07 -5.73
CA TRP A 99 -4.94 6.24 -4.57
C TRP A 99 -4.69 7.11 -3.33
N ILE A 100 -3.82 8.11 -3.46
CA ILE A 100 -3.47 9.02 -2.37
C ILE A 100 -4.72 9.67 -1.76
N GLN A 101 -5.60 10.19 -2.62
CA GLN A 101 -6.84 10.84 -2.17
C GLN A 101 -7.81 9.82 -1.58
N ALA A 102 -7.94 8.65 -2.23
CA ALA A 102 -8.83 7.57 -1.76
C ALA A 102 -8.36 7.02 -0.42
N ILE A 103 -7.05 6.97 -0.22
CA ILE A 103 -6.45 6.47 1.03
C ILE A 103 -6.73 7.45 2.18
N SER A 104 -6.55 8.75 1.91
CA SER A 104 -6.78 9.80 2.91
C SER A 104 -8.27 9.93 3.27
N SER A 105 -9.14 9.76 2.27
CA SER A 105 -10.59 9.88 2.47
C SER A 105 -11.21 8.58 3.00
N ALA A 106 -10.73 7.44 2.50
CA ALA A 106 -11.22 6.11 2.90
C ALA A 106 -12.68 5.94 2.51
N MET A 1 -11.92 1.29 -4.20
CA MET A 1 -10.73 1.40 -5.08
C MET A 1 -9.94 0.10 -4.97
N GLU A 2 -10.22 -0.84 -5.87
CA GLU A 2 -9.60 -2.16 -5.89
C GLU A 2 -8.78 -2.36 -7.16
N GLY A 3 -7.57 -2.89 -7.01
CA GLY A 3 -6.68 -3.17 -8.13
C GLY A 3 -5.28 -3.52 -7.63
N PHE A 4 -4.35 -3.69 -8.58
CA PHE A 4 -2.97 -4.06 -8.26
C PHE A 4 -2.14 -2.81 -7.93
N LEU A 5 -1.19 -2.99 -7.03
CA LEU A 5 -0.28 -1.92 -6.59
C LEU A 5 1.08 -2.53 -6.25
N ASN A 6 2.15 -1.77 -6.49
CA ASN A 6 3.50 -2.21 -6.16
C ASN A 6 3.78 -1.75 -4.72
N ARG A 7 4.13 -2.69 -3.84
CA ARG A 7 4.37 -2.38 -2.42
C ARG A 7 5.81 -2.68 -2.02
N LYS A 8 6.43 -1.71 -1.35
CA LYS A 8 7.80 -1.82 -0.85
C LYS A 8 7.79 -1.55 0.64
N HIS A 9 8.29 -2.49 1.42
CA HIS A 9 8.33 -2.37 2.87
C HIS A 9 9.63 -1.71 3.34
N GLU A 10 9.49 -0.51 3.92
CA GLU A 10 10.63 0.25 4.45
C GLU A 10 10.94 -0.21 5.86
N TRP A 11 9.88 -0.41 6.64
CA TRP A 11 9.99 -0.87 8.03
C TRP A 11 8.69 -1.55 8.45
N GLU A 12 8.82 -2.72 9.07
CA GLU A 12 7.69 -3.49 9.56
C GLU A 12 8.17 -4.59 10.50
N ALA A 13 9.14 -4.24 11.35
CA ALA A 13 9.73 -5.18 12.32
C ALA A 13 10.45 -4.40 13.40
N HIS A 14 10.23 -4.78 14.66
CA HIS A 14 10.88 -4.11 15.81
C HIS A 14 12.38 -4.43 15.84
N ASN A 15 13.15 -3.65 15.08
CA ASN A 15 14.60 -3.82 14.97
C ASN A 15 15.18 -2.60 14.23
N LYS A 16 15.33 -2.71 12.90
CA LYS A 16 15.83 -1.62 12.06
C LYS A 16 15.53 -1.94 10.60
N LYS A 17 14.55 -1.23 10.04
CA LYS A 17 14.10 -1.43 8.65
C LYS A 17 13.42 -2.80 8.49
N ALA A 18 13.03 -3.12 7.27
CA ALA A 18 12.35 -4.39 6.97
C ALA A 18 13.35 -5.51 6.71
N SER A 19 12.86 -6.61 6.14
CA SER A 19 13.70 -7.78 5.82
C SER A 19 14.62 -7.49 4.63
N SER A 20 14.10 -6.71 3.68
CA SER A 20 14.86 -6.34 2.48
C SER A 20 14.17 -5.17 1.74
N ARG A 21 14.85 -4.64 0.74
CA ARG A 21 14.33 -3.55 -0.08
C ARG A 21 13.59 -4.15 -1.29
N SER A 22 12.61 -4.99 -1.00
CA SER A 22 11.84 -5.69 -2.04
C SER A 22 10.71 -4.81 -2.61
N TRP A 23 10.33 -5.10 -3.85
CA TRP A 23 9.25 -4.40 -4.56
C TRP A 23 8.34 -5.48 -5.16
N HIS A 24 7.26 -5.81 -4.44
CA HIS A 24 6.31 -6.85 -4.87
C HIS A 24 4.98 -6.24 -5.34
N ASN A 25 4.39 -6.85 -6.38
CA ASN A 25 3.11 -6.41 -6.93
C ASN A 25 1.98 -7.15 -6.20
N VAL A 26 1.30 -6.43 -5.30
CA VAL A 26 0.21 -6.99 -4.51
C VAL A 26 -1.12 -6.31 -4.84
N TYR A 27 -2.22 -6.94 -4.44
CA TYR A 27 -3.57 -6.39 -4.68
C TYR A 27 -4.03 -5.63 -3.44
N CYS A 28 -4.56 -4.43 -3.63
CA CYS A 28 -5.03 -3.60 -2.52
C CYS A 28 -6.52 -3.32 -2.67
N VAL A 29 -7.27 -3.52 -1.59
CA VAL A 29 -8.72 -3.30 -1.56
C VAL A 29 -9.06 -2.35 -0.40
N ILE A 30 -10.02 -1.44 -0.63
CA ILE A 30 -10.46 -0.50 0.41
C ILE A 30 -11.91 -0.81 0.78
N ASN A 31 -12.14 -1.16 2.05
CA ASN A 31 -13.49 -1.52 2.51
C ASN A 31 -13.77 -1.00 3.93
N ASN A 32 -14.46 0.15 3.99
CA ASN A 32 -14.89 0.80 5.24
C ASN A 32 -13.75 1.06 6.24
N GLN A 33 -12.98 2.12 6.02
CA GLN A 33 -11.87 2.54 6.91
C GLN A 33 -10.71 1.54 6.96
N GLU A 34 -10.92 0.31 6.45
CA GLU A 34 -9.90 -0.73 6.47
C GLU A 34 -9.51 -1.11 5.05
N MET A 35 -8.27 -1.57 4.89
CA MET A 35 -7.76 -2.01 3.60
C MET A 35 -7.23 -3.43 3.75
N GLY A 36 -7.45 -4.26 2.74
CA GLY A 36 -7.01 -5.64 2.76
C GLY A 36 -6.06 -5.93 1.60
N PHE A 37 -4.91 -6.51 1.93
CA PHE A 37 -3.90 -6.88 0.93
C PHE A 37 -4.13 -8.32 0.52
N TYR A 38 -4.26 -8.56 -0.77
CA TYR A 38 -4.52 -9.90 -1.31
C TYR A 38 -3.62 -10.19 -2.51
N LYS A 39 -3.75 -11.40 -3.06
CA LYS A 39 -2.98 -11.82 -4.22
C LYS A 39 -3.50 -11.13 -5.49
N ASP A 40 -4.83 -11.05 -5.60
CA ASP A 40 -5.50 -10.42 -6.74
C ASP A 40 -6.97 -10.16 -6.40
N ALA A 41 -7.78 -9.92 -7.43
CA ALA A 41 -9.22 -9.66 -7.29
C ALA A 41 -9.95 -10.91 -6.76
N LYS A 42 -9.54 -12.11 -7.23
CA LYS A 42 -10.15 -13.37 -6.80
C LYS A 42 -9.88 -13.61 -5.30
N SER A 43 -8.62 -13.48 -4.90
CA SER A 43 -8.19 -13.67 -3.51
C SER A 43 -8.88 -12.65 -2.58
N ALA A 44 -9.16 -11.45 -3.09
CA ALA A 44 -9.82 -10.38 -2.33
C ALA A 44 -11.32 -10.62 -2.20
N ALA A 45 -11.95 -11.04 -3.30
CA ALA A 45 -13.41 -11.30 -3.33
C ALA A 45 -13.78 -12.48 -2.43
N SER A 46 -13.04 -13.58 -2.55
CA SER A 46 -13.28 -14.79 -1.75
C SER A 46 -12.90 -14.58 -0.27
N GLY A 47 -11.88 -13.74 -0.03
CA GLY A 47 -11.43 -13.45 1.33
C GLY A 47 -10.43 -14.51 1.80
N ILE A 48 -9.23 -14.51 1.20
CA ILE A 48 -8.18 -15.46 1.53
C ILE A 48 -6.96 -14.70 2.06
N PRO A 49 -6.38 -15.13 3.20
CA PRO A 49 -5.20 -14.49 3.79
C PRO A 49 -3.94 -14.71 2.94
N TYR A 50 -3.45 -13.64 2.32
CA TYR A 50 -2.28 -13.69 1.45
C TYR A 50 -1.00 -14.02 2.22
N HIS A 51 -0.58 -13.14 3.12
CA HIS A 51 0.64 -13.34 3.92
C HIS A 51 0.47 -12.81 5.34
N SER A 52 1.51 -12.15 5.87
CA SER A 52 1.50 -11.60 7.23
C SER A 52 0.53 -10.42 7.36
N GLU A 53 0.97 -9.24 6.92
CA GLU A 53 0.17 -8.01 7.01
C GLU A 53 -0.89 -7.97 5.91
N VAL A 54 -1.98 -8.69 6.13
CA VAL A 54 -3.10 -8.74 5.18
C VAL A 54 -4.16 -7.67 5.52
N PRO A 55 -4.68 -7.64 6.78
CA PRO A 55 -5.68 -6.65 7.20
C PRO A 55 -5.04 -5.43 7.86
N VAL A 56 -5.30 -4.24 7.33
CA VAL A 56 -4.74 -3.00 7.87
C VAL A 56 -5.85 -1.93 7.93
N SER A 57 -5.82 -1.10 8.97
CA SER A 57 -6.79 -0.04 9.17
C SER A 57 -6.21 1.31 8.74
N LEU A 58 -6.96 2.06 7.94
CA LEU A 58 -6.53 3.38 7.47
C LEU A 58 -6.98 4.45 8.47
N LYS A 59 -6.54 4.29 9.72
CA LYS A 59 -6.86 5.23 10.80
C LYS A 59 -5.75 6.28 10.89
N GLU A 60 -6.00 7.43 10.28
CA GLU A 60 -5.03 8.55 10.24
C GLU A 60 -3.76 8.12 9.49
N ALA A 61 -3.94 7.48 8.32
CA ALA A 61 -2.81 7.02 7.50
C ALA A 61 -2.11 8.21 6.88
N ILE A 62 -0.84 8.42 7.22
CA ILE A 62 -0.08 9.54 6.68
C ILE A 62 0.49 9.14 5.31
N CYS A 63 0.21 9.96 4.32
CA CYS A 63 0.65 9.70 2.96
C CYS A 63 1.50 10.86 2.44
N GLU A 64 2.45 10.54 1.55
CA GLU A 64 3.34 11.54 0.96
C GLU A 64 3.60 11.15 -0.50
N VAL A 65 3.91 12.14 -1.34
CA VAL A 65 4.18 11.91 -2.76
C VAL A 65 5.68 11.74 -2.98
N ALA A 66 6.05 10.81 -3.85
CA ALA A 66 7.46 10.52 -4.16
C ALA A 66 7.65 10.47 -5.69
N LEU A 67 8.00 11.62 -6.26
CA LEU A 67 8.24 11.74 -7.70
C LEU A 67 9.74 11.78 -7.99
N ASP A 68 10.57 11.69 -6.94
CA ASP A 68 12.03 11.71 -7.06
C ASP A 68 12.65 10.42 -6.49
N TYR A 69 11.85 9.36 -6.37
CA TYR A 69 12.31 8.07 -5.85
C TYR A 69 13.10 7.31 -6.93
N LYS A 70 14.07 7.99 -7.55
CA LYS A 70 14.93 7.44 -8.61
C LYS A 70 14.15 7.24 -9.92
N LYS A 71 13.05 6.50 -9.85
CA LYS A 71 12.20 6.23 -11.02
C LYS A 71 11.14 7.34 -11.16
N LYS A 72 10.58 7.45 -12.36
CA LYS A 72 9.54 8.45 -12.66
C LYS A 72 8.29 7.76 -13.20
N LYS A 73 7.57 7.09 -12.30
CA LYS A 73 6.32 6.37 -12.64
C LYS A 73 5.16 6.82 -11.74
N HIS A 74 5.51 7.57 -10.67
CA HIS A 74 4.59 8.11 -9.65
C HIS A 74 4.52 7.15 -8.46
N VAL A 75 5.34 7.43 -7.45
CA VAL A 75 5.41 6.63 -6.22
C VAL A 75 4.89 7.49 -5.06
N PHE A 76 4.38 6.85 -4.01
CA PHE A 76 3.87 7.56 -2.84
C PHE A 76 4.11 6.75 -1.58
N LYS A 77 4.39 7.43 -0.47
CA LYS A 77 4.63 6.78 0.80
C LYS A 77 3.33 6.64 1.59
N LEU A 78 3.26 5.62 2.43
CA LEU A 78 2.09 5.34 3.26
C LEU A 78 2.55 4.88 4.64
N ARG A 79 2.16 5.62 5.67
CA ARG A 79 2.50 5.30 7.06
C ARG A 79 1.24 4.89 7.81
N LEU A 80 1.30 3.74 8.48
CA LEU A 80 0.17 3.22 9.25
C LEU A 80 -0.09 4.09 10.49
N SER A 81 -1.19 3.79 11.19
CA SER A 81 -1.63 4.52 12.39
C SER A 81 -0.48 4.76 13.38
N ASP A 82 0.30 3.72 13.64
CA ASP A 82 1.43 3.82 14.57
C ASP A 82 2.34 2.60 14.40
N GLY A 83 3.05 2.51 13.28
CA GLY A 83 3.94 1.38 13.05
C GLY A 83 4.55 1.37 11.66
N ASN A 84 4.32 0.24 10.96
CA ASN A 84 4.85 -0.06 9.62
C ASN A 84 4.83 1.14 8.65
N GLU A 85 5.87 1.20 7.81
CA GLU A 85 6.05 2.23 6.78
C GLU A 85 6.25 1.53 5.43
N TYR A 86 5.43 1.89 4.43
CA TYR A 86 5.52 1.29 3.09
C TYR A 86 5.53 2.35 2.00
N LEU A 87 6.10 1.98 0.84
CA LEU A 87 6.13 2.84 -0.35
C LEU A 87 5.30 2.14 -1.43
N PHE A 88 4.42 2.89 -2.09
CA PHE A 88 3.54 2.31 -3.13
C PHE A 88 3.81 2.95 -4.48
N GLN A 89 3.92 2.11 -5.51
CA GLN A 89 4.15 2.57 -6.89
C GLN A 89 2.92 2.28 -7.74
N ALA A 90 2.47 3.29 -8.49
CA ALA A 90 1.31 3.17 -9.38
C ALA A 90 1.77 2.76 -10.78
N LYS A 91 0.85 2.15 -11.53
CA LYS A 91 1.14 1.68 -12.90
C LYS A 91 0.45 2.54 -13.97
N ASP A 92 -0.61 3.27 -13.59
CA ASP A 92 -1.36 4.12 -14.54
C ASP A 92 -1.02 5.61 -14.36
N ASP A 93 0.07 5.90 -13.63
CA ASP A 93 0.55 7.28 -13.37
C ASP A 93 -0.46 8.08 -12.55
N GLU A 94 -1.53 8.55 -13.22
CA GLU A 94 -2.61 9.35 -12.58
C GLU A 94 -3.24 8.57 -11.42
N GLU A 95 -3.19 7.24 -11.51
CA GLU A 95 -3.71 6.32 -10.49
C GLU A 95 -3.11 6.65 -9.12
N MET A 96 -1.86 7.14 -9.12
CA MET A 96 -1.15 7.53 -7.89
C MET A 96 -1.95 8.59 -7.13
N ASN A 97 -2.42 9.61 -7.85
CA ASN A 97 -3.22 10.70 -7.26
C ASN A 97 -4.56 10.14 -6.75
N THR A 98 -5.16 9.25 -7.55
CA THR A 98 -6.43 8.62 -7.20
C THR A 98 -6.31 7.77 -5.92
N TRP A 99 -5.19 7.05 -5.77
CA TRP A 99 -4.96 6.20 -4.59
C TRP A 99 -4.80 7.05 -3.32
N ILE A 100 -4.03 8.14 -3.40
CA ILE A 100 -3.80 9.03 -2.26
C ILE A 100 -5.13 9.60 -1.74
N GLN A 101 -6.00 10.04 -2.66
CA GLN A 101 -7.30 10.58 -2.28
C GLN A 101 -8.22 9.47 -1.74
N ALA A 102 -8.17 8.29 -2.37
CA ALA A 102 -8.97 7.13 -1.94
C ALA A 102 -8.56 6.69 -0.53
N ILE A 103 -7.26 6.73 -0.24
CA ILE A 103 -6.72 6.36 1.08
C ILE A 103 -7.18 7.39 2.13
N SER A 104 -7.31 8.65 1.72
CA SER A 104 -7.76 9.72 2.61
C SER A 104 -9.25 9.52 2.98
N SER A 105 -10.04 9.03 2.01
CA SER A 105 -11.48 8.76 2.24
C SER A 105 -11.66 7.46 3.02
N ALA A 106 -11.01 6.38 2.55
CA ALA A 106 -11.07 5.06 3.18
C ALA A 106 -12.49 4.47 3.06
N MET A 1 -12.33 1.29 -4.08
CA MET A 1 -10.99 1.47 -4.69
C MET A 1 -10.21 0.17 -4.60
N GLU A 2 -10.11 -0.54 -5.72
CA GLU A 2 -9.40 -1.81 -5.80
C GLU A 2 -8.52 -1.86 -7.05
N GLY A 3 -7.38 -2.54 -6.93
CA GLY A 3 -6.44 -2.67 -8.04
C GLY A 3 -5.09 -3.19 -7.56
N PHE A 4 -4.18 -3.37 -8.51
CA PHE A 4 -2.82 -3.86 -8.21
C PHE A 4 -1.91 -2.70 -7.84
N LEU A 5 -0.98 -2.96 -6.94
CA LEU A 5 -0.02 -1.95 -6.47
C LEU A 5 1.31 -2.60 -6.12
N ASN A 6 2.40 -1.89 -6.39
CA ASN A 6 3.74 -2.37 -6.05
C ASN A 6 4.04 -1.93 -4.62
N ARG A 7 4.20 -2.89 -3.71
CA ARG A 7 4.43 -2.60 -2.29
C ARG A 7 5.87 -2.92 -1.89
N LYS A 8 6.50 -1.96 -1.21
CA LYS A 8 7.86 -2.10 -0.71
C LYS A 8 7.88 -1.60 0.73
N HIS A 9 7.96 -2.54 1.67
CA HIS A 9 7.97 -2.21 3.09
C HIS A 9 9.39 -1.89 3.56
N GLU A 10 9.59 -0.66 4.00
CA GLU A 10 10.90 -0.21 4.51
C GLU A 10 11.01 -0.61 5.99
N TRP A 11 9.94 -0.38 6.72
CA TRP A 11 9.84 -0.71 8.14
C TRP A 11 8.44 -1.26 8.38
N GLU A 12 8.35 -2.43 9.01
CA GLU A 12 7.07 -3.07 9.26
C GLU A 12 7.06 -3.74 10.64
N ALA A 13 6.32 -3.13 11.58
CA ALA A 13 6.16 -3.63 12.95
C ALA A 13 7.37 -3.25 13.81
N HIS A 14 8.03 -4.26 14.41
CA HIS A 14 9.19 -4.03 15.28
C HIS A 14 10.43 -4.69 14.66
N ASN A 15 11.31 -3.87 14.10
CA ASN A 15 12.56 -4.31 13.46
C ASN A 15 13.32 -3.09 12.96
N LYS A 16 14.50 -3.31 12.40
CA LYS A 16 15.32 -2.22 11.85
C LYS A 16 14.75 -1.81 10.49
N LYS A 17 14.54 -2.82 9.64
CA LYS A 17 13.96 -2.63 8.30
C LYS A 17 13.38 -3.94 7.78
N ALA A 18 12.58 -3.86 6.73
CA ALA A 18 11.96 -5.04 6.11
C ALA A 18 12.49 -5.24 4.69
N SER A 19 12.56 -6.49 4.25
CA SER A 19 13.07 -6.82 2.91
C SER A 19 12.54 -8.18 2.41
N SER A 20 11.32 -8.56 2.82
CA SER A 20 10.72 -9.83 2.37
C SER A 20 10.10 -9.60 0.98
N ARG A 21 10.88 -9.88 -0.06
CA ARG A 21 10.46 -9.68 -1.45
C ARG A 21 10.22 -8.19 -1.71
N SER A 22 11.26 -7.38 -1.52
CA SER A 22 11.18 -5.92 -1.73
C SER A 22 10.64 -5.60 -3.13
N TRP A 23 9.64 -4.73 -3.16
CA TRP A 23 8.96 -4.32 -4.41
C TRP A 23 8.19 -5.49 -5.00
N HIS A 24 7.10 -5.86 -4.32
CA HIS A 24 6.23 -6.97 -4.74
C HIS A 24 4.87 -6.43 -5.18
N ASN A 25 4.40 -6.91 -6.33
CA ASN A 25 3.10 -6.50 -6.88
C ASN A 25 1.99 -7.23 -6.11
N VAL A 26 1.24 -6.48 -5.31
CA VAL A 26 0.16 -7.04 -4.48
C VAL A 26 -1.15 -6.32 -4.80
N TYR A 27 -2.26 -6.98 -4.46
CA TYR A 27 -3.60 -6.44 -4.70
C TYR A 27 -4.13 -5.81 -3.41
N CYS A 28 -4.54 -4.55 -3.49
CA CYS A 28 -5.08 -3.81 -2.33
C CYS A 28 -6.55 -3.48 -2.54
N VAL A 29 -7.35 -3.66 -1.49
CA VAL A 29 -8.79 -3.39 -1.55
C VAL A 29 -9.20 -2.55 -0.35
N ILE A 30 -9.66 -1.32 -0.61
CA ILE A 30 -10.11 -0.39 0.43
C ILE A 30 -11.65 -0.40 0.47
N ASN A 31 -12.22 -0.48 1.67
CA ASN A 31 -13.67 -0.49 1.84
C ASN A 31 -14.08 0.33 3.06
N ASN A 32 -13.94 1.65 2.95
CA ASN A 32 -14.29 2.62 4.00
C ASN A 32 -13.52 2.37 5.31
N GLN A 33 -12.48 3.19 5.54
CA GLN A 33 -11.63 3.15 6.76
C GLN A 33 -10.79 1.87 6.90
N GLU A 34 -11.24 0.76 6.28
CA GLU A 34 -10.53 -0.52 6.37
C GLU A 34 -10.04 -0.96 4.98
N MET A 35 -8.91 -1.66 4.95
CA MET A 35 -8.33 -2.17 3.72
C MET A 35 -7.67 -3.52 3.97
N GLY A 36 -7.70 -4.38 2.95
CA GLY A 36 -7.12 -5.73 3.03
C GLY A 36 -6.12 -5.97 1.91
N PHE A 37 -5.07 -6.74 2.21
CA PHE A 37 -4.02 -7.08 1.24
C PHE A 37 -4.27 -8.49 0.68
N TYR A 38 -4.39 -8.57 -0.64
CA TYR A 38 -4.65 -9.85 -1.32
C TYR A 38 -3.65 -10.07 -2.46
N LYS A 39 -3.71 -11.25 -3.07
CA LYS A 39 -2.81 -11.60 -4.18
C LYS A 39 -3.30 -11.02 -5.51
N ASP A 40 -4.61 -11.04 -5.71
CA ASP A 40 -5.24 -10.53 -6.95
C ASP A 40 -6.74 -10.31 -6.72
N ALA A 41 -7.47 -9.99 -7.80
CA ALA A 41 -8.92 -9.75 -7.72
C ALA A 41 -9.68 -11.01 -7.28
N LYS A 42 -9.21 -12.17 -7.74
CA LYS A 42 -9.82 -13.46 -7.39
C LYS A 42 -9.60 -13.76 -5.90
N SER A 43 -8.37 -13.51 -5.45
CA SER A 43 -8.00 -13.73 -4.04
C SER A 43 -8.78 -12.78 -3.12
N ALA A 44 -9.04 -11.56 -3.59
CA ALA A 44 -9.79 -10.56 -2.82
C ALA A 44 -11.27 -10.94 -2.75
N ALA A 45 -11.79 -11.53 -3.83
CA ALA A 45 -13.20 -11.94 -3.90
C ALA A 45 -13.44 -13.21 -3.07
N SER A 46 -12.62 -14.23 -3.29
CA SER A 46 -12.74 -15.51 -2.57
C SER A 46 -12.31 -15.40 -1.10
N GLY A 47 -11.43 -14.44 -0.81
CA GLY A 47 -10.95 -14.21 0.56
C GLY A 47 -9.70 -15.04 0.86
N ILE A 48 -8.67 -14.87 0.05
CA ILE A 48 -7.39 -15.56 0.22
C ILE A 48 -6.38 -14.52 0.74
N PRO A 49 -6.01 -14.58 2.04
CA PRO A 49 -5.10 -13.60 2.66
C PRO A 49 -3.65 -13.68 2.17
N TYR A 50 -3.07 -12.51 1.91
CA TYR A 50 -1.68 -12.37 1.47
C TYR A 50 -0.88 -11.69 2.58
N HIS A 51 0.28 -12.28 2.89
CA HIS A 51 1.18 -11.78 3.94
C HIS A 51 0.60 -12.06 5.33
N SER A 52 1.33 -11.66 6.36
CA SER A 52 0.91 -11.86 7.76
C SER A 52 -0.14 -10.81 8.16
N GLU A 53 0.17 -9.55 7.89
CA GLU A 53 -0.72 -8.43 8.20
C GLU A 53 -1.65 -8.17 7.01
N VAL A 54 -2.73 -8.94 6.94
CA VAL A 54 -3.71 -8.82 5.86
C VAL A 54 -4.65 -7.62 6.07
N PRO A 55 -5.25 -7.49 7.28
CA PRO A 55 -6.17 -6.38 7.60
C PRO A 55 -5.43 -5.17 8.16
N VAL A 56 -5.67 -4.00 7.57
CA VAL A 56 -5.04 -2.75 8.01
C VAL A 56 -6.08 -1.64 8.08
N SER A 57 -6.01 -0.83 9.14
CA SER A 57 -6.94 0.27 9.36
C SER A 57 -6.35 1.57 8.79
N LEU A 58 -7.10 2.23 7.91
CA LEU A 58 -6.67 3.51 7.30
C LEU A 58 -7.04 4.69 8.22
N LYS A 59 -7.05 4.41 9.53
CA LYS A 59 -7.35 5.42 10.55
C LYS A 59 -6.08 6.20 10.86
N GLU A 60 -6.09 7.51 10.57
CA GLU A 60 -4.93 8.39 10.78
C GLU A 60 -3.77 7.96 9.89
N ALA A 61 -4.06 7.80 8.59
CA ALA A 61 -3.07 7.38 7.60
C ALA A 61 -2.50 8.61 6.88
N ILE A 62 -1.18 8.80 6.97
CA ILE A 62 -0.50 9.92 6.31
C ILE A 62 0.13 9.43 5.01
N CYS A 63 -0.13 10.15 3.92
CA CYS A 63 0.39 9.78 2.60
C CYS A 63 1.19 10.93 1.98
N GLU A 64 2.30 10.60 1.33
CA GLU A 64 3.19 11.57 0.67
C GLU A 64 3.56 11.05 -0.72
N VAL A 65 4.12 11.93 -1.57
CA VAL A 65 4.52 11.55 -2.93
C VAL A 65 6.04 11.27 -2.96
N ALA A 66 6.46 10.38 -3.85
CA ALA A 66 7.87 10.02 -4.00
C ALA A 66 8.27 10.02 -5.47
N LEU A 67 9.12 11.00 -5.82
CA LEU A 67 9.62 11.18 -7.18
C LEU A 67 11.14 10.92 -7.23
N ASP A 68 11.89 11.41 -6.25
CA ASP A 68 13.35 11.24 -6.19
C ASP A 68 13.73 9.89 -5.55
N TYR A 69 12.98 8.84 -5.90
CA TYR A 69 13.22 7.48 -5.41
C TYR A 69 13.42 6.53 -6.60
N LYS A 70 13.58 5.24 -6.31
CA LYS A 70 13.72 4.23 -7.37
C LYS A 70 12.32 3.96 -7.93
N LYS A 71 11.78 4.99 -8.58
CA LYS A 71 10.41 4.97 -9.11
C LYS A 71 10.31 4.41 -10.52
N LYS A 72 9.05 4.16 -10.87
CA LYS A 72 8.64 3.66 -12.17
C LYS A 72 7.31 4.37 -12.44
N LYS A 73 7.40 5.50 -13.14
CA LYS A 73 6.26 6.39 -13.44
C LYS A 73 5.97 7.30 -12.24
N HIS A 74 5.56 6.72 -11.10
CA HIS A 74 5.26 7.51 -9.89
C HIS A 74 5.15 6.61 -8.65
N VAL A 75 5.77 7.04 -7.54
CA VAL A 75 5.74 6.31 -6.26
C VAL A 75 5.14 7.23 -5.19
N PHE A 76 4.51 6.65 -4.16
CA PHE A 76 3.93 7.42 -3.06
C PHE A 76 4.19 6.71 -1.74
N LYS A 77 4.50 7.51 -0.72
CA LYS A 77 4.78 7.01 0.62
C LYS A 77 3.49 6.91 1.42
N LEU A 78 3.36 5.84 2.19
CA LEU A 78 2.18 5.61 3.02
C LEU A 78 2.64 5.24 4.43
N ARG A 79 2.43 6.16 5.37
CA ARG A 79 2.83 5.97 6.77
C ARG A 79 1.59 5.77 7.65
N LEU A 80 1.47 4.58 8.19
CA LEU A 80 0.34 4.22 9.05
C LEU A 80 0.69 4.51 10.52
N SER A 81 -0.28 5.07 11.25
CA SER A 81 -0.11 5.42 12.67
C SER A 81 0.08 4.17 13.55
N ASP A 82 -0.28 3.00 13.04
CA ASP A 82 -0.13 1.73 13.77
C ASP A 82 1.35 1.42 14.01
N GLY A 83 2.20 1.90 13.10
CA GLY A 83 3.65 1.69 13.18
C GLY A 83 4.12 0.86 11.99
N ASN A 84 3.81 1.34 10.77
CA ASN A 84 4.19 0.66 9.53
C ASN A 84 4.46 1.72 8.46
N GLU A 85 5.45 1.47 7.60
CA GLU A 85 5.83 2.40 6.53
C GLU A 85 5.97 1.62 5.21
N TYR A 86 5.18 2.00 4.21
CA TYR A 86 5.21 1.33 2.89
C TYR A 86 5.37 2.33 1.76
N LEU A 87 6.07 1.91 0.70
CA LEU A 87 6.27 2.70 -0.51
C LEU A 87 5.43 2.03 -1.59
N PHE A 88 4.40 2.73 -2.07
CA PHE A 88 3.51 2.18 -3.09
C PHE A 88 3.79 2.81 -4.46
N GLN A 89 3.89 1.96 -5.48
CA GLN A 89 4.15 2.38 -6.86
C GLN A 89 2.91 2.14 -7.72
N ALA A 90 2.45 3.19 -8.42
CA ALA A 90 1.28 3.12 -9.30
C ALA A 90 1.72 3.10 -10.77
N LYS A 91 0.75 2.89 -11.68
CA LYS A 91 1.04 2.83 -13.12
C LYS A 91 1.22 4.24 -13.70
N ASP A 92 0.46 5.21 -13.20
CA ASP A 92 0.56 6.60 -13.68
C ASP A 92 0.09 7.60 -12.63
N ASP A 93 0.10 8.88 -13.00
CA ASP A 93 -0.29 9.98 -12.10
C ASP A 93 -1.77 9.91 -11.68
N GLU A 94 -2.66 9.53 -12.59
CA GLU A 94 -4.10 9.42 -12.29
C GLU A 94 -4.35 8.40 -11.18
N GLU A 95 -3.79 7.20 -11.36
CA GLU A 95 -3.92 6.11 -10.40
C GLU A 95 -3.33 6.52 -9.05
N MET A 96 -2.12 7.11 -9.08
CA MET A 96 -1.42 7.58 -7.88
C MET A 96 -2.30 8.55 -7.09
N ASN A 97 -2.82 9.56 -7.78
CA ASN A 97 -3.68 10.59 -7.18
C ASN A 97 -4.97 9.96 -6.59
N THR A 98 -5.56 9.01 -7.32
CA THR A 98 -6.77 8.32 -6.88
C THR A 98 -6.50 7.48 -5.63
N TRP A 99 -5.35 6.81 -5.59
CA TRP A 99 -4.96 5.98 -4.45
C TRP A 99 -4.71 6.85 -3.21
N ILE A 100 -3.93 7.91 -3.38
CA ILE A 100 -3.62 8.85 -2.28
C ILE A 100 -4.92 9.46 -1.70
N GLN A 101 -5.87 9.81 -2.58
CA GLN A 101 -7.15 10.38 -2.17
C GLN A 101 -7.95 9.39 -1.30
N ALA A 102 -8.03 8.14 -1.75
CA ALA A 102 -8.75 7.09 -1.03
C ALA A 102 -8.10 6.84 0.33
N ILE A 103 -6.77 6.75 0.36
CA ILE A 103 -6.03 6.53 1.59
C ILE A 103 -6.18 7.74 2.54
N SER A 104 -6.34 8.94 1.98
CA SER A 104 -6.50 10.15 2.77
C SER A 104 -7.84 10.17 3.53
N SER A 105 -8.93 9.76 2.85
CA SER A 105 -10.26 9.77 3.49
C SER A 105 -11.24 8.79 2.82
N ALA A 106 -10.91 7.49 2.82
CA ALA A 106 -11.79 6.47 2.23
C ALA A 106 -12.94 6.18 3.19
N MET A 1 -11.47 2.04 -3.14
CA MET A 1 -10.37 1.84 -4.11
C MET A 1 -9.87 0.41 -4.03
N GLU A 2 -9.75 -0.24 -5.19
CA GLU A 2 -9.28 -1.62 -5.29
C GLU A 2 -8.52 -1.81 -6.60
N GLY A 3 -7.40 -2.52 -6.55
CA GLY A 3 -6.57 -2.78 -7.73
C GLY A 3 -5.16 -3.20 -7.33
N PHE A 4 -4.33 -3.46 -8.33
CA PHE A 4 -2.94 -3.88 -8.11
C PHE A 4 -2.08 -2.67 -7.71
N LEU A 5 -1.08 -2.92 -6.89
CA LEU A 5 -0.16 -1.90 -6.41
C LEU A 5 1.18 -2.55 -6.05
N ASN A 6 2.27 -1.84 -6.27
CA ASN A 6 3.59 -2.34 -5.91
C ASN A 6 3.84 -1.95 -4.45
N ARG A 7 3.97 -2.95 -3.58
CA ARG A 7 4.12 -2.74 -2.14
C ARG A 7 5.54 -3.05 -1.68
N LYS A 8 6.15 -2.12 -0.97
CA LYS A 8 7.50 -2.26 -0.41
C LYS A 8 7.51 -1.69 1.01
N HIS A 9 7.54 -2.58 2.00
CA HIS A 9 7.57 -2.17 3.41
C HIS A 9 8.97 -1.67 3.77
N GLU A 10 9.06 -0.38 4.10
CA GLU A 10 10.33 0.25 4.48
C GLU A 10 10.71 -0.13 5.91
N TRP A 11 9.71 -0.16 6.79
CA TRP A 11 9.89 -0.51 8.20
C TRP A 11 8.63 -1.25 8.65
N GLU A 12 8.81 -2.43 9.22
CA GLU A 12 7.67 -3.26 9.65
C GLU A 12 7.96 -4.00 10.96
N ALA A 13 8.17 -3.24 12.04
CA ALA A 13 8.38 -3.78 13.41
C ALA A 13 9.60 -4.72 13.57
N HIS A 14 10.09 -5.30 12.48
CA HIS A 14 11.22 -6.25 12.52
C HIS A 14 12.59 -5.57 12.74
N ASN A 15 12.61 -4.55 13.61
CA ASN A 15 13.84 -3.80 13.96
C ASN A 15 14.44 -3.10 12.73
N LYS A 16 15.08 -3.87 11.86
CA LYS A 16 15.71 -3.35 10.64
C LYS A 16 14.65 -2.93 9.62
N LYS A 17 15.10 -2.31 8.53
CA LYS A 17 14.21 -1.85 7.46
C LYS A 17 13.75 -3.04 6.60
N ALA A 18 12.44 -3.32 6.63
CA ALA A 18 11.83 -4.43 5.87
C ALA A 18 12.24 -5.79 6.44
N SER A 19 12.06 -6.83 5.64
CA SER A 19 12.41 -8.20 6.02
C SER A 19 13.35 -8.81 4.97
N SER A 20 12.83 -9.01 3.76
CA SER A 20 13.62 -9.57 2.65
C SER A 20 12.95 -9.25 1.31
N ARG A 21 11.68 -9.66 1.18
CA ARG A 21 10.90 -9.45 -0.05
C ARG A 21 10.58 -7.96 -0.23
N SER A 22 11.34 -7.30 -1.09
CA SER A 22 11.18 -5.87 -1.37
C SER A 22 10.55 -5.65 -2.76
N TRP A 23 9.52 -4.80 -2.80
CA TRP A 23 8.79 -4.46 -4.04
C TRP A 23 8.05 -5.68 -4.60
N HIS A 24 6.82 -5.88 -4.12
CA HIS A 24 5.97 -6.99 -4.55
C HIS A 24 4.63 -6.42 -5.06
N ASN A 25 4.23 -6.85 -6.25
CA ASN A 25 2.97 -6.40 -6.87
C ASN A 25 1.79 -7.16 -6.23
N VAL A 26 1.17 -6.52 -5.24
CA VAL A 26 0.05 -7.08 -4.49
C VAL A 26 -1.26 -6.37 -4.87
N TYR A 27 -2.38 -7.03 -4.58
CA TYR A 27 -3.71 -6.47 -4.87
C TYR A 27 -4.27 -5.83 -3.60
N CYS A 28 -4.30 -4.49 -3.58
CA CYS A 28 -4.78 -3.73 -2.43
C CYS A 28 -6.27 -3.40 -2.57
N VAL A 29 -6.99 -3.50 -1.46
CA VAL A 29 -8.42 -3.20 -1.41
C VAL A 29 -8.69 -2.36 -0.16
N ILE A 30 -9.15 -1.12 -0.36
CA ILE A 30 -9.42 -0.20 0.75
C ILE A 30 -10.92 -0.17 1.08
N ASN A 31 -11.25 -0.41 2.34
CA ASN A 31 -12.62 -0.39 2.83
C ASN A 31 -12.73 0.69 3.91
N ASN A 32 -12.56 1.93 3.46
CA ASN A 32 -12.62 3.14 4.32
C ASN A 32 -11.54 3.13 5.41
N GLN A 33 -11.93 2.73 6.63
CA GLN A 33 -11.00 2.71 7.79
C GLN A 33 -10.19 1.41 7.89
N GLU A 34 -10.37 0.48 6.93
CA GLU A 34 -9.65 -0.80 6.93
C GLU A 34 -9.29 -1.20 5.52
N MET A 35 -8.07 -1.70 5.31
CA MET A 35 -7.62 -2.13 3.99
C MET A 35 -7.09 -3.56 4.05
N GLY A 36 -7.21 -4.28 2.94
CA GLY A 36 -6.76 -5.67 2.84
C GLY A 36 -5.81 -5.85 1.66
N PHE A 37 -4.79 -6.70 1.86
CA PHE A 37 -3.78 -7.01 0.84
C PHE A 37 -3.98 -8.44 0.34
N TYR A 38 -4.44 -8.58 -0.91
CA TYR A 38 -4.71 -9.88 -1.51
C TYR A 38 -3.75 -10.18 -2.68
N LYS A 39 -3.83 -11.39 -3.21
CA LYS A 39 -2.97 -11.82 -4.32
C LYS A 39 -3.40 -11.14 -5.63
N ASP A 40 -4.67 -11.29 -5.97
CA ASP A 40 -5.24 -10.71 -7.19
C ASP A 40 -6.72 -10.35 -6.98
N ALA A 41 -7.42 -10.06 -8.08
CA ALA A 41 -8.85 -9.70 -8.02
C ALA A 41 -9.69 -10.86 -7.49
N LYS A 42 -9.36 -12.08 -7.93
CA LYS A 42 -10.06 -13.29 -7.50
C LYS A 42 -9.88 -13.50 -5.99
N SER A 43 -8.64 -13.36 -5.51
CA SER A 43 -8.33 -13.51 -4.09
C SER A 43 -9.04 -12.44 -3.24
N ALA A 44 -9.24 -11.25 -3.83
CA ALA A 44 -9.91 -10.14 -3.14
C ALA A 44 -11.42 -10.39 -3.06
N ALA A 45 -12.04 -10.71 -4.20
CA ALA A 45 -13.49 -10.98 -4.27
C ALA A 45 -13.85 -12.24 -3.49
N SER A 46 -13.03 -13.28 -3.63
CA SER A 46 -13.25 -14.55 -2.93
C SER A 46 -12.91 -14.43 -1.43
N GLY A 47 -11.95 -13.57 -1.10
CA GLY A 47 -11.52 -13.35 0.28
C GLY A 47 -10.51 -14.41 0.73
N ILE A 48 -9.50 -14.65 -0.11
CA ILE A 48 -8.46 -15.65 0.17
C ILE A 48 -7.29 -14.97 0.88
N PRO A 49 -6.86 -15.50 2.05
CA PRO A 49 -5.73 -14.95 2.82
C PRO A 49 -4.39 -15.25 2.13
N TYR A 50 -3.93 -14.31 1.30
CA TYR A 50 -2.68 -14.44 0.55
C TYR A 50 -1.46 -14.54 1.49
N HIS A 51 -1.55 -13.83 2.62
CA HIS A 51 -0.47 -13.81 3.63
C HIS A 51 -1.10 -13.67 5.02
N SER A 52 -0.26 -13.54 6.04
CA SER A 52 -0.73 -13.36 7.42
C SER A 52 -1.04 -11.87 7.65
N GLU A 53 -0.16 -11.02 7.13
CA GLU A 53 -0.28 -9.56 7.24
C GLU A 53 -1.18 -9.04 6.11
N VAL A 54 -2.45 -9.48 6.13
CA VAL A 54 -3.42 -9.09 5.10
C VAL A 54 -4.33 -7.94 5.58
N PRO A 55 -4.95 -8.04 6.78
CA PRO A 55 -5.84 -6.98 7.29
C PRO A 55 -5.06 -5.87 8.01
N VAL A 56 -5.22 -4.63 7.54
CA VAL A 56 -4.55 -3.47 8.14
C VAL A 56 -5.56 -2.32 8.28
N SER A 57 -5.57 -1.68 9.45
CA SER A 57 -6.48 -0.58 9.73
C SER A 57 -5.90 0.75 9.20
N LEU A 58 -6.72 1.49 8.46
CA LEU A 58 -6.33 2.78 7.89
C LEU A 58 -6.77 3.92 8.81
N LYS A 59 -6.34 3.85 10.07
CA LYS A 59 -6.68 4.88 11.07
C LYS A 59 -5.63 5.99 11.03
N GLU A 60 -6.00 7.13 10.42
CA GLU A 60 -5.11 8.30 10.28
C GLU A 60 -3.82 7.91 9.54
N ALA A 61 -3.97 7.47 8.29
CA ALA A 61 -2.83 7.07 7.45
C ALA A 61 -2.36 8.26 6.62
N ILE A 62 -1.11 8.68 6.82
CA ILE A 62 -0.54 9.80 6.08
C ILE A 62 -0.03 9.29 4.73
N CYS A 63 -0.36 10.04 3.67
CA CYS A 63 0.04 9.68 2.31
C CYS A 63 0.71 10.89 1.64
N GLU A 64 1.94 10.68 1.15
CA GLU A 64 2.71 11.73 0.48
C GLU A 64 3.20 11.23 -0.88
N VAL A 65 3.50 12.16 -1.79
CA VAL A 65 3.98 11.81 -3.14
C VAL A 65 5.48 11.50 -3.11
N ALA A 66 5.90 10.51 -3.89
CA ALA A 66 7.30 10.12 -3.99
C ALA A 66 7.75 10.16 -5.46
N LEU A 67 8.08 11.37 -5.89
CA LEU A 67 8.56 11.64 -7.25
C LEU A 67 10.09 11.73 -7.24
N ASP A 68 10.67 11.81 -6.04
CA ASP A 68 12.12 11.85 -5.82
C ASP A 68 12.70 10.45 -5.91
N TYR A 69 11.87 9.44 -5.64
CA TYR A 69 12.27 8.04 -5.71
C TYR A 69 12.18 7.59 -7.18
N LYS A 70 13.11 8.10 -7.99
CA LYS A 70 13.15 7.81 -9.43
C LYS A 70 13.69 6.40 -9.74
N LYS A 71 13.13 5.40 -9.06
CA LYS A 71 13.49 3.99 -9.26
C LYS A 71 12.37 3.28 -10.05
N LYS A 72 11.25 3.99 -10.18
CA LYS A 72 10.06 3.53 -10.90
C LYS A 72 9.37 4.76 -11.51
N LYS A 73 8.17 4.57 -12.06
CA LYS A 73 7.40 5.66 -12.68
C LYS A 73 6.96 6.70 -11.64
N HIS A 74 5.93 6.37 -10.86
CA HIS A 74 5.39 7.27 -9.84
C HIS A 74 5.16 6.48 -8.55
N VAL A 75 5.76 6.93 -7.44
CA VAL A 75 5.62 6.26 -6.16
C VAL A 75 5.01 7.23 -5.15
N PHE A 76 4.47 6.69 -4.05
CA PHE A 76 3.90 7.49 -2.98
C PHE A 76 4.16 6.81 -1.65
N LYS A 77 4.40 7.62 -0.63
CA LYS A 77 4.69 7.13 0.72
C LYS A 77 3.39 6.92 1.48
N LEU A 78 3.31 5.83 2.22
CA LEU A 78 2.13 5.48 3.01
C LEU A 78 2.57 5.07 4.41
N ARG A 79 2.26 5.91 5.39
CA ARG A 79 2.62 5.65 6.79
C ARG A 79 1.37 5.67 7.67
N LEU A 80 1.18 4.63 8.47
CA LEU A 80 0.02 4.54 9.37
C LEU A 80 0.17 5.53 10.53
N SER A 81 -0.73 5.44 11.51
CA SER A 81 -0.69 6.31 12.68
C SER A 81 0.53 6.02 13.55
N ASP A 82 0.72 4.74 13.85
CA ASP A 82 1.86 4.27 14.66
C ASP A 82 1.96 2.75 14.54
N GLY A 83 1.93 2.25 13.29
CA GLY A 83 2.00 0.81 13.04
C GLY A 83 3.20 0.45 12.19
N ASN A 84 3.07 0.65 10.86
CA ASN A 84 4.13 0.32 9.89
C ASN A 84 4.25 1.44 8.86
N GLU A 85 5.34 1.40 8.09
CA GLU A 85 5.62 2.38 7.02
C GLU A 85 5.89 1.64 5.71
N TYR A 86 5.22 2.05 4.63
CA TYR A 86 5.39 1.39 3.32
C TYR A 86 5.52 2.40 2.18
N LEU A 87 6.04 1.90 1.05
CA LEU A 87 6.18 2.67 -0.20
C LEU A 87 5.29 1.99 -1.24
N PHE A 88 4.44 2.76 -1.93
CA PHE A 88 3.53 2.19 -2.93
C PHE A 88 3.78 2.82 -4.31
N GLN A 89 3.99 1.97 -5.31
CA GLN A 89 4.24 2.41 -6.69
C GLN A 89 2.98 2.21 -7.54
N ALA A 90 2.60 3.26 -8.26
CA ALA A 90 1.42 3.26 -9.14
C ALA A 90 1.86 3.10 -10.60
N LYS A 91 0.92 2.75 -11.47
CA LYS A 91 1.20 2.55 -12.90
C LYS A 91 1.15 3.87 -13.68
N ASP A 92 0.29 4.80 -13.24
CA ASP A 92 0.11 6.10 -13.90
C ASP A 92 -0.21 7.18 -12.86
N ASP A 93 -0.05 8.44 -13.27
CA ASP A 93 -0.33 9.61 -12.40
C ASP A 93 -1.79 9.61 -11.95
N GLU A 94 -2.71 9.30 -12.88
CA GLU A 94 -4.15 9.25 -12.57
C GLU A 94 -4.41 8.22 -11.46
N GLU A 95 -3.78 7.06 -11.57
CA GLU A 95 -3.92 5.99 -10.59
C GLU A 95 -3.31 6.43 -9.25
N MET A 96 -2.10 7.00 -9.30
CA MET A 96 -1.39 7.49 -8.11
C MET A 96 -2.24 8.54 -7.37
N ASN A 97 -2.81 9.48 -8.12
CA ASN A 97 -3.66 10.54 -7.56
C ASN A 97 -4.89 9.94 -6.88
N THR A 98 -5.53 8.97 -7.55
CA THR A 98 -6.73 8.31 -7.01
C THR A 98 -6.40 7.55 -5.71
N TRP A 99 -5.26 6.86 -5.68
CA TRP A 99 -4.82 6.10 -4.51
C TRP A 99 -4.57 7.03 -3.32
N ILE A 100 -3.76 8.07 -3.54
CA ILE A 100 -3.44 9.05 -2.48
C ILE A 100 -4.70 9.73 -1.94
N GLN A 101 -5.61 10.11 -2.84
CA GLN A 101 -6.86 10.78 -2.45
C GLN A 101 -7.78 9.81 -1.69
N ALA A 102 -7.87 8.56 -2.16
CA ALA A 102 -8.71 7.54 -1.50
C ALA A 102 -8.21 7.28 -0.08
N ILE A 103 -6.89 7.23 0.09
CA ILE A 103 -6.27 7.01 1.40
C ILE A 103 -6.48 8.22 2.33
N SER A 104 -6.50 9.42 1.75
CA SER A 104 -6.70 10.66 2.49
C SER A 104 -8.16 10.81 2.96
N SER A 105 -9.10 10.49 2.07
CA SER A 105 -10.54 10.59 2.38
C SER A 105 -10.99 9.47 3.32
N ALA A 106 -10.38 8.28 3.20
CA ALA A 106 -10.70 7.12 4.03
C ALA A 106 -12.15 6.67 3.82
N MET A 1 -13.36 -0.21 -4.83
CA MET A 1 -12.15 0.60 -4.53
C MET A 1 -10.95 -0.32 -4.33
N GLU A 2 -10.64 -1.10 -5.36
CA GLU A 2 -9.52 -2.06 -5.33
C GLU A 2 -8.65 -1.88 -6.57
N GLY A 3 -7.50 -2.54 -6.59
CA GLY A 3 -6.57 -2.47 -7.72
C GLY A 3 -5.21 -3.05 -7.34
N PHE A 4 -4.31 -3.10 -8.32
CA PHE A 4 -2.96 -3.62 -8.12
C PHE A 4 -2.04 -2.48 -7.70
N LEU A 5 -1.06 -2.79 -6.86
CA LEU A 5 -0.11 -1.81 -6.36
C LEU A 5 1.22 -2.48 -6.00
N ASN A 6 2.31 -1.75 -6.20
CA ASN A 6 3.64 -2.23 -5.84
C ASN A 6 3.90 -1.79 -4.40
N ARG A 7 4.25 -2.74 -3.52
CA ARG A 7 4.45 -2.44 -2.08
C ARG A 7 5.88 -2.72 -1.63
N LYS A 8 6.54 -1.68 -1.11
CA LYS A 8 7.90 -1.78 -0.58
C LYS A 8 7.84 -1.46 0.91
N HIS A 9 8.20 -2.43 1.74
CA HIS A 9 8.16 -2.28 3.20
C HIS A 9 9.32 -1.39 3.68
N GLU A 10 9.02 -0.13 3.96
CA GLU A 10 10.01 0.84 4.42
C GLU A 10 10.27 0.68 5.93
N TRP A 11 9.35 0.00 6.62
CA TRP A 11 9.46 -0.23 8.06
C TRP A 11 8.50 -1.33 8.48
N GLU A 12 9.06 -2.45 8.93
CA GLU A 12 8.28 -3.60 9.38
C GLU A 12 9.13 -4.45 10.32
N ALA A 13 9.90 -3.78 11.17
CA ALA A 13 10.79 -4.45 12.13
C ALA A 13 11.21 -3.46 13.21
N HIS A 14 11.39 -3.97 14.43
CA HIS A 14 11.81 -3.15 15.57
C HIS A 14 13.28 -2.72 15.40
N ASN A 15 14.00 -3.42 14.53
CA ASN A 15 15.42 -3.13 14.25
C ASN A 15 15.56 -2.14 13.07
N LYS A 16 14.47 -1.41 12.79
CA LYS A 16 14.40 -0.41 11.70
C LYS A 16 14.36 -1.07 10.32
N LYS A 17 13.78 -0.35 9.35
CA LYS A 17 13.67 -0.83 7.96
C LYS A 17 12.95 -2.18 7.88
N ALA A 18 13.17 -2.87 6.77
CA ALA A 18 12.57 -4.20 6.53
C ALA A 18 13.57 -5.09 5.78
N SER A 19 13.33 -6.39 5.84
CA SER A 19 14.20 -7.37 5.17
C SER A 19 13.39 -8.63 4.86
N SER A 20 12.52 -8.53 3.86
CA SER A 20 11.65 -9.65 3.45
C SER A 20 11.62 -9.75 1.93
N ARG A 21 10.92 -8.82 1.30
CA ARG A 21 10.78 -8.77 -0.16
C ARG A 21 10.95 -7.33 -0.64
N SER A 22 11.71 -7.16 -1.71
CA SER A 22 11.97 -5.85 -2.30
C SER A 22 10.96 -5.59 -3.42
N TRP A 23 9.97 -4.74 -3.13
CA TRP A 23 8.90 -4.38 -4.09
C TRP A 23 8.00 -5.59 -4.37
N HIS A 24 6.93 -5.69 -3.57
CA HIS A 24 5.96 -6.79 -3.66
C HIS A 24 4.69 -6.31 -4.37
N ASN A 25 4.45 -6.81 -5.58
CA ASN A 25 3.25 -6.45 -6.37
C ASN A 25 2.05 -7.16 -5.73
N VAL A 26 1.20 -6.38 -5.06
CA VAL A 26 0.04 -6.92 -4.35
C VAL A 26 -1.26 -6.18 -4.74
N TYR A 27 -2.38 -6.85 -4.51
CA TYR A 27 -3.72 -6.31 -4.82
C TYR A 27 -4.32 -5.75 -3.53
N CYS A 28 -4.49 -4.43 -3.48
CA CYS A 28 -5.04 -3.75 -2.29
C CYS A 28 -6.55 -3.52 -2.42
N VAL A 29 -7.27 -3.80 -1.35
CA VAL A 29 -8.73 -3.65 -1.30
C VAL A 29 -9.10 -2.73 -0.13
N ILE A 30 -9.51 -1.50 -0.42
CA ILE A 30 -9.90 -0.53 0.61
C ILE A 30 -11.37 -0.73 0.97
N ASN A 31 -11.65 -0.97 2.25
CA ASN A 31 -13.02 -1.19 2.73
C ASN A 31 -13.16 -0.72 4.18
N ASN A 32 -14.28 -0.05 4.49
CA ASN A 32 -14.55 0.48 5.84
C ASN A 32 -13.49 1.54 6.18
N GLN A 33 -12.52 1.17 7.01
CA GLN A 33 -11.42 2.06 7.40
C GLN A 33 -10.11 1.26 7.47
N GLU A 34 -10.06 0.18 6.66
CA GLU A 34 -8.90 -0.71 6.57
C GLU A 34 -8.67 -1.09 5.10
N MET A 35 -7.52 -1.70 4.84
CA MET A 35 -7.17 -2.15 3.49
C MET A 35 -6.76 -3.62 3.57
N GLY A 36 -7.29 -4.41 2.64
CA GLY A 36 -7.01 -5.85 2.57
C GLY A 36 -5.99 -6.15 1.49
N PHE A 37 -4.89 -6.79 1.87
CA PHE A 37 -3.82 -7.15 0.94
C PHE A 37 -4.07 -8.56 0.39
N TYR A 38 -4.38 -8.65 -0.91
CA TYR A 38 -4.66 -9.93 -1.57
C TYR A 38 -3.75 -10.12 -2.78
N LYS A 39 -3.85 -11.30 -3.40
CA LYS A 39 -3.04 -11.62 -4.58
C LYS A 39 -3.59 -10.94 -5.84
N ASP A 40 -4.91 -10.98 -5.99
CA ASP A 40 -5.60 -10.38 -7.16
C ASP A 40 -7.08 -10.17 -6.84
N ALA A 41 -7.85 -9.77 -7.86
CA ALA A 41 -9.30 -9.53 -7.72
C ALA A 41 -10.02 -10.80 -7.24
N LYS A 42 -9.62 -11.97 -7.78
CA LYS A 42 -10.23 -13.26 -7.41
C LYS A 42 -9.97 -13.54 -5.92
N SER A 43 -8.73 -13.36 -5.48
CA SER A 43 -8.34 -13.57 -4.07
C SER A 43 -9.07 -12.59 -3.15
N ALA A 44 -9.36 -11.39 -3.66
CA ALA A 44 -10.06 -10.35 -2.89
C ALA A 44 -11.55 -10.66 -2.79
N ALA A 45 -12.18 -10.92 -3.95
CA ALA A 45 -13.61 -11.23 -4.03
C ALA A 45 -13.95 -12.52 -3.26
N SER A 46 -13.16 -13.57 -3.49
CA SER A 46 -13.37 -14.86 -2.83
C SER A 46 -12.97 -14.81 -1.34
N GLY A 47 -11.93 -14.03 -1.04
CA GLY A 47 -11.44 -13.87 0.35
C GLY A 47 -10.43 -14.98 0.68
N ILE A 48 -9.29 -14.96 -0.01
CA ILE A 48 -8.23 -15.95 0.18
C ILE A 48 -7.09 -15.32 1.00
N PRO A 49 -6.58 -16.04 2.02
CA PRO A 49 -5.49 -15.54 2.88
C PRO A 49 -4.14 -15.43 2.14
N TYR A 50 -3.84 -14.22 1.68
CA TYR A 50 -2.60 -13.91 0.95
C TYR A 50 -1.38 -13.97 1.90
N HIS A 51 -1.56 -13.42 3.10
CA HIS A 51 -0.52 -13.42 4.14
C HIS A 51 -1.20 -13.50 5.51
N SER A 52 -0.46 -13.22 6.59
CA SER A 52 -1.03 -13.26 7.94
C SER A 52 -1.82 -11.97 8.23
N GLU A 53 -1.16 -10.83 8.03
CA GLU A 53 -1.76 -9.52 8.24
C GLU A 53 -2.47 -9.07 6.96
N VAL A 54 -3.61 -9.70 6.67
CA VAL A 54 -4.39 -9.38 5.47
C VAL A 54 -5.12 -8.04 5.63
N PRO A 55 -5.91 -7.86 6.71
CA PRO A 55 -6.66 -6.62 6.95
C PRO A 55 -5.86 -5.61 7.77
N VAL A 56 -5.24 -4.65 7.11
CA VAL A 56 -4.44 -3.62 7.77
C VAL A 56 -5.28 -2.35 7.93
N SER A 57 -5.32 -1.81 9.15
CA SER A 57 -6.08 -0.60 9.45
C SER A 57 -5.52 0.62 8.70
N LEU A 58 -6.42 1.43 8.14
CA LEU A 58 -6.05 2.63 7.39
C LEU A 58 -6.70 3.86 8.06
N LYS A 59 -6.50 3.99 9.37
CA LYS A 59 -7.05 5.10 10.14
C LYS A 59 -6.01 6.21 10.30
N GLU A 60 -6.25 7.35 9.66
CA GLU A 60 -5.36 8.52 9.70
C GLU A 60 -3.97 8.18 9.13
N ALA A 61 -3.95 7.66 7.90
CA ALA A 61 -2.70 7.29 7.23
C ALA A 61 -2.06 8.51 6.58
N ILE A 62 -0.76 8.70 6.81
CA ILE A 62 -0.03 9.81 6.22
C ILE A 62 0.37 9.43 4.80
N CYS A 63 0.06 10.29 3.85
CA CYS A 63 0.35 10.04 2.45
C CYS A 63 1.20 11.19 1.86
N GLU A 64 2.41 10.84 1.41
CA GLU A 64 3.34 11.81 0.80
C GLU A 64 3.70 11.30 -0.60
N VAL A 65 3.96 12.21 -1.52
CA VAL A 65 4.29 11.84 -2.91
C VAL A 65 5.80 11.69 -3.09
N ALA A 66 6.19 10.61 -3.77
CA ALA A 66 7.58 10.31 -4.09
C ALA A 66 7.72 10.27 -5.61
N LEU A 67 7.91 11.45 -6.20
CA LEU A 67 8.00 11.60 -7.66
C LEU A 67 9.26 10.92 -8.22
N ASP A 68 10.42 11.25 -7.65
CA ASP A 68 11.69 10.69 -8.09
C ASP A 68 12.30 9.80 -7.01
N TYR A 69 11.82 8.56 -6.94
CA TYR A 69 12.34 7.57 -6.00
C TYR A 69 13.26 6.59 -6.76
N LYS A 70 13.77 7.06 -7.92
CA LYS A 70 14.66 6.28 -8.81
C LYS A 70 13.90 5.18 -9.55
N LYS A 71 13.14 4.37 -8.82
CA LYS A 71 12.35 3.29 -9.41
C LYS A 71 11.03 3.85 -9.93
N LYS A 72 10.93 3.97 -11.26
CA LYS A 72 9.74 4.52 -11.93
C LYS A 72 9.61 6.03 -11.65
N LYS A 73 8.45 6.59 -11.95
CA LYS A 73 8.18 8.03 -11.77
C LYS A 73 6.83 8.30 -11.10
N HIS A 74 6.28 7.34 -10.36
CA HIS A 74 5.00 7.53 -9.67
C HIS A 74 4.91 6.63 -8.43
N VAL A 75 5.55 7.09 -7.34
CA VAL A 75 5.54 6.36 -6.07
C VAL A 75 5.03 7.29 -4.97
N PHE A 76 4.48 6.72 -3.89
CA PHE A 76 3.97 7.53 -2.78
C PHE A 76 4.23 6.80 -1.46
N LYS A 77 4.56 7.58 -0.43
CA LYS A 77 4.85 7.09 0.91
C LYS A 77 3.55 6.97 1.70
N LEU A 78 3.28 5.77 2.22
CA LEU A 78 2.08 5.52 3.01
C LEU A 78 2.44 5.00 4.39
N ARG A 79 2.17 5.82 5.40
CA ARG A 79 2.44 5.48 6.79
C ARG A 79 1.13 5.35 7.55
N LEU A 80 1.00 4.29 8.34
CA LEU A 80 -0.21 4.09 9.15
C LEU A 80 -0.26 5.11 10.28
N SER A 81 -1.35 5.11 11.06
CA SER A 81 -1.53 6.06 12.19
C SER A 81 -0.26 6.14 13.06
N ASP A 82 0.31 4.99 13.39
CA ASP A 82 1.54 4.91 14.16
C ASP A 82 2.01 3.44 14.22
N GLY A 83 2.23 2.85 13.05
CA GLY A 83 2.66 1.46 12.95
C GLY A 83 3.45 1.21 11.66
N ASN A 84 3.05 0.15 10.94
CA ASN A 84 3.70 -0.28 9.68
C ASN A 84 3.76 0.87 8.67
N GLU A 85 4.80 0.86 7.84
CA GLU A 85 5.00 1.90 6.83
C GLU A 85 5.58 1.27 5.55
N TYR A 86 5.04 1.70 4.40
CA TYR A 86 5.47 1.17 3.10
C TYR A 86 5.42 2.25 2.02
N LEU A 87 6.00 1.91 0.85
CA LEU A 87 5.99 2.77 -0.33
C LEU A 87 5.09 2.11 -1.36
N PHE A 88 4.12 2.85 -1.88
CA PHE A 88 3.20 2.31 -2.87
C PHE A 88 3.47 2.95 -4.23
N GLN A 89 3.59 2.12 -5.27
CA GLN A 89 3.89 2.59 -6.63
C GLN A 89 2.79 2.18 -7.60
N ALA A 90 2.36 3.13 -8.43
CA ALA A 90 1.32 2.91 -9.44
C ALA A 90 1.92 3.06 -10.84
N LYS A 91 1.25 2.52 -11.85
CA LYS A 91 1.73 2.59 -13.24
C LYS A 91 1.24 3.84 -13.97
N ASP A 92 0.06 4.35 -13.59
CA ASP A 92 -0.51 5.55 -14.24
C ASP A 92 -0.55 6.73 -13.26
N ASP A 93 -0.40 7.93 -13.82
CA ASP A 93 -0.43 9.20 -13.06
C ASP A 93 -1.77 9.36 -12.32
N GLU A 94 -2.86 9.05 -13.04
CA GLU A 94 -4.21 9.15 -12.47
C GLU A 94 -4.42 8.12 -11.37
N GLU A 95 -3.91 6.90 -11.58
CA GLU A 95 -4.03 5.81 -10.59
C GLU A 95 -3.36 6.22 -9.28
N MET A 96 -2.13 6.76 -9.37
CA MET A 96 -1.38 7.21 -8.19
C MET A 96 -2.15 8.32 -7.44
N ASN A 97 -2.70 9.26 -8.21
CA ASN A 97 -3.49 10.37 -7.67
C ASN A 97 -4.75 9.86 -6.96
N THR A 98 -5.46 8.93 -7.61
CA THR A 98 -6.69 8.33 -7.06
C THR A 98 -6.40 7.54 -5.77
N TRP A 99 -5.26 6.84 -5.72
CA TRP A 99 -4.88 6.05 -4.54
C TRP A 99 -4.66 6.97 -3.34
N ILE A 100 -3.83 8.00 -3.52
CA ILE A 100 -3.52 8.97 -2.46
C ILE A 100 -4.81 9.64 -1.94
N GLN A 101 -5.68 10.07 -2.86
CA GLN A 101 -6.95 10.72 -2.51
C GLN A 101 -7.91 9.76 -1.82
N ALA A 102 -7.98 8.51 -2.32
CA ALA A 102 -8.86 7.48 -1.74
C ALA A 102 -8.47 7.18 -0.30
N ILE A 103 -7.17 7.01 -0.06
CA ILE A 103 -6.64 6.73 1.27
C ILE A 103 -6.92 7.92 2.21
N SER A 104 -6.73 9.14 1.72
CA SER A 104 -6.97 10.35 2.51
C SER A 104 -8.46 10.56 2.81
N SER A 105 -9.34 9.82 2.13
CA SER A 105 -10.79 9.92 2.33
C SER A 105 -11.34 8.67 3.05
N ALA A 106 -10.46 7.91 3.71
CA ALA A 106 -10.86 6.70 4.43
C ALA A 106 -11.35 7.05 5.83
N MET A 1 -10.42 2.42 -5.34
CA MET A 1 -10.56 1.77 -4.00
C MET A 1 -9.94 0.38 -4.02
N GLU A 2 -10.18 -0.38 -5.11
CA GLU A 2 -9.65 -1.74 -5.26
C GLU A 2 -8.83 -1.82 -6.55
N GLY A 3 -7.72 -2.54 -6.50
CA GLY A 3 -6.84 -2.72 -7.67
C GLY A 3 -5.43 -3.08 -7.24
N PHE A 4 -4.57 -3.36 -8.22
CA PHE A 4 -3.18 -3.72 -7.97
C PHE A 4 -2.36 -2.50 -7.56
N LEU A 5 -1.35 -2.74 -6.75
CA LEU A 5 -0.45 -1.72 -6.25
C LEU A 5 0.92 -2.35 -6.01
N ASN A 6 1.97 -1.58 -6.26
CA ASN A 6 3.33 -2.04 -6.00
C ASN A 6 3.65 -1.64 -4.56
N ARG A 7 3.87 -2.63 -3.70
CA ARG A 7 4.13 -2.38 -2.29
C ARG A 7 5.56 -2.74 -1.91
N LYS A 8 6.18 -1.87 -1.12
CA LYS A 8 7.53 -2.05 -0.63
C LYS A 8 7.60 -1.55 0.80
N HIS A 9 7.74 -2.48 1.74
CA HIS A 9 7.81 -2.14 3.15
C HIS A 9 9.25 -1.81 3.55
N GLU A 10 9.40 -0.71 4.31
CA GLU A 10 10.71 -0.25 4.80
C GLU A 10 10.87 -0.63 6.27
N TRP A 11 9.77 -0.51 7.02
CA TRP A 11 9.74 -0.85 8.43
C TRP A 11 8.32 -1.25 8.83
N GLU A 12 8.24 -2.25 9.71
CA GLU A 12 6.96 -2.77 10.20
C GLU A 12 7.22 -3.74 11.36
N ALA A 13 8.34 -4.46 11.27
CA ALA A 13 8.75 -5.43 12.29
C ALA A 13 9.78 -4.81 13.24
N HIS A 14 9.67 -5.14 14.52
CA HIS A 14 10.59 -4.64 15.54
C HIS A 14 11.90 -5.42 15.46
N ASN A 15 12.81 -4.92 14.62
CA ASN A 15 14.12 -5.54 14.41
C ASN A 15 15.09 -4.50 13.87
N LYS A 16 14.88 -4.08 12.62
CA LYS A 16 15.72 -3.08 11.97
C LYS A 16 14.96 -2.47 10.78
N LYS A 17 14.88 -3.22 9.68
CA LYS A 17 14.18 -2.79 8.46
C LYS A 17 13.38 -3.96 7.91
N ALA A 18 12.92 -3.81 6.67
CA ALA A 18 12.14 -4.84 5.97
C ALA A 18 12.64 -4.96 4.53
N SER A 19 13.96 -4.84 4.36
CA SER A 19 14.64 -4.92 3.05
C SER A 19 14.45 -3.59 2.30
N SER A 20 15.35 -3.33 1.36
CA SER A 20 15.31 -2.10 0.59
C SER A 20 14.52 -2.25 -0.71
N ARG A 21 14.93 -3.22 -1.55
CA ARG A 21 14.26 -3.47 -2.85
C ARG A 21 13.14 -4.50 -2.73
N SER A 22 12.45 -4.53 -1.59
CA SER A 22 11.33 -5.46 -1.36
C SER A 22 10.06 -4.99 -2.09
N TRP A 23 10.18 -4.84 -3.39
CA TRP A 23 9.07 -4.40 -4.24
C TRP A 23 8.24 -5.59 -4.70
N HIS A 24 7.08 -5.76 -4.07
CA HIS A 24 6.16 -6.86 -4.40
C HIS A 24 4.79 -6.30 -4.81
N ASN A 25 4.24 -6.83 -5.90
CA ASN A 25 2.93 -6.41 -6.40
C ASN A 25 1.83 -7.09 -5.57
N VAL A 26 0.85 -6.32 -5.13
CA VAL A 26 -0.24 -6.84 -4.31
C VAL A 26 -1.56 -6.17 -4.67
N TYR A 27 -2.66 -6.86 -4.41
CA TYR A 27 -4.00 -6.36 -4.70
C TYR A 27 -4.59 -5.74 -3.44
N CYS A 28 -4.59 -4.41 -3.38
CA CYS A 28 -5.09 -3.69 -2.22
C CYS A 28 -6.57 -3.34 -2.40
N VAL A 29 -7.35 -3.55 -1.34
CA VAL A 29 -8.79 -3.26 -1.34
C VAL A 29 -9.12 -2.46 -0.08
N ILE A 30 -9.54 -1.20 -0.26
CA ILE A 30 -9.90 -0.32 0.87
C ILE A 30 -11.33 -0.60 1.33
N ASN A 31 -11.49 -0.82 2.63
CA ASN A 31 -12.79 -1.09 3.25
C ASN A 31 -12.94 -0.23 4.52
N ASN A 32 -13.74 0.83 4.41
CA ASN A 32 -14.04 1.80 5.50
C ASN A 32 -12.80 2.11 6.37
N GLN A 33 -11.92 2.96 5.85
CA GLN A 33 -10.69 3.41 6.54
C GLN A 33 -9.73 2.26 6.92
N GLU A 34 -9.94 1.07 6.32
CA GLU A 34 -9.09 -0.10 6.54
C GLU A 34 -8.77 -0.71 5.18
N MET A 35 -7.84 -1.64 5.10
CA MET A 35 -7.49 -2.25 3.82
C MET A 35 -7.06 -3.71 3.99
N GLY A 36 -7.36 -4.50 2.96
CA GLY A 36 -7.02 -5.91 2.91
C GLY A 36 -6.08 -6.18 1.74
N PHE A 37 -4.98 -6.87 2.01
CA PHE A 37 -3.98 -7.18 0.98
C PHE A 37 -4.25 -8.57 0.41
N TYR A 38 -4.71 -8.61 -0.84
CA TYR A 38 -5.00 -9.87 -1.55
C TYR A 38 -3.94 -10.12 -2.62
N LYS A 39 -3.87 -11.35 -3.12
CA LYS A 39 -2.88 -11.72 -4.14
C LYS A 39 -3.24 -11.14 -5.52
N ASP A 40 -4.54 -11.11 -5.83
CA ASP A 40 -5.02 -10.59 -7.11
C ASP A 40 -6.54 -10.36 -7.08
N ALA A 41 -7.13 -10.12 -8.26
CA ALA A 41 -8.57 -9.90 -8.39
C ALA A 41 -9.35 -11.16 -8.04
N LYS A 42 -8.83 -12.33 -8.44
CA LYS A 42 -9.49 -13.62 -8.14
C LYS A 42 -9.50 -13.85 -6.63
N SER A 43 -8.39 -13.52 -5.98
CA SER A 43 -8.24 -13.68 -4.53
C SER A 43 -9.16 -12.69 -3.77
N ALA A 44 -9.28 -11.48 -4.30
CA ALA A 44 -10.13 -10.43 -3.68
C ALA A 44 -11.62 -10.72 -3.90
N ALA A 45 -11.98 -11.09 -5.13
CA ALA A 45 -13.38 -11.37 -5.48
C ALA A 45 -13.89 -12.67 -4.84
N SER A 46 -13.17 -13.76 -5.02
CA SER A 46 -13.55 -15.07 -4.48
C SER A 46 -13.43 -15.12 -2.94
N GLY A 47 -12.54 -14.30 -2.38
CA GLY A 47 -12.34 -14.26 -0.93
C GLY A 47 -11.26 -15.27 -0.49
N ILE A 48 -10.05 -15.07 -1.00
CA ILE A 48 -8.91 -15.93 -0.69
C ILE A 48 -7.88 -15.09 0.08
N PRO A 49 -7.54 -15.48 1.33
CA PRO A 49 -6.57 -14.74 2.15
C PRO A 49 -5.12 -14.87 1.67
N TYR A 50 -4.34 -13.82 1.88
CA TYR A 50 -2.93 -13.79 1.50
C TYR A 50 -2.07 -14.20 2.71
N HIS A 51 -2.06 -15.51 2.99
CA HIS A 51 -1.33 -16.11 4.13
C HIS A 51 -2.07 -15.78 5.43
N SER A 52 -1.51 -14.89 6.26
CA SER A 52 -2.14 -14.51 7.53
C SER A 52 -2.23 -12.98 7.64
N GLU A 53 -1.16 -12.28 7.25
CA GLU A 53 -1.11 -10.82 7.30
C GLU A 53 -1.91 -10.23 6.13
N VAL A 54 -3.23 -10.29 6.23
CA VAL A 54 -4.14 -9.79 5.18
C VAL A 54 -4.79 -8.45 5.58
N PRO A 55 -5.34 -8.30 6.81
CA PRO A 55 -6.00 -7.06 7.24
C PRO A 55 -5.04 -6.06 7.89
N VAL A 56 -5.17 -4.78 7.48
CA VAL A 56 -4.36 -3.68 8.01
C VAL A 56 -5.24 -2.44 8.14
N SER A 57 -5.10 -1.74 9.25
CA SER A 57 -5.89 -0.55 9.53
C SER A 57 -5.26 0.71 8.90
N LEU A 58 -6.07 1.47 8.17
CA LEU A 58 -5.62 2.70 7.50
C LEU A 58 -6.14 3.93 8.26
N LYS A 59 -6.28 3.80 9.58
CA LYS A 59 -6.76 4.89 10.43
C LYS A 59 -5.64 5.91 10.66
N GLU A 60 -5.88 7.14 10.22
CA GLU A 60 -4.92 8.25 10.34
C GLU A 60 -3.62 7.92 9.60
N ALA A 61 -3.75 7.73 8.28
CA ALA A 61 -2.61 7.39 7.42
C ALA A 61 -2.10 8.63 6.68
N ILE A 62 -0.82 8.96 6.87
CA ILE A 62 -0.21 10.10 6.19
C ILE A 62 0.34 9.63 4.86
N CYS A 63 0.05 10.36 3.79
CA CYS A 63 0.50 10.02 2.45
C CYS A 63 1.43 11.10 1.90
N GLU A 64 2.57 10.67 1.36
CA GLU A 64 3.57 11.59 0.79
C GLU A 64 3.87 11.19 -0.66
N VAL A 65 4.01 12.15 -1.56
CA VAL A 65 4.31 11.87 -2.97
C VAL A 65 5.81 11.64 -3.15
N ALA A 66 6.17 10.55 -3.83
CA ALA A 66 7.57 10.18 -4.08
C ALA A 66 7.85 10.08 -5.58
N LEU A 67 8.26 11.20 -6.16
CA LEU A 67 8.60 11.28 -7.59
C LEU A 67 10.12 11.37 -7.78
N ASP A 68 10.87 11.32 -6.68
CA ASP A 68 12.34 11.39 -6.70
C ASP A 68 12.96 10.25 -5.89
N TYR A 69 12.26 9.11 -5.82
CA TYR A 69 12.76 7.94 -5.09
C TYR A 69 13.72 7.17 -5.99
N LYS A 70 14.99 7.61 -5.99
CA LYS A 70 16.05 7.03 -6.83
C LYS A 70 15.79 7.36 -8.29
N LYS A 71 14.94 6.57 -8.95
CA LYS A 71 14.58 6.79 -10.34
C LYS A 71 13.31 6.00 -10.70
N LYS A 72 12.26 6.21 -9.92
CA LYS A 72 10.97 5.55 -10.14
C LYS A 72 9.98 6.55 -10.75
N LYS A 73 8.99 6.03 -11.48
CA LYS A 73 8.00 6.85 -12.16
C LYS A 73 7.01 7.54 -11.20
N HIS A 74 6.07 6.77 -10.64
CA HIS A 74 5.05 7.33 -9.73
C HIS A 74 4.95 6.49 -8.45
N VAL A 75 5.62 6.94 -7.39
CA VAL A 75 5.60 6.27 -6.10
C VAL A 75 5.08 7.25 -5.03
N PHE A 76 4.56 6.70 -3.95
CA PHE A 76 4.05 7.51 -2.83
C PHE A 76 4.24 6.73 -1.54
N LYS A 77 4.63 7.45 -0.50
CA LYS A 77 4.86 6.85 0.82
C LYS A 77 3.55 6.86 1.61
N LEU A 78 3.36 5.82 2.41
CA LEU A 78 2.17 5.68 3.23
C LEU A 78 2.59 5.31 4.65
N ARG A 79 2.46 6.28 5.55
CA ARG A 79 2.85 6.13 6.95
C ARG A 79 1.61 5.96 7.83
N LEU A 80 1.55 4.87 8.57
CA LEU A 80 0.43 4.58 9.47
C LEU A 80 0.79 5.07 10.87
N SER A 81 -0.13 5.78 11.52
CA SER A 81 0.09 6.33 12.87
C SER A 81 -0.02 5.26 13.97
N ASP A 82 0.35 4.02 13.63
CA ASP A 82 0.34 2.89 14.58
C ASP A 82 1.77 2.40 14.80
N GLY A 83 2.48 2.13 13.70
CA GLY A 83 3.86 1.67 13.74
C GLY A 83 4.18 0.88 12.47
N ASN A 84 3.97 1.53 11.30
CA ASN A 84 4.23 0.89 10.01
C ASN A 84 4.61 1.96 8.97
N GLU A 85 5.50 1.61 8.05
CA GLU A 85 5.98 2.50 6.98
C GLU A 85 6.08 1.71 5.67
N TYR A 86 5.20 2.03 4.72
CA TYR A 86 5.19 1.34 3.42
C TYR A 86 5.28 2.32 2.25
N LEU A 87 5.93 1.90 1.18
CA LEU A 87 6.06 2.68 -0.05
C LEU A 87 5.14 2.03 -1.09
N PHE A 88 4.22 2.80 -1.65
CA PHE A 88 3.28 2.31 -2.65
C PHE A 88 3.52 2.99 -3.99
N GLN A 89 3.37 2.24 -5.08
CA GLN A 89 3.57 2.80 -6.43
C GLN A 89 2.46 2.31 -7.36
N ALA A 90 2.02 3.20 -8.24
CA ALA A 90 0.97 2.91 -9.23
C ALA A 90 1.57 2.88 -10.64
N LYS A 91 0.84 2.33 -11.61
CA LYS A 91 1.33 2.24 -12.99
C LYS A 91 1.01 3.50 -13.80
N ASP A 92 -0.14 4.12 -13.49
CA ASP A 92 -0.59 5.35 -14.20
C ASP A 92 -0.55 6.54 -13.23
N ASP A 93 -0.29 7.74 -13.77
CA ASP A 93 -0.23 8.97 -12.95
C ASP A 93 -1.58 9.24 -12.27
N GLU A 94 -2.67 9.02 -13.01
CA GLU A 94 -4.03 9.20 -12.49
C GLU A 94 -4.31 8.15 -11.41
N GLU A 95 -3.84 6.92 -11.65
CA GLU A 95 -4.00 5.80 -10.70
C GLU A 95 -3.35 6.14 -9.35
N MET A 96 -2.11 6.66 -9.41
CA MET A 96 -1.36 7.07 -8.21
C MET A 96 -2.13 8.15 -7.44
N ASN A 97 -2.63 9.14 -8.17
CA ASN A 97 -3.40 10.24 -7.58
C ASN A 97 -4.72 9.73 -6.97
N THR A 98 -5.38 8.79 -7.67
CA THR A 98 -6.64 8.21 -7.19
C THR A 98 -6.42 7.45 -5.87
N TRP A 99 -5.27 6.77 -5.76
CA TRP A 99 -4.92 6.01 -4.55
C TRP A 99 -4.66 6.97 -3.39
N ILE A 100 -3.87 8.01 -3.64
CA ILE A 100 -3.55 9.03 -2.63
C ILE A 100 -4.85 9.73 -2.17
N GLN A 101 -5.74 10.02 -3.12
CA GLN A 101 -7.02 10.67 -2.84
C GLN A 101 -7.89 9.77 -1.94
N ALA A 102 -7.99 8.48 -2.30
CA ALA A 102 -8.77 7.50 -1.53
C ALA A 102 -8.20 7.33 -0.12
N ILE A 103 -6.87 7.25 -0.01
CA ILE A 103 -6.18 7.11 1.28
C ILE A 103 -6.43 8.35 2.15
N SER A 104 -6.42 9.53 1.53
CA SER A 104 -6.67 10.80 2.24
C SER A 104 -8.14 10.88 2.68
N SER A 105 -9.01 10.07 2.06
CA SER A 105 -10.44 10.03 2.40
C SER A 105 -10.72 9.00 3.51
N ALA A 106 -9.67 8.44 4.12
CA ALA A 106 -9.81 7.45 5.18
C ALA A 106 -9.91 8.16 6.54
N MET A 1 -12.03 1.23 -4.57
CA MET A 1 -10.77 1.44 -5.33
C MET A 1 -9.88 0.20 -5.21
N GLU A 2 -10.25 -0.84 -5.95
CA GLU A 2 -9.52 -2.10 -5.95
C GLU A 2 -8.62 -2.17 -7.18
N GLY A 3 -7.37 -2.61 -6.99
CA GLY A 3 -6.42 -2.71 -8.10
C GLY A 3 -5.05 -3.18 -7.60
N PHE A 4 -4.13 -3.41 -8.54
CA PHE A 4 -2.78 -3.85 -8.24
C PHE A 4 -1.88 -2.67 -7.87
N LEU A 5 -0.97 -2.92 -6.95
CA LEU A 5 -0.01 -1.91 -6.48
C LEU A 5 1.30 -2.60 -6.08
N ASN A 6 2.41 -1.91 -6.31
CA ASN A 6 3.73 -2.43 -5.94
C ASN A 6 4.02 -1.98 -4.51
N ARG A 7 4.17 -2.94 -3.58
CA ARG A 7 4.40 -2.62 -2.17
C ARG A 7 5.85 -2.88 -1.77
N LYS A 8 6.49 -1.84 -1.25
CA LYS A 8 7.87 -1.89 -0.77
C LYS A 8 7.86 -1.62 0.72
N HIS A 9 7.92 -2.67 1.53
CA HIS A 9 7.90 -2.53 3.00
C HIS A 9 9.25 -2.02 3.51
N GLU A 10 9.32 -0.71 3.72
CA GLU A 10 10.53 -0.06 4.22
C GLU A 10 10.78 -0.53 5.67
N TRP A 11 9.70 -0.61 6.43
CA TRP A 11 9.75 -1.05 7.82
C TRP A 11 8.45 -1.78 8.16
N GLU A 12 8.53 -3.10 8.23
CA GLU A 12 7.39 -3.97 8.53
C GLU A 12 7.87 -5.13 9.39
N ALA A 13 8.15 -4.85 10.68
CA ALA A 13 8.66 -5.86 11.62
C ALA A 13 10.00 -6.44 11.14
N HIS A 14 10.78 -5.58 10.49
CA HIS A 14 12.10 -5.96 9.95
C HIS A 14 13.22 -5.44 10.84
N ASN A 15 14.42 -6.00 10.66
CA ASN A 15 15.60 -5.62 11.43
C ASN A 15 16.28 -4.39 10.80
N LYS A 16 16.05 -3.22 11.41
CA LYS A 16 16.63 -1.95 10.94
C LYS A 16 16.19 -1.62 9.50
N LYS A 17 14.89 -1.78 9.23
CA LYS A 17 14.29 -1.51 7.91
C LYS A 17 14.72 -2.57 6.88
N ALA A 18 14.15 -2.47 5.68
CA ALA A 18 14.44 -3.40 4.58
C ALA A 18 14.50 -2.65 3.25
N SER A 19 15.42 -3.08 2.38
CA SER A 19 15.59 -2.46 1.06
C SER A 19 15.88 -3.55 0.03
N SER A 20 17.16 -3.71 -0.35
CA SER A 20 17.59 -4.71 -1.35
C SER A 20 16.78 -4.57 -2.65
N ARG A 21 15.81 -5.46 -2.84
CA ARG A 21 14.92 -5.44 -4.01
C ARG A 21 13.54 -5.94 -3.59
N SER A 22 13.16 -5.63 -2.34
CA SER A 22 11.87 -6.03 -1.77
C SER A 22 10.73 -5.21 -2.38
N TRP A 23 10.26 -5.65 -3.54
CA TRP A 23 9.17 -5.01 -4.28
C TRP A 23 8.19 -6.11 -4.72
N HIS A 24 7.06 -6.21 -4.02
CA HIS A 24 6.05 -7.23 -4.30
C HIS A 24 4.77 -6.58 -4.84
N ASN A 25 4.27 -7.10 -5.96
CA ASN A 25 3.04 -6.60 -6.59
C ASN A 25 1.85 -7.25 -5.89
N VAL A 26 1.15 -6.48 -5.05
CA VAL A 26 0.01 -6.97 -4.29
C VAL A 26 -1.28 -6.26 -4.71
N TYR A 27 -2.41 -6.93 -4.48
CA TYR A 27 -3.73 -6.40 -4.83
C TYR A 27 -4.32 -5.71 -3.58
N CYS A 28 -4.39 -4.38 -3.62
CA CYS A 28 -4.91 -3.61 -2.49
C CYS A 28 -6.42 -3.39 -2.62
N VAL A 29 -7.14 -3.71 -1.55
CA VAL A 29 -8.60 -3.57 -1.48
C VAL A 29 -8.93 -2.58 -0.36
N ILE A 30 -9.82 -1.62 -0.64
CA ILE A 30 -10.22 -0.62 0.37
C ILE A 30 -11.64 -0.89 0.84
N ASN A 31 -11.87 -0.64 2.12
CA ASN A 31 -13.18 -0.82 2.76
C ASN A 31 -13.38 0.32 3.75
N ASN A 32 -13.48 1.54 3.21
CA ASN A 32 -13.64 2.76 4.01
C ASN A 32 -12.36 3.06 4.81
N GLN A 33 -12.44 3.10 6.14
CA GLN A 33 -11.26 3.37 6.99
C GLN A 33 -10.47 2.09 7.26
N GLU A 34 -10.53 1.14 6.30
CA GLU A 34 -9.83 -0.13 6.39
C GLU A 34 -9.40 -0.58 4.99
N MET A 35 -8.39 -1.44 4.92
CA MET A 35 -7.91 -1.97 3.66
C MET A 35 -7.30 -3.35 3.87
N GLY A 36 -7.20 -4.12 2.78
CA GLY A 36 -6.65 -5.47 2.83
C GLY A 36 -5.73 -5.74 1.65
N PHE A 37 -4.65 -6.47 1.91
CA PHE A 37 -3.65 -6.81 0.89
C PHE A 37 -3.88 -8.26 0.43
N TYR A 38 -4.43 -8.42 -0.77
CA TYR A 38 -4.72 -9.74 -1.33
C TYR A 38 -3.78 -10.06 -2.50
N LYS A 39 -3.87 -11.29 -3.01
CA LYS A 39 -3.02 -11.75 -4.12
C LYS A 39 -3.44 -11.12 -5.45
N ASP A 40 -4.73 -11.23 -5.78
CA ASP A 40 -5.27 -10.68 -7.03
C ASP A 40 -6.76 -10.39 -6.89
N ALA A 41 -7.43 -10.08 -8.00
CA ALA A 41 -8.86 -9.78 -8.02
C ALA A 41 -9.69 -10.99 -7.56
N LYS A 42 -9.21 -12.19 -7.88
CA LYS A 42 -9.88 -13.45 -7.49
C LYS A 42 -9.73 -13.68 -5.98
N SER A 43 -8.50 -13.55 -5.47
CA SER A 43 -8.22 -13.72 -4.04
C SER A 43 -8.92 -12.64 -3.21
N ALA A 44 -9.06 -11.44 -3.78
CA ALA A 44 -9.72 -10.32 -3.13
C ALA A 44 -11.24 -10.55 -3.08
N ALA A 45 -11.80 -11.02 -4.19
CA ALA A 45 -13.24 -11.31 -4.29
C ALA A 45 -13.63 -12.51 -3.42
N SER A 46 -12.79 -13.55 -3.43
CA SER A 46 -13.03 -14.76 -2.64
C SER A 46 -12.79 -14.48 -1.14
N GLY A 47 -11.80 -13.64 -0.85
CA GLY A 47 -11.47 -13.27 0.53
C GLY A 47 -10.48 -14.26 1.14
N ILE A 48 -9.32 -14.40 0.50
CA ILE A 48 -8.27 -15.32 0.95
C ILE A 48 -7.19 -14.54 1.72
N PRO A 49 -6.82 -15.02 2.94
CA PRO A 49 -5.78 -14.37 3.78
C PRO A 49 -4.37 -14.56 3.21
N TYR A 50 -3.72 -13.46 2.82
CA TYR A 50 -2.38 -13.49 2.26
C TYR A 50 -1.31 -13.48 3.37
N HIS A 51 -0.08 -13.05 3.02
CA HIS A 51 1.04 -13.00 3.97
C HIS A 51 1.48 -11.55 4.22
N SER A 52 2.24 -11.35 5.30
CA SER A 52 2.78 -10.04 5.68
C SER A 52 1.66 -9.04 6.03
N GLU A 53 0.94 -9.30 7.14
CA GLU A 53 -0.15 -8.45 7.64
C GLU A 53 -1.18 -8.14 6.54
N VAL A 54 -2.18 -9.01 6.40
CA VAL A 54 -3.23 -8.87 5.37
C VAL A 54 -4.17 -7.70 5.66
N PRO A 55 -4.73 -7.59 6.89
CA PRO A 55 -5.66 -6.50 7.26
C PRO A 55 -4.94 -5.28 7.85
N VAL A 56 -5.34 -4.09 7.39
CA VAL A 56 -4.74 -2.83 7.88
C VAL A 56 -5.82 -1.74 7.93
N SER A 57 -5.75 -0.89 8.96
CA SER A 57 -6.70 0.18 9.18
C SER A 57 -6.15 1.49 8.58
N LEU A 58 -7.04 2.28 7.98
CA LEU A 58 -6.67 3.59 7.39
C LEU A 58 -7.21 4.72 8.26
N LYS A 59 -6.91 4.64 9.55
CA LYS A 59 -7.33 5.65 10.52
C LYS A 59 -6.22 6.68 10.68
N GLU A 60 -6.39 7.83 10.03
CA GLU A 60 -5.42 8.93 10.05
C GLU A 60 -4.08 8.47 9.46
N ALA A 61 -4.12 7.95 8.23
CA ALA A 61 -2.93 7.46 7.54
C ALA A 61 -2.32 8.57 6.69
N ILE A 62 -1.05 8.89 6.95
CA ILE A 62 -0.33 9.93 6.21
C ILE A 62 0.13 9.38 4.85
N CYS A 63 -0.06 10.16 3.80
CA CYS A 63 0.33 9.78 2.44
C CYS A 63 1.12 10.90 1.79
N GLU A 64 2.32 10.57 1.29
CA GLU A 64 3.20 11.55 0.64
C GLU A 64 3.64 11.02 -0.72
N VAL A 65 3.38 11.77 -1.78
CA VAL A 65 3.74 11.39 -3.14
C VAL A 65 5.23 11.61 -3.39
N ALA A 66 5.88 10.57 -3.91
CA ALA A 66 7.31 10.58 -4.23
C ALA A 66 7.48 10.42 -5.74
N LEU A 67 7.68 11.55 -6.42
CA LEU A 67 7.85 11.56 -7.87
C LEU A 67 9.28 11.17 -8.25
N ASP A 68 10.25 11.75 -7.54
CA ASP A 68 11.67 11.50 -7.77
C ASP A 68 12.23 10.44 -6.78
N TYR A 69 11.61 9.26 -6.76
CA TYR A 69 12.08 8.17 -5.90
C TYR A 69 12.91 7.20 -6.75
N LYS A 70 14.23 7.37 -6.74
CA LYS A 70 15.17 6.54 -7.53
C LYS A 70 15.10 6.91 -9.01
N LYS A 71 13.89 6.87 -9.56
CA LYS A 71 13.62 7.22 -10.95
C LYS A 71 12.32 8.01 -11.03
N LYS A 72 12.20 8.86 -12.04
CA LYS A 72 11.01 9.69 -12.23
C LYS A 72 9.83 8.85 -12.71
N LYS A 73 9.02 8.37 -11.75
CA LYS A 73 7.85 7.55 -12.05
C LYS A 73 6.64 8.05 -11.22
N HIS A 74 5.98 7.17 -10.48
CA HIS A 74 4.80 7.54 -9.67
C HIS A 74 4.75 6.66 -8.41
N VAL A 75 5.50 7.05 -7.38
CA VAL A 75 5.54 6.32 -6.11
C VAL A 75 4.98 7.22 -5.00
N PHE A 76 4.45 6.61 -3.95
CA PHE A 76 3.91 7.36 -2.81
C PHE A 76 4.14 6.56 -1.54
N LYS A 77 4.53 7.27 -0.49
CA LYS A 77 4.82 6.66 0.81
C LYS A 77 3.56 6.67 1.69
N LEU A 78 3.32 5.54 2.35
CA LEU A 78 2.18 5.38 3.24
C LEU A 78 2.67 5.09 4.65
N ARG A 79 2.38 6.02 5.56
CA ARG A 79 2.78 5.89 6.96
C ARG A 79 1.50 5.72 7.79
N LEU A 80 1.29 4.50 8.30
CA LEU A 80 0.10 4.18 9.08
C LEU A 80 0.23 4.62 10.54
N SER A 81 -0.91 4.79 11.21
CA SER A 81 -0.96 5.19 12.62
C SER A 81 -0.33 4.12 13.52
N ASP A 82 -0.40 2.87 13.06
CA ASP A 82 0.17 1.72 13.78
C ASP A 82 1.69 1.90 13.93
N GLY A 83 2.34 2.26 12.82
CA GLY A 83 3.78 2.47 12.78
C GLY A 83 4.36 1.96 11.47
N ASN A 84 3.73 0.88 10.92
CA ASN A 84 4.19 0.26 9.66
C ASN A 84 4.28 1.29 8.53
N GLU A 85 5.39 1.22 7.78
CA GLU A 85 5.67 2.13 6.66
C GLU A 85 5.97 1.37 5.37
N TYR A 86 5.35 1.79 4.27
CA TYR A 86 5.57 1.15 2.96
C TYR A 86 5.56 2.21 1.84
N LEU A 87 6.19 1.87 0.71
CA LEU A 87 6.20 2.73 -0.48
C LEU A 87 5.33 2.04 -1.53
N PHE A 88 4.36 2.74 -2.09
CA PHE A 88 3.47 2.18 -3.10
C PHE A 88 3.75 2.77 -4.48
N GLN A 89 4.00 1.88 -5.44
CA GLN A 89 4.27 2.29 -6.82
C GLN A 89 3.02 2.08 -7.67
N ALA A 90 2.51 3.17 -8.26
CA ALA A 90 1.32 3.13 -9.11
C ALA A 90 1.73 2.99 -10.58
N LYS A 91 0.78 2.60 -11.42
CA LYS A 91 1.02 2.42 -12.86
C LYS A 91 0.95 3.76 -13.58
N ASP A 92 -0.07 4.56 -13.27
CA ASP A 92 -0.26 5.87 -13.92
C ASP A 92 -0.33 7.02 -12.90
N ASP A 93 -0.33 8.25 -13.43
CA ASP A 93 -0.40 9.49 -12.63
C ASP A 93 -1.76 9.60 -11.95
N GLU A 94 -2.82 9.41 -12.74
CA GLU A 94 -4.21 9.47 -12.26
C GLU A 94 -4.41 8.45 -11.13
N GLU A 95 -3.89 7.24 -11.35
CA GLU A 95 -3.97 6.15 -10.39
C GLU A 95 -3.33 6.55 -9.05
N MET A 96 -2.11 7.10 -9.12
CA MET A 96 -1.38 7.55 -7.93
C MET A 96 -2.19 8.57 -7.11
N ASN A 97 -2.76 9.57 -7.79
CA ASN A 97 -3.59 10.59 -7.13
C ASN A 97 -4.86 9.97 -6.55
N THR A 98 -5.48 9.04 -7.29
CA THR A 98 -6.70 8.36 -6.84
C THR A 98 -6.42 7.54 -5.56
N TRP A 99 -5.28 6.87 -5.51
CA TRP A 99 -4.88 6.06 -4.34
C TRP A 99 -4.63 6.96 -3.14
N ILE A 100 -3.80 8.00 -3.32
CA ILE A 100 -3.48 8.94 -2.24
C ILE A 100 -4.75 9.61 -1.69
N GLN A 101 -5.62 10.10 -2.60
CA GLN A 101 -6.86 10.76 -2.20
C GLN A 101 -7.81 9.79 -1.49
N ALA A 102 -7.94 8.57 -2.01
CA ALA A 102 -8.81 7.54 -1.42
C ALA A 102 -8.39 7.23 0.01
N ILE A 103 -7.08 7.11 0.23
CA ILE A 103 -6.52 6.81 1.55
C ILE A 103 -6.60 8.05 2.47
N SER A 104 -6.30 9.23 1.91
CA SER A 104 -6.34 10.49 2.67
C SER A 104 -7.77 10.85 3.12
N SER A 105 -8.76 10.51 2.30
CA SER A 105 -10.17 10.81 2.60
C SER A 105 -10.75 9.83 3.64
N ALA A 106 -9.96 8.83 4.04
CA ALA A 106 -10.39 7.83 5.04
C ALA A 106 -10.13 8.35 6.45
N MET A 1 -10.62 2.13 -5.52
CA MET A 1 -11.14 1.27 -4.41
C MET A 1 -10.31 0.00 -4.31
N GLU A 2 -10.23 -0.76 -5.41
CA GLU A 2 -9.47 -2.02 -5.46
C GLU A 2 -8.61 -2.06 -6.73
N GLY A 3 -7.43 -2.66 -6.63
CA GLY A 3 -6.53 -2.78 -7.78
C GLY A 3 -5.13 -3.21 -7.35
N PHE A 4 -4.30 -3.56 -8.34
CA PHE A 4 -2.92 -3.99 -8.09
C PHE A 4 -2.05 -2.80 -7.74
N LEU A 5 -1.08 -3.03 -6.88
CA LEU A 5 -0.15 -2.00 -6.43
C LEU A 5 1.19 -2.64 -6.06
N ASN A 6 2.27 -1.92 -6.33
CA ASN A 6 3.61 -2.38 -5.97
C ASN A 6 3.80 -1.99 -4.50
N ARG A 7 4.14 -2.97 -3.66
CA ARG A 7 4.28 -2.73 -2.22
C ARG A 7 5.71 -3.00 -1.73
N LYS A 8 6.21 -2.08 -0.91
CA LYS A 8 7.56 -2.16 -0.32
C LYS A 8 7.52 -1.47 1.04
N HIS A 9 8.02 -2.13 2.09
CA HIS A 9 8.03 -1.52 3.43
C HIS A 9 9.33 -0.74 3.64
N GLU A 10 9.21 0.47 4.21
CA GLU A 10 10.37 1.35 4.44
C GLU A 10 10.63 1.51 5.94
N TRP A 11 9.58 1.57 6.75
CA TRP A 11 9.73 1.75 8.20
C TRP A 11 8.77 0.83 8.96
N GLU A 12 9.28 0.26 10.05
CA GLU A 12 8.50 -0.61 10.93
C GLU A 12 9.35 -1.08 12.13
N ALA A 13 10.68 -1.07 11.97
CA ALA A 13 11.61 -1.49 13.04
C ALA A 13 11.94 -0.33 14.00
N HIS A 14 11.06 0.67 14.07
CA HIS A 14 11.20 1.84 14.96
C HIS A 14 12.48 2.65 14.70
N ASN A 15 13.60 2.18 15.25
CA ASN A 15 14.89 2.86 15.12
C ASN A 15 15.46 2.70 13.70
N LYS A 16 15.48 1.47 13.20
CA LYS A 16 16.01 1.16 11.87
C LYS A 16 14.90 1.12 10.81
N LYS A 17 15.31 1.19 9.54
CA LYS A 17 14.39 1.13 8.42
C LYS A 17 14.13 -0.34 8.05
N ALA A 18 13.29 -0.56 7.04
CA ALA A 18 12.94 -1.91 6.60
C ALA A 18 13.50 -2.19 5.20
N SER A 19 13.87 -3.45 4.97
CA SER A 19 14.43 -3.89 3.67
C SER A 19 14.30 -5.41 3.52
N SER A 20 13.21 -5.98 4.05
CA SER A 20 12.95 -7.43 3.96
C SER A 20 11.87 -7.71 2.91
N ARG A 21 10.78 -6.95 2.97
CA ARG A 21 9.68 -7.09 2.02
C ARG A 21 10.01 -6.32 0.74
N SER A 22 10.52 -7.05 -0.25
CA SER A 22 10.92 -6.47 -1.54
C SER A 22 9.70 -6.03 -2.36
N TRP A 23 9.96 -5.29 -3.44
CA TRP A 23 8.91 -4.79 -4.34
C TRP A 23 8.08 -5.94 -4.91
N HIS A 24 6.84 -6.09 -4.44
CA HIS A 24 5.93 -7.14 -4.89
C HIS A 24 4.61 -6.54 -5.35
N ASN A 25 4.08 -7.07 -6.46
CA ASN A 25 2.81 -6.60 -7.03
C ASN A 25 1.65 -7.26 -6.28
N VAL A 26 1.24 -6.62 -5.18
CA VAL A 26 0.15 -7.12 -4.33
C VAL A 26 -1.15 -6.39 -4.65
N TYR A 27 -2.27 -7.07 -4.45
CA TYR A 27 -3.60 -6.51 -4.71
C TYR A 27 -4.14 -5.87 -3.43
N CYS A 28 -4.38 -4.56 -3.47
CA CYS A 28 -4.88 -3.82 -2.31
C CYS A 28 -6.36 -3.47 -2.48
N VAL A 29 -7.12 -3.67 -1.40
CA VAL A 29 -8.55 -3.37 -1.37
C VAL A 29 -8.87 -2.52 -0.15
N ILE A 30 -9.42 -1.33 -0.37
CA ILE A 30 -9.77 -0.41 0.72
C ILE A 30 -11.23 -0.60 1.13
N ASN A 31 -11.47 -0.64 2.44
CA ASN A 31 -12.82 -0.81 3.00
C ASN A 31 -13.00 0.14 4.19
N ASN A 32 -13.13 1.44 3.87
CA ASN A 32 -13.31 2.50 4.87
C ASN A 32 -11.97 2.79 5.57
N GLN A 33 -11.95 2.77 6.90
CA GLN A 33 -10.72 3.03 7.68
C GLN A 33 -9.88 1.76 7.81
N GLU A 34 -9.88 0.92 6.76
CA GLU A 34 -9.13 -0.33 6.74
C GLU A 34 -8.84 -0.76 5.30
N MET A 35 -7.77 -1.51 5.12
CA MET A 35 -7.37 -2.04 3.83
C MET A 35 -6.84 -3.46 4.01
N GLY A 36 -7.00 -4.29 2.99
CA GLY A 36 -6.57 -5.69 3.04
C GLY A 36 -5.66 -6.02 1.86
N PHE A 37 -4.63 -6.82 2.11
CA PHE A 37 -3.68 -7.25 1.09
C PHE A 37 -4.08 -8.63 0.54
N TYR A 38 -4.48 -8.66 -0.73
CA TYR A 38 -4.88 -9.91 -1.39
C TYR A 38 -3.87 -10.28 -2.48
N LYS A 39 -4.07 -11.43 -3.11
CA LYS A 39 -3.16 -11.90 -4.17
C LYS A 39 -3.50 -11.22 -5.51
N ASP A 40 -4.79 -11.24 -5.88
CA ASP A 40 -5.27 -10.64 -7.13
C ASP A 40 -6.75 -10.29 -7.04
N ALA A 41 -7.36 -9.96 -8.19
CA ALA A 41 -8.78 -9.59 -8.27
C ALA A 41 -9.67 -10.78 -7.87
N LYS A 42 -9.31 -11.98 -8.33
CA LYS A 42 -10.06 -13.20 -8.01
C LYS A 42 -9.99 -13.49 -6.50
N SER A 43 -8.78 -13.35 -5.94
CA SER A 43 -8.56 -13.56 -4.50
C SER A 43 -9.34 -12.55 -3.67
N ALA A 44 -9.40 -11.30 -4.14
CA ALA A 44 -10.13 -10.23 -3.46
C ALA A 44 -11.65 -10.45 -3.51
N ALA A 45 -12.14 -10.90 -4.67
CA ALA A 45 -13.57 -11.18 -4.88
C ALA A 45 -14.02 -12.40 -4.08
N SER A 46 -13.25 -13.48 -4.15
CA SER A 46 -13.57 -14.73 -3.44
C SER A 46 -13.36 -14.59 -1.93
N GLY A 47 -12.35 -13.81 -1.53
CA GLY A 47 -12.04 -13.57 -0.11
C GLY A 47 -10.89 -14.46 0.36
N ILE A 48 -9.84 -14.56 -0.47
CA ILE A 48 -8.65 -15.34 -0.16
C ILE A 48 -7.52 -14.39 0.24
N PRO A 49 -7.14 -14.37 1.53
CA PRO A 49 -6.09 -13.47 2.04
C PRO A 49 -4.68 -13.87 1.57
N TYR A 50 -3.78 -12.89 1.57
CA TYR A 50 -2.39 -13.08 1.17
C TYR A 50 -1.58 -13.62 2.37
N HIS A 51 -0.53 -12.90 2.79
CA HIS A 51 0.28 -13.32 3.93
C HIS A 51 1.14 -12.14 4.44
N SER A 52 1.67 -12.29 5.66
CA SER A 52 2.51 -11.25 6.29
C SER A 52 1.70 -9.97 6.53
N GLU A 53 0.85 -10.00 7.57
CA GLU A 53 0.00 -8.86 7.94
C GLU A 53 -0.95 -8.48 6.80
N VAL A 54 -2.01 -9.27 6.64
CA VAL A 54 -3.01 -9.05 5.59
C VAL A 54 -3.96 -7.89 5.94
N PRO A 55 -4.47 -7.79 7.19
CA PRO A 55 -5.39 -6.71 7.59
C PRO A 55 -4.65 -5.50 8.17
N VAL A 56 -4.83 -4.34 7.56
CA VAL A 56 -4.18 -3.10 8.02
C VAL A 56 -5.22 -1.98 8.10
N SER A 57 -5.24 -1.28 9.24
CA SER A 57 -6.17 -0.19 9.48
C SER A 57 -5.61 1.13 8.92
N LEU A 58 -6.48 1.96 8.36
CA LEU A 58 -6.10 3.27 7.80
C LEU A 58 -6.47 4.36 8.80
N LYS A 59 -5.98 4.22 10.03
CA LYS A 59 -6.23 5.19 11.09
C LYS A 59 -5.05 6.16 11.19
N GLU A 60 -5.34 7.46 11.00
CA GLU A 60 -4.30 8.52 11.03
C GLU A 60 -3.28 8.26 9.91
N ALA A 61 -3.80 7.90 8.73
CA ALA A 61 -2.96 7.59 7.56
C ALA A 61 -2.57 8.85 6.79
N ILE A 62 -1.26 9.02 6.61
CA ILE A 62 -0.69 10.15 5.87
C ILE A 62 -0.08 9.61 4.57
N CYS A 63 -0.36 10.27 3.46
CA CYS A 63 0.14 9.86 2.14
C CYS A 63 0.98 10.98 1.52
N GLU A 64 2.28 10.70 1.31
CA GLU A 64 3.21 11.66 0.71
C GLU A 64 3.61 11.19 -0.71
N VAL A 65 3.80 12.15 -1.62
CA VAL A 65 4.17 11.83 -3.00
C VAL A 65 5.69 11.64 -3.14
N ALA A 66 6.08 10.57 -3.84
CA ALA A 66 7.49 10.24 -4.07
C ALA A 66 7.68 9.94 -5.57
N LEU A 67 7.81 11.01 -6.36
CA LEU A 67 7.97 10.89 -7.82
C LEU A 67 9.44 10.62 -8.16
N ASP A 68 10.36 11.27 -7.46
CA ASP A 68 11.81 11.13 -7.70
C ASP A 68 12.45 10.11 -6.74
N TYR A 69 11.85 8.92 -6.64
CA TYR A 69 12.37 7.84 -5.79
C TYR A 69 13.00 6.77 -6.67
N LYS A 70 14.19 7.07 -7.22
CA LYS A 70 14.91 6.17 -8.12
C LYS A 70 14.05 5.87 -9.37
N LYS A 71 14.06 6.82 -10.32
CA LYS A 71 13.28 6.76 -11.57
C LYS A 71 11.85 7.24 -11.31
N LYS A 72 11.23 7.80 -12.35
CA LYS A 72 9.87 8.32 -12.26
C LYS A 72 8.84 7.20 -12.43
N LYS A 73 8.81 6.29 -11.45
CA LYS A 73 7.88 5.15 -11.48
C LYS A 73 6.56 5.47 -10.76
N HIS A 74 6.44 6.71 -10.23
CA HIS A 74 5.22 7.18 -9.53
C HIS A 74 4.99 6.39 -8.23
N VAL A 75 5.66 6.82 -7.16
CA VAL A 75 5.55 6.18 -5.84
C VAL A 75 4.99 7.17 -4.81
N PHE A 76 4.48 6.66 -3.71
CA PHE A 76 3.93 7.48 -2.63
C PHE A 76 4.15 6.75 -1.30
N LYS A 77 4.52 7.51 -0.27
CA LYS A 77 4.77 6.95 1.06
C LYS A 77 3.50 6.97 1.89
N LEU A 78 3.14 5.80 2.43
CA LEU A 78 1.95 5.65 3.26
C LEU A 78 2.41 5.47 4.71
N ARG A 79 2.22 6.51 5.52
CA ARG A 79 2.61 6.51 6.92
C ARG A 79 1.38 6.29 7.80
N LEU A 80 1.49 5.35 8.74
CA LEU A 80 0.39 5.05 9.67
C LEU A 80 0.40 6.08 10.81
N SER A 81 -0.31 5.74 11.88
CA SER A 81 -0.42 6.59 13.08
C SER A 81 0.97 6.97 13.60
N ASP A 82 1.81 5.94 13.84
CA ASP A 82 3.19 6.10 14.33
C ASP A 82 3.77 4.72 14.66
N GLY A 83 4.02 3.90 13.64
CA GLY A 83 4.57 2.57 13.88
C GLY A 83 5.17 1.95 12.63
N ASN A 84 4.42 2.01 11.50
CA ASN A 84 4.89 1.42 10.22
C ASN A 84 4.61 2.41 9.09
N GLU A 85 5.41 2.31 8.02
CA GLU A 85 5.27 3.14 6.82
C GLU A 85 5.70 2.30 5.61
N TYR A 86 4.96 2.42 4.52
CA TYR A 86 5.23 1.65 3.29
C TYR A 86 5.24 2.55 2.06
N LEU A 87 5.91 2.06 1.01
CA LEU A 87 5.99 2.75 -0.28
C LEU A 87 5.11 2.01 -1.27
N PHE A 88 4.26 2.74 -1.99
CA PHE A 88 3.36 2.16 -2.98
C PHE A 88 3.60 2.77 -4.35
N GLN A 89 3.80 1.93 -5.36
CA GLN A 89 4.06 2.38 -6.74
C GLN A 89 2.85 2.08 -7.63
N ALA A 90 2.38 3.11 -8.33
CA ALA A 90 1.25 2.99 -9.25
C ALA A 90 1.74 2.92 -10.70
N LYS A 91 0.81 2.72 -11.63
CA LYS A 91 1.13 2.63 -13.05
C LYS A 91 1.01 4.00 -13.71
N ASP A 92 -0.11 4.69 -13.46
CA ASP A 92 -0.38 6.02 -14.03
C ASP A 92 -0.41 7.08 -12.92
N ASP A 93 -0.11 8.33 -13.29
CA ASP A 93 -0.14 9.46 -12.35
C ASP A 93 -1.58 9.70 -11.86
N GLU A 94 -2.56 9.44 -12.74
CA GLU A 94 -3.98 9.59 -12.40
C GLU A 94 -4.38 8.51 -11.39
N GLU A 95 -3.81 7.32 -11.56
CA GLU A 95 -4.05 6.20 -10.65
C GLU A 95 -3.42 6.49 -9.29
N MET A 96 -2.15 6.95 -9.33
CA MET A 96 -1.40 7.32 -8.14
C MET A 96 -2.15 8.37 -7.32
N ASN A 97 -2.71 9.36 -8.01
CA ASN A 97 -3.48 10.45 -7.38
C ASN A 97 -4.76 9.89 -6.74
N THR A 98 -5.48 9.03 -7.47
CA THR A 98 -6.72 8.41 -6.97
C THR A 98 -6.45 7.52 -5.75
N TRP A 99 -5.31 6.81 -5.77
CA TRP A 99 -4.90 5.94 -4.66
C TRP A 99 -4.65 6.79 -3.40
N ILE A 100 -3.82 7.82 -3.55
CA ILE A 100 -3.47 8.74 -2.45
C ILE A 100 -4.73 9.41 -1.87
N GLN A 101 -5.62 9.90 -2.74
CA GLN A 101 -6.86 10.55 -2.31
C GLN A 101 -7.78 9.58 -1.55
N ALA A 102 -7.87 8.33 -2.04
CA ALA A 102 -8.70 7.29 -1.40
C ALA A 102 -8.17 6.94 -0.01
N ILE A 103 -6.85 6.87 0.12
CA ILE A 103 -6.19 6.55 1.40
C ILE A 103 -6.24 7.75 2.35
N SER A 104 -6.04 8.96 1.82
CA SER A 104 -6.06 10.20 2.64
C SER A 104 -7.46 10.45 3.22
N SER A 105 -8.50 10.17 2.43
CA SER A 105 -9.88 10.34 2.88
C SER A 105 -10.31 9.16 3.74
N ALA A 106 -10.12 7.94 3.21
CA ALA A 106 -10.47 6.68 3.91
C ALA A 106 -11.95 6.66 4.28
N MET A 1 -12.08 1.65 -3.33
CA MET A 1 -11.09 1.52 -4.43
C MET A 1 -10.33 0.20 -4.30
N GLU A 2 -10.12 -0.47 -5.44
CA GLU A 2 -9.41 -1.75 -5.48
C GLU A 2 -8.57 -1.85 -6.75
N GLY A 3 -7.45 -2.57 -6.67
CA GLY A 3 -6.56 -2.75 -7.83
C GLY A 3 -5.17 -3.20 -7.39
N PHE A 4 -4.32 -3.49 -8.37
CA PHE A 4 -2.94 -3.93 -8.12
C PHE A 4 -2.05 -2.72 -7.79
N LEU A 5 -1.05 -2.97 -6.96
CA LEU A 5 -0.10 -1.94 -6.55
C LEU A 5 1.21 -2.61 -6.14
N ASN A 6 2.34 -1.96 -6.41
CA ASN A 6 3.63 -2.51 -6.00
C ASN A 6 3.93 -1.96 -4.62
N ARG A 7 4.29 -2.82 -3.68
CA ARG A 7 4.54 -2.42 -2.29
C ARG A 7 5.97 -2.76 -1.85
N LYS A 8 6.57 -1.84 -1.11
CA LYS A 8 7.93 -2.01 -0.58
C LYS A 8 7.97 -1.46 0.84
N HIS A 9 8.38 -2.29 1.79
CA HIS A 9 8.46 -1.89 3.21
C HIS A 9 9.77 -1.16 3.48
N GLU A 10 9.69 0.15 3.67
CA GLU A 10 10.86 0.98 3.97
C GLU A 10 11.24 0.79 5.44
N TRP A 11 10.21 0.61 6.26
CA TRP A 11 10.34 0.41 7.71
C TRP A 11 9.19 -0.49 8.16
N GLU A 12 9.53 -1.62 8.78
CA GLU A 12 8.53 -2.59 9.24
C GLU A 12 9.02 -3.30 10.50
N ALA A 13 9.02 -2.57 11.62
CA ALA A 13 9.45 -3.11 12.94
C ALA A 13 10.97 -3.37 12.98
N HIS A 14 11.67 -3.11 11.88
CA HIS A 14 13.12 -3.31 11.78
C HIS A 14 13.87 -2.06 12.22
N ASN A 15 15.09 -2.24 12.71
CA ASN A 15 15.93 -1.12 13.18
C ASN A 15 16.41 -0.29 11.98
N LYS A 16 16.22 1.03 12.07
CA LYS A 16 16.60 2.01 11.03
C LYS A 16 15.71 1.86 9.78
N LYS A 17 15.88 0.75 9.07
CA LYS A 17 15.11 0.47 7.86
C LYS A 17 14.86 -1.03 7.72
N ALA A 18 14.01 -1.39 6.76
CA ALA A 18 13.67 -2.79 6.49
C ALA A 18 14.09 -3.19 5.08
N SER A 19 14.34 -4.48 4.90
CA SER A 19 14.74 -5.05 3.61
C SER A 19 14.30 -6.52 3.57
N SER A 20 12.99 -6.74 3.51
CA SER A 20 12.41 -8.09 3.49
C SER A 20 11.78 -8.36 2.11
N ARG A 21 12.56 -8.93 1.20
CA ARG A 21 12.11 -9.27 -0.15
C ARG A 21 12.05 -8.03 -1.06
N SER A 22 11.45 -6.95 -0.55
CA SER A 22 11.31 -5.68 -1.27
C SER A 22 10.07 -5.65 -2.18
N TRP A 23 10.14 -4.78 -3.19
CA TRP A 23 9.07 -4.52 -4.18
C TRP A 23 8.31 -5.78 -4.63
N HIS A 24 7.07 -5.91 -4.15
CA HIS A 24 6.18 -7.04 -4.50
C HIS A 24 4.84 -6.49 -5.03
N ASN A 25 4.32 -7.14 -6.08
CA ASN A 25 3.04 -6.76 -6.68
C ASN A 25 1.91 -7.40 -5.88
N VAL A 26 1.07 -6.57 -5.27
CA VAL A 26 -0.04 -7.05 -4.43
C VAL A 26 -1.34 -6.34 -4.82
N TYR A 27 -2.46 -6.96 -4.45
CA TYR A 27 -3.79 -6.42 -4.73
C TYR A 27 -4.32 -5.73 -3.47
N CYS A 28 -4.42 -4.40 -3.51
CA CYS A 28 -4.89 -3.60 -2.38
C CYS A 28 -6.38 -3.28 -2.50
N VAL A 29 -7.11 -3.48 -1.41
CA VAL A 29 -8.55 -3.20 -1.35
C VAL A 29 -8.86 -2.40 -0.09
N ILE A 30 -9.35 -1.17 -0.26
CA ILE A 30 -9.70 -0.31 0.87
C ILE A 30 -11.12 -0.66 1.33
N ASN A 31 -11.31 -0.76 2.64
CA ASN A 31 -12.60 -1.13 3.22
C ASN A 31 -12.91 -0.24 4.44
N ASN A 32 -13.46 0.95 4.17
CA ASN A 32 -13.85 1.90 5.22
C ASN A 32 -12.63 2.44 5.99
N GLN A 33 -12.42 1.93 7.22
CA GLN A 33 -11.30 2.35 8.09
C GLN A 33 -10.15 1.33 8.05
N GLU A 34 -10.23 0.36 7.13
CA GLU A 34 -9.21 -0.69 6.98
C GLU A 34 -8.91 -0.91 5.51
N MET A 35 -7.96 -1.80 5.25
CA MET A 35 -7.58 -2.17 3.89
C MET A 35 -6.99 -3.58 3.94
N GLY A 36 -7.28 -4.37 2.91
CA GLY A 36 -6.81 -5.75 2.83
C GLY A 36 -5.84 -5.96 1.67
N PHE A 37 -4.74 -6.65 1.98
CA PHE A 37 -3.71 -6.98 0.98
C PHE A 37 -3.96 -8.40 0.48
N TYR A 38 -4.48 -8.53 -0.73
CA TYR A 38 -4.80 -9.84 -1.32
C TYR A 38 -3.85 -10.18 -2.48
N LYS A 39 -3.95 -11.41 -2.97
CA LYS A 39 -3.11 -11.89 -4.08
C LYS A 39 -3.52 -11.23 -5.40
N ASP A 40 -4.81 -11.34 -5.74
CA ASP A 40 -5.35 -10.78 -6.98
C ASP A 40 -6.83 -10.41 -6.79
N ALA A 41 -7.52 -10.13 -7.91
CA ALA A 41 -8.95 -9.78 -7.88
C ALA A 41 -9.79 -10.94 -7.37
N LYS A 42 -9.43 -12.17 -7.79
CA LYS A 42 -10.13 -13.38 -7.36
C LYS A 42 -9.94 -13.59 -5.85
N SER A 43 -8.69 -13.45 -5.39
CA SER A 43 -8.33 -13.61 -3.97
C SER A 43 -9.06 -12.56 -3.11
N ALA A 44 -9.12 -11.32 -3.62
CA ALA A 44 -9.79 -10.21 -2.93
C ALA A 44 -11.31 -10.45 -2.85
N ALA A 45 -11.88 -11.01 -3.92
CA ALA A 45 -13.32 -11.30 -3.96
C ALA A 45 -13.69 -12.42 -3.00
N SER A 46 -12.90 -13.50 -3.02
CA SER A 46 -13.13 -14.65 -2.15
C SER A 46 -12.81 -14.31 -0.68
N GLY A 47 -11.77 -13.50 -0.48
CA GLY A 47 -11.35 -13.08 0.86
C GLY A 47 -10.30 -14.04 1.43
N ILE A 48 -9.31 -14.39 0.61
CA ILE A 48 -8.24 -15.31 0.99
C ILE A 48 -7.02 -14.50 1.44
N PRO A 49 -6.40 -14.83 2.59
CA PRO A 49 -5.21 -14.12 3.10
C PRO A 49 -3.98 -14.30 2.21
N TYR A 50 -3.30 -13.17 1.92
CA TYR A 50 -2.10 -13.18 1.07
C TYR A 50 -0.93 -13.84 1.81
N HIS A 51 -0.39 -13.14 2.82
CA HIS A 51 0.73 -13.65 3.63
C HIS A 51 0.42 -13.48 5.11
N SER A 52 0.81 -12.33 5.67
CA SER A 52 0.58 -12.00 7.07
C SER A 52 0.32 -10.50 7.16
N GLU A 53 -0.57 -10.13 8.08
CA GLU A 53 -0.99 -8.74 8.30
C GLU A 53 -1.76 -8.24 7.08
N VAL A 54 -2.76 -9.02 6.68
CA VAL A 54 -3.60 -8.70 5.53
C VAL A 54 -4.55 -7.54 5.85
N PRO A 55 -5.33 -7.61 6.97
CA PRO A 55 -6.24 -6.53 7.35
C PRO A 55 -5.52 -5.45 8.17
N VAL A 56 -5.07 -4.41 7.49
CA VAL A 56 -4.34 -3.32 8.15
C VAL A 56 -5.27 -2.14 8.42
N SER A 57 -4.94 -1.36 9.44
CA SER A 57 -5.72 -0.21 9.86
C SER A 57 -5.40 1.01 8.99
N LEU A 58 -6.45 1.66 8.46
CA LEU A 58 -6.32 2.86 7.60
C LEU A 58 -7.05 4.05 8.23
N LYS A 59 -7.25 4.02 9.55
CA LYS A 59 -7.92 5.11 10.26
C LYS A 59 -6.92 6.25 10.51
N GLU A 60 -7.11 7.37 9.80
CA GLU A 60 -6.25 8.56 9.93
C GLU A 60 -4.83 8.23 9.44
N ALA A 61 -4.73 7.59 8.27
CA ALA A 61 -3.45 7.21 7.68
C ALA A 61 -2.75 8.42 7.07
N ILE A 62 -1.42 8.46 7.18
CA ILE A 62 -0.61 9.54 6.62
C ILE A 62 -0.05 9.09 5.27
N CYS A 63 -0.08 9.99 4.29
CA CYS A 63 0.41 9.68 2.94
C CYS A 63 1.21 10.86 2.38
N GLU A 64 2.27 10.54 1.62
CA GLU A 64 3.14 11.54 1.01
C GLU A 64 3.50 11.10 -0.41
N VAL A 65 3.72 12.07 -1.30
CA VAL A 65 4.07 11.80 -2.70
C VAL A 65 5.57 11.55 -2.84
N ALA A 66 5.95 10.58 -3.66
CA ALA A 66 7.35 10.23 -3.91
C ALA A 66 7.59 10.21 -5.43
N LEU A 67 7.66 11.40 -6.01
CA LEU A 67 7.88 11.58 -7.45
C LEU A 67 9.34 11.34 -7.85
N ASP A 68 10.26 11.78 -6.98
CA ASP A 68 11.71 11.64 -7.23
C ASP A 68 12.19 10.18 -7.12
N TYR A 69 11.32 9.28 -6.64
CA TYR A 69 11.67 7.85 -6.51
C TYR A 69 11.53 7.21 -7.89
N LYS A 70 12.53 7.46 -8.75
CA LYS A 70 12.56 6.95 -10.13
C LYS A 70 12.83 5.45 -10.16
N LYS A 71 11.75 4.68 -10.14
CA LYS A 71 11.81 3.22 -10.20
C LYS A 71 11.03 2.75 -11.41
N LYS A 72 9.73 2.97 -11.36
CA LYS A 72 8.81 2.62 -12.45
C LYS A 72 7.58 3.54 -12.40
N LYS A 73 7.76 4.76 -12.96
CA LYS A 73 6.74 5.80 -13.04
C LYS A 73 6.75 6.70 -11.80
N HIS A 74 5.71 6.60 -10.99
CA HIS A 74 5.58 7.42 -9.77
C HIS A 74 5.24 6.56 -8.55
N VAL A 75 5.75 6.99 -7.40
CA VAL A 75 5.55 6.28 -6.13
C VAL A 75 4.95 7.23 -5.08
N PHE A 76 4.38 6.66 -4.03
CA PHE A 76 3.81 7.43 -2.92
C PHE A 76 3.97 6.63 -1.64
N LYS A 77 4.28 7.33 -0.56
CA LYS A 77 4.49 6.70 0.75
C LYS A 77 3.19 6.66 1.52
N LEU A 78 2.98 5.58 2.25
CA LEU A 78 1.79 5.37 3.08
C LEU A 78 2.24 4.94 4.47
N ARG A 79 2.05 5.81 5.44
CA ARG A 79 2.43 5.56 6.82
C ARG A 79 1.18 5.25 7.63
N LEU A 80 1.09 4.02 8.12
CA LEU A 80 -0.05 3.56 8.90
C LEU A 80 0.01 4.09 10.34
N SER A 81 -1.16 4.38 10.92
CA SER A 81 -1.28 4.88 12.29
C SER A 81 -1.18 3.70 13.29
N ASP A 82 -0.28 2.77 12.99
CA ASP A 82 -0.03 1.58 13.81
C ASP A 82 1.46 1.50 14.15
N GLY A 83 2.30 1.48 13.12
CA GLY A 83 3.75 1.41 13.30
C GLY A 83 4.39 0.69 12.11
N ASN A 84 4.03 1.13 10.88
CA ASN A 84 4.55 0.55 9.64
C ASN A 84 4.50 1.62 8.55
N GLU A 85 5.43 1.55 7.59
CA GLU A 85 5.48 2.51 6.48
C GLU A 85 5.87 1.76 5.20
N TYR A 86 5.10 1.98 4.13
CA TYR A 86 5.34 1.31 2.84
C TYR A 86 5.33 2.30 1.68
N LEU A 87 6.01 1.90 0.60
CA LEU A 87 6.08 2.68 -0.64
C LEU A 87 5.16 2.00 -1.65
N PHE A 88 4.14 2.72 -2.12
CA PHE A 88 3.20 2.17 -3.10
C PHE A 88 3.46 2.84 -4.44
N GLN A 89 3.70 2.03 -5.46
CA GLN A 89 3.98 2.52 -6.80
C GLN A 89 2.83 2.15 -7.75
N ALA A 90 2.43 3.14 -8.55
CA ALA A 90 1.33 2.99 -9.53
C ALA A 90 1.89 2.92 -10.95
N LYS A 91 1.01 2.69 -11.93
CA LYS A 91 1.43 2.60 -13.33
C LYS A 91 1.24 3.92 -14.06
N ASP A 92 0.39 4.80 -13.53
CA ASP A 92 0.11 6.10 -14.15
C ASP A 92 0.00 7.20 -13.09
N ASP A 93 0.07 8.45 -13.54
CA ASP A 93 -0.03 9.64 -12.67
C ASP A 93 -1.44 9.73 -12.06
N GLU A 94 -2.46 9.56 -12.89
CA GLU A 94 -3.86 9.62 -12.45
C GLU A 94 -4.14 8.53 -11.40
N GLU A 95 -3.57 7.34 -11.62
CA GLU A 95 -3.74 6.23 -10.67
C GLU A 95 -3.14 6.60 -9.30
N MET A 96 -1.90 7.11 -9.33
CA MET A 96 -1.21 7.55 -8.11
C MET A 96 -2.03 8.64 -7.39
N ASN A 97 -2.50 9.62 -8.16
CA ASN A 97 -3.33 10.72 -7.64
C ASN A 97 -4.62 10.20 -7.03
N THR A 98 -5.30 9.28 -7.72
CA THR A 98 -6.56 8.69 -7.25
C THR A 98 -6.34 7.87 -5.96
N TRP A 99 -5.27 7.06 -5.93
CA TRP A 99 -4.97 6.22 -4.75
C TRP A 99 -4.80 7.07 -3.49
N ILE A 100 -3.97 8.11 -3.58
CA ILE A 100 -3.71 9.02 -2.45
C ILE A 100 -5.00 9.72 -1.99
N GLN A 101 -5.76 10.26 -2.94
CA GLN A 101 -7.03 10.95 -2.64
C GLN A 101 -8.05 9.97 -2.05
N ALA A 102 -8.03 8.73 -2.51
CA ALA A 102 -8.94 7.69 -2.03
C ALA A 102 -8.62 7.33 -0.58
N ILE A 103 -7.33 7.06 -0.29
CA ILE A 103 -6.89 6.71 1.07
C ILE A 103 -7.17 7.85 2.06
N SER A 104 -6.99 9.09 1.60
CA SER A 104 -7.22 10.27 2.44
C SER A 104 -8.73 10.54 2.64
N SER A 105 -9.58 9.83 1.89
CA SER A 105 -11.03 9.99 1.98
C SER A 105 -11.69 8.74 2.57
N ALA A 106 -11.62 7.62 1.85
CA ALA A 106 -12.19 6.34 2.27
C ALA A 106 -12.09 5.35 1.11
N MET A 1 -9.99 2.58 -5.26
CA MET A 1 -10.22 1.84 -3.99
C MET A 1 -9.52 0.48 -4.03
N GLU A 2 -9.70 -0.27 -5.12
CA GLU A 2 -9.10 -1.61 -5.27
C GLU A 2 -8.34 -1.74 -6.59
N GLY A 3 -7.26 -2.51 -6.55
CA GLY A 3 -6.42 -2.77 -7.73
C GLY A 3 -5.04 -3.25 -7.32
N PHE A 4 -4.13 -3.39 -8.29
CA PHE A 4 -2.76 -3.84 -8.03
C PHE A 4 -1.87 -2.66 -7.64
N LEU A 5 -0.88 -2.94 -6.81
CA LEU A 5 0.07 -1.94 -6.34
C LEU A 5 1.42 -2.59 -6.03
N ASN A 6 2.49 -1.87 -6.31
CA ASN A 6 3.85 -2.35 -6.00
C ASN A 6 4.10 -2.00 -4.54
N ARG A 7 4.28 -3.00 -3.68
CA ARG A 7 4.48 -2.76 -2.26
C ARG A 7 5.93 -2.98 -1.84
N LYS A 8 6.52 -1.96 -1.22
CA LYS A 8 7.89 -1.99 -0.71
C LYS A 8 7.87 -1.38 0.69
N HIS A 9 7.97 -2.23 1.70
CA HIS A 9 7.92 -1.78 3.08
C HIS A 9 9.29 -1.23 3.54
N GLU A 10 9.27 0.02 4.01
CA GLU A 10 10.46 0.69 4.51
C GLU A 10 10.66 0.32 5.98
N TRP A 11 9.61 0.53 6.76
CA TRP A 11 9.60 0.24 8.18
C TRP A 11 8.37 -0.60 8.51
N GLU A 12 8.62 -1.86 8.86
CA GLU A 12 7.56 -2.82 9.21
C GLU A 12 8.04 -3.70 10.37
N ALA A 13 8.08 -3.11 11.56
CA ALA A 13 8.52 -3.78 12.78
C ALA A 13 8.45 -2.80 13.94
N HIS A 14 8.68 -3.30 15.15
CA HIS A 14 8.64 -2.47 16.36
C HIS A 14 9.76 -1.40 16.32
N ASN A 15 10.95 -1.78 15.84
CA ASN A 15 12.09 -0.86 15.74
C ASN A 15 13.15 -1.45 14.80
N LYS A 16 12.74 -1.80 13.57
CA LYS A 16 13.65 -2.38 12.57
C LYS A 16 13.19 -2.04 11.16
N LYS A 17 14.13 -2.07 10.20
CA LYS A 17 13.82 -1.82 8.79
C LYS A 17 13.36 -3.13 8.14
N ALA A 18 12.48 -3.02 7.15
CA ALA A 18 11.93 -4.19 6.47
C ALA A 18 12.55 -4.39 5.09
N SER A 19 12.97 -5.63 4.83
CA SER A 19 13.58 -6.03 3.55
C SER A 19 13.09 -7.44 3.17
N SER A 20 11.91 -7.83 3.67
CA SER A 20 11.32 -9.15 3.41
C SER A 20 10.66 -9.20 2.02
N ARG A 21 9.95 -8.12 1.68
CA ARG A 21 9.25 -7.99 0.39
C ARG A 21 9.54 -6.62 -0.20
N SER A 22 10.74 -6.47 -0.76
CA SER A 22 11.18 -5.21 -1.38
C SER A 22 10.65 -5.13 -2.82
N TRP A 23 9.62 -4.30 -3.01
CA TRP A 23 8.96 -4.10 -4.32
C TRP A 23 8.33 -5.40 -4.81
N HIS A 24 7.16 -5.71 -4.27
CA HIS A 24 6.39 -6.90 -4.62
C HIS A 24 5.02 -6.48 -5.14
N ASN A 25 4.60 -7.08 -6.25
CA ASN A 25 3.29 -6.78 -6.86
C ASN A 25 2.19 -7.47 -6.05
N VAL A 26 1.35 -6.68 -5.39
CA VAL A 26 0.26 -7.22 -4.57
C VAL A 26 -1.04 -6.46 -4.86
N TYR A 27 -2.17 -7.06 -4.49
CA TYR A 27 -3.48 -6.46 -4.70
C TYR A 27 -3.97 -5.82 -3.40
N CYS A 28 -4.15 -4.50 -3.43
CA CYS A 28 -4.61 -3.74 -2.25
C CYS A 28 -6.08 -3.38 -2.41
N VAL A 29 -6.87 -3.66 -1.37
CA VAL A 29 -8.31 -3.38 -1.35
C VAL A 29 -8.65 -2.57 -0.10
N ILE A 30 -9.17 -1.35 -0.31
CA ILE A 30 -9.56 -0.47 0.81
C ILE A 30 -11.08 -0.53 1.02
N ASN A 31 -11.51 -0.49 2.29
CA ASN A 31 -12.94 -0.54 2.61
C ASN A 31 -13.25 0.20 3.92
N ASN A 32 -13.06 1.53 3.89
CA ASN A 32 -13.34 2.43 5.04
C ASN A 32 -12.59 2.04 6.33
N GLN A 33 -11.57 2.84 6.67
CA GLN A 33 -10.77 2.64 7.90
C GLN A 33 -9.99 1.32 7.95
N GLU A 34 -10.20 0.45 6.95
CA GLU A 34 -9.53 -0.84 6.89
C GLU A 34 -9.20 -1.20 5.44
N MET A 35 -8.09 -1.90 5.25
CA MET A 35 -7.64 -2.33 3.92
C MET A 35 -7.08 -3.74 4.02
N GLY A 36 -7.21 -4.51 2.94
CA GLY A 36 -6.74 -5.89 2.89
C GLY A 36 -5.80 -6.12 1.70
N PHE A 37 -4.76 -6.94 1.93
CA PHE A 37 -3.77 -7.28 0.92
C PHE A 37 -4.04 -8.70 0.39
N TYR A 38 -4.46 -8.79 -0.88
CA TYR A 38 -4.76 -10.08 -1.50
C TYR A 38 -3.85 -10.36 -2.70
N LYS A 39 -4.09 -11.49 -3.37
CA LYS A 39 -3.31 -11.90 -4.54
C LYS A 39 -3.78 -11.13 -5.79
N ASP A 40 -5.10 -10.93 -5.88
CA ASP A 40 -5.72 -10.21 -7.01
C ASP A 40 -7.18 -9.88 -6.66
N ALA A 41 -7.94 -9.49 -7.69
CA ALA A 41 -9.36 -9.15 -7.53
C ALA A 41 -10.19 -10.41 -7.19
N LYS A 42 -9.84 -11.55 -7.79
CA LYS A 42 -10.55 -12.81 -7.53
C LYS A 42 -10.28 -13.28 -6.09
N SER A 43 -9.02 -13.21 -5.67
CA SER A 43 -8.61 -13.60 -4.31
C SER A 43 -9.29 -12.70 -3.27
N ALA A 44 -9.43 -11.41 -3.61
CA ALA A 44 -10.08 -10.43 -2.73
C ALA A 44 -11.60 -10.67 -2.68
N ALA A 45 -12.20 -10.91 -3.84
CA ALA A 45 -13.64 -11.17 -3.96
C ALA A 45 -14.03 -12.47 -3.26
N SER A 46 -13.25 -13.53 -3.50
CA SER A 46 -13.51 -14.84 -2.90
C SER A 46 -13.20 -14.83 -1.39
N GLY A 47 -12.07 -14.22 -1.02
CA GLY A 47 -11.64 -14.13 0.38
C GLY A 47 -10.53 -15.14 0.66
N ILE A 48 -9.39 -14.94 0.00
CA ILE A 48 -8.21 -15.81 0.15
C ILE A 48 -7.04 -14.97 0.68
N PRO A 49 -6.53 -15.28 1.90
CA PRO A 49 -5.41 -14.54 2.51
C PRO A 49 -4.08 -14.77 1.80
N TYR A 50 -3.35 -13.68 1.56
CA TYR A 50 -2.05 -13.72 0.86
C TYR A 50 -0.89 -13.97 1.85
N HIS A 51 -1.06 -13.57 3.11
CA HIS A 51 -0.04 -13.76 4.15
C HIS A 51 -0.68 -13.70 5.54
N SER A 52 0.13 -13.41 6.56
CA SER A 52 -0.33 -13.34 7.96
C SER A 52 -1.16 -12.06 8.18
N GLU A 53 -0.48 -10.91 8.21
CA GLU A 53 -1.14 -9.62 8.43
C GLU A 53 -1.83 -9.10 7.17
N VAL A 54 -2.89 -9.79 6.74
CA VAL A 54 -3.66 -9.41 5.55
C VAL A 54 -4.51 -8.16 5.83
N PRO A 55 -5.24 -8.09 6.98
CA PRO A 55 -6.06 -6.92 7.32
C PRO A 55 -5.25 -5.84 8.05
N VAL A 56 -5.24 -4.63 7.49
CA VAL A 56 -4.51 -3.50 8.07
C VAL A 56 -5.46 -2.31 8.22
N SER A 57 -5.38 -1.63 9.36
CA SER A 57 -6.22 -0.49 9.67
C SER A 57 -5.70 0.78 9.00
N LEU A 58 -6.63 1.59 8.50
CA LEU A 58 -6.31 2.86 7.83
C LEU A 58 -7.03 3.99 8.56
N LYS A 59 -6.61 4.23 9.80
CA LYS A 59 -7.18 5.28 10.65
C LYS A 59 -6.35 6.56 10.54
N GLU A 60 -6.78 7.48 9.69
CA GLU A 60 -6.11 8.77 9.48
C GLU A 60 -4.63 8.57 9.11
N ALA A 61 -4.39 7.96 7.94
CA ALA A 61 -3.04 7.69 7.46
C ALA A 61 -2.48 8.91 6.71
N ILE A 62 -1.18 9.13 6.85
CA ILE A 62 -0.49 10.22 6.17
C ILE A 62 0.11 9.68 4.87
N CYS A 63 -0.11 10.38 3.77
CA CYS A 63 0.38 9.93 2.46
C CYS A 63 1.15 11.04 1.75
N GLU A 64 2.44 10.79 1.49
CA GLU A 64 3.32 11.74 0.79
C GLU A 64 3.58 11.25 -0.64
N VAL A 65 3.95 12.17 -1.52
CA VAL A 65 4.25 11.82 -2.92
C VAL A 65 5.76 11.60 -3.11
N ALA A 66 6.10 10.48 -3.75
CA ALA A 66 7.49 10.11 -4.04
C ALA A 66 7.65 9.94 -5.56
N LEU A 67 7.82 11.07 -6.24
CA LEU A 67 7.98 11.08 -7.70
C LEU A 67 9.43 10.79 -8.08
N ASP A 68 10.35 11.49 -7.42
CA ASP A 68 11.79 11.35 -7.67
C ASP A 68 12.47 10.52 -6.58
N TYR A 69 11.83 9.42 -6.16
CA TYR A 69 12.40 8.53 -5.14
C TYR A 69 13.28 7.48 -5.84
N LYS A 70 14.57 7.79 -5.98
CA LYS A 70 15.57 6.93 -6.64
C LYS A 70 15.39 6.94 -8.17
N LYS A 71 14.16 6.72 -8.63
CA LYS A 71 13.84 6.72 -10.06
C LYS A 71 12.56 7.52 -10.28
N LYS A 72 12.45 8.15 -11.46
CA LYS A 72 11.28 8.97 -11.81
C LYS A 72 10.09 8.07 -12.14
N LYS A 73 9.45 7.53 -11.09
CA LYS A 73 8.30 6.66 -11.24
C LYS A 73 7.05 7.38 -10.73
N HIS A 74 6.20 6.67 -9.99
CA HIS A 74 4.97 7.22 -9.42
C HIS A 74 4.72 6.52 -8.09
N VAL A 75 5.56 6.82 -7.10
CA VAL A 75 5.48 6.21 -5.77
C VAL A 75 4.86 7.20 -4.77
N PHE A 76 4.33 6.66 -3.67
CA PHE A 76 3.77 7.49 -2.60
C PHE A 76 4.05 6.82 -1.26
N LYS A 77 4.45 7.64 -0.28
CA LYS A 77 4.80 7.16 1.06
C LYS A 77 3.55 7.08 1.94
N LEU A 78 3.05 5.85 2.13
CA LEU A 78 1.87 5.60 2.96
C LEU A 78 2.30 5.28 4.39
N ARG A 79 1.98 6.19 5.31
CA ARG A 79 2.31 6.04 6.73
C ARG A 79 1.03 5.90 7.54
N LEU A 80 0.87 4.76 8.25
CA LEU A 80 -0.31 4.52 9.08
C LEU A 80 -0.28 5.45 10.31
N SER A 81 -1.35 5.42 11.12
CA SER A 81 -1.44 6.26 12.33
C SER A 81 -0.19 6.09 13.21
N ASP A 82 0.20 4.84 13.45
CA ASP A 82 1.37 4.50 14.26
C ASP A 82 1.57 2.98 14.25
N GLY A 83 1.66 2.40 13.05
CA GLY A 83 1.82 0.97 12.90
C GLY A 83 3.04 0.62 12.04
N ASN A 84 2.91 0.86 10.71
CA ASN A 84 3.96 0.56 9.74
C ASN A 84 3.99 1.65 8.68
N GLU A 85 5.07 1.65 7.87
CA GLU A 85 5.27 2.62 6.79
C GLU A 85 5.65 1.88 5.51
N TYR A 86 4.92 2.14 4.42
CA TYR A 86 5.19 1.46 3.13
C TYR A 86 5.25 2.42 1.95
N LEU A 87 5.88 1.96 0.87
CA LEU A 87 5.99 2.69 -0.40
C LEU A 87 5.10 1.97 -1.42
N PHE A 88 4.23 2.71 -2.11
CA PHE A 88 3.33 2.12 -3.10
C PHE A 88 3.57 2.75 -4.47
N GLN A 89 3.80 1.92 -5.50
CA GLN A 89 4.04 2.41 -6.86
C GLN A 89 2.82 2.12 -7.75
N ALA A 90 2.45 3.12 -8.55
CA ALA A 90 1.32 3.01 -9.48
C ALA A 90 1.87 2.95 -10.91
N LYS A 91 1.05 2.44 -11.85
CA LYS A 91 1.47 2.33 -13.26
C LYS A 91 1.04 3.58 -14.06
N ASP A 92 0.25 4.45 -13.43
CA ASP A 92 -0.24 5.67 -14.06
C ASP A 92 -0.25 6.81 -13.03
N ASP A 93 0.04 8.04 -13.50
CA ASP A 93 0.04 9.22 -12.61
C ASP A 93 -1.38 9.52 -12.09
N GLU A 94 -2.39 9.21 -12.92
CA GLU A 94 -3.79 9.41 -12.56
C GLU A 94 -4.17 8.40 -11.46
N GLU A 95 -3.67 7.16 -11.60
CA GLU A 95 -3.90 6.10 -10.62
C GLU A 95 -3.29 6.48 -9.27
N MET A 96 -2.06 7.02 -9.30
CA MET A 96 -1.35 7.46 -8.08
C MET A 96 -2.17 8.52 -7.33
N ASN A 97 -2.68 9.50 -8.07
CA ASN A 97 -3.50 10.57 -7.49
C ASN A 97 -4.78 9.99 -6.87
N THR A 98 -5.40 9.04 -7.57
CA THR A 98 -6.62 8.36 -7.10
C THR A 98 -6.34 7.55 -5.84
N TRP A 99 -5.19 6.87 -5.80
CA TRP A 99 -4.78 6.05 -4.65
C TRP A 99 -4.64 6.90 -3.39
N ILE A 100 -3.91 8.02 -3.51
CA ILE A 100 -3.70 8.95 -2.39
C ILE A 100 -5.04 9.50 -1.90
N GLN A 101 -5.89 9.92 -2.85
CA GLN A 101 -7.23 10.45 -2.53
C GLN A 101 -8.10 9.38 -1.86
N ALA A 102 -8.05 8.15 -2.39
CA ALA A 102 -8.82 7.03 -1.85
C ALA A 102 -8.45 6.77 -0.39
N ILE A 103 -7.16 6.77 -0.10
CA ILE A 103 -6.63 6.57 1.26
C ILE A 103 -7.09 7.70 2.19
N SER A 104 -7.25 8.91 1.64
CA SER A 104 -7.70 10.07 2.42
C SER A 104 -9.23 10.06 2.63
N SER A 105 -9.97 9.45 1.69
CA SER A 105 -11.44 9.38 1.75
C SER A 105 -11.94 8.04 2.31
N ALA A 106 -11.03 7.12 2.61
CA ALA A 106 -11.40 5.79 3.13
C ALA A 106 -11.71 5.86 4.63
N MET A 1 -12.81 0.38 -5.77
CA MET A 1 -11.72 1.03 -4.98
C MET A 1 -10.65 -0.02 -4.64
N GLU A 2 -10.16 -0.72 -5.68
CA GLU A 2 -9.17 -1.76 -5.52
C GLU A 2 -8.38 -1.96 -6.81
N GLY A 3 -7.20 -2.57 -6.71
CA GLY A 3 -6.34 -2.82 -7.87
C GLY A 3 -4.96 -3.30 -7.44
N PHE A 4 -4.14 -3.65 -8.44
CA PHE A 4 -2.77 -4.11 -8.20
C PHE A 4 -1.89 -2.91 -7.83
N LEU A 5 -0.89 -3.16 -7.01
CA LEU A 5 0.02 -2.10 -6.55
C LEU A 5 1.41 -2.68 -6.27
N ASN A 6 2.43 -1.90 -6.53
CA ASN A 6 3.82 -2.28 -6.24
C ASN A 6 4.07 -1.87 -4.79
N ARG A 7 4.24 -2.83 -3.90
CA ARG A 7 4.41 -2.56 -2.47
C ARG A 7 5.81 -2.88 -1.98
N LYS A 8 6.32 -1.99 -1.11
CA LYS A 8 7.64 -2.12 -0.48
C LYS A 8 7.47 -1.86 1.01
N HIS A 9 8.00 -2.76 1.85
CA HIS A 9 7.91 -2.59 3.30
C HIS A 9 9.23 -2.11 3.87
N GLU A 10 9.23 -0.86 4.37
CA GLU A 10 10.43 -0.23 4.94
C GLU A 10 10.58 -0.63 6.40
N TRP A 11 9.47 -0.63 7.13
CA TRP A 11 9.47 -0.97 8.55
C TRP A 11 8.06 -1.37 8.99
N GLU A 12 7.95 -2.56 9.56
CA GLU A 12 6.67 -3.11 10.04
C GLU A 12 6.95 -4.17 11.11
N ALA A 13 7.90 -3.86 11.99
CA ALA A 13 8.30 -4.73 13.09
C ALA A 13 9.30 -3.99 13.97
N HIS A 14 9.20 -4.18 15.29
CA HIS A 14 10.10 -3.52 16.24
C HIS A 14 11.51 -4.08 16.15
N ASN A 15 12.39 -3.38 15.44
CA ASN A 15 13.79 -3.78 15.26
C ASN A 15 14.58 -2.60 14.68
N LYS A 16 14.29 -2.25 13.42
CA LYS A 16 14.95 -1.14 12.73
C LYS A 16 14.30 -0.90 11.37
N LYS A 17 14.27 -1.96 10.56
CA LYS A 17 13.67 -1.92 9.22
C LYS A 17 13.29 -3.34 8.79
N ALA A 18 12.38 -3.43 7.83
CA ALA A 18 11.92 -4.71 7.29
C ALA A 18 12.61 -5.00 5.96
N SER A 19 12.98 -6.26 5.73
CA SER A 19 13.65 -6.67 4.50
C SER A 19 13.39 -8.13 4.20
N SER A 20 12.24 -8.42 3.59
CA SER A 20 11.85 -9.78 3.22
C SER A 20 11.04 -9.72 1.91
N ARG A 21 11.78 -9.63 0.79
CA ARG A 21 11.20 -9.52 -0.56
C ARG A 21 11.01 -8.04 -0.90
N SER A 22 12.10 -7.40 -1.32
CA SER A 22 12.10 -5.98 -1.68
C SER A 22 11.26 -5.74 -2.94
N TRP A 23 10.18 -4.96 -2.79
CA TRP A 23 9.26 -4.61 -3.89
C TRP A 23 8.50 -5.85 -4.37
N HIS A 24 7.27 -5.99 -3.89
CA HIS A 24 6.39 -7.12 -4.22
C HIS A 24 5.07 -6.61 -4.80
N ASN A 25 4.66 -7.20 -5.92
CA ASN A 25 3.41 -6.82 -6.61
C ASN A 25 2.23 -7.48 -5.89
N VAL A 26 1.42 -6.68 -5.21
CA VAL A 26 0.26 -7.17 -4.43
C VAL A 26 -1.03 -6.44 -4.82
N TYR A 27 -2.16 -7.01 -4.44
CA TYR A 27 -3.47 -6.44 -4.71
C TYR A 27 -3.99 -5.76 -3.44
N CYS A 28 -4.43 -4.52 -3.55
CA CYS A 28 -4.94 -3.75 -2.41
C CYS A 28 -6.41 -3.37 -2.61
N VAL A 29 -7.22 -3.59 -1.57
CA VAL A 29 -8.66 -3.27 -1.60
C VAL A 29 -8.98 -2.38 -0.40
N ILE A 30 -9.44 -1.15 -0.66
CA ILE A 30 -9.80 -0.20 0.41
C ILE A 30 -11.26 -0.42 0.81
N ASN A 31 -11.54 -0.33 2.10
CA ASN A 31 -12.88 -0.52 2.63
C ASN A 31 -13.17 0.49 3.76
N ASN A 32 -13.57 1.69 3.36
CA ASN A 32 -13.93 2.79 4.29
C ASN A 32 -12.74 3.26 5.16
N GLN A 33 -12.57 2.66 6.34
CA GLN A 33 -11.51 3.05 7.29
C GLN A 33 -10.35 2.04 7.33
N GLU A 34 -10.42 0.97 6.51
CA GLU A 34 -9.37 -0.04 6.48
C GLU A 34 -9.10 -0.49 5.06
N MET A 35 -8.07 -1.31 4.89
CA MET A 35 -7.68 -1.84 3.59
C MET A 35 -7.24 -3.29 3.76
N GLY A 36 -7.57 -4.12 2.78
CA GLY A 36 -7.23 -5.54 2.78
C GLY A 36 -6.24 -5.86 1.66
N PHE A 37 -5.20 -6.61 2.00
CA PHE A 37 -4.18 -7.01 1.04
C PHE A 37 -4.51 -8.41 0.50
N TYR A 38 -4.46 -8.57 -0.81
CA TYR A 38 -4.78 -9.84 -1.47
C TYR A 38 -3.77 -10.13 -2.58
N LYS A 39 -3.89 -11.31 -3.19
CA LYS A 39 -2.99 -11.73 -4.27
C LYS A 39 -3.40 -11.09 -5.60
N ASP A 40 -4.69 -11.15 -5.93
CA ASP A 40 -5.22 -10.58 -7.17
C ASP A 40 -6.71 -10.23 -7.02
N ALA A 41 -7.38 -10.04 -8.17
CA ALA A 41 -8.81 -9.70 -8.22
C ALA A 41 -9.68 -10.88 -7.75
N LYS A 42 -9.27 -12.11 -8.09
CA LYS A 42 -10.00 -13.32 -7.69
C LYS A 42 -9.88 -13.55 -6.18
N SER A 43 -8.66 -13.43 -5.67
CA SER A 43 -8.37 -13.61 -4.23
C SER A 43 -9.10 -12.53 -3.40
N ALA A 44 -9.25 -11.34 -3.98
CA ALA A 44 -9.92 -10.22 -3.31
C ALA A 44 -11.45 -10.42 -3.33
N ALA A 45 -11.97 -10.89 -4.47
CA ALA A 45 -13.41 -11.12 -4.64
C ALA A 45 -13.90 -12.27 -3.75
N SER A 46 -13.17 -13.39 -3.75
CA SER A 46 -13.52 -14.57 -2.95
C SER A 46 -13.24 -14.33 -1.45
N GLY A 47 -12.27 -13.45 -1.15
CA GLY A 47 -11.91 -13.12 0.23
C GLY A 47 -10.96 -14.17 0.81
N ILE A 48 -9.83 -14.37 0.15
CA ILE A 48 -8.81 -15.34 0.59
C ILE A 48 -7.75 -14.60 1.42
N PRO A 49 -7.42 -15.12 2.63
CA PRO A 49 -6.41 -14.50 3.51
C PRO A 49 -4.98 -14.63 2.96
N TYR A 50 -4.35 -13.49 2.69
CA TYR A 50 -3.00 -13.42 2.16
C TYR A 50 -2.03 -12.91 3.23
N HIS A 51 -0.88 -13.57 3.35
CA HIS A 51 0.16 -13.19 4.32
C HIS A 51 -0.29 -13.45 5.77
N SER A 52 0.38 -12.81 6.72
CA SER A 52 0.06 -12.96 8.15
C SER A 52 -1.16 -12.09 8.50
N GLU A 53 -1.04 -10.77 8.28
CA GLU A 53 -2.13 -9.83 8.56
C GLU A 53 -2.74 -9.36 7.23
N VAL A 54 -4.00 -9.66 7.03
CA VAL A 54 -4.71 -9.29 5.79
C VAL A 54 -5.31 -7.88 5.90
N PRO A 55 -6.04 -7.56 6.99
CA PRO A 55 -6.69 -6.25 7.17
C PRO A 55 -5.80 -5.24 7.91
N VAL A 56 -5.63 -4.07 7.32
CA VAL A 56 -4.84 -2.98 7.90
C VAL A 56 -5.74 -1.74 8.02
N SER A 57 -5.69 -1.08 9.16
CA SER A 57 -6.51 0.09 9.44
C SER A 57 -5.83 1.38 8.98
N LEU A 58 -6.54 2.16 8.16
CA LEU A 58 -6.06 3.46 7.67
C LEU A 58 -6.48 4.55 8.65
N LYS A 59 -6.19 4.32 9.92
CA LYS A 59 -6.53 5.27 10.99
C LYS A 59 -5.55 6.44 10.97
N GLU A 60 -5.94 7.54 10.32
CA GLU A 60 -5.11 8.74 10.18
C GLU A 60 -3.77 8.39 9.52
N ALA A 61 -3.86 7.78 8.34
CA ALA A 61 -2.67 7.35 7.58
C ALA A 61 -2.09 8.53 6.80
N ILE A 62 -0.84 8.88 7.11
CA ILE A 62 -0.14 9.96 6.41
C ILE A 62 0.36 9.45 5.07
N CYS A 63 0.06 10.18 4.02
CA CYS A 63 0.45 9.80 2.65
C CYS A 63 1.23 10.95 2.01
N GLU A 64 2.37 10.61 1.41
CA GLU A 64 3.25 11.59 0.75
C GLU A 64 3.66 11.09 -0.63
N VAL A 65 3.26 11.80 -1.67
CA VAL A 65 3.59 11.44 -3.05
C VAL A 65 5.10 11.64 -3.31
N ALA A 66 5.68 10.67 -4.02
CA ALA A 66 7.10 10.70 -4.37
C ALA A 66 7.20 10.54 -5.89
N LEU A 67 7.12 11.67 -6.59
CA LEU A 67 7.17 11.70 -8.05
C LEU A 67 8.58 11.39 -8.59
N ASP A 68 9.58 11.49 -7.72
CA ASP A 68 10.98 11.22 -8.11
C ASP A 68 11.68 10.38 -7.04
N TYR A 69 11.04 9.27 -6.62
CA TYR A 69 11.63 8.36 -5.64
C TYR A 69 12.73 7.57 -6.34
N LYS A 70 14.00 7.93 -6.08
CA LYS A 70 15.18 7.31 -6.71
C LYS A 70 15.24 7.72 -8.17
N LYS A 71 14.43 7.08 -9.00
CA LYS A 71 14.34 7.38 -10.43
C LYS A 71 13.17 6.59 -11.05
N LYS A 72 12.07 6.49 -10.28
CA LYS A 72 10.86 5.76 -10.73
C LYS A 72 9.83 6.73 -11.32
N LYS A 73 8.77 6.17 -11.91
CA LYS A 73 7.71 6.97 -12.54
C LYS A 73 6.84 7.70 -11.49
N HIS A 74 5.91 6.98 -10.86
CA HIS A 74 5.00 7.57 -9.87
C HIS A 74 4.90 6.67 -8.64
N VAL A 75 5.47 7.14 -7.53
CA VAL A 75 5.45 6.40 -6.26
C VAL A 75 4.82 7.28 -5.18
N PHE A 76 4.22 6.66 -4.17
CA PHE A 76 3.62 7.40 -3.06
C PHE A 76 3.89 6.64 -1.76
N LYS A 77 4.24 7.40 -0.74
CA LYS A 77 4.57 6.85 0.57
C LYS A 77 3.32 6.74 1.44
N LEU A 78 3.33 5.77 2.34
CA LEU A 78 2.23 5.51 3.26
C LEU A 78 2.82 5.27 4.66
N ARG A 79 2.49 6.17 5.59
CA ARG A 79 2.97 6.10 6.97
C ARG A 79 1.77 5.98 7.91
N LEU A 80 1.61 4.82 8.53
CA LEU A 80 0.51 4.57 9.47
C LEU A 80 0.78 5.26 10.80
N SER A 81 -0.28 5.55 11.55
CA SER A 81 -0.16 6.25 12.84
C SER A 81 0.24 5.29 13.98
N ASP A 82 0.05 3.98 13.78
CA ASP A 82 0.40 3.00 14.83
C ASP A 82 1.90 2.69 14.80
N GLY A 83 2.36 1.99 13.76
CA GLY A 83 3.78 1.66 13.64
C GLY A 83 4.05 0.76 12.42
N ASN A 84 3.70 1.27 11.22
CA ASN A 84 3.91 0.54 9.97
C ASN A 84 4.23 1.59 8.90
N GLU A 85 5.16 1.25 7.99
CA GLU A 85 5.58 2.17 6.92
C GLU A 85 5.77 1.39 5.60
N TYR A 86 5.23 1.94 4.49
CA TYR A 86 5.33 1.29 3.18
C TYR A 86 5.41 2.32 2.06
N LEU A 87 5.90 1.87 0.89
CA LEU A 87 5.98 2.68 -0.34
C LEU A 87 5.12 1.98 -1.39
N PHE A 88 4.31 2.74 -2.11
CA PHE A 88 3.42 2.17 -3.13
C PHE A 88 3.66 2.84 -4.50
N GLN A 89 3.83 2.01 -5.53
CA GLN A 89 4.05 2.49 -6.91
C GLN A 89 2.81 2.20 -7.75
N ALA A 90 2.27 3.24 -8.39
CA ALA A 90 1.08 3.13 -9.24
C ALA A 90 1.47 2.67 -10.66
N LYS A 91 0.47 2.31 -11.48
CA LYS A 91 0.74 1.84 -12.85
C LYS A 91 -0.06 2.58 -13.94
N ASP A 92 -0.91 3.55 -13.57
CA ASP A 92 -1.71 4.27 -14.57
C ASP A 92 -1.76 5.79 -14.30
N ASP A 93 -0.59 6.37 -13.95
CA ASP A 93 -0.44 7.83 -13.70
C ASP A 93 -1.44 8.36 -12.65
N GLU A 94 -2.62 8.78 -13.14
CA GLU A 94 -3.71 9.33 -12.30
C GLU A 94 -4.05 8.39 -11.14
N GLU A 95 -3.78 7.11 -11.32
CA GLU A 95 -4.03 6.08 -10.30
C GLU A 95 -3.35 6.46 -8.97
N MET A 96 -2.15 7.03 -9.09
CA MET A 96 -1.37 7.48 -7.92
C MET A 96 -2.18 8.51 -7.10
N ASN A 97 -2.85 9.41 -7.80
CA ASN A 97 -3.69 10.44 -7.15
C ASN A 97 -4.96 9.79 -6.57
N THR A 98 -5.51 8.82 -7.31
CA THR A 98 -6.72 8.09 -6.88
C THR A 98 -6.45 7.34 -5.57
N TRP A 99 -5.25 6.75 -5.45
CA TRP A 99 -4.84 6.00 -4.24
C TRP A 99 -4.66 6.96 -3.06
N ILE A 100 -3.84 8.00 -3.24
CA ILE A 100 -3.56 9.00 -2.19
C ILE A 100 -4.87 9.63 -1.68
N GLN A 101 -5.72 10.08 -2.60
CA GLN A 101 -7.00 10.71 -2.25
C GLN A 101 -7.91 9.76 -1.46
N ALA A 102 -7.99 8.50 -1.90
CA ALA A 102 -8.83 7.50 -1.24
C ALA A 102 -8.32 7.19 0.18
N ILE A 103 -7.00 7.04 0.31
CA ILE A 103 -6.38 6.75 1.61
C ILE A 103 -6.47 7.96 2.56
N SER A 104 -6.21 9.15 2.04
CA SER A 104 -6.27 10.39 2.84
C SER A 104 -7.70 10.70 3.32
N SER A 105 -8.70 10.27 2.54
CA SER A 105 -10.12 10.50 2.89
C SER A 105 -10.67 9.35 3.76
N ALA A 106 -9.79 8.46 4.24
CA ALA A 106 -10.20 7.34 5.10
C ALA A 106 -10.27 7.79 6.55
N MET A 1 -8.60 3.37 -7.39
CA MET A 1 -9.63 2.32 -7.10
C MET A 1 -8.96 0.97 -6.93
N GLU A 2 -9.74 -0.03 -6.48
CA GLU A 2 -9.26 -1.41 -6.26
C GLU A 2 -8.42 -1.89 -7.46
N GLY A 3 -7.21 -2.37 -7.19
CA GLY A 3 -6.32 -2.83 -8.26
C GLY A 3 -4.96 -3.24 -7.74
N PHE A 4 -4.06 -3.52 -8.67
CA PHE A 4 -2.69 -3.93 -8.35
C PHE A 4 -1.83 -2.73 -7.94
N LEU A 5 -0.93 -2.99 -6.99
CA LEU A 5 -0.01 -2.00 -6.47
C LEU A 5 1.27 -2.72 -6.01
N ASN A 6 2.42 -2.09 -6.21
CA ASN A 6 3.68 -2.69 -5.75
C ASN A 6 3.87 -2.25 -4.30
N ARG A 7 4.04 -3.19 -3.38
CA ARG A 7 4.19 -2.87 -1.96
C ARG A 7 5.61 -3.13 -1.47
N LYS A 8 6.15 -2.15 -0.75
CA LYS A 8 7.50 -2.24 -0.17
C LYS A 8 7.52 -1.46 1.15
N HIS A 9 7.71 -2.17 2.24
CA HIS A 9 7.79 -1.53 3.55
C HIS A 9 9.21 -0.99 3.76
N GLU A 10 9.31 0.26 4.18
CA GLU A 10 10.60 0.92 4.40
C GLU A 10 11.02 0.81 5.86
N TRP A 11 10.06 1.03 6.76
CA TRP A 11 10.29 0.97 8.20
C TRP A 11 9.17 0.14 8.84
N GLU A 12 9.56 -0.88 9.61
CA GLU A 12 8.62 -1.79 10.29
C GLU A 12 8.61 -1.54 11.80
N ALA A 13 9.74 -1.07 12.33
CA ALA A 13 9.94 -0.78 13.77
C ALA A 13 10.55 -1.99 14.48
N HIS A 14 11.13 -2.93 13.72
CA HIS A 14 11.77 -4.13 14.27
C HIS A 14 13.27 -4.02 14.08
N ASN A 15 13.71 -4.03 12.82
CA ASN A 15 15.14 -3.90 12.47
C ASN A 15 15.47 -2.42 12.16
N LYS A 16 14.46 -1.55 12.33
CA LYS A 16 14.57 -0.10 12.08
C LYS A 16 14.62 0.21 10.57
N LYS A 17 14.34 -0.80 9.76
CA LYS A 17 14.30 -0.67 8.30
C LYS A 17 14.17 -2.06 7.67
N ALA A 18 13.58 -2.11 6.48
CA ALA A 18 13.37 -3.37 5.75
C ALA A 18 14.69 -3.91 5.19
N SER A 19 14.61 -5.07 4.53
CA SER A 19 15.76 -5.73 3.93
C SER A 19 15.63 -5.70 2.39
N SER A 20 16.62 -6.26 1.70
CA SER A 20 16.61 -6.29 0.24
C SER A 20 15.72 -7.43 -0.30
N ARG A 21 14.55 -7.59 0.31
CA ARG A 21 13.57 -8.61 -0.08
C ARG A 21 12.17 -7.98 -0.05
N SER A 22 12.05 -6.83 -0.71
CA SER A 22 10.79 -6.09 -0.75
C SER A 22 10.39 -5.79 -2.20
N TRP A 23 9.41 -4.90 -2.37
CA TRP A 23 8.87 -4.50 -3.69
C TRP A 23 8.25 -5.70 -4.38
N HIS A 24 7.03 -6.06 -3.96
CA HIS A 24 6.28 -7.18 -4.53
C HIS A 24 4.93 -6.70 -5.05
N ASN A 25 4.47 -7.26 -6.17
CA ASN A 25 3.19 -6.90 -6.78
C ASN A 25 2.05 -7.53 -5.97
N VAL A 26 1.22 -6.68 -5.37
CA VAL A 26 0.09 -7.13 -4.54
C VAL A 26 -1.20 -6.44 -4.99
N TYR A 27 -2.33 -7.01 -4.58
CA TYR A 27 -3.65 -6.47 -4.91
C TYR A 27 -4.20 -5.77 -3.66
N CYS A 28 -4.39 -4.46 -3.76
CA CYS A 28 -4.91 -3.67 -2.63
C CYS A 28 -6.37 -3.31 -2.83
N VAL A 29 -7.13 -3.34 -1.74
CA VAL A 29 -8.56 -3.01 -1.74
C VAL A 29 -8.85 -2.15 -0.51
N ILE A 30 -9.61 -1.08 -0.69
CA ILE A 30 -9.96 -0.17 0.41
C ILE A 30 -11.42 -0.35 0.79
N ASN A 31 -11.66 -0.53 2.08
CA ASN A 31 -12.99 -0.71 2.64
C ASN A 31 -13.22 0.35 3.73
N ASN A 32 -13.35 1.60 3.28
CA ASN A 32 -13.59 2.75 4.16
C ASN A 32 -12.38 3.05 5.06
N GLN A 33 -12.45 2.66 6.33
CA GLN A 33 -11.37 2.92 7.30
C GLN A 33 -10.31 1.82 7.32
N GLU A 34 -10.53 0.72 6.56
CA GLU A 34 -9.58 -0.40 6.53
C GLU A 34 -9.27 -0.79 5.09
N MET A 35 -8.13 -1.46 4.90
CA MET A 35 -7.70 -1.93 3.59
C MET A 35 -7.24 -3.39 3.69
N GLY A 36 -7.38 -4.13 2.60
CA GLY A 36 -6.99 -5.54 2.56
C GLY A 36 -5.93 -5.80 1.49
N PHE A 37 -4.91 -6.58 1.86
CA PHE A 37 -3.81 -6.97 0.96
C PHE A 37 -4.07 -8.38 0.43
N TYR A 38 -4.35 -8.50 -0.85
CA TYR A 38 -4.63 -9.81 -1.48
C TYR A 38 -3.62 -10.14 -2.57
N LYS A 39 -3.76 -11.34 -3.15
CA LYS A 39 -2.86 -11.81 -4.22
C LYS A 39 -3.26 -11.21 -5.57
N ASP A 40 -4.55 -11.30 -5.90
CA ASP A 40 -5.08 -10.77 -7.17
C ASP A 40 -6.55 -10.35 -7.01
N ALA A 41 -7.20 -10.06 -8.15
CA ALA A 41 -8.61 -9.66 -8.18
C ALA A 41 -9.52 -10.77 -7.66
N LYS A 42 -9.22 -12.02 -8.03
CA LYS A 42 -10.01 -13.18 -7.59
C LYS A 42 -9.86 -13.37 -6.08
N SER A 43 -8.61 -13.33 -5.60
CA SER A 43 -8.30 -13.49 -4.18
C SER A 43 -8.95 -12.36 -3.35
N ALA A 44 -8.98 -11.15 -3.93
CA ALA A 44 -9.57 -9.98 -3.27
C ALA A 44 -11.10 -10.05 -3.22
N ALA A 45 -11.70 -10.57 -4.29
CA ALA A 45 -13.16 -10.69 -4.39
C ALA A 45 -13.69 -11.77 -3.44
N SER A 46 -13.05 -12.93 -3.45
CA SER A 46 -13.46 -14.07 -2.60
C SER A 46 -13.04 -13.85 -1.13
N GLY A 47 -11.90 -13.19 -0.92
CA GLY A 47 -11.39 -12.92 0.42
C GLY A 47 -10.49 -14.05 0.90
N ILE A 48 -9.40 -14.28 0.15
CA ILE A 48 -8.43 -15.33 0.46
C ILE A 48 -7.25 -14.72 1.23
N PRO A 49 -6.89 -15.31 2.39
CA PRO A 49 -5.77 -14.81 3.23
C PRO A 49 -4.40 -15.02 2.56
N TYR A 50 -3.84 -13.93 2.02
CA TYR A 50 -2.54 -13.95 1.35
C TYR A 50 -1.39 -13.94 2.37
N HIS A 51 -1.61 -13.25 3.49
CA HIS A 51 -0.60 -13.15 4.57
C HIS A 51 -1.30 -13.19 5.93
N SER A 52 -0.52 -13.27 7.00
CA SER A 52 -1.05 -13.29 8.38
C SER A 52 -1.26 -11.86 8.89
N GLU A 53 -1.48 -10.93 7.95
CA GLU A 53 -1.71 -9.52 8.23
C GLU A 53 -2.35 -8.89 7.00
N VAL A 54 -3.51 -9.41 6.59
CA VAL A 54 -4.21 -8.93 5.40
C VAL A 54 -5.05 -7.66 5.70
N PRO A 55 -5.86 -7.64 6.79
CA PRO A 55 -6.69 -6.48 7.14
C PRO A 55 -5.92 -5.43 7.96
N VAL A 56 -5.64 -4.28 7.35
CA VAL A 56 -4.91 -3.19 8.01
C VAL A 56 -5.81 -1.95 8.08
N SER A 57 -5.79 -1.27 9.22
CA SER A 57 -6.58 -0.08 9.46
C SER A 57 -5.84 1.17 9.01
N LEU A 58 -6.58 2.16 8.51
CA LEU A 58 -6.03 3.44 8.04
C LEU A 58 -6.45 4.56 8.99
N LYS A 59 -5.97 4.48 10.23
CA LYS A 59 -6.28 5.48 11.26
C LYS A 59 -5.23 6.58 11.24
N GLU A 60 -5.60 7.76 10.72
CA GLU A 60 -4.69 8.91 10.62
C GLU A 60 -3.51 8.58 9.70
N ALA A 61 -3.79 7.88 8.61
CA ALA A 61 -2.76 7.48 7.64
C ALA A 61 -2.32 8.68 6.79
N ILE A 62 -1.06 9.07 6.94
CA ILE A 62 -0.50 10.19 6.18
C ILE A 62 0.16 9.66 4.90
N CYS A 63 0.00 10.39 3.82
CA CYS A 63 0.56 9.99 2.53
C CYS A 63 1.36 11.13 1.89
N GLU A 64 2.42 10.75 1.18
CA GLU A 64 3.31 11.69 0.49
C GLU A 64 3.60 11.19 -0.91
N VAL A 65 3.90 12.09 -1.83
CA VAL A 65 4.19 11.74 -3.23
C VAL A 65 5.70 11.54 -3.44
N ALA A 66 6.05 10.52 -4.20
CA ALA A 66 7.44 10.20 -4.54
C ALA A 66 7.52 9.91 -6.05
N LEU A 67 7.49 10.99 -6.84
CA LEU A 67 7.49 10.91 -8.32
C LEU A 67 8.86 10.50 -8.90
N ASP A 68 9.80 10.04 -8.08
CA ASP A 68 11.12 9.63 -8.59
C ASP A 68 11.89 8.81 -7.54
N TYR A 69 11.19 7.88 -6.87
CA TYR A 69 11.84 7.02 -5.85
C TYR A 69 12.55 5.82 -6.51
N LYS A 70 13.42 6.13 -7.48
CA LYS A 70 14.21 5.12 -8.21
C LYS A 70 14.79 5.77 -9.46
N LYS A 71 13.91 6.00 -10.43
CA LYS A 71 14.23 6.63 -11.70
C LYS A 71 12.95 7.17 -12.30
N LYS A 72 12.05 6.24 -12.61
CA LYS A 72 10.73 6.53 -13.19
C LYS A 72 9.64 5.88 -12.32
N LYS A 73 8.41 5.88 -12.84
CA LYS A 73 7.23 5.31 -12.15
C LYS A 73 6.76 6.23 -11.03
N HIS A 74 5.46 6.21 -10.81
CA HIS A 74 4.81 7.04 -9.79
C HIS A 74 4.71 6.26 -8.47
N VAL A 75 5.48 6.66 -7.47
CA VAL A 75 5.47 6.02 -6.15
C VAL A 75 4.95 7.01 -5.10
N PHE A 76 4.38 6.49 -4.02
CA PHE A 76 3.87 7.32 -2.93
C PHE A 76 4.15 6.64 -1.60
N LYS A 77 4.54 7.44 -0.61
CA LYS A 77 4.88 6.96 0.71
C LYS A 77 3.68 7.04 1.65
N LEU A 78 3.29 5.88 2.17
CA LEU A 78 2.16 5.77 3.10
C LEU A 78 2.71 5.54 4.51
N ARG A 79 2.59 6.56 5.38
CA ARG A 79 3.09 6.47 6.75
C ARG A 79 1.94 6.28 7.73
N LEU A 80 1.95 5.15 8.43
CA LEU A 80 0.95 4.83 9.43
C LEU A 80 1.50 5.17 10.81
N SER A 81 0.77 6.00 11.55
CA SER A 81 1.16 6.40 12.92
C SER A 81 1.10 5.19 13.86
N ASP A 82 0.32 4.18 13.46
CA ASP A 82 0.16 2.94 14.22
C ASP A 82 1.53 2.27 14.43
N GLY A 83 2.32 2.18 13.35
CA GLY A 83 3.65 1.59 13.42
C GLY A 83 4.05 0.92 12.11
N ASN A 84 4.08 1.71 11.00
CA ASN A 84 4.46 1.16 9.69
C ASN A 84 4.62 2.28 8.65
N GLU A 85 5.54 2.06 7.72
CA GLU A 85 5.82 3.00 6.62
C GLU A 85 5.95 2.19 5.32
N TYR A 86 4.96 2.33 4.42
CA TYR A 86 4.95 1.59 3.15
C TYR A 86 5.18 2.50 1.94
N LEU A 87 5.78 1.92 0.91
CA LEU A 87 6.03 2.59 -0.36
C LEU A 87 5.18 1.87 -1.41
N PHE A 88 4.33 2.60 -2.11
CA PHE A 88 3.44 2.01 -3.11
C PHE A 88 3.72 2.56 -4.51
N GLN A 89 3.89 1.66 -5.48
CA GLN A 89 4.14 2.04 -6.87
C GLN A 89 2.86 1.90 -7.69
N ALA A 90 2.42 3.00 -8.30
CA ALA A 90 1.22 3.03 -9.14
C ALA A 90 1.62 2.99 -10.62
N LYS A 91 0.67 2.65 -11.47
CA LYS A 91 0.93 2.56 -12.92
C LYS A 91 1.02 3.96 -13.56
N ASP A 92 0.04 4.83 -13.26
CA ASP A 92 0.00 6.19 -13.81
C ASP A 92 -0.27 7.22 -12.73
N ASP A 93 -0.25 8.49 -13.13
CA ASP A 93 -0.48 9.64 -12.23
C ASP A 93 -1.94 9.74 -11.76
N GLU A 94 -2.89 9.31 -12.61
CA GLU A 94 -4.32 9.35 -12.27
C GLU A 94 -4.63 8.38 -11.11
N GLU A 95 -4.19 7.13 -11.26
CA GLU A 95 -4.40 6.10 -10.24
C GLU A 95 -3.65 6.47 -8.96
N MET A 96 -2.41 6.97 -9.10
CA MET A 96 -1.57 7.39 -7.96
C MET A 96 -2.30 8.45 -7.11
N ASN A 97 -2.93 9.41 -7.79
CA ASN A 97 -3.69 10.49 -7.13
C ASN A 97 -4.88 9.90 -6.37
N THR A 98 -5.67 9.12 -7.10
CA THR A 98 -6.87 8.46 -6.56
C THR A 98 -6.53 7.58 -5.34
N TRP A 99 -5.41 6.85 -5.41
CA TRP A 99 -4.98 5.96 -4.31
C TRP A 99 -4.69 6.79 -3.05
N ILE A 100 -3.90 7.87 -3.20
CA ILE A 100 -3.55 8.76 -2.10
C ILE A 100 -4.81 9.40 -1.48
N GLN A 101 -5.72 9.85 -2.34
CA GLN A 101 -6.98 10.48 -1.90
C GLN A 101 -7.87 9.47 -1.17
N ALA A 102 -7.95 8.25 -1.71
CA ALA A 102 -8.76 7.17 -1.11
C ALA A 102 -8.25 6.82 0.29
N ILE A 103 -6.93 6.76 0.44
CA ILE A 103 -6.30 6.45 1.73
C ILE A 103 -6.50 7.60 2.73
N SER A 104 -6.57 8.82 2.21
CA SER A 104 -6.75 10.02 3.03
C SER A 104 -8.19 10.12 3.56
N SER A 105 -9.18 9.78 2.73
CA SER A 105 -10.59 9.85 3.11
C SER A 105 -11.48 8.98 2.22
N ALA A 106 -11.25 7.65 2.25
CA ALA A 106 -12.04 6.71 1.44
C ALA A 106 -13.51 6.73 1.89
N MET A 1 -10.35 2.17 -6.03
CA MET A 1 -10.94 1.33 -4.95
C MET A 1 -10.21 -0.01 -4.85
N GLU A 2 -10.06 -0.69 -5.99
CA GLU A 2 -9.39 -2.00 -6.05
C GLU A 2 -8.45 -2.05 -7.25
N GLY A 3 -7.30 -2.69 -7.08
CA GLY A 3 -6.33 -2.80 -8.16
C GLY A 3 -5.00 -3.33 -7.65
N PHE A 4 -4.06 -3.56 -8.57
CA PHE A 4 -2.73 -4.04 -8.24
C PHE A 4 -1.83 -2.86 -7.89
N LEU A 5 -0.95 -3.07 -6.93
CA LEU A 5 -0.03 -2.03 -6.49
C LEU A 5 1.30 -2.65 -6.07
N ASN A 6 2.38 -1.94 -6.34
CA ASN A 6 3.71 -2.38 -5.94
C ASN A 6 3.91 -1.85 -4.52
N ARG A 7 4.07 -2.76 -3.56
CA ARG A 7 4.22 -2.39 -2.14
C ARG A 7 5.60 -2.76 -1.61
N LYS A 8 6.28 -1.76 -1.03
CA LYS A 8 7.61 -1.95 -0.44
C LYS A 8 7.59 -1.48 1.01
N HIS A 9 7.93 -2.37 1.92
CA HIS A 9 7.97 -2.05 3.36
C HIS A 9 9.32 -1.44 3.72
N GLU A 10 9.37 -0.11 3.72
CA GLU A 10 10.60 0.64 4.01
C GLU A 10 10.90 0.63 5.52
N TRP A 11 9.88 0.96 6.32
CA TRP A 11 10.01 1.02 7.78
C TRP A 11 8.92 0.17 8.44
N GLU A 12 9.28 -0.50 9.53
CA GLU A 12 8.35 -1.35 10.29
C GLU A 12 8.68 -1.35 11.77
N ALA A 13 9.98 -1.28 12.09
CA ALA A 13 10.46 -1.28 13.49
C ALA A 13 11.46 -0.15 13.67
N HIS A 14 11.70 0.21 14.94
CA HIS A 14 12.65 1.29 15.29
C HIS A 14 14.10 0.81 15.11
N ASN A 15 14.49 0.61 13.85
CA ASN A 15 15.84 0.15 13.49
C ASN A 15 16.28 0.83 12.18
N LYS A 16 15.90 2.10 12.02
CA LYS A 16 16.22 2.91 10.83
C LYS A 16 15.47 2.41 9.58
N LYS A 17 15.64 1.13 9.25
CA LYS A 17 14.98 0.50 8.10
C LYS A 17 14.39 -0.85 8.51
N ALA A 18 13.52 -1.36 7.66
CA ALA A 18 12.85 -2.65 7.89
C ALA A 18 13.83 -3.83 7.81
N SER A 19 13.31 -5.02 8.11
CA SER A 19 14.11 -6.27 8.08
C SER A 19 14.29 -6.74 6.63
N SER A 20 13.21 -6.64 5.85
CA SER A 20 13.20 -7.03 4.44
C SER A 20 12.88 -5.81 3.57
N ARG A 21 13.02 -5.97 2.26
CA ARG A 21 12.77 -4.90 1.31
C ARG A 21 12.32 -5.51 -0.02
N SER A 22 11.19 -6.22 0.02
CA SER A 22 10.63 -6.89 -1.16
C SER A 22 9.56 -6.02 -1.83
N TRP A 23 9.69 -5.82 -3.14
CA TRP A 23 8.72 -5.04 -3.93
C TRP A 23 7.61 -5.99 -4.38
N HIS A 24 6.57 -6.09 -3.57
CA HIS A 24 5.43 -6.98 -3.83
C HIS A 24 4.37 -6.33 -4.71
N ASN A 25 4.04 -6.98 -5.83
CA ASN A 25 2.97 -6.51 -6.71
C ASN A 25 1.68 -7.12 -6.17
N VAL A 26 1.24 -6.59 -5.03
CA VAL A 26 0.06 -7.08 -4.32
C VAL A 26 -1.21 -6.35 -4.75
N TYR A 27 -2.35 -7.00 -4.52
CA TYR A 27 -3.67 -6.47 -4.85
C TYR A 27 -4.25 -5.77 -3.62
N CYS A 28 -4.38 -4.45 -3.71
CA CYS A 28 -4.90 -3.65 -2.60
C CYS A 28 -6.39 -3.35 -2.80
N VAL A 29 -7.16 -3.46 -1.71
CA VAL A 29 -8.59 -3.20 -1.70
C VAL A 29 -8.92 -2.31 -0.50
N ILE A 30 -9.54 -1.15 -0.76
CA ILE A 30 -9.89 -0.22 0.32
C ILE A 30 -11.30 -0.51 0.83
N ASN A 31 -11.45 -0.50 2.15
CA ASN A 31 -12.73 -0.74 2.82
C ASN A 31 -12.90 0.35 3.89
N ASN A 32 -12.99 1.60 3.42
CA ASN A 32 -13.14 2.77 4.29
C ASN A 32 -11.82 3.02 5.05
N GLN A 33 -11.87 3.01 6.39
CA GLN A 33 -10.67 3.21 7.21
C GLN A 33 -9.97 1.87 7.49
N GLU A 34 -9.92 1.03 6.43
CA GLU A 34 -9.28 -0.28 6.50
C GLU A 34 -8.92 -0.71 5.07
N MET A 35 -7.81 -1.43 4.93
CA MET A 35 -7.35 -1.90 3.61
C MET A 35 -6.98 -3.38 3.70
N GLY A 36 -7.29 -4.13 2.64
CA GLY A 36 -7.01 -5.56 2.57
C GLY A 36 -5.97 -5.87 1.49
N PHE A 37 -4.95 -6.64 1.85
CA PHE A 37 -3.88 -7.05 0.93
C PHE A 37 -4.18 -8.47 0.42
N TYR A 38 -4.48 -8.58 -0.87
CA TYR A 38 -4.80 -9.86 -1.51
C TYR A 38 -3.83 -10.14 -2.66
N LYS A 39 -3.86 -11.38 -3.17
CA LYS A 39 -2.98 -11.79 -4.27
C LYS A 39 -3.47 -11.25 -5.62
N ASP A 40 -4.79 -11.12 -5.79
CA ASP A 40 -5.39 -10.61 -7.03
C ASP A 40 -6.89 -10.34 -6.80
N ALA A 41 -7.61 -10.11 -7.90
CA ALA A 41 -9.06 -9.85 -7.85
C ALA A 41 -9.83 -11.07 -7.35
N LYS A 42 -9.46 -12.26 -7.82
CA LYS A 42 -10.11 -13.51 -7.41
C LYS A 42 -9.79 -13.82 -5.94
N SER A 43 -8.52 -13.66 -5.57
CA SER A 43 -8.08 -13.90 -4.19
C SER A 43 -8.75 -12.91 -3.23
N ALA A 44 -9.01 -11.69 -3.72
CA ALA A 44 -9.67 -10.65 -2.93
C ALA A 44 -11.16 -10.95 -2.80
N ALA A 45 -11.77 -11.35 -3.92
CA ALA A 45 -13.20 -11.69 -3.97
C ALA A 45 -13.51 -12.93 -3.13
N SER A 46 -12.59 -13.90 -3.14
CA SER A 46 -12.74 -15.15 -2.39
C SER A 46 -12.35 -14.98 -0.91
N GLY A 47 -11.33 -14.15 -0.64
CA GLY A 47 -10.87 -13.89 0.72
C GLY A 47 -9.66 -14.74 1.09
N ILE A 48 -8.67 -14.79 0.19
CA ILE A 48 -7.43 -15.56 0.40
C ILE A 48 -6.32 -14.61 0.88
N PRO A 49 -5.74 -14.88 2.07
CA PRO A 49 -4.67 -14.03 2.64
C PRO A 49 -3.32 -14.17 1.93
N TYR A 50 -2.77 -13.04 1.50
CA TYR A 50 -1.48 -12.97 0.81
C TYR A 50 -0.66 -11.81 1.39
N HIS A 51 -0.27 -11.94 2.64
CA HIS A 51 0.49 -10.90 3.35
C HIS A 51 0.68 -11.32 4.82
N SER A 52 1.50 -10.58 5.56
CA SER A 52 1.71 -10.84 6.99
C SER A 52 0.45 -10.44 7.75
N GLU A 53 -0.04 -9.23 7.44
CA GLU A 53 -1.27 -8.69 8.00
C GLU A 53 -2.14 -8.24 6.82
N VAL A 54 -3.13 -9.07 6.47
CA VAL A 54 -3.99 -8.77 5.32
C VAL A 54 -4.92 -7.59 5.62
N PRO A 55 -5.71 -7.60 6.72
CA PRO A 55 -6.61 -6.48 7.06
C PRO A 55 -5.87 -5.45 7.92
N VAL A 56 -5.37 -4.39 7.29
CA VAL A 56 -4.64 -3.33 7.98
C VAL A 56 -5.54 -2.11 8.22
N SER A 57 -5.47 -1.56 9.42
CA SER A 57 -6.26 -0.40 9.81
C SER A 57 -5.72 0.87 9.12
N LEU A 58 -6.58 1.52 8.33
CA LEU A 58 -6.22 2.74 7.61
C LEU A 58 -6.71 3.98 8.37
N LYS A 59 -6.55 3.95 9.70
CA LYS A 59 -6.95 5.04 10.57
C LYS A 59 -5.76 5.97 10.78
N GLU A 60 -5.91 7.24 10.39
CA GLU A 60 -4.85 8.25 10.51
C GLU A 60 -3.59 7.84 9.71
N ALA A 61 -3.80 7.58 8.41
CA ALA A 61 -2.72 7.17 7.52
C ALA A 61 -2.22 8.35 6.69
N ILE A 62 -0.95 8.71 6.87
CA ILE A 62 -0.35 9.83 6.14
C ILE A 62 0.16 9.34 4.79
N CYS A 63 -0.26 10.01 3.72
CA CYS A 63 0.14 9.66 2.35
C CYS A 63 0.97 10.79 1.75
N GLU A 64 2.27 10.52 1.52
CA GLU A 64 3.19 11.49 0.92
C GLU A 64 3.53 11.07 -0.52
N VAL A 65 3.95 12.03 -1.34
CA VAL A 65 4.31 11.74 -2.74
C VAL A 65 5.82 11.58 -2.89
N ALA A 66 6.23 10.64 -3.75
CA ALA A 66 7.64 10.34 -4.03
C ALA A 66 7.84 10.34 -5.54
N LEU A 67 8.14 11.52 -6.08
CA LEU A 67 8.34 11.70 -7.53
C LEU A 67 9.76 11.35 -7.97
N ASP A 68 10.69 11.24 -7.01
CA ASP A 68 12.09 10.90 -7.33
C ASP A 68 12.65 9.84 -6.36
N TYR A 69 12.00 8.68 -6.31
CA TYR A 69 12.47 7.58 -5.46
C TYR A 69 13.30 6.62 -6.31
N LYS A 70 14.34 7.17 -6.94
CA LYS A 70 15.26 6.41 -7.80
C LYS A 70 14.52 5.79 -8.99
N LYS A 71 14.24 6.63 -9.99
CA LYS A 71 13.54 6.23 -11.22
C LYS A 71 12.07 5.88 -10.94
N LYS A 72 11.57 4.85 -11.63
CA LYS A 72 10.18 4.38 -11.53
C LYS A 72 9.20 5.45 -12.08
N LYS A 73 7.92 5.11 -12.17
CA LYS A 73 6.91 6.05 -12.66
C LYS A 73 6.59 7.10 -11.59
N HIS A 74 5.59 6.78 -10.75
CA HIS A 74 5.18 7.65 -9.65
C HIS A 74 4.95 6.81 -8.41
N VAL A 75 5.64 7.16 -7.31
CA VAL A 75 5.52 6.43 -6.05
C VAL A 75 4.99 7.36 -4.95
N PHE A 76 4.42 6.78 -3.90
CA PHE A 76 3.88 7.54 -2.77
C PHE A 76 4.11 6.75 -1.48
N LYS A 77 4.47 7.46 -0.40
CA LYS A 77 4.72 6.85 0.90
C LYS A 77 3.46 6.84 1.75
N LEU A 78 3.04 5.66 2.15
CA LEU A 78 1.88 5.48 3.01
C LEU A 78 2.39 5.16 4.42
N ARG A 79 2.52 6.21 5.21
CA ARG A 79 3.04 6.13 6.57
C ARG A 79 1.89 6.13 7.58
N LEU A 80 1.76 5.03 8.33
CA LEU A 80 0.71 4.91 9.34
C LEU A 80 1.11 5.70 10.60
N SER A 81 0.14 5.91 11.51
CA SER A 81 0.37 6.68 12.75
C SER A 81 1.44 6.05 13.66
N ASP A 82 1.45 4.72 13.74
CA ASP A 82 2.42 3.99 14.58
C ASP A 82 2.34 2.48 14.28
N GLY A 83 2.91 2.06 13.16
CA GLY A 83 2.88 0.65 12.78
C GLY A 83 3.95 0.34 11.74
N ASN A 84 3.72 0.83 10.50
CA ASN A 84 4.64 0.61 9.38
C ASN A 84 4.54 1.78 8.41
N GLU A 85 5.52 1.88 7.52
CA GLU A 85 5.56 2.89 6.47
C GLU A 85 5.92 2.15 5.18
N TYR A 86 5.01 2.20 4.22
CA TYR A 86 5.17 1.48 2.95
C TYR A 86 5.25 2.45 1.77
N LEU A 87 5.97 2.04 0.73
CA LEU A 87 6.09 2.82 -0.51
C LEU A 87 5.21 2.14 -1.56
N PHE A 88 4.26 2.87 -2.11
CA PHE A 88 3.35 2.33 -3.11
C PHE A 88 3.65 2.92 -4.48
N GLN A 89 3.88 2.05 -5.46
CA GLN A 89 4.16 2.46 -6.84
C GLN A 89 2.97 2.12 -7.73
N ALA A 90 2.49 3.11 -8.48
CA ALA A 90 1.35 2.97 -9.40
C ALA A 90 1.85 2.92 -10.84
N LYS A 91 1.01 2.42 -11.75
CA LYS A 91 1.36 2.33 -13.18
C LYS A 91 0.86 3.54 -13.97
N ASP A 92 -0.01 4.35 -13.36
CA ASP A 92 -0.56 5.54 -14.02
C ASP A 92 -0.57 6.73 -13.03
N ASP A 93 -0.51 7.93 -13.58
CA ASP A 93 -0.51 9.17 -12.80
C ASP A 93 -1.87 9.39 -12.12
N GLU A 94 -2.95 9.12 -12.87
CA GLU A 94 -4.31 9.26 -12.35
C GLU A 94 -4.58 8.27 -11.22
N GLU A 95 -4.02 7.06 -11.37
CA GLU A 95 -4.15 6.02 -10.35
C GLU A 95 -3.46 6.46 -9.05
N MET A 96 -2.25 7.01 -9.18
CA MET A 96 -1.46 7.51 -8.04
C MET A 96 -2.27 8.53 -7.24
N ASN A 97 -2.90 9.48 -7.94
CA ASN A 97 -3.72 10.52 -7.32
C ASN A 97 -4.97 9.89 -6.65
N THR A 98 -5.61 8.95 -7.35
CA THR A 98 -6.81 8.26 -6.83
C THR A 98 -6.50 7.48 -5.54
N TRP A 99 -5.34 6.80 -5.52
CA TRP A 99 -4.92 6.02 -4.35
C TRP A 99 -4.64 6.96 -3.16
N ILE A 100 -3.80 7.97 -3.39
CA ILE A 100 -3.44 8.94 -2.36
C ILE A 100 -4.68 9.65 -1.80
N GLN A 101 -5.55 10.15 -2.68
CA GLN A 101 -6.77 10.85 -2.25
C GLN A 101 -7.71 9.92 -1.47
N ALA A 102 -7.85 8.68 -1.92
CA ALA A 102 -8.72 7.70 -1.25
C ALA A 102 -8.18 7.35 0.14
N ILE A 103 -6.86 7.19 0.23
CA ILE A 103 -6.19 6.87 1.49
C ILE A 103 -6.23 8.08 2.44
N SER A 104 -5.95 9.27 1.92
CA SER A 104 -5.97 10.52 2.71
C SER A 104 -7.38 10.84 3.21
N SER A 105 -8.40 10.47 2.43
CA SER A 105 -9.81 10.70 2.79
C SER A 105 -10.35 9.61 3.72
N ALA A 106 -9.47 8.77 4.28
CA ALA A 106 -9.89 7.70 5.19
C ALA A 106 -10.02 8.28 6.60
N MET A 1 -11.45 2.41 -5.20
CA MET A 1 -10.60 2.12 -6.39
C MET A 1 -9.73 0.89 -6.11
N GLU A 2 -10.36 -0.29 -6.17
CA GLU A 2 -9.67 -1.58 -5.94
C GLU A 2 -8.77 -1.92 -7.13
N GLY A 3 -7.59 -2.49 -6.87
CA GLY A 3 -6.67 -2.86 -7.94
C GLY A 3 -5.29 -3.23 -7.40
N PHE A 4 -4.38 -3.54 -8.34
CA PHE A 4 -3.00 -3.93 -8.02
C PHE A 4 -2.14 -2.70 -7.71
N LEU A 5 -1.15 -2.90 -6.86
CA LEU A 5 -0.20 -1.86 -6.45
C LEU A 5 1.12 -2.52 -6.11
N ASN A 6 2.24 -1.85 -6.41
CA ASN A 6 3.58 -2.37 -6.06
C ASN A 6 3.87 -1.96 -4.62
N ARG A 7 4.15 -2.92 -3.75
CA ARG A 7 4.39 -2.64 -2.33
C ARG A 7 5.80 -3.03 -1.90
N LYS A 8 6.48 -2.09 -1.25
CA LYS A 8 7.82 -2.29 -0.72
C LYS A 8 7.85 -1.70 0.69
N HIS A 9 8.02 -2.56 1.69
CA HIS A 9 8.04 -2.12 3.08
C HIS A 9 9.38 -1.50 3.46
N GLU A 10 9.31 -0.40 4.19
CA GLU A 10 10.50 0.32 4.66
C GLU A 10 10.73 -0.01 6.13
N TRP A 11 9.69 0.23 6.93
CA TRP A 11 9.72 -0.03 8.37
C TRP A 11 8.38 -0.62 8.80
N GLU A 12 8.42 -1.81 9.37
CA GLU A 12 7.22 -2.52 9.84
C GLU A 12 7.60 -3.35 11.07
N ALA A 13 8.45 -2.78 11.91
CA ALA A 13 8.92 -3.45 13.13
C ALA A 13 9.02 -2.42 14.25
N HIS A 14 10.12 -2.44 15.01
CA HIS A 14 10.32 -1.50 16.12
C HIS A 14 11.42 -0.49 15.79
N ASN A 15 12.58 -0.96 15.31
CA ASN A 15 13.72 -0.08 14.99
C ASN A 15 14.37 -0.45 13.66
N LYS A 16 14.49 -1.76 13.38
CA LYS A 16 15.12 -2.23 12.14
C LYS A 16 14.16 -2.12 10.94
N LYS A 17 14.76 -1.96 9.75
CA LYS A 17 14.00 -1.83 8.50
C LYS A 17 13.65 -3.22 7.93
N ALA A 18 12.83 -3.22 6.89
CA ALA A 18 12.41 -4.47 6.22
C ALA A 18 12.88 -4.46 4.76
N SER A 19 13.31 -5.62 4.27
CA SER A 19 13.79 -5.77 2.89
C SER A 19 13.62 -7.22 2.41
N SER A 20 12.53 -7.86 2.84
CA SER A 20 12.21 -9.23 2.46
C SER A 20 11.29 -9.22 1.24
N ARG A 21 10.14 -8.56 1.37
CA ARG A 21 9.16 -8.42 0.30
C ARG A 21 9.31 -7.04 -0.34
N SER A 22 10.50 -6.80 -0.89
CA SER A 22 10.84 -5.53 -1.54
C SER A 22 10.25 -5.45 -2.94
N TRP A 23 9.29 -4.55 -3.10
CA TRP A 23 8.60 -4.30 -4.37
C TRP A 23 7.90 -5.55 -4.91
N HIS A 24 6.77 -5.89 -4.31
CA HIS A 24 5.95 -7.04 -4.71
C HIS A 24 4.58 -6.54 -5.16
N ASN A 25 4.12 -7.01 -6.32
CA ASN A 25 2.82 -6.63 -6.87
C ASN A 25 1.68 -7.28 -6.05
N VAL A 26 1.16 -6.52 -5.09
CA VAL A 26 0.08 -7.00 -4.22
C VAL A 26 -1.23 -6.31 -4.58
N TYR A 27 -2.34 -6.99 -4.32
CA TYR A 27 -3.67 -6.47 -4.60
C TYR A 27 -4.22 -5.79 -3.34
N CYS A 28 -4.49 -4.49 -3.45
CA CYS A 28 -4.98 -3.69 -2.32
C CYS A 28 -6.47 -3.35 -2.50
N VAL A 29 -7.23 -3.50 -1.42
CA VAL A 29 -8.66 -3.22 -1.41
C VAL A 29 -8.99 -2.43 -0.15
N ILE A 30 -9.82 -1.38 -0.29
CA ILE A 30 -10.23 -0.55 0.85
C ILE A 30 -11.70 -0.83 1.16
N ASN A 31 -12.00 -1.15 2.42
CA ASN A 31 -13.37 -1.46 2.83
C ASN A 31 -13.80 -0.60 4.03
N ASN A 32 -13.75 0.72 3.85
CA ASN A 32 -14.15 1.68 4.89
C ASN A 32 -13.20 1.70 6.09
N GLN A 33 -12.39 2.75 6.18
CA GLN A 33 -11.44 2.95 7.29
C GLN A 33 -10.26 1.95 7.29
N GLU A 34 -10.49 0.72 6.80
CA GLU A 34 -9.46 -0.32 6.77
C GLU A 34 -9.27 -0.85 5.35
N MET A 35 -8.13 -1.51 5.13
CA MET A 35 -7.79 -2.09 3.84
C MET A 35 -7.33 -3.53 4.01
N GLY A 36 -7.51 -4.33 2.96
CA GLY A 36 -7.14 -5.75 2.96
C GLY A 36 -6.11 -6.03 1.86
N PHE A 37 -5.12 -6.86 2.19
CA PHE A 37 -4.06 -7.23 1.24
C PHE A 37 -4.33 -8.64 0.69
N TYR A 38 -4.51 -8.73 -0.62
CA TYR A 38 -4.78 -10.01 -1.30
C TYR A 38 -3.76 -10.26 -2.40
N LYS A 39 -3.67 -11.50 -2.87
CA LYS A 39 -2.73 -11.88 -3.93
C LYS A 39 -3.14 -11.27 -5.29
N ASP A 40 -4.42 -11.43 -5.64
CA ASP A 40 -4.95 -10.89 -6.92
C ASP A 40 -6.44 -10.56 -6.80
N ALA A 41 -7.07 -10.32 -7.96
CA ALA A 41 -8.50 -9.99 -8.04
C ALA A 41 -9.38 -11.15 -7.57
N LYS A 42 -8.96 -12.38 -7.88
CA LYS A 42 -9.69 -13.58 -7.46
C LYS A 42 -9.59 -13.75 -5.95
N SER A 43 -8.40 -13.48 -5.40
CA SER A 43 -8.17 -13.56 -3.95
C SER A 43 -9.03 -12.50 -3.24
N ALA A 44 -9.12 -11.31 -3.82
CA ALA A 44 -9.90 -10.20 -3.27
C ALA A 44 -11.40 -10.49 -3.36
N ALA A 45 -11.82 -11.13 -4.46
CA ALA A 45 -13.24 -11.46 -4.68
C ALA A 45 -13.67 -12.64 -3.79
N SER A 46 -12.95 -13.76 -3.88
CA SER A 46 -13.26 -14.96 -3.10
C SER A 46 -12.92 -14.81 -1.61
N GLY A 47 -12.09 -13.81 -1.28
CA GLY A 47 -11.69 -13.55 0.11
C GLY A 47 -10.64 -14.54 0.60
N ILE A 48 -9.51 -14.58 -0.11
CA ILE A 48 -8.39 -15.48 0.23
C ILE A 48 -7.31 -14.64 0.92
N PRO A 49 -6.91 -15.01 2.16
CA PRO A 49 -5.89 -14.27 2.93
C PRO A 49 -4.47 -14.36 2.33
N TYR A 50 -3.73 -13.25 2.47
CA TYR A 50 -2.35 -13.12 1.98
C TYR A 50 -1.49 -12.55 3.10
N HIS A 51 -0.25 -13.03 3.22
CA HIS A 51 0.70 -12.56 4.26
C HIS A 51 0.16 -12.88 5.68
N SER A 52 0.82 -12.37 6.71
CA SER A 52 0.40 -12.59 8.10
C SER A 52 -0.74 -11.62 8.47
N GLU A 53 -0.49 -10.32 8.30
CA GLU A 53 -1.48 -9.29 8.60
C GLU A 53 -2.24 -8.92 7.32
N VAL A 54 -3.39 -9.56 7.12
CA VAL A 54 -4.22 -9.31 5.94
C VAL A 54 -5.07 -8.03 6.10
N PRO A 55 -5.79 -7.86 7.25
CA PRO A 55 -6.61 -6.68 7.52
C PRO A 55 -5.82 -5.60 8.25
N VAL A 56 -5.63 -4.44 7.60
CA VAL A 56 -4.88 -3.34 8.19
C VAL A 56 -5.74 -2.07 8.25
N SER A 57 -5.64 -1.35 9.36
CA SER A 57 -6.38 -0.12 9.59
C SER A 57 -5.74 1.06 8.86
N LEU A 58 -6.57 1.89 8.24
CA LEU A 58 -6.12 3.06 7.47
C LEU A 58 -6.88 4.32 7.95
N LYS A 59 -7.17 4.38 9.25
CA LYS A 59 -7.90 5.50 9.85
C LYS A 59 -6.98 6.71 10.03
N GLU A 60 -7.06 7.65 9.08
CA GLU A 60 -6.24 8.88 9.08
C GLU A 60 -4.78 8.57 8.75
N ALA A 61 -4.54 7.98 7.59
CA ALA A 61 -3.19 7.63 7.15
C ALA A 61 -2.56 8.78 6.39
N ILE A 62 -1.27 9.01 6.63
CA ILE A 62 -0.52 10.07 5.94
C ILE A 62 0.11 9.48 4.69
N CYS A 63 0.04 10.21 3.59
CA CYS A 63 0.57 9.75 2.31
C CYS A 63 1.39 10.85 1.65
N GLU A 64 2.68 10.57 1.43
CA GLU A 64 3.60 11.52 0.78
C GLU A 64 3.85 11.08 -0.67
N VAL A 65 4.15 12.03 -1.54
CA VAL A 65 4.41 11.76 -2.95
C VAL A 65 5.92 11.72 -3.21
N ALA A 66 6.39 10.64 -3.81
CA ALA A 66 7.82 10.45 -4.14
C ALA A 66 7.98 10.38 -5.66
N LEU A 67 8.50 11.46 -6.24
CA LEU A 67 8.70 11.54 -7.69
C LEU A 67 10.06 10.97 -8.10
N ASP A 68 11.13 11.38 -7.41
CA ASP A 68 12.48 10.92 -7.75
C ASP A 68 12.84 9.60 -7.04
N TYR A 69 11.93 8.62 -7.11
CA TYR A 69 12.15 7.29 -6.53
C TYR A 69 11.96 6.26 -7.65
N LYS A 70 13.07 5.68 -8.14
CA LYS A 70 13.06 4.69 -9.25
C LYS A 70 12.76 5.35 -10.61
N LYS A 71 11.98 6.43 -10.60
CA LYS A 71 11.60 7.17 -11.81
C LYS A 71 10.74 6.30 -12.74
N LYS A 72 9.50 6.07 -12.32
CA LYS A 72 8.53 5.26 -13.07
C LYS A 72 7.13 5.70 -12.66
N LYS A 73 6.57 6.65 -13.42
CA LYS A 73 5.25 7.23 -13.18
C LYS A 73 5.23 8.01 -11.86
N HIS A 74 4.92 7.33 -10.76
CA HIS A 74 4.87 7.96 -9.45
C HIS A 74 4.85 6.93 -8.32
N VAL A 75 5.54 7.27 -7.24
CA VAL A 75 5.62 6.45 -6.04
C VAL A 75 5.10 7.29 -4.86
N PHE A 76 4.53 6.66 -3.84
CA PHE A 76 4.03 7.39 -2.69
C PHE A 76 4.31 6.61 -1.40
N LYS A 77 4.73 7.35 -0.37
CA LYS A 77 5.05 6.79 0.94
C LYS A 77 3.80 6.83 1.80
N LEU A 78 3.28 5.65 2.11
CA LEU A 78 2.06 5.51 2.91
C LEU A 78 2.42 5.17 4.36
N ARG A 79 2.19 6.14 5.24
CA ARG A 79 2.46 5.98 6.68
C ARG A 79 1.14 5.73 7.40
N LEU A 80 0.95 4.50 7.84
CA LEU A 80 -0.26 4.09 8.54
C LEU A 80 -0.34 4.70 9.94
N SER A 81 -1.56 4.83 10.42
CA SER A 81 -1.84 5.38 11.76
C SER A 81 -1.67 4.29 12.83
N ASP A 82 -0.56 3.55 12.72
CA ASP A 82 -0.24 2.46 13.64
C ASP A 82 1.26 2.51 13.94
N GLY A 83 2.05 2.05 12.98
CA GLY A 83 3.51 2.02 13.09
C GLY A 83 4.05 1.16 11.97
N ASN A 84 3.69 1.54 10.73
CA ASN A 84 4.08 0.83 9.51
C ASN A 84 4.28 1.85 8.41
N GLU A 85 5.29 1.64 7.57
CA GLU A 85 5.60 2.53 6.45
C GLU A 85 5.89 1.71 5.19
N TYR A 86 5.10 1.94 4.14
CA TYR A 86 5.25 1.21 2.87
C TYR A 86 5.37 2.17 1.69
N LEU A 87 6.19 1.79 0.69
CA LEU A 87 6.36 2.56 -0.54
C LEU A 87 5.45 1.93 -1.59
N PHE A 88 4.51 2.69 -2.10
CA PHE A 88 3.55 2.19 -3.09
C PHE A 88 3.79 2.83 -4.46
N GLN A 89 3.84 2.00 -5.50
CA GLN A 89 4.04 2.46 -6.89
C GLN A 89 2.73 2.25 -7.67
N ALA A 90 2.31 3.30 -8.37
CA ALA A 90 1.08 3.26 -9.18
C ALA A 90 1.38 2.82 -10.62
N LYS A 91 0.35 2.29 -11.29
CA LYS A 91 0.48 1.84 -12.68
C LYS A 91 0.52 3.04 -13.63
N ASP A 92 -0.31 4.05 -13.33
CA ASP A 92 -0.40 5.28 -14.12
C ASP A 92 -0.10 6.47 -13.21
N ASP A 93 0.24 7.60 -13.82
CA ASP A 93 0.57 8.84 -13.08
C ASP A 93 -0.66 9.35 -12.33
N GLU A 94 -1.79 9.44 -13.04
CA GLU A 94 -3.06 9.91 -12.46
C GLU A 94 -3.54 8.99 -11.34
N GLU A 95 -3.27 7.69 -11.50
CA GLU A 95 -3.65 6.67 -10.51
C GLU A 95 -3.11 7.01 -9.12
N MET A 96 -1.94 7.65 -9.08
CA MET A 96 -1.30 8.07 -7.81
C MET A 96 -2.24 8.99 -7.03
N ASN A 97 -2.84 9.97 -7.73
CA ASN A 97 -3.76 10.91 -7.09
C ASN A 97 -5.04 10.19 -6.64
N THR A 98 -5.54 9.29 -7.49
CA THR A 98 -6.76 8.51 -7.19
C THR A 98 -6.57 7.65 -5.93
N TRP A 99 -5.40 6.99 -5.82
CA TRP A 99 -5.08 6.12 -4.68
C TRP A 99 -4.86 6.95 -3.41
N ILE A 100 -4.04 8.02 -3.51
CA ILE A 100 -3.75 8.89 -2.35
C ILE A 100 -5.04 9.50 -1.78
N GLN A 101 -5.93 9.96 -2.66
CA GLN A 101 -7.20 10.55 -2.24
C GLN A 101 -8.10 9.48 -1.59
N ALA A 102 -8.09 8.27 -2.15
CA ALA A 102 -8.88 7.15 -1.61
C ALA A 102 -8.31 6.72 -0.25
N ILE A 103 -6.99 6.72 -0.14
CA ILE A 103 -6.28 6.36 1.11
C ILE A 103 -6.57 7.40 2.20
N SER A 104 -6.59 8.68 1.81
CA SER A 104 -6.86 9.78 2.74
C SER A 104 -8.31 9.78 3.22
N SER A 105 -9.21 9.29 2.36
CA SER A 105 -10.64 9.20 2.70
C SER A 105 -10.90 7.98 3.59
N ALA A 106 -10.32 6.84 3.21
CA ALA A 106 -10.43 5.58 3.96
C ALA A 106 -11.88 5.08 4.01
N MET A 1 -11.94 1.42 -5.11
CA MET A 1 -11.26 1.09 -3.82
C MET A 1 -10.46 -0.20 -3.95
N GLU A 2 -10.38 -0.77 -5.16
CA GLU A 2 -9.64 -2.02 -5.42
C GLU A 2 -8.71 -1.84 -6.62
N GLY A 3 -7.57 -2.53 -6.59
CA GLY A 3 -6.58 -2.46 -7.68
C GLY A 3 -5.23 -3.02 -7.23
N PHE A 4 -4.27 -3.02 -8.14
CA PHE A 4 -2.92 -3.51 -7.85
C PHE A 4 -2.05 -2.37 -7.33
N LEU A 5 -1.13 -2.72 -6.45
CA LEU A 5 -0.20 -1.77 -5.86
C LEU A 5 1.11 -2.50 -5.52
N ASN A 6 2.23 -1.81 -5.76
CA ASN A 6 3.55 -2.36 -5.44
C ASN A 6 3.87 -1.92 -4.01
N ARG A 7 4.00 -2.87 -3.11
CA ARG A 7 4.22 -2.58 -1.68
C ARG A 7 5.69 -2.81 -1.27
N LYS A 8 6.24 -1.82 -0.56
CA LYS A 8 7.62 -1.89 -0.07
C LYS A 8 7.69 -1.26 1.32
N HIS A 9 8.01 -2.07 2.33
CA HIS A 9 8.12 -1.58 3.71
C HIS A 9 9.53 -1.01 3.93
N GLU A 10 9.59 0.27 4.24
CA GLU A 10 10.87 0.97 4.47
C GLU A 10 11.25 0.92 5.94
N TRP A 11 10.26 1.14 6.81
CA TRP A 11 10.50 1.14 8.26
C TRP A 11 9.20 0.74 8.99
N GLU A 12 9.33 -0.21 9.92
CA GLU A 12 8.18 -0.70 10.69
C GLU A 12 8.54 -0.82 12.18
N ALA A 13 8.86 0.33 12.78
CA ALA A 13 9.21 0.42 14.21
C ALA A 13 10.56 -0.23 14.55
N HIS A 14 10.57 -1.54 14.60
CA HIS A 14 11.79 -2.32 14.94
C HIS A 14 12.71 -2.47 13.72
N ASN A 15 14.01 -2.23 13.96
CA ASN A 15 15.06 -2.33 12.92
C ASN A 15 15.07 -1.08 12.03
N LYS A 16 16.25 -0.73 11.51
CA LYS A 16 16.40 0.45 10.64
C LYS A 16 15.60 0.29 9.34
N LYS A 17 15.61 -0.93 8.79
CA LYS A 17 14.88 -1.25 7.56
C LYS A 17 14.22 -2.62 7.70
N ALA A 18 13.16 -2.82 6.93
CA ALA A 18 12.42 -4.08 6.95
C ALA A 18 13.10 -5.13 6.05
N SER A 19 14.33 -5.48 6.42
CA SER A 19 15.16 -6.46 5.70
C SER A 19 15.80 -5.77 4.48
N SER A 20 15.77 -6.41 3.32
CA SER A 20 16.34 -5.81 2.11
C SER A 20 15.59 -6.29 0.86
N ARG A 21 15.83 -5.59 -0.27
CA ARG A 21 15.20 -5.90 -1.56
C ARG A 21 13.74 -5.44 -1.57
N SER A 22 12.83 -6.26 -1.05
CA SER A 22 11.40 -5.95 -0.96
C SER A 22 10.76 -5.73 -2.34
N TRP A 23 9.70 -4.92 -2.34
CA TRP A 23 8.90 -4.59 -3.54
C TRP A 23 8.10 -5.81 -3.99
N HIS A 24 6.87 -5.91 -3.48
CA HIS A 24 5.96 -7.02 -3.77
C HIS A 24 4.68 -6.51 -4.43
N ASN A 25 4.36 -7.05 -5.61
CA ASN A 25 3.14 -6.69 -6.35
C ASN A 25 1.93 -7.37 -5.69
N VAL A 26 1.15 -6.60 -4.94
CA VAL A 26 -0.01 -7.13 -4.23
C VAL A 26 -1.29 -6.35 -4.61
N TYR A 27 -2.43 -6.98 -4.39
CA TYR A 27 -3.74 -6.39 -4.69
C TYR A 27 -4.36 -5.87 -3.39
N CYS A 28 -4.60 -4.57 -3.31
CA CYS A 28 -5.16 -3.95 -2.10
C CYS A 28 -6.65 -3.63 -2.28
N VAL A 29 -7.43 -3.89 -1.23
CA VAL A 29 -8.87 -3.62 -1.23
C VAL A 29 -9.23 -2.84 0.04
N ILE A 30 -9.63 -1.57 -0.11
CA ILE A 30 -10.00 -0.73 1.03
C ILE A 30 -11.42 -1.08 1.49
N ASN A 31 -11.60 -1.27 2.79
CA ASN A 31 -12.90 -1.64 3.37
C ASN A 31 -13.12 -0.97 4.74
N ASN A 32 -13.33 0.35 4.71
CA ASN A 32 -13.60 1.16 5.91
C ASN A 32 -12.42 1.19 6.92
N GLN A 33 -11.59 2.24 6.82
CA GLN A 33 -10.43 2.47 7.71
C GLN A 33 -9.38 1.33 7.71
N GLU A 34 -9.66 0.25 6.96
CA GLU A 34 -8.76 -0.90 6.86
C GLU A 34 -8.80 -1.49 5.47
N MET A 35 -7.66 -2.03 5.02
CA MET A 35 -7.57 -2.64 3.70
C MET A 35 -6.88 -4.00 3.79
N GLY A 36 -7.37 -4.96 3.01
CA GLY A 36 -6.82 -6.31 3.01
C GLY A 36 -5.98 -6.55 1.76
N PHE A 37 -4.86 -7.25 1.92
CA PHE A 37 -3.96 -7.56 0.81
C PHE A 37 -4.34 -8.92 0.22
N TYR A 38 -4.66 -8.93 -1.07
CA TYR A 38 -5.04 -10.14 -1.80
C TYR A 38 -4.04 -10.43 -2.92
N LYS A 39 -4.30 -11.49 -3.69
CA LYS A 39 -3.42 -11.87 -4.81
C LYS A 39 -3.78 -11.09 -6.09
N ASP A 40 -5.08 -10.93 -6.34
CA ASP A 40 -5.56 -10.21 -7.52
C ASP A 40 -7.06 -9.88 -7.38
N ALA A 41 -7.67 -9.47 -8.48
CA ALA A 41 -9.10 -9.11 -8.52
C ALA A 41 -10.00 -10.32 -8.24
N LYS A 42 -9.63 -11.49 -8.79
CA LYS A 42 -10.40 -12.72 -8.59
C LYS A 42 -10.28 -13.19 -7.13
N SER A 43 -9.05 -13.10 -6.59
CA SER A 43 -8.77 -13.48 -5.20
C SER A 43 -9.51 -12.54 -4.23
N ALA A 44 -9.53 -11.26 -4.56
CA ALA A 44 -10.21 -10.25 -3.72
C ALA A 44 -11.74 -10.36 -3.85
N ALA A 45 -12.22 -10.56 -5.09
CA ALA A 45 -13.66 -10.68 -5.37
C ALA A 45 -14.27 -11.91 -4.72
N SER A 46 -13.66 -13.08 -4.95
CA SER A 46 -14.16 -14.35 -4.39
C SER A 46 -13.80 -14.52 -2.90
N GLY A 47 -12.90 -13.68 -2.39
CA GLY A 47 -12.48 -13.72 -0.98
C GLY A 47 -11.56 -14.90 -0.71
N ILE A 48 -10.51 -15.02 -1.53
CA ILE A 48 -9.51 -16.10 -1.41
C ILE A 48 -8.28 -15.53 -0.72
N PRO A 49 -7.83 -16.13 0.39
CA PRO A 49 -6.64 -15.67 1.14
C PRO A 49 -5.34 -15.94 0.37
N TYR A 50 -4.56 -14.87 0.15
CA TYR A 50 -3.27 -14.96 -0.57
C TYR A 50 -2.24 -15.65 0.33
N HIS A 51 -2.19 -15.21 1.59
CA HIS A 51 -1.29 -15.78 2.60
C HIS A 51 -2.14 -16.47 3.66
N SER A 52 -2.93 -15.67 4.36
CA SER A 52 -3.83 -16.13 5.41
C SER A 52 -4.70 -14.94 5.81
N GLU A 53 -4.14 -14.10 6.68
CA GLU A 53 -4.79 -12.88 7.15
C GLU A 53 -3.76 -11.75 7.09
N VAL A 54 -3.89 -10.87 6.10
CA VAL A 54 -2.96 -9.76 5.91
C VAL A 54 -3.71 -8.43 5.78
N PRO A 55 -4.11 -7.87 6.94
CA PRO A 55 -4.86 -6.62 7.04
C PRO A 55 -3.96 -5.41 7.38
N VAL A 56 -4.16 -4.31 6.67
CA VAL A 56 -3.40 -3.08 6.90
C VAL A 56 -4.39 -1.93 7.12
N SER A 57 -4.22 -1.20 8.22
CA SER A 57 -5.09 -0.10 8.59
C SER A 57 -4.74 1.19 7.83
N LEU A 58 -5.78 1.95 7.48
CA LEU A 58 -5.64 3.22 6.77
C LEU A 58 -6.24 4.35 7.60
N LYS A 59 -6.24 4.15 8.92
CA LYS A 59 -6.77 5.13 9.87
C LYS A 59 -5.67 6.16 10.15
N GLU A 60 -5.93 7.42 9.79
CA GLU A 60 -4.98 8.53 9.98
C GLU A 60 -3.67 8.24 9.23
N ALA A 61 -3.80 7.90 7.95
CA ALA A 61 -2.66 7.57 7.11
C ALA A 61 -2.18 8.81 6.34
N ILE A 62 -0.97 9.26 6.64
CA ILE A 62 -0.36 10.41 5.97
C ILE A 62 0.26 9.95 4.66
N CYS A 63 0.09 10.74 3.60
CA CYS A 63 0.62 10.39 2.28
C CYS A 63 1.48 11.51 1.69
N GLU A 64 2.64 11.12 1.17
CA GLU A 64 3.61 12.04 0.56
C GLU A 64 3.97 11.49 -0.84
N VAL A 65 3.97 12.35 -1.85
CA VAL A 65 4.25 11.93 -3.24
C VAL A 65 5.76 11.81 -3.51
N ALA A 66 6.14 10.70 -4.15
CA ALA A 66 7.53 10.41 -4.53
C ALA A 66 7.53 9.95 -6.00
N LEU A 67 7.32 10.91 -6.91
CA LEU A 67 7.23 10.62 -8.35
C LEU A 67 8.56 10.13 -8.94
N ASP A 68 9.70 10.61 -8.42
CA ASP A 68 11.02 10.20 -8.93
C ASP A 68 11.92 9.72 -7.78
N TYR A 69 11.56 8.58 -7.19
CA TYR A 69 12.32 7.99 -6.08
C TYR A 69 13.49 7.15 -6.62
N LYS A 70 13.40 6.80 -7.89
CA LYS A 70 14.42 6.01 -8.61
C LYS A 70 13.91 5.78 -10.04
N LYS A 71 14.41 4.74 -10.72
CA LYS A 71 13.95 4.43 -12.10
C LYS A 71 12.46 4.06 -12.10
N LYS A 72 11.96 3.70 -10.92
CA LYS A 72 10.55 3.38 -10.70
C LYS A 72 9.83 4.66 -10.28
N LYS A 73 8.87 5.10 -11.09
CA LYS A 73 8.14 6.33 -10.84
C LYS A 73 6.74 6.03 -10.30
N HIS A 74 6.05 7.11 -10.04
CA HIS A 74 4.66 7.11 -9.53
C HIS A 74 4.56 6.35 -8.20
N VAL A 75 5.40 6.75 -7.23
CA VAL A 75 5.44 6.13 -5.92
C VAL A 75 4.98 7.15 -4.86
N PHE A 76 4.43 6.67 -3.76
CA PHE A 76 3.98 7.56 -2.69
C PHE A 76 4.32 6.92 -1.34
N LYS A 77 4.78 7.76 -0.42
CA LYS A 77 5.16 7.33 0.92
C LYS A 77 3.96 7.38 1.85
N LEU A 78 3.53 6.22 2.30
CA LEU A 78 2.38 6.09 3.22
C LEU A 78 2.90 5.95 4.65
N ARG A 79 2.59 6.94 5.48
CA ARG A 79 3.01 6.95 6.88
C ARG A 79 1.79 6.82 7.77
N LEU A 80 1.66 5.65 8.41
CA LEU A 80 0.55 5.37 9.31
C LEU A 80 0.83 5.99 10.69
N SER A 81 -0.24 6.26 11.44
CA SER A 81 -0.11 6.82 12.79
C SER A 81 0.26 5.72 13.80
N ASP A 82 1.15 4.82 13.37
CA ASP A 82 1.63 3.70 14.19
C ASP A 82 3.09 3.38 13.85
N GLY A 83 3.84 4.42 13.43
CA GLY A 83 5.26 4.29 13.08
C GLY A 83 5.47 3.66 11.69
N ASN A 84 4.64 2.67 11.34
CA ASN A 84 4.74 1.95 10.06
C ASN A 84 4.73 2.89 8.84
N GLU A 85 5.79 2.81 8.05
CA GLU A 85 5.98 3.61 6.84
C GLU A 85 6.22 2.68 5.63
N TYR A 86 5.34 2.77 4.63
CA TYR A 86 5.43 1.92 3.41
C TYR A 86 5.47 2.79 2.15
N LEU A 87 6.19 2.31 1.14
CA LEU A 87 6.27 2.98 -0.17
C LEU A 87 5.35 2.21 -1.11
N PHE A 88 4.36 2.89 -1.67
CA PHE A 88 3.40 2.27 -2.59
C PHE A 88 3.56 2.85 -3.98
N GLN A 89 3.64 1.99 -4.98
CA GLN A 89 3.81 2.40 -6.38
C GLN A 89 2.58 2.02 -7.21
N ALA A 90 2.08 2.99 -7.98
CA ALA A 90 0.92 2.78 -8.86
C ALA A 90 1.39 2.58 -10.31
N LYS A 91 0.48 2.14 -11.18
CA LYS A 91 0.80 1.91 -12.59
C LYS A 91 0.73 3.22 -13.39
N ASP A 92 -0.35 3.97 -13.19
CA ASP A 92 -0.55 5.26 -13.89
C ASP A 92 -0.50 6.43 -12.91
N ASP A 93 -0.18 7.61 -13.45
CA ASP A 93 -0.10 8.85 -12.68
C ASP A 93 -1.49 9.20 -12.11
N GLU A 94 -2.54 8.95 -12.91
CA GLU A 94 -3.91 9.22 -12.50
C GLU A 94 -4.32 8.23 -11.40
N GLU A 95 -3.93 6.97 -11.58
CA GLU A 95 -4.22 5.92 -10.60
C GLU A 95 -3.51 6.23 -9.28
N MET A 96 -2.28 6.75 -9.38
CA MET A 96 -1.48 7.13 -8.20
C MET A 96 -2.26 8.14 -7.35
N ASN A 97 -2.77 9.20 -8.01
CA ASN A 97 -3.56 10.23 -7.32
C ASN A 97 -4.85 9.62 -6.74
N THR A 98 -5.51 8.76 -7.52
CA THR A 98 -6.75 8.09 -7.08
C THR A 98 -6.50 7.25 -5.82
N TRP A 99 -5.36 6.56 -5.78
CA TRP A 99 -4.98 5.71 -4.64
C TRP A 99 -4.69 6.57 -3.40
N ILE A 100 -3.90 7.63 -3.58
CA ILE A 100 -3.55 8.55 -2.48
C ILE A 100 -4.83 9.18 -1.87
N GLN A 101 -5.75 9.60 -2.74
CA GLN A 101 -7.02 10.20 -2.30
C GLN A 101 -7.89 9.14 -1.61
N ALA A 102 -7.89 7.91 -2.14
CA ALA A 102 -8.65 6.79 -1.57
C ALA A 102 -8.13 6.45 -0.17
N ILE A 103 -6.80 6.45 -0.03
CA ILE A 103 -6.11 6.17 1.23
C ILE A 103 -6.42 7.26 2.27
N SER A 104 -6.53 8.51 1.81
CA SER A 104 -6.84 9.64 2.69
C SER A 104 -8.29 9.57 3.18
N SER A 105 -9.17 9.05 2.32
CA SER A 105 -10.59 8.89 2.63
C SER A 105 -10.79 7.65 3.52
N ALA A 106 -10.20 6.53 3.10
CA ALA A 106 -10.29 5.25 3.82
C ALA A 106 -11.72 4.72 3.87
N MET A 1 -9.64 2.49 -5.58
CA MET A 1 -10.23 1.78 -4.42
C MET A 1 -9.70 0.33 -4.36
N GLU A 2 -9.74 -0.35 -5.50
CA GLU A 2 -9.30 -1.75 -5.61
C GLU A 2 -8.48 -1.91 -6.90
N GLY A 3 -7.30 -2.54 -6.78
CA GLY A 3 -6.42 -2.77 -7.93
C GLY A 3 -5.02 -3.19 -7.48
N PHE A 4 -4.18 -3.57 -8.46
CA PHE A 4 -2.80 -3.99 -8.18
C PHE A 4 -1.92 -2.78 -7.86
N LEU A 5 -0.91 -3.02 -7.04
CA LEU A 5 0.02 -1.97 -6.61
C LEU A 5 1.36 -2.61 -6.21
N ASN A 6 2.46 -1.90 -6.46
CA ASN A 6 3.80 -2.36 -6.07
C ASN A 6 4.02 -1.88 -4.64
N ARG A 7 4.43 -2.77 -3.75
CA ARG A 7 4.61 -2.44 -2.33
C ARG A 7 6.02 -2.74 -1.83
N LYS A 8 6.70 -1.70 -1.33
CA LYS A 8 8.05 -1.83 -0.77
C LYS A 8 7.94 -1.61 0.74
N HIS A 9 8.10 -2.67 1.51
CA HIS A 9 8.02 -2.60 2.97
C HIS A 9 9.34 -2.11 3.58
N GLU A 10 9.39 -0.79 3.82
CA GLU A 10 10.57 -0.15 4.41
C GLU A 10 10.65 -0.51 5.90
N TRP A 11 9.51 -0.36 6.58
CA TRP A 11 9.38 -0.67 7.99
C TRP A 11 8.07 -1.44 8.18
N GLU A 12 8.19 -2.73 8.49
CA GLU A 12 7.03 -3.60 8.71
C GLU A 12 6.86 -3.81 10.20
N ALA A 13 7.96 -4.14 10.86
CA ALA A 13 8.00 -4.36 12.31
C ALA A 13 9.45 -4.40 12.75
N HIS A 14 9.81 -5.39 13.57
CA HIS A 14 11.19 -5.57 14.07
C HIS A 14 11.62 -4.38 14.93
N ASN A 15 12.31 -3.40 14.34
CA ASN A 15 12.76 -2.23 15.10
C ASN A 15 13.08 -1.03 14.18
N LYS A 16 14.13 -1.15 13.37
CA LYS A 16 14.56 -0.06 12.47
C LYS A 16 14.16 -0.29 11.01
N LYS A 17 14.00 -1.54 10.59
CA LYS A 17 13.64 -1.84 9.20
C LYS A 17 13.21 -3.29 9.06
N ALA A 18 12.89 -3.66 7.83
CA ALA A 18 12.48 -5.02 7.47
C ALA A 18 13.73 -5.84 7.12
N SER A 19 13.52 -7.07 6.67
CA SER A 19 14.65 -7.94 6.28
C SER A 19 15.29 -7.42 5.00
N SER A 20 14.46 -7.14 4.00
CA SER A 20 14.91 -6.60 2.72
C SER A 20 13.84 -5.67 2.15
N ARG A 21 14.25 -4.72 1.31
CA ARG A 21 13.32 -3.76 0.70
C ARG A 21 12.83 -4.31 -0.65
N SER A 22 12.17 -5.46 -0.60
CA SER A 22 11.64 -6.12 -1.80
C SER A 22 10.41 -5.39 -2.34
N TRP A 23 10.32 -5.31 -3.67
CA TRP A 23 9.20 -4.66 -4.36
C TRP A 23 8.21 -5.74 -4.79
N HIS A 24 7.21 -5.99 -3.95
CA HIS A 24 6.21 -7.03 -4.19
C HIS A 24 4.94 -6.42 -4.80
N ASN A 25 4.41 -7.08 -5.83
CA ASN A 25 3.18 -6.66 -6.49
C ASN A 25 2.00 -7.31 -5.76
N VAL A 26 1.18 -6.49 -5.10
CA VAL A 26 0.04 -6.98 -4.31
C VAL A 26 -1.26 -6.32 -4.76
N TYR A 27 -2.37 -6.97 -4.45
CA TYR A 27 -3.70 -6.47 -4.79
C TYR A 27 -4.29 -5.78 -3.57
N CYS A 28 -4.34 -4.45 -3.60
CA CYS A 28 -4.86 -3.66 -2.48
C CYS A 28 -6.33 -3.29 -2.70
N VAL A 29 -7.12 -3.37 -1.62
CA VAL A 29 -8.55 -3.04 -1.65
C VAL A 29 -8.89 -2.25 -0.38
N ILE A 30 -9.39 -1.03 -0.55
CA ILE A 30 -9.74 -0.16 0.58
C ILE A 30 -11.22 -0.34 0.93
N ASN A 31 -11.47 -0.90 2.11
CA ASN A 31 -12.84 -1.13 2.59
C ASN A 31 -13.11 -0.19 3.77
N ASN A 32 -13.51 1.03 3.45
CA ASN A 32 -13.81 2.07 4.43
C ASN A 32 -12.55 2.51 5.17
N GLN A 33 -12.39 2.07 6.43
CA GLN A 33 -11.21 2.43 7.24
C GLN A 33 -10.36 1.19 7.53
N GLU A 34 -10.48 0.17 6.66
CA GLU A 34 -9.73 -1.07 6.75
C GLU A 34 -9.38 -1.52 5.34
N MET A 35 -8.09 -1.72 5.06
CA MET A 35 -7.64 -2.14 3.73
C MET A 35 -7.17 -3.59 3.77
N GLY A 36 -7.40 -4.32 2.68
CA GLY A 36 -7.01 -5.72 2.57
C GLY A 36 -5.97 -5.92 1.48
N PHE A 37 -4.88 -6.60 1.84
CA PHE A 37 -3.79 -6.92 0.92
C PHE A 37 -3.94 -8.37 0.44
N TYR A 38 -4.57 -8.54 -0.71
CA TYR A 38 -4.83 -9.87 -1.28
C TYR A 38 -3.83 -10.23 -2.38
N LYS A 39 -3.97 -11.45 -2.89
CA LYS A 39 -3.10 -11.97 -3.95
C LYS A 39 -3.47 -11.33 -5.29
N ASP A 40 -4.72 -11.49 -5.71
CA ASP A 40 -5.22 -10.90 -6.96
C ASP A 40 -6.72 -10.62 -6.86
N ALA A 41 -7.36 -10.37 -8.01
CA ALA A 41 -8.79 -10.04 -8.09
C ALA A 41 -9.70 -11.14 -7.51
N LYS A 42 -9.40 -12.42 -7.81
CA LYS A 42 -10.23 -13.53 -7.32
C LYS A 42 -10.06 -13.72 -5.82
N SER A 43 -8.83 -13.52 -5.33
CA SER A 43 -8.50 -13.64 -3.90
C SER A 43 -9.08 -12.48 -3.10
N ALA A 44 -9.21 -11.32 -3.75
CA ALA A 44 -9.76 -10.11 -3.13
C ALA A 44 -11.29 -10.15 -3.11
N ALA A 45 -11.88 -10.55 -4.24
CA ALA A 45 -13.34 -10.62 -4.38
C ALA A 45 -13.95 -11.73 -3.51
N SER A 46 -13.40 -12.94 -3.61
CA SER A 46 -13.90 -14.10 -2.85
C SER A 46 -13.50 -14.03 -1.36
N GLY A 47 -12.54 -13.18 -1.01
CA GLY A 47 -12.09 -13.03 0.38
C GLY A 47 -11.20 -14.19 0.81
N ILE A 48 -10.02 -14.27 0.20
CA ILE A 48 -9.03 -15.31 0.51
C ILE A 48 -7.78 -14.62 1.07
N PRO A 49 -7.35 -14.99 2.30
CA PRO A 49 -6.16 -14.38 2.93
C PRO A 49 -4.84 -14.76 2.23
N TYR A 50 -4.04 -13.75 1.91
CA TYR A 50 -2.76 -13.94 1.23
C TYR A 50 -1.60 -13.98 2.25
N HIS A 51 -1.84 -14.67 3.39
CA HIS A 51 -0.85 -14.82 4.47
C HIS A 51 -0.48 -13.47 5.11
N SER A 52 0.12 -13.54 6.30
CA SER A 52 0.54 -12.39 7.06
C SER A 52 -0.67 -11.55 7.48
N GLU A 53 -0.41 -10.28 7.65
CA GLU A 53 -1.44 -9.30 8.04
C GLU A 53 -2.21 -8.85 6.81
N VAL A 54 -3.29 -9.55 6.50
CA VAL A 54 -4.13 -9.24 5.34
C VAL A 54 -4.98 -7.99 5.60
N PRO A 55 -5.71 -7.93 6.75
CA PRO A 55 -6.55 -6.77 7.09
C PRO A 55 -5.78 -5.74 7.93
N VAL A 56 -5.58 -4.55 7.35
CA VAL A 56 -4.86 -3.46 8.02
C VAL A 56 -5.77 -2.24 8.16
N SER A 57 -5.73 -1.59 9.33
CA SER A 57 -6.56 -0.44 9.61
C SER A 57 -5.99 0.82 8.95
N LEU A 58 -6.85 1.55 8.24
CA LEU A 58 -6.49 2.79 7.56
C LEU A 58 -7.26 3.95 8.19
N LYS A 59 -6.94 4.23 9.45
CA LYS A 59 -7.61 5.29 10.22
C LYS A 59 -6.73 6.55 10.27
N GLU A 60 -7.08 7.55 9.46
CA GLU A 60 -6.36 8.84 9.39
C GLU A 60 -4.87 8.62 9.06
N ALA A 61 -4.59 7.94 7.95
CA ALA A 61 -3.22 7.66 7.53
C ALA A 61 -2.57 8.87 6.85
N ILE A 62 -1.24 8.96 6.97
CA ILE A 62 -0.44 10.03 6.37
C ILE A 62 0.17 9.50 5.07
N CYS A 63 0.22 10.34 4.04
CA CYS A 63 0.75 9.93 2.74
C CYS A 63 1.52 11.07 2.07
N GLU A 64 2.74 10.74 1.59
CA GLU A 64 3.60 11.70 0.89
C GLU A 64 3.84 11.19 -0.53
N VAL A 65 4.19 12.10 -1.45
CA VAL A 65 4.43 11.73 -2.86
C VAL A 65 5.93 11.56 -3.14
N ALA A 66 6.24 10.59 -4.00
CA ALA A 66 7.61 10.27 -4.42
C ALA A 66 7.62 10.13 -5.94
N LEU A 67 7.74 11.27 -6.63
CA LEU A 67 7.74 11.33 -8.11
C LEU A 67 8.88 10.51 -8.74
N ASP A 68 10.11 10.82 -8.37
CA ASP A 68 11.29 10.13 -8.90
C ASP A 68 12.05 9.45 -7.77
N TYR A 69 11.54 8.28 -7.34
CA TYR A 69 12.19 7.50 -6.27
C TYR A 69 13.25 6.58 -6.89
N LYS A 70 14.30 7.21 -7.44
CA LYS A 70 15.42 6.51 -8.10
C LYS A 70 14.97 5.82 -9.40
N LYS A 71 14.47 6.63 -10.34
CA LYS A 71 14.00 6.13 -11.65
C LYS A 71 12.76 5.25 -11.49
N LYS A 72 11.64 5.88 -11.19
CA LYS A 72 10.36 5.18 -11.00
C LYS A 72 9.24 5.95 -11.70
N LYS A 73 8.07 5.32 -11.77
CA LYS A 73 6.89 5.92 -12.41
C LYS A 73 6.26 6.98 -11.49
N HIS A 74 5.43 6.52 -10.57
CA HIS A 74 4.74 7.39 -9.59
C HIS A 74 4.58 6.60 -8.29
N VAL A 75 5.37 6.95 -7.28
CA VAL A 75 5.35 6.27 -5.98
C VAL A 75 4.88 7.22 -4.88
N PHE A 76 4.38 6.67 -3.78
CA PHE A 76 3.92 7.45 -2.63
C PHE A 76 4.20 6.70 -1.34
N LYS A 77 4.66 7.44 -0.32
CA LYS A 77 5.00 6.87 0.99
C LYS A 77 3.77 6.87 1.88
N LEU A 78 3.13 5.71 2.01
CA LEU A 78 1.95 5.54 2.84
C LEU A 78 2.37 5.11 4.24
N ARG A 79 2.12 5.98 5.22
CA ARG A 79 2.48 5.74 6.61
C ARG A 79 1.23 5.53 7.45
N LEU A 80 1.09 4.33 8.02
CA LEU A 80 -0.07 4.03 8.88
C LEU A 80 0.17 4.69 10.24
N SER A 81 -0.80 5.49 10.69
CA SER A 81 -0.70 6.23 11.97
C SER A 81 -0.47 5.31 13.17
N ASP A 82 -0.91 4.05 13.05
CA ASP A 82 -0.73 3.06 14.12
C ASP A 82 -0.51 1.70 13.49
N GLY A 83 0.34 1.68 12.46
CA GLY A 83 0.66 0.45 11.74
C GLY A 83 2.08 0.50 11.17
N ASN A 84 2.19 0.03 9.91
CA ASN A 84 3.47 -0.07 9.19
C ASN A 84 3.68 1.11 8.22
N GLU A 85 4.83 1.08 7.52
CA GLU A 85 5.23 2.07 6.52
C GLU A 85 5.49 1.35 5.18
N TYR A 86 4.87 1.80 4.09
CA TYR A 86 5.05 1.16 2.77
C TYR A 86 5.15 2.18 1.63
N LEU A 87 5.96 1.88 0.62
CA LEU A 87 6.07 2.71 -0.59
C LEU A 87 5.21 2.06 -1.65
N PHE A 88 4.14 2.74 -2.08
CA PHE A 88 3.24 2.19 -3.08
C PHE A 88 3.51 2.82 -4.44
N GLN A 89 3.84 1.97 -5.41
CA GLN A 89 4.15 2.40 -6.78
C GLN A 89 2.97 2.14 -7.70
N ALA A 90 2.46 3.21 -8.34
CA ALA A 90 1.36 3.13 -9.28
C ALA A 90 1.89 3.09 -10.72
N LYS A 91 1.02 2.79 -11.66
CA LYS A 91 1.40 2.71 -13.08
C LYS A 91 1.11 4.04 -13.77
N ASP A 92 -0.08 4.58 -13.51
CA ASP A 92 -0.51 5.86 -14.12
C ASP A 92 -0.50 6.97 -13.05
N ASP A 93 -0.31 8.21 -13.50
CA ASP A 93 -0.31 9.38 -12.61
C ASP A 93 -1.72 9.61 -12.05
N GLU A 94 -2.73 9.27 -12.85
CA GLU A 94 -4.14 9.39 -12.44
C GLU A 94 -4.43 8.37 -11.33
N GLU A 95 -3.81 7.19 -11.46
CA GLU A 95 -3.94 6.11 -10.49
C GLU A 95 -3.33 6.52 -9.14
N MET A 96 -2.15 7.13 -9.19
CA MET A 96 -1.44 7.60 -7.98
C MET A 96 -2.31 8.59 -7.21
N ASN A 97 -2.88 9.57 -7.91
CA ASN A 97 -3.75 10.58 -7.29
C ASN A 97 -5.01 9.92 -6.70
N THR A 98 -5.59 8.98 -7.46
CA THR A 98 -6.80 8.25 -7.02
C THR A 98 -6.54 7.47 -5.72
N TRP A 99 -5.36 6.85 -5.61
CA TRP A 99 -4.98 6.09 -4.41
C TRP A 99 -4.79 7.02 -3.21
N ILE A 100 -3.95 8.04 -3.38
CA ILE A 100 -3.67 9.01 -2.31
C ILE A 100 -4.95 9.73 -1.84
N GLN A 101 -5.78 10.15 -2.80
CA GLN A 101 -7.05 10.84 -2.49
C GLN A 101 -8.00 9.95 -1.67
N ALA A 102 -8.11 8.69 -2.07
CA ALA A 102 -8.98 7.73 -1.39
C ALA A 102 -8.46 7.40 0.01
N ILE A 103 -7.14 7.31 0.16
CA ILE A 103 -6.51 6.99 1.45
C ILE A 103 -6.59 8.20 2.40
N SER A 104 -6.16 9.37 1.92
CA SER A 104 -6.19 10.61 2.73
C SER A 104 -7.61 10.97 3.18
N SER A 105 -8.60 10.65 2.33
CA SER A 105 -10.01 10.93 2.63
C SER A 105 -10.80 9.63 2.84
N ALA A 106 -10.15 8.62 3.45
CA ALA A 106 -10.78 7.32 3.71
C ALA A 106 -11.80 7.45 4.84
N MET A 1 -12.51 1.15 -4.75
CA MET A 1 -11.13 1.72 -4.72
C MET A 1 -10.15 0.59 -4.41
N GLU A 2 -9.79 -0.14 -5.46
CA GLU A 2 -8.89 -1.28 -5.35
C GLU A 2 -8.11 -1.48 -6.65
N GLY A 3 -7.11 -2.35 -6.61
CA GLY A 3 -6.29 -2.66 -7.78
C GLY A 3 -4.90 -3.13 -7.37
N PHE A 4 -4.09 -3.45 -8.38
CA PHE A 4 -2.72 -3.93 -8.17
C PHE A 4 -1.80 -2.77 -7.81
N LEU A 5 -0.83 -3.05 -6.96
CA LEU A 5 0.14 -2.06 -6.50
C LEU A 5 1.44 -2.76 -6.09
N ASN A 6 2.56 -2.07 -6.28
CA ASN A 6 3.87 -2.59 -5.87
C ASN A 6 4.13 -2.07 -4.45
N ARG A 7 4.25 -2.97 -3.48
CA ARG A 7 4.44 -2.58 -2.08
C ARG A 7 5.86 -2.83 -1.60
N LYS A 8 6.40 -1.86 -0.86
CA LYS A 8 7.75 -1.94 -0.29
C LYS A 8 7.69 -1.47 1.16
N HIS A 9 8.00 -2.37 2.08
CA HIS A 9 8.00 -2.05 3.51
C HIS A 9 9.31 -1.33 3.88
N GLU A 10 9.23 -0.02 3.99
CA GLU A 10 10.39 0.82 4.34
C GLU A 10 10.76 0.61 5.81
N TRP A 11 9.77 0.68 6.68
CA TRP A 11 9.96 0.49 8.11
C TRP A 11 8.71 -0.15 8.70
N GLU A 12 8.91 -1.11 9.61
CA GLU A 12 7.81 -1.82 10.27
C GLU A 12 8.05 -1.87 11.78
N ALA A 13 9.28 -2.20 12.18
CA ALA A 13 9.63 -2.29 13.60
C ALA A 13 11.15 -2.16 13.75
N HIS A 14 11.61 -1.99 15.00
CA HIS A 14 13.04 -1.85 15.33
C HIS A 14 13.59 -0.53 14.77
N ASN A 15 14.92 -0.37 14.83
CA ASN A 15 15.59 0.85 14.34
C ASN A 15 16.40 0.51 13.09
N LYS A 16 15.78 -0.21 12.16
CA LYS A 16 16.42 -0.61 10.90
C LYS A 16 15.38 -0.66 9.78
N LYS A 17 15.84 -0.42 8.54
CA LYS A 17 14.96 -0.44 7.36
C LYS A 17 15.07 -1.80 6.66
N ALA A 18 14.04 -2.18 5.91
CA ALA A 18 14.04 -3.45 5.19
C ALA A 18 14.81 -3.33 3.87
N SER A 19 15.68 -4.29 3.60
CA SER A 19 16.50 -4.31 2.37
C SER A 19 16.76 -5.76 1.94
N SER A 20 15.71 -6.56 1.86
CA SER A 20 15.78 -7.96 1.45
C SER A 20 14.43 -8.39 0.90
N ARG A 21 14.32 -8.43 -0.43
CA ARG A 21 13.07 -8.79 -1.14
C ARG A 21 11.98 -7.76 -0.84
N SER A 22 12.39 -6.51 -0.62
CA SER A 22 11.46 -5.42 -0.30
C SER A 22 10.99 -4.72 -1.57
N TRP A 23 9.98 -5.31 -2.20
CA TRP A 23 9.33 -4.81 -3.45
C TRP A 23 8.58 -5.98 -4.08
N HIS A 24 7.24 -5.99 -3.94
CA HIS A 24 6.40 -7.08 -4.50
C HIS A 24 5.06 -6.54 -4.99
N ASN A 25 4.53 -7.18 -6.04
CA ASN A 25 3.22 -6.83 -6.62
C ASN A 25 2.12 -7.48 -5.78
N VAL A 26 1.23 -6.66 -5.24
CA VAL A 26 0.12 -7.13 -4.41
C VAL A 26 -1.18 -6.42 -4.79
N TYR A 27 -2.32 -7.03 -4.45
CA TYR A 27 -3.63 -6.46 -4.74
C TYR A 27 -4.20 -5.84 -3.47
N CYS A 28 -4.35 -4.51 -3.48
CA CYS A 28 -4.86 -3.77 -2.32
C CYS A 28 -6.31 -3.34 -2.54
N VAL A 29 -7.16 -3.56 -1.53
CA VAL A 29 -8.58 -3.18 -1.57
C VAL A 29 -8.91 -2.35 -0.34
N ILE A 30 -9.36 -1.12 -0.54
CA ILE A 30 -9.72 -0.21 0.57
C ILE A 30 -11.19 -0.39 0.93
N ASN A 31 -11.47 -0.50 2.23
CA ASN A 31 -12.83 -0.67 2.75
C ASN A 31 -13.03 0.24 3.97
N ASN A 32 -13.68 1.38 3.74
CA ASN A 32 -13.98 2.38 4.78
C ASN A 32 -12.69 2.94 5.42
N GLN A 33 -12.26 2.35 6.54
CA GLN A 33 -11.04 2.78 7.25
C GLN A 33 -10.12 1.59 7.52
N GLU A 34 -10.16 0.60 6.60
CA GLU A 34 -9.34 -0.61 6.69
C GLU A 34 -9.02 -1.08 5.27
N MET A 35 -7.97 -1.87 5.12
CA MET A 35 -7.58 -2.38 3.81
C MET A 35 -7.01 -3.79 3.93
N GLY A 36 -7.22 -4.59 2.88
CA GLY A 36 -6.75 -5.97 2.83
C GLY A 36 -5.78 -6.18 1.67
N PHE A 37 -4.74 -6.98 1.91
CA PHE A 37 -3.73 -7.28 0.89
C PHE A 37 -3.95 -8.69 0.34
N TYR A 38 -4.47 -8.78 -0.89
CA TYR A 38 -4.75 -10.05 -1.55
C TYR A 38 -3.80 -10.28 -2.72
N LYS A 39 -3.94 -11.44 -3.38
CA LYS A 39 -3.10 -11.79 -4.53
C LYS A 39 -3.61 -11.11 -5.81
N ASP A 40 -4.93 -11.07 -5.98
CA ASP A 40 -5.57 -10.45 -7.15
C ASP A 40 -7.04 -10.11 -6.85
N ALA A 41 -7.78 -9.71 -7.88
CA ALA A 41 -9.21 -9.36 -7.76
C ALA A 41 -10.05 -10.57 -7.34
N LYS A 42 -9.74 -11.75 -7.86
CA LYS A 42 -10.46 -12.98 -7.52
C LYS A 42 -10.18 -13.37 -6.08
N SER A 43 -8.92 -13.23 -5.66
CA SER A 43 -8.50 -13.53 -4.29
C SER A 43 -9.20 -12.61 -3.28
N ALA A 44 -9.43 -11.36 -3.68
CA ALA A 44 -10.12 -10.37 -2.85
C ALA A 44 -11.61 -10.71 -2.69
N ALA A 45 -12.20 -11.29 -3.75
CA ALA A 45 -13.61 -11.68 -3.76
C ALA A 45 -13.81 -12.99 -3.00
N SER A 46 -12.97 -13.98 -3.29
CA SER A 46 -13.05 -15.30 -2.66
C SER A 46 -12.60 -15.25 -1.19
N GLY A 47 -11.35 -14.85 -0.95
CA GLY A 47 -10.80 -14.75 0.40
C GLY A 47 -9.46 -15.49 0.49
N ILE A 48 -8.52 -15.13 -0.37
CA ILE A 48 -7.19 -15.73 -0.39
C ILE A 48 -6.18 -14.65 0.01
N PRO A 49 -5.63 -14.73 1.23
CA PRO A 49 -4.68 -13.73 1.76
C PRO A 49 -3.28 -13.81 1.16
N TYR A 50 -2.53 -12.72 1.31
CA TYR A 50 -1.16 -12.60 0.83
C TYR A 50 -0.27 -12.12 1.98
N HIS A 51 0.87 -12.78 2.18
CA HIS A 51 1.80 -12.45 3.27
C HIS A 51 1.17 -12.79 4.65
N SER A 52 1.85 -12.43 5.74
CA SER A 52 1.36 -12.70 7.09
C SER A 52 0.25 -11.72 7.48
N GLU A 53 0.58 -10.42 7.47
CA GLU A 53 -0.38 -9.37 7.82
C GLU A 53 -1.29 -9.06 6.62
N VAL A 54 -2.53 -9.57 6.66
CA VAL A 54 -3.49 -9.35 5.57
C VAL A 54 -4.38 -8.14 5.85
N PRO A 55 -5.03 -8.05 7.04
CA PRO A 55 -5.89 -6.92 7.40
C PRO A 55 -5.12 -5.80 8.11
N VAL A 56 -5.05 -4.64 7.48
CA VAL A 56 -4.34 -3.49 8.04
C VAL A 56 -5.29 -2.29 8.13
N SER A 57 -5.21 -1.56 9.25
CA SER A 57 -6.05 -0.40 9.50
C SER A 57 -5.56 0.80 8.68
N LEU A 58 -6.51 1.52 8.07
CA LEU A 58 -6.20 2.70 7.26
C LEU A 58 -7.00 3.91 7.77
N LYS A 59 -7.01 4.10 9.07
CA LYS A 59 -7.73 5.21 9.70
C LYS A 59 -6.77 6.39 9.89
N GLU A 60 -6.99 7.46 9.12
CA GLU A 60 -6.17 8.68 9.17
C GLU A 60 -4.71 8.39 8.81
N ALA A 61 -4.51 7.73 7.68
CA ALA A 61 -3.17 7.37 7.20
C ALA A 61 -2.60 8.51 6.35
N ILE A 62 -1.34 8.83 6.58
CA ILE A 62 -0.67 9.90 5.83
C ILE A 62 -0.10 9.33 4.53
N CYS A 63 -0.33 10.03 3.43
CA CYS A 63 0.13 9.61 2.12
C CYS A 63 0.96 10.74 1.48
N GLU A 64 2.26 10.51 1.32
CA GLU A 64 3.17 11.50 0.74
C GLU A 64 3.58 11.06 -0.66
N VAL A 65 3.19 11.82 -1.68
CA VAL A 65 3.52 11.51 -3.07
C VAL A 65 5.03 11.67 -3.34
N ALA A 66 5.59 10.65 -4.00
CA ALA A 66 6.98 10.59 -4.37
C ALA A 66 7.05 10.43 -5.90
N LEU A 67 6.88 11.56 -6.61
CA LEU A 67 6.86 11.60 -8.09
C LEU A 67 8.06 10.87 -8.71
N ASP A 68 9.25 11.05 -8.13
CA ASP A 68 10.47 10.40 -8.63
C ASP A 68 11.28 9.89 -7.44
N TYR A 69 10.92 8.70 -6.96
CA TYR A 69 11.60 8.08 -5.81
C TYR A 69 12.76 7.21 -6.29
N LYS A 70 13.87 7.86 -6.67
CA LYS A 70 15.09 7.17 -7.14
C LYS A 70 14.81 6.28 -8.36
N LYS A 71 14.52 6.91 -9.50
CA LYS A 71 14.23 6.21 -10.76
C LYS A 71 12.93 5.39 -10.69
N LYS A 72 12.01 5.83 -9.83
CA LYS A 72 10.70 5.19 -9.67
C LYS A 72 9.65 6.28 -9.80
N LYS A 73 8.93 6.26 -10.93
CA LYS A 73 7.92 7.26 -11.23
C LYS A 73 6.55 6.85 -10.70
N HIS A 74 5.93 7.84 -10.08
CA HIS A 74 4.57 7.75 -9.52
C HIS A 74 4.49 6.77 -8.34
N VAL A 75 5.25 7.04 -7.29
CA VAL A 75 5.27 6.24 -6.07
C VAL A 75 4.77 7.11 -4.92
N PHE A 76 4.11 6.53 -3.93
CA PHE A 76 3.62 7.28 -2.78
C PHE A 76 4.00 6.58 -1.47
N LYS A 77 4.42 7.37 -0.50
CA LYS A 77 4.85 6.88 0.81
C LYS A 77 3.66 6.88 1.76
N LEU A 78 3.23 5.69 2.14
CA LEU A 78 2.10 5.51 3.05
C LEU A 78 2.59 5.29 4.47
N ARG A 79 2.27 6.24 5.35
CA ARG A 79 2.62 6.17 6.76
C ARG A 79 1.34 5.91 7.54
N LEU A 80 1.09 4.63 7.84
CA LEU A 80 -0.12 4.21 8.55
C LEU A 80 -0.07 4.65 10.01
N SER A 81 -1.25 4.82 10.61
CA SER A 81 -1.39 5.24 12.01
C SER A 81 -0.68 4.27 12.98
N ASP A 82 -0.48 3.03 12.52
CA ASP A 82 0.21 1.98 13.30
C ASP A 82 1.71 2.29 13.43
N GLY A 83 2.26 2.98 12.42
CA GLY A 83 3.68 3.36 12.40
C GLY A 83 4.37 2.85 11.14
N ASN A 84 3.94 1.66 10.66
CA ASN A 84 4.50 1.02 9.46
C ASN A 84 4.46 1.96 8.25
N GLU A 85 5.60 2.07 7.57
CA GLU A 85 5.73 2.91 6.38
C GLU A 85 5.92 2.02 5.16
N TYR A 86 5.04 2.17 4.17
CA TYR A 86 5.09 1.37 2.94
C TYR A 86 5.13 2.29 1.72
N LEU A 87 6.01 1.98 0.76
CA LEU A 87 6.11 2.73 -0.50
C LEU A 87 5.29 1.99 -1.54
N PHE A 88 4.30 2.65 -2.13
CA PHE A 88 3.44 2.01 -3.12
C PHE A 88 3.69 2.60 -4.51
N GLN A 89 4.09 1.74 -5.45
CA GLN A 89 4.37 2.14 -6.83
C GLN A 89 3.14 1.91 -7.70
N ALA A 90 2.68 2.97 -8.36
CA ALA A 90 1.51 2.91 -9.25
C ALA A 90 1.97 2.80 -10.71
N LYS A 91 1.04 2.47 -11.60
CA LYS A 91 1.34 2.34 -13.02
C LYS A 91 1.31 3.69 -13.74
N ASP A 92 0.44 4.60 -13.26
CA ASP A 92 0.31 5.94 -13.86
C ASP A 92 0.09 6.99 -12.76
N ASP A 93 0.23 8.26 -13.14
CA ASP A 93 0.05 9.40 -12.23
C ASP A 93 -1.42 9.51 -11.80
N GLU A 94 -2.34 9.25 -12.74
CA GLU A 94 -3.79 9.29 -12.46
C GLU A 94 -4.15 8.32 -11.34
N GLU A 95 -3.61 7.11 -11.43
CA GLU A 95 -3.84 6.06 -10.42
C GLU A 95 -3.29 6.51 -9.07
N MET A 96 -2.04 7.00 -9.07
CA MET A 96 -1.38 7.48 -7.85
C MET A 96 -2.20 8.58 -7.15
N ASN A 97 -2.68 9.54 -7.95
CA ASN A 97 -3.51 10.65 -7.43
C ASN A 97 -4.80 10.12 -6.81
N THR A 98 -5.42 9.13 -7.46
CA THR A 98 -6.66 8.52 -6.95
C THR A 98 -6.41 7.77 -5.64
N TRP A 99 -5.29 7.03 -5.58
CA TRP A 99 -4.91 6.26 -4.38
C TRP A 99 -4.72 7.21 -3.17
N ILE A 100 -3.93 8.26 -3.36
CA ILE A 100 -3.65 9.24 -2.30
C ILE A 100 -4.94 9.88 -1.76
N GLN A 101 -5.84 10.28 -2.67
CA GLN A 101 -7.11 10.92 -2.28
C GLN A 101 -8.01 9.96 -1.49
N ALA A 102 -8.09 8.71 -1.93
CA ALA A 102 -8.91 7.68 -1.27
C ALA A 102 -8.32 7.28 0.09
N ILE A 103 -6.99 7.29 0.18
CA ILE A 103 -6.27 6.93 1.41
C ILE A 103 -6.36 8.05 2.45
N SER A 104 -6.12 9.29 2.02
CA SER A 104 -6.17 10.45 2.92
C SER A 104 -7.58 10.67 3.46
N SER A 105 -8.59 10.40 2.63
CA SER A 105 -10.00 10.56 3.01
C SER A 105 -10.52 9.31 3.75
N ALA A 106 -9.62 8.46 4.26
CA ALA A 106 -10.00 7.25 4.99
C ALA A 106 -10.18 7.56 6.47
N MET A 1 -11.17 1.58 -8.15
CA MET A 1 -10.45 1.73 -6.86
C MET A 1 -9.60 0.48 -6.61
N GLU A 2 -10.24 -0.69 -6.50
CA GLU A 2 -9.55 -1.96 -6.25
C GLU A 2 -8.66 -2.32 -7.44
N GLY A 3 -7.43 -2.75 -7.17
CA GLY A 3 -6.50 -3.12 -8.22
C GLY A 3 -5.12 -3.47 -7.67
N PHE A 4 -4.17 -3.69 -8.58
CA PHE A 4 -2.78 -4.04 -8.22
C PHE A 4 -1.99 -2.80 -7.79
N LEU A 5 -1.02 -3.03 -6.91
CA LEU A 5 -0.16 -1.97 -6.40
C LEU A 5 1.19 -2.56 -6.01
N ASN A 6 2.25 -1.78 -6.18
CA ASN A 6 3.59 -2.20 -5.80
C ASN A 6 3.76 -1.82 -4.32
N ARG A 7 4.21 -2.75 -3.49
CA ARG A 7 4.35 -2.50 -2.04
C ARG A 7 5.77 -2.78 -1.57
N LYS A 8 6.40 -1.76 -0.98
CA LYS A 8 7.74 -1.86 -0.41
C LYS A 8 7.62 -1.65 1.09
N HIS A 9 7.89 -2.70 1.86
CA HIS A 9 7.78 -2.63 3.33
C HIS A 9 9.10 -2.23 3.99
N GLU A 10 9.00 -1.24 4.88
CA GLU A 10 10.13 -0.73 5.66
C GLU A 10 9.97 -1.20 7.12
N TRP A 11 8.71 -1.28 7.56
CA TRP A 11 8.37 -1.73 8.91
C TRP A 11 6.93 -2.23 8.89
N GLU A 12 6.65 -3.34 9.54
CA GLU A 12 5.30 -3.88 9.61
C GLU A 12 5.16 -4.85 10.78
N ALA A 13 4.42 -4.41 11.79
CA ALA A 13 4.13 -5.21 13.00
C ALA A 13 5.14 -4.99 14.13
N HIS A 14 4.71 -4.22 15.14
CA HIS A 14 5.48 -3.88 16.36
C HIS A 14 7.00 -3.78 16.14
N ASN A 15 7.72 -4.87 16.36
CA ASN A 15 9.18 -4.90 16.21
C ASN A 15 9.56 -5.83 15.06
N LYS A 16 9.65 -5.27 13.86
CA LYS A 16 9.99 -6.04 12.67
C LYS A 16 10.33 -5.07 11.53
N LYS A 17 11.62 -4.79 11.36
CA LYS A 17 12.10 -3.87 10.33
C LYS A 17 12.36 -4.62 9.02
N ALA A 18 12.63 -3.86 7.97
CA ALA A 18 12.91 -4.41 6.65
C ALA A 18 13.66 -3.37 5.83
N SER A 19 14.98 -3.29 6.05
CA SER A 19 15.84 -2.32 5.36
C SER A 19 16.26 -2.91 4.01
N SER A 20 15.26 -3.32 3.23
CA SER A 20 15.48 -3.90 1.91
C SER A 20 14.52 -3.27 0.89
N ARG A 21 15.00 -3.11 -0.34
CA ARG A 21 14.20 -2.54 -1.43
C ARG A 21 13.30 -3.63 -2.05
N SER A 22 12.59 -4.34 -1.18
CA SER A 22 11.69 -5.43 -1.59
C SER A 22 10.38 -4.87 -2.12
N TRP A 23 10.31 -4.68 -3.45
CA TRP A 23 9.13 -4.17 -4.13
C TRP A 23 8.27 -5.35 -4.58
N HIS A 24 7.25 -5.67 -3.80
CA HIS A 24 6.35 -6.80 -4.09
C HIS A 24 5.06 -6.32 -4.74
N ASN A 25 4.64 -6.99 -5.81
CA ASN A 25 3.40 -6.67 -6.52
C ASN A 25 2.26 -7.39 -5.82
N VAL A 26 1.40 -6.62 -5.14
CA VAL A 26 0.27 -7.16 -4.39
C VAL A 26 -1.02 -6.44 -4.76
N TYR A 27 -2.15 -7.09 -4.51
CA TYR A 27 -3.46 -6.51 -4.80
C TYR A 27 -3.99 -5.82 -3.55
N CYS A 28 -4.34 -4.55 -3.68
CA CYS A 28 -4.83 -3.75 -2.56
C CYS A 28 -6.32 -3.41 -2.72
N VAL A 29 -7.07 -3.58 -1.65
CA VAL A 29 -8.50 -3.30 -1.62
C VAL A 29 -8.78 -2.35 -0.45
N ILE A 30 -9.64 -1.36 -0.66
CA ILE A 30 -9.98 -0.38 0.38
C ILE A 30 -11.33 -0.68 1.01
N ASN A 31 -11.47 -0.40 2.30
CA ASN A 31 -12.70 -0.63 3.06
C ASN A 31 -12.88 0.50 4.09
N ASN A 32 -13.92 0.40 4.90
CA ASN A 32 -14.24 1.41 5.93
C ASN A 32 -13.08 1.54 6.94
N GLN A 33 -12.25 2.58 6.75
CA GLN A 33 -11.08 2.87 7.61
C GLN A 33 -10.12 1.68 7.69
N GLU A 34 -10.10 0.86 6.62
CA GLU A 34 -9.24 -0.33 6.55
C GLU A 34 -8.87 -0.64 5.09
N MET A 35 -7.90 -1.52 4.93
CA MET A 35 -7.45 -1.96 3.61
C MET A 35 -7.00 -3.42 3.71
N GLY A 36 -7.28 -4.20 2.68
CA GLY A 36 -6.93 -5.63 2.66
C GLY A 36 -5.92 -5.92 1.56
N PHE A 37 -4.89 -6.71 1.90
CA PHE A 37 -3.84 -7.10 0.96
C PHE A 37 -4.13 -8.52 0.45
N TYR A 38 -4.49 -8.62 -0.84
CA TYR A 38 -4.82 -9.91 -1.47
C TYR A 38 -3.85 -10.20 -2.62
N LYS A 39 -3.98 -11.38 -3.21
CA LYS A 39 -3.13 -11.81 -4.34
C LYS A 39 -3.59 -11.16 -5.65
N ASP A 40 -4.92 -11.00 -5.82
CA ASP A 40 -5.49 -10.39 -7.03
C ASP A 40 -6.99 -10.12 -6.81
N ALA A 41 -7.69 -9.72 -7.87
CA ALA A 41 -9.14 -9.43 -7.82
C ALA A 41 -9.93 -10.69 -7.43
N LYS A 42 -9.52 -11.85 -7.96
CA LYS A 42 -10.20 -13.12 -7.66
C LYS A 42 -10.02 -13.49 -6.18
N SER A 43 -8.79 -13.34 -5.68
CA SER A 43 -8.48 -13.64 -4.27
C SER A 43 -9.21 -12.68 -3.33
N ALA A 44 -9.35 -11.41 -3.77
CA ALA A 44 -10.03 -10.38 -2.99
C ALA A 44 -11.53 -10.66 -2.94
N ALA A 45 -12.11 -11.08 -4.07
CA ALA A 45 -13.53 -11.41 -4.17
C ALA A 45 -13.86 -12.63 -3.30
N SER A 46 -13.03 -13.67 -3.42
CA SER A 46 -13.20 -14.91 -2.64
C SER A 46 -12.91 -14.67 -1.14
N GLY A 47 -12.09 -13.66 -0.85
CA GLY A 47 -11.71 -13.30 0.52
C GLY A 47 -10.68 -14.26 1.08
N ILE A 48 -9.62 -14.51 0.31
CA ILE A 48 -8.54 -15.41 0.71
C ILE A 48 -7.45 -14.61 1.46
N PRO A 49 -7.11 -15.00 2.71
CA PRO A 49 -6.08 -14.30 3.50
C PRO A 49 -4.67 -14.55 2.95
N TYR A 50 -4.12 -13.55 2.25
CA TYR A 50 -2.79 -13.63 1.65
C TYR A 50 -1.69 -13.75 2.72
N HIS A 51 -1.87 -13.01 3.82
CA HIS A 51 -0.91 -13.02 4.94
C HIS A 51 -1.68 -13.05 6.27
N SER A 52 -0.94 -13.08 7.39
CA SER A 52 -1.53 -13.11 8.74
C SER A 52 -2.34 -11.82 9.01
N GLU A 53 -1.64 -10.68 9.05
CA GLU A 53 -2.31 -9.40 9.27
C GLU A 53 -2.74 -8.81 7.93
N VAL A 54 -3.64 -9.51 7.25
CA VAL A 54 -4.14 -9.10 5.92
C VAL A 54 -5.00 -7.81 6.01
N PRO A 55 -5.78 -7.58 7.10
CA PRO A 55 -6.60 -6.37 7.25
C PRO A 55 -5.83 -5.28 8.02
N VAL A 56 -5.42 -4.23 7.33
CA VAL A 56 -4.68 -3.12 7.95
C VAL A 56 -5.62 -1.92 8.09
N SER A 57 -5.60 -1.30 9.26
CA SER A 57 -6.44 -0.15 9.57
C SER A 57 -5.82 1.15 9.05
N LEU A 58 -6.61 1.94 8.30
CA LEU A 58 -6.17 3.23 7.75
C LEU A 58 -6.45 4.34 8.76
N LYS A 59 -6.06 4.09 10.01
CA LYS A 59 -6.25 5.05 11.10
C LYS A 59 -5.15 6.11 11.05
N GLU A 60 -5.52 7.33 10.66
CA GLU A 60 -4.61 8.47 10.54
C GLU A 60 -3.41 8.12 9.62
N ALA A 61 -3.73 7.68 8.41
CA ALA A 61 -2.71 7.30 7.43
C ALA A 61 -2.17 8.54 6.71
N ILE A 62 -0.89 8.82 6.94
CA ILE A 62 -0.21 9.96 6.29
C ILE A 62 0.33 9.49 4.94
N CYS A 63 0.09 10.27 3.89
CA CYS A 63 0.54 9.92 2.54
C CYS A 63 1.30 11.07 1.89
N GLU A 64 2.44 10.74 1.28
CA GLU A 64 3.31 11.70 0.59
C GLU A 64 3.63 11.19 -0.82
N VAL A 65 3.96 12.11 -1.73
CA VAL A 65 4.29 11.76 -3.12
C VAL A 65 5.81 11.67 -3.30
N ALA A 66 6.24 10.63 -4.01
CA ALA A 66 7.66 10.38 -4.30
C ALA A 66 7.82 10.17 -5.81
N LEU A 67 7.97 11.27 -6.54
CA LEU A 67 8.09 11.24 -8.00
C LEU A 67 9.46 10.70 -8.46
N ASP A 68 10.46 10.71 -7.56
CA ASP A 68 11.81 10.22 -7.90
C ASP A 68 12.42 9.47 -6.71
N TYR A 69 11.96 8.23 -6.50
CA TYR A 69 12.47 7.38 -5.43
C TYR A 69 13.23 6.22 -6.07
N LYS A 70 14.49 6.49 -6.45
CA LYS A 70 15.37 5.51 -7.11
C LYS A 70 14.95 5.32 -8.58
N LYS A 71 13.66 5.13 -8.78
CA LYS A 71 13.06 4.97 -10.10
C LYS A 71 12.21 6.20 -10.41
N LYS A 72 12.37 6.76 -11.61
CA LYS A 72 11.61 7.95 -12.02
C LYS A 72 10.24 7.53 -12.56
N LYS A 73 9.44 6.93 -11.67
CA LYS A 73 8.09 6.47 -12.00
C LYS A 73 7.08 7.37 -11.27
N HIS A 74 6.20 6.75 -10.49
CA HIS A 74 5.18 7.47 -9.70
C HIS A 74 4.96 6.69 -8.41
N VAL A 75 5.80 6.98 -7.41
CA VAL A 75 5.75 6.32 -6.11
C VAL A 75 5.14 7.28 -5.08
N PHE A 76 4.53 6.71 -4.04
CA PHE A 76 3.93 7.51 -2.97
C PHE A 76 4.11 6.75 -1.67
N LYS A 77 4.49 7.48 -0.63
CA LYS A 77 4.73 6.88 0.69
C LYS A 77 3.43 6.84 1.49
N LEU A 78 3.28 5.76 2.26
CA LEU A 78 2.12 5.55 3.11
C LEU A 78 2.61 5.21 4.52
N ARG A 79 2.36 6.11 5.46
CA ARG A 79 2.80 5.93 6.83
C ARG A 79 1.61 5.93 7.79
N LEU A 80 1.38 4.79 8.47
CA LEU A 80 0.28 4.70 9.43
C LEU A 80 0.71 5.36 10.76
N SER A 81 -0.22 5.48 11.70
CA SER A 81 0.07 6.10 12.99
C SER A 81 0.74 5.11 13.94
N ASP A 82 0.23 3.86 13.98
CA ASP A 82 0.77 2.83 14.87
C ASP A 82 0.46 1.42 14.36
N GLY A 83 1.04 1.05 13.21
CA GLY A 83 0.80 -0.29 12.65
C GLY A 83 1.91 -0.72 11.69
N ASN A 84 2.00 -0.04 10.53
CA ASN A 84 2.98 -0.37 9.50
C ASN A 84 3.38 0.89 8.73
N GLU A 85 4.40 0.74 7.86
CA GLU A 85 4.90 1.82 7.01
C GLU A 85 5.33 1.21 5.67
N TYR A 86 4.90 1.81 4.54
CA TYR A 86 5.23 1.29 3.22
C TYR A 86 5.38 2.40 2.17
N LEU A 87 5.89 2.00 1.01
CA LEU A 87 6.04 2.85 -0.18
C LEU A 87 5.26 2.16 -1.28
N PHE A 88 4.35 2.87 -1.94
CA PHE A 88 3.54 2.28 -3.02
C PHE A 88 3.83 2.91 -4.37
N GLN A 89 3.75 2.09 -5.43
CA GLN A 89 3.98 2.55 -6.80
C GLN A 89 2.76 2.21 -7.66
N ALA A 90 2.29 3.17 -8.44
CA ALA A 90 1.14 2.97 -9.32
C ALA A 90 1.59 2.88 -10.78
N LYS A 91 0.68 2.44 -11.65
CA LYS A 91 0.96 2.30 -13.08
C LYS A 91 0.97 3.67 -13.77
N ASP A 92 -0.01 4.52 -13.43
CA ASP A 92 -0.11 5.87 -14.00
C ASP A 92 -0.34 6.91 -12.90
N ASP A 93 -0.13 8.19 -13.25
CA ASP A 93 -0.27 9.30 -12.30
C ASP A 93 -1.73 9.49 -11.82
N GLU A 94 -2.70 9.23 -12.71
CA GLU A 94 -4.12 9.36 -12.38
C GLU A 94 -4.51 8.37 -11.28
N GLU A 95 -4.11 7.11 -11.43
CA GLU A 95 -4.40 6.07 -10.45
C GLU A 95 -3.66 6.37 -9.13
N MET A 96 -2.42 6.85 -9.25
CA MET A 96 -1.59 7.21 -8.08
C MET A 96 -2.29 8.31 -7.26
N ASN A 97 -2.83 9.31 -7.97
CA ASN A 97 -3.54 10.43 -7.33
C ASN A 97 -4.83 9.93 -6.67
N THR A 98 -5.52 9.00 -7.33
CA THR A 98 -6.76 8.42 -6.82
C THR A 98 -6.48 7.58 -5.56
N TRP A 99 -5.38 6.81 -5.59
CA TRP A 99 -4.99 5.97 -4.45
C TRP A 99 -4.74 6.82 -3.20
N ILE A 100 -3.92 7.88 -3.35
CA ILE A 100 -3.59 8.79 -2.23
C ILE A 100 -4.86 9.42 -1.65
N GLN A 101 -5.73 9.95 -2.51
CA GLN A 101 -6.98 10.59 -2.08
C GLN A 101 -7.93 9.58 -1.43
N ALA A 102 -7.99 8.36 -1.97
CA ALA A 102 -8.86 7.30 -1.42
C ALA A 102 -8.37 6.87 -0.03
N ILE A 103 -7.04 6.76 0.12
CA ILE A 103 -6.41 6.38 1.40
C ILE A 103 -6.63 7.48 2.45
N SER A 104 -6.70 8.74 2.01
CA SER A 104 -6.92 9.88 2.89
C SER A 104 -8.33 9.83 3.49
N SER A 105 -9.32 9.56 2.63
CA SER A 105 -10.73 9.48 3.04
C SER A 105 -10.97 8.19 3.85
N ALA A 106 -10.54 7.05 3.29
CA ALA A 106 -10.68 5.74 3.91
C ALA A 106 -12.16 5.34 4.05
N MET A 1 -10.65 2.13 -5.26
CA MET A 1 -10.95 1.32 -4.04
C MET A 1 -10.01 0.11 -3.99
N GLU A 2 -9.96 -0.64 -5.09
CA GLU A 2 -9.10 -1.82 -5.21
C GLU A 2 -8.23 -1.70 -6.47
N GLY A 3 -7.21 -2.55 -6.57
CA GLY A 3 -6.30 -2.54 -7.72
C GLY A 3 -4.93 -3.08 -7.33
N PHE A 4 -4.06 -3.27 -8.34
CA PHE A 4 -2.70 -3.77 -8.12
C PHE A 4 -1.77 -2.61 -7.75
N LEU A 5 -0.83 -2.89 -6.86
CA LEU A 5 0.14 -1.89 -6.41
C LEU A 5 1.41 -2.59 -5.94
N ASN A 6 2.56 -1.97 -6.24
CA ASN A 6 3.86 -2.51 -5.79
C ASN A 6 4.09 -2.00 -4.37
N ARG A 7 4.26 -2.92 -3.42
CA ARG A 7 4.43 -2.56 -2.00
C ARG A 7 5.84 -2.85 -1.51
N LYS A 8 6.34 -1.93 -0.68
CA LYS A 8 7.67 -2.00 -0.06
C LYS A 8 7.56 -1.42 1.34
N HIS A 9 7.55 -2.28 2.36
CA HIS A 9 7.44 -1.84 3.76
C HIS A 9 8.78 -1.31 4.28
N GLU A 10 8.96 0.01 4.20
CA GLU A 10 10.20 0.66 4.69
C GLU A 10 10.42 0.34 6.16
N TRP A 11 9.32 0.34 6.92
CA TRP A 11 9.35 0.06 8.35
C TRP A 11 8.02 -0.61 8.74
N GLU A 12 8.14 -1.84 9.23
CA GLU A 12 6.98 -2.62 9.66
C GLU A 12 7.33 -3.28 10.99
N ALA A 13 6.84 -2.69 12.07
CA ALA A 13 7.10 -3.15 13.45
C ALA A 13 8.40 -2.52 13.95
N HIS A 14 8.48 -2.30 15.26
CA HIS A 14 9.66 -1.68 15.89
C HIS A 14 10.87 -2.63 15.97
N ASN A 15 10.96 -3.58 15.04
CA ASN A 15 12.07 -4.54 14.98
C ASN A 15 12.14 -5.17 13.59
N LYS A 16 12.12 -4.34 12.56
CA LYS A 16 12.19 -4.82 11.18
C LYS A 16 12.38 -3.65 10.21
N LYS A 17 13.06 -3.94 9.09
CA LYS A 17 13.34 -2.96 8.05
C LYS A 17 13.49 -3.67 6.71
N ALA A 18 13.12 -2.98 5.65
CA ALA A 18 13.21 -3.52 4.29
C ALA A 18 13.74 -2.43 3.36
N SER A 19 14.91 -2.67 2.77
CA SER A 19 15.58 -1.69 1.91
C SER A 19 15.38 -1.95 0.41
N SER A 20 15.34 -3.22 -0.01
CA SER A 20 15.20 -3.53 -1.45
C SER A 20 14.59 -4.92 -1.70
N ARG A 21 14.69 -5.82 -0.72
CA ARG A 21 14.17 -7.19 -0.85
C ARG A 21 12.64 -7.21 -1.00
N SER A 22 11.95 -6.23 -0.40
CA SER A 22 10.50 -6.17 -0.43
C SER A 22 9.98 -5.20 -1.50
N TRP A 23 9.55 -5.74 -2.63
CA TRP A 23 9.00 -4.96 -3.74
C TRP A 23 8.14 -5.92 -4.56
N HIS A 24 6.91 -6.15 -4.09
CA HIS A 24 5.98 -7.10 -4.74
C HIS A 24 4.69 -6.41 -5.19
N ASN A 25 4.20 -6.80 -6.37
CA ASN A 25 2.95 -6.26 -6.93
C ASN A 25 1.77 -6.99 -6.26
N VAL A 26 1.24 -6.39 -5.21
CA VAL A 26 0.13 -6.96 -4.44
C VAL A 26 -1.19 -6.28 -4.81
N TYR A 27 -2.30 -7.00 -4.63
CA TYR A 27 -3.63 -6.46 -4.92
C TYR A 27 -4.21 -5.88 -3.63
N CYS A 28 -4.37 -4.57 -3.59
CA CYS A 28 -4.89 -3.88 -2.42
C CYS A 28 -6.40 -3.69 -2.54
N VAL A 29 -7.05 -3.63 -1.40
CA VAL A 29 -8.51 -3.45 -1.31
C VAL A 29 -8.84 -2.62 -0.08
N ILE A 30 -9.38 -1.42 -0.29
CA ILE A 30 -9.77 -0.54 0.81
C ILE A 30 -11.20 -0.89 1.24
N ASN A 31 -11.36 -1.30 2.49
CA ASN A 31 -12.67 -1.69 3.04
C ASN A 31 -13.00 -0.83 4.27
N ASN A 32 -13.63 0.32 4.03
CA ASN A 32 -14.03 1.26 5.09
C ASN A 32 -12.80 1.95 5.69
N GLN A 33 -12.34 1.51 6.86
CA GLN A 33 -11.17 2.09 7.54
C GLN A 33 -10.04 1.07 7.66
N GLU A 34 -10.15 -0.05 6.91
CA GLU A 34 -9.15 -1.11 6.91
C GLU A 34 -8.82 -1.49 5.46
N MET A 35 -7.54 -1.73 5.18
CA MET A 35 -7.08 -2.12 3.84
C MET A 35 -6.66 -3.59 3.88
N GLY A 36 -7.05 -4.33 2.85
CA GLY A 36 -6.73 -5.75 2.75
C GLY A 36 -5.77 -6.03 1.59
N PHE A 37 -4.79 -6.89 1.83
CA PHE A 37 -3.79 -7.26 0.82
C PHE A 37 -4.06 -8.67 0.29
N TYR A 38 -4.43 -8.76 -0.99
CA TYR A 38 -4.75 -10.03 -1.64
C TYR A 38 -3.83 -10.30 -2.84
N LYS A 39 -4.01 -11.46 -3.47
CA LYS A 39 -3.20 -11.85 -4.64
C LYS A 39 -3.69 -11.16 -5.90
N ASP A 40 -5.01 -11.08 -6.05
CA ASP A 40 -5.66 -10.45 -7.22
C ASP A 40 -7.14 -10.20 -6.92
N ALA A 41 -7.89 -9.78 -7.94
CA ALA A 41 -9.33 -9.50 -7.81
C ALA A 41 -10.11 -10.75 -7.37
N LYS A 42 -9.77 -11.92 -7.93
CA LYS A 42 -10.44 -13.18 -7.58
C LYS A 42 -10.18 -13.54 -6.11
N SER A 43 -8.93 -13.39 -5.69
CA SER A 43 -8.54 -13.68 -4.30
C SER A 43 -9.19 -12.67 -3.33
N ALA A 44 -9.41 -11.44 -3.80
CA ALA A 44 -10.03 -10.39 -3.00
C ALA A 44 -11.53 -10.62 -2.85
N ALA A 45 -12.18 -11.03 -3.95
CA ALA A 45 -13.63 -11.31 -3.95
C ALA A 45 -13.95 -12.61 -3.20
N SER A 46 -13.11 -13.63 -3.40
CA SER A 46 -13.27 -14.93 -2.75
C SER A 46 -12.92 -14.84 -1.26
N GLY A 47 -11.91 -14.03 -0.93
CA GLY A 47 -11.47 -13.86 0.46
C GLY A 47 -10.39 -14.87 0.83
N ILE A 48 -9.28 -14.83 0.10
CA ILE A 48 -8.15 -15.74 0.33
C ILE A 48 -6.98 -14.94 0.93
N PRO A 49 -6.47 -15.37 2.12
CA PRO A 49 -5.36 -14.68 2.79
C PRO A 49 -4.01 -14.87 2.07
N TYR A 50 -3.55 -13.81 1.42
CA TYR A 50 -2.27 -13.82 0.68
C TYR A 50 -1.11 -13.30 1.54
N HIS A 51 -1.36 -13.09 2.83
CA HIS A 51 -0.35 -12.58 3.78
C HIS A 51 -0.71 -13.02 5.19
N SER A 52 0.21 -12.79 6.14
CA SER A 52 -0.03 -13.13 7.56
C SER A 52 -1.10 -12.21 8.12
N GLU A 53 -0.81 -10.90 8.05
CA GLU A 53 -1.75 -9.86 8.49
C GLU A 53 -2.40 -9.28 7.24
N VAL A 54 -3.55 -9.85 6.86
CA VAL A 54 -4.29 -9.42 5.66
C VAL A 54 -4.93 -8.04 5.85
N PRO A 55 -5.68 -7.83 6.95
CA PRO A 55 -6.35 -6.55 7.23
C PRO A 55 -5.47 -5.58 8.03
N VAL A 56 -5.15 -4.45 7.42
CA VAL A 56 -4.33 -3.40 8.06
C VAL A 56 -5.18 -2.16 8.28
N SER A 57 -5.02 -1.53 9.45
CA SER A 57 -5.79 -0.34 9.81
C SER A 57 -5.35 0.88 9.00
N LEU A 58 -6.32 1.52 8.35
CA LEU A 58 -6.09 2.72 7.55
C LEU A 58 -6.78 3.92 8.22
N LYS A 59 -6.73 3.92 9.56
CA LYS A 59 -7.36 4.98 10.37
C LYS A 59 -6.40 6.16 10.51
N GLU A 60 -6.70 7.26 9.80
CA GLU A 60 -5.87 8.48 9.82
C GLU A 60 -4.47 8.19 9.25
N ALA A 61 -4.45 7.76 7.99
CA ALA A 61 -3.20 7.43 7.30
C ALA A 61 -2.71 8.63 6.49
N ILE A 62 -1.40 8.86 6.50
CA ILE A 62 -0.78 9.96 5.75
C ILE A 62 -0.15 9.41 4.47
N CYS A 63 -0.46 10.05 3.35
CA CYS A 63 0.06 9.65 2.04
C CYS A 63 0.90 10.79 1.45
N GLU A 64 2.14 10.48 1.08
CA GLU A 64 3.07 11.46 0.50
C GLU A 64 3.61 10.96 -0.84
N VAL A 65 3.31 11.69 -1.92
CA VAL A 65 3.77 11.31 -3.26
C VAL A 65 5.28 11.57 -3.42
N ALA A 66 5.97 10.59 -4.02
CA ALA A 66 7.41 10.65 -4.27
C ALA A 66 7.69 10.25 -5.72
N LEU A 67 7.78 11.25 -6.60
CA LEU A 67 8.05 11.02 -8.03
C LEU A 67 9.54 10.75 -8.28
N ASP A 68 10.40 11.38 -7.48
CA ASP A 68 11.87 11.22 -7.62
C ASP A 68 12.35 9.85 -7.11
N TYR A 69 11.48 9.09 -6.42
CA TYR A 69 11.85 7.77 -5.89
C TYR A 69 12.09 6.78 -7.05
N LYS A 70 11.31 6.98 -8.10
CA LYS A 70 11.39 6.18 -9.33
C LYS A 70 10.98 7.10 -10.49
N LYS A 71 11.98 7.54 -11.25
CA LYS A 71 11.81 8.48 -12.39
C LYS A 71 10.63 8.10 -13.30
N LYS A 72 9.65 9.00 -13.34
CA LYS A 72 8.43 8.87 -14.17
C LYS A 72 7.69 7.53 -13.98
N LYS A 73 7.68 7.07 -12.74
CA LYS A 73 6.99 5.82 -12.36
C LYS A 73 5.93 6.11 -11.31
N HIS A 74 6.06 7.24 -10.61
CA HIS A 74 5.08 7.69 -9.60
C HIS A 74 4.98 6.75 -8.40
N VAL A 75 5.78 7.02 -7.37
CA VAL A 75 5.75 6.24 -6.12
C VAL A 75 5.17 7.15 -5.03
N PHE A 76 4.60 6.58 -3.99
CA PHE A 76 4.03 7.37 -2.91
C PHE A 76 4.11 6.61 -1.60
N LYS A 77 4.44 7.31 -0.52
CA LYS A 77 4.57 6.72 0.80
C LYS A 77 3.19 6.68 1.47
N LEU A 78 3.01 5.70 2.32
CA LEU A 78 1.79 5.51 3.08
C LEU A 78 2.21 5.21 4.52
N ARG A 79 2.13 6.24 5.36
CA ARG A 79 2.55 6.14 6.75
C ARG A 79 1.34 6.31 7.68
N LEU A 80 1.15 5.35 8.58
CA LEU A 80 0.05 5.40 9.55
C LEU A 80 0.42 6.34 10.70
N SER A 81 -0.58 6.81 11.45
CA SER A 81 -0.36 7.73 12.58
C SER A 81 0.63 7.18 13.61
N ASP A 82 0.50 5.88 13.91
CA ASP A 82 1.38 5.21 14.87
C ASP A 82 1.29 3.69 14.63
N GLY A 83 1.77 3.24 13.47
CA GLY A 83 1.73 1.82 13.12
C GLY A 83 2.96 1.41 12.31
N ASN A 84 2.83 1.49 10.96
CA ASN A 84 3.90 1.11 10.03
C ASN A 84 3.92 2.12 8.88
N GLU A 85 4.98 2.09 8.08
CA GLU A 85 5.13 2.97 6.92
C GLU A 85 5.55 2.12 5.71
N TYR A 86 4.86 2.31 4.59
CA TYR A 86 5.14 1.56 3.36
C TYR A 86 5.24 2.49 2.15
N LEU A 87 5.92 2.02 1.10
CA LEU A 87 6.03 2.76 -0.17
C LEU A 87 5.19 2.03 -1.20
N PHE A 88 4.42 2.77 -1.99
CA PHE A 88 3.55 2.18 -3.01
C PHE A 88 3.88 2.76 -4.39
N GLN A 89 3.97 1.87 -5.38
CA GLN A 89 4.29 2.26 -6.76
C GLN A 89 3.09 1.98 -7.67
N ALA A 90 2.64 3.03 -8.37
CA ALA A 90 1.50 2.93 -9.30
C ALA A 90 2.01 2.89 -10.75
N LYS A 91 1.15 2.52 -11.69
CA LYS A 91 1.54 2.45 -13.11
C LYS A 91 1.21 3.74 -13.86
N ASP A 92 0.30 4.56 -13.32
CA ASP A 92 -0.08 5.83 -13.95
C ASP A 92 -0.17 6.97 -12.92
N ASP A 93 -0.07 8.19 -13.44
CA ASP A 93 -0.16 9.43 -12.65
C ASP A 93 -1.55 9.55 -12.03
N GLU A 94 -2.58 9.28 -12.85
CA GLU A 94 -3.97 9.35 -12.42
C GLU A 94 -4.24 8.36 -11.28
N GLU A 95 -3.73 7.13 -11.41
CA GLU A 95 -3.89 6.09 -10.39
C GLU A 95 -3.27 6.53 -9.06
N MET A 96 -2.04 7.06 -9.11
CA MET A 96 -1.32 7.54 -7.93
C MET A 96 -2.17 8.58 -7.18
N ASN A 97 -2.73 9.53 -7.93
CA ASN A 97 -3.58 10.58 -7.37
C ASN A 97 -4.89 9.98 -6.81
N THR A 98 -5.42 8.95 -7.49
CA THR A 98 -6.65 8.28 -7.06
C THR A 98 -6.43 7.56 -5.72
N TRP A 99 -5.28 6.87 -5.60
CA TRP A 99 -4.91 6.16 -4.37
C TRP A 99 -4.71 7.15 -3.22
N ILE A 100 -3.93 8.19 -3.46
CA ILE A 100 -3.65 9.23 -2.46
C ILE A 100 -4.95 9.92 -2.00
N GLN A 101 -5.87 10.18 -2.95
CA GLN A 101 -7.15 10.83 -2.64
C GLN A 101 -7.97 10.00 -1.65
N ALA A 102 -8.10 8.70 -1.94
CA ALA A 102 -8.87 7.78 -1.10
C ALA A 102 -8.17 7.53 0.24
N ILE A 103 -6.89 7.20 0.20
CA ILE A 103 -6.09 6.91 1.41
C ILE A 103 -6.05 8.13 2.35
N SER A 104 -5.86 9.32 1.81
CA SER A 104 -5.79 10.56 2.63
C SER A 104 -7.16 10.88 3.25
N SER A 105 -8.23 10.29 2.71
CA SER A 105 -9.60 10.50 3.21
C SER A 105 -9.94 9.50 4.33
N ALA A 106 -8.97 8.66 4.71
CA ALA A 106 -9.15 7.66 5.76
C ALA A 106 -8.29 8.01 6.98
N MET A 1 -11.95 1.73 -3.73
CA MET A 1 -10.65 1.74 -4.43
C MET A 1 -9.97 0.39 -4.27
N GLU A 2 -9.78 -0.32 -5.38
CA GLU A 2 -9.15 -1.64 -5.39
C GLU A 2 -8.41 -1.85 -6.71
N GLY A 3 -7.25 -2.50 -6.62
CA GLY A 3 -6.41 -2.78 -7.79
C GLY A 3 -5.02 -3.24 -7.36
N PHE A 4 -4.18 -3.49 -8.36
CA PHE A 4 -2.80 -3.93 -8.10
C PHE A 4 -1.91 -2.74 -7.76
N LEU A 5 -0.94 -2.98 -6.89
CA LEU A 5 -0.01 -1.95 -6.45
C LEU A 5 1.35 -2.57 -6.17
N ASN A 6 2.41 -1.82 -6.45
CA ASN A 6 3.78 -2.28 -6.17
C ASN A 6 4.06 -1.90 -4.72
N ARG A 7 4.20 -2.91 -3.87
CA ARG A 7 4.41 -2.69 -2.43
C ARG A 7 5.82 -3.04 -1.99
N LYS A 8 6.40 -2.16 -1.19
CA LYS A 8 7.72 -2.33 -0.62
C LYS A 8 7.69 -1.78 0.79
N HIS A 9 7.84 -2.66 1.78
CA HIS A 9 7.83 -2.23 3.17
C HIS A 9 9.18 -1.58 3.53
N GLU A 10 9.12 -0.51 4.31
CA GLU A 10 10.31 0.23 4.72
C GLU A 10 10.55 0.04 6.21
N TRP A 11 9.52 0.31 7.02
CA TRP A 11 9.61 0.17 8.47
C TRP A 11 8.40 -0.60 8.99
N GLU A 12 8.68 -1.72 9.66
CA GLU A 12 7.66 -2.58 10.25
C GLU A 12 8.05 -2.91 11.70
N ALA A 13 9.33 -3.22 11.88
CA ALA A 13 9.89 -3.57 13.20
C ALA A 13 11.01 -2.59 13.56
N HIS A 14 11.34 -2.53 14.86
CA HIS A 14 12.40 -1.64 15.36
C HIS A 14 13.78 -2.21 15.03
N ASN A 15 14.19 -2.03 13.77
CA ASN A 15 15.50 -2.52 13.29
C ASN A 15 15.98 -1.64 12.11
N LYS A 16 15.57 -0.37 12.13
CA LYS A 16 15.92 0.63 11.10
C LYS A 16 15.15 0.40 9.79
N LYS A 17 15.28 -0.79 9.21
CA LYS A 17 14.60 -1.13 7.95
C LYS A 17 14.18 -2.59 7.94
N ALA A 18 13.73 -3.05 6.77
CA ALA A 18 13.28 -4.43 6.55
C ALA A 18 13.56 -4.85 5.10
N SER A 19 13.43 -6.14 4.81
CA SER A 19 13.68 -6.68 3.46
C SER A 19 13.01 -8.05 3.28
N SER A 20 11.69 -8.03 3.14
CA SER A 20 10.88 -9.24 2.93
C SER A 20 9.78 -8.91 1.93
N ARG A 21 9.92 -9.44 0.70
CA ARG A 21 8.97 -9.19 -0.39
C ARG A 21 9.09 -7.73 -0.86
N SER A 22 10.34 -7.31 -1.09
CA SER A 22 10.66 -5.95 -1.53
C SER A 22 10.23 -5.71 -2.98
N TRP A 23 9.28 -4.79 -3.15
CA TRP A 23 8.73 -4.41 -4.46
C TRP A 23 8.01 -5.60 -5.12
N HIS A 24 6.89 -5.97 -4.50
CA HIS A 24 6.04 -7.07 -4.95
C HIS A 24 4.71 -6.48 -5.44
N ASN A 25 4.19 -7.00 -6.55
CA ASN A 25 2.92 -6.52 -7.11
C ASN A 25 1.77 -7.23 -6.41
N VAL A 26 1.27 -6.60 -5.34
CA VAL A 26 0.18 -7.15 -4.52
C VAL A 26 -1.14 -6.44 -4.83
N TYR A 27 -2.26 -7.08 -4.49
CA TYR A 27 -3.59 -6.53 -4.73
C TYR A 27 -4.13 -5.91 -3.42
N CYS A 28 -4.30 -4.59 -3.43
CA CYS A 28 -4.79 -3.86 -2.25
C CYS A 28 -6.24 -3.43 -2.46
N VAL A 29 -7.08 -3.62 -1.44
CA VAL A 29 -8.50 -3.25 -1.50
C VAL A 29 -8.91 -2.51 -0.23
N ILE A 30 -9.37 -1.28 -0.38
CA ILE A 30 -9.82 -0.46 0.75
C ILE A 30 -11.32 -0.73 0.97
N ASN A 31 -11.70 -0.99 2.22
CA ASN A 31 -13.09 -1.28 2.58
C ASN A 31 -13.54 -0.36 3.71
N ASN A 32 -13.33 0.95 3.53
CA ASN A 32 -13.74 1.97 4.52
C ASN A 32 -12.88 1.93 5.79
N GLN A 33 -11.85 2.78 5.84
CA GLN A 33 -10.94 2.93 7.00
C GLN A 33 -10.03 1.70 7.20
N GLU A 34 -10.34 0.57 6.52
CA GLU A 34 -9.56 -0.66 6.62
C GLU A 34 -9.20 -1.15 5.22
N MET A 35 -7.97 -1.64 5.06
CA MET A 35 -7.49 -2.15 3.78
C MET A 35 -7.06 -3.60 3.92
N GLY A 36 -7.21 -4.37 2.86
CA GLY A 36 -6.85 -5.80 2.85
C GLY A 36 -5.83 -6.08 1.76
N PHE A 37 -4.80 -6.86 2.11
CA PHE A 37 -3.74 -7.25 1.16
C PHE A 37 -4.04 -8.64 0.62
N TYR A 38 -4.45 -8.70 -0.65
CA TYR A 38 -4.79 -9.97 -1.31
C TYR A 38 -3.81 -10.27 -2.44
N LYS A 39 -3.93 -11.47 -3.02
CA LYS A 39 -3.08 -11.91 -4.11
C LYS A 39 -3.48 -11.23 -5.42
N ASP A 40 -4.76 -11.36 -5.78
CA ASP A 40 -5.31 -10.78 -7.02
C ASP A 40 -6.78 -10.39 -6.83
N ALA A 41 -7.45 -10.08 -7.94
CA ALA A 41 -8.87 -9.69 -7.95
C ALA A 41 -9.76 -10.82 -7.42
N LYS A 42 -9.47 -12.06 -7.80
CA LYS A 42 -10.24 -13.23 -7.35
C LYS A 42 -10.05 -13.45 -5.85
N SER A 43 -8.80 -13.33 -5.39
CA SER A 43 -8.46 -13.49 -3.97
C SER A 43 -9.18 -12.43 -3.12
N ALA A 44 -9.28 -11.21 -3.67
CA ALA A 44 -9.94 -10.09 -2.98
C ALA A 44 -11.46 -10.30 -2.96
N ALA A 45 -12.03 -10.69 -4.11
CA ALA A 45 -13.47 -10.93 -4.24
C ALA A 45 -13.93 -12.12 -3.38
N SER A 46 -13.14 -13.20 -3.39
CA SER A 46 -13.46 -14.41 -2.62
C SER A 46 -13.13 -14.21 -1.13
N GLY A 47 -12.12 -13.37 -0.84
CA GLY A 47 -11.71 -13.09 0.53
C GLY A 47 -10.71 -14.12 1.04
N ILE A 48 -9.69 -14.39 0.23
CA ILE A 48 -8.63 -15.35 0.57
C ILE A 48 -7.43 -14.60 1.14
N PRO A 49 -7.02 -14.91 2.39
CA PRO A 49 -5.87 -14.24 3.05
C PRO A 49 -4.53 -14.59 2.39
N TYR A 50 -3.79 -13.54 1.98
CA TYR A 50 -2.48 -13.71 1.34
C TYR A 50 -1.45 -14.25 2.33
N HIS A 51 -1.30 -13.58 3.47
CA HIS A 51 -0.35 -14.02 4.51
C HIS A 51 -0.89 -13.71 5.91
N SER A 52 -0.01 -13.33 6.84
CA SER A 52 -0.38 -13.03 8.23
C SER A 52 -1.13 -11.70 8.36
N GLU A 53 -0.42 -10.59 8.14
CA GLU A 53 -1.00 -9.25 8.26
C GLU A 53 -1.74 -8.85 6.97
N VAL A 54 -2.89 -9.48 6.73
CA VAL A 54 -3.71 -9.19 5.56
C VAL A 54 -4.65 -8.00 5.84
N PRO A 55 -5.40 -8.00 6.97
CA PRO A 55 -6.29 -6.90 7.33
C PRO A 55 -5.55 -5.83 8.14
N VAL A 56 -5.51 -4.61 7.61
CA VAL A 56 -4.82 -3.50 8.26
C VAL A 56 -5.71 -2.25 8.27
N SER A 57 -5.76 -1.57 9.41
CA SER A 57 -6.57 -0.37 9.56
C SER A 57 -5.79 0.86 9.07
N LEU A 58 -6.41 1.64 8.19
CA LEU A 58 -5.82 2.85 7.64
C LEU A 58 -5.97 4.00 8.64
N LYS A 59 -7.23 4.35 8.93
CA LYS A 59 -7.64 5.41 9.88
C LYS A 59 -6.61 6.52 10.08
N GLU A 60 -6.73 7.59 9.29
CA GLU A 60 -5.83 8.75 9.37
C GLU A 60 -4.38 8.37 9.04
N ALA A 61 -4.16 7.98 7.79
CA ALA A 61 -2.83 7.59 7.31
C ALA A 61 -2.12 8.78 6.67
N ILE A 62 -0.84 8.92 6.97
CA ILE A 62 -0.02 9.98 6.37
C ILE A 62 0.49 9.47 5.03
N CYS A 63 0.32 10.26 3.99
CA CYS A 63 0.73 9.85 2.64
C CYS A 63 1.44 11.00 1.92
N GLU A 64 2.72 10.78 1.62
CA GLU A 64 3.56 11.76 0.93
C GLU A 64 3.74 11.33 -0.53
N VAL A 65 3.94 12.28 -1.42
CA VAL A 65 4.12 12.01 -2.85
C VAL A 65 5.61 11.99 -3.21
N ALA A 66 6.04 10.90 -3.85
CA ALA A 66 7.43 10.71 -4.29
C ALA A 66 7.44 10.28 -5.77
N LEU A 67 7.22 11.24 -6.66
CA LEU A 67 7.16 11.00 -8.12
C LEU A 67 8.45 10.37 -8.67
N ASP A 68 9.59 10.67 -8.05
CA ASP A 68 10.89 10.12 -8.48
C ASP A 68 11.66 9.61 -7.26
N TYR A 69 11.21 8.49 -6.70
CA TYR A 69 11.86 7.89 -5.54
C TYR A 69 12.97 6.93 -5.99
N LYS A 70 14.10 7.50 -6.40
CA LYS A 70 15.28 6.74 -6.86
C LYS A 70 14.96 5.92 -8.13
N LYS A 71 14.61 6.63 -9.21
CA LYS A 71 14.27 6.03 -10.52
C LYS A 71 13.03 5.12 -10.42
N LYS A 72 11.98 5.65 -9.80
CA LYS A 72 10.70 4.95 -9.64
C LYS A 72 9.59 5.96 -9.91
N LYS A 73 8.67 5.62 -10.81
CA LYS A 73 7.61 6.50 -11.22
C LYS A 73 6.34 6.31 -10.40
N HIS A 74 5.87 7.42 -9.88
CA HIS A 74 4.62 7.52 -9.10
C HIS A 74 4.62 6.65 -7.84
N VAL A 75 5.49 6.99 -6.89
CA VAL A 75 5.58 6.28 -5.62
C VAL A 75 5.13 7.20 -4.49
N PHE A 76 4.30 6.70 -3.58
CA PHE A 76 3.85 7.52 -2.45
C PHE A 76 4.23 6.84 -1.14
N LYS A 77 4.71 7.65 -0.21
CA LYS A 77 5.15 7.20 1.11
C LYS A 77 3.94 7.09 2.04
N LEU A 78 3.39 5.89 2.15
CA LEU A 78 2.21 5.62 2.97
C LEU A 78 2.62 5.18 4.38
N ARG A 79 2.37 6.05 5.36
CA ARG A 79 2.66 5.77 6.77
C ARG A 79 1.33 5.69 7.53
N LEU A 80 0.96 4.46 7.90
CA LEU A 80 -0.28 4.18 8.59
C LEU A 80 -0.32 4.80 10.00
N SER A 81 -1.47 4.64 10.67
CA SER A 81 -1.70 5.20 12.00
C SER A 81 -0.96 4.42 13.10
N ASP A 82 -0.99 3.09 13.01
CA ASP A 82 -0.34 2.22 14.00
C ASP A 82 1.18 2.48 14.10
N GLY A 83 1.82 2.69 12.95
CA GLY A 83 3.27 2.95 12.89
C GLY A 83 3.89 2.34 11.63
N ASN A 84 3.21 1.33 11.04
CA ASN A 84 3.71 0.66 9.82
C ASN A 84 3.81 1.65 8.66
N GLU A 85 4.89 1.54 7.88
CA GLU A 85 5.13 2.43 6.75
C GLU A 85 5.57 1.60 5.53
N TYR A 86 4.91 1.82 4.40
CA TYR A 86 5.22 1.10 3.16
C TYR A 86 5.25 2.08 1.97
N LEU A 87 6.05 1.73 0.95
CA LEU A 87 6.14 2.53 -0.27
C LEU A 87 5.26 1.86 -1.32
N PHE A 88 4.34 2.63 -1.91
CA PHE A 88 3.43 2.12 -2.93
C PHE A 88 3.67 2.81 -4.27
N GLN A 89 3.95 2.01 -5.29
CA GLN A 89 4.21 2.50 -6.64
C GLN A 89 3.00 2.25 -7.54
N ALA A 90 2.48 3.32 -8.14
CA ALA A 90 1.33 3.23 -9.06
C ALA A 90 1.84 2.98 -10.48
N LYS A 91 0.94 2.54 -11.35
CA LYS A 91 1.30 2.25 -12.75
C LYS A 91 1.06 3.47 -13.65
N ASP A 92 0.39 4.48 -13.11
CA ASP A 92 0.07 5.71 -13.85
C ASP A 92 -0.11 6.89 -12.90
N ASP A 93 0.15 8.10 -13.41
CA ASP A 93 0.01 9.34 -12.62
C ASP A 93 -1.44 9.53 -12.16
N GLU A 94 -2.40 9.24 -13.05
CA GLU A 94 -3.83 9.35 -12.72
C GLU A 94 -4.19 8.37 -11.60
N GLU A 95 -3.66 7.15 -11.71
CA GLU A 95 -3.88 6.10 -10.71
C GLU A 95 -3.32 6.54 -9.35
N MET A 96 -2.11 7.09 -9.36
CA MET A 96 -1.43 7.57 -8.15
C MET A 96 -2.30 8.61 -7.42
N ASN A 97 -2.81 9.59 -8.16
CA ASN A 97 -3.66 10.64 -7.59
C ASN A 97 -4.95 10.05 -7.02
N THR A 98 -5.55 9.09 -7.76
CA THR A 98 -6.79 8.42 -7.33
C THR A 98 -6.56 7.62 -6.05
N TRP A 99 -5.40 6.94 -5.94
CA TRP A 99 -5.05 6.15 -4.75
C TRP A 99 -4.91 7.04 -3.52
N ILE A 100 -4.14 8.13 -3.66
CA ILE A 100 -3.92 9.09 -2.56
C ILE A 100 -5.25 9.74 -2.13
N GLN A 101 -6.12 10.05 -3.11
CA GLN A 101 -7.44 10.64 -2.83
C GLN A 101 -8.32 9.65 -2.05
N ALA A 102 -8.29 8.37 -2.45
CA ALA A 102 -9.08 7.33 -1.79
C ALA A 102 -8.61 7.15 -0.34
N ILE A 103 -7.29 7.13 -0.15
CA ILE A 103 -6.68 6.99 1.19
C ILE A 103 -7.03 8.20 2.07
N SER A 104 -7.13 9.38 1.46
CA SER A 104 -7.47 10.62 2.19
C SER A 104 -8.97 10.62 2.56
N SER A 105 -9.78 9.92 1.78
CA SER A 105 -11.23 9.85 2.00
C SER A 105 -11.57 8.78 3.04
N ALA A 106 -11.37 7.50 2.71
CA ALA A 106 -11.67 6.40 3.64
C ALA A 106 -11.18 5.07 3.07
N MET A 1 -11.85 1.66 -4.54
CA MET A 1 -10.45 1.59 -5.01
C MET A 1 -9.89 0.18 -4.81
N GLU A 2 -9.87 -0.60 -5.89
CA GLU A 2 -9.36 -1.98 -5.85
C GLU A 2 -8.53 -2.25 -7.11
N GLY A 3 -7.38 -2.91 -6.93
CA GLY A 3 -6.49 -3.25 -8.04
C GLY A 3 -5.09 -3.59 -7.54
N PHE A 4 -4.17 -3.76 -8.48
CA PHE A 4 -2.77 -4.10 -8.16
C PHE A 4 -1.97 -2.84 -7.83
N LEU A 5 -0.98 -3.02 -6.97
CA LEU A 5 -0.10 -1.93 -6.53
C LEU A 5 1.25 -2.51 -6.11
N ASN A 6 2.31 -1.76 -6.37
CA ASN A 6 3.67 -2.18 -5.97
C ASN A 6 3.86 -1.78 -4.51
N ARG A 7 4.10 -2.76 -3.65
CA ARG A 7 4.25 -2.52 -2.21
C ARG A 7 5.66 -2.86 -1.75
N LYS A 8 6.23 -1.97 -0.93
CA LYS A 8 7.57 -2.15 -0.37
C LYS A 8 7.53 -1.81 1.12
N HIS A 9 7.60 -2.84 1.96
CA HIS A 9 7.59 -2.68 3.42
C HIS A 9 8.99 -2.35 3.92
N GLU A 10 9.17 -1.13 4.40
CA GLU A 10 10.46 -0.67 4.91
C GLU A 10 10.54 -0.82 6.42
N TRP A 11 9.43 -0.55 7.08
CA TRP A 11 9.36 -0.62 8.53
C TRP A 11 7.99 -1.19 8.95
N GLU A 12 7.97 -2.49 9.19
CA GLU A 12 6.76 -3.21 9.64
C GLU A 12 7.05 -3.90 10.98
N ALA A 13 8.21 -3.58 11.54
CA ALA A 13 8.66 -4.09 12.83
C ALA A 13 8.99 -2.89 13.69
N HIS A 14 8.59 -2.91 14.95
CA HIS A 14 8.79 -1.77 15.86
C HIS A 14 10.27 -1.48 16.21
N ASN A 15 11.22 -1.92 15.39
CA ASN A 15 12.65 -1.63 15.66
C ASN A 15 13.58 -2.08 14.52
N LYS A 16 13.60 -3.38 14.24
CA LYS A 16 14.52 -3.94 13.23
C LYS A 16 14.16 -3.64 11.77
N LYS A 17 13.06 -2.91 11.52
CA LYS A 17 12.65 -2.55 10.16
C LYS A 17 12.38 -3.81 9.31
N ALA A 18 12.36 -3.62 7.99
CA ALA A 18 12.12 -4.69 7.03
C ALA A 18 12.92 -4.41 5.75
N SER A 19 13.77 -5.36 5.36
CA SER A 19 14.61 -5.22 4.17
C SER A 19 15.01 -6.60 3.63
N SER A 20 14.44 -6.98 2.49
CA SER A 20 14.74 -8.27 1.86
C SER A 20 14.32 -8.24 0.38
N ARG A 21 14.85 -7.26 -0.36
CA ARG A 21 14.51 -7.07 -1.78
C ARG A 21 13.01 -6.75 -1.91
N SER A 22 12.58 -5.77 -1.12
CA SER A 22 11.19 -5.34 -1.05
C SER A 22 10.76 -4.50 -2.26
N TRP A 23 9.71 -4.97 -2.94
CA TRP A 23 9.10 -4.32 -4.11
C TRP A 23 8.29 -5.39 -4.86
N HIS A 24 7.14 -5.76 -4.27
CA HIS A 24 6.25 -6.80 -4.82
C HIS A 24 4.93 -6.18 -5.29
N ASN A 25 4.39 -6.70 -6.39
CA ASN A 25 3.13 -6.23 -6.96
C ASN A 25 1.98 -7.02 -6.31
N VAL A 26 1.42 -6.45 -5.24
CA VAL A 26 0.34 -7.07 -4.48
C VAL A 26 -1.00 -6.41 -4.83
N TYR A 27 -2.10 -7.09 -4.54
CA TYR A 27 -3.44 -6.58 -4.81
C TYR A 27 -4.00 -5.89 -3.57
N CYS A 28 -4.28 -4.60 -3.68
CA CYS A 28 -4.80 -3.79 -2.59
C CYS A 28 -6.29 -3.51 -2.79
N VAL A 29 -7.08 -3.67 -1.73
CA VAL A 29 -8.52 -3.43 -1.76
C VAL A 29 -8.96 -2.64 -0.53
N ILE A 30 -9.46 -1.43 -0.75
CA ILE A 30 -9.94 -0.57 0.33
C ILE A 30 -11.46 -0.68 0.38
N ASN A 31 -12.01 -0.97 1.57
CA ASN A 31 -13.45 -1.10 1.73
C ASN A 31 -13.95 -0.25 2.91
N ASN A 32 -13.58 1.04 2.88
CA ASN A 32 -13.96 2.02 3.91
C ASN A 32 -13.27 1.74 5.25
N GLN A 33 -12.56 2.74 5.76
CA GLN A 33 -11.84 2.68 7.05
C GLN A 33 -10.60 1.78 7.00
N GLU A 34 -10.71 0.59 6.38
CA GLU A 34 -9.59 -0.36 6.29
C GLU A 34 -9.43 -0.91 4.88
N MET A 35 -8.30 -1.57 4.65
CA MET A 35 -7.98 -2.18 3.37
C MET A 35 -7.35 -3.56 3.59
N GLY A 36 -7.45 -4.42 2.59
CA GLY A 36 -6.91 -5.78 2.67
C GLY A 36 -5.92 -6.05 1.54
N PHE A 37 -4.82 -6.73 1.88
CA PHE A 37 -3.77 -7.09 0.92
C PHE A 37 -4.00 -8.52 0.43
N TYR A 38 -4.44 -8.66 -0.82
CA TYR A 38 -4.72 -9.97 -1.42
C TYR A 38 -3.74 -10.28 -2.55
N LYS A 39 -3.89 -11.46 -3.15
CA LYS A 39 -3.03 -11.89 -4.26
C LYS A 39 -3.55 -11.29 -5.58
N ASP A 40 -4.88 -11.15 -5.68
CA ASP A 40 -5.55 -10.59 -6.86
C ASP A 40 -7.01 -10.27 -6.55
N ALA A 41 -7.79 -9.94 -7.58
CA ALA A 41 -9.22 -9.61 -7.42
C ALA A 41 -10.02 -10.83 -6.96
N LYS A 42 -9.66 -12.02 -7.48
CA LYS A 42 -10.33 -13.27 -7.11
C LYS A 42 -10.13 -13.56 -5.62
N SER A 43 -8.89 -13.39 -5.15
CA SER A 43 -8.53 -13.62 -3.74
C SER A 43 -9.29 -12.64 -2.82
N ALA A 44 -9.54 -11.43 -3.32
CA ALA A 44 -10.27 -10.40 -2.56
C ALA A 44 -11.76 -10.72 -2.49
N ALA A 45 -12.35 -11.09 -3.63
CA ALA A 45 -13.77 -11.44 -3.73
C ALA A 45 -14.06 -12.78 -3.04
N SER A 46 -13.20 -13.77 -3.27
CA SER A 46 -13.36 -15.10 -2.68
C SER A 46 -13.05 -15.07 -1.18
N GLY A 47 -12.04 -14.28 -0.78
CA GLY A 47 -11.64 -14.15 0.62
C GLY A 47 -10.51 -15.12 0.95
N ILE A 48 -9.42 -15.01 0.20
CA ILE A 48 -8.23 -15.85 0.38
C ILE A 48 -7.12 -15.00 0.99
N PRO A 49 -6.62 -15.38 2.18
CA PRO A 49 -5.56 -14.63 2.87
C PRO A 49 -4.17 -14.78 2.23
N TYR A 50 -3.56 -13.64 1.92
CA TYR A 50 -2.21 -13.57 1.32
C TYR A 50 -1.25 -13.03 2.37
N HIS A 51 -0.37 -13.89 2.87
CA HIS A 51 0.60 -13.54 3.90
C HIS A 51 -0.06 -13.55 5.30
N SER A 52 0.48 -12.77 6.23
CA SER A 52 -0.04 -12.69 7.59
C SER A 52 -0.37 -11.23 7.90
N GLU A 53 -1.56 -11.01 8.41
CA GLU A 53 -2.09 -9.68 8.74
C GLU A 53 -2.55 -8.98 7.47
N VAL A 54 -3.46 -9.64 6.75
CA VAL A 54 -4.01 -9.14 5.48
C VAL A 54 -4.82 -7.84 5.68
N PRO A 55 -5.74 -7.76 6.69
CA PRO A 55 -6.55 -6.55 6.92
C PRO A 55 -5.78 -5.49 7.73
N VAL A 56 -5.58 -4.32 7.12
CA VAL A 56 -4.90 -3.21 7.76
C VAL A 56 -5.80 -1.98 7.79
N SER A 57 -5.86 -1.31 8.94
CA SER A 57 -6.69 -0.13 9.16
C SER A 57 -5.96 1.13 8.69
N LEU A 58 -6.72 2.06 8.08
CA LEU A 58 -6.17 3.34 7.62
C LEU A 58 -6.42 4.40 8.69
N LYS A 59 -5.93 4.14 9.89
CA LYS A 59 -6.10 5.06 11.03
C LYS A 59 -5.10 6.21 10.93
N GLU A 60 -5.57 7.38 10.50
CA GLU A 60 -4.75 8.58 10.34
C GLU A 60 -3.52 8.27 9.46
N ALA A 61 -3.78 7.73 8.27
CA ALA A 61 -2.72 7.34 7.35
C ALA A 61 -2.19 8.56 6.59
N ILE A 62 -0.89 8.81 6.73
CA ILE A 62 -0.23 9.93 6.05
C ILE A 62 0.28 9.45 4.69
N CYS A 63 0.00 10.21 3.65
CA CYS A 63 0.43 9.86 2.28
C CYS A 63 1.24 11.01 1.67
N GLU A 64 2.44 10.69 1.19
CA GLU A 64 3.35 11.68 0.57
C GLU A 64 3.68 11.25 -0.85
N VAL A 65 3.80 12.22 -1.76
CA VAL A 65 4.11 11.94 -3.17
C VAL A 65 5.62 11.84 -3.40
N ALA A 66 6.05 10.79 -4.10
CA ALA A 66 7.46 10.56 -4.44
C ALA A 66 7.62 10.66 -5.96
N LEU A 67 7.99 11.86 -6.41
CA LEU A 67 8.19 12.16 -7.83
C LEU A 67 9.60 11.76 -8.28
N ASP A 68 10.57 11.92 -7.37
CA ASP A 68 11.97 11.57 -7.67
C ASP A 68 12.19 10.06 -7.62
N TYR A 69 11.65 9.41 -6.58
CA TYR A 69 11.77 7.96 -6.40
C TYR A 69 10.72 7.25 -7.27
N LYS A 70 11.17 6.52 -8.29
CA LYS A 70 10.26 5.80 -9.20
C LYS A 70 11.06 5.11 -10.29
N LYS A 71 10.61 3.92 -10.71
CA LYS A 71 11.27 3.17 -11.79
C LYS A 71 11.06 3.90 -13.12
N LYS A 72 9.78 4.08 -13.43
CA LYS A 72 9.33 4.79 -14.63
C LYS A 72 7.82 4.98 -14.54
N LYS A 73 7.38 5.63 -13.46
CA LYS A 73 5.96 5.87 -13.22
C LYS A 73 5.79 6.92 -12.13
N HIS A 74 5.34 6.51 -10.94
CA HIS A 74 5.13 7.42 -9.81
C HIS A 74 5.01 6.63 -8.50
N VAL A 75 5.68 7.12 -7.44
CA VAL A 75 5.65 6.48 -6.12
C VAL A 75 4.98 7.40 -5.11
N PHE A 76 4.52 6.82 -4.00
CA PHE A 76 3.90 7.58 -2.92
C PHE A 76 4.08 6.80 -1.61
N LYS A 77 4.43 7.51 -0.55
CA LYS A 77 4.65 6.90 0.76
C LYS A 77 3.32 6.75 1.50
N LEU A 78 3.26 5.77 2.39
CA LEU A 78 2.06 5.52 3.20
C LEU A 78 2.49 5.10 4.60
N ARG A 79 2.41 6.05 5.54
CA ARG A 79 2.82 5.83 6.93
C ARG A 79 1.62 5.94 7.87
N LEU A 80 1.41 4.90 8.69
CA LEU A 80 0.30 4.91 9.66
C LEU A 80 0.71 5.73 10.89
N SER A 81 -0.27 6.19 11.67
CA SER A 81 -0.03 7.00 12.88
C SER A 81 0.72 6.22 13.95
N ASP A 82 0.35 4.95 14.11
CA ASP A 82 0.96 4.06 15.12
C ASP A 82 0.81 2.61 14.64
N GLY A 83 1.53 2.26 13.57
CA GLY A 83 1.46 0.91 13.03
C GLY A 83 2.72 0.56 12.26
N ASN A 84 2.65 0.66 10.92
CA ASN A 84 3.76 0.34 10.03
C ASN A 84 3.87 1.43 8.96
N GLU A 85 4.97 1.40 8.21
CA GLU A 85 5.23 2.34 7.12
C GLU A 85 5.61 1.57 5.85
N TYR A 86 5.05 1.98 4.70
CA TYR A 86 5.31 1.31 3.42
C TYR A 86 5.41 2.33 2.27
N LEU A 87 6.04 1.91 1.17
CA LEU A 87 6.15 2.73 -0.06
C LEU A 87 5.28 2.07 -1.12
N PHE A 88 4.47 2.86 -1.84
CA PHE A 88 3.59 2.33 -2.88
C PHE A 88 3.92 2.95 -4.24
N GLN A 89 3.94 2.12 -5.28
CA GLN A 89 4.23 2.56 -6.65
C GLN A 89 3.03 2.25 -7.56
N ALA A 90 2.49 3.29 -8.20
CA ALA A 90 1.35 3.13 -9.12
C ALA A 90 1.84 3.08 -10.56
N LYS A 91 0.98 2.61 -11.47
CA LYS A 91 1.32 2.49 -12.89
C LYS A 91 1.05 3.80 -13.64
N ASP A 92 0.07 4.59 -13.17
CA ASP A 92 -0.29 5.86 -13.81
C ASP A 92 -0.34 6.99 -12.78
N ASP A 93 -0.11 8.22 -13.26
CA ASP A 93 -0.14 9.43 -12.42
C ASP A 93 -1.56 9.68 -11.89
N GLU A 94 -2.57 9.49 -12.75
CA GLU A 94 -3.97 9.68 -12.36
C GLU A 94 -4.38 8.67 -11.30
N GLU A 95 -3.91 7.43 -11.45
CA GLU A 95 -4.19 6.35 -10.50
C GLU A 95 -3.52 6.65 -9.15
N MET A 96 -2.25 7.09 -9.20
CA MET A 96 -1.48 7.45 -7.99
C MET A 96 -2.25 8.49 -7.17
N ASN A 97 -2.75 9.52 -7.84
CA ASN A 97 -3.52 10.59 -7.19
C ASN A 97 -4.81 10.04 -6.57
N THR A 98 -5.46 9.11 -7.29
CA THR A 98 -6.69 8.49 -6.80
C THR A 98 -6.41 7.62 -5.56
N TRP A 99 -5.30 6.87 -5.59
CA TRP A 99 -4.88 6.01 -4.47
C TRP A 99 -4.63 6.85 -3.22
N ILE A 100 -3.80 7.89 -3.37
CA ILE A 100 -3.45 8.79 -2.26
C ILE A 100 -4.72 9.42 -1.64
N GLN A 101 -5.62 9.91 -2.49
CA GLN A 101 -6.88 10.52 -2.02
C GLN A 101 -7.77 9.48 -1.34
N ALA A 102 -7.83 8.26 -1.90
CA ALA A 102 -8.64 7.17 -1.34
C ALA A 102 -8.08 6.71 0.02
N ILE A 103 -6.75 6.73 0.14
CA ILE A 103 -6.06 6.32 1.37
C ILE A 103 -6.21 7.39 2.47
N SER A 104 -6.20 8.67 2.07
CA SER A 104 -6.34 9.79 3.01
C SER A 104 -7.76 9.85 3.57
N SER A 105 -8.75 9.67 2.70
CA SER A 105 -10.17 9.70 3.10
C SER A 105 -10.59 8.40 3.76
N ALA A 106 -10.20 7.27 3.14
CA ALA A 106 -10.53 5.93 3.63
C ALA A 106 -12.03 5.69 3.59
N MET A 1 -13.06 0.17 -5.46
CA MET A 1 -12.05 0.56 -4.46
C MET A 1 -10.98 -0.54 -4.35
N GLU A 2 -10.55 -1.05 -5.51
CA GLU A 2 -9.53 -2.12 -5.59
C GLU A 2 -8.61 -1.86 -6.77
N GLY A 3 -7.48 -2.58 -6.81
CA GLY A 3 -6.51 -2.45 -7.89
C GLY A 3 -5.16 -3.01 -7.49
N PHE A 4 -4.29 -3.20 -8.48
CA PHE A 4 -2.95 -3.74 -8.25
C PHE A 4 -2.01 -2.59 -7.85
N LEU A 5 -1.06 -2.90 -6.99
CA LEU A 5 -0.08 -1.92 -6.51
C LEU A 5 1.23 -2.63 -6.17
N ASN A 6 2.34 -1.96 -6.44
CA ASN A 6 3.67 -2.49 -6.10
C ASN A 6 3.96 -1.98 -4.69
N ARG A 7 4.37 -2.87 -3.79
CA ARG A 7 4.62 -2.50 -2.38
C ARG A 7 6.07 -2.75 -1.97
N LYS A 8 6.59 -1.83 -1.16
CA LYS A 8 7.94 -1.91 -0.60
C LYS A 8 7.85 -1.41 0.83
N HIS A 9 8.54 -2.09 1.74
CA HIS A 9 8.52 -1.70 3.16
C HIS A 9 9.78 -0.89 3.51
N GLU A 10 9.58 0.14 4.32
CA GLU A 10 10.66 1.02 4.79
C GLU A 10 10.85 0.82 6.30
N TRP A 11 9.73 0.72 7.00
CA TRP A 11 9.72 0.53 8.45
C TRP A 11 8.34 -0.02 8.86
N GLU A 12 8.34 -0.99 9.76
CA GLU A 12 7.10 -1.62 10.25
C GLU A 12 7.29 -2.17 11.66
N ALA A 13 8.51 -2.63 11.95
CA ALA A 13 8.86 -3.20 13.26
C ALA A 13 10.00 -2.40 13.88
N HIS A 14 9.89 -2.14 15.18
CA HIS A 14 10.90 -1.38 15.94
C HIS A 14 12.25 -2.10 15.91
N ASN A 15 13.33 -1.32 15.78
CA ASN A 15 14.71 -1.83 15.73
C ASN A 15 14.96 -2.62 14.44
N LYS A 16 14.42 -2.11 13.33
CA LYS A 16 14.57 -2.74 12.02
C LYS A 16 14.12 -1.78 10.93
N LYS A 17 15.02 -1.41 10.04
CA LYS A 17 14.71 -0.50 8.93
C LYS A 17 14.96 -1.23 7.62
N ALA A 18 13.90 -1.42 6.84
CA ALA A 18 13.98 -2.10 5.55
C ALA A 18 14.53 -1.15 4.49
N SER A 19 15.83 -0.86 4.58
CA SER A 19 16.52 0.02 3.63
C SER A 19 17.01 -0.81 2.45
N SER A 20 16.11 -1.65 1.93
CA SER A 20 16.39 -2.53 0.81
C SER A 20 15.26 -2.38 -0.23
N ARG A 21 15.57 -2.63 -1.50
CA ARG A 21 14.58 -2.53 -2.57
C ARG A 21 13.74 -3.81 -2.65
N SER A 22 13.04 -4.13 -1.56
CA SER A 22 12.17 -5.31 -1.48
C SER A 22 10.80 -4.95 -2.05
N TRP A 23 10.70 -5.01 -3.38
CA TRP A 23 9.48 -4.66 -4.10
C TRP A 23 8.69 -5.92 -4.48
N HIS A 24 7.38 -5.91 -4.22
CA HIS A 24 6.49 -7.05 -4.53
C HIS A 24 5.12 -6.56 -4.99
N ASN A 25 4.51 -7.30 -5.92
CA ASN A 25 3.18 -6.96 -6.44
C ASN A 25 2.10 -7.42 -5.46
N VAL A 26 1.09 -6.57 -5.23
CA VAL A 26 0.00 -6.90 -4.31
C VAL A 26 -1.30 -6.26 -4.80
N TYR A 27 -2.41 -6.81 -4.33
CA TYR A 27 -3.75 -6.33 -4.69
C TYR A 27 -4.37 -5.65 -3.47
N CYS A 28 -4.46 -4.33 -3.51
CA CYS A 28 -5.00 -3.54 -2.38
C CYS A 28 -6.51 -3.35 -2.52
N VAL A 29 -7.22 -3.51 -1.40
CA VAL A 29 -8.68 -3.36 -1.35
C VAL A 29 -9.06 -2.60 -0.08
N ILE A 30 -9.73 -1.45 -0.24
CA ILE A 30 -10.17 -0.62 0.89
C ILE A 30 -11.68 -0.76 1.05
N ASN A 31 -12.14 -1.03 2.27
CA ASN A 31 -13.57 -1.19 2.53
C ASN A 31 -13.94 -0.50 3.85
N ASN A 32 -14.04 0.83 3.79
CA ASN A 32 -14.42 1.66 4.95
C ASN A 32 -13.40 1.55 6.09
N GLN A 33 -12.39 2.43 6.07
CA GLN A 33 -11.34 2.51 7.11
C GLN A 33 -10.32 1.36 7.05
N GLU A 34 -10.80 0.12 6.80
CA GLU A 34 -9.92 -1.05 6.78
C GLU A 34 -9.60 -1.47 5.34
N MET A 35 -8.35 -1.84 5.12
CA MET A 35 -7.88 -2.30 3.81
C MET A 35 -7.25 -3.69 3.93
N GLY A 36 -7.34 -4.46 2.86
CA GLY A 36 -6.79 -5.83 2.83
C GLY A 36 -5.80 -6.00 1.68
N PHE A 37 -4.71 -6.71 1.96
CA PHE A 37 -3.66 -6.99 0.97
C PHE A 37 -3.85 -8.39 0.40
N TYR A 38 -4.47 -8.46 -0.77
CA TYR A 38 -4.75 -9.74 -1.46
C TYR A 38 -3.74 -9.99 -2.59
N LYS A 39 -3.86 -11.16 -3.23
CA LYS A 39 -2.98 -11.55 -4.34
C LYS A 39 -3.46 -10.93 -5.65
N ASP A 40 -4.77 -10.98 -5.88
CA ASP A 40 -5.39 -10.43 -7.10
C ASP A 40 -6.89 -10.21 -6.91
N ALA A 41 -7.58 -9.94 -8.02
CA ALA A 41 -9.03 -9.70 -8.03
C ALA A 41 -9.82 -10.93 -7.56
N LYS A 42 -9.41 -12.11 -8.01
CA LYS A 42 -10.08 -13.36 -7.62
C LYS A 42 -9.91 -13.61 -6.12
N SER A 43 -8.69 -13.42 -5.63
CA SER A 43 -8.37 -13.61 -4.21
C SER A 43 -9.17 -12.63 -3.33
N ALA A 44 -9.37 -11.41 -3.83
CA ALA A 44 -10.14 -10.38 -3.12
C ALA A 44 -11.65 -10.67 -3.18
N ALA A 45 -12.11 -11.20 -4.32
CA ALA A 45 -13.53 -11.53 -4.51
C ALA A 45 -13.93 -12.73 -3.65
N SER A 46 -13.09 -13.77 -3.65
CA SER A 46 -13.35 -14.99 -2.87
C SER A 46 -13.07 -14.75 -1.38
N GLY A 47 -12.05 -13.95 -1.09
CA GLY A 47 -11.67 -13.62 0.29
C GLY A 47 -10.59 -14.59 0.79
N ILE A 48 -9.50 -14.69 0.03
CA ILE A 48 -8.37 -15.56 0.36
C ILE A 48 -7.22 -14.72 0.93
N PRO A 49 -6.71 -15.06 2.14
CA PRO A 49 -5.61 -14.30 2.76
C PRO A 49 -4.25 -14.58 2.09
N TYR A 50 -3.64 -13.53 1.54
CA TYR A 50 -2.34 -13.62 0.86
C TYR A 50 -1.21 -13.91 1.86
N HIS A 51 -1.33 -13.33 3.06
CA HIS A 51 -0.35 -13.52 4.14
C HIS A 51 -1.10 -13.68 5.46
N SER A 52 -0.40 -13.53 6.59
CA SER A 52 -1.01 -13.64 7.91
C SER A 52 -1.73 -12.33 8.25
N GLU A 53 -0.96 -11.25 8.36
CA GLU A 53 -1.47 -9.91 8.66
C GLU A 53 -1.99 -9.25 7.38
N VAL A 54 -3.14 -9.73 6.90
CA VAL A 54 -3.75 -9.21 5.67
C VAL A 54 -4.56 -7.92 5.89
N PRO A 55 -5.36 -7.82 6.99
CA PRO A 55 -6.16 -6.62 7.26
C PRO A 55 -5.38 -5.52 7.99
N VAL A 56 -5.36 -4.33 7.39
CA VAL A 56 -4.66 -3.16 7.95
C VAL A 56 -5.62 -1.97 7.96
N SER A 57 -5.52 -1.15 9.01
CA SER A 57 -6.39 0.01 9.19
C SER A 57 -5.75 1.30 8.62
N LEU A 58 -6.53 2.04 7.83
CA LEU A 58 -6.10 3.33 7.25
C LEU A 58 -6.58 4.47 8.14
N LYS A 59 -6.36 4.32 9.44
CA LYS A 59 -6.76 5.31 10.44
C LYS A 59 -5.72 6.41 10.52
N GLU A 60 -6.06 7.61 10.02
CA GLU A 60 -5.16 8.76 10.03
C GLU A 60 -3.85 8.43 9.31
N ALA A 61 -3.95 7.97 8.07
CA ALA A 61 -2.80 7.60 7.26
C ALA A 61 -2.24 8.79 6.49
N ILE A 62 -0.99 9.13 6.75
CA ILE A 62 -0.31 10.24 6.05
C ILE A 62 0.28 9.68 4.76
N CYS A 63 0.12 10.42 3.65
CA CYS A 63 0.62 9.98 2.35
C CYS A 63 1.52 11.05 1.72
N GLU A 64 2.77 10.69 1.47
CA GLU A 64 3.76 11.58 0.86
C GLU A 64 4.09 11.09 -0.56
N VAL A 65 3.97 11.99 -1.55
CA VAL A 65 4.25 11.64 -2.94
C VAL A 65 5.76 11.54 -3.16
N ALA A 66 6.19 10.40 -3.72
CA ALA A 66 7.60 10.12 -4.00
C ALA A 66 7.82 10.07 -5.52
N LEU A 67 8.25 11.21 -6.06
CA LEU A 67 8.53 11.36 -7.50
C LEU A 67 10.02 11.19 -7.77
N ASP A 68 10.84 11.93 -7.01
CA ASP A 68 12.30 11.91 -7.15
C ASP A 68 12.94 10.75 -6.35
N TYR A 69 12.22 9.64 -6.18
CA TYR A 69 12.74 8.47 -5.44
C TYR A 69 13.64 7.60 -6.36
N LYS A 70 14.00 8.15 -7.52
CA LYS A 70 14.88 7.51 -8.51
C LYS A 70 14.30 6.17 -9.01
N LYS A 71 13.26 6.27 -9.84
CA LYS A 71 12.60 5.09 -10.41
C LYS A 71 11.64 5.52 -11.51
N LYS A 72 11.12 4.53 -12.24
CA LYS A 72 10.14 4.78 -13.30
C LYS A 72 8.75 4.54 -12.71
N LYS A 73 7.82 5.48 -12.96
CA LYS A 73 6.44 5.44 -12.45
C LYS A 73 6.36 6.18 -11.12
N HIS A 74 5.19 6.71 -10.82
CA HIS A 74 4.95 7.48 -9.59
C HIS A 74 4.83 6.57 -8.37
N VAL A 75 5.51 6.95 -7.28
CA VAL A 75 5.48 6.20 -6.03
C VAL A 75 4.98 7.12 -4.90
N PHE A 76 4.44 6.54 -3.83
CA PHE A 76 3.96 7.32 -2.69
C PHE A 76 4.22 6.54 -1.40
N LYS A 77 4.61 7.25 -0.34
CA LYS A 77 4.91 6.63 0.95
C LYS A 77 3.70 6.73 1.88
N LEU A 78 3.15 5.58 2.24
CA LEU A 78 1.99 5.52 3.13
C LEU A 78 2.46 5.30 4.58
N ARG A 79 2.21 6.28 5.43
CA ARG A 79 2.60 6.23 6.85
C ARG A 79 1.35 5.99 7.70
N LEU A 80 1.28 4.80 8.31
CA LEU A 80 0.15 4.42 9.17
C LEU A 80 0.43 4.85 10.61
N SER A 81 -0.63 5.34 11.28
CA SER A 81 -0.54 5.81 12.67
C SER A 81 -0.12 4.68 13.64
N ASP A 82 -0.34 3.43 13.23
CA ASP A 82 0.02 2.26 14.05
C ASP A 82 1.55 2.03 14.07
N GLY A 83 2.29 2.90 13.37
CA GLY A 83 3.76 2.82 13.32
C GLY A 83 4.22 1.93 12.17
N ASN A 84 3.82 2.30 10.93
CA ASN A 84 4.20 1.54 9.72
C ASN A 84 4.41 2.50 8.54
N GLU A 85 5.39 2.20 7.70
CA GLU A 85 5.71 3.01 6.52
C GLU A 85 5.96 2.10 5.31
N TYR A 86 5.13 2.24 4.26
CA TYR A 86 5.27 1.41 3.05
C TYR A 86 5.17 2.24 1.75
N LEU A 87 6.15 2.07 0.87
CA LEU A 87 6.19 2.73 -0.42
C LEU A 87 5.30 1.96 -1.41
N PHE A 88 4.43 2.70 -2.07
CA PHE A 88 3.49 2.13 -3.05
C PHE A 88 3.73 2.72 -4.43
N GLN A 89 3.84 1.85 -5.44
CA GLN A 89 4.06 2.26 -6.83
C GLN A 89 2.80 2.05 -7.67
N ALA A 90 2.33 3.13 -8.29
CA ALA A 90 1.14 3.08 -9.14
C ALA A 90 1.55 2.86 -10.61
N LYS A 91 0.62 2.39 -11.42
CA LYS A 91 0.88 2.14 -12.85
C LYS A 91 0.80 3.43 -13.65
N ASP A 92 -0.13 4.31 -13.25
CA ASP A 92 -0.32 5.62 -13.90
C ASP A 92 -0.33 6.72 -12.84
N ASP A 93 0.09 7.93 -13.22
CA ASP A 93 0.12 9.07 -12.29
C ASP A 93 -1.28 9.44 -11.84
N GLU A 94 -2.28 9.25 -12.73
CA GLU A 94 -3.68 9.52 -12.41
C GLU A 94 -4.14 8.54 -11.33
N GLU A 95 -3.65 7.30 -11.41
CA GLU A 95 -3.97 6.26 -10.43
C GLU A 95 -3.38 6.62 -9.07
N MET A 96 -2.15 7.14 -9.08
CA MET A 96 -1.45 7.57 -7.86
C MET A 96 -2.31 8.59 -7.08
N ASN A 97 -2.85 9.58 -7.81
CA ASN A 97 -3.71 10.61 -7.22
C ASN A 97 -5.00 9.96 -6.66
N THR A 98 -5.59 9.07 -7.45
CA THR A 98 -6.83 8.36 -7.03
C THR A 98 -6.57 7.52 -5.77
N TRP A 99 -5.42 6.86 -5.69
CA TRP A 99 -5.06 6.04 -4.53
C TRP A 99 -4.86 6.91 -3.29
N ILE A 100 -4.06 7.98 -3.41
CA ILE A 100 -3.80 8.90 -2.30
C ILE A 100 -5.12 9.54 -1.82
N GLN A 101 -6.00 9.89 -2.76
CA GLN A 101 -7.30 10.49 -2.43
C GLN A 101 -8.19 9.46 -1.72
N ALA A 102 -8.18 8.22 -2.22
CA ALA A 102 -8.97 7.13 -1.63
C ALA A 102 -8.45 6.80 -0.22
N ILE A 103 -7.12 6.84 -0.05
CA ILE A 103 -6.49 6.56 1.24
C ILE A 103 -6.80 7.67 2.26
N SER A 104 -6.90 8.91 1.79
CA SER A 104 -7.22 10.06 2.65
C SER A 104 -8.69 9.99 3.10
N SER A 105 -9.56 9.58 2.18
CA SER A 105 -11.00 9.44 2.46
C SER A 105 -11.27 8.20 3.31
N ALA A 106 -10.64 7.07 2.92
CA ALA A 106 -10.78 5.79 3.62
C ALA A 106 -12.21 5.25 3.53
N MET A 1 -13.10 0.40 -4.51
CA MET A 1 -11.72 0.94 -4.57
C MET A 1 -10.72 -0.19 -4.39
N GLU A 2 -10.41 -0.88 -5.49
CA GLU A 2 -9.47 -2.01 -5.50
C GLU A 2 -8.56 -1.89 -6.73
N GLY A 3 -7.38 -2.49 -6.65
CA GLY A 3 -6.44 -2.46 -7.77
C GLY A 3 -5.06 -2.98 -7.35
N PHE A 4 -4.21 -3.21 -8.35
CA PHE A 4 -2.85 -3.70 -8.14
C PHE A 4 -1.94 -2.52 -7.78
N LEU A 5 -0.98 -2.79 -6.91
CA LEU A 5 -0.02 -1.78 -6.45
C LEU A 5 1.28 -2.47 -6.05
N ASN A 6 2.41 -1.79 -6.24
CA ASN A 6 3.71 -2.33 -5.83
C ASN A 6 3.93 -1.89 -4.40
N ARG A 7 4.03 -2.85 -3.48
CA ARG A 7 4.22 -2.55 -2.06
C ARG A 7 5.62 -2.93 -1.60
N LYS A 8 6.34 -1.95 -1.08
CA LYS A 8 7.70 -2.12 -0.56
C LYS A 8 7.71 -1.78 0.92
N HIS A 9 8.24 -2.68 1.74
CA HIS A 9 8.31 -2.47 3.19
C HIS A 9 9.57 -1.70 3.54
N GLU A 10 9.41 -0.42 3.88
CA GLU A 10 10.53 0.43 4.26
C GLU A 10 10.80 0.32 5.76
N TRP A 11 9.75 -0.01 6.52
CA TRP A 11 9.84 -0.16 7.97
C TRP A 11 8.56 -0.79 8.49
N GLU A 12 8.69 -1.71 9.44
CA GLU A 12 7.55 -2.41 10.05
C GLU A 12 8.03 -3.40 11.10
N ALA A 13 9.18 -4.01 10.84
CA ALA A 13 9.78 -4.99 11.74
C ALA A 13 10.60 -4.29 12.83
N HIS A 14 11.16 -5.07 13.76
CA HIS A 14 11.97 -4.53 14.85
C HIS A 14 13.38 -4.20 14.35
N ASN A 15 13.45 -3.41 13.29
CA ASN A 15 14.71 -3.00 12.65
C ASN A 15 14.44 -1.73 11.84
N LYS A 16 15.49 -0.98 11.50
CA LYS A 16 15.38 0.27 10.73
C LYS A 16 14.88 0.03 9.28
N LYS A 17 14.87 -1.23 8.84
CA LYS A 17 14.41 -1.57 7.49
C LYS A 17 13.93 -3.01 7.44
N ALA A 18 13.04 -3.31 6.49
CA ALA A 18 12.49 -4.65 6.30
C ALA A 18 13.40 -5.47 5.37
N SER A 19 13.54 -6.76 5.67
CA SER A 19 14.37 -7.68 4.89
C SER A 19 13.52 -8.88 4.45
N SER A 20 12.42 -8.59 3.78
CA SER A 20 11.51 -9.62 3.28
C SER A 20 10.54 -9.01 2.25
N ARG A 21 10.16 -9.80 1.25
CA ARG A 21 9.23 -9.40 0.18
C ARG A 21 9.85 -8.39 -0.79
N SER A 22 10.19 -7.20 -0.28
CA SER A 22 10.77 -6.12 -1.11
C SER A 22 9.69 -5.55 -2.02
N TRP A 23 10.09 -5.06 -3.19
CA TRP A 23 9.17 -4.49 -4.18
C TRP A 23 8.30 -5.61 -4.75
N HIS A 24 7.18 -5.89 -4.09
CA HIS A 24 6.25 -6.96 -4.49
C HIS A 24 4.95 -6.37 -5.05
N ASN A 25 4.45 -6.96 -6.14
CA ASN A 25 3.20 -6.53 -6.76
C ASN A 25 2.04 -7.22 -6.03
N VAL A 26 1.28 -6.45 -5.27
CA VAL A 26 0.16 -6.98 -4.48
C VAL A 26 -1.15 -6.28 -4.87
N TYR A 27 -2.27 -6.92 -4.51
CA TYR A 27 -3.61 -6.38 -4.80
C TYR A 27 -4.18 -5.77 -3.51
N CYS A 28 -4.36 -4.46 -3.51
CA CYS A 28 -4.89 -3.74 -2.35
C CYS A 28 -6.38 -3.41 -2.54
N VAL A 29 -7.15 -3.58 -1.47
CA VAL A 29 -8.60 -3.32 -1.49
C VAL A 29 -8.98 -2.49 -0.27
N ILE A 30 -9.60 -1.32 -0.50
CA ILE A 30 -10.03 -0.43 0.58
C ILE A 30 -11.46 -0.78 1.00
N ASN A 31 -11.72 -0.76 2.30
CA ASN A 31 -13.04 -1.08 2.85
C ASN A 31 -13.31 -0.19 4.06
N ASN A 32 -13.81 1.02 3.80
CA ASN A 32 -14.12 2.02 4.84
C ASN A 32 -12.83 2.49 5.54
N GLN A 33 -12.72 2.23 6.85
CA GLN A 33 -11.54 2.64 7.62
C GLN A 33 -10.55 1.46 7.73
N GLU A 34 -10.66 0.49 6.79
CA GLU A 34 -9.79 -0.67 6.75
C GLU A 34 -9.44 -1.00 5.30
N MET A 35 -8.48 -1.90 5.12
CA MET A 35 -8.04 -2.34 3.81
C MET A 35 -7.37 -3.70 3.94
N GLY A 36 -7.30 -4.45 2.84
CA GLY A 36 -6.72 -5.80 2.85
C GLY A 36 -5.73 -5.98 1.71
N PHE A 37 -4.68 -6.76 1.98
CA PHE A 37 -3.63 -7.07 0.99
C PHE A 37 -3.85 -8.50 0.47
N TYR A 38 -4.29 -8.62 -0.78
CA TYR A 38 -4.57 -9.93 -1.39
C TYR A 38 -3.67 -10.19 -2.61
N LYS A 39 -3.83 -11.36 -3.22
CA LYS A 39 -3.05 -11.77 -4.39
C LYS A 39 -3.54 -11.02 -5.65
N ASP A 40 -4.85 -11.11 -5.90
CA ASP A 40 -5.47 -10.47 -7.07
C ASP A 40 -6.94 -10.13 -6.75
N ALA A 41 -7.71 -9.84 -7.81
CA ALA A 41 -9.14 -9.51 -7.68
C ALA A 41 -9.95 -10.69 -7.11
N LYS A 42 -9.63 -11.91 -7.58
CA LYS A 42 -10.30 -13.13 -7.11
C LYS A 42 -9.95 -13.41 -5.65
N SER A 43 -8.69 -13.19 -5.29
CA SER A 43 -8.22 -13.39 -3.92
C SER A 43 -8.94 -12.41 -2.97
N ALA A 44 -9.16 -11.18 -3.45
CA ALA A 44 -9.85 -10.15 -2.70
C ALA A 44 -11.35 -10.43 -2.62
N ALA A 45 -11.95 -10.81 -3.76
CA ALA A 45 -13.39 -11.11 -3.84
C ALA A 45 -13.72 -12.37 -3.03
N SER A 46 -13.03 -13.47 -3.33
CA SER A 46 -13.23 -14.75 -2.64
C SER A 46 -12.84 -14.63 -1.15
N GLY A 47 -11.81 -13.83 -0.86
CA GLY A 47 -11.33 -13.62 0.50
C GLY A 47 -10.34 -14.70 0.91
N ILE A 48 -9.17 -14.70 0.27
CA ILE A 48 -8.10 -15.67 0.55
C ILE A 48 -6.95 -14.94 1.23
N PRO A 49 -6.48 -15.42 2.41
CA PRO A 49 -5.37 -14.79 3.13
C PRO A 49 -4.03 -14.99 2.43
N TYR A 50 -3.71 -14.07 1.51
CA TYR A 50 -2.47 -14.13 0.72
C TYR A 50 -1.26 -13.79 1.61
N HIS A 51 -1.24 -12.58 2.15
CA HIS A 51 -0.15 -12.11 3.02
C HIS A 51 -0.33 -12.68 4.43
N SER A 52 0.64 -12.43 5.31
CA SER A 52 0.57 -12.89 6.70
C SER A 52 -0.36 -11.96 7.48
N GLU A 53 -0.15 -10.66 7.32
CA GLU A 53 -0.96 -9.62 7.95
C GLU A 53 -1.80 -8.94 6.86
N VAL A 54 -2.86 -9.63 6.43
CA VAL A 54 -3.74 -9.14 5.36
C VAL A 54 -4.59 -7.93 5.80
N PRO A 55 -5.34 -8.01 6.92
CA PRO A 55 -6.18 -6.88 7.37
C PRO A 55 -5.38 -5.74 8.02
N VAL A 56 -5.50 -4.53 7.47
CA VAL A 56 -4.82 -3.34 7.97
C VAL A 56 -5.83 -2.20 8.10
N SER A 57 -5.77 -1.46 9.21
CA SER A 57 -6.68 -0.35 9.47
C SER A 57 -6.12 0.96 8.88
N LEU A 58 -6.99 1.74 8.24
CA LEU A 58 -6.62 3.03 7.66
C LEU A 58 -6.81 4.11 8.74
N LYS A 59 -6.07 3.95 9.83
CA LYS A 59 -6.12 4.86 10.97
C LYS A 59 -4.81 5.64 11.04
N GLU A 60 -4.88 6.95 10.78
CA GLU A 60 -3.71 7.85 10.78
C GLU A 60 -2.70 7.43 9.71
N ALA A 61 -3.16 7.38 8.46
CA ALA A 61 -2.34 7.00 7.31
C ALA A 61 -1.75 8.24 6.65
N ILE A 62 -0.61 8.71 7.18
CA ILE A 62 0.06 9.87 6.59
C ILE A 62 0.60 9.49 5.22
N CYS A 63 0.23 10.25 4.21
CA CYS A 63 0.62 9.96 2.83
C CYS A 63 1.51 11.07 2.26
N GLU A 64 2.50 10.65 1.47
CA GLU A 64 3.45 11.56 0.83
C GLU A 64 3.68 11.09 -0.62
N VAL A 65 4.16 11.98 -1.47
CA VAL A 65 4.42 11.66 -2.88
C VAL A 65 5.93 11.53 -3.11
N ALA A 66 6.31 10.50 -3.88
CA ALA A 66 7.71 10.23 -4.21
C ALA A 66 7.86 10.13 -5.73
N LEU A 67 8.07 11.28 -6.38
CA LEU A 67 8.21 11.35 -7.84
C LEU A 67 9.68 11.13 -8.26
N ASP A 68 10.56 10.86 -7.29
CA ASP A 68 11.98 10.63 -7.55
C ASP A 68 12.51 9.52 -6.64
N TYR A 69 12.00 8.31 -6.82
CA TYR A 69 12.41 7.13 -6.05
C TYR A 69 12.73 5.97 -7.00
N LYS A 70 12.97 4.80 -6.43
CA LYS A 70 13.28 3.59 -7.21
C LYS A 70 12.00 3.02 -7.83
N LYS A 71 12.14 2.44 -9.03
CA LYS A 71 11.02 1.85 -9.79
C LYS A 71 10.08 2.94 -10.29
N LYS A 72 10.34 3.41 -11.51
CA LYS A 72 9.54 4.46 -12.17
C LYS A 72 9.65 5.79 -11.42
N LYS A 73 8.78 6.74 -11.76
CA LYS A 73 8.79 8.07 -11.14
C LYS A 73 7.37 8.46 -10.71
N HIS A 74 6.60 7.51 -10.20
CA HIS A 74 5.22 7.76 -9.73
C HIS A 74 4.95 6.82 -8.54
N VAL A 75 5.60 7.12 -7.42
CA VAL A 75 5.47 6.34 -6.19
C VAL A 75 4.95 7.25 -5.08
N PHE A 76 4.23 6.68 -4.12
CA PHE A 76 3.71 7.44 -2.99
C PHE A 76 3.95 6.65 -1.70
N LYS A 77 4.32 7.37 -0.65
CA LYS A 77 4.61 6.75 0.64
C LYS A 77 3.37 6.76 1.53
N LEU A 78 3.25 5.69 2.31
CA LEU A 78 2.16 5.52 3.25
C LEU A 78 2.74 5.18 4.62
N ARG A 79 2.51 6.05 5.60
CA ARG A 79 3.01 5.85 6.96
C ARG A 79 1.86 5.70 7.95
N LEU A 80 1.64 4.47 8.40
CA LEU A 80 0.59 4.18 9.37
C LEU A 80 1.17 4.43 10.77
N SER A 81 0.48 5.24 11.57
CA SER A 81 0.92 5.57 12.94
C SER A 81 0.72 4.39 13.90
N ASP A 82 0.89 3.18 13.38
CA ASP A 82 0.76 1.93 14.14
C ASP A 82 2.07 1.14 14.03
N GLY A 83 3.14 1.85 13.68
CA GLY A 83 4.47 1.25 13.53
C GLY A 83 4.61 0.51 12.20
N ASN A 84 4.11 1.13 11.09
CA ASN A 84 4.19 0.50 9.77
C ASN A 84 4.35 1.56 8.67
N GLU A 85 5.36 1.36 7.81
CA GLU A 85 5.65 2.27 6.69
C GLU A 85 5.85 1.48 5.40
N TYR A 86 5.20 1.91 4.31
CA TYR A 86 5.32 1.24 3.01
C TYR A 86 5.38 2.26 1.86
N LEU A 87 5.97 1.83 0.75
CA LEU A 87 6.07 2.64 -0.47
C LEU A 87 5.18 1.99 -1.53
N PHE A 88 4.27 2.78 -2.11
CA PHE A 88 3.34 2.26 -3.12
C PHE A 88 3.62 2.84 -4.49
N GLN A 89 3.99 1.97 -5.45
CA GLN A 89 4.28 2.39 -6.81
C GLN A 89 3.05 2.21 -7.69
N ALA A 90 2.66 3.29 -8.39
CA ALA A 90 1.51 3.30 -9.31
C ALA A 90 2.04 3.31 -10.75
N LYS A 91 1.17 2.97 -11.71
CA LYS A 91 1.58 2.94 -13.13
C LYS A 91 1.58 4.34 -13.75
N ASP A 92 0.61 5.18 -13.35
CA ASP A 92 0.49 6.55 -13.88
C ASP A 92 0.07 7.52 -12.78
N ASP A 93 0.17 8.83 -13.06
CA ASP A 93 -0.20 9.89 -12.10
C ASP A 93 -1.68 9.77 -11.72
N GLU A 94 -2.52 9.45 -12.71
CA GLU A 94 -3.96 9.29 -12.51
C GLU A 94 -4.23 8.24 -11.42
N GLU A 95 -3.54 7.10 -11.52
CA GLU A 95 -3.67 6.02 -10.54
C GLU A 95 -3.13 6.48 -9.19
N MET A 96 -1.94 7.10 -9.19
CA MET A 96 -1.30 7.61 -7.98
C MET A 96 -2.23 8.58 -7.24
N ASN A 97 -2.89 9.46 -8.00
CA ASN A 97 -3.83 10.43 -7.45
C ASN A 97 -5.06 9.70 -6.88
N THR A 98 -5.66 8.81 -7.67
CA THR A 98 -6.84 8.04 -7.25
C THR A 98 -6.60 7.30 -5.92
N TRP A 99 -5.38 6.78 -5.74
CA TRP A 99 -5.02 6.04 -4.52
C TRP A 99 -4.88 6.98 -3.29
N ILE A 100 -4.14 8.07 -3.43
CA ILE A 100 -3.95 9.04 -2.33
C ILE A 100 -5.30 9.64 -1.91
N GLN A 101 -6.14 9.92 -2.91
CA GLN A 101 -7.49 10.49 -2.69
C GLN A 101 -8.46 9.41 -2.20
N ALA A 102 -8.24 8.14 -2.60
CA ALA A 102 -9.07 7.02 -2.14
C ALA A 102 -8.85 6.84 -0.64
N ILE A 103 -7.56 6.90 -0.27
CA ILE A 103 -7.12 6.85 1.13
C ILE A 103 -7.62 8.14 1.81
N SER A 104 -7.73 9.19 1.00
CA SER A 104 -8.19 10.52 1.44
C SER A 104 -7.30 11.04 2.56
N SER A 105 -6.01 10.68 2.48
CA SER A 105 -5.02 11.07 3.51
C SER A 105 -5.58 10.81 4.93
N ALA A 106 -6.30 9.69 5.09
CA ALA A 106 -6.94 9.36 6.38
C ALA A 106 -5.91 8.99 7.44
N MET A 1 -12.61 0.66 -5.70
CA MET A 1 -11.60 1.04 -4.66
C MET A 1 -10.60 -0.12 -4.47
N GLU A 2 -10.30 -0.82 -5.57
CA GLU A 2 -9.37 -1.95 -5.56
C GLU A 2 -8.47 -1.89 -6.80
N GLY A 3 -7.32 -2.56 -6.74
CA GLY A 3 -6.39 -2.58 -7.87
C GLY A 3 -5.02 -3.09 -7.44
N PHE A 4 -4.13 -3.28 -8.42
CA PHE A 4 -2.77 -3.75 -8.17
C PHE A 4 -1.86 -2.58 -7.83
N LEU A 5 -0.92 -2.83 -6.92
CA LEU A 5 0.05 -1.82 -6.47
C LEU A 5 1.36 -2.51 -6.09
N ASN A 6 2.49 -1.86 -6.35
CA ASN A 6 3.78 -2.40 -5.95
C ASN A 6 4.02 -1.94 -4.52
N ARG A 7 4.22 -2.90 -3.61
CA ARG A 7 4.39 -2.61 -2.19
C ARG A 7 5.82 -2.87 -1.73
N LYS A 8 6.34 -1.93 -0.93
CA LYS A 8 7.67 -2.01 -0.35
C LYS A 8 7.60 -1.54 1.09
N HIS A 9 8.36 -2.20 1.95
CA HIS A 9 8.40 -1.86 3.38
C HIS A 9 9.74 -1.22 3.75
N GLU A 10 9.67 -0.02 4.30
CA GLU A 10 10.86 0.74 4.72
C GLU A 10 11.13 0.44 6.21
N TRP A 11 10.07 0.47 7.02
CA TRP A 11 10.15 0.20 8.45
C TRP A 11 8.90 -0.55 8.89
N GLU A 12 9.08 -1.57 9.73
CA GLU A 12 7.97 -2.37 10.24
C GLU A 12 8.35 -3.03 11.56
N ALA A 13 7.95 -2.39 12.67
CA ALA A 13 8.21 -2.88 14.04
C ALA A 13 9.66 -2.64 14.48
N HIS A 14 9.84 -2.38 15.78
CA HIS A 14 11.17 -2.13 16.38
C HIS A 14 11.84 -0.91 15.73
N ASN A 15 13.15 -1.01 15.52
CA ASN A 15 13.96 0.05 14.89
C ASN A 15 14.89 -0.62 13.88
N LYS A 16 14.28 -1.30 12.91
CA LYS A 16 15.00 -2.01 11.86
C LYS A 16 14.23 -1.88 10.55
N LYS A 17 14.95 -1.62 9.47
CA LYS A 17 14.35 -1.48 8.14
C LYS A 17 14.41 -2.82 7.40
N ALA A 18 13.91 -2.82 6.17
CA ALA A 18 13.88 -4.02 5.33
C ALA A 18 14.49 -3.70 3.96
N SER A 19 15.30 -4.62 3.46
CA SER A 19 15.96 -4.46 2.15
C SER A 19 16.25 -5.83 1.52
N SER A 20 15.25 -6.70 1.56
CA SER A 20 15.34 -8.05 0.98
C SER A 20 13.96 -8.45 0.49
N ARG A 21 13.81 -8.55 -0.84
CA ARG A 21 12.53 -8.88 -1.49
C ARG A 21 11.53 -7.73 -1.27
N SER A 22 12.08 -6.55 -0.99
CA SER A 22 11.31 -5.34 -0.74
C SER A 22 10.91 -4.65 -2.04
N TRP A 23 9.76 -5.07 -2.57
CA TRP A 23 9.14 -4.55 -3.81
C TRP A 23 8.39 -5.71 -4.49
N HIS A 24 7.12 -5.88 -4.12
CA HIS A 24 6.27 -6.95 -4.65
C HIS A 24 4.93 -6.37 -5.13
N ASN A 25 4.43 -6.90 -6.25
CA ASN A 25 3.16 -6.46 -6.82
C ASN A 25 2.01 -7.17 -6.09
N VAL A 26 1.29 -6.42 -5.26
CA VAL A 26 0.19 -6.96 -4.47
C VAL A 26 -1.13 -6.26 -4.83
N TYR A 27 -2.25 -6.92 -4.51
CA TYR A 27 -3.59 -6.38 -4.79
C TYR A 27 -4.15 -5.73 -3.52
N CYS A 28 -4.31 -4.41 -3.58
CA CYS A 28 -4.82 -3.64 -2.43
C CYS A 28 -6.32 -3.39 -2.59
N VAL A 29 -7.06 -3.61 -1.50
CA VAL A 29 -8.52 -3.42 -1.46
C VAL A 29 -8.85 -2.51 -0.28
N ILE A 30 -9.53 -1.40 -0.55
CA ILE A 30 -9.92 -0.44 0.50
C ILE A 30 -11.42 -0.61 0.81
N ASN A 31 -11.73 -0.72 2.09
CA ASN A 31 -13.10 -0.90 2.56
C ASN A 31 -13.37 0.00 3.77
N ASN A 32 -14.09 1.10 3.54
CA ASN A 32 -14.43 2.08 4.59
C ASN A 32 -13.17 2.80 5.09
N GLN A 33 -12.69 2.39 6.27
CA GLN A 33 -11.50 2.98 6.88
C GLN A 33 -10.43 1.91 7.13
N GLU A 34 -10.53 0.79 6.39
CA GLU A 34 -9.57 -0.32 6.50
C GLU A 34 -9.23 -0.82 5.09
N MET A 35 -8.16 -1.57 4.97
CA MET A 35 -7.72 -2.12 3.69
C MET A 35 -7.19 -3.53 3.88
N GLY A 36 -7.24 -4.32 2.80
CA GLY A 36 -6.76 -5.71 2.82
C GLY A 36 -5.81 -5.97 1.67
N PHE A 37 -4.73 -6.69 1.96
CA PHE A 37 -3.71 -7.04 0.96
C PHE A 37 -3.97 -8.45 0.45
N TYR A 38 -4.45 -8.56 -0.78
CA TYR A 38 -4.77 -9.85 -1.41
C TYR A 38 -3.85 -10.13 -2.60
N LYS A 39 -4.05 -11.29 -3.23
CA LYS A 39 -3.23 -11.70 -4.38
C LYS A 39 -3.72 -11.04 -5.68
N ASP A 40 -5.03 -11.04 -5.89
CA ASP A 40 -5.65 -10.43 -7.09
C ASP A 40 -7.13 -10.14 -6.83
N ALA A 41 -7.86 -9.80 -7.91
CA ALA A 41 -9.29 -9.52 -7.83
C ALA A 41 -10.10 -10.76 -7.39
N LYS A 42 -9.69 -11.95 -7.87
CA LYS A 42 -10.37 -13.20 -7.51
C LYS A 42 -10.09 -13.56 -6.05
N SER A 43 -8.82 -13.47 -5.65
CA SER A 43 -8.40 -13.77 -4.28
C SER A 43 -9.01 -12.76 -3.29
N ALA A 44 -9.23 -11.52 -3.76
CA ALA A 44 -9.83 -10.47 -2.93
C ALA A 44 -11.32 -10.74 -2.69
N ALA A 45 -12.04 -11.09 -3.76
CA ALA A 45 -13.47 -11.39 -3.68
C ALA A 45 -13.73 -12.66 -2.87
N SER A 46 -12.88 -13.68 -3.05
CA SER A 46 -12.98 -14.94 -2.35
C SER A 46 -12.55 -14.80 -0.88
N GLY A 47 -11.67 -13.84 -0.60
CA GLY A 47 -11.17 -13.60 0.75
C GLY A 47 -10.05 -14.58 1.12
N ILE A 48 -9.09 -14.73 0.20
CA ILE A 48 -7.95 -15.63 0.38
C ILE A 48 -6.75 -14.83 0.92
N PRO A 49 -6.16 -15.27 2.06
CA PRO A 49 -5.00 -14.56 2.67
C PRO A 49 -3.73 -14.68 1.81
N TYR A 50 -3.18 -13.52 1.43
CA TYR A 50 -1.98 -13.45 0.59
C TYR A 50 -0.70 -13.57 1.45
N HIS A 51 -0.81 -13.26 2.74
CA HIS A 51 0.34 -13.33 3.67
C HIS A 51 -0.17 -13.42 5.12
N SER A 52 0.66 -12.97 6.07
CA SER A 52 0.31 -13.01 7.51
C SER A 52 -0.80 -12.01 7.85
N GLU A 53 -0.40 -10.76 8.17
CA GLU A 53 -1.36 -9.70 8.52
C GLU A 53 -1.92 -9.07 7.25
N VAL A 54 -3.03 -9.63 6.76
CA VAL A 54 -3.69 -9.16 5.54
C VAL A 54 -4.49 -7.86 5.79
N PRO A 55 -5.26 -7.74 6.90
CA PRO A 55 -6.06 -6.54 7.19
C PRO A 55 -5.24 -5.44 7.87
N VAL A 56 -5.42 -4.20 7.40
CA VAL A 56 -4.74 -3.03 7.94
C VAL A 56 -5.73 -1.86 8.03
N SER A 57 -5.65 -1.11 9.14
CA SER A 57 -6.52 0.02 9.40
C SER A 57 -5.96 1.33 8.83
N LEU A 58 -6.80 2.08 8.12
CA LEU A 58 -6.43 3.38 7.54
C LEU A 58 -6.99 4.50 8.42
N LYS A 59 -6.73 4.40 9.72
CA LYS A 59 -7.21 5.39 10.69
C LYS A 59 -6.26 6.58 10.73
N GLU A 60 -6.56 7.59 9.91
CA GLU A 60 -5.74 8.81 9.81
C GLU A 60 -4.31 8.48 9.36
N ALA A 61 -4.18 7.85 8.19
CA ALA A 61 -2.87 7.47 7.64
C ALA A 61 -2.20 8.68 6.98
N ILE A 62 -0.87 8.74 7.08
CA ILE A 62 -0.10 9.82 6.47
C ILE A 62 0.39 9.36 5.10
N CYS A 63 0.24 10.21 4.10
CA CYS A 63 0.64 9.88 2.73
C CYS A 63 1.45 11.03 2.11
N GLU A 64 2.61 10.70 1.56
CA GLU A 64 3.51 11.67 0.91
C GLU A 64 3.80 11.21 -0.51
N VAL A 65 4.03 12.14 -1.44
CA VAL A 65 4.32 11.80 -2.84
C VAL A 65 5.82 11.58 -3.05
N ALA A 66 6.17 10.60 -3.87
CA ALA A 66 7.56 10.27 -4.20
C ALA A 66 7.69 10.04 -5.70
N LEU A 67 7.76 11.14 -6.46
CA LEU A 67 7.83 11.07 -7.91
C LEU A 67 9.27 10.82 -8.43
N ASP A 68 10.25 10.81 -7.52
CA ASP A 68 11.66 10.58 -7.89
C ASP A 68 12.19 9.25 -7.34
N TYR A 69 11.31 8.38 -6.82
CA TYR A 69 11.71 7.08 -6.28
C TYR A 69 11.65 6.02 -7.38
N LYS A 70 12.81 5.41 -7.71
CA LYS A 70 12.91 4.41 -8.79
C LYS A 70 12.57 5.06 -10.12
N LYS A 71 13.38 6.06 -10.50
CA LYS A 71 13.19 6.84 -11.73
C LYS A 71 11.97 7.77 -11.54
N LYS A 72 10.98 7.65 -12.42
CA LYS A 72 9.77 8.46 -12.34
C LYS A 72 8.55 7.60 -12.68
N LYS A 73 8.32 6.56 -11.87
CA LYS A 73 7.20 5.64 -12.08
C LYS A 73 6.01 6.01 -11.18
N HIS A 74 6.02 7.24 -10.64
CA HIS A 74 4.93 7.76 -9.78
C HIS A 74 4.73 6.88 -8.55
N VAL A 75 5.55 7.11 -7.52
CA VAL A 75 5.47 6.36 -6.26
C VAL A 75 4.96 7.28 -5.15
N PHE A 76 4.38 6.71 -4.11
CA PHE A 76 3.88 7.48 -2.98
C PHE A 76 4.13 6.72 -1.68
N LYS A 77 4.45 7.47 -0.63
CA LYS A 77 4.72 6.91 0.68
C LYS A 77 3.41 6.78 1.45
N LEU A 78 3.31 5.73 2.25
CA LEU A 78 2.12 5.46 3.06
C LEU A 78 2.58 5.02 4.44
N ARG A 79 2.40 5.91 5.42
CA ARG A 79 2.81 5.67 6.80
C ARG A 79 1.58 5.58 7.71
N LEU A 80 1.48 4.49 8.45
CA LEU A 80 0.37 4.28 9.38
C LEU A 80 0.50 5.21 10.60
N SER A 81 -0.64 5.60 11.16
CA SER A 81 -0.70 6.51 12.32
C SER A 81 0.10 5.95 13.52
N ASP A 82 0.02 4.64 13.72
CA ASP A 82 0.72 3.96 14.81
C ASP A 82 1.02 2.51 14.38
N GLY A 83 1.80 2.37 13.31
CA GLY A 83 2.14 1.05 12.80
C GLY A 83 3.41 1.10 11.95
N ASN A 84 3.33 0.50 10.76
CA ASN A 84 4.46 0.41 9.81
C ASN A 84 4.38 1.53 8.76
N GLU A 85 5.43 1.62 7.93
CA GLU A 85 5.52 2.58 6.85
C GLU A 85 5.90 1.82 5.58
N TYR A 86 5.23 2.13 4.48
CA TYR A 86 5.47 1.46 3.20
C TYR A 86 5.53 2.46 2.04
N LEU A 87 6.08 1.99 0.91
CA LEU A 87 6.17 2.77 -0.33
C LEU A 87 5.28 2.07 -1.36
N PHE A 88 4.39 2.81 -2.00
CA PHE A 88 3.48 2.24 -2.98
C PHE A 88 3.71 2.85 -4.36
N GLN A 89 4.05 2.00 -5.33
CA GLN A 89 4.31 2.43 -6.71
C GLN A 89 3.08 2.13 -7.58
N ALA A 90 2.57 3.17 -8.24
CA ALA A 90 1.40 3.06 -9.12
C ALA A 90 1.84 2.81 -10.57
N LYS A 91 0.88 2.46 -11.41
CA LYS A 91 1.13 2.19 -12.83
C LYS A 91 0.92 3.46 -13.66
N ASP A 92 -0.11 4.23 -13.29
CA ASP A 92 -0.45 5.49 -13.99
C ASP A 92 -0.48 6.67 -13.01
N ASP A 93 -0.27 7.88 -13.53
CA ASP A 93 -0.28 9.12 -12.72
C ASP A 93 -1.66 9.32 -12.09
N GLU A 94 -2.72 9.07 -12.88
CA GLU A 94 -4.10 9.19 -12.41
C GLU A 94 -4.36 8.21 -11.27
N GLU A 95 -3.83 6.98 -11.44
CA GLU A 95 -3.96 5.93 -10.43
C GLU A 95 -3.34 6.37 -9.10
N MET A 96 -2.15 6.98 -9.18
CA MET A 96 -1.44 7.49 -7.99
C MET A 96 -2.32 8.50 -7.25
N ASN A 97 -2.95 9.40 -8.01
CA ASN A 97 -3.86 10.42 -7.45
C ASN A 97 -5.07 9.75 -6.80
N THR A 98 -5.68 8.81 -7.53
CA THR A 98 -6.86 8.06 -7.05
C THR A 98 -6.54 7.30 -5.75
N TRP A 99 -5.37 6.66 -5.70
CA TRP A 99 -4.94 5.89 -4.51
C TRP A 99 -4.77 6.82 -3.31
N ILE A 100 -4.02 7.90 -3.49
CA ILE A 100 -3.77 8.88 -2.43
C ILE A 100 -5.10 9.51 -1.96
N GLN A 101 -5.97 9.87 -2.90
CA GLN A 101 -7.27 10.47 -2.56
C GLN A 101 -8.17 9.46 -1.85
N ALA A 102 -8.12 8.19 -2.27
CA ALA A 102 -8.93 7.11 -1.66
C ALA A 102 -8.52 6.88 -0.20
N ILE A 103 -7.21 6.80 0.04
CA ILE A 103 -6.64 6.59 1.38
C ILE A 103 -6.89 7.83 2.25
N SER A 104 -6.71 9.02 1.68
CA SER A 104 -6.92 10.29 2.39
C SER A 104 -8.40 10.49 2.77
N SER A 105 -9.32 9.92 1.98
CA SER A 105 -10.76 10.03 2.23
C SER A 105 -11.24 8.99 3.24
N ALA A 106 -10.31 8.23 3.84
CA ALA A 106 -10.66 7.21 4.83
C ALA A 106 -10.93 7.87 6.17
N MET A 1 -10.68 2.03 -5.49
CA MET A 1 -11.05 1.15 -4.35
C MET A 1 -10.19 -0.13 -4.37
N GLU A 2 -10.24 -0.85 -5.49
CA GLU A 2 -9.48 -2.10 -5.66
C GLU A 2 -8.54 -1.98 -6.86
N GLY A 3 -7.37 -2.61 -6.77
CA GLY A 3 -6.41 -2.58 -7.87
C GLY A 3 -5.05 -3.14 -7.45
N PHE A 4 -4.14 -3.27 -8.42
CA PHE A 4 -2.79 -3.78 -8.19
C PHE A 4 -1.85 -2.63 -7.83
N LEU A 5 -0.89 -2.90 -6.97
CA LEU A 5 0.10 -1.90 -6.53
C LEU A 5 1.41 -2.59 -6.15
N ASN A 6 2.52 -1.90 -6.39
CA ASN A 6 3.84 -2.41 -6.04
C ASN A 6 4.10 -1.99 -4.60
N ARG A 7 4.31 -2.97 -3.71
CA ARG A 7 4.50 -2.70 -2.28
C ARG A 7 5.92 -3.03 -1.81
N LYS A 8 6.45 -2.13 -0.99
CA LYS A 8 7.77 -2.24 -0.37
C LYS A 8 7.63 -1.81 1.09
N HIS A 9 8.15 -2.63 2.01
CA HIS A 9 8.08 -2.34 3.45
C HIS A 9 9.45 -1.90 3.98
N GLU A 10 9.57 -0.60 4.26
CA GLU A 10 10.82 -0.01 4.78
C GLU A 10 10.84 -0.09 6.30
N TRP A 11 9.72 0.24 6.94
CA TRP A 11 9.62 0.22 8.40
C TRP A 11 8.36 -0.55 8.84
N GLU A 12 8.57 -1.69 9.49
CA GLU A 12 7.47 -2.53 9.99
C GLU A 12 7.98 -3.50 11.06
N ALA A 13 9.15 -3.18 11.63
CA ALA A 13 9.78 -4.01 12.66
C ALA A 13 9.90 -3.22 13.97
N HIS A 14 10.49 -3.85 14.97
CA HIS A 14 10.69 -3.24 16.29
C HIS A 14 11.79 -2.17 16.25
N ASN A 15 11.38 -0.93 15.90
CA ASN A 15 12.29 0.24 15.83
C ASN A 15 13.18 0.20 14.57
N LYS A 16 13.81 -0.95 14.31
CA LYS A 16 14.72 -1.12 13.17
C LYS A 16 13.98 -1.13 11.82
N LYS A 17 14.73 -0.81 10.77
CA LYS A 17 14.19 -0.80 9.39
C LYS A 17 14.47 -2.13 8.70
N ALA A 18 13.66 -2.45 7.70
CA ALA A 18 13.80 -3.68 6.92
C ALA A 18 14.79 -3.45 5.77
N SER A 19 15.45 -4.52 5.33
CA SER A 19 16.41 -4.45 4.22
C SER A 19 16.60 -5.85 3.61
N SER A 20 15.74 -6.19 2.65
CA SER A 20 15.80 -7.47 1.96
C SER A 20 15.74 -7.22 0.45
N ARG A 21 14.61 -6.69 0.00
CA ARG A 21 14.35 -6.33 -1.40
C ARG A 21 12.94 -5.75 -1.44
N SER A 22 11.98 -6.63 -1.16
CA SER A 22 10.54 -6.32 -1.08
C SER A 22 10.04 -5.28 -2.09
N TRP A 23 9.54 -5.77 -3.20
CA TRP A 23 8.96 -4.95 -4.26
C TRP A 23 8.05 -5.87 -5.07
N HIS A 24 6.95 -6.26 -4.44
CA HIS A 24 5.98 -7.20 -5.04
C HIS A 24 4.70 -6.47 -5.45
N ASN A 25 4.10 -6.95 -6.55
CA ASN A 25 2.86 -6.39 -7.09
C ASN A 25 1.66 -7.06 -6.40
N VAL A 26 1.24 -6.48 -5.29
CA VAL A 26 0.13 -6.99 -4.49
C VAL A 26 -1.18 -6.31 -4.88
N TYR A 27 -2.30 -6.88 -4.44
CA TYR A 27 -3.63 -6.35 -4.72
C TYR A 27 -4.19 -5.71 -3.45
N CYS A 28 -4.49 -4.42 -3.50
CA CYS A 28 -5.02 -3.68 -2.34
C CYS A 28 -6.53 -3.44 -2.50
N VAL A 29 -7.26 -3.53 -1.39
CA VAL A 29 -8.72 -3.31 -1.35
C VAL A 29 -9.09 -2.47 -0.14
N ILE A 30 -9.71 -1.31 -0.38
CA ILE A 30 -10.14 -0.42 0.70
C ILE A 30 -11.58 -0.75 1.10
N ASN A 31 -11.77 -1.22 2.33
CA ASN A 31 -13.10 -1.60 2.83
C ASN A 31 -13.25 -1.21 4.30
N ASN A 32 -14.20 -0.30 4.57
CA ASN A 32 -14.49 0.18 5.93
C ASN A 32 -13.27 0.78 6.62
N GLN A 33 -12.55 1.66 5.91
CA GLN A 33 -11.33 2.32 6.44
C GLN A 33 -10.22 1.32 6.74
N GLU A 34 -10.33 0.11 6.15
CA GLU A 34 -9.36 -0.96 6.35
C GLU A 34 -8.85 -1.42 4.98
N MET A 35 -7.55 -1.43 4.79
CA MET A 35 -6.96 -1.86 3.51
C MET A 35 -6.61 -3.35 3.63
N GLY A 36 -7.06 -4.12 2.65
CA GLY A 36 -6.82 -5.56 2.62
C GLY A 36 -5.78 -5.92 1.57
N PHE A 37 -4.76 -6.68 1.98
CA PHE A 37 -3.69 -7.11 1.08
C PHE A 37 -4.00 -8.49 0.51
N TYR A 38 -4.45 -8.51 -0.74
CA TYR A 38 -4.80 -9.75 -1.44
C TYR A 38 -3.78 -10.05 -2.55
N LYS A 39 -3.89 -11.24 -3.13
CA LYS A 39 -2.98 -11.66 -4.20
C LYS A 39 -3.40 -11.05 -5.54
N ASP A 40 -4.72 -11.02 -5.79
CA ASP A 40 -5.28 -10.46 -7.02
C ASP A 40 -6.78 -10.16 -6.83
N ALA A 41 -7.45 -9.82 -7.93
CA ALA A 41 -8.89 -9.48 -7.91
C ALA A 41 -9.74 -10.69 -7.52
N LYS A 42 -9.29 -11.89 -7.88
CA LYS A 42 -10.01 -13.12 -7.56
C LYS A 42 -9.89 -13.42 -6.06
N SER A 43 -8.69 -13.23 -5.51
CA SER A 43 -8.43 -13.44 -4.08
C SER A 43 -9.26 -12.45 -3.24
N ALA A 44 -9.41 -11.22 -3.74
CA ALA A 44 -10.17 -10.17 -3.06
C ALA A 44 -11.67 -10.50 -3.01
N ALA A 45 -12.22 -11.01 -4.13
CA ALA A 45 -13.63 -11.36 -4.23
C ALA A 45 -13.96 -12.60 -3.39
N SER A 46 -13.30 -13.72 -3.71
CA SER A 46 -13.49 -14.99 -3.04
C SER A 46 -13.17 -14.92 -1.53
N GLY A 47 -12.19 -14.08 -1.16
CA GLY A 47 -11.80 -13.92 0.24
C GLY A 47 -10.65 -14.88 0.60
N ILE A 48 -9.65 -14.94 -0.27
CA ILE A 48 -8.47 -15.79 -0.07
C ILE A 48 -7.30 -14.91 0.39
N PRO A 49 -6.71 -15.20 1.56
CA PRO A 49 -5.59 -14.40 2.10
C PRO A 49 -4.27 -14.55 1.33
N TYR A 50 -3.51 -13.46 1.26
CA TYR A 50 -2.22 -13.43 0.57
C TYR A 50 -1.09 -13.76 1.57
N HIS A 51 -1.26 -13.29 2.81
CA HIS A 51 -0.31 -13.51 3.90
C HIS A 51 -1.09 -13.55 5.22
N SER A 52 -0.37 -13.65 6.35
CA SER A 52 -1.01 -13.70 7.69
C SER A 52 -1.78 -12.41 7.98
N GLU A 53 -1.09 -11.27 7.91
CA GLU A 53 -1.70 -9.96 8.16
C GLU A 53 -2.36 -9.47 6.86
N VAL A 54 -3.67 -9.68 6.75
CA VAL A 54 -4.43 -9.28 5.56
C VAL A 54 -5.06 -7.89 5.72
N PRO A 55 -5.86 -7.66 6.79
CA PRO A 55 -6.52 -6.37 7.04
C PRO A 55 -5.66 -5.42 7.87
N VAL A 56 -5.43 -4.21 7.33
CA VAL A 56 -4.65 -3.18 8.01
C VAL A 56 -5.47 -1.90 8.13
N SER A 57 -5.50 -1.29 9.32
CA SER A 57 -6.24 -0.07 9.59
C SER A 57 -5.68 1.11 8.81
N LEU A 58 -6.57 1.81 8.09
CA LEU A 58 -6.18 2.97 7.28
C LEU A 58 -6.94 4.23 7.74
N LYS A 59 -6.97 4.44 9.06
CA LYS A 59 -7.64 5.61 9.64
C LYS A 59 -6.60 6.67 9.98
N GLU A 60 -6.69 7.83 9.32
CA GLU A 60 -5.75 8.95 9.54
C GLU A 60 -4.32 8.57 9.10
N ALA A 61 -4.22 7.97 7.91
CA ALA A 61 -2.93 7.53 7.36
C ALA A 61 -2.28 8.67 6.59
N ILE A 62 -1.06 9.03 6.98
CA ILE A 62 -0.30 10.09 6.32
C ILE A 62 0.25 9.56 4.99
N CYS A 63 0.24 10.40 3.95
CA CYS A 63 0.72 9.99 2.62
C CYS A 63 1.62 11.06 2.02
N GLU A 64 2.80 10.65 1.56
CA GLU A 64 3.79 11.54 0.95
C GLU A 64 4.05 11.10 -0.50
N VAL A 65 3.89 12.02 -1.45
CA VAL A 65 4.10 11.73 -2.87
C VAL A 65 5.59 11.80 -3.23
N ALA A 66 6.10 10.72 -3.84
CA ALA A 66 7.49 10.63 -4.28
C ALA A 66 7.51 10.78 -5.80
N LEU A 67 8.05 11.89 -6.29
CA LEU A 67 8.12 12.18 -7.73
C LEU A 67 9.00 11.15 -8.45
N ASP A 68 10.29 11.16 -8.15
CA ASP A 68 11.26 10.23 -8.74
C ASP A 68 12.01 9.54 -7.62
N TYR A 69 11.41 8.48 -7.08
CA TYR A 69 12.01 7.70 -5.99
C TYR A 69 13.08 6.75 -6.54
N LYS A 70 13.92 7.27 -7.44
CA LYS A 70 15.01 6.52 -8.08
C LYS A 70 14.47 5.31 -8.88
N LYS A 71 13.32 5.49 -9.52
CA LYS A 71 12.70 4.43 -10.33
C LYS A 71 11.95 5.06 -11.50
N LYS A 72 10.66 4.75 -11.63
CA LYS A 72 9.81 5.30 -12.70
C LYS A 72 8.35 5.25 -12.26
N LYS A 73 7.59 6.28 -12.63
CA LYS A 73 6.17 6.41 -12.28
C LYS A 73 6.04 6.85 -10.82
N HIS A 74 4.99 7.63 -10.55
CA HIS A 74 4.75 8.18 -9.21
C HIS A 74 4.60 7.09 -8.13
N VAL A 75 5.38 7.23 -7.07
CA VAL A 75 5.37 6.33 -5.91
C VAL A 75 4.95 7.16 -4.69
N PHE A 76 4.10 6.61 -3.84
CA PHE A 76 3.67 7.35 -2.64
C PHE A 76 4.01 6.55 -1.39
N LYS A 77 4.45 7.26 -0.36
CA LYS A 77 4.83 6.65 0.91
C LYS A 77 3.69 6.75 1.91
N LEU A 78 3.16 5.60 2.31
CA LEU A 78 2.05 5.53 3.24
C LEU A 78 2.57 5.32 4.66
N ARG A 79 2.30 6.29 5.52
CA ARG A 79 2.72 6.24 6.92
C ARG A 79 1.50 6.02 7.81
N LEU A 80 1.28 4.77 8.20
CA LEU A 80 0.15 4.37 9.02
C LEU A 80 0.24 4.96 10.43
N SER A 81 -0.92 5.27 10.98
CA SER A 81 -1.05 5.86 12.33
C SER A 81 -0.60 4.89 13.43
N ASP A 82 -0.78 3.58 13.19
CA ASP A 82 -0.40 2.54 14.15
C ASP A 82 1.10 2.59 14.45
N GLY A 83 1.89 2.19 13.45
CA GLY A 83 3.35 2.18 13.57
C GLY A 83 3.95 1.30 12.47
N ASN A 84 3.61 1.65 11.22
CA ASN A 84 4.07 0.94 10.03
C ASN A 84 4.18 1.93 8.88
N GLU A 85 5.07 1.66 7.93
CA GLU A 85 5.27 2.54 6.78
C GLU A 85 5.66 1.70 5.56
N TYR A 86 4.99 1.93 4.43
CA TYR A 86 5.25 1.21 3.18
C TYR A 86 5.23 2.16 1.98
N LEU A 87 6.00 1.83 0.94
CA LEU A 87 6.05 2.61 -0.29
C LEU A 87 5.18 1.90 -1.33
N PHE A 88 4.33 2.67 -2.03
CA PHE A 88 3.44 2.12 -3.04
C PHE A 88 3.71 2.75 -4.40
N GLN A 89 4.16 1.92 -5.35
CA GLN A 89 4.45 2.36 -6.72
C GLN A 89 3.26 2.07 -7.62
N ALA A 90 2.68 3.10 -8.22
CA ALA A 90 1.55 2.94 -9.13
C ALA A 90 2.07 2.84 -10.56
N LYS A 91 1.29 2.20 -11.44
CA LYS A 91 1.67 2.06 -12.85
C LYS A 91 1.22 3.29 -13.64
N ASP A 92 0.06 3.83 -13.28
CA ASP A 92 -0.49 5.01 -13.93
C ASP A 92 -0.44 6.20 -12.96
N ASP A 93 -0.10 7.38 -13.48
CA ASP A 93 -0.05 8.61 -12.67
C ASP A 93 -1.45 8.97 -12.17
N GLU A 94 -2.47 8.64 -12.98
CA GLU A 94 -3.87 8.89 -12.64
C GLU A 94 -4.28 7.99 -11.47
N GLU A 95 -3.78 6.75 -11.50
CA GLU A 95 -4.04 5.76 -10.45
C GLU A 95 -3.49 6.25 -9.10
N MET A 96 -2.26 6.79 -9.13
CA MET A 96 -1.60 7.31 -7.93
C MET A 96 -2.47 8.40 -7.28
N ASN A 97 -2.96 9.33 -8.09
CA ASN A 97 -3.82 10.42 -7.62
C ASN A 97 -5.09 9.85 -6.95
N THR A 98 -5.70 8.84 -7.59
CA THR A 98 -6.91 8.19 -7.05
C THR A 98 -6.62 7.47 -5.73
N TRP A 99 -5.52 6.71 -5.69
CA TRP A 99 -5.12 5.95 -4.48
C TRP A 99 -4.94 6.89 -3.28
N ILE A 100 -4.13 7.95 -3.47
CA ILE A 100 -3.86 8.93 -2.40
C ILE A 100 -5.15 9.63 -1.96
N GLN A 101 -6.01 9.97 -2.92
CA GLN A 101 -7.28 10.65 -2.62
C GLN A 101 -8.21 9.73 -1.80
N ALA A 102 -8.28 8.45 -2.20
CA ALA A 102 -9.11 7.46 -1.52
C ALA A 102 -8.58 7.17 -0.10
N ILE A 103 -7.26 7.19 0.05
CA ILE A 103 -6.60 6.93 1.34
C ILE A 103 -6.77 8.13 2.27
N SER A 104 -6.43 9.33 1.78
CA SER A 104 -6.53 10.57 2.56
C SER A 104 -7.98 10.87 2.97
N SER A 105 -8.93 10.60 2.08
CA SER A 105 -10.35 10.86 2.35
C SER A 105 -11.03 9.64 3.02
N ALA A 106 -10.24 8.74 3.60
CA ALA A 106 -10.78 7.56 4.28
C ALA A 106 -11.39 7.93 5.63
N MET A 1 -11.55 1.89 -3.55
CA MET A 1 -10.43 1.97 -4.52
C MET A 1 -9.67 0.65 -4.51
N GLU A 2 -10.03 -0.24 -5.43
CA GLU A 2 -9.42 -1.55 -5.55
C GLU A 2 -8.54 -1.62 -6.80
N GLY A 3 -7.38 -2.24 -6.69
CA GLY A 3 -6.46 -2.37 -7.81
C GLY A 3 -5.10 -2.94 -7.38
N PHE A 4 -4.22 -3.13 -8.36
CA PHE A 4 -2.88 -3.66 -8.12
C PHE A 4 -1.91 -2.53 -7.78
N LEU A 5 -0.93 -2.85 -6.95
CA LEU A 5 0.09 -1.89 -6.52
C LEU A 5 1.40 -2.62 -6.18
N ASN A 6 2.51 -1.90 -6.25
CA ASN A 6 3.83 -2.44 -5.89
C ASN A 6 4.13 -1.96 -4.49
N ARG A 7 4.36 -2.87 -3.54
CA ARG A 7 4.60 -2.50 -2.14
C ARG A 7 6.04 -2.79 -1.68
N LYS A 8 6.55 -1.89 -0.84
CA LYS A 8 7.88 -1.99 -0.24
C LYS A 8 7.80 -1.51 1.21
N HIS A 9 8.62 -2.10 2.07
CA HIS A 9 8.62 -1.75 3.50
C HIS A 9 9.82 -0.87 3.81
N GLU A 10 9.55 0.37 4.22
CA GLU A 10 10.60 1.33 4.56
C GLU A 10 10.72 1.48 6.08
N TRP A 11 9.75 0.93 6.81
CA TRP A 11 9.74 1.04 8.28
C TRP A 11 8.73 0.03 8.87
N GLU A 12 9.24 -0.95 9.62
CA GLU A 12 8.40 -1.98 10.24
C GLU A 12 9.21 -2.80 11.26
N ALA A 13 9.98 -2.11 12.10
CA ALA A 13 10.80 -2.78 13.11
C ALA A 13 11.19 -1.80 14.23
N HIS A 14 10.19 -1.08 14.74
CA HIS A 14 10.37 -0.10 15.84
C HIS A 14 11.12 1.16 15.34
N ASN A 15 12.41 1.01 15.07
CA ASN A 15 13.24 2.13 14.59
C ASN A 15 14.34 1.57 13.69
N LYS A 16 13.91 0.89 12.63
CA LYS A 16 14.82 0.28 11.65
C LYS A 16 14.12 0.22 10.30
N LYS A 17 14.87 0.51 9.24
CA LYS A 17 14.35 0.50 7.87
C LYS A 17 14.88 -0.75 7.14
N ALA A 18 14.00 -1.41 6.39
CA ALA A 18 14.37 -2.61 5.64
C ALA A 18 15.08 -2.21 4.34
N SER A 19 16.37 -2.54 4.26
CA SER A 19 17.20 -2.22 3.09
C SER A 19 16.98 -3.24 1.96
N SER A 20 16.26 -4.32 2.25
CA SER A 20 15.98 -5.39 1.28
C SER A 20 15.06 -4.86 0.15
N ARG A 21 15.31 -5.35 -1.06
CA ARG A 21 14.53 -4.97 -2.24
C ARG A 21 13.23 -5.78 -2.28
N SER A 22 12.44 -5.65 -1.23
CA SER A 22 11.16 -6.37 -1.06
C SER A 22 10.02 -5.72 -1.86
N TRP A 23 10.31 -5.37 -3.10
CA TRP A 23 9.33 -4.77 -4.01
C TRP A 23 8.45 -5.88 -4.56
N HIS A 24 7.33 -6.11 -3.88
CA HIS A 24 6.40 -7.18 -4.22
C HIS A 24 5.09 -6.61 -4.79
N ASN A 25 4.61 -7.25 -5.87
CA ASN A 25 3.34 -6.87 -6.52
C ASN A 25 2.17 -7.47 -5.73
N VAL A 26 1.28 -6.62 -5.25
CA VAL A 26 0.13 -7.07 -4.45
C VAL A 26 -1.15 -6.31 -4.84
N TYR A 27 -2.29 -6.90 -4.49
CA TYR A 27 -3.60 -6.30 -4.78
C TYR A 27 -4.12 -5.62 -3.51
N CYS A 28 -4.32 -4.31 -3.57
CA CYS A 28 -4.80 -3.53 -2.43
C CYS A 28 -6.28 -3.20 -2.56
N VAL A 29 -7.02 -3.37 -1.47
CA VAL A 29 -8.46 -3.10 -1.41
C VAL A 29 -8.76 -2.28 -0.16
N ILE A 30 -9.61 -1.25 -0.29
CA ILE A 30 -9.99 -0.39 0.84
C ILE A 30 -11.46 -0.62 1.15
N ASN A 31 -11.76 -0.98 2.41
CA ASN A 31 -13.14 -1.25 2.84
C ASN A 31 -13.52 -0.32 4.01
N ASN A 32 -13.07 0.93 3.93
CA ASN A 32 -13.33 1.98 4.95
C ASN A 32 -12.64 1.65 6.28
N GLN A 33 -11.72 2.52 6.70
CA GLN A 33 -10.97 2.38 7.96
C GLN A 33 -9.94 1.23 7.92
N GLU A 34 -10.22 0.19 7.10
CA GLU A 34 -9.33 -0.97 6.95
C GLU A 34 -9.05 -1.24 5.47
N MET A 35 -7.93 -1.91 5.21
CA MET A 35 -7.53 -2.28 3.87
C MET A 35 -7.00 -3.72 3.88
N GLY A 36 -7.31 -4.47 2.82
CA GLY A 36 -6.89 -5.86 2.71
C GLY A 36 -5.92 -6.06 1.55
N PHE A 37 -4.84 -6.78 1.82
CA PHE A 37 -3.81 -7.08 0.82
C PHE A 37 -4.01 -8.51 0.31
N TYR A 38 -4.49 -8.63 -0.92
CA TYR A 38 -4.75 -9.94 -1.54
C TYR A 38 -3.79 -10.19 -2.71
N LYS A 39 -3.88 -11.37 -3.32
CA LYS A 39 -3.03 -11.73 -4.46
C LYS A 39 -3.52 -11.07 -5.75
N ASP A 40 -4.85 -10.98 -5.90
CA ASP A 40 -5.48 -10.38 -7.09
C ASP A 40 -6.95 -10.03 -6.82
N ALA A 41 -7.70 -9.75 -7.89
CA ALA A 41 -9.12 -9.42 -7.80
C ALA A 41 -9.95 -10.63 -7.36
N LYS A 42 -9.64 -11.81 -7.91
CA LYS A 42 -10.34 -13.06 -7.56
C LYS A 42 -10.11 -13.40 -6.08
N SER A 43 -8.88 -13.21 -5.62
CA SER A 43 -8.51 -13.46 -4.23
C SER A 43 -9.21 -12.47 -3.28
N ALA A 44 -9.34 -11.22 -3.73
CA ALA A 44 -9.99 -10.16 -2.95
C ALA A 44 -11.50 -10.35 -2.91
N ALA A 45 -12.09 -10.70 -4.06
CA ALA A 45 -13.54 -10.92 -4.19
C ALA A 45 -14.00 -12.12 -3.39
N SER A 46 -13.31 -13.25 -3.54
CA SER A 46 -13.66 -14.50 -2.84
C SER A 46 -13.26 -14.44 -1.36
N GLY A 47 -12.25 -13.62 -1.03
CA GLY A 47 -11.78 -13.45 0.34
C GLY A 47 -10.75 -14.53 0.72
N ILE A 48 -9.68 -14.60 -0.06
CA ILE A 48 -8.59 -15.55 0.17
C ILE A 48 -7.37 -14.77 0.68
N PRO A 49 -6.90 -15.06 1.91
CA PRO A 49 -5.75 -14.35 2.51
C PRO A 49 -4.41 -14.71 1.84
N TYR A 50 -3.58 -13.69 1.62
CA TYR A 50 -2.26 -13.87 0.99
C TYR A 50 -1.17 -14.03 2.07
N HIS A 51 -0.09 -13.28 1.95
CA HIS A 51 1.04 -13.34 2.91
C HIS A 51 1.60 -11.95 3.17
N SER A 52 2.29 -11.82 4.32
CA SER A 52 2.95 -10.57 4.76
C SER A 52 1.90 -9.51 5.12
N GLU A 53 1.16 -9.77 6.21
CA GLU A 53 0.12 -8.86 6.74
C GLU A 53 -1.01 -8.66 5.71
N VAL A 54 -2.10 -9.41 5.86
CA VAL A 54 -3.23 -9.31 4.94
C VAL A 54 -4.21 -8.21 5.36
N PRO A 55 -4.77 -8.22 6.60
CA PRO A 55 -5.71 -7.18 7.05
C PRO A 55 -4.98 -6.09 7.86
N VAL A 56 -4.98 -4.87 7.34
CA VAL A 56 -4.32 -3.74 8.02
C VAL A 56 -5.27 -2.54 8.13
N SER A 57 -5.18 -1.84 9.26
CA SER A 57 -6.00 -0.68 9.54
C SER A 57 -5.42 0.58 8.89
N LEU A 58 -6.26 1.29 8.14
CA LEU A 58 -5.89 2.53 7.46
C LEU A 58 -6.79 3.66 7.96
N LYS A 59 -6.72 3.92 9.27
CA LYS A 59 -7.52 4.96 9.90
C LYS A 59 -6.75 6.27 9.95
N GLU A 60 -7.08 7.17 9.01
CA GLU A 60 -6.45 8.49 8.90
C GLU A 60 -4.93 8.36 8.68
N ALA A 61 -4.57 7.66 7.61
CA ALA A 61 -3.17 7.43 7.25
C ALA A 61 -2.58 8.62 6.50
N ILE A 62 -1.32 8.95 6.79
CA ILE A 62 -0.62 10.05 6.13
C ILE A 62 0.00 9.51 4.84
N CYS A 63 -0.04 10.31 3.78
CA CYS A 63 0.49 9.91 2.48
C CYS A 63 1.30 11.04 1.84
N GLU A 64 2.51 10.69 1.38
CA GLU A 64 3.44 11.65 0.74
C GLU A 64 3.91 11.09 -0.60
N VAL A 65 3.52 11.73 -1.71
CA VAL A 65 3.89 11.30 -3.06
C VAL A 65 5.41 11.44 -3.33
N ALA A 66 5.96 10.45 -4.03
CA ALA A 66 7.38 10.38 -4.40
C ALA A 66 7.47 10.19 -5.93
N LEU A 67 7.54 11.31 -6.65
CA LEU A 67 7.61 11.31 -8.12
C LEU A 67 8.99 10.85 -8.63
N ASP A 68 10.01 10.93 -7.77
CA ASP A 68 11.38 10.53 -8.11
C ASP A 68 12.04 9.88 -6.91
N TYR A 69 11.75 8.60 -6.69
CA TYR A 69 12.33 7.83 -5.60
C TYR A 69 13.41 6.90 -6.16
N LYS A 70 14.63 7.44 -6.32
CA LYS A 70 15.78 6.72 -6.87
C LYS A 70 15.62 6.57 -8.40
N LYS A 71 14.93 5.51 -8.81
CA LYS A 71 14.68 5.24 -10.23
C LYS A 71 13.45 4.34 -10.35
N LYS A 72 12.27 4.95 -10.26
CA LYS A 72 11.00 4.23 -10.36
C LYS A 72 9.93 5.12 -10.97
N LYS A 73 8.71 4.58 -11.11
CA LYS A 73 7.58 5.32 -11.69
C LYS A 73 6.97 6.26 -10.63
N HIS A 74 5.64 6.30 -10.60
CA HIS A 74 4.90 7.13 -9.64
C HIS A 74 4.76 6.38 -8.32
N VAL A 75 5.62 6.73 -7.36
CA VAL A 75 5.62 6.09 -6.03
C VAL A 75 5.01 7.05 -5.02
N PHE A 76 4.43 6.51 -3.95
CA PHE A 76 3.85 7.33 -2.89
C PHE A 76 4.02 6.63 -1.55
N LYS A 77 4.38 7.42 -0.54
CA LYS A 77 4.60 6.93 0.81
C LYS A 77 3.27 6.80 1.55
N LEU A 78 3.14 5.77 2.36
CA LEU A 78 1.91 5.53 3.12
C LEU A 78 2.26 5.13 4.56
N ARG A 79 1.93 6.00 5.50
CA ARG A 79 2.16 5.76 6.93
C ARG A 79 0.79 5.55 7.58
N LEU A 80 0.49 4.30 7.95
CA LEU A 80 -0.81 3.96 8.54
C LEU A 80 -0.77 3.92 10.07
N SER A 81 -1.96 4.01 10.66
CA SER A 81 -2.15 4.01 12.12
C SER A 81 -1.81 2.65 12.76
N ASP A 82 -1.46 1.65 11.94
CA ASP A 82 -1.09 0.31 12.44
C ASP A 82 0.33 0.33 13.02
N GLY A 83 1.06 1.42 12.79
CA GLY A 83 2.42 1.59 13.29
C GLY A 83 3.45 1.03 12.30
N ASN A 84 3.23 1.31 10.99
CA ASN A 84 4.12 0.86 9.93
C ASN A 84 4.09 1.89 8.80
N GLU A 85 5.10 1.85 7.92
CA GLU A 85 5.20 2.77 6.79
C GLU A 85 5.69 1.99 5.56
N TYR A 86 5.02 2.20 4.42
CA TYR A 86 5.36 1.49 3.17
C TYR A 86 5.42 2.47 1.99
N LEU A 87 5.95 1.96 0.87
CA LEU A 87 6.04 2.69 -0.39
C LEU A 87 5.18 1.96 -1.40
N PHE A 88 4.27 2.68 -2.07
CA PHE A 88 3.39 2.07 -3.06
C PHE A 88 3.62 2.69 -4.43
N GLN A 89 3.88 1.85 -5.44
CA GLN A 89 4.12 2.32 -6.81
C GLN A 89 2.89 2.06 -7.69
N ALA A 90 2.40 3.12 -8.32
CA ALA A 90 1.26 3.06 -9.23
C ALA A 90 1.75 2.96 -10.67
N LYS A 91 0.86 2.55 -11.59
CA LYS A 91 1.24 2.41 -13.00
C LYS A 91 1.13 3.75 -13.74
N ASP A 92 0.09 4.52 -13.42
CA ASP A 92 -0.15 5.84 -14.05
C ASP A 92 -0.34 6.91 -12.98
N ASP A 93 -0.11 8.19 -13.35
CA ASP A 93 -0.28 9.33 -12.43
C ASP A 93 -1.75 9.47 -12.00
N GLU A 94 -2.67 9.09 -12.90
CA GLU A 94 -4.11 9.13 -12.61
C GLU A 94 -4.41 8.17 -11.45
N GLU A 95 -3.83 6.97 -11.54
CA GLU A 95 -3.97 5.93 -10.51
C GLU A 95 -3.39 6.44 -9.18
N MET A 96 -2.17 6.97 -9.27
CA MET A 96 -1.46 7.51 -8.09
C MET A 96 -2.30 8.57 -7.36
N ASN A 97 -2.91 9.49 -8.13
CA ASN A 97 -3.76 10.55 -7.57
C ASN A 97 -4.99 9.95 -6.89
N THR A 98 -5.61 8.96 -7.55
CA THR A 98 -6.81 8.28 -7.01
C THR A 98 -6.49 7.56 -5.69
N TRP A 99 -5.29 6.95 -5.62
CA TRP A 99 -4.85 6.23 -4.41
C TRP A 99 -4.63 7.20 -3.24
N ILE A 100 -3.85 8.26 -3.47
CA ILE A 100 -3.57 9.27 -2.43
C ILE A 100 -4.88 9.88 -1.90
N GLN A 101 -5.81 10.17 -2.81
CA GLN A 101 -7.11 10.75 -2.44
C GLN A 101 -7.97 9.74 -1.68
N ALA A 102 -8.05 8.51 -2.19
CA ALA A 102 -8.82 7.43 -1.55
C ALA A 102 -8.27 7.12 -0.15
N ILE A 103 -6.95 7.27 0.01
CA ILE A 103 -6.28 7.03 1.28
C ILE A 103 -6.61 8.15 2.29
N SER A 104 -6.68 9.40 1.81
CA SER A 104 -7.01 10.55 2.67
C SER A 104 -8.45 10.41 3.22
N SER A 105 -9.35 9.91 2.37
CA SER A 105 -10.75 9.69 2.75
C SER A 105 -10.87 8.45 3.66
N ALA A 106 -10.20 7.37 3.24
CA ALA A 106 -10.17 6.10 3.98
C ALA A 106 -11.55 5.46 4.05
N MET A 1 -11.55 1.71 -4.66
CA MET A 1 -10.65 1.61 -5.85
C MET A 1 -9.70 0.44 -5.64
N GLU A 2 -10.15 -0.74 -6.05
CA GLU A 2 -9.40 -1.97 -5.90
C GLU A 2 -8.59 -2.25 -7.17
N GLY A 3 -7.37 -2.74 -6.98
CA GLY A 3 -6.49 -3.08 -8.11
C GLY A 3 -5.10 -3.46 -7.63
N PHE A 4 -4.19 -3.61 -8.59
CA PHE A 4 -2.81 -3.99 -8.32
C PHE A 4 -1.97 -2.79 -7.90
N LEU A 5 -1.00 -3.05 -7.03
CA LEU A 5 -0.10 -2.03 -6.52
C LEU A 5 1.25 -2.68 -6.20
N ASN A 6 2.33 -1.94 -6.42
CA ASN A 6 3.67 -2.43 -6.10
C ASN A 6 3.92 -2.08 -4.65
N ARG A 7 4.07 -3.10 -3.80
CA ARG A 7 4.24 -2.89 -2.37
C ARG A 7 5.67 -3.19 -1.92
N LYS A 8 6.24 -2.26 -1.18
CA LYS A 8 7.60 -2.38 -0.63
C LYS A 8 7.56 -1.87 0.80
N HIS A 9 7.65 -2.77 1.76
CA HIS A 9 7.61 -2.41 3.18
C HIS A 9 8.96 -1.82 3.63
N GLU A 10 8.89 -0.72 4.38
CA GLU A 10 10.07 -0.05 4.88
C GLU A 10 10.40 -0.57 6.28
N TRP A 11 9.40 -0.65 7.12
CA TRP A 11 9.57 -1.13 8.49
C TRP A 11 8.25 -1.72 9.01
N GLU A 12 8.39 -2.78 9.80
CA GLU A 12 7.27 -3.48 10.42
C GLU A 12 7.82 -4.48 11.45
N ALA A 13 9.01 -5.01 11.16
CA ALA A 13 9.70 -5.96 12.04
C ALA A 13 10.60 -5.19 13.00
N HIS A 14 11.08 -5.87 14.04
CA HIS A 14 11.94 -5.25 15.06
C HIS A 14 13.41 -5.59 14.80
N ASN A 15 14.11 -4.68 14.14
CA ASN A 15 15.54 -4.81 13.82
C ASN A 15 16.05 -3.46 13.32
N LYS A 16 15.65 -3.10 12.09
CA LYS A 16 16.02 -1.83 11.48
C LYS A 16 15.01 -1.46 10.39
N LYS A 17 14.82 -2.36 9.43
CA LYS A 17 13.89 -2.16 8.33
C LYS A 17 13.48 -3.52 7.74
N ALA A 18 12.59 -3.49 6.75
CA ALA A 18 12.11 -4.72 6.11
C ALA A 18 12.59 -4.79 4.66
N SER A 19 13.63 -5.57 4.42
CA SER A 19 14.21 -5.74 3.08
C SER A 19 13.91 -7.14 2.55
N SER A 20 12.80 -7.74 3.01
CA SER A 20 12.38 -9.08 2.59
C SER A 20 11.56 -9.02 1.30
N ARG A 21 10.38 -8.42 1.39
CA ARG A 21 9.49 -8.26 0.23
C ARG A 21 9.73 -6.90 -0.42
N SER A 22 10.94 -6.72 -0.94
CA SER A 22 11.35 -5.48 -1.59
C SER A 22 10.70 -5.35 -2.97
N TRP A 23 9.68 -4.51 -3.06
CA TRP A 23 8.94 -4.25 -4.31
C TRP A 23 8.29 -5.53 -4.84
N HIS A 24 7.17 -5.89 -4.22
CA HIS A 24 6.39 -7.07 -4.57
C HIS A 24 5.03 -6.65 -5.15
N ASN A 25 4.65 -7.27 -6.27
CA ASN A 25 3.37 -6.99 -6.93
C ASN A 25 2.23 -7.63 -6.13
N VAL A 26 1.41 -6.81 -5.49
CA VAL A 26 0.31 -7.28 -4.65
C VAL A 26 -0.99 -6.52 -4.97
N TYR A 27 -2.11 -7.02 -4.46
CA TYR A 27 -3.42 -6.40 -4.66
C TYR A 27 -3.82 -5.66 -3.39
N CYS A 28 -4.39 -4.47 -3.55
CA CYS A 28 -4.83 -3.65 -2.42
C CYS A 28 -6.30 -3.26 -2.58
N VAL A 29 -7.03 -3.33 -1.47
CA VAL A 29 -8.47 -3.00 -1.44
C VAL A 29 -8.74 -2.07 -0.27
N ILE A 30 -9.69 -1.14 -0.43
CA ILE A 30 -10.06 -0.20 0.62
C ILE A 30 -11.53 -0.39 1.00
N ASN A 31 -11.79 -0.78 2.25
CA ASN A 31 -13.14 -1.00 2.76
C ASN A 31 -13.43 0.02 3.87
N ASN A 32 -13.86 1.21 3.46
CA ASN A 32 -14.17 2.33 4.38
C ASN A 32 -12.88 2.90 4.99
N GLN A 33 -12.42 2.32 6.10
CA GLN A 33 -11.20 2.76 6.77
C GLN A 33 -10.22 1.59 6.97
N GLU A 34 -10.64 0.37 6.55
CA GLU A 34 -9.82 -0.83 6.66
C GLU A 34 -9.37 -1.27 5.26
N MET A 35 -8.07 -1.38 5.06
CA MET A 35 -7.53 -1.81 3.77
C MET A 35 -7.15 -3.30 3.85
N GLY A 36 -7.43 -4.04 2.78
CA GLY A 36 -7.16 -5.47 2.72
C GLY A 36 -6.08 -5.78 1.67
N PHE A 37 -5.13 -6.65 2.06
CA PHE A 37 -4.04 -7.07 1.18
C PHE A 37 -4.34 -8.47 0.63
N TYR A 38 -4.20 -8.62 -0.68
CA TYR A 38 -4.46 -9.91 -1.34
C TYR A 38 -3.49 -10.13 -2.50
N LYS A 39 -3.53 -11.31 -3.10
CA LYS A 39 -2.65 -11.66 -4.22
C LYS A 39 -3.12 -10.91 -5.49
N ASP A 40 -4.37 -11.15 -5.89
CA ASP A 40 -4.96 -10.48 -7.07
C ASP A 40 -6.38 -10.03 -6.73
N ALA A 41 -7.16 -9.71 -7.78
CA ALA A 41 -8.55 -9.29 -7.63
C ALA A 41 -9.41 -10.51 -7.25
N LYS A 42 -9.09 -11.66 -7.85
CA LYS A 42 -9.79 -12.92 -7.56
C LYS A 42 -9.61 -13.29 -6.09
N SER A 43 -8.39 -13.06 -5.57
CA SER A 43 -8.03 -13.33 -4.18
C SER A 43 -8.79 -12.40 -3.22
N ALA A 44 -9.00 -11.15 -3.64
CA ALA A 44 -9.71 -10.15 -2.84
C ALA A 44 -11.21 -10.47 -2.76
N ALA A 45 -11.77 -10.94 -3.88
CA ALA A 45 -13.18 -11.30 -3.95
C ALA A 45 -13.47 -12.56 -3.13
N SER A 46 -12.62 -13.57 -3.27
CA SER A 46 -12.75 -14.83 -2.53
C SER A 46 -12.48 -14.61 -1.04
N GLY A 47 -11.33 -13.99 -0.75
CA GLY A 47 -10.91 -13.69 0.62
C GLY A 47 -9.82 -14.68 1.04
N ILE A 48 -8.80 -14.79 0.19
CA ILE A 48 -7.67 -15.70 0.45
C ILE A 48 -6.49 -14.89 0.99
N PRO A 49 -6.00 -15.24 2.19
CA PRO A 49 -4.88 -14.52 2.85
C PRO A 49 -3.53 -14.73 2.15
N TYR A 50 -2.97 -13.64 1.60
CA TYR A 50 -1.66 -13.69 0.92
C TYR A 50 -0.54 -13.30 1.89
N HIS A 51 -0.90 -12.53 2.92
CA HIS A 51 0.04 -12.06 3.95
C HIS A 51 -0.50 -12.47 5.33
N SER A 52 0.29 -12.22 6.37
CA SER A 52 -0.09 -12.55 7.75
C SER A 52 -1.27 -11.67 8.19
N GLU A 53 -1.07 -10.36 8.14
CA GLU A 53 -2.10 -9.38 8.51
C GLU A 53 -2.81 -8.91 7.23
N VAL A 54 -4.01 -9.43 7.00
CA VAL A 54 -4.78 -9.08 5.80
C VAL A 54 -5.51 -7.74 5.99
N PRO A 55 -6.26 -7.53 7.10
CA PRO A 55 -7.00 -6.29 7.35
C PRO A 55 -6.15 -5.27 8.13
N VAL A 56 -5.80 -4.16 7.49
CA VAL A 56 -5.01 -3.10 8.12
C VAL A 56 -5.84 -1.82 8.21
N SER A 57 -5.83 -1.20 9.38
CA SER A 57 -6.58 0.02 9.63
C SER A 57 -5.87 1.24 9.03
N LEU A 58 -6.59 1.93 8.16
CA LEU A 58 -6.10 3.13 7.49
C LEU A 58 -6.67 4.38 8.18
N LYS A 59 -6.64 4.39 9.51
CA LYS A 59 -7.15 5.50 10.30
C LYS A 59 -6.05 6.56 10.46
N GLU A 60 -6.26 7.73 9.86
CA GLU A 60 -5.30 8.85 9.91
C GLU A 60 -3.93 8.42 9.34
N ALA A 61 -3.94 7.95 8.09
CA ALA A 61 -2.73 7.48 7.43
C ALA A 61 -2.06 8.61 6.65
N ILE A 62 -0.76 8.81 6.90
CA ILE A 62 0.02 9.84 6.21
C ILE A 62 0.37 9.34 4.80
N CYS A 63 0.28 10.21 3.81
CA CYS A 63 0.56 9.84 2.43
C CYS A 63 1.39 10.92 1.73
N GLU A 64 2.68 10.65 1.55
CA GLU A 64 3.61 11.58 0.88
C GLU A 64 3.82 11.11 -0.56
N VAL A 65 4.08 12.05 -1.46
CA VAL A 65 4.31 11.73 -2.88
C VAL A 65 5.81 11.59 -3.16
N ALA A 66 6.16 10.57 -3.94
CA ALA A 66 7.56 10.30 -4.30
C ALA A 66 7.63 9.89 -5.77
N LEU A 67 7.86 10.86 -6.65
CA LEU A 67 7.95 10.60 -8.09
C LEU A 67 9.37 10.18 -8.50
N ASP A 68 10.38 10.68 -7.78
CA ASP A 68 11.78 10.37 -8.07
C ASP A 68 12.36 9.39 -7.04
N TYR A 69 11.58 8.38 -6.65
CA TYR A 69 12.04 7.38 -5.69
C TYR A 69 12.74 6.23 -6.41
N LYS A 70 14.02 6.42 -6.73
CA LYS A 70 14.86 5.43 -7.43
C LYS A 70 14.41 5.24 -8.88
N LYS A 71 13.14 4.88 -9.07
CA LYS A 71 12.55 4.67 -10.39
C LYS A 71 11.67 5.87 -10.73
N LYS A 72 11.91 6.48 -11.90
CA LYS A 72 11.14 7.65 -12.34
C LYS A 72 9.73 7.26 -12.81
N LYS A 73 8.89 6.86 -11.85
CA LYS A 73 7.51 6.45 -12.13
C LYS A 73 6.53 7.29 -11.30
N HIS A 74 5.73 6.62 -10.46
CA HIS A 74 4.75 7.27 -9.59
C HIS A 74 4.63 6.46 -8.30
N VAL A 75 5.35 6.88 -7.26
CA VAL A 75 5.35 6.20 -5.96
C VAL A 75 4.85 7.14 -4.86
N PHE A 76 4.26 6.58 -3.81
CA PHE A 76 3.79 7.36 -2.67
C PHE A 76 4.12 6.62 -1.38
N LYS A 77 4.47 7.38 -0.35
CA LYS A 77 4.86 6.83 0.95
C LYS A 77 3.68 6.81 1.91
N LEU A 78 3.23 5.60 2.25
CA LEU A 78 2.12 5.39 3.18
C LEU A 78 2.68 5.05 4.56
N ARG A 79 2.44 5.92 5.52
CA ARG A 79 2.92 5.74 6.88
C ARG A 79 1.78 5.80 7.86
N LEU A 80 1.52 4.71 8.58
CA LEU A 80 0.46 4.70 9.58
C LEU A 80 0.95 5.42 10.83
N SER A 81 0.06 6.12 11.53
CA SER A 81 0.42 6.86 12.75
C SER A 81 0.93 5.93 13.85
N ASP A 82 0.36 4.73 13.92
CA ASP A 82 0.74 3.72 14.91
C ASP A 82 0.55 2.33 14.29
N GLY A 83 1.38 1.99 13.31
CA GLY A 83 1.29 0.70 12.63
C GLY A 83 2.61 0.32 11.98
N ASN A 84 2.69 0.52 10.65
CA ASN A 84 3.86 0.18 9.85
C ASN A 84 4.07 1.26 8.79
N GLU A 85 5.23 1.21 8.11
CA GLU A 85 5.58 2.13 7.03
C GLU A 85 5.70 1.35 5.72
N TYR A 86 4.95 1.75 4.69
CA TYR A 86 4.97 1.06 3.39
C TYR A 86 5.08 2.04 2.21
N LEU A 87 5.68 1.57 1.12
CA LEU A 87 5.81 2.35 -0.13
C LEU A 87 4.90 1.70 -1.17
N PHE A 88 4.19 2.52 -1.94
CA PHE A 88 3.27 2.01 -2.98
C PHE A 88 3.56 2.68 -4.32
N GLN A 89 3.70 1.86 -5.37
CA GLN A 89 3.98 2.34 -6.73
C GLN A 89 2.78 2.10 -7.64
N ALA A 90 2.43 3.12 -8.43
CA ALA A 90 1.35 3.07 -9.41
C ALA A 90 1.95 3.27 -10.81
N LYS A 91 1.22 2.88 -11.86
CA LYS A 91 1.72 3.01 -13.24
C LYS A 91 1.13 4.24 -13.96
N ASP A 92 -0.06 4.67 -13.55
CA ASP A 92 -0.75 5.82 -14.17
C ASP A 92 -0.87 6.96 -13.16
N ASP A 93 -0.75 8.20 -13.65
CA ASP A 93 -0.85 9.42 -12.81
C ASP A 93 -2.23 9.50 -12.14
N GLU A 94 -3.28 9.17 -12.91
CA GLU A 94 -4.65 9.18 -12.39
C GLU A 94 -4.80 8.17 -11.26
N GLU A 95 -4.17 7.01 -11.43
CA GLU A 95 -4.20 5.93 -10.43
C GLU A 95 -3.57 6.41 -9.12
N MET A 96 -2.35 6.97 -9.23
CA MET A 96 -1.62 7.52 -8.07
C MET A 96 -2.44 8.60 -7.37
N ASN A 97 -3.07 9.47 -8.16
CA ASN A 97 -3.90 10.56 -7.63
C ASN A 97 -5.13 9.99 -6.88
N THR A 98 -5.79 9.00 -7.49
CA THR A 98 -6.98 8.37 -6.88
C THR A 98 -6.61 7.60 -5.61
N TRP A 99 -5.46 6.90 -5.63
CA TRP A 99 -5.00 6.13 -4.46
C TRP A 99 -4.77 7.06 -3.26
N ILE A 100 -4.00 8.13 -3.49
CA ILE A 100 -3.70 9.13 -2.45
C ILE A 100 -4.98 9.82 -1.96
N GLN A 101 -5.91 10.08 -2.88
CA GLN A 101 -7.19 10.72 -2.54
C GLN A 101 -8.09 9.78 -1.72
N ALA A 102 -8.24 8.53 -2.18
CA ALA A 102 -9.06 7.54 -1.48
C ALA A 102 -8.54 7.29 -0.05
N ILE A 103 -7.21 7.32 0.09
CA ILE A 103 -6.54 7.14 1.38
C ILE A 103 -6.84 8.34 2.29
N SER A 104 -6.75 9.55 1.73
CA SER A 104 -7.01 10.79 2.47
C SER A 104 -8.51 10.93 2.82
N SER A 105 -9.37 10.29 2.03
CA SER A 105 -10.83 10.33 2.26
C SER A 105 -11.27 9.27 3.29
N ALA A 106 -10.31 8.50 3.81
CA ALA A 106 -10.59 7.46 4.80
C ALA A 106 -10.58 8.04 6.22
N MET A 1 -13.00 0.76 -4.04
CA MET A 1 -11.73 1.17 -4.72
C MET A 1 -10.67 0.10 -4.51
N GLU A 2 -10.37 -0.65 -5.58
CA GLU A 2 -9.38 -1.72 -5.54
C GLU A 2 -8.46 -1.63 -6.77
N GLY A 3 -7.43 -2.48 -6.81
CA GLY A 3 -6.49 -2.50 -7.92
C GLY A 3 -5.14 -3.06 -7.47
N PHE A 4 -4.22 -3.18 -8.43
CA PHE A 4 -2.87 -3.68 -8.14
C PHE A 4 -1.97 -2.51 -7.74
N LEU A 5 -1.02 -2.80 -6.87
CA LEU A 5 -0.07 -1.81 -6.38
C LEU A 5 1.23 -2.51 -5.99
N ASN A 6 2.35 -1.84 -6.23
CA ASN A 6 3.65 -2.38 -5.85
C ASN A 6 3.92 -1.88 -4.42
N ARG A 7 4.29 -2.79 -3.52
CA ARG A 7 4.52 -2.43 -2.12
C ARG A 7 5.95 -2.73 -1.69
N LYS A 8 6.56 -1.77 -1.03
CA LYS A 8 7.91 -1.88 -0.50
C LYS A 8 7.92 -1.36 0.93
N HIS A 9 8.17 -2.25 1.88
CA HIS A 9 8.19 -1.89 3.30
C HIS A 9 9.53 -1.23 3.67
N GLU A 10 9.45 -0.01 4.19
CA GLU A 10 10.64 0.75 4.60
C GLU A 10 10.94 0.46 6.07
N TRP A 11 9.89 0.33 6.88
CA TRP A 11 10.01 0.05 8.30
C TRP A 11 8.75 -0.67 8.81
N GLU A 12 8.96 -1.57 9.75
CA GLU A 12 7.89 -2.35 10.38
C GLU A 12 8.49 -3.30 11.40
N ALA A 13 9.73 -3.74 11.13
CA ALA A 13 10.47 -4.64 12.00
C ALA A 13 11.96 -4.56 11.65
N HIS A 14 12.72 -5.59 12.04
CA HIS A 14 14.17 -5.68 11.79
C HIS A 14 14.94 -4.65 12.62
N ASN A 15 15.66 -3.73 11.99
CA ASN A 15 16.43 -2.71 12.71
C ASN A 15 16.62 -1.47 11.84
N LYS A 16 16.24 -0.30 12.40
CA LYS A 16 16.35 1.01 11.72
C LYS A 16 15.38 1.11 10.53
N LYS A 17 15.71 0.44 9.42
CA LYS A 17 14.88 0.44 8.21
C LYS A 17 15.30 -0.72 7.30
N ALA A 18 14.43 -1.09 6.38
CA ALA A 18 14.69 -2.16 5.42
C ALA A 18 15.04 -1.55 4.06
N SER A 19 16.32 -1.23 3.89
CA SER A 19 16.81 -0.63 2.64
C SER A 19 17.13 -1.70 1.59
N SER A 20 16.24 -2.69 1.48
CA SER A 20 16.39 -3.79 0.53
C SER A 20 15.53 -3.53 -0.71
N ARG A 21 15.78 -4.29 -1.78
CA ARG A 21 15.02 -4.15 -3.02
C ARG A 21 13.71 -4.96 -2.93
N SER A 22 12.98 -4.78 -1.83
CA SER A 22 11.72 -5.47 -1.58
C SER A 22 10.59 -4.73 -2.28
N TRP A 23 10.19 -5.24 -3.44
CA TRP A 23 9.11 -4.65 -4.23
C TRP A 23 8.19 -5.77 -4.73
N HIS A 24 7.11 -6.01 -3.98
CA HIS A 24 6.13 -7.06 -4.31
C HIS A 24 4.84 -6.44 -4.86
N ASN A 25 4.33 -7.05 -5.92
CA ASN A 25 3.08 -6.61 -6.56
C ASN A 25 1.91 -7.26 -5.82
N VAL A 26 1.16 -6.45 -5.09
CA VAL A 26 0.02 -6.93 -4.29
C VAL A 26 -1.27 -6.23 -4.70
N TYR A 27 -2.40 -6.89 -4.46
CA TYR A 27 -3.72 -6.35 -4.77
C TYR A 27 -4.33 -5.74 -3.52
N CYS A 28 -4.47 -4.42 -3.52
CA CYS A 28 -5.01 -3.68 -2.37
C CYS A 28 -6.51 -3.41 -2.56
N VAL A 29 -7.29 -3.72 -1.54
CA VAL A 29 -8.75 -3.52 -1.57
C VAL A 29 -9.16 -2.67 -0.37
N ILE A 30 -9.68 -1.46 -0.63
CA ILE A 30 -10.12 -0.56 0.44
C ILE A 30 -11.59 -0.86 0.78
N ASN A 31 -11.84 -1.22 2.04
CA ASN A 31 -13.20 -1.53 2.52
C ASN A 31 -13.68 -0.40 3.44
N ASN A 32 -13.47 0.85 3.00
CA ASN A 32 -13.88 2.06 3.74
C ASN A 32 -13.17 2.16 5.10
N GLN A 33 -12.14 3.00 5.17
CA GLN A 33 -11.35 3.23 6.40
C GLN A 33 -10.26 2.15 6.59
N GLU A 34 -10.61 0.89 6.26
CA GLU A 34 -9.70 -0.24 6.39
C GLU A 34 -9.43 -0.84 5.00
N MET A 35 -8.34 -1.59 4.87
CA MET A 35 -7.98 -2.22 3.60
C MET A 35 -7.47 -3.64 3.83
N GLY A 36 -7.40 -4.41 2.74
CA GLY A 36 -6.93 -5.80 2.78
C GLY A 36 -5.95 -6.05 1.64
N PHE A 37 -4.90 -6.83 1.93
CA PHE A 37 -3.87 -7.18 0.94
C PHE A 37 -4.09 -8.60 0.40
N TYR A 38 -4.39 -8.70 -0.90
CA TYR A 38 -4.64 -9.99 -1.56
C TYR A 38 -3.72 -10.19 -2.77
N LYS A 39 -3.82 -11.35 -3.40
CA LYS A 39 -2.98 -11.68 -4.56
C LYS A 39 -3.53 -11.03 -5.84
N ASP A 40 -4.86 -11.00 -5.99
CA ASP A 40 -5.49 -10.39 -7.17
C ASP A 40 -6.98 -10.16 -6.89
N ALA A 41 -7.72 -9.79 -7.94
CA ALA A 41 -9.17 -9.54 -7.84
C ALA A 41 -9.93 -10.80 -7.42
N LYS A 42 -9.54 -11.96 -7.97
CA LYS A 42 -10.17 -13.24 -7.63
C LYS A 42 -9.88 -13.62 -6.18
N SER A 43 -8.61 -13.51 -5.77
CA SER A 43 -8.19 -13.82 -4.40
C SER A 43 -8.80 -12.83 -3.40
N ALA A 44 -9.05 -11.60 -3.86
CA ALA A 44 -9.65 -10.55 -3.02
C ALA A 44 -11.14 -10.83 -2.78
N ALA A 45 -11.84 -11.23 -3.84
CA ALA A 45 -13.27 -11.54 -3.76
C ALA A 45 -13.51 -12.82 -2.96
N SER A 46 -12.68 -13.83 -3.22
CA SER A 46 -12.76 -15.13 -2.53
C SER A 46 -12.37 -14.99 -1.06
N GLY A 47 -11.42 -14.09 -0.77
CA GLY A 47 -10.96 -13.84 0.60
C GLY A 47 -9.82 -14.80 0.97
N ILE A 48 -8.79 -14.84 0.13
CA ILE A 48 -7.62 -15.71 0.36
C ILE A 48 -6.48 -14.85 0.92
N PRO A 49 -5.91 -15.20 2.10
CA PRO A 49 -4.82 -14.42 2.71
C PRO A 49 -3.50 -14.58 1.94
N TYR A 50 -2.89 -13.45 1.57
CA TYR A 50 -1.63 -13.44 0.80
C TYR A 50 -0.44 -13.14 1.72
N HIS A 51 -0.39 -11.90 2.23
CA HIS A 51 0.70 -11.46 3.12
C HIS A 51 0.45 -11.89 4.57
N SER A 52 1.37 -11.53 5.45
CA SER A 52 1.26 -11.85 6.89
C SER A 52 0.17 -10.97 7.52
N GLU A 53 0.28 -9.66 7.30
CA GLU A 53 -0.69 -8.69 7.79
C GLU A 53 -1.69 -8.41 6.66
N VAL A 54 -2.74 -9.22 6.59
CA VAL A 54 -3.74 -9.08 5.53
C VAL A 54 -4.63 -7.86 5.75
N PRO A 55 -5.28 -7.73 6.94
CA PRO A 55 -6.16 -6.60 7.25
C PRO A 55 -5.41 -5.48 7.97
N VAL A 56 -5.56 -4.25 7.49
CA VAL A 56 -4.90 -3.09 8.10
C VAL A 56 -5.84 -1.89 8.15
N SER A 57 -5.65 -1.08 9.17
CA SER A 57 -6.45 0.12 9.42
C SER A 57 -5.66 1.37 9.02
N LEU A 58 -6.33 2.30 8.31
CA LEU A 58 -5.69 3.55 7.89
C LEU A 58 -5.88 4.62 8.97
N LYS A 59 -5.56 4.26 10.22
CA LYS A 59 -5.68 5.18 11.36
C LYS A 59 -4.53 6.19 11.32
N GLU A 60 -4.86 7.44 10.95
CA GLU A 60 -3.87 8.51 10.83
C GLU A 60 -2.82 8.13 9.79
N ALA A 61 -3.31 7.80 8.59
CA ALA A 61 -2.46 7.38 7.48
C ALA A 61 -1.85 8.58 6.78
N ILE A 62 -0.57 8.84 7.05
CA ILE A 62 0.15 9.95 6.43
C ILE A 62 0.57 9.52 5.01
N CYS A 63 0.35 10.39 4.04
CA CYS A 63 0.68 10.08 2.65
C CYS A 63 1.42 11.25 1.98
N GLU A 64 2.49 10.92 1.26
CA GLU A 64 3.31 11.91 0.55
C GLU A 64 3.66 11.36 -0.83
N VAL A 65 3.80 12.24 -1.82
CA VAL A 65 4.15 11.81 -3.18
C VAL A 65 5.67 11.59 -3.28
N ALA A 66 6.07 10.47 -3.89
CA ALA A 66 7.48 10.12 -4.08
C ALA A 66 7.77 10.02 -5.58
N LEU A 67 8.21 11.14 -6.16
CA LEU A 67 8.53 11.23 -7.58
C LEU A 67 10.04 11.04 -7.80
N ASP A 68 10.86 11.49 -6.84
CA ASP A 68 12.32 11.37 -6.93
C ASP A 68 12.81 10.22 -6.03
N TYR A 69 12.50 8.99 -6.46
CA TYR A 69 12.89 7.77 -5.74
C TYR A 69 13.67 6.84 -6.68
N LYS A 70 14.17 5.71 -6.14
CA LYS A 70 14.94 4.73 -6.93
C LYS A 70 13.99 3.59 -7.35
N LYS A 71 13.98 3.26 -8.66
CA LYS A 71 13.09 2.23 -9.22
C LYS A 71 11.66 2.72 -9.05
N LYS A 72 11.27 3.66 -9.91
CA LYS A 72 9.96 4.30 -9.80
C LYS A 72 9.25 4.58 -11.14
N LYS A 73 7.99 4.94 -10.99
CA LYS A 73 7.09 5.34 -12.05
C LYS A 73 6.33 6.55 -11.51
N HIS A 74 5.66 6.29 -10.39
CA HIS A 74 4.89 7.29 -9.63
C HIS A 74 4.62 6.65 -8.26
N VAL A 75 5.52 6.89 -7.31
CA VAL A 75 5.45 6.30 -5.96
C VAL A 75 4.88 7.30 -4.96
N PHE A 76 4.41 6.77 -3.82
CA PHE A 76 3.88 7.58 -2.73
C PHE A 76 4.16 6.88 -1.41
N LYS A 77 4.64 7.65 -0.44
CA LYS A 77 5.00 7.12 0.88
C LYS A 77 3.78 7.09 1.79
N LEU A 78 3.32 5.88 2.10
CA LEU A 78 2.17 5.67 2.98
C LEU A 78 2.67 5.16 4.33
N ARG A 79 2.54 6.00 5.36
CA ARG A 79 3.00 5.65 6.70
C ARG A 79 1.85 5.73 7.70
N LEU A 80 1.59 4.62 8.39
CA LEU A 80 0.57 4.57 9.41
C LEU A 80 1.21 5.04 10.73
N SER A 81 0.57 5.98 11.42
CA SER A 81 1.10 6.54 12.65
C SER A 81 1.35 5.46 13.72
N ASP A 82 0.54 4.41 13.70
CA ASP A 82 0.68 3.30 14.64
C ASP A 82 0.57 1.98 13.87
N GLY A 83 1.48 1.77 12.92
CA GLY A 83 1.46 0.57 12.11
C GLY A 83 2.80 0.27 11.44
N ASN A 84 2.84 0.43 10.09
CA ASN A 84 4.03 0.15 9.29
C ASN A 84 4.26 1.30 8.31
N GLU A 85 5.45 1.33 7.71
CA GLU A 85 5.84 2.31 6.70
C GLU A 85 5.94 1.60 5.35
N TYR A 86 5.09 1.96 4.40
CA TYR A 86 5.08 1.33 3.08
C TYR A 86 5.22 2.33 1.93
N LEU A 87 5.97 1.94 0.90
CA LEU A 87 6.14 2.75 -0.31
C LEU A 87 5.29 2.11 -1.39
N PHE A 88 4.21 2.78 -1.78
CA PHE A 88 3.29 2.24 -2.80
C PHE A 88 3.58 2.91 -4.14
N GLN A 89 3.73 2.10 -5.18
CA GLN A 89 4.03 2.60 -6.51
C GLN A 89 2.95 2.13 -7.50
N ALA A 90 2.36 3.11 -8.19
CA ALA A 90 1.31 2.87 -9.19
C ALA A 90 1.91 2.93 -10.59
N LYS A 91 1.13 2.46 -11.56
CA LYS A 91 1.55 2.44 -12.97
C LYS A 91 1.31 3.81 -13.63
N ASP A 92 0.10 4.34 -13.46
CA ASP A 92 -0.29 5.63 -14.05
C ASP A 92 -0.42 6.72 -12.98
N ASP A 93 -0.19 7.97 -13.39
CA ASP A 93 -0.29 9.15 -12.51
C ASP A 93 -1.75 9.32 -12.02
N GLU A 94 -2.70 9.06 -12.92
CA GLU A 94 -4.14 9.16 -12.60
C GLU A 94 -4.50 8.17 -11.49
N GLU A 95 -3.95 6.96 -11.58
CA GLU A 95 -4.18 5.91 -10.58
C GLU A 95 -3.52 6.31 -9.24
N MET A 96 -2.28 6.80 -9.31
CA MET A 96 -1.52 7.25 -8.13
C MET A 96 -2.32 8.30 -7.35
N ASN A 97 -2.82 9.32 -8.06
CA ASN A 97 -3.61 10.39 -7.45
C ASN A 97 -4.86 9.83 -6.75
N THR A 98 -5.57 8.94 -7.46
CA THR A 98 -6.79 8.32 -6.93
C THR A 98 -6.49 7.48 -5.67
N TRP A 99 -5.38 6.75 -5.68
CA TRP A 99 -4.97 5.92 -4.54
C TRP A 99 -4.74 6.80 -3.30
N ILE A 100 -3.92 7.84 -3.44
CA ILE A 100 -3.62 8.78 -2.36
C ILE A 100 -4.90 9.45 -1.85
N GLN A 101 -5.78 9.85 -2.78
CA GLN A 101 -7.06 10.49 -2.44
C GLN A 101 -7.95 9.54 -1.63
N ALA A 102 -8.07 8.30 -2.09
CA ALA A 102 -8.90 7.28 -1.43
C ALA A 102 -8.38 7.01 -0.01
N ILE A 103 -7.07 6.85 0.13
CA ILE A 103 -6.44 6.59 1.43
C ILE A 103 -6.62 7.78 2.38
N SER A 104 -6.72 8.99 1.81
CA SER A 104 -6.86 10.21 2.60
C SER A 104 -8.33 10.50 3.00
N SER A 105 -9.29 10.20 2.12
CA SER A 105 -10.71 10.50 2.40
C SER A 105 -11.65 9.31 2.21
N ALA A 106 -11.17 8.08 2.38
CA ALA A 106 -12.02 6.89 2.24
C ALA A 106 -11.46 5.74 3.07
N MET A 1 -13.09 0.35 -4.78
CA MET A 1 -11.81 1.08 -4.58
C MET A 1 -10.69 0.08 -4.37
N GLU A 2 -10.28 -0.59 -5.45
CA GLU A 2 -9.23 -1.61 -5.38
C GLU A 2 -8.44 -1.69 -6.68
N GLY A 3 -7.43 -2.55 -6.67
CA GLY A 3 -6.56 -2.77 -7.84
C GLY A 3 -5.18 -3.23 -7.38
N PHE A 4 -4.21 -3.21 -8.30
CA PHE A 4 -2.85 -3.63 -7.99
C PHE A 4 -1.99 -2.45 -7.53
N LEU A 5 -1.02 -2.76 -6.66
CA LEU A 5 -0.11 -1.76 -6.12
C LEU A 5 1.19 -2.46 -5.72
N ASN A 6 2.32 -1.82 -5.96
CA ASN A 6 3.62 -2.36 -5.55
C ASN A 6 3.85 -1.91 -4.12
N ARG A 7 4.11 -2.86 -3.22
CA ARG A 7 4.29 -2.56 -1.79
C ARG A 7 5.74 -2.73 -1.34
N LYS A 8 6.40 -1.62 -1.05
CA LYS A 8 7.78 -1.63 -0.55
C LYS A 8 7.72 -1.45 0.97
N HIS A 9 7.71 -2.55 1.69
CA HIS A 9 7.63 -2.52 3.15
C HIS A 9 9.03 -2.46 3.76
N GLU A 10 9.35 -1.33 4.39
CA GLU A 10 10.66 -1.12 5.03
C GLU A 10 10.57 -1.52 6.50
N TRP A 11 9.48 -1.10 7.15
CA TRP A 11 9.25 -1.38 8.56
C TRP A 11 7.76 -1.57 8.82
N GLU A 12 7.40 -2.73 9.35
CA GLU A 12 6.01 -3.06 9.67
C GLU A 12 5.99 -4.10 10.79
N ALA A 13 6.71 -3.79 11.86
CA ALA A 13 6.81 -4.67 13.03
C ALA A 13 7.14 -3.82 14.26
N HIS A 14 8.32 -3.99 14.83
CA HIS A 14 8.75 -3.22 16.01
C HIS A 14 10.20 -2.79 15.85
N ASN A 15 11.13 -3.73 15.99
CA ASN A 15 12.58 -3.45 15.87
C ASN A 15 13.16 -4.11 14.60
N LYS A 16 12.45 -5.08 14.04
CA LYS A 16 12.89 -5.79 12.83
C LYS A 16 12.42 -5.07 11.57
N LYS A 17 13.30 -5.00 10.57
CA LYS A 17 13.00 -4.39 9.27
C LYS A 17 12.54 -5.47 8.29
N ALA A 18 11.71 -5.07 7.33
CA ALA A 18 11.20 -6.00 6.30
C ALA A 18 12.22 -6.11 5.17
N SER A 19 12.39 -7.32 4.62
CA SER A 19 13.36 -7.55 3.54
C SER A 19 12.92 -8.70 2.64
N SER A 20 11.62 -8.76 2.33
CA SER A 20 11.05 -9.79 1.46
C SER A 20 10.83 -9.19 0.07
N ARG A 21 11.85 -9.30 -0.80
CA ARG A 21 11.82 -8.76 -2.18
C ARG A 21 11.96 -7.23 -2.17
N SER A 22 11.41 -6.57 -1.15
CA SER A 22 11.46 -5.11 -0.99
C SER A 22 10.93 -4.39 -2.24
N TRP A 23 9.70 -4.74 -2.57
CA TRP A 23 8.92 -4.24 -3.73
C TRP A 23 8.07 -5.41 -4.25
N HIS A 24 7.03 -5.76 -3.49
CA HIS A 24 6.14 -6.87 -3.82
C HIS A 24 4.86 -6.35 -4.49
N ASN A 25 4.52 -6.91 -5.65
CA ASN A 25 3.30 -6.51 -6.37
C ASN A 25 2.11 -7.25 -5.75
N VAL A 26 1.25 -6.50 -5.07
CA VAL A 26 0.09 -7.07 -4.38
C VAL A 26 -1.19 -6.34 -4.78
N TYR A 27 -2.34 -6.97 -4.53
CA TYR A 27 -3.65 -6.41 -4.84
C TYR A 27 -4.28 -5.80 -3.59
N CYS A 28 -4.37 -4.47 -3.56
CA CYS A 28 -4.93 -3.74 -2.41
C CYS A 28 -6.42 -3.47 -2.61
N VAL A 29 -7.21 -3.70 -1.57
CA VAL A 29 -8.66 -3.47 -1.60
C VAL A 29 -9.05 -2.62 -0.40
N ILE A 30 -9.51 -1.39 -0.66
CA ILE A 30 -9.91 -0.46 0.41
C ILE A 30 -11.34 -0.74 0.85
N ASN A 31 -11.55 -0.83 2.16
CA ASN A 31 -12.86 -1.10 2.73
C ASN A 31 -13.11 -0.10 3.88
N ASN A 32 -13.51 1.11 3.52
CA ASN A 32 -13.80 2.19 4.49
C ASN A 32 -12.54 2.64 5.25
N GLN A 33 -12.39 2.19 6.51
CA GLN A 33 -11.24 2.58 7.35
C GLN A 33 -10.13 1.52 7.37
N GLU A 34 -10.29 0.43 6.59
CA GLU A 34 -9.28 -0.63 6.54
C GLU A 34 -9.06 -1.09 5.10
N MET A 35 -8.04 -1.91 4.91
CA MET A 35 -7.70 -2.43 3.59
C MET A 35 -7.01 -3.79 3.73
N GLY A 36 -7.20 -4.66 2.74
CA GLY A 36 -6.62 -6.00 2.73
C GLY A 36 -5.72 -6.20 1.51
N PHE A 37 -4.59 -6.86 1.73
CA PHE A 37 -3.64 -7.16 0.66
C PHE A 37 -3.86 -8.59 0.15
N TYR A 38 -4.45 -8.70 -1.04
CA TYR A 38 -4.73 -10.01 -1.67
C TYR A 38 -3.83 -10.23 -2.89
N LYS A 39 -4.00 -11.38 -3.55
CA LYS A 39 -3.19 -11.71 -4.73
C LYS A 39 -3.74 -10.98 -5.96
N ASP A 40 -5.07 -10.93 -6.09
CA ASP A 40 -5.74 -10.24 -7.21
C ASP A 40 -7.24 -10.08 -6.91
N ALA A 41 -7.99 -9.58 -7.90
CA ALA A 41 -9.44 -9.36 -7.76
C ALA A 41 -10.18 -10.67 -7.46
N LYS A 42 -9.70 -11.77 -8.05
CA LYS A 42 -10.30 -13.10 -7.83
C LYS A 42 -10.05 -13.57 -6.40
N SER A 43 -8.82 -13.37 -5.92
CA SER A 43 -8.42 -13.74 -4.56
C SER A 43 -9.13 -12.87 -3.51
N ALA A 44 -9.39 -11.61 -3.87
CA ALA A 44 -10.08 -10.67 -2.98
C ALA A 44 -11.56 -11.02 -2.84
N ALA A 45 -12.22 -11.31 -3.96
CA ALA A 45 -13.64 -11.68 -3.98
C ALA A 45 -13.87 -13.05 -3.34
N SER A 46 -12.98 -14.00 -3.63
CA SER A 46 -13.08 -15.37 -3.09
C SER A 46 -12.70 -15.40 -1.59
N GLY A 47 -11.69 -14.63 -1.21
CA GLY A 47 -11.22 -14.57 0.18
C GLY A 47 -9.99 -15.45 0.37
N ILE A 48 -8.93 -15.15 -0.38
CA ILE A 48 -7.68 -15.88 -0.32
C ILE A 48 -6.56 -14.90 0.04
N PRO A 49 -6.02 -14.96 1.27
CA PRO A 49 -4.95 -14.05 1.73
C PRO A 49 -3.60 -14.31 1.05
N TYR A 50 -2.80 -13.25 0.96
CA TYR A 50 -1.47 -13.29 0.35
C TYR A 50 -0.46 -12.81 1.38
N HIS A 51 0.31 -13.75 1.94
CA HIS A 51 1.30 -13.47 2.99
C HIS A 51 0.59 -13.36 4.35
N SER A 52 1.34 -13.13 5.43
CA SER A 52 0.76 -13.02 6.78
C SER A 52 0.22 -11.61 7.05
N GLU A 53 0.99 -10.61 6.64
CA GLU A 53 0.61 -9.19 6.83
C GLU A 53 -0.38 -8.77 5.73
N VAL A 54 -1.63 -9.25 5.86
CA VAL A 54 -2.69 -8.98 4.88
C VAL A 54 -3.67 -7.89 5.39
N PRO A 55 -4.23 -8.01 6.63
CA PRO A 55 -5.17 -7.00 7.15
C PRO A 55 -4.45 -5.78 7.73
N VAL A 56 -4.78 -4.59 7.24
CA VAL A 56 -4.19 -3.34 7.70
C VAL A 56 -5.26 -2.25 7.79
N SER A 57 -5.19 -1.46 8.85
CA SER A 57 -6.13 -0.38 9.13
C SER A 57 -5.56 0.98 8.72
N LEU A 58 -6.39 1.84 8.12
CA LEU A 58 -5.99 3.19 7.71
C LEU A 58 -6.23 4.17 8.86
N LYS A 59 -5.63 3.87 10.01
CA LYS A 59 -5.75 4.68 11.21
C LYS A 59 -4.93 5.97 11.06
N GLU A 60 -5.56 7.00 10.47
CA GLU A 60 -4.92 8.30 10.22
C GLU A 60 -3.67 8.08 9.36
N ALA A 61 -3.88 7.58 8.15
CA ALA A 61 -2.79 7.27 7.23
C ALA A 61 -2.19 8.54 6.60
N ILE A 62 -0.96 8.87 6.97
CA ILE A 62 -0.26 10.02 6.41
C ILE A 62 0.33 9.61 5.06
N CYS A 63 0.14 10.44 4.04
CA CYS A 63 0.61 10.12 2.69
C CYS A 63 1.46 11.26 2.11
N GLU A 64 2.55 10.89 1.42
CA GLU A 64 3.46 11.82 0.78
C GLU A 64 3.76 11.33 -0.64
N VAL A 65 4.02 12.25 -1.57
CA VAL A 65 4.31 11.90 -2.96
C VAL A 65 5.81 11.63 -3.14
N ALA A 66 6.13 10.64 -3.98
CA ALA A 66 7.51 10.26 -4.27
C ALA A 66 7.68 10.11 -5.78
N LEU A 67 7.82 11.26 -6.45
CA LEU A 67 7.99 11.30 -7.91
C LEU A 67 9.45 11.08 -8.28
N ASP A 68 10.36 11.61 -7.46
CA ASP A 68 11.80 11.48 -7.68
C ASP A 68 12.41 10.34 -6.85
N TYR A 69 11.69 9.21 -6.76
CA TYR A 69 12.18 8.04 -6.02
C TYR A 69 13.12 7.23 -6.93
N LYS A 70 14.22 7.85 -7.32
CA LYS A 70 15.23 7.23 -8.20
C LYS A 70 14.61 6.72 -9.51
N LYS A 71 14.02 7.65 -10.27
CA LYS A 71 13.37 7.36 -11.55
C LYS A 71 12.05 6.59 -11.33
N LYS A 72 11.82 5.55 -12.13
CA LYS A 72 10.60 4.72 -12.03
C LYS A 72 9.37 5.52 -12.50
N LYS A 73 8.20 4.97 -12.25
CA LYS A 73 6.93 5.60 -12.63
C LYS A 73 6.52 6.67 -11.60
N HIS A 74 5.48 6.39 -10.83
CA HIS A 74 4.96 7.31 -9.81
C HIS A 74 4.82 6.54 -8.50
N VAL A 75 5.58 6.94 -7.49
CA VAL A 75 5.55 6.29 -6.17
C VAL A 75 5.04 7.27 -5.11
N PHE A 76 4.55 6.74 -4.00
CA PHE A 76 4.05 7.57 -2.90
C PHE A 76 4.27 6.85 -1.57
N LYS A 77 4.63 7.61 -0.55
CA LYS A 77 4.86 7.04 0.77
C LYS A 77 3.55 7.03 1.55
N LEU A 78 3.37 5.99 2.34
CA LEU A 78 2.17 5.82 3.14
C LEU A 78 2.58 5.34 4.54
N ARG A 79 2.33 6.17 5.54
CA ARG A 79 2.68 5.87 6.94
C ARG A 79 1.42 5.70 7.77
N LEU A 80 1.29 4.55 8.41
CA LEU A 80 0.13 4.23 9.26
C LEU A 80 0.50 4.44 10.73
N SER A 81 -0.39 5.12 11.46
CA SER A 81 -0.19 5.46 12.89
C SER A 81 -0.05 4.22 13.79
N ASP A 82 -0.37 3.02 13.28
CA ASP A 82 -0.25 1.79 14.06
C ASP A 82 1.21 1.30 14.11
N GLY A 83 2.10 1.98 13.39
CA GLY A 83 3.53 1.64 13.35
C GLY A 83 3.89 0.84 12.11
N ASN A 84 3.48 1.34 10.92
CA ASN A 84 3.77 0.68 9.64
C ASN A 84 4.17 1.71 8.59
N GLU A 85 5.25 1.42 7.85
CA GLU A 85 5.78 2.31 6.80
C GLU A 85 5.79 1.58 5.45
N TYR A 86 5.29 2.24 4.39
CA TYR A 86 5.25 1.63 3.05
C TYR A 86 5.48 2.69 1.95
N LEU A 87 6.05 2.22 0.83
CA LEU A 87 6.23 3.05 -0.38
C LEU A 87 5.41 2.33 -1.45
N PHE A 88 4.31 2.94 -1.87
CA PHE A 88 3.41 2.33 -2.87
C PHE A 88 3.64 2.91 -4.25
N GLN A 89 3.73 2.04 -5.25
CA GLN A 89 3.94 2.44 -6.65
C GLN A 89 2.71 2.05 -7.48
N ALA A 90 2.24 2.98 -8.30
CA ALA A 90 1.07 2.77 -9.16
C ALA A 90 1.53 2.52 -10.61
N LYS A 91 0.61 2.00 -11.43
CA LYS A 91 0.89 1.72 -12.85
C LYS A 91 0.71 2.98 -13.71
N ASP A 92 -0.25 3.83 -13.31
CA ASP A 92 -0.57 5.08 -14.02
C ASP A 92 -0.51 6.25 -13.04
N ASP A 93 -0.28 7.46 -13.57
CA ASP A 93 -0.20 8.68 -12.75
C ASP A 93 -1.58 9.03 -12.17
N GLU A 94 -2.64 8.79 -12.94
CA GLU A 94 -4.02 9.05 -12.49
C GLU A 94 -4.39 8.07 -11.38
N GLU A 95 -3.93 6.83 -11.51
CA GLU A 95 -4.16 5.79 -10.50
C GLU A 95 -3.50 6.21 -9.17
N MET A 96 -2.27 6.73 -9.26
CA MET A 96 -1.52 7.19 -8.09
C MET A 96 -2.31 8.26 -7.32
N ASN A 97 -2.83 9.25 -8.07
CA ASN A 97 -3.63 10.34 -7.49
C ASN A 97 -4.89 9.78 -6.82
N THR A 98 -5.57 8.85 -7.51
CA THR A 98 -6.79 8.22 -7.01
C THR A 98 -6.50 7.42 -5.72
N TRP A 99 -5.38 6.70 -5.69
CA TRP A 99 -4.97 5.91 -4.51
C TRP A 99 -4.73 6.82 -3.30
N ILE A 100 -3.87 7.82 -3.49
CA ILE A 100 -3.52 8.78 -2.42
C ILE A 100 -4.77 9.49 -1.88
N GLN A 101 -5.62 10.01 -2.77
CA GLN A 101 -6.84 10.72 -2.37
C GLN A 101 -7.83 9.78 -1.65
N ALA A 102 -7.98 8.55 -2.14
CA ALA A 102 -8.88 7.57 -1.52
C ALA A 102 -8.40 7.21 -0.11
N ILE A 103 -7.08 7.02 0.02
CA ILE A 103 -6.45 6.69 1.31
C ILE A 103 -6.56 7.88 2.28
N SER A 104 -6.40 9.10 1.75
CA SER A 104 -6.49 10.31 2.57
C SER A 104 -7.93 10.52 3.09
N SER A 105 -8.90 10.08 2.29
CA SER A 105 -10.32 10.20 2.65
C SER A 105 -10.82 8.96 3.42
N ALA A 106 -9.88 8.11 3.87
CA ALA A 106 -10.23 6.91 4.63
C ALA A 106 -10.54 7.27 6.08
N MET A 1 -12.65 1.03 -4.74
CA MET A 1 -11.22 1.34 -4.99
C MET A 1 -10.39 0.07 -4.78
N GLU A 2 -10.24 -0.71 -5.86
CA GLU A 2 -9.49 -1.97 -5.85
C GLU A 2 -8.52 -1.99 -7.03
N GLY A 3 -7.37 -2.65 -6.86
CA GLY A 3 -6.38 -2.74 -7.94
C GLY A 3 -5.04 -3.24 -7.41
N PHE A 4 -4.10 -3.46 -8.34
CA PHE A 4 -2.75 -3.93 -8.00
C PHE A 4 -1.86 -2.76 -7.62
N LEU A 5 -0.94 -3.00 -6.70
CA LEU A 5 -0.01 -1.97 -6.24
C LEU A 5 1.34 -2.63 -5.91
N ASN A 6 2.41 -1.89 -6.15
CA ASN A 6 3.76 -2.36 -5.85
C ASN A 6 4.07 -1.95 -4.41
N ARG A 7 4.37 -2.90 -3.54
CA ARG A 7 4.62 -2.62 -2.12
C ARG A 7 6.06 -2.91 -1.70
N LYS A 8 6.68 -1.92 -1.06
CA LYS A 8 8.03 -2.02 -0.52
C LYS A 8 8.00 -1.44 0.88
N HIS A 9 8.58 -2.13 1.83
CA HIS A 9 8.58 -1.68 3.21
C HIS A 9 9.88 -0.96 3.59
N GLU A 10 9.74 0.29 4.01
CA GLU A 10 10.87 1.10 4.45
C GLU A 10 11.09 0.79 5.94
N TRP A 11 10.00 0.74 6.68
CA TRP A 11 10.02 0.43 8.10
C TRP A 11 8.80 -0.44 8.44
N GLU A 12 9.05 -1.74 8.58
CA GLU A 12 8.01 -2.72 8.93
C GLU A 12 8.49 -3.52 10.14
N ALA A 13 9.82 -3.70 10.22
CA ALA A 13 10.46 -4.42 11.33
C ALA A 13 10.93 -3.39 12.38
N HIS A 14 11.59 -3.87 13.44
CA HIS A 14 12.09 -2.99 14.51
C HIS A 14 13.59 -2.73 14.36
N ASN A 15 14.30 -3.62 13.69
CA ASN A 15 15.75 -3.50 13.50
C ASN A 15 16.09 -2.68 12.24
N LYS A 16 16.38 -1.39 12.45
CA LYS A 16 16.76 -0.45 11.39
C LYS A 16 15.68 -0.26 10.31
N LYS A 17 15.57 -1.20 9.37
CA LYS A 17 14.58 -1.12 8.29
C LYS A 17 14.12 -2.51 7.87
N ALA A 18 13.35 -2.57 6.79
CA ALA A 18 12.81 -3.85 6.28
C ALA A 18 13.29 -4.11 4.85
N SER A 19 13.72 -5.35 4.59
CA SER A 19 14.19 -5.77 3.27
C SER A 19 13.78 -7.23 2.99
N SER A 20 12.67 -7.65 3.60
CA SER A 20 12.14 -9.01 3.43
C SER A 20 11.52 -9.18 2.04
N ARG A 21 10.72 -8.19 1.63
CA ARG A 21 10.06 -8.17 0.33
C ARG A 21 10.24 -6.79 -0.31
N SER A 22 11.42 -6.56 -0.89
CA SER A 22 11.74 -5.29 -1.53
C SER A 22 11.05 -5.19 -2.89
N TRP A 23 9.91 -4.51 -2.90
CA TRP A 23 9.08 -4.29 -4.10
C TRP A 23 8.41 -5.60 -4.55
N HIS A 24 7.14 -5.74 -4.18
CA HIS A 24 6.33 -6.92 -4.51
C HIS A 24 4.97 -6.45 -5.04
N ASN A 25 4.51 -7.05 -6.14
CA ASN A 25 3.22 -6.73 -6.74
C ASN A 25 2.12 -7.43 -5.95
N VAL A 26 1.29 -6.65 -5.27
CA VAL A 26 0.20 -7.19 -4.45
C VAL A 26 -1.11 -6.49 -4.80
N TYR A 27 -2.23 -7.15 -4.50
CA TYR A 27 -3.56 -6.60 -4.77
C TYR A 27 -4.10 -5.93 -3.51
N CYS A 28 -4.48 -4.67 -3.63
CA CYS A 28 -5.01 -3.88 -2.50
C CYS A 28 -6.46 -3.51 -2.73
N VAL A 29 -7.29 -3.69 -1.70
CA VAL A 29 -8.72 -3.36 -1.74
C VAL A 29 -9.08 -2.49 -0.54
N ILE A 30 -9.51 -1.26 -0.79
CA ILE A 30 -9.89 -0.34 0.29
C ILE A 30 -11.29 -0.67 0.81
N ASN A 31 -11.45 -0.58 2.13
CA ASN A 31 -12.72 -0.86 2.80
C ASN A 31 -12.95 0.16 3.92
N ASN A 32 -13.87 -0.17 4.84
CA ASN A 32 -14.25 0.69 5.98
C ASN A 32 -13.05 1.17 6.82
N GLN A 33 -12.47 2.32 6.43
CA GLN A 33 -11.31 2.92 7.13
C GLN A 33 -10.11 1.96 7.21
N GLU A 34 -10.01 1.04 6.21
CA GLU A 34 -8.94 0.05 6.17
C GLU A 34 -8.74 -0.47 4.75
N MET A 35 -7.77 -1.37 4.59
CA MET A 35 -7.48 -1.97 3.29
C MET A 35 -7.06 -3.42 3.48
N GLY A 36 -7.38 -4.25 2.49
CA GLY A 36 -7.05 -5.67 2.53
C GLY A 36 -6.05 -6.04 1.44
N PHE A 37 -4.99 -6.75 1.83
CA PHE A 37 -3.95 -7.19 0.90
C PHE A 37 -4.25 -8.62 0.44
N TYR A 38 -4.45 -8.78 -0.87
CA TYR A 38 -4.75 -10.10 -1.47
C TYR A 38 -3.84 -10.37 -2.66
N LYS A 39 -4.02 -11.53 -3.29
CA LYS A 39 -3.22 -11.93 -4.43
C LYS A 39 -3.70 -11.21 -5.69
N ASP A 40 -5.01 -11.21 -5.91
CA ASP A 40 -5.63 -10.57 -7.07
C ASP A 40 -7.09 -10.22 -6.79
N ALA A 41 -7.81 -9.84 -7.84
CA ALA A 41 -9.24 -9.48 -7.74
C ALA A 41 -10.09 -10.65 -7.26
N LYS A 42 -9.81 -11.85 -7.79
CA LYS A 42 -10.55 -13.06 -7.40
C LYS A 42 -10.30 -13.41 -5.93
N SER A 43 -9.04 -13.23 -5.48
CA SER A 43 -8.68 -13.50 -4.08
C SER A 43 -9.38 -12.51 -3.13
N ALA A 44 -9.52 -11.26 -3.58
CA ALA A 44 -10.18 -10.22 -2.79
C ALA A 44 -11.69 -10.46 -2.73
N ALA A 45 -12.26 -10.97 -3.83
CA ALA A 45 -13.71 -11.24 -3.92
C ALA A 45 -14.11 -12.38 -2.97
N SER A 46 -13.48 -13.53 -3.12
CA SER A 46 -13.78 -14.71 -2.27
C SER A 46 -13.33 -14.49 -0.82
N GLY A 47 -12.18 -13.85 -0.63
CA GLY A 47 -11.63 -13.60 0.70
C GLY A 47 -10.47 -14.56 0.99
N ILE A 48 -9.52 -14.59 0.07
CA ILE A 48 -8.32 -15.44 0.18
C ILE A 48 -7.14 -14.54 0.48
N PRO A 49 -6.66 -14.50 1.74
CA PRO A 49 -5.54 -13.63 2.15
C PRO A 49 -4.19 -14.06 1.59
N TYR A 50 -3.23 -13.14 1.69
CA TYR A 50 -1.87 -13.33 1.21
C TYR A 50 -0.94 -13.55 2.42
N HIS A 51 -0.85 -14.81 2.86
CA HIS A 51 -0.02 -15.24 4.01
C HIS A 51 -0.57 -14.66 5.32
N SER A 52 0.03 -13.58 5.81
CA SER A 52 -0.39 -12.96 7.06
C SER A 52 -0.42 -11.44 6.92
N GLU A 53 -1.15 -10.82 7.83
CA GLU A 53 -1.33 -9.36 7.90
C GLU A 53 -1.99 -8.83 6.63
N VAL A 54 -3.23 -9.24 6.39
CA VAL A 54 -3.99 -8.83 5.21
C VAL A 54 -4.88 -7.61 5.50
N PRO A 55 -5.80 -7.68 6.50
CA PRO A 55 -6.67 -6.53 6.83
C PRO A 55 -5.95 -5.51 7.72
N VAL A 56 -5.48 -4.42 7.11
CA VAL A 56 -4.78 -3.36 7.83
C VAL A 56 -5.57 -2.05 7.75
N SER A 57 -5.68 -1.36 8.88
CA SER A 57 -6.42 -0.12 8.99
C SER A 57 -5.70 1.08 8.36
N LEU A 58 -6.50 2.07 7.94
CA LEU A 58 -5.99 3.32 7.34
C LEU A 58 -6.46 4.51 8.19
N LYS A 59 -6.43 4.34 9.51
CA LYS A 59 -6.86 5.39 10.43
C LYS A 59 -5.76 6.44 10.55
N GLU A 60 -6.05 7.66 10.08
CA GLU A 60 -5.09 8.77 10.11
C GLU A 60 -3.78 8.40 9.39
N ALA A 61 -3.92 7.87 8.18
CA ALA A 61 -2.76 7.45 7.39
C ALA A 61 -2.11 8.65 6.71
N ILE A 62 -0.87 8.96 7.12
CA ILE A 62 -0.13 10.08 6.51
C ILE A 62 0.42 9.63 5.16
N CYS A 63 0.26 10.47 4.14
CA CYS A 63 0.71 10.13 2.79
C CYS A 63 1.54 11.26 2.18
N GLU A 64 2.68 10.90 1.61
CA GLU A 64 3.60 11.86 0.97
C GLU A 64 3.89 11.41 -0.47
N VAL A 65 3.74 12.30 -1.43
CA VAL A 65 4.00 11.98 -2.84
C VAL A 65 5.51 11.82 -3.07
N ALA A 66 5.89 10.74 -3.75
CA ALA A 66 7.29 10.44 -4.07
C ALA A 66 7.45 10.29 -5.58
N LEU A 67 7.44 11.43 -6.27
CA LEU A 67 7.57 11.47 -7.73
C LEU A 67 9.05 11.43 -8.15
N ASP A 68 9.95 11.42 -7.16
CA ASP A 68 11.40 11.40 -7.39
C ASP A 68 12.00 10.02 -7.12
N TYR A 69 11.17 9.08 -6.62
CA TYR A 69 11.64 7.72 -6.32
C TYR A 69 11.52 6.81 -7.55
N LYS A 70 12.40 5.81 -7.63
CA LYS A 70 12.45 4.85 -8.76
C LYS A 70 12.75 5.61 -10.07
N LYS A 71 13.86 6.35 -10.05
CA LYS A 71 14.31 7.17 -11.18
C LYS A 71 13.43 8.42 -11.29
N LYS A 72 12.23 8.21 -11.80
CA LYS A 72 11.24 9.27 -11.96
C LYS A 72 9.89 8.65 -12.33
N LYS A 73 9.29 7.95 -11.37
CA LYS A 73 8.00 7.31 -11.55
C LYS A 73 6.98 7.95 -10.60
N HIS A 74 5.89 7.23 -10.34
CA HIS A 74 4.82 7.72 -9.47
C HIS A 74 4.68 6.84 -8.24
N VAL A 75 5.43 7.18 -7.18
CA VAL A 75 5.42 6.44 -5.92
C VAL A 75 4.88 7.35 -4.81
N PHE A 76 4.43 6.76 -3.70
CA PHE A 76 3.93 7.53 -2.57
C PHE A 76 4.22 6.82 -1.26
N LYS A 77 4.67 7.59 -0.28
CA LYS A 77 5.01 7.10 1.06
C LYS A 77 3.74 7.07 1.91
N LEU A 78 3.36 5.88 2.38
CA LEU A 78 2.15 5.71 3.20
C LEU A 78 2.52 5.28 4.62
N ARG A 79 2.19 6.12 5.60
CA ARG A 79 2.45 5.85 7.02
C ARG A 79 1.14 5.41 7.69
N LEU A 80 1.01 4.11 7.91
CA LEU A 80 -0.19 3.51 8.50
C LEU A 80 -0.40 3.91 9.97
N SER A 81 -1.53 3.48 10.52
CA SER A 81 -1.92 3.75 11.91
C SER A 81 -0.99 3.07 12.91
N ASP A 82 -0.50 1.88 12.55
CA ASP A 82 0.41 1.10 13.42
C ASP A 82 1.82 1.69 13.40
N GLY A 83 2.06 2.66 12.52
CA GLY A 83 3.37 3.31 12.38
C GLY A 83 4.13 2.74 11.17
N ASN A 84 3.59 1.64 10.59
CA ASN A 84 4.20 0.98 9.42
C ASN A 84 4.38 1.97 8.27
N GLU A 85 5.57 1.94 7.65
CA GLU A 85 5.90 2.84 6.54
C GLU A 85 6.22 2.04 5.28
N TYR A 86 5.39 2.20 4.25
CA TYR A 86 5.57 1.51 2.97
C TYR A 86 5.64 2.48 1.79
N LEU A 87 6.24 2.03 0.70
CA LEU A 87 6.34 2.78 -0.54
C LEU A 87 5.44 2.08 -1.55
N PHE A 88 4.40 2.78 -2.00
CA PHE A 88 3.45 2.21 -2.95
C PHE A 88 3.68 2.80 -4.34
N GLN A 89 3.90 1.94 -5.33
CA GLN A 89 4.14 2.38 -6.70
C GLN A 89 2.92 2.09 -7.57
N ALA A 90 2.44 3.13 -8.25
CA ALA A 90 1.27 3.03 -9.16
C ALA A 90 1.77 2.98 -10.59
N LYS A 91 0.94 2.48 -11.50
CA LYS A 91 1.31 2.37 -12.91
C LYS A 91 1.28 3.74 -13.60
N ASP A 92 0.18 4.46 -13.40
CA ASP A 92 -0.01 5.80 -14.00
C ASP A 92 -0.26 6.86 -12.91
N ASP A 93 -0.05 8.14 -13.26
CA ASP A 93 -0.26 9.25 -12.33
C ASP A 93 -1.75 9.37 -11.95
N GLU A 94 -2.64 9.02 -12.88
CA GLU A 94 -4.09 9.06 -12.64
C GLU A 94 -4.45 8.05 -11.54
N GLU A 95 -3.81 6.88 -11.59
CA GLU A 95 -4.01 5.83 -10.60
C GLU A 95 -3.44 6.27 -9.25
N MET A 96 -2.22 6.82 -9.29
CA MET A 96 -1.52 7.32 -8.09
C MET A 96 -2.39 8.34 -7.34
N ASN A 97 -2.97 9.27 -8.10
CA ASN A 97 -3.83 10.32 -7.53
C ASN A 97 -5.06 9.70 -6.85
N THR A 98 -5.76 8.81 -7.57
CA THR A 98 -6.96 8.13 -7.06
C THR A 98 -6.64 7.31 -5.79
N TRP A 99 -5.49 6.65 -5.77
CA TRP A 99 -5.06 5.83 -4.62
C TRP A 99 -4.85 6.70 -3.38
N ILE A 100 -4.01 7.74 -3.52
CA ILE A 100 -3.70 8.67 -2.42
C ILE A 100 -4.98 9.34 -1.90
N GLN A 101 -5.83 9.80 -2.80
CA GLN A 101 -7.09 10.46 -2.42
C GLN A 101 -7.98 9.55 -1.56
N ALA A 102 -8.13 8.29 -1.98
CA ALA A 102 -8.95 7.31 -1.25
C ALA A 102 -8.37 7.00 0.14
N ILE A 103 -7.04 6.90 0.22
CA ILE A 103 -6.33 6.60 1.47
C ILE A 103 -6.43 7.80 2.44
N SER A 104 -6.17 9.00 1.93
CA SER A 104 -6.22 10.24 2.74
C SER A 104 -7.64 10.53 3.24
N SER A 105 -8.65 10.11 2.46
CA SER A 105 -10.06 10.34 2.83
C SER A 105 -10.57 9.26 3.80
N ALA A 106 -9.76 8.24 4.07
CA ALA A 106 -10.13 7.15 5.00
C ALA A 106 -10.05 7.65 6.44
N MET A 1 -10.53 2.47 -5.40
CA MET A 1 -10.92 1.66 -4.21
C MET A 1 -10.15 0.34 -4.17
N GLU A 2 -10.10 -0.34 -5.31
CA GLU A 2 -9.40 -1.62 -5.44
C GLU A 2 -8.55 -1.64 -6.72
N GLY A 3 -7.47 -2.41 -6.69
CA GLY A 3 -6.57 -2.54 -7.83
C GLY A 3 -5.20 -3.03 -7.39
N PHE A 4 -4.32 -3.29 -8.36
CA PHE A 4 -2.97 -3.77 -8.08
C PHE A 4 -2.07 -2.60 -7.66
N LEU A 5 -1.12 -2.89 -6.80
CA LEU A 5 -0.18 -1.91 -6.29
C LEU A 5 1.13 -2.59 -5.94
N ASN A 6 2.24 -1.88 -6.15
CA ASN A 6 3.57 -2.42 -5.81
C ASN A 6 3.86 -1.98 -4.38
N ARG A 7 4.00 -2.95 -3.47
CA ARG A 7 4.25 -2.63 -2.06
C ARG A 7 5.71 -2.92 -1.70
N LYS A 8 6.34 -1.92 -1.06
CA LYS A 8 7.73 -2.02 -0.63
C LYS A 8 7.83 -1.47 0.80
N HIS A 9 7.87 -2.37 1.76
CA HIS A 9 7.97 -1.99 3.17
C HIS A 9 9.37 -1.43 3.46
N GLU A 10 9.43 -0.18 3.88
CA GLU A 10 10.68 0.51 4.17
C GLU A 10 11.00 0.48 5.66
N TRP A 11 9.98 0.71 6.49
CA TRP A 11 10.14 0.76 7.94
C TRP A 11 8.91 0.16 8.64
N GLU A 12 9.12 -0.96 9.34
CA GLU A 12 8.05 -1.65 10.07
C GLU A 12 8.66 -2.76 10.95
N ALA A 13 9.74 -2.43 11.65
CA ALA A 13 10.42 -3.40 12.52
C ALA A 13 11.13 -2.68 13.67
N HIS A 14 10.31 -2.04 14.51
CA HIS A 14 10.79 -1.30 15.70
C HIS A 14 11.64 -0.08 15.31
N ASN A 15 12.91 -0.32 14.99
CA ASN A 15 13.84 0.75 14.60
C ASN A 15 14.75 0.31 13.45
N LYS A 16 14.36 -0.76 12.75
CA LYS A 16 15.14 -1.30 11.62
C LYS A 16 14.35 -1.15 10.32
N LYS A 17 15.09 -1.04 9.21
CA LYS A 17 14.49 -0.93 7.88
C LYS A 17 14.16 -2.33 7.36
N ALA A 18 12.90 -2.55 7.01
CA ALA A 18 12.43 -3.84 6.50
C ALA A 18 12.92 -4.04 5.07
N SER A 19 13.45 -5.22 4.78
CA SER A 19 13.97 -5.54 3.44
C SER A 19 13.85 -7.04 3.17
N SER A 20 12.69 -7.63 3.46
CA SER A 20 12.43 -9.04 3.22
C SER A 20 12.06 -9.28 1.75
N ARG A 21 11.05 -8.54 1.28
CA ARG A 21 10.58 -8.63 -0.10
C ARG A 21 10.46 -7.23 -0.68
N SER A 22 11.56 -6.73 -1.22
CA SER A 22 11.61 -5.38 -1.79
C SER A 22 10.85 -5.32 -3.11
N TRP A 23 9.74 -4.56 -3.11
CA TRP A 23 8.87 -4.35 -4.27
C TRP A 23 8.12 -5.63 -4.65
N HIS A 24 6.99 -5.85 -3.97
CA HIS A 24 6.13 -7.02 -4.18
C HIS A 24 4.79 -6.56 -4.77
N ASN A 25 4.41 -7.11 -5.92
CA ASN A 25 3.13 -6.74 -6.55
C ASN A 25 1.99 -7.39 -5.76
N VAL A 26 1.12 -6.55 -5.18
CA VAL A 26 0.00 -7.02 -4.37
C VAL A 26 -1.29 -6.32 -4.75
N TYR A 27 -2.42 -6.97 -4.48
CA TYR A 27 -3.76 -6.43 -4.79
C TYR A 27 -4.31 -5.76 -3.53
N CYS A 28 -4.39 -4.43 -3.55
CA CYS A 28 -4.89 -3.65 -2.41
C CYS A 28 -6.36 -3.27 -2.59
N VAL A 29 -7.14 -3.49 -1.53
CA VAL A 29 -8.57 -3.17 -1.51
C VAL A 29 -8.87 -2.38 -0.24
N ILE A 30 -9.30 -1.12 -0.39
CA ILE A 30 -9.61 -0.26 0.75
C ILE A 30 -11.08 -0.37 1.15
N ASN A 31 -11.34 -0.36 2.45
CA ASN A 31 -12.69 -0.43 3.00
C ASN A 31 -12.81 0.55 4.17
N ASN A 32 -12.81 1.85 3.84
CA ASN A 32 -12.88 2.94 4.82
C ASN A 32 -11.59 2.99 5.66
N GLN A 33 -11.68 2.82 6.97
CA GLN A 33 -10.50 2.83 7.85
C GLN A 33 -9.88 1.43 7.95
N GLU A 34 -9.86 0.73 6.80
CA GLU A 34 -9.31 -0.63 6.71
C GLU A 34 -8.93 -0.95 5.28
N MET A 35 -8.04 -1.92 5.10
CA MET A 35 -7.61 -2.36 3.77
C MET A 35 -7.05 -3.77 3.85
N GLY A 36 -7.15 -4.51 2.75
CA GLY A 36 -6.66 -5.90 2.68
C GLY A 36 -5.71 -6.09 1.51
N PHE A 37 -4.59 -6.78 1.77
CA PHE A 37 -3.58 -7.08 0.77
C PHE A 37 -3.77 -8.52 0.27
N TYR A 38 -4.24 -8.66 -0.96
CA TYR A 38 -4.49 -9.98 -1.56
C TYR A 38 -3.56 -10.23 -2.76
N LYS A 39 -3.66 -11.43 -3.33
CA LYS A 39 -2.84 -11.83 -4.48
C LYS A 39 -3.41 -11.24 -5.78
N ASP A 40 -4.74 -11.21 -5.90
CA ASP A 40 -5.42 -10.68 -7.08
C ASP A 40 -6.89 -10.38 -6.76
N ALA A 41 -7.66 -9.97 -7.78
CA ALA A 41 -9.09 -9.65 -7.62
C ALA A 41 -9.89 -10.84 -7.09
N LYS A 42 -9.61 -12.03 -7.62
CA LYS A 42 -10.29 -13.26 -7.19
C LYS A 42 -9.98 -13.55 -5.72
N SER A 43 -8.72 -13.35 -5.32
CA SER A 43 -8.28 -13.56 -3.94
C SER A 43 -8.94 -12.54 -3.00
N ALA A 44 -9.15 -11.31 -3.49
CA ALA A 44 -9.78 -10.24 -2.72
C ALA A 44 -11.26 -10.53 -2.47
N ALA A 45 -11.96 -10.99 -3.52
CA ALA A 45 -13.39 -11.30 -3.43
C ALA A 45 -13.63 -12.59 -2.62
N SER A 46 -12.84 -13.63 -2.92
CA SER A 46 -12.97 -14.93 -2.23
C SER A 46 -12.43 -14.87 -0.79
N GLY A 47 -11.53 -13.94 -0.51
CA GLY A 47 -10.94 -13.78 0.83
C GLY A 47 -9.81 -14.77 1.05
N ILE A 48 -8.84 -14.76 0.14
CA ILE A 48 -7.68 -15.66 0.20
C ILE A 48 -6.42 -14.85 0.56
N PRO A 49 -5.83 -15.09 1.75
CA PRO A 49 -4.62 -14.39 2.21
C PRO A 49 -3.38 -14.78 1.41
N TYR A 50 -2.58 -13.79 1.03
CA TYR A 50 -1.37 -14.02 0.24
C TYR A 50 -0.18 -14.31 1.18
N HIS A 51 0.04 -13.43 2.16
CA HIS A 51 1.12 -13.60 3.15
C HIS A 51 0.59 -13.35 4.56
N SER A 52 1.50 -13.21 5.54
CA SER A 52 1.12 -13.00 6.95
C SER A 52 0.32 -11.69 7.14
N GLU A 53 0.84 -10.60 6.59
CA GLU A 53 0.16 -9.30 6.68
C GLU A 53 -0.86 -9.16 5.56
N VAL A 54 -2.14 -9.21 5.91
CA VAL A 54 -3.22 -9.07 4.93
C VAL A 54 -4.19 -7.97 5.41
N PRO A 55 -4.99 -8.18 6.50
CA PRO A 55 -5.90 -7.13 6.99
C PRO A 55 -5.13 -6.05 7.76
N VAL A 56 -5.15 -4.82 7.27
CA VAL A 56 -4.45 -3.69 7.90
C VAL A 56 -5.40 -2.50 8.05
N SER A 57 -5.39 -1.87 9.22
CA SER A 57 -6.23 -0.73 9.52
C SER A 57 -5.70 0.56 8.89
N LEU A 58 -6.56 1.25 8.15
CA LEU A 58 -6.23 2.51 7.50
C LEU A 58 -6.79 3.68 8.32
N LYS A 59 -6.59 3.61 9.63
CA LYS A 59 -7.05 4.65 10.57
C LYS A 59 -6.01 5.77 10.64
N GLU A 60 -6.39 6.96 10.15
CA GLU A 60 -5.49 8.13 10.12
C GLU A 60 -4.17 7.81 9.41
N ALA A 61 -4.27 7.45 8.12
CA ALA A 61 -3.10 7.10 7.31
C ALA A 61 -2.66 8.30 6.49
N ILE A 62 -1.41 8.72 6.68
CA ILE A 62 -0.83 9.85 5.96
C ILE A 62 -0.09 9.35 4.72
N CYS A 63 -0.31 10.03 3.60
CA CYS A 63 0.32 9.68 2.32
C CYS A 63 1.18 10.85 1.81
N GLU A 64 2.40 10.54 1.38
CA GLU A 64 3.32 11.55 0.85
C GLU A 64 3.79 11.13 -0.53
N VAL A 65 3.68 12.03 -1.50
CA VAL A 65 4.08 11.77 -2.89
C VAL A 65 5.60 11.61 -3.01
N ALA A 66 6.02 10.51 -3.63
CA ALA A 66 7.43 10.20 -3.86
C ALA A 66 7.68 10.16 -5.37
N LEU A 67 7.82 11.34 -5.96
CA LEU A 67 8.07 11.49 -7.38
C LEU A 67 9.58 11.56 -7.64
N ASP A 68 10.31 12.25 -6.75
CA ASP A 68 11.76 12.41 -6.87
C ASP A 68 12.51 11.11 -6.48
N TYR A 69 11.78 10.13 -5.93
CA TYR A 69 12.37 8.85 -5.53
C TYR A 69 12.79 8.08 -6.81
N LYS A 70 14.09 7.84 -6.95
CA LYS A 70 14.66 7.20 -8.14
C LYS A 70 14.48 5.68 -8.17
N LYS A 71 13.81 5.21 -9.23
CA LYS A 71 13.55 3.79 -9.52
C LYS A 71 12.47 3.69 -10.58
N LYS A 72 11.34 4.29 -10.27
CA LYS A 72 10.18 4.35 -11.17
C LYS A 72 9.39 5.61 -10.83
N LYS A 73 8.82 6.24 -11.85
CA LYS A 73 8.05 7.46 -11.70
C LYS A 73 6.60 7.18 -11.29
N HIS A 74 6.25 7.71 -10.13
CA HIS A 74 4.92 7.63 -9.48
C HIS A 74 4.91 6.68 -8.28
N VAL A 75 5.56 7.10 -7.20
CA VAL A 75 5.60 6.32 -5.95
C VAL A 75 5.04 7.21 -4.83
N PHE A 76 4.57 6.61 -3.73
CA PHE A 76 4.05 7.38 -2.60
C PHE A 76 4.24 6.60 -1.31
N LYS A 77 4.69 7.31 -0.28
CA LYS A 77 4.94 6.75 1.04
C LYS A 77 3.68 6.82 1.88
N LEU A 78 3.13 5.66 2.22
CA LEU A 78 1.91 5.56 3.02
C LEU A 78 2.28 5.17 4.46
N ARG A 79 2.10 6.12 5.39
CA ARG A 79 2.40 5.91 6.80
C ARG A 79 1.10 5.69 7.57
N LEU A 80 0.90 4.47 8.06
CA LEU A 80 -0.31 4.11 8.81
C LEU A 80 -0.22 4.55 10.28
N SER A 81 -1.29 4.30 11.03
CA SER A 81 -1.38 4.64 12.46
C SER A 81 -0.32 3.89 13.29
N ASP A 82 -0.01 2.66 12.88
CA ASP A 82 1.00 1.83 13.58
C ASP A 82 2.43 2.35 13.32
N GLY A 83 2.55 3.38 12.47
CA GLY A 83 3.85 3.97 12.15
C GLY A 83 4.47 3.35 10.91
N ASN A 84 3.98 2.16 10.53
CA ASN A 84 4.48 1.40 9.36
C ASN A 84 4.47 2.26 8.10
N GLU A 85 5.62 2.33 7.44
CA GLU A 85 5.79 3.11 6.21
C GLU A 85 5.94 2.16 5.01
N TYR A 86 4.99 2.24 4.05
CA TYR A 86 5.00 1.38 2.85
C TYR A 86 4.98 2.21 1.57
N LEU A 87 5.99 2.01 0.73
CA LEU A 87 6.09 2.67 -0.56
C LEU A 87 5.20 1.97 -1.56
N PHE A 88 4.18 2.67 -2.00
CA PHE A 88 3.21 2.15 -2.97
C PHE A 88 3.49 2.75 -4.34
N GLN A 89 3.66 1.88 -5.35
CA GLN A 89 3.94 2.32 -6.73
C GLN A 89 2.73 2.08 -7.62
N ALA A 90 2.40 3.11 -8.40
CA ALA A 90 1.30 3.07 -9.35
C ALA A 90 1.88 3.03 -10.78
N LYS A 91 1.07 2.69 -11.76
CA LYS A 91 1.54 2.62 -13.17
C LYS A 91 1.06 3.82 -13.99
N ASP A 92 0.08 4.56 -13.47
CA ASP A 92 -0.48 5.73 -14.16
C ASP A 92 -0.50 6.93 -13.21
N ASP A 93 -0.43 8.13 -13.79
CA ASP A 93 -0.46 9.40 -13.03
C ASP A 93 -1.79 9.56 -12.30
N GLU A 94 -2.90 9.31 -12.99
CA GLU A 94 -4.24 9.41 -12.42
C GLU A 94 -4.41 8.37 -11.30
N GLU A 95 -3.92 7.16 -11.55
CA GLU A 95 -3.99 6.06 -10.58
C GLU A 95 -3.31 6.46 -9.26
N MET A 96 -2.10 7.01 -9.36
CA MET A 96 -1.33 7.46 -8.19
C MET A 96 -2.09 8.54 -7.41
N ASN A 97 -2.68 9.49 -8.12
CA ASN A 97 -3.45 10.58 -7.50
C ASN A 97 -4.71 10.02 -6.84
N THR A 98 -5.43 9.13 -7.54
CA THR A 98 -6.65 8.51 -7.03
C THR A 98 -6.35 7.67 -5.77
N TRP A 99 -5.22 6.96 -5.76
CA TRP A 99 -4.82 6.15 -4.61
C TRP A 99 -4.60 7.04 -3.38
N ILE A 100 -3.77 8.07 -3.54
CA ILE A 100 -3.47 9.02 -2.47
C ILE A 100 -4.74 9.73 -1.98
N GLN A 101 -5.56 10.19 -2.93
CA GLN A 101 -6.81 10.89 -2.60
C GLN A 101 -7.81 9.93 -1.90
N ALA A 102 -7.84 8.66 -2.35
CA ALA A 102 -8.73 7.65 -1.77
C ALA A 102 -8.30 7.32 -0.34
N ILE A 103 -6.99 7.29 -0.10
CA ILE A 103 -6.44 7.00 1.22
C ILE A 103 -6.70 8.16 2.20
N SER A 104 -6.61 9.39 1.69
CA SER A 104 -6.84 10.60 2.49
C SER A 104 -8.32 10.71 2.87
N SER A 105 -9.20 10.44 1.90
CA SER A 105 -10.66 10.52 2.10
C SER A 105 -11.19 9.30 2.88
N ALA A 106 -10.68 8.12 2.54
CA ALA A 106 -11.08 6.86 3.17
C ALA A 106 -12.51 6.48 2.75
N MET A 1 -13.48 0.07 -4.78
CA MET A 1 -12.24 0.87 -4.51
C MET A 1 -11.09 -0.10 -4.24
N GLU A 2 -10.71 -0.85 -5.27
CA GLU A 2 -9.62 -1.83 -5.18
C GLU A 2 -8.83 -1.90 -6.50
N GLY A 3 -7.62 -2.44 -6.44
CA GLY A 3 -6.78 -2.57 -7.64
C GLY A 3 -5.36 -3.03 -7.26
N PHE A 4 -4.51 -3.16 -8.28
CA PHE A 4 -3.12 -3.59 -8.07
C PHE A 4 -2.24 -2.41 -7.64
N LEU A 5 -1.26 -2.73 -6.80
CA LEU A 5 -0.31 -1.74 -6.28
C LEU A 5 1.02 -2.44 -5.97
N ASN A 6 2.13 -1.77 -6.20
CA ASN A 6 3.44 -2.32 -5.88
C ASN A 6 3.72 -1.95 -4.43
N ARG A 7 3.99 -2.95 -3.59
CA ARG A 7 4.22 -2.72 -2.15
C ARG A 7 5.67 -3.01 -1.77
N LYS A 8 6.24 -2.08 -1.00
CA LYS A 8 7.61 -2.17 -0.50
C LYS A 8 7.67 -1.57 0.89
N HIS A 9 8.31 -2.25 1.83
CA HIS A 9 8.44 -1.75 3.20
C HIS A 9 9.80 -1.08 3.34
N GLU A 10 9.78 0.15 3.86
CA GLU A 10 11.00 0.95 4.04
C GLU A 10 11.49 0.87 5.49
N TRP A 11 10.56 0.69 6.42
CA TRP A 11 10.87 0.62 7.84
C TRP A 11 9.65 0.09 8.60
N GLU A 12 9.83 -0.98 9.36
CA GLU A 12 8.73 -1.57 10.15
C GLU A 12 8.75 -1.01 11.58
N ALA A 13 9.86 -1.23 12.31
CA ALA A 13 10.00 -0.75 13.68
C ALA A 13 11.31 -1.25 14.30
N HIS A 14 11.66 -0.68 15.45
CA HIS A 14 12.87 -1.05 16.22
C HIS A 14 14.15 -0.83 15.41
N ASN A 15 14.17 0.22 14.58
CA ASN A 15 15.33 0.57 13.74
C ASN A 15 15.57 -0.49 12.64
N LYS A 16 14.61 -1.40 12.48
CA LYS A 16 14.69 -2.46 11.48
C LYS A 16 14.05 -2.00 10.17
N LYS A 17 14.74 -2.23 9.06
CA LYS A 17 14.25 -1.85 7.73
C LYS A 17 14.48 -2.98 6.73
N ALA A 18 14.04 -2.76 5.49
CA ALA A 18 14.17 -3.76 4.42
C ALA A 18 15.26 -3.38 3.42
N SER A 19 15.10 -3.83 2.19
CA SER A 19 16.05 -3.55 1.10
C SER A 19 15.33 -2.81 -0.03
N SER A 20 16.10 -2.36 -1.01
CA SER A 20 15.55 -1.60 -2.14
C SER A 20 14.78 -2.50 -3.12
N ARG A 21 15.28 -3.72 -3.35
CA ARG A 21 14.64 -4.65 -4.30
C ARG A 21 13.45 -5.41 -3.66
N SER A 22 13.03 -5.01 -2.46
CA SER A 22 11.91 -5.64 -1.77
C SER A 22 10.58 -5.10 -2.28
N TRP A 23 10.31 -5.34 -3.54
CA TRP A 23 9.08 -4.88 -4.22
C TRP A 23 8.22 -6.09 -4.61
N HIS A 24 6.91 -5.98 -4.42
CA HIS A 24 5.96 -7.05 -4.77
C HIS A 24 4.64 -6.43 -5.22
N ASN A 25 4.12 -6.88 -6.37
CA ASN A 25 2.86 -6.39 -6.93
C ASN A 25 1.70 -7.10 -6.23
N VAL A 26 1.11 -6.44 -5.24
CA VAL A 26 0.00 -6.98 -4.46
C VAL A 26 -1.32 -6.27 -4.82
N TYR A 27 -2.44 -6.92 -4.51
CA TYR A 27 -3.77 -6.37 -4.78
C TYR A 27 -4.34 -5.78 -3.49
N CYS A 28 -4.62 -4.48 -3.50
CA CYS A 28 -5.16 -3.78 -2.33
C CYS A 28 -6.65 -3.51 -2.48
N VAL A 29 -7.39 -3.72 -1.39
CA VAL A 29 -8.84 -3.51 -1.36
C VAL A 29 -9.22 -2.70 -0.13
N ILE A 30 -9.74 -1.48 -0.35
CA ILE A 30 -10.17 -0.60 0.75
C ILE A 30 -11.59 -0.95 1.18
N ASN A 31 -11.88 -0.88 2.47
CA ASN A 31 -13.22 -1.22 2.97
C ASN A 31 -13.60 -0.39 4.21
N ASN A 32 -13.61 0.95 4.05
CA ASN A 32 -13.99 1.89 5.11
C ASN A 32 -13.03 1.90 6.30
N GLN A 33 -12.22 2.95 6.42
CA GLN A 33 -11.26 3.14 7.52
C GLN A 33 -10.09 2.14 7.50
N GLU A 34 -10.22 1.04 6.73
CA GLU A 34 -9.16 0.03 6.65
C GLU A 34 -9.08 -0.57 5.24
N MET A 35 -8.07 -1.41 5.02
CA MET A 35 -7.86 -2.06 3.73
C MET A 35 -7.29 -3.47 3.95
N GLY A 36 -7.55 -4.34 3.00
CA GLY A 36 -7.07 -5.72 3.05
C GLY A 36 -6.22 -6.02 1.82
N PHE A 37 -5.13 -6.74 2.02
CA PHE A 37 -4.21 -7.10 0.93
C PHE A 37 -4.52 -8.51 0.43
N TYR A 38 -4.70 -8.63 -0.87
CA TYR A 38 -5.00 -9.90 -1.53
C TYR A 38 -3.95 -10.16 -2.63
N LYS A 39 -3.85 -11.40 -3.12
CA LYS A 39 -2.88 -11.74 -4.14
C LYS A 39 -3.22 -11.07 -5.48
N ASP A 40 -4.46 -11.24 -5.96
CA ASP A 40 -4.89 -10.63 -7.22
C ASP A 40 -6.42 -10.42 -7.24
N ALA A 41 -6.97 -10.13 -8.43
CA ALA A 41 -8.41 -9.87 -8.61
C ALA A 41 -9.26 -11.09 -8.24
N LYS A 42 -8.76 -12.30 -8.51
CA LYS A 42 -9.46 -13.54 -8.18
C LYS A 42 -9.49 -13.74 -6.66
N SER A 43 -8.37 -13.38 -6.01
CA SER A 43 -8.23 -13.48 -4.56
C SER A 43 -9.18 -12.50 -3.87
N ALA A 44 -9.24 -11.27 -4.41
CA ALA A 44 -10.11 -10.21 -3.86
C ALA A 44 -11.60 -10.56 -4.04
N ALA A 45 -11.95 -11.08 -5.22
CA ALA A 45 -13.33 -11.46 -5.55
C ALA A 45 -13.81 -12.65 -4.71
N SER A 46 -13.03 -13.74 -4.71
CA SER A 46 -13.37 -14.94 -3.95
C SER A 46 -13.26 -14.69 -2.45
N GLY A 47 -12.19 -14.00 -2.03
CA GLY A 47 -11.95 -13.67 -0.63
C GLY A 47 -10.84 -14.52 -0.04
N ILE A 48 -9.67 -14.49 -0.70
CA ILE A 48 -8.49 -15.22 -0.28
C ILE A 48 -7.41 -14.23 0.16
N PRO A 49 -7.01 -14.25 1.45
CA PRO A 49 -6.00 -13.30 1.99
C PRO A 49 -4.61 -13.49 1.39
N TYR A 50 -3.77 -12.48 1.59
CA TYR A 50 -2.39 -12.46 1.10
C TYR A 50 -1.44 -13.03 2.17
N HIS A 51 -0.27 -12.43 2.32
CA HIS A 51 0.74 -12.87 3.29
C HIS A 51 1.58 -11.68 3.75
N SER A 52 1.90 -11.65 5.05
CA SER A 52 2.70 -10.59 5.66
C SER A 52 1.94 -9.25 5.63
N GLU A 53 1.18 -8.99 6.69
CA GLU A 53 0.37 -7.77 6.83
C GLU A 53 -0.80 -7.79 5.84
N VAL A 54 -1.86 -8.52 6.19
CA VAL A 54 -3.05 -8.63 5.33
C VAL A 54 -4.09 -7.57 5.72
N PRO A 55 -4.50 -7.49 7.01
CA PRO A 55 -5.48 -6.50 7.48
C PRO A 55 -4.78 -5.26 8.06
N VAL A 56 -4.91 -4.11 7.40
CA VAL A 56 -4.28 -2.87 7.85
C VAL A 56 -5.30 -1.73 7.87
N SER A 57 -5.28 -0.94 8.94
CA SER A 57 -6.19 0.18 9.10
C SER A 57 -5.55 1.47 8.58
N LEU A 58 -6.40 2.39 8.12
CA LEU A 58 -5.97 3.68 7.61
C LEU A 58 -6.32 4.79 8.61
N LYS A 59 -5.98 4.55 9.87
CA LYS A 59 -6.24 5.51 10.95
C LYS A 59 -5.10 6.52 10.99
N GLU A 60 -5.34 7.71 10.42
CA GLU A 60 -4.34 8.78 10.34
C GLU A 60 -3.17 8.36 9.44
N ALA A 61 -3.49 7.82 8.27
CA ALA A 61 -2.46 7.36 7.31
C ALA A 61 -1.91 8.55 6.53
N ILE A 62 -0.73 9.03 6.91
CA ILE A 62 -0.08 10.14 6.23
C ILE A 62 0.43 9.64 4.89
N CYS A 63 0.16 10.40 3.83
CA CYS A 63 0.57 10.01 2.48
C CYS A 63 1.41 11.11 1.84
N GLU A 64 2.66 10.78 1.49
CA GLU A 64 3.60 11.72 0.87
C GLU A 64 3.89 11.25 -0.57
N VAL A 65 3.84 12.17 -1.52
CA VAL A 65 4.12 11.84 -2.92
C VAL A 65 5.63 11.75 -3.15
N ALA A 66 6.06 10.65 -3.76
CA ALA A 66 7.47 10.40 -4.08
C ALA A 66 7.59 10.26 -5.59
N LEU A 67 7.61 11.41 -6.27
CA LEU A 67 7.70 11.47 -7.73
C LEU A 67 9.12 11.14 -8.21
N ASP A 68 10.14 11.60 -7.48
CA ASP A 68 11.54 11.35 -7.85
C ASP A 68 12.06 10.04 -7.25
N TYR A 69 11.21 9.01 -7.24
CA TYR A 69 11.57 7.68 -6.73
C TYR A 69 11.54 6.70 -7.91
N LYS A 70 12.02 7.18 -9.06
CA LYS A 70 12.10 6.47 -10.35
C LYS A 70 11.11 7.12 -11.34
N LYS A 71 11.54 7.24 -12.60
CA LYS A 71 10.71 7.85 -13.66
C LYS A 71 9.53 6.95 -14.01
N LYS A 72 8.37 7.60 -14.23
CA LYS A 72 7.11 6.92 -14.57
C LYS A 72 6.60 6.08 -13.39
N LYS A 73 5.35 5.62 -13.50
CA LYS A 73 4.69 4.80 -12.46
C LYS A 73 4.34 5.68 -11.25
N HIS A 74 5.37 6.30 -10.66
CA HIS A 74 5.24 7.21 -9.50
C HIS A 74 4.98 6.42 -8.21
N VAL A 75 5.62 6.86 -7.13
CA VAL A 75 5.50 6.22 -5.82
C VAL A 75 4.99 7.20 -4.78
N PHE A 76 4.41 6.68 -3.71
CA PHE A 76 3.92 7.50 -2.60
C PHE A 76 4.21 6.75 -1.31
N LYS A 77 4.68 7.48 -0.31
CA LYS A 77 5.03 6.89 0.99
C LYS A 77 3.83 6.94 1.95
N LEU A 78 3.46 5.78 2.45
CA LEU A 78 2.36 5.65 3.40
C LEU A 78 2.93 5.49 4.81
N ARG A 79 2.64 6.45 5.67
CA ARG A 79 3.12 6.48 7.05
C ARG A 79 1.98 6.17 8.01
N LEU A 80 1.88 4.91 8.45
CA LEU A 80 0.84 4.49 9.37
C LEU A 80 1.11 5.05 10.77
N SER A 81 0.02 5.28 11.50
CA SER A 81 0.11 5.80 12.88
C SER A 81 0.60 4.68 13.83
N ASP A 82 0.68 3.46 13.30
CA ASP A 82 1.16 2.28 14.05
C ASP A 82 2.70 2.31 14.12
N GLY A 83 3.31 3.06 13.21
CA GLY A 83 4.77 3.20 13.14
C GLY A 83 5.28 2.84 11.75
N ASN A 84 4.85 1.66 11.26
CA ASN A 84 5.25 1.11 9.94
C ASN A 84 5.20 2.15 8.81
N GLU A 85 6.20 2.08 7.94
CA GLU A 85 6.35 2.98 6.78
C GLU A 85 6.51 2.14 5.50
N TYR A 86 5.59 2.29 4.54
CA TYR A 86 5.64 1.55 3.26
C TYR A 86 5.65 2.50 2.06
N LEU A 87 6.14 2.00 0.94
CA LEU A 87 6.17 2.71 -0.33
C LEU A 87 5.20 2.01 -1.28
N PHE A 88 4.27 2.78 -1.85
CA PHE A 88 3.29 2.23 -2.78
C PHE A 88 3.47 2.87 -4.15
N GLN A 89 3.70 2.04 -5.15
CA GLN A 89 3.91 2.50 -6.53
C GLN A 89 2.72 2.07 -7.40
N ALA A 90 2.20 3.02 -8.17
CA ALA A 90 1.07 2.78 -9.07
C ALA A 90 1.56 2.58 -10.50
N LYS A 91 0.65 2.16 -11.38
CA LYS A 91 0.99 1.90 -12.79
C LYS A 91 0.76 3.14 -13.67
N ASP A 92 0.25 4.23 -13.08
CA ASP A 92 -0.02 5.47 -13.82
C ASP A 92 -0.29 6.63 -12.84
N ASP A 93 -0.02 7.87 -13.30
CA ASP A 93 -0.25 9.08 -12.50
C ASP A 93 -1.72 9.20 -12.07
N GLU A 94 -2.63 8.83 -12.97
CA GLU A 94 -4.08 8.87 -12.68
C GLU A 94 -4.41 7.94 -11.51
N GLU A 95 -3.88 6.71 -11.54
CA GLU A 95 -4.10 5.73 -10.48
C GLU A 95 -3.42 6.21 -9.19
N MET A 96 -2.21 6.76 -9.31
CA MET A 96 -1.43 7.28 -8.18
C MET A 96 -2.25 8.31 -7.39
N ASN A 97 -2.86 9.25 -8.11
CA ASN A 97 -3.69 10.30 -7.49
C ASN A 97 -4.97 9.69 -6.89
N THR A 98 -5.59 8.74 -7.61
CA THR A 98 -6.81 8.07 -7.15
C THR A 98 -6.59 7.35 -5.80
N TRP A 99 -5.45 6.65 -5.70
CA TRP A 99 -5.09 5.91 -4.47
C TRP A 99 -4.83 6.86 -3.30
N ILE A 100 -3.96 7.84 -3.51
CA ILE A 100 -3.60 8.83 -2.48
C ILE A 100 -4.85 9.55 -1.92
N GLN A 101 -5.74 9.99 -2.82
CA GLN A 101 -6.96 10.69 -2.41
C GLN A 101 -7.91 9.74 -1.67
N ALA A 102 -8.05 8.51 -2.16
CA ALA A 102 -8.93 7.52 -1.51
C ALA A 102 -8.47 7.23 -0.07
N ILE A 103 -7.17 7.05 0.11
CA ILE A 103 -6.58 6.79 1.43
C ILE A 103 -6.73 8.00 2.35
N SER A 104 -6.71 9.20 1.77
CA SER A 104 -6.84 10.44 2.53
C SER A 104 -8.32 10.76 2.83
N SER A 105 -9.24 10.18 2.04
CA SER A 105 -10.68 10.41 2.21
C SER A 105 -11.23 9.58 3.38
N ALA A 106 -11.01 8.27 3.34
CA ALA A 106 -11.49 7.37 4.40
C ALA A 106 -10.85 5.99 4.28
N MET A 1 -12.41 1.52 -4.05
CA MET A 1 -11.02 1.68 -4.58
C MET A 1 -10.25 0.38 -4.32
N GLU A 2 -9.93 -0.31 -5.42
CA GLU A 2 -9.19 -1.58 -5.35
C GLU A 2 -8.37 -1.75 -6.63
N GLY A 3 -7.26 -2.50 -6.54
CA GLY A 3 -6.39 -2.72 -7.70
C GLY A 3 -5.00 -3.17 -7.27
N PHE A 4 -4.15 -3.42 -8.26
CA PHE A 4 -2.77 -3.85 -8.03
C PHE A 4 -1.90 -2.66 -7.62
N LEU A 5 -0.96 -2.92 -6.71
CA LEU A 5 -0.02 -1.92 -6.22
C LEU A 5 1.29 -2.60 -5.81
N ASN A 6 2.42 -1.96 -6.12
CA ASN A 6 3.74 -2.48 -5.75
C ASN A 6 4.04 -1.99 -4.33
N ARG A 7 4.32 -2.91 -3.40
CA ARG A 7 4.57 -2.57 -2.00
C ARG A 7 6.02 -2.84 -1.57
N LYS A 8 6.61 -1.86 -0.89
CA LYS A 8 7.98 -1.94 -0.38
C LYS A 8 8.03 -1.24 0.98
N HIS A 9 8.34 -1.98 2.03
CA HIS A 9 8.42 -1.41 3.39
C HIS A 9 9.75 -0.69 3.60
N GLU A 10 9.68 0.58 3.97
CA GLU A 10 10.86 1.42 4.21
C GLU A 10 11.21 1.42 5.69
N TRP A 11 10.19 1.59 6.53
CA TRP A 11 10.39 1.62 7.98
C TRP A 11 9.23 0.89 8.68
N GLU A 12 9.59 0.11 9.69
CA GLU A 12 8.65 -0.64 10.50
C GLU A 12 9.19 -0.66 11.92
N ALA A 13 8.49 -0.03 12.85
CA ALA A 13 8.91 0.10 14.26
C ALA A 13 9.57 -1.16 14.86
N HIS A 14 9.02 -2.32 14.55
CA HIS A 14 9.55 -3.60 15.08
C HIS A 14 10.70 -4.19 14.22
N ASN A 15 11.13 -3.48 13.18
CA ASN A 15 12.21 -3.96 12.29
C ASN A 15 13.20 -2.83 11.91
N LYS A 16 12.84 -1.57 12.17
CA LYS A 16 13.68 -0.40 11.85
C LYS A 16 13.66 -0.17 10.32
N LYS A 17 14.75 0.32 9.73
CA LYS A 17 14.81 0.56 8.27
C LYS A 17 14.95 -0.78 7.54
N ALA A 18 14.12 -1.00 6.52
CA ALA A 18 14.13 -2.25 5.76
C ALA A 18 14.10 -2.01 4.25
N SER A 19 14.39 -3.07 3.51
CA SER A 19 14.40 -3.08 2.05
C SER A 19 14.40 -4.54 1.59
N SER A 20 15.56 -5.20 1.73
CA SER A 20 15.75 -6.62 1.39
C SER A 20 15.01 -7.08 0.10
N ARG A 21 15.23 -6.35 -1.00
CA ARG A 21 14.61 -6.67 -2.31
C ARG A 21 13.07 -6.66 -2.28
N SER A 22 12.47 -6.07 -1.25
CA SER A 22 11.00 -6.03 -1.11
C SER A 22 10.38 -5.07 -2.12
N TRP A 23 9.63 -5.64 -3.06
CA TRP A 23 8.92 -4.89 -4.11
C TRP A 23 7.96 -5.88 -4.75
N HIS A 24 6.88 -6.18 -4.02
CA HIS A 24 5.88 -7.15 -4.44
C HIS A 24 4.61 -6.46 -4.93
N ASN A 25 4.05 -6.99 -6.03
CA ASN A 25 2.81 -6.48 -6.62
C ASN A 25 1.62 -7.15 -5.92
N VAL A 26 1.02 -6.43 -4.96
CA VAL A 26 -0.13 -6.94 -4.19
C VAL A 26 -1.42 -6.29 -4.68
N TYR A 27 -2.54 -6.97 -4.43
CA TYR A 27 -3.85 -6.47 -4.80
C TYR A 27 -4.47 -5.84 -3.55
N CYS A 28 -4.36 -4.52 -3.45
CA CYS A 28 -4.86 -3.76 -2.30
C CYS A 28 -6.32 -3.35 -2.51
N VAL A 29 -7.14 -3.54 -1.47
CA VAL A 29 -8.56 -3.20 -1.49
C VAL A 29 -8.93 -2.44 -0.22
N ILE A 30 -9.57 -1.27 -0.38
CA ILE A 30 -10.03 -0.45 0.76
C ILE A 30 -11.51 -0.70 0.97
N ASN A 31 -11.94 -0.83 2.22
CA ASN A 31 -13.36 -1.08 2.51
C ASN A 31 -13.79 -0.34 3.79
N ASN A 32 -13.67 0.99 3.76
CA ASN A 32 -14.08 1.85 4.89
C ASN A 32 -13.19 1.66 6.14
N GLN A 33 -12.31 2.63 6.38
CA GLN A 33 -11.39 2.66 7.55
C GLN A 33 -10.29 1.58 7.50
N GLU A 34 -10.55 0.44 6.83
CA GLU A 34 -9.55 -0.65 6.75
C GLU A 34 -9.37 -1.10 5.31
N MET A 35 -8.34 -1.93 5.10
CA MET A 35 -8.01 -2.47 3.79
C MET A 35 -7.45 -3.89 3.93
N GLY A 36 -7.29 -4.57 2.80
CA GLY A 36 -6.77 -5.94 2.78
C GLY A 36 -5.79 -6.14 1.63
N PHE A 37 -4.70 -6.87 1.90
CA PHE A 37 -3.66 -7.16 0.90
C PHE A 37 -3.87 -8.58 0.35
N TYR A 38 -4.42 -8.68 -0.85
CA TYR A 38 -4.70 -9.98 -1.49
C TYR A 38 -3.74 -10.24 -2.65
N LYS A 39 -3.85 -11.44 -3.24
CA LYS A 39 -3.01 -11.85 -4.37
C LYS A 39 -3.44 -11.16 -5.67
N ASP A 40 -4.73 -11.26 -5.99
CA ASP A 40 -5.29 -10.66 -7.21
C ASP A 40 -6.79 -10.36 -7.01
N ALA A 41 -7.47 -10.00 -8.11
CA ALA A 41 -8.90 -9.70 -8.11
C ALA A 41 -9.73 -10.90 -7.61
N LYS A 42 -9.35 -12.11 -8.05
CA LYS A 42 -10.05 -13.34 -7.63
C LYS A 42 -9.83 -13.58 -6.13
N SER A 43 -8.58 -13.43 -5.69
CA SER A 43 -8.20 -13.59 -4.28
C SER A 43 -8.97 -12.60 -3.39
N ALA A 44 -9.05 -11.35 -3.85
CA ALA A 44 -9.75 -10.28 -3.13
C ALA A 44 -11.26 -10.54 -3.10
N ALA A 45 -11.82 -10.91 -4.26
CA ALA A 45 -13.25 -11.18 -4.38
C ALA A 45 -13.67 -12.38 -3.52
N SER A 46 -12.90 -13.47 -3.58
CA SER A 46 -13.17 -14.67 -2.83
C SER A 46 -12.87 -14.47 -1.33
N GLY A 47 -11.86 -13.66 -1.03
CA GLY A 47 -11.45 -13.38 0.35
C GLY A 47 -10.48 -14.45 0.85
N ILE A 48 -9.47 -14.74 0.03
CA ILE A 48 -8.47 -15.76 0.34
C ILE A 48 -7.26 -15.12 1.04
N PRO A 49 -6.80 -15.69 2.17
CA PRO A 49 -5.65 -15.16 2.92
C PRO A 49 -4.33 -15.49 2.22
N TYR A 50 -3.90 -14.59 1.33
CA TYR A 50 -2.66 -14.76 0.55
C TYR A 50 -1.42 -14.81 1.47
N HIS A 51 -1.16 -13.71 2.16
CA HIS A 51 -0.02 -13.60 3.09
C HIS A 51 -0.52 -13.64 4.54
N SER A 52 0.41 -13.55 5.49
CA SER A 52 0.07 -13.53 6.91
C SER A 52 -0.50 -12.15 7.27
N GLU A 53 0.14 -11.11 6.72
CA GLU A 53 -0.28 -9.73 6.92
C GLU A 53 -1.26 -9.33 5.80
N VAL A 54 -2.55 -9.57 6.04
CA VAL A 54 -3.59 -9.25 5.05
C VAL A 54 -4.46 -8.09 5.56
N PRO A 55 -5.23 -8.24 6.66
CA PRO A 55 -6.08 -7.16 7.19
C PRO A 55 -5.25 -6.04 7.86
N VAL A 56 -5.44 -4.80 7.42
CA VAL A 56 -4.72 -3.65 7.97
C VAL A 56 -5.67 -2.45 8.04
N SER A 57 -5.58 -1.69 9.12
CA SER A 57 -6.40 -0.50 9.35
C SER A 57 -5.74 0.74 8.74
N LEU A 58 -6.54 1.57 8.09
CA LEU A 58 -6.08 2.79 7.45
C LEU A 58 -6.82 3.99 8.03
N LYS A 59 -6.84 4.08 9.37
CA LYS A 59 -7.51 5.17 10.09
C LYS A 59 -6.60 6.40 10.13
N GLU A 60 -6.85 7.36 9.24
CA GLU A 60 -6.06 8.60 9.17
C GLU A 60 -4.58 8.32 8.87
N ALA A 61 -4.31 7.82 7.67
CA ALA A 61 -2.94 7.50 7.23
C ALA A 61 -2.38 8.64 6.38
N ILE A 62 -1.15 9.05 6.67
CA ILE A 62 -0.48 10.12 5.93
C ILE A 62 0.08 9.56 4.61
N CYS A 63 -0.12 10.28 3.53
CA CYS A 63 0.34 9.86 2.21
C CYS A 63 1.15 10.98 1.53
N GLU A 64 2.42 10.70 1.24
CA GLU A 64 3.32 11.67 0.58
C GLU A 64 3.73 11.14 -0.79
N VAL A 65 3.97 12.04 -1.73
CA VAL A 65 4.36 11.67 -3.10
C VAL A 65 5.87 11.43 -3.19
N ALA A 66 6.25 10.42 -3.98
CA ALA A 66 7.66 10.05 -4.21
C ALA A 66 7.88 9.85 -5.70
N LEU A 67 8.18 10.96 -6.40
CA LEU A 67 8.41 10.95 -7.85
C LEU A 67 9.86 10.54 -8.16
N ASP A 68 10.80 11.00 -7.33
CA ASP A 68 12.23 10.71 -7.50
C ASP A 68 12.72 9.78 -6.38
N TYR A 69 12.44 8.48 -6.51
CA TYR A 69 12.87 7.48 -5.54
C TYR A 69 13.82 6.50 -6.22
N LYS A 70 15.05 6.98 -6.46
CA LYS A 70 16.12 6.21 -7.12
C LYS A 70 15.80 5.99 -8.61
N LYS A 71 14.93 5.02 -8.90
CA LYS A 71 14.53 4.70 -10.29
C LYS A 71 13.15 4.04 -10.30
N LYS A 72 12.11 4.86 -10.33
CA LYS A 72 10.71 4.38 -10.36
C LYS A 72 9.81 5.49 -10.93
N LYS A 73 8.75 5.08 -11.62
CA LYS A 73 7.80 6.00 -12.26
C LYS A 73 7.08 6.88 -11.23
N HIS A 74 5.97 6.37 -10.67
CA HIS A 74 5.17 7.11 -9.68
C HIS A 74 5.02 6.29 -8.40
N VAL A 75 5.62 6.78 -7.31
CA VAL A 75 5.57 6.10 -6.01
C VAL A 75 5.03 7.08 -4.96
N PHE A 76 4.50 6.56 -3.86
CA PHE A 76 3.98 7.38 -2.77
C PHE A 76 4.25 6.67 -1.44
N LYS A 77 4.62 7.46 -0.43
CA LYS A 77 4.93 6.93 0.90
C LYS A 77 3.67 6.96 1.75
N LEU A 78 3.20 5.77 2.10
CA LEU A 78 1.99 5.61 2.91
C LEU A 78 2.38 5.27 4.35
N ARG A 79 2.16 6.22 5.25
CA ARG A 79 2.48 6.06 6.67
C ARG A 79 1.19 5.80 7.44
N LEU A 80 1.02 4.56 7.88
CA LEU A 80 -0.18 4.13 8.61
C LEU A 80 -0.23 4.72 10.02
N SER A 81 -1.42 4.65 10.61
CA SER A 81 -1.67 5.15 11.96
C SER A 81 -1.28 4.11 13.02
N ASP A 82 -0.15 3.43 12.77
CA ASP A 82 0.37 2.41 13.68
C ASP A 82 1.86 2.66 13.91
N GLY A 83 2.70 2.10 13.04
CA GLY A 83 4.16 2.27 13.13
C GLY A 83 4.83 1.56 11.97
N ASN A 84 4.28 1.77 10.74
CA ASN A 84 4.80 1.15 9.52
C ASN A 84 4.67 2.17 8.38
N GLU A 85 5.68 2.19 7.51
CA GLU A 85 5.73 3.09 6.36
C GLU A 85 6.05 2.27 5.11
N TYR A 86 5.10 2.20 4.18
CA TYR A 86 5.26 1.44 2.94
C TYR A 86 5.28 2.37 1.73
N LEU A 87 6.13 2.03 0.77
CA LEU A 87 6.23 2.78 -0.48
C LEU A 87 5.36 2.05 -1.51
N PHE A 88 4.33 2.74 -1.99
CA PHE A 88 3.41 2.16 -2.96
C PHE A 88 3.65 2.74 -4.35
N GLN A 89 3.94 1.86 -5.30
CA GLN A 89 4.19 2.26 -6.69
C GLN A 89 2.94 2.03 -7.54
N ALA A 90 2.48 3.11 -8.17
CA ALA A 90 1.29 3.09 -9.04
C ALA A 90 1.73 2.96 -10.50
N LYS A 91 0.76 2.80 -11.40
CA LYS A 91 1.03 2.67 -12.84
C LYS A 91 1.21 4.05 -13.47
N ASP A 92 0.31 4.97 -13.17
CA ASP A 92 0.38 6.33 -13.73
C ASP A 92 -0.12 7.39 -12.73
N ASP A 93 -0.09 8.65 -13.18
CA ASP A 93 -0.49 9.83 -12.39
C ASP A 93 -1.94 9.72 -11.89
N GLU A 94 -2.88 9.44 -12.81
CA GLU A 94 -4.31 9.32 -12.48
C GLU A 94 -4.52 8.33 -11.32
N GLU A 95 -3.95 7.14 -11.46
CA GLU A 95 -4.05 6.09 -10.43
C GLU A 95 -3.46 6.57 -9.11
N MET A 96 -2.25 7.15 -9.17
CA MET A 96 -1.56 7.66 -7.98
C MET A 96 -2.41 8.72 -7.26
N ASN A 97 -3.01 9.64 -8.03
CA ASN A 97 -3.86 10.69 -7.47
C ASN A 97 -5.09 10.08 -6.78
N THR A 98 -5.72 9.11 -7.45
CA THR A 98 -6.89 8.42 -6.91
C THR A 98 -6.54 7.64 -5.62
N TRP A 99 -5.38 6.98 -5.62
CA TRP A 99 -4.91 6.20 -4.46
C TRP A 99 -4.67 7.11 -3.25
N ILE A 100 -3.85 8.14 -3.43
CA ILE A 100 -3.49 9.08 -2.36
C ILE A 100 -4.74 9.76 -1.76
N GLN A 101 -5.62 10.30 -2.62
CA GLN A 101 -6.85 10.97 -2.16
C GLN A 101 -7.83 9.96 -1.53
N ALA A 102 -7.89 8.75 -2.07
CA ALA A 102 -8.76 7.69 -1.53
C ALA A 102 -8.25 7.24 -0.16
N ILE A 103 -6.92 7.27 0.02
CA ILE A 103 -6.29 6.89 1.28
C ILE A 103 -6.65 7.92 2.37
N SER A 104 -6.68 9.21 1.99
CA SER A 104 -7.04 10.29 2.91
C SER A 104 -8.51 10.16 3.34
N SER A 105 -9.37 9.75 2.39
CA SER A 105 -10.79 9.55 2.65
C SER A 105 -11.02 8.29 3.50
N ALA A 106 -10.36 7.19 3.10
CA ALA A 106 -10.44 5.89 3.80
C ALA A 106 -11.88 5.39 3.87
N MET A 1 -9.16 2.93 -6.67
CA MET A 1 -9.10 1.95 -5.53
C MET A 1 -9.33 0.53 -6.06
N GLU A 2 -8.96 -0.46 -5.25
CA GLU A 2 -9.11 -1.88 -5.59
C GLU A 2 -8.39 -2.20 -6.91
N GLY A 3 -7.08 -2.36 -6.82
CA GLY A 3 -6.25 -2.66 -7.97
C GLY A 3 -4.87 -3.12 -7.51
N PHE A 4 -3.99 -3.37 -8.48
CA PHE A 4 -2.63 -3.83 -8.19
C PHE A 4 -1.75 -2.64 -7.78
N LEU A 5 -0.88 -2.91 -6.83
CA LEU A 5 0.05 -1.91 -6.30
C LEU A 5 1.37 -2.57 -5.94
N ASN A 6 2.46 -1.85 -6.14
CA ASN A 6 3.80 -2.35 -5.80
C ASN A 6 4.05 -1.91 -4.36
N ARG A 7 4.26 -2.87 -3.47
CA ARG A 7 4.45 -2.59 -2.03
C ARG A 7 5.89 -2.84 -1.58
N LYS A 8 6.56 -1.78 -1.13
CA LYS A 8 7.94 -1.86 -0.63
C LYS A 8 7.98 -1.32 0.79
N HIS A 9 8.29 -2.20 1.74
CA HIS A 9 8.38 -1.84 3.15
C HIS A 9 9.72 -1.17 3.47
N GLU A 10 9.70 0.16 3.65
CA GLU A 10 10.90 0.94 3.97
C GLU A 10 11.15 0.92 5.49
N TRP A 11 10.06 1.02 6.24
CA TRP A 11 10.11 1.01 7.71
C TRP A 11 8.90 0.22 8.23
N GLU A 12 9.18 -0.75 9.10
CA GLU A 12 8.13 -1.61 9.67
C GLU A 12 8.48 -2.00 11.11
N ALA A 13 9.78 -2.10 11.40
CA ALA A 13 10.27 -2.47 12.74
C ALA A 13 11.14 -1.35 13.30
N HIS A 14 11.22 -1.25 14.63
CA HIS A 14 12.00 -0.23 15.31
C HIS A 14 13.50 -0.57 15.28
N ASN A 15 14.09 -0.46 14.09
CA ASN A 15 15.52 -0.74 13.89
C ASN A 15 16.16 0.51 13.30
N LYS A 16 15.69 0.91 12.12
CA LYS A 16 16.15 2.10 11.41
C LYS A 16 15.42 2.19 10.06
N LYS A 17 15.69 1.20 9.20
CA LYS A 17 15.07 1.09 7.88
C LYS A 17 15.26 -0.35 7.38
N ALA A 18 14.46 -0.73 6.38
CA ALA A 18 14.51 -2.08 5.80
C ALA A 18 15.68 -2.23 4.83
N SER A 19 16.03 -3.48 4.51
CA SER A 19 17.13 -3.79 3.58
C SER A 19 16.78 -3.42 2.13
N SER A 20 15.49 -3.18 1.87
CA SER A 20 14.99 -2.83 0.53
C SER A 20 15.08 -4.03 -0.43
N ARG A 21 14.86 -3.76 -1.73
CA ARG A 21 14.86 -4.79 -2.79
C ARG A 21 13.52 -5.55 -2.81
N SER A 22 12.82 -5.53 -1.69
CA SER A 22 11.53 -6.20 -1.54
C SER A 22 10.39 -5.35 -2.12
N TRP A 23 10.14 -5.53 -3.42
CA TRP A 23 9.05 -4.83 -4.14
C TRP A 23 8.00 -5.89 -4.47
N HIS A 24 6.97 -5.96 -3.63
CA HIS A 24 5.89 -6.96 -3.75
C HIS A 24 4.70 -6.44 -4.56
N ASN A 25 4.36 -7.18 -5.62
CA ASN A 25 3.20 -6.86 -6.47
C ASN A 25 1.96 -7.47 -5.78
N VAL A 26 1.16 -6.63 -5.13
CA VAL A 26 -0.02 -7.10 -4.40
C VAL A 26 -1.27 -6.30 -4.78
N TYR A 27 -2.43 -6.92 -4.57
CA TYR A 27 -3.73 -6.30 -4.86
C TYR A 27 -4.29 -5.71 -3.57
N CYS A 28 -4.33 -4.39 -3.48
CA CYS A 28 -4.82 -3.69 -2.29
C CYS A 28 -6.31 -3.35 -2.42
N VAL A 29 -7.06 -3.51 -1.33
CA VAL A 29 -8.49 -3.22 -1.30
C VAL A 29 -8.84 -2.50 0.01
N ILE A 30 -9.56 -1.37 -0.10
CA ILE A 30 -9.98 -0.59 1.08
C ILE A 30 -11.48 -0.82 1.31
N ASN A 31 -11.88 -0.90 2.57
CA ASN A 31 -13.28 -1.12 2.92
C ASN A 31 -13.67 -0.28 4.15
N ASN A 32 -13.38 1.03 4.07
CA ASN A 32 -13.68 2.01 5.13
C ASN A 32 -12.93 1.72 6.44
N GLN A 33 -12.05 2.65 6.81
CA GLN A 33 -11.26 2.57 8.07
C GLN A 33 -10.12 1.54 7.99
N GLU A 34 -10.31 0.45 7.22
CA GLU A 34 -9.30 -0.60 7.09
C GLU A 34 -9.19 -1.07 5.65
N MET A 35 -8.12 -1.79 5.35
CA MET A 35 -7.85 -2.33 4.03
C MET A 35 -7.31 -3.75 4.14
N GLY A 36 -7.31 -4.46 3.01
CA GLY A 36 -6.84 -5.85 2.96
C GLY A 36 -5.93 -6.05 1.74
N PHE A 37 -4.86 -6.82 1.94
CA PHE A 37 -3.90 -7.14 0.88
C PHE A 37 -4.20 -8.53 0.33
N TYR A 38 -4.56 -8.61 -0.94
CA TYR A 38 -4.89 -9.88 -1.60
C TYR A 38 -3.94 -10.13 -2.77
N LYS A 39 -3.99 -11.34 -3.32
CA LYS A 39 -3.11 -11.73 -4.44
C LYS A 39 -3.54 -11.05 -5.76
N ASP A 40 -4.84 -11.11 -6.08
CA ASP A 40 -5.36 -10.52 -7.32
C ASP A 40 -6.80 -10.05 -7.14
N ALA A 41 -7.46 -9.73 -8.26
CA ALA A 41 -8.85 -9.28 -8.26
C ALA A 41 -9.79 -10.38 -7.74
N LYS A 42 -9.53 -11.62 -8.14
CA LYS A 42 -10.33 -12.78 -7.71
C LYS A 42 -10.17 -12.99 -6.20
N SER A 43 -8.91 -12.99 -5.74
CA SER A 43 -8.60 -13.15 -4.32
C SER A 43 -9.21 -12.02 -3.47
N ALA A 44 -9.23 -10.81 -4.02
CA ALA A 44 -9.78 -9.64 -3.34
C ALA A 44 -11.29 -9.80 -3.06
N ALA A 45 -12.05 -10.14 -4.11
CA ALA A 45 -13.50 -10.32 -3.99
C ALA A 45 -13.85 -11.59 -3.20
N SER A 46 -13.20 -12.71 -3.53
CA SER A 46 -13.42 -13.99 -2.89
C SER A 46 -13.02 -13.97 -1.39
N GLY A 47 -12.03 -13.15 -1.05
CA GLY A 47 -11.55 -13.04 0.33
C GLY A 47 -10.57 -14.16 0.66
N ILE A 48 -9.60 -14.37 -0.22
CA ILE A 48 -8.56 -15.40 -0.03
C ILE A 48 -7.33 -14.76 0.61
N PRO A 49 -6.86 -15.29 1.76
CA PRO A 49 -5.70 -14.73 2.49
C PRO A 49 -4.36 -14.91 1.76
N TYR A 50 -3.71 -13.78 1.48
CA TYR A 50 -2.41 -13.73 0.83
C TYR A 50 -1.40 -13.13 1.81
N HIS A 51 -0.39 -13.93 2.17
CA HIS A 51 0.66 -13.53 3.11
C HIS A 51 0.12 -13.55 4.56
N SER A 52 0.92 -13.06 5.49
CA SER A 52 0.56 -13.01 6.91
C SER A 52 -0.22 -11.73 7.23
N GLU A 53 0.31 -10.61 6.76
CA GLU A 53 -0.27 -9.28 6.99
C GLU A 53 -1.42 -8.98 6.01
N VAL A 54 -2.49 -9.77 6.08
CA VAL A 54 -3.64 -9.60 5.18
C VAL A 54 -4.49 -8.38 5.59
N PRO A 55 -4.92 -8.28 6.87
CA PRO A 55 -5.73 -7.17 7.35
C PRO A 55 -4.89 -6.03 7.96
N VAL A 56 -5.12 -4.80 7.50
CA VAL A 56 -4.38 -3.62 7.99
C VAL A 56 -5.33 -2.43 8.09
N SER A 57 -5.18 -1.65 9.16
CA SER A 57 -6.01 -0.47 9.40
C SER A 57 -5.49 0.75 8.63
N LEU A 58 -6.42 1.61 8.20
CA LEU A 58 -6.12 2.82 7.44
C LEU A 58 -6.99 3.98 7.95
N LYS A 59 -6.99 4.17 9.28
CA LYS A 59 -7.78 5.22 9.90
C LYS A 59 -6.95 6.50 10.03
N GLU A 60 -7.11 7.41 9.07
CA GLU A 60 -6.39 8.70 9.01
C GLU A 60 -4.89 8.48 8.79
N ALA A 61 -4.57 7.83 7.67
CA ALA A 61 -3.18 7.55 7.29
C ALA A 61 -2.60 8.72 6.50
N ILE A 62 -1.31 8.99 6.70
CA ILE A 62 -0.62 10.08 6.02
C ILE A 62 0.06 9.56 4.74
N CYS A 63 -0.15 10.26 3.64
CA CYS A 63 0.42 9.88 2.34
C CYS A 63 1.26 11.01 1.76
N GLU A 64 2.48 10.68 1.32
CA GLU A 64 3.41 11.66 0.73
C GLU A 64 3.81 11.17 -0.66
N VAL A 65 3.97 12.10 -1.59
CA VAL A 65 4.34 11.78 -2.99
C VAL A 65 5.86 11.68 -3.15
N ALA A 66 6.30 10.66 -3.90
CA ALA A 66 7.71 10.41 -4.19
C ALA A 66 7.88 10.22 -5.70
N LEU A 67 8.14 11.32 -6.40
CA LEU A 67 8.31 11.30 -7.85
C LEU A 67 9.70 10.78 -8.24
N ASP A 68 10.74 11.22 -7.53
CA ASP A 68 12.12 10.82 -7.82
C ASP A 68 12.66 9.83 -6.78
N TYR A 69 12.21 8.57 -6.87
CA TYR A 69 12.66 7.52 -5.96
C TYR A 69 13.09 6.28 -6.76
N LYS A 70 14.36 6.25 -7.16
CA LYS A 70 14.94 5.14 -7.92
C LYS A 70 14.19 4.90 -9.23
N LYS A 71 14.12 5.92 -10.07
CA LYS A 71 13.44 5.87 -11.38
C LYS A 71 11.93 5.60 -11.21
N LYS A 72 11.44 4.50 -11.79
CA LYS A 72 10.01 4.11 -11.72
C LYS A 72 9.10 5.17 -12.36
N LYS A 73 7.79 5.00 -12.17
CA LYS A 73 6.80 5.93 -12.72
C LYS A 73 6.42 6.96 -11.65
N HIS A 74 5.57 6.56 -10.71
CA HIS A 74 5.13 7.43 -9.62
C HIS A 74 5.01 6.61 -8.33
N VAL A 75 5.79 6.99 -7.31
CA VAL A 75 5.78 6.29 -6.02
C VAL A 75 5.21 7.23 -4.94
N PHE A 76 4.64 6.65 -3.89
CA PHE A 76 4.10 7.42 -2.78
C PHE A 76 4.32 6.65 -1.48
N LYS A 77 4.68 7.38 -0.44
CA LYS A 77 4.94 6.79 0.88
C LYS A 77 3.70 6.89 1.74
N LEU A 78 3.15 5.75 2.10
CA LEU A 78 1.95 5.67 2.93
C LEU A 78 2.34 5.34 4.37
N ARG A 79 2.24 6.34 5.24
CA ARG A 79 2.56 6.21 6.66
C ARG A 79 1.29 5.86 7.43
N LEU A 80 1.19 4.59 7.83
CA LEU A 80 0.02 4.09 8.57
C LEU A 80 -0.05 4.68 9.97
N SER A 81 -1.28 4.94 10.42
CA SER A 81 -1.55 5.48 11.76
C SER A 81 -1.47 4.34 12.78
N ASP A 82 -0.37 3.60 12.71
CA ASP A 82 -0.10 2.45 13.58
C ASP A 82 1.39 2.42 13.88
N GLY A 83 2.20 2.31 12.83
CA GLY A 83 3.66 2.27 12.97
C GLY A 83 4.30 1.49 11.82
N ASN A 84 3.95 1.87 10.57
CA ASN A 84 4.48 1.21 9.37
C ASN A 84 4.47 2.22 8.23
N GLU A 85 5.47 2.14 7.36
CA GLU A 85 5.60 3.03 6.19
C GLU A 85 5.90 2.18 4.96
N TYR A 86 4.98 2.19 3.99
CA TYR A 86 5.13 1.40 2.76
C TYR A 86 5.14 2.25 1.50
N LEU A 87 6.18 2.10 0.68
CA LEU A 87 6.33 2.78 -0.57
C LEU A 87 5.45 2.09 -1.61
N PHE A 88 4.39 2.78 -1.99
CA PHE A 88 3.44 2.24 -2.97
C PHE A 88 3.69 2.86 -4.34
N GLN A 89 3.90 2.00 -5.34
CA GLN A 89 4.14 2.44 -6.72
C GLN A 89 2.91 2.15 -7.57
N ALA A 90 2.44 3.17 -8.29
CA ALA A 90 1.25 3.05 -9.15
C ALA A 90 1.64 2.87 -10.62
N LYS A 91 0.69 2.41 -11.42
CA LYS A 91 0.90 2.18 -12.86
C LYS A 91 0.79 3.47 -13.67
N ASP A 92 -0.09 4.39 -13.24
CA ASP A 92 -0.29 5.67 -13.95
C ASP A 92 -0.42 6.83 -12.96
N ASP A 93 -0.43 8.05 -13.52
CA ASP A 93 -0.56 9.30 -12.74
C ASP A 93 -1.93 9.35 -12.05
N GLU A 94 -2.97 9.02 -12.82
CA GLU A 94 -4.35 9.00 -12.32
C GLU A 94 -4.48 7.97 -11.18
N GLU A 95 -3.88 6.80 -11.38
CA GLU A 95 -3.90 5.72 -10.37
C GLU A 95 -3.29 6.18 -9.05
N MET A 96 -2.11 6.81 -9.13
CA MET A 96 -1.41 7.32 -7.94
C MET A 96 -2.28 8.34 -7.21
N ASN A 97 -2.92 9.22 -7.96
CA ASN A 97 -3.80 10.26 -7.41
C ASN A 97 -5.05 9.64 -6.79
N THR A 98 -5.62 8.64 -7.47
CA THR A 98 -6.83 7.95 -6.99
C THR A 98 -6.55 7.22 -5.66
N TRP A 99 -5.34 6.66 -5.53
CA TRP A 99 -4.94 5.95 -4.31
C TRP A 99 -4.77 6.93 -3.15
N ILE A 100 -4.00 8.00 -3.37
CA ILE A 100 -3.75 9.02 -2.34
C ILE A 100 -5.07 9.66 -1.87
N GLN A 101 -5.95 10.00 -2.81
CA GLN A 101 -7.26 10.60 -2.49
C GLN A 101 -8.15 9.60 -1.73
N ALA A 102 -8.16 8.35 -2.20
CA ALA A 102 -8.96 7.29 -1.56
C ALA A 102 -8.44 6.98 -0.16
N ILE A 103 -7.12 7.04 0.02
CA ILE A 103 -6.48 6.78 1.31
C ILE A 103 -6.82 7.92 2.30
N SER A 104 -6.73 9.15 1.82
CA SER A 104 -7.05 10.34 2.64
C SER A 104 -8.51 10.29 3.12
N SER A 105 -9.40 9.77 2.28
CA SER A 105 -10.83 9.65 2.60
C SER A 105 -11.17 8.20 2.99
N ALA A 106 -10.23 7.50 3.63
CA ALA A 106 -10.44 6.10 4.04
C ALA A 106 -11.31 6.03 5.31
N MET A 1 -10.88 2.21 -5.39
CA MET A 1 -10.01 1.83 -4.23
C MET A 1 -9.79 0.32 -4.20
N GLU A 2 -9.81 -0.32 -5.38
CA GLU A 2 -9.62 -1.76 -5.52
C GLU A 2 -8.83 -2.03 -6.80
N GLY A 3 -7.57 -2.39 -6.66
CA GLY A 3 -6.70 -2.66 -7.81
C GLY A 3 -5.31 -3.10 -7.37
N PHE A 4 -4.44 -3.30 -8.36
CA PHE A 4 -3.05 -3.73 -8.12
C PHE A 4 -2.17 -2.54 -7.76
N LEU A 5 -1.13 -2.81 -6.97
CA LEU A 5 -0.18 -1.79 -6.53
C LEU A 5 1.16 -2.46 -6.20
N ASN A 6 2.25 -1.73 -6.42
CA ASN A 6 3.59 -2.23 -6.10
C ASN A 6 3.85 -1.84 -4.64
N ARG A 7 4.00 -2.85 -3.77
CA ARG A 7 4.20 -2.61 -2.34
C ARG A 7 5.61 -2.95 -1.88
N LYS A 8 6.17 -2.06 -1.08
CA LYS A 8 7.51 -2.20 -0.50
C LYS A 8 7.43 -1.85 0.98
N HIS A 9 7.62 -2.84 1.84
CA HIS A 9 7.57 -2.64 3.29
C HIS A 9 8.93 -2.24 3.84
N GLU A 10 9.15 -0.93 3.96
CA GLU A 10 10.41 -0.38 4.48
C GLU A 10 10.52 -0.59 5.99
N TRP A 11 9.41 -0.92 6.62
CA TRP A 11 9.42 -1.16 8.05
C TRP A 11 8.10 -1.77 8.53
N GLU A 12 8.22 -2.95 9.12
CA GLU A 12 7.09 -3.67 9.69
C GLU A 12 7.50 -4.45 10.96
N ALA A 13 8.79 -4.30 11.34
CA ALA A 13 9.35 -4.94 12.53
C ALA A 13 10.78 -4.45 12.74
N HIS A 14 11.29 -4.55 13.98
CA HIS A 14 12.65 -4.12 14.34
C HIS A 14 12.82 -2.60 14.09
N ASN A 15 13.95 -2.23 13.48
CA ASN A 15 14.24 -0.84 13.12
C ASN A 15 14.73 -0.85 11.67
N LYS A 16 13.85 -0.42 10.77
CA LYS A 16 14.08 -0.44 9.31
C LYS A 16 14.03 -1.89 8.84
N LYS A 17 13.06 -2.18 7.98
CA LYS A 17 12.84 -3.53 7.46
C LYS A 17 12.92 -3.54 5.94
N ALA A 18 13.36 -4.67 5.39
CA ALA A 18 13.47 -4.85 3.95
C ALA A 18 14.49 -3.89 3.31
N SER A 19 15.72 -3.93 3.80
CA SER A 19 16.80 -3.10 3.29
C SER A 19 17.59 -3.91 2.26
N SER A 20 16.86 -4.46 1.29
CA SER A 20 17.45 -5.28 0.23
C SER A 20 16.72 -5.03 -1.09
N ARG A 21 15.54 -5.64 -1.24
CA ARG A 21 14.71 -5.49 -2.45
C ARG A 21 13.25 -5.29 -2.01
N SER A 22 12.50 -6.39 -1.97
CA SER A 22 11.10 -6.42 -1.54
C SER A 22 10.17 -5.44 -2.28
N TRP A 23 9.94 -5.72 -3.54
CA TRP A 23 9.01 -4.94 -4.38
C TRP A 23 8.08 -5.94 -5.07
N HIS A 24 6.88 -6.13 -4.49
CA HIS A 24 5.90 -7.11 -5.03
C HIS A 24 4.60 -6.41 -5.47
N ASN A 25 4.02 -6.92 -6.55
CA ASN A 25 2.76 -6.40 -7.09
C ASN A 25 1.60 -7.06 -6.32
N VAL A 26 1.08 -6.35 -5.33
CA VAL A 26 0.00 -6.84 -4.47
C VAL A 26 -1.32 -6.13 -4.79
N TYR A 27 -2.44 -6.80 -4.49
CA TYR A 27 -3.78 -6.25 -4.73
C TYR A 27 -4.28 -5.61 -3.43
N CYS A 28 -4.62 -4.33 -3.49
CA CYS A 28 -5.10 -3.59 -2.31
C CYS A 28 -6.57 -3.20 -2.47
N VAL A 29 -7.35 -3.43 -1.40
CA VAL A 29 -8.78 -3.11 -1.39
C VAL A 29 -9.11 -2.38 -0.09
N ILE A 30 -9.55 -1.12 -0.19
CA ILE A 30 -9.91 -0.31 0.98
C ILE A 30 -11.38 -0.50 1.33
N ASN A 31 -11.65 -0.86 2.57
CA ASN A 31 -13.01 -1.06 3.06
C ASN A 31 -13.31 -0.03 4.16
N ASN A 32 -13.35 1.24 3.74
CA ASN A 32 -13.66 2.38 4.63
C ASN A 32 -12.59 2.60 5.71
N GLN A 33 -12.54 1.70 6.70
CA GLN A 33 -11.60 1.82 7.82
C GLN A 33 -10.46 0.79 7.72
N GLU A 34 -10.68 -0.33 7.01
CA GLU A 34 -9.67 -1.37 6.89
C GLU A 34 -9.33 -1.63 5.43
N MET A 35 -8.03 -1.77 5.15
CA MET A 35 -7.54 -2.07 3.81
C MET A 35 -7.01 -3.51 3.80
N GLY A 36 -7.39 -4.28 2.79
CA GLY A 36 -6.99 -5.68 2.68
C GLY A 36 -5.96 -5.89 1.58
N PHE A 37 -4.84 -6.53 1.94
CA PHE A 37 -3.77 -6.83 0.98
C PHE A 37 -3.94 -8.28 0.50
N TYR A 38 -4.34 -8.44 -0.75
CA TYR A 38 -4.58 -9.77 -1.34
C TYR A 38 -3.62 -10.07 -2.50
N LYS A 39 -3.68 -11.30 -3.02
CA LYS A 39 -2.82 -11.74 -4.12
C LYS A 39 -3.24 -11.11 -5.46
N ASP A 40 -4.53 -11.20 -5.79
CA ASP A 40 -5.07 -10.66 -7.05
C ASP A 40 -6.57 -10.40 -6.91
N ALA A 41 -7.25 -10.21 -8.05
CA ALA A 41 -8.70 -9.97 -8.08
C ALA A 41 -9.48 -11.16 -7.52
N LYS A 42 -8.98 -12.38 -7.78
CA LYS A 42 -9.61 -13.61 -7.28
C LYS A 42 -9.47 -13.68 -5.76
N SER A 43 -8.25 -13.41 -5.29
CA SER A 43 -7.92 -13.40 -3.86
C SER A 43 -8.69 -12.28 -3.13
N ALA A 44 -8.79 -11.12 -3.78
CA ALA A 44 -9.50 -9.95 -3.22
C ALA A 44 -11.01 -10.19 -3.15
N ALA A 45 -11.60 -10.64 -4.25
CA ALA A 45 -13.05 -10.89 -4.34
C ALA A 45 -13.47 -11.96 -3.32
N SER A 46 -12.82 -13.12 -3.36
CA SER A 46 -13.10 -14.22 -2.46
C SER A 46 -12.75 -13.88 -1.01
N GLY A 47 -11.57 -13.26 -0.81
CA GLY A 47 -11.10 -12.88 0.52
C GLY A 47 -10.21 -13.97 1.09
N ILE A 48 -9.08 -14.21 0.42
CA ILE A 48 -8.10 -15.23 0.83
C ILE A 48 -6.96 -14.56 1.59
N PRO A 49 -6.59 -15.06 2.78
CA PRO A 49 -5.51 -14.48 3.61
C PRO A 49 -4.12 -14.68 2.98
N TYR A 50 -3.62 -13.64 2.31
CA TYR A 50 -2.31 -13.64 1.67
C TYR A 50 -1.22 -13.41 2.73
N HIS A 51 -0.35 -14.40 2.91
CA HIS A 51 0.74 -14.36 3.91
C HIS A 51 0.16 -14.37 5.32
N SER A 52 -0.07 -13.17 5.88
CA SER A 52 -0.64 -13.03 7.22
C SER A 52 -1.24 -11.64 7.41
N GLU A 53 -0.44 -10.60 7.16
CA GLU A 53 -0.87 -9.20 7.32
C GLU A 53 -1.75 -8.76 6.14
N VAL A 54 -3.01 -9.20 6.15
CA VAL A 54 -3.96 -8.85 5.10
C VAL A 54 -4.84 -7.69 5.59
N PRO A 55 -5.72 -7.90 6.62
CA PRO A 55 -6.57 -6.81 7.14
C PRO A 55 -5.74 -5.79 7.95
N VAL A 56 -5.66 -4.57 7.45
CA VAL A 56 -4.89 -3.50 8.11
C VAL A 56 -5.77 -2.25 8.26
N SER A 57 -5.75 -1.67 9.46
CA SER A 57 -6.53 -0.48 9.78
C SER A 57 -5.92 0.79 9.15
N LEU A 58 -6.74 1.54 8.43
CA LEU A 58 -6.30 2.79 7.78
C LEU A 58 -6.56 3.99 8.68
N LYS A 59 -6.27 3.84 9.98
CA LYS A 59 -6.48 4.91 10.96
C LYS A 59 -5.27 5.86 10.98
N GLU A 60 -5.51 7.12 10.61
CA GLU A 60 -4.46 8.16 10.56
C GLU A 60 -3.35 7.77 9.58
N ALA A 61 -3.72 7.58 8.32
CA ALA A 61 -2.77 7.19 7.28
C ALA A 61 -2.19 8.42 6.58
N ILE A 62 -0.88 8.63 6.75
CA ILE A 62 -0.17 9.75 6.14
C ILE A 62 0.28 9.34 4.74
N CYS A 63 0.09 10.21 3.77
CA CYS A 63 0.48 9.93 2.39
C CYS A 63 1.33 11.08 1.81
N GLU A 64 2.56 10.76 1.42
CA GLU A 64 3.49 11.73 0.82
C GLU A 64 3.84 11.29 -0.60
N VAL A 65 4.10 12.26 -1.48
CA VAL A 65 4.43 11.96 -2.87
C VAL A 65 5.95 11.78 -3.05
N ALA A 66 6.31 10.75 -3.84
CA ALA A 66 7.70 10.42 -4.15
C ALA A 66 7.84 10.24 -5.66
N LEU A 67 7.94 11.36 -6.37
CA LEU A 67 8.05 11.37 -7.84
C LEU A 67 9.47 11.00 -8.29
N ASP A 68 10.42 10.97 -7.35
CA ASP A 68 11.81 10.63 -7.64
C ASP A 68 12.37 9.78 -6.50
N TYR A 69 11.92 8.53 -6.43
CA TYR A 69 12.38 7.60 -5.40
C TYR A 69 13.46 6.69 -5.98
N LYS A 70 14.71 7.19 -5.97
CA LYS A 70 15.89 6.47 -6.50
C LYS A 70 15.84 6.39 -8.03
N LYS A 71 14.92 5.59 -8.55
CA LYS A 71 14.75 5.43 -10.00
C LYS A 71 13.38 4.85 -10.31
N LYS A 72 12.34 5.63 -10.01
CA LYS A 72 10.94 5.23 -10.24
C LYS A 72 10.13 6.45 -10.65
N LYS A 73 9.02 6.20 -11.36
CA LYS A 73 8.16 7.28 -11.86
C LYS A 73 7.24 7.85 -10.77
N HIS A 74 6.11 7.18 -10.53
CA HIS A 74 5.12 7.65 -9.56
C HIS A 74 5.02 6.72 -8.33
N VAL A 75 5.69 7.13 -7.25
CA VAL A 75 5.68 6.37 -5.98
C VAL A 75 5.17 7.31 -4.88
N PHE A 76 4.59 6.75 -3.82
CA PHE A 76 4.10 7.55 -2.70
C PHE A 76 4.34 6.80 -1.40
N LYS A 77 4.74 7.56 -0.37
CA LYS A 77 5.01 7.01 0.95
C LYS A 77 3.73 6.93 1.76
N LEU A 78 3.35 5.73 2.17
CA LEU A 78 2.15 5.51 2.96
C LEU A 78 2.52 5.09 4.38
N ARG A 79 2.32 6.00 5.32
CA ARG A 79 2.64 5.78 6.73
C ARG A 79 1.34 5.47 7.48
N LEU A 80 1.33 4.37 8.22
CA LEU A 80 0.15 3.97 9.00
C LEU A 80 0.05 4.80 10.28
N SER A 81 -0.71 4.30 11.25
CA SER A 81 -0.89 4.97 12.53
C SER A 81 0.47 5.25 13.19
N ASP A 82 1.36 4.25 13.15
CA ASP A 82 2.71 4.40 13.71
C ASP A 82 3.58 3.18 13.42
N GLY A 83 3.18 2.03 13.98
CA GLY A 83 3.94 0.78 13.87
C GLY A 83 3.88 0.11 12.49
N ASN A 84 4.00 0.90 11.40
CA ASN A 84 4.00 0.34 10.04
C ASN A 84 4.30 1.43 9.00
N GLU A 85 5.16 1.09 8.03
CA GLU A 85 5.55 2.00 6.95
C GLU A 85 5.64 1.24 5.63
N TYR A 86 4.98 1.74 4.58
CA TYR A 86 4.98 1.09 3.26
C TYR A 86 5.15 2.13 2.13
N LEU A 87 5.84 1.73 1.07
CA LEU A 87 6.02 2.57 -0.13
C LEU A 87 5.16 1.94 -1.21
N PHE A 88 4.34 2.74 -1.89
CA PHE A 88 3.45 2.24 -2.93
C PHE A 88 3.75 2.89 -4.29
N GLN A 89 3.91 2.05 -5.31
CA GLN A 89 4.20 2.52 -6.68
C GLN A 89 3.02 2.22 -7.59
N ALA A 90 2.55 3.25 -8.29
CA ALA A 90 1.43 3.12 -9.22
C ALA A 90 1.95 2.96 -10.64
N LYS A 91 1.07 2.57 -11.57
CA LYS A 91 1.46 2.39 -12.98
C LYS A 91 1.39 3.72 -13.73
N ASP A 92 0.35 4.51 -13.45
CA ASP A 92 0.15 5.81 -14.10
C ASP A 92 -0.13 6.92 -13.06
N ASP A 93 -0.15 8.16 -13.53
CA ASP A 93 -0.37 9.36 -12.69
C ASP A 93 -1.79 9.41 -12.11
N GLU A 94 -2.80 9.04 -12.91
CA GLU A 94 -4.19 9.05 -12.44
C GLU A 94 -4.40 8.02 -11.33
N GLU A 95 -3.80 6.84 -11.51
CA GLU A 95 -3.90 5.76 -10.52
C GLU A 95 -3.28 6.22 -9.18
N MET A 96 -2.08 6.80 -9.26
CA MET A 96 -1.37 7.31 -8.07
C MET A 96 -2.21 8.36 -7.34
N ASN A 97 -2.76 9.30 -8.10
CA ASN A 97 -3.61 10.38 -7.54
C ASN A 97 -4.88 9.80 -6.91
N THR A 98 -5.52 8.85 -7.61
CA THR A 98 -6.74 8.22 -7.12
C THR A 98 -6.50 7.48 -5.79
N TRP A 99 -5.36 6.80 -5.67
CA TRP A 99 -5.01 6.07 -4.44
C TRP A 99 -4.83 7.03 -3.27
N ILE A 100 -3.99 8.07 -3.48
CA ILE A 100 -3.72 9.07 -2.44
C ILE A 100 -5.01 9.80 -2.01
N GLN A 101 -5.88 10.12 -2.99
CA GLN A 101 -7.15 10.80 -2.71
C GLN A 101 -8.09 9.88 -1.93
N ALA A 102 -8.20 8.62 -2.36
CA ALA A 102 -9.06 7.63 -1.71
C ALA A 102 -8.60 7.36 -0.27
N ILE A 103 -7.28 7.27 -0.09
CA ILE A 103 -6.68 7.02 1.23
C ILE A 103 -6.82 8.26 2.13
N SER A 104 -6.78 9.46 1.54
CA SER A 104 -6.92 10.70 2.30
C SER A 104 -8.31 10.80 2.92
N SER A 105 -9.33 10.39 2.14
CA SER A 105 -10.72 10.40 2.60
C SER A 105 -10.98 9.20 3.53
N ALA A 106 -11.05 8.00 2.95
CA ALA A 106 -11.28 6.76 3.68
C ALA A 106 -11.65 5.66 2.69
#